data_2RLI
#
_entry.id   2RLI
#
loop_
_entity.id
_entity.type
_entity.pdbx_description
1 polymer 'SCO2 protein homolog, mitochondrial'
2 non-polymer 'COPPER (I) ION'
#
_entity_poly.entity_id   1
_entity_poly.type   'polypeptide(L)'
_entity_poly.pdbx_seq_one_letter_code
;GSFTGQGDFHLLDHRGRARCKADFRGQWVLMYFGFTHCPDICPDELEKLVQVVRQLEAEPGLPPVQPVFITVDPERDDVE
AMARYVQDFHPRLLGLTGSTKQVAQASHSYRVYYNAGPKDEDQDYIVDHSIAIYLLNPDGLFTDYYGRSRSAEQISDSVR
RHMAAFRSVLS
;
_entity_poly.pdbx_strand_id   A
#
loop_
_chem_comp.id
_chem_comp.type
_chem_comp.name
_chem_comp.formula
CU1 non-polymer 'COPPER (I) ION' 'Cu 1'
#
# COMPACT_ATOMS: atom_id res chain seq x y z
N SER A 2 13.24 -3.89 -28.29
CA SER A 2 12.25 -4.96 -28.50
C SER A 2 11.91 -5.64 -27.17
N PHE A 3 10.61 -5.77 -26.86
CA PHE A 3 9.97 -6.48 -25.73
C PHE A 3 9.52 -5.52 -24.60
N THR A 4 8.42 -5.86 -23.90
CA THR A 4 7.94 -5.22 -22.67
C THR A 4 7.12 -6.23 -21.85
N GLY A 5 7.37 -6.45 -20.56
CA GLY A 5 8.49 -5.95 -19.74
C GLY A 5 8.24 -4.56 -19.16
N GLN A 6 7.06 -4.29 -18.62
CA GLN A 6 6.52 -2.95 -18.40
C GLN A 6 6.91 -2.36 -17.02
N GLY A 7 8.09 -2.72 -16.50
CA GLY A 7 8.53 -2.36 -15.13
C GLY A 7 7.72 -3.09 -14.08
N ASP A 8 7.64 -4.42 -14.23
CA ASP A 8 6.62 -5.28 -13.63
C ASP A 8 6.75 -5.48 -12.11
N PHE A 9 5.74 -6.12 -11.51
CA PHE A 9 5.74 -6.66 -10.15
C PHE A 9 4.72 -7.80 -10.02
N HIS A 10 4.89 -8.65 -9.00
CA HIS A 10 4.05 -9.82 -8.73
C HIS A 10 4.02 -10.17 -7.22
N LEU A 11 2.82 -10.20 -6.62
CA LEU A 11 2.57 -10.45 -5.19
C LEU A 11 1.43 -11.47 -5.04
N LEU A 12 1.30 -12.11 -3.88
CA LEU A 12 0.21 -13.05 -3.58
C LEU A 12 -1.05 -12.29 -3.14
N ASP A 13 -2.21 -12.72 -3.64
CA ASP A 13 -3.55 -12.25 -3.24
C ASP A 13 -3.99 -12.90 -1.92
N HIS A 14 -4.72 -12.16 -1.09
CA HIS A 14 -5.32 -12.62 0.19
C HIS A 14 -6.37 -13.75 0.07
N ARG A 15 -6.47 -14.43 -1.08
CA ARG A 15 -7.29 -15.63 -1.32
C ARG A 15 -6.53 -16.73 -2.11
N GLY A 16 -5.19 -16.72 -2.08
CA GLY A 16 -4.36 -17.84 -2.56
C GLY A 16 -4.04 -17.84 -4.06
N ARG A 17 -4.17 -16.69 -4.73
CA ARG A 17 -3.67 -16.47 -6.10
C ARG A 17 -2.45 -15.56 -6.06
N ALA A 18 -1.92 -15.13 -7.21
CA ALA A 18 -0.86 -14.13 -7.26
C ALA A 18 -1.03 -13.16 -8.45
N ARG A 19 -1.14 -11.87 -8.12
CA ARG A 19 -1.55 -10.78 -9.01
C ARG A 19 -0.33 -10.07 -9.60
N CYS A 20 -0.38 -9.79 -10.90
CA CYS A 20 0.63 -9.02 -11.63
C CYS A 20 0.26 -7.53 -11.76
N LYS A 21 1.24 -6.69 -12.05
CA LYS A 21 1.08 -5.24 -12.27
C LYS A 21 -0.07 -4.88 -13.26
N ALA A 22 -0.33 -5.71 -14.26
CA ALA A 22 -1.25 -5.43 -15.36
C ALA A 22 -2.75 -5.43 -14.97
N ASP A 23 -3.14 -6.09 -13.87
CA ASP A 23 -4.55 -6.17 -13.44
C ASP A 23 -5.04 -4.84 -12.87
N PHE A 24 -4.15 -4.16 -12.14
CA PHE A 24 -4.39 -2.90 -11.42
C PHE A 24 -4.56 -1.67 -12.35
N ARG A 25 -4.27 -1.80 -13.65
CA ARG A 25 -4.43 -0.74 -14.65
C ARG A 25 -5.90 -0.31 -14.74
N GLY A 26 -6.17 0.98 -15.00
CA GLY A 26 -7.53 1.54 -15.03
C GLY A 26 -8.10 1.91 -13.65
N GLN A 27 -7.26 2.12 -12.64
CA GLN A 27 -7.65 2.50 -11.27
C GLN A 27 -6.73 3.59 -10.69
N TRP A 28 -7.13 4.21 -9.59
CA TRP A 28 -6.21 4.83 -8.61
C TRP A 28 -5.99 3.83 -7.47
N VAL A 29 -4.74 3.58 -7.08
CA VAL A 29 -4.37 2.58 -6.06
C VAL A 29 -3.45 3.21 -5.01
N LEU A 30 -3.78 3.03 -3.73
CA LEU A 30 -3.01 3.52 -2.58
C LEU A 30 -2.15 2.37 -2.04
N MET A 31 -0.83 2.50 -2.18
CA MET A 31 0.15 1.49 -1.73
C MET A 31 0.66 1.82 -0.33
N TYR A 32 0.47 0.87 0.60
CA TYR A 32 0.86 0.95 2.00
C TYR A 32 1.84 -0.17 2.36
N PHE A 33 3.01 0.18 2.92
CA PHE A 33 4.02 -0.79 3.38
C PHE A 33 3.92 -0.99 4.90
N GLY A 34 3.69 -2.24 5.33
CA GLY A 34 3.30 -2.62 6.68
C GLY A 34 3.67 -4.07 7.03
N PHE A 35 3.22 -4.53 8.19
CA PHE A 35 3.19 -5.96 8.53
C PHE A 35 2.03 -6.30 9.48
N THR A 36 1.64 -7.58 9.51
CA THR A 36 0.43 -8.11 10.16
C THR A 36 0.53 -8.19 11.70
N HIS A 37 1.21 -7.22 12.33
CA HIS A 37 1.58 -7.23 13.75
C HIS A 37 1.98 -5.84 14.30
N CYS A 38 1.53 -4.73 13.69
CA CYS A 38 1.73 -3.40 14.23
C CYS A 38 0.79 -3.19 15.44
N PRO A 39 1.30 -2.60 16.54
CA PRO A 39 0.55 -2.41 17.76
C PRO A 39 -0.43 -1.22 17.67
N ASP A 40 0.02 -0.05 17.17
CA ASP A 40 -0.67 1.23 17.43
C ASP A 40 -0.36 2.36 16.41
N ILE A 41 0.17 2.02 15.22
CA ILE A 41 0.29 2.94 14.08
C ILE A 41 -0.71 2.54 12.97
N CYS A 42 -0.61 1.33 12.43
CA CYS A 42 -1.55 0.80 11.44
C CYS A 42 -3.04 0.86 11.87
N PRO A 43 -3.45 0.53 13.11
CA PRO A 43 -4.86 0.60 13.50
C PRO A 43 -5.40 2.04 13.67
N ASP A 44 -4.54 3.05 13.76
CA ASP A 44 -4.92 4.44 13.49
C ASP A 44 -5.05 4.63 11.97
N GLU A 45 -3.92 4.66 11.25
CA GLU A 45 -3.80 5.03 9.84
C GLU A 45 -4.70 4.24 8.88
N LEU A 46 -4.90 2.91 9.03
CA LEU A 46 -5.82 2.19 8.14
C LEU A 46 -7.26 2.65 8.34
N GLU A 47 -7.72 2.84 9.57
CA GLU A 47 -9.05 3.41 9.87
C GLU A 47 -9.15 4.88 9.41
N LYS A 48 -8.05 5.63 9.54
CA LYS A 48 -7.91 7.03 9.14
C LYS A 48 -8.00 7.18 7.61
N LEU A 49 -7.30 6.32 6.85
CA LEU A 49 -7.40 6.20 5.39
C LEU A 49 -8.75 5.62 4.96
N VAL A 50 -9.29 4.59 5.61
CA VAL A 50 -10.64 4.07 5.31
C VAL A 50 -11.70 5.19 5.40
N GLN A 51 -11.62 6.09 6.39
CA GLN A 51 -12.50 7.26 6.43
C GLN A 51 -12.32 8.21 5.23
N VAL A 52 -11.10 8.36 4.69
CA VAL A 52 -10.84 9.12 3.44
C VAL A 52 -11.39 8.39 2.21
N VAL A 53 -11.19 7.07 2.09
CA VAL A 53 -11.79 6.26 1.01
C VAL A 53 -13.32 6.39 1.02
N ARG A 54 -13.96 6.35 2.19
CA ARG A 54 -15.41 6.48 2.37
C ARG A 54 -15.93 7.90 2.08
N GLN A 55 -15.17 8.93 2.44
CA GLN A 55 -15.43 10.29 1.92
C GLN A 55 -15.46 10.29 0.38
N LEU A 56 -14.49 9.67 -0.28
CA LEU A 56 -14.44 9.58 -1.74
C LEU A 56 -15.48 8.62 -2.36
N GLU A 57 -16.13 7.75 -1.59
CA GLU A 57 -17.38 7.08 -1.98
C GLU A 57 -18.59 8.06 -1.96
N ALA A 58 -18.62 8.99 -1.01
CA ALA A 58 -19.66 10.02 -0.87
C ALA A 58 -19.55 11.18 -1.88
N GLU A 59 -18.34 11.69 -2.14
CA GLU A 59 -18.13 12.91 -2.95
C GLU A 59 -17.98 12.59 -4.46
N PRO A 60 -18.90 13.06 -5.33
CA PRO A 60 -18.96 12.63 -6.72
C PRO A 60 -17.91 13.29 -7.60
N GLY A 61 -17.24 12.48 -8.42
CA GLY A 61 -16.23 12.91 -9.39
C GLY A 61 -14.78 12.75 -8.92
N LEU A 62 -14.56 12.39 -7.64
CA LEU A 62 -13.23 12.13 -7.07
C LEU A 62 -12.75 10.70 -7.43
N PRO A 63 -11.43 10.41 -7.36
CA PRO A 63 -10.87 9.15 -7.85
C PRO A 63 -11.24 7.95 -6.97
N PRO A 64 -11.55 6.79 -7.58
CA PRO A 64 -11.81 5.55 -6.84
C PRO A 64 -10.48 4.98 -6.31
N VAL A 65 -10.07 5.47 -5.13
CA VAL A 65 -8.81 5.10 -4.46
C VAL A 65 -8.94 3.73 -3.78
N GLN A 66 -8.35 2.70 -4.39
CA GLN A 66 -8.36 1.33 -3.88
C GLN A 66 -7.07 1.06 -3.06
N PRO A 67 -7.15 0.69 -1.76
CA PRO A 67 -5.97 0.43 -0.95
C PRO A 67 -5.37 -0.94 -1.26
N VAL A 68 -4.03 -1.05 -1.17
CA VAL A 68 -3.30 -2.32 -0.97
C VAL A 68 -2.37 -2.20 0.24
N PHE A 69 -2.39 -3.22 1.12
CA PHE A 69 -1.49 -3.35 2.27
C PHE A 69 -0.45 -4.44 1.98
N ILE A 70 0.84 -4.10 2.06
CA ILE A 70 1.96 -4.93 1.58
C ILE A 70 2.88 -5.30 2.75
N THR A 71 3.10 -6.60 2.99
CA THR A 71 4.05 -7.12 4.00
C THR A 71 5.50 -6.82 3.62
N VAL A 72 6.23 -6.14 4.51
CA VAL A 72 7.66 -5.81 4.34
C VAL A 72 8.67 -6.92 4.70
N ASP A 73 8.24 -7.99 5.39
CA ASP A 73 9.09 -9.12 5.80
C ASP A 73 8.23 -10.38 6.05
N PRO A 74 8.55 -11.54 5.43
CA PRO A 74 7.71 -12.73 5.47
C PRO A 74 7.86 -13.57 6.75
N GLU A 75 8.85 -13.32 7.62
CA GLU A 75 9.19 -14.20 8.74
C GLU A 75 8.13 -14.22 9.88
N ARG A 76 6.97 -13.57 9.71
CA ARG A 76 5.87 -13.52 10.69
C ARG A 76 4.45 -13.41 10.11
N ASP A 77 4.28 -13.52 8.79
CA ASP A 77 3.01 -13.34 8.05
C ASP A 77 2.46 -14.65 7.44
N ASP A 78 1.21 -14.62 6.93
CA ASP A 78 0.57 -15.72 6.20
C ASP A 78 -0.53 -15.16 5.27
N VAL A 79 -0.81 -15.85 4.16
CA VAL A 79 -1.90 -15.51 3.22
C VAL A 79 -3.26 -15.61 3.93
N GLU A 80 -3.40 -16.59 4.84
CA GLU A 80 -4.59 -16.75 5.69
C GLU A 80 -4.68 -15.66 6.79
N ALA A 81 -3.55 -15.11 7.25
CA ALA A 81 -3.53 -13.96 8.16
C ALA A 81 -3.97 -12.68 7.42
N MET A 82 -3.45 -12.44 6.21
CA MET A 82 -3.91 -11.39 5.30
C MET A 82 -5.42 -11.48 5.03
N ALA A 83 -5.95 -12.69 4.79
CA ALA A 83 -7.37 -12.93 4.56
C ALA A 83 -8.24 -12.46 5.73
N ARG A 84 -7.80 -12.66 6.97
CA ARG A 84 -8.44 -12.06 8.16
C ARG A 84 -8.21 -10.55 8.21
N TYR A 85 -6.96 -10.08 8.09
CA TYR A 85 -6.58 -8.67 8.22
C TYR A 85 -7.34 -7.75 7.25
N VAL A 86 -7.61 -8.24 6.03
CA VAL A 86 -8.54 -7.62 5.07
C VAL A 86 -9.97 -7.61 5.62
N GLN A 87 -10.56 -8.79 5.86
CA GLN A 87 -12.01 -8.93 6.09
C GLN A 87 -12.49 -8.38 7.45
N ASP A 88 -11.69 -8.51 8.50
CA ASP A 88 -12.02 -8.01 9.85
C ASP A 88 -11.90 -6.48 9.96
N PHE A 89 -11.22 -5.82 9.03
CA PHE A 89 -11.38 -4.38 8.77
C PHE A 89 -12.63 -4.17 7.90
N HIS A 90 -12.59 -4.57 6.63
CA HIS A 90 -13.68 -4.54 5.65
C HIS A 90 -13.27 -5.22 4.33
N PRO A 91 -14.14 -5.95 3.61
CA PRO A 91 -13.84 -6.55 2.31
C PRO A 91 -13.49 -5.56 1.16
N ARG A 92 -13.51 -4.24 1.39
CA ARG A 92 -12.91 -3.23 0.49
C ARG A 92 -11.38 -3.12 0.64
N LEU A 93 -10.78 -3.65 1.72
CA LEU A 93 -9.32 -3.79 1.83
C LEU A 93 -8.77 -4.85 0.84
N LEU A 94 -7.48 -4.79 0.55
CA LEU A 94 -6.72 -5.76 -0.23
C LEU A 94 -5.38 -6.01 0.46
N GLY A 95 -5.01 -7.27 0.68
CA GLY A 95 -3.77 -7.69 1.33
C GLY A 95 -2.83 -8.39 0.34
N LEU A 96 -1.56 -7.99 0.34
CA LEU A 96 -0.52 -8.52 -0.54
C LEU A 96 0.71 -8.96 0.25
N THR A 97 1.28 -10.12 -0.11
CA THR A 97 2.46 -10.71 0.54
C THR A 97 3.32 -11.49 -0.47
N GLY A 98 4.45 -12.06 -0.02
CA GLY A 98 5.44 -12.69 -0.90
C GLY A 98 6.67 -13.23 -0.16
N SER A 99 7.86 -13.05 -0.74
CA SER A 99 9.13 -13.51 -0.18
C SER A 99 10.33 -12.68 -0.68
N THR A 100 11.54 -13.05 -0.25
CA THR A 100 12.81 -12.33 -0.41
C THR A 100 13.06 -11.89 -1.85
N LYS A 101 13.14 -12.80 -2.83
CA LYS A 101 13.45 -12.41 -4.21
C LYS A 101 12.32 -11.66 -4.93
N GLN A 102 11.09 -11.59 -4.39
CA GLN A 102 10.14 -10.54 -4.75
C GLN A 102 10.59 -9.22 -4.12
N VAL A 103 10.52 -9.10 -2.78
CA VAL A 103 10.60 -7.79 -2.10
C VAL A 103 11.96 -7.10 -2.27
N ALA A 104 13.05 -7.87 -2.39
CA ALA A 104 14.39 -7.35 -2.64
C ALA A 104 14.55 -6.80 -4.07
N GLN A 105 14.05 -7.50 -5.10
CA GLN A 105 14.14 -7.03 -6.49
C GLN A 105 13.20 -5.86 -6.77
N ALA A 106 12.01 -5.84 -6.12
CA ALA A 106 11.16 -4.66 -6.08
C ALA A 106 11.87 -3.46 -5.44
N SER A 107 12.56 -3.64 -4.32
CA SER A 107 13.31 -2.56 -3.65
C SER A 107 14.57 -2.10 -4.42
N HIS A 108 15.22 -3.00 -5.15
CA HIS A 108 16.33 -2.68 -6.05
C HIS A 108 15.86 -1.85 -7.27
N SER A 109 14.68 -2.17 -7.82
CA SER A 109 14.06 -1.41 -8.91
C SER A 109 13.53 -0.06 -8.42
N TYR A 110 12.83 -0.06 -7.27
CA TYR A 110 12.17 1.09 -6.65
C TYR A 110 12.72 1.32 -5.24
N ARG A 111 13.81 2.10 -5.12
CA ARG A 111 14.49 2.36 -3.85
C ARG A 111 13.60 3.14 -2.88
N VAL A 112 13.39 2.59 -1.68
CA VAL A 112 12.49 3.10 -0.61
C VAL A 112 13.05 2.69 0.77
N TYR A 113 12.69 3.43 1.84
CA TYR A 113 13.26 3.25 3.18
C TYR A 113 12.48 2.25 4.06
N TYR A 114 13.20 1.27 4.60
CA TYR A 114 12.82 0.44 5.75
C TYR A 114 14.11 -0.12 6.41
N ASN A 115 14.17 -0.12 7.74
CA ASN A 115 15.44 -0.31 8.46
C ASN A 115 15.62 -1.73 9.03
N ALA A 116 16.44 -2.55 8.39
CA ALA A 116 16.89 -3.85 8.93
C ALA A 116 18.01 -3.61 9.96
N GLY A 117 17.81 -4.08 11.20
CA GLY A 117 18.68 -3.79 12.35
C GLY A 117 19.49 -5.00 12.83
N PRO A 118 20.68 -4.78 13.42
CA PRO A 118 21.42 -5.79 14.15
C PRO A 118 20.86 -5.98 15.57
N LYS A 119 21.32 -7.02 16.26
CA LYS A 119 21.06 -7.32 17.68
C LYS A 119 22.02 -8.41 18.20
N ASP A 120 22.18 -8.57 19.52
CA ASP A 120 23.30 -9.36 20.06
C ASP A 120 23.09 -10.08 21.42
N GLU A 121 22.19 -9.65 22.31
CA GLU A 121 22.19 -10.16 23.70
C GLU A 121 20.94 -10.01 24.58
N ASP A 122 20.14 -8.95 24.42
CA ASP A 122 19.08 -8.57 25.36
C ASP A 122 17.69 -9.08 24.91
N GLN A 123 16.89 -8.20 24.30
CA GLN A 123 16.91 -8.05 22.85
C GLN A 123 15.60 -7.68 22.14
N ASP A 124 15.08 -6.48 22.41
CA ASP A 124 14.05 -5.86 21.56
C ASP A 124 14.60 -5.43 20.17
N TYR A 125 13.69 -4.95 19.30
CA TYR A 125 13.80 -4.40 17.93
C TYR A 125 13.25 -5.35 16.86
N ILE A 126 12.61 -4.83 15.80
CA ILE A 126 12.08 -5.62 14.66
C ILE A 126 12.57 -5.04 13.31
N VAL A 127 11.85 -4.05 12.76
CA VAL A 127 12.12 -3.28 11.54
C VAL A 127 11.37 -1.95 11.71
N ASP A 128 11.92 -0.83 11.24
CA ASP A 128 11.23 0.46 11.18
C ASP A 128 10.46 0.60 9.86
N HIS A 129 9.13 0.77 9.95
CA HIS A 129 8.25 1.09 8.82
C HIS A 129 7.83 2.57 8.91
N SER A 130 8.53 3.47 8.21
CA SER A 130 8.49 4.92 8.47
C SER A 130 7.25 5.65 7.88
N ILE A 131 6.06 5.03 7.95
CA ILE A 131 4.72 5.61 7.73
C ILE A 131 4.54 6.51 6.48
N ALA A 132 5.18 6.13 5.37
CA ALA A 132 4.98 6.69 4.04
C ALA A 132 4.09 5.79 3.17
N ILE A 133 3.27 6.39 2.31
CA ILE A 133 2.35 5.73 1.37
C ILE A 133 2.44 6.38 -0.02
N TYR A 134 1.99 5.70 -1.07
CA TYR A 134 2.22 6.13 -2.46
C TYR A 134 1.00 5.94 -3.37
N LEU A 135 0.79 6.87 -4.31
CA LEU A 135 -0.31 6.81 -5.28
C LEU A 135 0.17 6.18 -6.62
N LEU A 136 -0.36 4.99 -6.92
CA LEU A 136 -0.24 4.30 -8.21
C LEU A 136 -1.52 4.56 -9.04
N ASN A 137 -1.37 4.69 -10.36
CA ASN A 137 -2.35 5.32 -11.25
C ASN A 137 -2.66 4.45 -12.51
N PRO A 138 -3.63 4.85 -13.39
CA PRO A 138 -4.39 3.93 -14.24
C PRO A 138 -3.68 3.41 -15.51
N ASP A 139 -2.36 3.56 -15.62
CA ASP A 139 -1.51 2.99 -16.69
C ASP A 139 -0.35 2.14 -16.10
N GLY A 140 -0.32 1.96 -14.77
CA GLY A 140 0.75 1.26 -14.05
C GLY A 140 1.94 2.15 -13.66
N LEU A 141 1.76 3.47 -13.71
CA LEU A 141 2.74 4.47 -13.25
C LEU A 141 2.39 4.94 -11.83
N PHE A 142 3.31 5.67 -11.18
CA PHE A 142 3.06 6.38 -9.93
C PHE A 142 2.84 7.88 -10.17
N THR A 143 2.28 8.59 -9.18
CA THR A 143 2.05 10.04 -9.20
C THR A 143 2.94 10.73 -8.16
N ASP A 144 2.75 10.42 -6.87
CA ASP A 144 3.51 10.98 -5.75
C ASP A 144 3.23 10.25 -4.42
N TYR A 145 3.91 10.69 -3.35
CA TYR A 145 3.78 10.15 -1.99
C TYR A 145 2.78 10.89 -1.09
N TYR A 146 2.54 10.33 0.10
CA TYR A 146 1.86 10.91 1.24
C TYR A 146 2.31 10.25 2.57
N GLY A 147 1.82 10.73 3.72
CA GLY A 147 2.07 10.14 5.05
C GLY A 147 2.96 11.01 5.95
N ARG A 148 3.85 10.37 6.72
CA ARG A 148 4.82 10.94 7.69
C ARG A 148 4.16 11.38 9.02
N SER A 149 3.03 12.09 8.96
CA SER A 149 2.14 12.52 10.06
C SER A 149 1.10 13.53 9.54
N ARG A 150 -0.19 13.16 9.50
CA ARG A 150 -1.32 13.87 8.87
C ARG A 150 -2.63 13.32 9.46
N SER A 151 -3.79 13.86 9.11
CA SER A 151 -5.09 13.26 9.43
C SER A 151 -6.12 13.70 8.39
N ALA A 152 -7.28 13.04 8.35
CA ALA A 152 -8.20 12.97 7.20
C ALA A 152 -8.43 14.30 6.49
N GLU A 153 -8.57 15.40 7.25
CA GLU A 153 -8.80 16.74 6.71
C GLU A 153 -7.69 17.25 5.80
N GLN A 154 -6.42 16.94 6.09
CA GLN A 154 -5.31 17.20 5.17
C GLN A 154 -5.23 16.21 4.00
N ILE A 155 -5.72 14.97 4.18
CA ILE A 155 -5.62 13.92 3.16
C ILE A 155 -6.61 14.15 2.03
N SER A 156 -7.89 14.37 2.32
CA SER A 156 -8.91 14.57 1.28
C SER A 156 -8.61 15.80 0.39
N ASP A 157 -8.13 16.90 0.99
CA ASP A 157 -7.63 18.07 0.24
C ASP A 157 -6.34 17.75 -0.54
N SER A 158 -5.42 16.95 0.02
CA SER A 158 -4.23 16.53 -0.74
C SER A 158 -4.57 15.58 -1.88
N VAL A 159 -5.50 14.63 -1.73
CA VAL A 159 -5.96 13.75 -2.83
C VAL A 159 -6.66 14.57 -3.90
N ARG A 160 -7.45 15.60 -3.54
CA ARG A 160 -7.99 16.59 -4.50
C ARG A 160 -6.87 17.36 -5.23
N ARG A 161 -5.81 17.79 -4.56
CA ARG A 161 -4.67 18.50 -5.19
C ARG A 161 -3.79 17.56 -6.05
N HIS A 162 -3.49 16.35 -5.60
CA HIS A 162 -2.82 15.31 -6.39
C HIS A 162 -3.63 14.98 -7.66
N MET A 163 -4.96 14.91 -7.55
CA MET A 163 -5.90 14.79 -8.69
C MET A 163 -5.81 15.99 -9.63
N ALA A 164 -5.85 17.22 -9.11
CA ALA A 164 -5.73 18.46 -9.89
C ALA A 164 -4.33 18.67 -10.51
N ALA A 165 -3.31 17.92 -10.08
CA ALA A 165 -1.96 17.94 -10.65
C ALA A 165 -1.80 16.87 -11.74
N PHE A 166 -2.17 15.60 -11.45
CA PHE A 166 -2.10 14.49 -12.40
C PHE A 166 -3.09 14.65 -13.56
N ARG A 167 -4.33 15.04 -13.23
CA ARG A 167 -5.41 15.51 -14.10
C ARG A 167 -6.17 14.43 -14.87
N SER A 168 -7.41 14.79 -15.20
CA SER A 168 -8.17 14.30 -16.34
C SER A 168 -8.45 15.55 -17.22
N VAL A 169 -8.36 15.57 -18.55
CA VAL A 169 -7.95 14.57 -19.54
C VAL A 169 -8.87 13.33 -19.45
N LEU A 170 -10.13 13.40 -19.90
CA LEU A 170 -10.76 14.28 -20.88
C LEU A 170 -11.32 15.53 -20.18
N SER A 171 -10.50 16.57 -20.27
CA SER A 171 -10.55 17.83 -19.50
C SER A 171 -11.86 18.59 -19.65
CU CU1 B . 2.10 0.49 11.61
N SER A 2 15.77 -12.83 -23.85
CA SER A 2 16.23 -13.42 -22.58
C SER A 2 17.40 -12.63 -22.03
N PHE A 3 17.42 -12.37 -20.71
CA PHE A 3 18.43 -11.64 -19.90
C PHE A 3 17.75 -11.03 -18.65
N THR A 4 18.52 -10.80 -17.58
CA THR A 4 18.08 -10.18 -16.30
C THR A 4 17.93 -8.65 -16.44
N GLY A 5 17.08 -8.20 -17.37
CA GLY A 5 16.92 -6.78 -17.73
C GLY A 5 15.51 -6.38 -18.17
N GLN A 6 14.57 -6.37 -17.24
CA GLN A 6 13.19 -5.89 -17.45
C GLN A 6 12.63 -5.42 -16.11
N GLY A 7 12.01 -4.23 -16.07
CA GLY A 7 11.37 -3.70 -14.86
C GLY A 7 9.96 -4.25 -14.69
N ASP A 8 9.82 -5.37 -13.97
CA ASP A 8 8.55 -5.93 -13.50
C ASP A 8 8.73 -6.82 -12.26
N PHE A 9 7.62 -7.08 -11.57
CA PHE A 9 7.51 -7.88 -10.35
C PHE A 9 6.21 -8.70 -10.37
N HIS A 10 6.16 -9.76 -9.57
CA HIS A 10 4.97 -10.61 -9.40
C HIS A 10 4.70 -10.87 -7.91
N LEU A 11 3.43 -10.80 -7.52
CA LEU A 11 2.88 -11.10 -6.19
C LEU A 11 1.63 -11.97 -6.40
N LEU A 12 0.94 -12.33 -5.33
CA LEU A 12 -0.39 -12.92 -5.39
C LEU A 12 -1.29 -12.36 -4.29
N ASP A 13 -2.59 -12.41 -4.53
CA ASP A 13 -3.62 -12.09 -3.54
C ASP A 13 -3.99 -13.31 -2.67
N HIS A 14 -4.65 -13.03 -1.55
CA HIS A 14 -5.25 -14.02 -0.64
C HIS A 14 -6.19 -15.05 -1.30
N ARG A 15 -6.70 -14.75 -2.51
CA ARG A 15 -7.58 -15.64 -3.30
C ARG A 15 -6.80 -16.55 -4.27
N GLY A 16 -5.50 -16.32 -4.48
CA GLY A 16 -4.58 -17.18 -5.24
C GLY A 16 -4.23 -16.68 -6.65
N ARG A 17 -4.70 -15.50 -7.06
CA ARG A 17 -4.39 -14.95 -8.39
C ARG A 17 -3.09 -14.16 -8.37
N ALA A 18 -2.21 -14.43 -9.32
CA ALA A 18 -0.87 -13.89 -9.39
C ALA A 18 -0.88 -12.47 -10.01
N ARG A 19 -0.92 -11.45 -9.16
CA ARG A 19 -0.98 -10.04 -9.54
C ARG A 19 0.41 -9.50 -9.92
N CYS A 20 0.54 -8.96 -11.12
CA CYS A 20 1.77 -8.41 -11.71
C CYS A 20 1.64 -6.89 -11.86
N LYS A 21 2.70 -6.19 -12.28
CA LYS A 21 2.69 -4.71 -12.44
C LYS A 21 1.53 -4.17 -13.32
N ALA A 22 1.01 -4.99 -14.25
CA ALA A 22 -0.10 -4.66 -15.14
C ALA A 22 -1.48 -4.60 -14.44
N ASP A 23 -1.70 -5.34 -13.35
CA ASP A 23 -3.03 -5.50 -12.73
C ASP A 23 -3.50 -4.19 -12.08
N PHE A 24 -2.53 -3.39 -11.64
CA PHE A 24 -2.72 -2.09 -11.02
C PHE A 24 -3.20 -1.01 -12.01
N ARG A 25 -3.00 -1.20 -13.32
CA ARG A 25 -3.36 -0.21 -14.37
C ARG A 25 -4.85 -0.28 -14.73
N GLY A 26 -5.72 -0.09 -13.73
CA GLY A 26 -7.19 -0.13 -13.86
C GLY A 26 -7.95 1.01 -13.15
N GLN A 27 -7.29 1.80 -12.31
CA GLN A 27 -7.86 2.87 -11.48
C GLN A 27 -6.71 3.68 -10.84
N TRP A 28 -7.00 4.74 -10.08
CA TRP A 28 -6.02 5.33 -9.16
C TRP A 28 -5.66 4.31 -8.06
N VAL A 29 -4.39 3.92 -7.98
CA VAL A 29 -3.87 2.99 -6.96
C VAL A 29 -3.01 3.75 -5.94
N LEU A 30 -3.14 3.35 -4.67
CA LEU A 30 -2.39 3.84 -3.52
C LEU A 30 -1.70 2.65 -2.85
N MET A 31 -0.37 2.61 -2.87
CA MET A 31 0.43 1.50 -2.34
C MET A 31 0.92 1.79 -0.92
N TYR A 32 0.69 0.85 0.00
CA TYR A 32 1.20 0.84 1.37
C TYR A 32 2.06 -0.41 1.63
N PHE A 33 3.20 -0.23 2.30
CA PHE A 33 4.16 -1.29 2.65
C PHE A 33 4.18 -1.50 4.18
N GLY A 34 3.45 -2.52 4.65
CA GLY A 34 3.18 -2.74 6.09
C GLY A 34 3.87 -3.97 6.67
N PHE A 35 4.14 -3.92 7.99
CA PHE A 35 4.59 -5.06 8.79
C PHE A 35 3.56 -5.40 9.88
N THR A 36 3.50 -6.65 10.33
CA THR A 36 2.61 -7.04 11.44
C THR A 36 3.24 -6.57 12.77
N HIS A 37 2.49 -5.80 13.56
CA HIS A 37 2.75 -5.29 14.93
C HIS A 37 3.20 -3.82 14.94
N CYS A 38 2.90 -3.01 13.92
CA CYS A 38 2.97 -1.56 14.06
C CYS A 38 2.05 -1.09 15.21
N PRO A 39 2.52 -0.24 16.14
CA PRO A 39 1.91 -0.13 17.46
C PRO A 39 1.07 1.12 17.68
N ASP A 40 1.21 2.17 16.85
CA ASP A 40 0.82 3.53 17.24
C ASP A 40 0.70 4.53 16.07
N ILE A 41 0.82 4.09 14.81
CA ILE A 41 0.88 5.01 13.65
C ILE A 41 0.15 4.44 12.42
N CYS A 42 0.64 3.37 11.78
CA CYS A 42 0.00 2.79 10.60
C CYS A 42 -1.50 2.45 10.79
N PRO A 43 -1.96 1.77 11.85
CA PRO A 43 -3.39 1.49 12.02
C PRO A 43 -4.24 2.77 12.18
N ASP A 44 -3.67 3.85 12.72
CA ASP A 44 -4.36 5.13 12.85
C ASP A 44 -4.53 5.79 11.47
N GLU A 45 -3.44 5.92 10.70
CA GLU A 45 -3.42 6.36 9.30
C GLU A 45 -4.26 5.47 8.35
N LEU A 46 -4.32 4.16 8.59
CA LEU A 46 -5.11 3.23 7.79
C LEU A 46 -6.61 3.43 8.01
N GLU A 47 -7.11 3.43 9.25
CA GLU A 47 -8.55 3.67 9.46
C GLU A 47 -8.94 5.11 9.06
N LYS A 48 -8.03 6.06 9.22
CA LYS A 48 -8.11 7.44 8.74
C LYS A 48 -8.31 7.48 7.21
N LEU A 49 -7.39 6.92 6.41
CA LEU A 49 -7.57 6.88 4.94
C LEU A 49 -8.76 6.00 4.53
N VAL A 50 -8.99 4.84 5.16
CA VAL A 50 -10.12 3.96 4.82
C VAL A 50 -11.48 4.64 5.08
N GLN A 51 -11.67 5.34 6.20
CA GLN A 51 -12.91 6.09 6.43
C GLN A 51 -13.03 7.32 5.51
N VAL A 52 -11.92 7.99 5.18
CA VAL A 52 -11.91 9.03 4.13
C VAL A 52 -12.29 8.45 2.76
N VAL A 53 -11.83 7.25 2.37
CA VAL A 53 -12.28 6.58 1.13
C VAL A 53 -13.80 6.33 1.14
N ARG A 54 -14.41 6.03 2.31
CA ARG A 54 -15.86 5.95 2.46
C ARG A 54 -16.54 7.30 2.17
N GLN A 55 -15.99 8.40 2.66
CA GLN A 55 -16.46 9.75 2.27
C GLN A 55 -16.25 10.02 0.78
N LEU A 56 -15.12 9.67 0.18
CA LEU A 56 -14.81 9.99 -1.23
C LEU A 56 -15.69 9.25 -2.24
N GLU A 57 -16.21 8.07 -1.90
CA GLU A 57 -17.32 7.47 -2.63
C GLU A 57 -18.57 8.36 -2.49
N ALA A 58 -19.08 8.51 -1.25
CA ALA A 58 -20.38 9.11 -0.93
C ALA A 58 -20.50 10.61 -1.27
N GLU A 59 -19.47 11.41 -1.05
CA GLU A 59 -19.36 12.80 -1.43
C GLU A 59 -19.19 12.86 -2.96
N PRO A 60 -20.11 13.48 -3.71
CA PRO A 60 -20.48 13.02 -5.04
C PRO A 60 -19.33 13.10 -6.05
N GLY A 61 -18.93 14.30 -6.45
CA GLY A 61 -17.96 14.52 -7.55
C GLY A 61 -16.51 14.12 -7.24
N LEU A 62 -16.19 13.72 -6.00
CA LEU A 62 -14.89 13.16 -5.67
C LEU A 62 -14.74 11.72 -6.19
N PRO A 63 -13.58 11.32 -6.75
CA PRO A 63 -13.32 9.96 -7.19
C PRO A 63 -12.85 9.07 -6.02
N PRO A 64 -13.03 7.74 -6.11
CA PRO A 64 -12.41 6.78 -5.21
C PRO A 64 -10.94 6.54 -5.59
N VAL A 65 -10.17 6.00 -4.64
CA VAL A 65 -8.76 5.58 -4.78
C VAL A 65 -8.62 4.22 -4.08
N GLN A 66 -7.82 3.31 -4.63
CA GLN A 66 -7.65 1.96 -4.08
C GLN A 66 -6.41 1.84 -3.18
N PRO A 67 -6.55 1.62 -1.85
CA PRO A 67 -5.45 1.24 -1.00
C PRO A 67 -5.10 -0.24 -1.21
N VAL A 68 -3.87 -0.51 -1.64
CA VAL A 68 -3.28 -1.87 -1.69
C VAL A 68 -2.42 -2.07 -0.44
N PHE A 69 -2.65 -3.16 0.31
CA PHE A 69 -1.75 -3.62 1.35
C PHE A 69 -0.71 -4.57 0.76
N ILE A 70 0.51 -4.08 0.61
CA ILE A 70 1.68 -4.91 0.33
C ILE A 70 2.31 -5.22 1.70
N THR A 71 2.44 -6.51 2.06
CA THR A 71 3.20 -6.87 3.26
C THR A 71 4.69 -6.83 2.96
N VAL A 72 5.47 -6.32 3.90
CA VAL A 72 6.93 -6.14 3.79
C VAL A 72 7.69 -6.74 4.99
N ASP A 73 6.98 -7.49 5.84
CA ASP A 73 7.42 -8.32 6.97
C ASP A 73 6.14 -8.85 7.64
N PRO A 74 5.53 -9.88 7.06
CA PRO A 74 4.35 -10.55 7.60
C PRO A 74 4.65 -11.38 8.87
N GLU A 75 5.91 -11.43 9.35
CA GLU A 75 6.41 -12.20 10.48
C GLU A 75 6.40 -13.71 10.22
N ARG A 76 5.21 -14.26 9.94
CA ARG A 76 4.95 -15.67 9.66
C ARG A 76 4.76 -15.97 8.16
N ASP A 77 4.63 -14.94 7.28
CA ASP A 77 4.57 -15.09 5.81
C ASP A 77 3.66 -16.21 5.25
N ASP A 78 2.35 -16.01 5.37
CA ASP A 78 1.32 -16.91 4.83
C ASP A 78 0.10 -16.09 4.36
N VAL A 79 -0.62 -16.58 3.34
CA VAL A 79 -1.89 -15.99 2.86
C VAL A 79 -2.92 -15.79 3.99
N GLU A 80 -2.90 -16.64 5.03
CA GLU A 80 -3.75 -16.54 6.21
C GLU A 80 -3.46 -15.27 7.05
N ALA A 81 -2.22 -14.77 7.06
CA ALA A 81 -1.87 -13.52 7.76
C ALA A 81 -2.58 -12.32 7.11
N MET A 82 -2.43 -12.18 5.80
CA MET A 82 -3.11 -11.14 5.01
C MET A 82 -4.63 -11.30 5.08
N ALA A 83 -5.15 -12.52 4.90
CA ALA A 83 -6.59 -12.80 4.98
C ALA A 83 -7.19 -12.43 6.34
N ARG A 84 -6.50 -12.69 7.46
CA ARG A 84 -6.99 -12.30 8.79
C ARG A 84 -7.04 -10.77 8.92
N TYR A 85 -5.98 -10.06 8.55
CA TYR A 85 -5.91 -8.59 8.60
C TYR A 85 -6.89 -7.91 7.63
N VAL A 86 -7.06 -8.46 6.42
CA VAL A 86 -8.01 -7.98 5.41
C VAL A 86 -9.45 -8.05 5.92
N GLN A 87 -9.89 -9.19 6.47
CA GLN A 87 -11.27 -9.33 6.97
C GLN A 87 -11.58 -8.35 8.10
N ASP A 88 -10.59 -8.06 8.95
CA ASP A 88 -10.76 -7.23 10.14
C ASP A 88 -10.93 -5.74 9.80
N PHE A 89 -10.24 -5.23 8.78
CA PHE A 89 -10.50 -3.91 8.22
C PHE A 89 -11.83 -3.96 7.44
N HIS A 90 -11.85 -4.75 6.36
CA HIS A 90 -12.97 -5.01 5.47
C HIS A 90 -12.59 -5.98 4.32
N PRO A 91 -13.39 -7.00 3.96
CA PRO A 91 -13.02 -8.00 2.94
C PRO A 91 -12.67 -7.47 1.53
N ARG A 92 -12.99 -6.22 1.17
CA ARG A 92 -12.47 -5.59 -0.08
C ARG A 92 -11.00 -5.14 0.00
N LEU A 93 -10.35 -5.17 1.18
CA LEU A 93 -8.95 -4.77 1.36
C LEU A 93 -8.03 -5.73 0.58
N LEU A 94 -7.15 -5.19 -0.27
CA LEU A 94 -6.34 -5.97 -1.20
C LEU A 94 -4.98 -6.32 -0.56
N GLY A 95 -4.91 -7.49 0.10
CA GLY A 95 -3.71 -8.02 0.75
C GLY A 95 -2.88 -8.87 -0.21
N LEU A 96 -1.72 -8.36 -0.65
CA LEU A 96 -0.76 -9.06 -1.49
C LEU A 96 0.38 -9.66 -0.65
N THR A 97 0.76 -10.91 -0.92
CA THR A 97 1.80 -11.61 -0.16
C THR A 97 3.19 -11.35 -0.73
N GLY A 98 3.90 -10.40 -0.12
CA GLY A 98 5.34 -10.14 -0.31
C GLY A 98 6.19 -11.19 0.41
N SER A 99 6.04 -12.45 0.02
CA SER A 99 6.83 -13.56 0.58
C SER A 99 8.30 -13.47 0.17
N THR A 100 9.18 -14.15 0.91
CA THR A 100 10.61 -13.85 0.99
C THR A 100 11.32 -13.68 -0.36
N LYS A 101 11.18 -14.62 -1.29
CA LYS A 101 11.78 -14.50 -2.63
C LYS A 101 11.13 -13.40 -3.50
N GLN A 102 9.87 -13.01 -3.27
CA GLN A 102 9.30 -11.80 -3.87
C GLN A 102 9.90 -10.56 -3.22
N VAL A 103 9.79 -10.40 -1.89
CA VAL A 103 10.16 -9.13 -1.21
C VAL A 103 11.64 -8.80 -1.35
N ALA A 104 12.54 -9.79 -1.43
CA ALA A 104 13.96 -9.56 -1.69
C ALA A 104 14.23 -8.87 -3.05
N GLN A 105 13.43 -9.16 -4.08
CA GLN A 105 13.42 -8.41 -5.35
C GLN A 105 12.64 -7.08 -5.21
N ALA A 106 11.47 -7.11 -4.56
CA ALA A 106 10.57 -5.96 -4.49
C ALA A 106 11.13 -4.77 -3.71
N SER A 107 11.72 -4.94 -2.52
CA SER A 107 12.31 -3.81 -1.76
C SER A 107 13.65 -3.30 -2.34
N HIS A 108 14.33 -4.10 -3.15
CA HIS A 108 15.42 -3.63 -4.02
C HIS A 108 14.88 -2.78 -5.21
N SER A 109 13.73 -3.15 -5.76
CA SER A 109 13.07 -2.46 -6.87
C SER A 109 12.44 -1.13 -6.39
N TYR A 110 11.47 -1.21 -5.47
CA TYR A 110 10.94 -0.11 -4.69
C TYR A 110 11.84 0.10 -3.46
N ARG A 111 12.74 1.09 -3.48
CA ARG A 111 13.67 1.37 -2.36
C ARG A 111 12.93 1.91 -1.12
N VAL A 112 12.22 1.03 -0.43
CA VAL A 112 11.46 1.30 0.82
C VAL A 112 12.35 1.14 2.04
N TYR A 113 12.09 1.96 3.06
CA TYR A 113 12.85 1.99 4.32
C TYR A 113 12.23 1.09 5.41
N TYR A 114 13.10 0.31 6.06
CA TYR A 114 12.85 -0.45 7.29
C TYR A 114 14.18 -0.73 8.03
N ASN A 115 14.18 -0.64 9.36
CA ASN A 115 15.41 -0.52 10.16
C ASN A 115 15.23 -1.03 11.61
N ALA A 116 16.05 -1.98 12.06
CA ALA A 116 15.95 -2.62 13.38
C ALA A 116 17.29 -3.22 13.87
N GLY A 117 17.43 -3.31 15.20
CA GLY A 117 18.60 -3.92 15.86
C GLY A 117 18.61 -3.74 17.39
N PRO A 118 18.43 -4.81 18.19
CA PRO A 118 18.43 -4.75 19.65
C PRO A 118 19.85 -4.64 20.23
N LYS A 119 19.99 -4.00 21.39
CA LYS A 119 21.29 -3.70 22.00
C LYS A 119 21.69 -4.61 23.18
N ASP A 120 22.91 -4.34 23.64
CA ASP A 120 23.63 -4.87 24.80
C ASP A 120 23.53 -3.96 26.05
N GLU A 121 23.33 -2.64 25.85
CA GLU A 121 23.19 -1.63 26.92
C GLU A 121 22.10 -2.03 27.94
N ASP A 122 20.98 -2.55 27.44
CA ASP A 122 19.96 -3.25 28.23
C ASP A 122 19.16 -4.09 27.24
N GLN A 123 18.63 -3.40 26.23
CA GLN A 123 18.08 -3.89 24.96
C GLN A 123 17.82 -2.66 24.08
N ASP A 124 16.97 -2.78 23.06
CA ASP A 124 16.46 -1.63 22.27
C ASP A 124 14.97 -1.75 21.86
N TYR A 125 14.43 -0.66 21.29
CA TYR A 125 13.03 -0.36 21.01
C TYR A 125 12.21 -1.45 20.26
N ILE A 126 12.27 -1.50 18.92
CA ILE A 126 11.35 -2.23 18.00
C ILE A 126 11.88 -2.17 16.57
N VAL A 127 11.26 -1.42 15.65
CA VAL A 127 11.62 -1.25 14.24
C VAL A 127 11.04 0.10 13.79
N ASP A 128 11.81 0.86 13.00
CA ASP A 128 11.35 2.06 12.29
C ASP A 128 11.20 1.74 10.80
N HIS A 129 10.21 2.30 10.11
CA HIS A 129 9.85 1.90 8.75
C HIS A 129 9.11 2.99 7.93
N SER A 130 8.85 2.69 6.65
CA SER A 130 8.02 3.48 5.74
C SER A 130 6.56 3.64 6.22
N ILE A 131 6.32 4.54 7.18
CA ILE A 131 5.00 5.09 7.57
C ILE A 131 4.44 6.03 6.48
N ALA A 132 4.45 5.55 5.24
CA ALA A 132 4.30 6.32 4.01
C ALA A 132 3.72 5.48 2.87
N ILE A 133 3.07 6.16 1.92
CA ILE A 133 2.17 5.60 0.90
C ILE A 133 2.30 6.35 -0.43
N TYR A 134 2.08 5.65 -1.55
CA TYR A 134 2.56 6.08 -2.88
C TYR A 134 1.47 6.01 -3.96
N LEU A 135 1.29 7.07 -4.77
CA LEU A 135 0.24 7.14 -5.81
C LEU A 135 0.74 6.61 -7.17
N LEU A 136 -0.03 5.69 -7.78
CA LEU A 136 0.22 5.00 -9.06
C LEU A 136 -1.01 5.13 -9.98
N ASN A 137 -0.77 5.61 -11.21
CA ASN A 137 -1.79 6.09 -12.15
C ASN A 137 -2.24 5.03 -13.20
N PRO A 138 -3.30 5.29 -14.00
CA PRO A 138 -3.86 4.33 -14.96
C PRO A 138 -3.11 4.27 -16.32
N ASP A 139 -1.90 4.83 -16.43
CA ASP A 139 -0.94 4.63 -17.53
C ASP A 139 0.22 3.71 -17.07
N GLY A 140 0.35 3.48 -15.75
CA GLY A 140 1.35 2.62 -15.12
C GLY A 140 2.49 3.38 -14.47
N LEU A 141 2.38 4.70 -14.28
CA LEU A 141 3.41 5.56 -13.71
C LEU A 141 2.99 6.17 -12.37
N PHE A 142 3.96 6.37 -11.49
CA PHE A 142 3.77 7.07 -10.21
C PHE A 142 3.67 8.59 -10.41
N THR A 143 3.42 9.34 -9.32
CA THR A 143 3.64 10.80 -9.30
C THR A 143 4.30 11.30 -8.02
N ASP A 144 3.91 10.79 -6.85
CA ASP A 144 4.27 11.37 -5.55
C ASP A 144 3.82 10.47 -4.38
N TYR A 145 4.13 10.89 -3.16
CA TYR A 145 3.96 10.12 -1.92
C TYR A 145 3.32 10.94 -0.79
N TYR A 146 2.92 10.25 0.28
CA TYR A 146 2.26 10.82 1.46
C TYR A 146 2.47 9.96 2.72
N GLY A 147 1.90 10.38 3.86
CA GLY A 147 2.08 9.74 5.18
C GLY A 147 2.81 10.68 6.13
N ARG A 148 3.64 10.13 7.04
CA ARG A 148 4.44 10.92 8.00
C ARG A 148 3.53 11.69 9.00
N SER A 149 2.50 11.01 9.50
CA SER A 149 1.56 11.43 10.57
C SER A 149 0.65 12.60 10.16
N ARG A 150 -0.61 12.34 9.81
CA ARG A 150 -1.54 13.28 9.19
C ARG A 150 -2.91 13.15 9.87
N SER A 151 -3.96 13.58 9.19
CA SER A 151 -5.32 13.64 9.70
C SER A 151 -6.25 13.46 8.49
N ALA A 152 -7.47 12.95 8.71
CA ALA A 152 -8.48 12.75 7.66
C ALA A 152 -8.62 13.99 6.74
N GLU A 153 -8.53 15.18 7.32
CA GLU A 153 -8.63 16.45 6.59
C GLU A 153 -7.42 16.72 5.69
N GLN A 154 -6.22 16.30 6.09
CA GLN A 154 -5.04 16.34 5.23
C GLN A 154 -4.99 15.21 4.17
N ILE A 155 -5.77 14.13 4.30
CA ILE A 155 -5.98 13.18 3.18
C ILE A 155 -6.78 13.87 2.06
N SER A 156 -7.76 14.69 2.41
CA SER A 156 -8.46 15.57 1.46
C SER A 156 -7.47 16.55 0.76
N ASP A 157 -6.52 17.15 1.49
CA ASP A 157 -5.47 18.00 0.88
C ASP A 157 -4.63 17.22 -0.15
N SER A 158 -4.37 15.94 0.11
CA SER A 158 -3.67 15.06 -0.82
C SER A 158 -4.53 14.69 -2.03
N VAL A 159 -5.66 14.01 -1.81
CA VAL A 159 -6.40 13.38 -2.90
C VAL A 159 -7.11 14.41 -3.79
N ARG A 160 -7.40 15.62 -3.29
CA ARG A 160 -7.88 16.72 -4.15
C ARG A 160 -6.79 17.19 -5.14
N ARG A 161 -5.50 17.13 -4.78
CA ARG A 161 -4.39 17.36 -5.71
C ARG A 161 -4.34 16.23 -6.75
N HIS A 162 -4.31 14.97 -6.31
CA HIS A 162 -4.23 13.79 -7.21
C HIS A 162 -5.45 13.67 -8.16
N MET A 163 -6.62 14.16 -7.74
CA MET A 163 -7.82 14.37 -8.57
C MET A 163 -7.57 15.40 -9.68
N ALA A 164 -7.23 16.64 -9.32
CA ALA A 164 -7.03 17.74 -10.26
C ALA A 164 -5.82 17.54 -11.20
N ALA A 165 -4.83 16.76 -10.77
CA ALA A 165 -3.66 16.40 -11.56
C ALA A 165 -3.95 15.32 -12.60
N PHE A 166 -4.86 14.39 -12.31
CA PHE A 166 -5.34 13.39 -13.26
C PHE A 166 -6.30 14.02 -14.28
N ARG A 167 -7.27 14.81 -13.82
CA ARG A 167 -8.08 15.76 -14.60
C ARG A 167 -9.02 15.16 -15.67
N SER A 168 -9.02 13.83 -15.84
CA SER A 168 -9.91 13.10 -16.75
C SER A 168 -11.39 13.52 -16.61
N VAL A 169 -11.92 14.29 -17.56
CA VAL A 169 -13.26 14.94 -17.55
C VAL A 169 -13.60 15.71 -16.25
N LEU A 170 -12.58 16.20 -15.54
CA LEU A 170 -12.71 16.87 -14.23
C LEU A 170 -12.03 18.25 -14.25
N SER A 171 -12.79 19.28 -14.67
CA SER A 171 -12.42 20.70 -14.65
C SER A 171 -13.60 21.64 -14.86
CU CU1 B . 4.00 1.94 11.04
N SER A 2 6.70 0.76 -33.47
CA SER A 2 5.57 0.39 -32.59
C SER A 2 5.99 -0.61 -31.51
N PHE A 3 6.96 -0.24 -30.67
CA PHE A 3 7.58 -1.10 -29.66
C PHE A 3 8.30 -0.28 -28.57
N THR A 4 8.43 -0.84 -27.37
CA THR A 4 9.19 -0.31 -26.22
C THR A 4 9.34 -1.41 -25.17
N GLY A 5 10.47 -1.42 -24.44
CA GLY A 5 10.83 -2.44 -23.45
C GLY A 5 11.06 -1.86 -22.05
N GLN A 6 10.60 -2.60 -21.03
CA GLN A 6 10.70 -2.30 -19.60
C GLN A 6 10.22 -3.54 -18.81
N GLY A 7 10.45 -3.60 -17.49
CA GLY A 7 10.02 -4.70 -16.60
C GLY A 7 8.77 -4.41 -15.76
N ASP A 8 8.37 -5.43 -14.99
CA ASP A 8 7.19 -5.47 -14.13
C ASP A 8 7.42 -6.27 -12.83
N PHE A 9 6.61 -5.98 -11.80
CA PHE A 9 6.64 -6.65 -10.50
C PHE A 9 5.72 -7.88 -10.49
N HIS A 10 6.04 -8.89 -9.66
CA HIS A 10 5.27 -10.14 -9.55
C HIS A 10 4.88 -10.43 -8.09
N LEU A 11 3.58 -10.29 -7.76
CA LEU A 11 3.01 -10.56 -6.43
C LEU A 11 1.68 -11.32 -6.54
N LEU A 12 1.03 -11.61 -5.42
CA LEU A 12 -0.24 -12.34 -5.34
C LEU A 12 -1.04 -11.97 -4.09
N ASP A 13 -2.35 -12.28 -4.12
CA ASP A 13 -3.31 -12.01 -3.05
C ASP A 13 -3.18 -13.00 -1.87
N HIS A 14 -3.78 -12.58 -0.74
CA HIS A 14 -4.37 -13.35 0.37
C HIS A 14 -5.35 -14.48 -0.05
N ARG A 15 -5.37 -14.86 -1.32
CA ARG A 15 -6.23 -15.82 -2.00
C ARG A 15 -5.56 -16.51 -3.20
N GLY A 16 -4.26 -16.26 -3.47
CA GLY A 16 -3.48 -16.92 -4.52
C GLY A 16 -3.59 -16.31 -5.93
N ARG A 17 -4.40 -15.26 -6.10
CA ARG A 17 -4.65 -14.58 -7.38
C ARG A 17 -3.48 -13.65 -7.73
N ALA A 18 -2.93 -13.72 -8.94
CA ALA A 18 -1.67 -13.06 -9.34
C ALA A 18 -1.82 -11.56 -9.65
N ARG A 19 -0.74 -10.80 -9.45
CA ARG A 19 -0.66 -9.34 -9.64
C ARG A 19 0.65 -8.95 -10.32
N CYS A 20 0.53 -8.06 -11.31
CA CYS A 20 1.63 -7.34 -11.96
C CYS A 20 1.17 -5.95 -12.41
N LYS A 21 2.06 -5.13 -12.98
CA LYS A 21 1.81 -3.70 -13.24
C LYS A 21 0.60 -3.38 -14.15
N ALA A 22 0.13 -4.33 -14.95
CA ALA A 22 -0.85 -4.10 -16.02
C ALA A 22 -2.26 -3.78 -15.52
N ASP A 23 -2.83 -4.62 -14.65
CA ASP A 23 -4.26 -4.57 -14.29
C ASP A 23 -4.62 -3.38 -13.39
N PHE A 24 -3.59 -2.81 -12.76
CA PHE A 24 -3.60 -1.60 -11.96
C PHE A 24 -3.82 -0.32 -12.81
N ARG A 25 -3.47 -0.36 -14.11
CA ARG A 25 -3.36 0.81 -14.99
C ARG A 25 -4.71 1.26 -15.58
N GLY A 26 -5.74 1.36 -14.73
CA GLY A 26 -7.13 1.61 -15.14
C GLY A 26 -8.07 2.01 -14.01
N GLN A 27 -7.57 2.76 -13.02
CA GLN A 27 -8.23 3.29 -11.81
C GLN A 27 -7.16 3.95 -10.92
N TRP A 28 -7.48 4.26 -9.66
CA TRP A 28 -6.52 4.75 -8.65
C TRP A 28 -6.26 3.66 -7.59
N VAL A 29 -5.00 3.49 -7.19
CA VAL A 29 -4.60 2.55 -6.12
C VAL A 29 -3.74 3.26 -5.07
N LEU A 30 -3.93 2.91 -3.80
CA LEU A 30 -3.20 3.42 -2.64
C LEU A 30 -2.38 2.28 -2.03
N MET A 31 -1.06 2.46 -1.97
CA MET A 31 -0.11 1.42 -1.55
C MET A 31 0.49 1.73 -0.17
N TYR A 32 0.33 0.80 0.77
CA TYR A 32 0.86 0.83 2.15
C TYR A 32 1.68 -0.44 2.46
N PHE A 33 2.74 -0.27 3.25
CA PHE A 33 3.66 -1.34 3.68
C PHE A 33 3.46 -1.64 5.17
N GLY A 34 3.00 -2.86 5.49
CA GLY A 34 2.52 -3.28 6.81
C GLY A 34 3.21 -4.52 7.39
N PHE A 35 2.88 -4.82 8.64
CA PHE A 35 3.45 -5.92 9.44
C PHE A 35 2.34 -6.65 10.22
N THR A 36 2.54 -7.94 10.53
CA THR A 36 1.51 -8.81 11.15
C THR A 36 1.60 -8.80 12.67
N HIS A 37 1.30 -7.63 13.27
CA HIS A 37 1.02 -7.31 14.69
C HIS A 37 1.92 -6.16 15.17
N CYS A 38 1.35 -4.97 15.16
CA CYS A 38 1.91 -3.72 15.65
C CYS A 38 1.24 -3.36 16.99
N PRO A 39 1.68 -2.29 17.65
CA PRO A 39 0.84 -1.57 18.60
C PRO A 39 -0.21 -0.75 17.83
N ASP A 40 -0.96 0.11 18.52
CA ASP A 40 -2.06 0.91 17.98
C ASP A 40 -1.62 2.14 17.16
N ILE A 41 -0.54 2.01 16.37
CA ILE A 41 -0.08 3.02 15.40
C ILE A 41 -0.68 2.73 14.01
N CYS A 42 -0.09 1.78 13.28
CA CYS A 42 -0.56 1.25 12.02
C CYS A 42 -2.09 0.99 11.94
N PRO A 43 -2.74 0.29 12.90
CA PRO A 43 -4.19 0.05 12.86
C PRO A 43 -5.04 1.24 13.33
N ASP A 44 -4.48 2.31 13.91
CA ASP A 44 -5.14 3.62 13.95
C ASP A 44 -4.99 4.40 12.64
N GLU A 45 -3.80 4.50 12.06
CA GLU A 45 -3.62 5.31 10.85
C GLU A 45 -4.26 4.65 9.62
N LEU A 46 -4.34 3.31 9.53
CA LEU A 46 -5.14 2.64 8.49
C LEU A 46 -6.65 2.80 8.74
N GLU A 47 -7.08 2.86 10.00
CA GLU A 47 -8.47 3.20 10.40
C GLU A 47 -8.80 4.64 9.98
N LYS A 48 -7.93 5.59 10.28
CA LYS A 48 -7.93 6.98 9.82
C LYS A 48 -7.95 7.09 8.28
N LEU A 49 -7.24 6.23 7.56
CA LEU A 49 -7.30 6.12 6.11
C LEU A 49 -8.69 5.64 5.66
N VAL A 50 -9.20 4.50 6.15
CA VAL A 50 -10.55 4.06 5.74
C VAL A 50 -11.66 5.03 6.20
N GLN A 51 -11.43 5.80 7.27
CA GLN A 51 -12.26 6.92 7.73
C GLN A 51 -12.27 8.04 6.67
N VAL A 52 -11.12 8.57 6.24
CA VAL A 52 -11.10 9.59 5.18
C VAL A 52 -11.55 9.04 3.81
N VAL A 53 -11.30 7.76 3.49
CA VAL A 53 -11.82 7.13 2.26
C VAL A 53 -13.36 7.06 2.24
N ARG A 54 -14.00 6.81 3.39
CA ARG A 54 -15.48 6.90 3.51
C ARG A 54 -15.96 8.33 3.31
N GLN A 55 -15.23 9.32 3.82
CA GLN A 55 -15.50 10.73 3.52
C GLN A 55 -15.30 11.09 2.03
N LEU A 56 -14.42 10.40 1.28
CA LEU A 56 -14.27 10.58 -0.17
C LEU A 56 -15.47 10.02 -0.96
N GLU A 57 -15.89 8.78 -0.71
CA GLU A 57 -17.05 8.20 -1.42
C GLU A 57 -18.39 8.88 -1.09
N ALA A 58 -18.44 9.71 -0.04
CA ALA A 58 -19.60 10.54 0.26
C ALA A 58 -19.92 11.56 -0.85
N GLU A 59 -18.97 11.88 -1.73
CA GLU A 59 -19.18 12.63 -2.97
C GLU A 59 -18.50 11.87 -4.13
N PRO A 60 -19.14 10.79 -4.64
CA PRO A 60 -18.52 9.75 -5.46
C PRO A 60 -18.30 10.13 -6.94
N GLY A 61 -18.01 11.41 -7.21
CA GLY A 61 -17.29 11.84 -8.40
C GLY A 61 -15.76 11.83 -8.20
N LEU A 62 -15.32 11.76 -6.93
CA LEU A 62 -13.92 11.57 -6.54
C LEU A 62 -13.42 10.15 -6.88
N PRO A 63 -12.11 9.94 -7.12
CA PRO A 63 -11.59 8.68 -7.65
C PRO A 63 -11.73 7.52 -6.66
N PRO A 64 -12.10 6.31 -7.12
CA PRO A 64 -12.21 5.12 -6.29
C PRO A 64 -10.80 4.61 -5.94
N VAL A 65 -10.30 5.05 -4.78
CA VAL A 65 -9.00 4.68 -4.23
C VAL A 65 -9.04 3.29 -3.60
N GLN A 66 -8.48 2.29 -4.30
CA GLN A 66 -8.35 0.92 -3.77
C GLN A 66 -7.09 0.79 -2.91
N PRO A 67 -7.20 0.41 -1.61
CA PRO A 67 -6.04 0.18 -0.77
C PRO A 67 -5.42 -1.20 -1.01
N VAL A 68 -4.09 -1.26 -1.15
CA VAL A 68 -3.29 -2.50 -1.02
C VAL A 68 -2.38 -2.43 0.22
N PHE A 69 -2.38 -3.51 0.99
CA PHE A 69 -1.48 -3.78 2.11
C PHE A 69 -0.39 -4.74 1.63
N ILE A 70 0.88 -4.36 1.73
CA ILE A 70 2.03 -5.25 1.41
C ILE A 70 2.68 -5.72 2.72
N THR A 71 2.74 -7.03 2.96
CA THR A 71 3.29 -7.62 4.19
C THR A 71 4.81 -7.67 4.15
N VAL A 72 5.47 -6.87 4.99
CA VAL A 72 6.94 -6.74 5.08
C VAL A 72 7.54 -7.64 6.19
N ASP A 73 7.21 -8.94 6.15
CA ASP A 73 7.91 -10.02 6.87
C ASP A 73 7.41 -11.38 6.34
N PRO A 74 8.27 -12.18 5.67
CA PRO A 74 7.87 -13.46 5.07
C PRO A 74 7.76 -14.62 6.09
N GLU A 75 8.22 -14.45 7.35
CA GLU A 75 8.28 -15.56 8.33
C GLU A 75 7.64 -15.17 9.69
N ARG A 76 6.48 -14.49 9.63
CA ARG A 76 5.77 -13.93 10.78
C ARG A 76 4.40 -14.57 11.02
N ASP A 77 3.40 -14.21 10.21
CA ASP A 77 2.05 -14.80 10.16
C ASP A 77 1.65 -14.98 8.69
N ASP A 78 0.85 -16.01 8.39
CA ASP A 78 0.77 -16.59 7.04
C ASP A 78 -0.19 -15.84 6.09
N VAL A 79 -0.06 -16.09 4.78
CA VAL A 79 -1.01 -15.61 3.73
C VAL A 79 -2.45 -16.08 4.00
N GLU A 80 -2.62 -17.19 4.74
CA GLU A 80 -3.92 -17.66 5.22
C GLU A 80 -4.49 -16.74 6.32
N ALA A 81 -3.64 -16.27 7.24
CA ALA A 81 -3.97 -15.34 8.33
C ALA A 81 -4.26 -13.92 7.83
N MET A 82 -3.54 -13.47 6.79
CA MET A 82 -3.74 -12.19 6.10
C MET A 82 -5.17 -12.00 5.59
N ALA A 83 -5.81 -13.08 5.11
CA ALA A 83 -7.19 -13.05 4.62
C ALA A 83 -8.20 -12.59 5.70
N ARG A 84 -7.97 -12.94 6.98
CA ARG A 84 -8.77 -12.42 8.09
C ARG A 84 -8.51 -10.94 8.34
N TYR A 85 -7.23 -10.53 8.36
CA TYR A 85 -6.86 -9.11 8.56
C TYR A 85 -7.40 -8.20 7.44
N VAL A 86 -7.46 -8.71 6.21
CA VAL A 86 -8.22 -8.14 5.09
C VAL A 86 -9.72 -8.04 5.43
N GLN A 87 -10.39 -9.19 5.62
CA GLN A 87 -11.86 -9.28 5.77
C GLN A 87 -12.43 -8.44 6.89
N ASP A 88 -11.90 -8.59 8.11
CA ASP A 88 -12.44 -8.00 9.34
C ASP A 88 -12.14 -6.50 9.51
N PHE A 89 -11.30 -5.91 8.65
CA PHE A 89 -11.33 -4.48 8.37
C PHE A 89 -12.41 -4.18 7.32
N HIS A 90 -12.31 -4.81 6.15
CA HIS A 90 -13.37 -4.95 5.15
C HIS A 90 -12.97 -5.93 4.03
N PRO A 91 -13.86 -6.81 3.51
CA PRO A 91 -13.52 -7.72 2.41
C PRO A 91 -13.07 -7.02 1.11
N ARG A 92 -13.26 -5.70 0.96
CA ARG A 92 -12.74 -4.90 -0.16
C ARG A 92 -11.22 -4.54 -0.05
N LEU A 93 -10.58 -4.79 1.11
CA LEU A 93 -9.12 -4.72 1.28
C LEU A 93 -8.43 -5.78 0.39
N LEU A 94 -7.14 -5.57 0.12
CA LEU A 94 -6.29 -6.47 -0.65
C LEU A 94 -4.96 -6.62 0.09
N GLY A 95 -4.58 -7.86 0.40
CA GLY A 95 -3.30 -8.18 1.07
C GLY A 95 -2.36 -8.87 0.10
N LEU A 96 -1.16 -8.30 -0.09
CA LEU A 96 -0.08 -8.85 -0.91
C LEU A 96 1.03 -9.41 -0.02
N THR A 97 1.60 -10.57 -0.39
CA THR A 97 2.68 -11.25 0.36
C THR A 97 3.59 -11.97 -0.64
N GLY A 98 4.84 -12.23 -0.25
CA GLY A 98 5.85 -12.93 -1.06
C GLY A 98 7.01 -13.50 -0.24
N SER A 99 7.85 -14.31 -0.89
CA SER A 99 9.05 -14.92 -0.27
C SER A 99 10.24 -13.94 -0.15
N THR A 100 11.23 -14.24 0.70
CA THR A 100 12.39 -13.34 0.92
C THR A 100 13.10 -12.92 -0.36
N LYS A 101 13.41 -13.86 -1.27
CA LYS A 101 14.01 -13.55 -2.58
C LYS A 101 13.15 -12.58 -3.43
N GLN A 102 11.83 -12.72 -3.36
CA GLN A 102 10.83 -11.94 -4.10
C GLN A 102 10.72 -10.53 -3.51
N VAL A 103 10.55 -10.41 -2.19
CA VAL A 103 10.50 -9.11 -1.49
C VAL A 103 11.82 -8.34 -1.66
N ALA A 104 12.95 -9.04 -1.67
CA ALA A 104 14.27 -8.45 -1.93
C ALA A 104 14.39 -7.89 -3.36
N GLN A 105 14.02 -8.66 -4.39
CA GLN A 105 14.14 -8.17 -5.77
C GLN A 105 13.14 -7.06 -6.13
N ALA A 106 11.92 -7.08 -5.58
CA ALA A 106 10.98 -5.98 -5.71
C ALA A 106 11.56 -4.69 -5.09
N SER A 107 12.16 -4.78 -3.91
CA SER A 107 12.78 -3.64 -3.21
C SER A 107 14.06 -3.14 -3.89
N HIS A 108 14.81 -4.03 -4.55
CA HIS A 108 15.95 -3.69 -5.39
C HIS A 108 15.54 -2.85 -6.62
N SER A 109 14.46 -3.23 -7.31
CA SER A 109 13.90 -2.45 -8.42
C SER A 109 13.22 -1.15 -7.96
N TYR A 110 12.52 -1.15 -6.83
CA TYR A 110 11.87 0.02 -6.24
C TYR A 110 12.09 0.09 -4.72
N ARG A 111 13.01 0.96 -4.29
CA ARG A 111 13.44 1.06 -2.89
C ARG A 111 12.37 1.72 -2.01
N VAL A 112 12.05 1.08 -0.90
CA VAL A 112 11.20 1.58 0.21
C VAL A 112 11.87 1.26 1.54
N TYR A 113 11.44 1.93 2.63
CA TYR A 113 12.14 1.88 3.92
C TYR A 113 11.66 0.71 4.81
N TYR A 114 12.55 -0.24 5.07
CA TYR A 114 12.40 -1.33 6.05
C TYR A 114 13.78 -1.87 6.47
N ASN A 115 13.86 -2.55 7.62
CA ASN A 115 15.10 -3.16 8.12
C ASN A 115 14.82 -4.30 9.12
N ALA A 116 15.84 -5.11 9.45
CA ALA A 116 15.78 -6.01 10.59
C ALA A 116 16.04 -5.22 11.89
N GLY A 117 15.45 -5.67 13.01
CA GLY A 117 15.70 -5.06 14.31
C GLY A 117 17.17 -5.25 14.73
N PRO A 118 17.95 -4.18 14.95
CA PRO A 118 19.38 -4.24 15.24
C PRO A 118 19.61 -4.53 16.74
N LYS A 119 19.22 -5.73 17.15
CA LYS A 119 19.17 -6.17 18.56
C LYS A 119 20.30 -7.14 18.93
N ASP A 120 20.61 -7.20 20.23
CA ASP A 120 21.49 -8.16 20.89
C ASP A 120 21.22 -9.63 20.52
N GLU A 121 19.94 -9.99 20.48
CA GLU A 121 19.36 -11.32 20.23
C GLU A 121 17.85 -11.36 20.55
N ASP A 122 17.37 -10.60 21.53
CA ASP A 122 15.98 -10.59 22.01
C ASP A 122 15.77 -9.40 22.98
N GLN A 123 15.45 -8.23 22.43
CA GLN A 123 15.28 -6.98 23.19
C GLN A 123 13.80 -6.66 23.37
N ASP A 124 13.10 -6.44 22.24
CA ASP A 124 11.69 -6.06 22.06
C ASP A 124 11.38 -5.70 20.58
N TYR A 125 12.25 -4.91 19.95
CA TYR A 125 12.12 -4.33 18.61
C TYR A 125 12.69 -5.29 17.54
N ILE A 126 11.87 -6.25 17.10
CA ILE A 126 12.31 -7.39 16.25
C ILE A 126 12.59 -7.03 14.79
N VAL A 127 11.81 -6.13 14.19
CA VAL A 127 11.77 -5.79 12.76
C VAL A 127 11.33 -4.33 12.64
N ASP A 128 11.77 -3.63 11.60
CA ASP A 128 11.31 -2.28 11.24
C ASP A 128 10.65 -2.27 9.85
N HIS A 129 9.51 -1.59 9.71
CA HIS A 129 8.89 -1.33 8.40
C HIS A 129 8.52 0.15 8.21
N SER A 130 9.48 1.06 8.44
CA SER A 130 9.39 2.53 8.33
C SER A 130 8.33 3.06 7.34
N ILE A 131 7.12 3.29 7.84
CA ILE A 131 5.91 3.38 7.02
C ILE A 131 5.86 4.61 6.10
N ALA A 132 5.32 4.38 4.90
CA ALA A 132 4.94 5.40 3.93
C ALA A 132 3.73 4.88 3.14
N ILE A 133 3.04 5.79 2.44
CA ILE A 133 1.88 5.49 1.61
C ILE A 133 2.04 6.23 0.27
N TYR A 134 1.71 5.57 -0.85
CA TYR A 134 1.98 6.07 -2.21
C TYR A 134 0.74 5.99 -3.11
N LEU A 135 0.53 6.97 -3.99
CA LEU A 135 -0.56 6.98 -4.99
C LEU A 135 -0.06 6.37 -6.31
N LEU A 136 -0.68 5.26 -6.75
CA LEU A 136 -0.44 4.57 -8.02
C LEU A 136 -1.60 4.85 -8.99
N ASN A 137 -1.27 5.23 -10.22
CA ASN A 137 -2.15 5.94 -11.16
C ASN A 137 -2.44 5.18 -12.48
N PRO A 138 -3.42 5.61 -13.29
CA PRO A 138 -3.86 4.92 -14.51
C PRO A 138 -2.99 5.21 -15.75
N ASP A 139 -1.80 5.81 -15.59
CA ASP A 139 -0.75 5.88 -16.62
C ASP A 139 0.28 4.76 -16.42
N GLY A 140 0.31 4.10 -15.25
CA GLY A 140 1.23 3.02 -14.92
C GLY A 140 2.42 3.49 -14.08
N LEU A 141 2.24 4.57 -13.31
CA LEU A 141 3.27 5.22 -12.51
C LEU A 141 2.74 5.61 -11.12
N PHE A 142 3.62 6.21 -10.31
CA PHE A 142 3.26 6.92 -9.09
C PHE A 142 2.83 8.37 -9.40
N THR A 143 2.06 8.99 -8.49
CA THR A 143 1.77 10.44 -8.50
C THR A 143 2.42 11.14 -7.31
N ASP A 144 2.24 10.62 -6.09
CA ASP A 144 2.79 11.23 -4.86
C ASP A 144 2.98 10.23 -3.70
N TYR A 145 3.48 10.75 -2.57
CA TYR A 145 3.76 10.01 -1.34
C TYR A 145 3.35 10.78 -0.07
N TYR A 146 3.03 10.05 0.99
CA TYR A 146 2.67 10.59 2.31
C TYR A 146 3.91 10.94 3.16
N GLY A 147 3.77 11.92 4.07
CA GLY A 147 4.78 12.33 5.04
C GLY A 147 4.24 13.20 6.16
N ARG A 148 5.13 13.67 7.04
CA ARG A 148 4.83 14.57 8.16
C ARG A 148 4.01 15.78 7.69
N SER A 149 2.86 16.01 8.32
CA SER A 149 1.89 17.10 8.07
C SER A 149 0.76 16.72 7.09
N ARG A 150 0.79 15.52 6.48
CA ARG A 150 -0.40 14.91 5.88
C ARG A 150 -1.36 14.47 7.01
N SER A 151 -2.66 14.52 6.75
CA SER A 151 -3.78 14.30 7.69
C SER A 151 -5.06 14.34 6.85
N ALA A 152 -6.24 13.91 7.35
CA ALA A 152 -7.45 13.69 6.53
C ALA A 152 -7.81 14.88 5.62
N GLU A 153 -7.84 16.10 6.16
CA GLU A 153 -8.04 17.33 5.40
C GLU A 153 -6.93 17.63 4.38
N GLN A 154 -5.67 17.34 4.71
CA GLN A 154 -4.54 17.51 3.79
C GLN A 154 -4.55 16.44 2.67
N ILE A 155 -5.08 15.25 2.94
CA ILE A 155 -5.31 14.18 1.94
C ILE A 155 -6.41 14.63 0.97
N SER A 156 -7.52 15.16 1.47
CA SER A 156 -8.59 15.70 0.64
C SER A 156 -8.06 16.75 -0.36
N ASP A 157 -7.36 17.79 0.11
CA ASP A 157 -6.80 18.80 -0.80
C ASP A 157 -5.68 18.24 -1.70
N SER A 158 -4.95 17.20 -1.28
CA SER A 158 -4.01 16.49 -2.17
C SER A 158 -4.75 15.78 -3.30
N VAL A 159 -5.78 14.99 -2.99
CA VAL A 159 -6.58 14.23 -3.97
C VAL A 159 -7.28 15.19 -4.94
N ARG A 160 -7.87 16.28 -4.43
CA ARG A 160 -8.50 17.35 -5.21
C ARG A 160 -7.52 17.99 -6.20
N ARG A 161 -6.31 18.38 -5.76
CA ARG A 161 -5.27 18.92 -6.64
C ARG A 161 -4.88 17.93 -7.74
N HIS A 162 -4.52 16.70 -7.38
CA HIS A 162 -4.09 15.67 -8.33
C HIS A 162 -5.19 15.30 -9.35
N MET A 163 -6.46 15.34 -8.93
CA MET A 163 -7.63 15.16 -9.80
C MET A 163 -7.82 16.34 -10.76
N ALA A 164 -7.82 17.58 -10.26
CA ALA A 164 -8.03 18.78 -11.07
C ALA A 164 -6.89 19.04 -12.08
N ALA A 165 -5.68 18.56 -11.79
CA ALA A 165 -4.50 18.71 -12.64
C ALA A 165 -4.33 17.59 -13.68
N PHE A 166 -5.18 16.55 -13.70
CA PHE A 166 -4.88 15.33 -14.45
C PHE A 166 -5.01 15.49 -15.98
N ARG A 167 -3.85 15.62 -16.63
CA ARG A 167 -3.65 15.25 -18.03
C ARG A 167 -3.05 13.85 -18.10
N SER A 168 -1.85 13.68 -17.56
CA SER A 168 -1.10 12.41 -17.49
C SER A 168 0.28 12.62 -16.85
N VAL A 169 0.89 11.56 -16.31
CA VAL A 169 2.22 11.56 -15.69
C VAL A 169 3.19 10.80 -16.59
N LEU A 170 4.09 11.55 -17.25
CA LEU A 170 5.05 11.13 -18.26
C LEU A 170 6.20 12.16 -18.26
N SER A 171 7.41 11.70 -17.99
CA SER A 171 8.68 12.46 -17.96
C SER A 171 9.90 11.53 -18.02
CU CU1 B . 3.60 -1.32 12.11
N SER A 2 7.00 -14.42 -29.36
CA SER A 2 7.64 -13.43 -30.24
C SER A 2 8.51 -12.47 -29.45
N PHE A 3 7.95 -11.71 -28.51
CA PHE A 3 8.67 -10.69 -27.74
C PHE A 3 8.01 -10.37 -26.39
N THR A 4 8.84 -10.06 -25.40
CA THR A 4 8.55 -9.56 -24.04
C THR A 4 9.88 -9.33 -23.30
N GLY A 5 9.86 -8.64 -22.16
CA GLY A 5 11.04 -8.31 -21.35
C GLY A 5 11.01 -6.88 -20.83
N GLN A 6 10.58 -6.73 -19.57
CA GLN A 6 10.36 -5.47 -18.86
C GLN A 6 10.20 -5.78 -17.35
N GLY A 7 10.43 -4.79 -16.48
CA GLY A 7 10.48 -4.99 -15.02
C GLY A 7 9.24 -4.52 -14.28
N ASP A 8 8.55 -5.46 -13.64
CA ASP A 8 7.54 -5.27 -12.58
C ASP A 8 7.69 -6.30 -11.46
N PHE A 9 6.96 -6.07 -10.35
CA PHE A 9 6.91 -6.95 -9.17
C PHE A 9 5.88 -8.07 -9.34
N HIS A 10 6.05 -9.19 -8.64
CA HIS A 10 5.15 -10.35 -8.72
C HIS A 10 4.67 -10.79 -7.33
N LEU A 11 3.36 -10.64 -7.07
CA LEU A 11 2.71 -10.97 -5.79
C LEU A 11 1.37 -11.69 -6.02
N LEU A 12 0.84 -12.36 -4.99
CA LEU A 12 -0.47 -13.03 -5.00
C LEU A 12 -1.44 -12.33 -4.03
N ASP A 13 -2.70 -12.25 -4.45
CA ASP A 13 -3.82 -11.63 -3.72
C ASP A 13 -4.36 -12.54 -2.61
N HIS A 14 -5.05 -11.95 -1.63
CA HIS A 14 -5.77 -12.66 -0.56
C HIS A 14 -6.92 -13.59 -1.05
N ARG A 15 -7.11 -13.69 -2.38
CA ARG A 15 -8.02 -14.63 -3.08
C ARG A 15 -7.28 -15.59 -4.04
N GLY A 16 -5.94 -15.60 -4.06
CA GLY A 16 -5.13 -16.56 -4.85
C GLY A 16 -5.03 -16.24 -6.34
N ARG A 17 -5.38 -15.02 -6.77
CA ARG A 17 -5.07 -14.49 -8.11
C ARG A 17 -3.65 -13.88 -8.10
N ALA A 18 -3.04 -13.76 -9.28
CA ALA A 18 -1.70 -13.19 -9.48
C ALA A 18 -1.77 -11.70 -9.86
N ARG A 19 -0.90 -10.89 -9.28
CA ARG A 19 -0.83 -9.44 -9.45
C ARG A 19 0.61 -8.98 -9.78
N CYS A 20 0.71 -7.98 -10.66
CA CYS A 20 1.98 -7.35 -11.05
C CYS A 20 1.76 -5.87 -11.43
N LYS A 21 2.83 -5.09 -11.62
CA LYS A 21 2.68 -3.65 -11.87
C LYS A 21 1.95 -3.35 -13.19
N ALA A 22 2.23 -4.11 -14.26
CA ALA A 22 1.60 -3.93 -15.57
C ALA A 22 0.07 -4.19 -15.54
N ASP A 23 -0.35 -5.26 -14.85
CA ASP A 23 -1.76 -5.65 -14.72
C ASP A 23 -2.55 -4.67 -13.82
N PHE A 24 -1.86 -4.01 -12.87
CA PHE A 24 -2.46 -3.02 -11.97
C PHE A 24 -2.85 -1.68 -12.64
N ARG A 25 -2.13 -1.28 -13.71
CA ARG A 25 -2.05 0.09 -14.28
C ARG A 25 -3.33 0.93 -14.11
N GLY A 26 -4.37 0.64 -14.89
CA GLY A 26 -5.56 1.50 -15.02
C GLY A 26 -6.57 1.31 -13.89
N GLN A 27 -6.25 1.77 -12.67
CA GLN A 27 -7.21 1.82 -11.56
C GLN A 27 -7.21 3.16 -10.80
N TRP A 28 -6.05 3.67 -10.35
CA TRP A 28 -5.85 4.85 -9.50
C TRP A 28 -5.91 4.36 -8.04
N VAL A 29 -4.77 4.20 -7.35
CA VAL A 29 -4.71 3.48 -6.06
C VAL A 29 -3.54 3.93 -5.16
N LEU A 30 -3.64 3.62 -3.86
CA LEU A 30 -2.56 3.77 -2.88
C LEU A 30 -1.91 2.41 -2.57
N MET A 31 -0.60 2.42 -2.32
CA MET A 31 0.14 1.28 -1.76
C MET A 31 0.59 1.60 -0.34
N TYR A 32 0.48 0.65 0.58
CA TYR A 32 0.95 0.74 1.96
C TYR A 32 1.81 -0.47 2.36
N PHE A 33 2.88 -0.23 3.13
CA PHE A 33 3.85 -1.24 3.54
C PHE A 33 3.94 -1.30 5.08
N GLY A 34 3.54 -2.43 5.66
CA GLY A 34 3.36 -2.62 7.11
C GLY A 34 3.97 -3.91 7.70
N PHE A 35 3.87 -4.05 9.02
CA PHE A 35 4.56 -5.07 9.83
C PHE A 35 3.63 -6.20 10.35
N THR A 36 2.37 -6.29 9.88
CA THR A 36 1.31 -7.24 10.29
C THR A 36 0.73 -6.91 11.68
N HIS A 37 1.56 -6.50 12.65
CA HIS A 37 1.12 -6.08 13.98
C HIS A 37 2.17 -5.18 14.67
N CYS A 38 1.97 -3.88 14.54
CA CYS A 38 2.36 -2.88 15.51
C CYS A 38 1.21 -2.70 16.51
N PRO A 39 1.48 -2.17 17.71
CA PRO A 39 0.47 -2.03 18.76
C PRO A 39 -0.56 -0.94 18.47
N ASP A 40 -0.16 0.15 17.80
CA ASP A 40 -1.03 1.28 17.41
C ASP A 40 -0.41 2.19 16.32
N ILE A 41 0.42 1.61 15.44
CA ILE A 41 1.03 2.30 14.28
C ILE A 41 0.34 1.84 13.00
N CYS A 42 0.81 0.75 12.37
CA CYS A 42 0.18 0.08 11.21
C CYS A 42 -1.37 0.10 11.23
N PRO A 43 -2.07 -0.37 12.29
CA PRO A 43 -3.54 -0.41 12.29
C PRO A 43 -4.19 0.97 12.50
N ASP A 44 -3.50 1.96 13.08
CA ASP A 44 -4.07 3.28 13.32
C ASP A 44 -4.12 4.03 11.99
N GLU A 45 -3.02 4.02 11.22
CA GLU A 45 -2.96 4.46 9.84
C GLU A 45 -3.82 3.60 8.88
N LEU A 46 -4.05 2.31 9.14
CA LEU A 46 -5.01 1.52 8.36
C LEU A 46 -6.45 2.00 8.60
N GLU A 47 -6.83 2.27 9.86
CA GLU A 47 -8.11 2.96 10.16
C GLU A 47 -8.12 4.36 9.54
N LYS A 48 -6.98 5.06 9.56
CA LYS A 48 -6.81 6.39 8.97
C LYS A 48 -7.07 6.38 7.46
N LEU A 49 -6.57 5.38 6.73
CA LEU A 49 -6.95 5.05 5.36
C LEU A 49 -8.45 4.71 5.27
N VAL A 50 -8.94 3.76 6.07
CA VAL A 50 -10.34 3.29 5.99
C VAL A 50 -11.36 4.41 6.26
N GLN A 51 -11.12 5.35 7.19
CA GLN A 51 -12.05 6.46 7.43
C GLN A 51 -12.00 7.43 6.24
N VAL A 52 -10.81 7.77 5.74
CA VAL A 52 -10.64 8.61 4.54
C VAL A 52 -11.24 7.95 3.28
N VAL A 53 -11.15 6.62 3.13
CA VAL A 53 -11.82 5.87 2.05
C VAL A 53 -13.35 6.06 2.13
N ARG A 54 -13.98 5.95 3.31
CA ARG A 54 -15.42 6.21 3.42
C ARG A 54 -15.77 7.67 3.17
N GLN A 55 -14.93 8.61 3.61
CA GLN A 55 -15.11 10.05 3.34
C GLN A 55 -15.04 10.37 1.83
N LEU A 56 -14.05 9.84 1.11
CA LEU A 56 -13.92 9.99 -0.34
C LEU A 56 -15.04 9.27 -1.09
N GLU A 57 -15.36 8.03 -0.71
CA GLU A 57 -16.47 7.28 -1.30
C GLU A 57 -17.81 8.01 -1.13
N ALA A 58 -18.02 8.74 -0.03
CA ALA A 58 -19.09 9.74 0.10
C ALA A 58 -18.88 10.97 -0.80
N GLU A 59 -17.92 11.85 -0.49
CA GLU A 59 -17.77 13.19 -1.11
C GLU A 59 -17.52 13.18 -2.64
N PRO A 60 -17.85 14.26 -3.39
CA PRO A 60 -17.93 14.23 -4.85
C PRO A 60 -16.63 14.63 -5.56
N GLY A 61 -16.53 14.27 -6.85
CA GLY A 61 -15.53 14.81 -7.78
C GLY A 61 -14.13 14.18 -7.69
N LEU A 62 -14.05 12.90 -7.31
CA LEU A 62 -12.85 12.23 -6.80
C LEU A 62 -12.49 10.90 -7.53
N PRO A 63 -11.21 10.49 -7.59
CA PRO A 63 -10.75 9.23 -8.17
C PRO A 63 -10.95 8.07 -7.18
N PRO A 64 -11.26 6.84 -7.63
CA PRO A 64 -11.69 5.72 -6.79
C PRO A 64 -10.51 5.01 -6.09
N VAL A 65 -9.70 5.80 -5.37
CA VAL A 65 -8.40 5.39 -4.83
C VAL A 65 -8.61 4.51 -3.59
N GLN A 66 -8.45 3.20 -3.77
CA GLN A 66 -8.34 2.24 -2.68
C GLN A 66 -6.87 2.01 -2.29
N PRO A 67 -6.57 1.68 -1.03
CA PRO A 67 -5.27 1.16 -0.62
C PRO A 67 -5.17 -0.35 -0.89
N VAL A 68 -3.97 -0.79 -1.30
CA VAL A 68 -3.48 -2.17 -1.03
C VAL A 68 -2.51 -2.16 0.16
N PHE A 69 -2.61 -3.19 1.01
CA PHE A 69 -1.67 -3.44 2.11
C PHE A 69 -0.71 -4.59 1.74
N ILE A 70 0.59 -4.35 1.88
CA ILE A 70 1.66 -5.36 1.71
C ILE A 70 2.39 -5.48 3.06
N THR A 71 2.66 -6.72 3.51
CA THR A 71 3.48 -6.97 4.70
C THR A 71 4.95 -7.16 4.32
N VAL A 72 5.86 -6.65 5.15
CA VAL A 72 7.29 -6.48 4.81
C VAL A 72 8.26 -7.46 5.50
N ASP A 73 7.80 -8.40 6.34
CA ASP A 73 8.69 -9.09 7.28
C ASP A 73 8.25 -10.53 7.59
N PRO A 74 8.18 -11.41 6.56
CA PRO A 74 7.55 -12.72 6.65
C PRO A 74 8.34 -13.67 7.56
N GLU A 75 7.71 -14.00 8.69
CA GLU A 75 8.16 -15.00 9.69
C GLU A 75 7.07 -16.05 9.97
N ARG A 76 5.80 -15.60 9.97
CA ARG A 76 4.60 -16.39 10.24
C ARG A 76 3.39 -15.95 9.37
N ASP A 77 3.60 -14.99 8.46
CA ASP A 77 2.59 -14.13 7.84
C ASP A 77 1.85 -14.82 6.67
N ASP A 78 1.15 -15.91 6.99
CA ASP A 78 0.49 -16.80 6.03
C ASP A 78 -0.74 -16.17 5.34
N VAL A 79 -1.21 -16.82 4.26
CA VAL A 79 -2.34 -16.35 3.45
C VAL A 79 -3.66 -16.28 4.24
N GLU A 80 -3.90 -17.18 5.21
CA GLU A 80 -5.05 -17.05 6.11
C GLU A 80 -4.87 -15.96 7.17
N ALA A 81 -3.67 -15.78 7.75
CA ALA A 81 -3.38 -14.63 8.63
C ALA A 81 -3.62 -13.29 7.92
N MET A 82 -3.21 -13.17 6.65
CA MET A 82 -3.49 -12.02 5.78
C MET A 82 -4.99 -11.89 5.44
N ALA A 83 -5.66 -12.98 5.08
CA ALA A 83 -7.10 -12.97 4.78
C ALA A 83 -7.95 -12.59 6.01
N ARG A 84 -7.51 -12.96 7.23
CA ARG A 84 -8.06 -12.41 8.48
C ARG A 84 -7.74 -10.91 8.59
N TYR A 85 -6.48 -10.51 8.53
CA TYR A 85 -6.05 -9.10 8.67
C TYR A 85 -6.81 -8.16 7.71
N VAL A 86 -7.06 -8.61 6.48
CA VAL A 86 -7.98 -8.00 5.52
C VAL A 86 -9.42 -7.96 6.07
N GLN A 87 -10.08 -9.13 6.20
CA GLN A 87 -11.53 -9.22 6.39
C GLN A 87 -12.02 -8.79 7.77
N ASP A 88 -11.24 -8.99 8.83
CA ASP A 88 -11.58 -8.61 10.22
C ASP A 88 -11.52 -7.08 10.45
N PHE A 89 -10.83 -6.36 9.54
CA PHE A 89 -10.91 -4.91 9.42
C PHE A 89 -12.16 -4.51 8.62
N HIS A 90 -12.33 -5.12 7.44
CA HIS A 90 -13.55 -5.16 6.63
C HIS A 90 -13.38 -6.12 5.42
N PRO A 91 -14.39 -6.91 5.02
CA PRO A 91 -14.32 -7.80 3.85
C PRO A 91 -13.95 -7.17 2.49
N ARG A 92 -13.93 -5.84 2.35
CA ARG A 92 -13.53 -5.11 1.12
C ARG A 92 -12.09 -4.55 1.17
N LEU A 93 -11.30 -4.78 2.23
CA LEU A 93 -9.85 -4.50 2.20
C LEU A 93 -9.13 -5.35 1.14
N LEU A 94 -7.87 -5.02 0.83
CA LEU A 94 -7.04 -5.75 -0.12
C LEU A 94 -5.64 -5.97 0.46
N GLY A 95 -5.22 -7.23 0.55
CA GLY A 95 -3.89 -7.67 0.97
C GLY A 95 -3.24 -8.53 -0.12
N LEU A 96 -1.92 -8.43 -0.26
CA LEU A 96 -1.13 -9.24 -1.19
C LEU A 96 0.31 -9.47 -0.67
N THR A 97 0.91 -10.60 -1.05
CA THR A 97 2.17 -11.14 -0.48
C THR A 97 2.87 -12.08 -1.47
N GLY A 98 4.03 -12.64 -1.10
CA GLY A 98 4.83 -13.55 -1.92
C GLY A 98 6.15 -13.94 -1.26
N SER A 99 6.96 -14.76 -1.96
CA SER A 99 8.29 -15.17 -1.45
C SER A 99 9.21 -13.98 -1.12
N THR A 100 9.90 -14.04 0.04
CA THR A 100 10.60 -12.90 0.63
C THR A 100 11.66 -12.26 -0.26
N LYS A 101 12.32 -13.05 -1.11
CA LYS A 101 13.27 -12.54 -2.12
C LYS A 101 12.59 -11.55 -3.09
N GLN A 102 11.35 -11.86 -3.51
CA GLN A 102 10.56 -11.03 -4.40
C GLN A 102 10.12 -9.76 -3.67
N VAL A 103 9.61 -9.87 -2.43
CA VAL A 103 9.20 -8.70 -1.62
C VAL A 103 10.38 -7.72 -1.42
N ALA A 104 11.58 -8.24 -1.12
CA ALA A 104 12.79 -7.45 -0.94
C ALA A 104 13.24 -6.75 -2.25
N GLN A 105 13.33 -7.48 -3.36
CA GLN A 105 13.75 -6.89 -4.64
C GLN A 105 12.69 -5.95 -5.22
N ALA A 106 11.40 -6.21 -5.03
CA ALA A 106 10.31 -5.28 -5.40
C ALA A 106 10.41 -3.96 -4.63
N SER A 107 10.67 -4.03 -3.32
CA SER A 107 10.84 -2.84 -2.47
C SER A 107 12.07 -2.02 -2.85
N HIS A 108 13.19 -2.66 -3.19
CA HIS A 108 14.39 -2.01 -3.75
C HIS A 108 14.15 -1.47 -5.19
N SER A 109 13.33 -2.13 -5.99
CA SER A 109 12.93 -1.69 -7.33
C SER A 109 11.98 -0.50 -7.30
N TYR A 110 11.21 -0.29 -6.23
CA TYR A 110 10.52 0.97 -5.97
C TYR A 110 11.41 2.02 -5.28
N ARG A 111 12.44 1.56 -4.55
CA ARG A 111 13.43 2.32 -3.77
C ARG A 111 12.89 2.67 -2.36
N VAL A 112 12.13 1.76 -1.77
CA VAL A 112 11.58 1.83 -0.40
C VAL A 112 12.66 1.48 0.62
N TYR A 113 12.63 2.11 1.80
CA TYR A 113 13.55 1.85 2.90
C TYR A 113 12.96 0.84 3.90
N TYR A 114 13.81 -0.07 4.37
CA TYR A 114 13.52 -1.09 5.38
C TYR A 114 14.83 -1.54 6.07
N ASN A 115 14.83 -1.69 7.40
CA ASN A 115 15.99 -2.13 8.17
C ASN A 115 15.56 -2.73 9.53
N ALA A 116 16.52 -3.32 10.27
CA ALA A 116 16.35 -3.82 11.62
C ALA A 116 17.60 -3.50 12.46
N GLY A 117 17.42 -3.17 13.74
CA GLY A 117 18.52 -3.01 14.71
C GLY A 117 19.20 -4.33 15.08
N PRO A 118 20.30 -4.28 15.84
CA PRO A 118 21.03 -5.47 16.27
C PRO A 118 20.21 -6.26 17.29
N LYS A 119 20.44 -7.59 17.35
CA LYS A 119 19.85 -8.46 18.37
C LYS A 119 20.89 -9.10 19.30
N ASP A 120 20.44 -9.42 20.51
CA ASP A 120 21.20 -10.20 21.48
C ASP A 120 21.30 -11.67 21.04
N GLU A 121 20.17 -12.40 20.99
CA GLU A 121 20.07 -13.79 20.49
C GLU A 121 18.90 -13.97 19.51
N ASP A 122 17.74 -13.38 19.81
CA ASP A 122 16.62 -13.20 18.88
C ASP A 122 15.69 -12.05 19.31
N GLN A 123 15.66 -11.70 20.60
CA GLN A 123 15.24 -10.41 21.16
C GLN A 123 13.72 -10.16 21.23
N ASP A 124 13.00 -10.50 20.15
CA ASP A 124 11.55 -10.40 19.91
C ASP A 124 10.88 -9.03 20.22
N TYR A 125 11.69 -7.96 20.22
CA TYR A 125 11.24 -6.60 20.54
C TYR A 125 10.13 -6.06 19.63
N ILE A 126 10.22 -6.37 18.33
CA ILE A 126 9.47 -6.03 17.09
C ILE A 126 10.49 -6.09 15.94
N VAL A 127 10.35 -5.28 14.90
CA VAL A 127 11.45 -4.72 14.08
C VAL A 127 11.18 -3.22 14.01
N ASP A 128 12.23 -2.40 14.10
CA ASP A 128 12.20 -0.94 14.02
C ASP A 128 12.09 -0.46 12.56
N HIS A 129 11.01 -0.87 11.90
CA HIS A 129 10.75 -0.66 10.48
C HIS A 129 10.22 0.75 10.15
N SER A 130 10.49 1.23 8.94
CA SER A 130 9.75 2.32 8.31
C SER A 130 8.45 1.79 7.70
N ILE A 131 7.31 2.43 8.01
CA ILE A 131 6.13 2.38 7.13
C ILE A 131 6.42 3.16 5.83
N ALA A 132 5.71 2.83 4.76
CA ALA A 132 5.78 3.58 3.50
C ALA A 132 4.41 3.60 2.80
N ILE A 133 4.14 4.68 2.06
CA ILE A 133 2.82 4.99 1.49
C ILE A 133 2.93 5.91 0.26
N TYR A 134 2.26 5.52 -0.83
CA TYR A 134 2.55 5.99 -2.20
C TYR A 134 1.33 5.90 -3.14
N LEU A 135 1.12 6.93 -3.98
CA LEU A 135 0.05 6.98 -5.00
C LEU A 135 0.55 6.43 -6.35
N LEU A 136 -0.02 5.29 -6.76
CA LEU A 136 0.12 4.70 -8.09
C LEU A 136 -1.03 5.18 -8.99
N ASN A 137 -0.66 5.89 -10.05
CA ASN A 137 -1.57 6.56 -10.98
C ASN A 137 -2.13 5.61 -12.07
N PRO A 138 -3.16 5.99 -12.86
CA PRO A 138 -3.83 5.11 -13.83
C PRO A 138 -3.06 4.86 -15.13
N ASP A 139 -1.81 5.34 -15.23
CA ASP A 139 -0.86 5.17 -16.34
C ASP A 139 0.34 4.30 -15.89
N GLY A 140 0.43 3.96 -14.60
CA GLY A 140 1.48 3.12 -13.99
C GLY A 140 2.62 3.90 -13.36
N LEU A 141 2.53 5.24 -13.33
CA LEU A 141 3.54 6.15 -12.76
C LEU A 141 3.12 6.67 -11.37
N PHE A 142 3.90 7.57 -10.81
CA PHE A 142 3.69 8.17 -9.49
C PHE A 142 2.63 9.29 -9.50
N THR A 143 2.32 9.83 -8.32
CA THR A 143 1.76 11.18 -8.18
C THR A 143 2.35 11.84 -6.95
N ASP A 144 2.18 11.24 -5.77
CA ASP A 144 2.67 11.77 -4.50
C ASP A 144 2.81 10.71 -3.39
N TYR A 145 3.40 11.14 -2.27
CA TYR A 145 3.78 10.31 -1.13
C TYR A 145 3.24 10.88 0.19
N TYR A 146 3.13 10.03 1.23
CA TYR A 146 2.35 10.32 2.44
C TYR A 146 3.14 10.07 3.74
N GLY A 147 2.49 10.26 4.90
CA GLY A 147 3.15 10.39 6.21
C GLY A 147 3.71 11.81 6.44
N ARG A 148 4.41 12.02 7.55
CA ARG A 148 5.18 13.22 7.95
C ARG A 148 4.33 14.48 8.26
N SER A 149 3.28 14.77 7.50
CA SER A 149 2.40 15.96 7.64
C SER A 149 1.06 15.77 6.88
N ARG A 150 0.57 14.52 6.81
CA ARG A 150 -0.72 14.15 6.24
C ARG A 150 -1.75 13.89 7.34
N SER A 151 -3.01 13.86 6.96
CA SER A 151 -4.23 13.76 7.78
C SER A 151 -5.41 13.83 6.79
N ALA A 152 -6.67 13.67 7.22
CA ALA A 152 -7.79 13.43 6.30
C ALA A 152 -7.94 14.51 5.21
N GLU A 153 -7.95 15.81 5.58
CA GLU A 153 -7.96 16.90 4.60
C GLU A 153 -6.68 16.95 3.74
N GLN A 154 -5.51 16.69 4.33
CA GLN A 154 -4.22 16.76 3.63
C GLN A 154 -4.08 15.63 2.58
N ILE A 155 -4.78 14.50 2.76
CA ILE A 155 -5.00 13.50 1.72
C ILE A 155 -6.05 13.98 0.70
N SER A 156 -7.22 14.38 1.19
CA SER A 156 -8.40 14.57 0.36
C SER A 156 -8.23 15.65 -0.71
N ASP A 157 -7.59 16.79 -0.43
CA ASP A 157 -7.35 17.78 -1.48
C ASP A 157 -6.25 17.34 -2.46
N SER A 158 -5.26 16.55 -2.04
CA SER A 158 -4.30 15.91 -2.97
C SER A 158 -5.05 15.02 -3.97
N VAL A 159 -5.93 14.17 -3.42
CA VAL A 159 -6.76 13.22 -4.17
C VAL A 159 -7.70 13.95 -5.15
N ARG A 160 -8.22 15.12 -4.77
CA ARG A 160 -8.99 16.03 -5.62
C ARG A 160 -8.10 16.68 -6.70
N ARG A 161 -6.90 17.17 -6.33
CA ARG A 161 -5.96 17.90 -7.20
C ARG A 161 -5.53 17.06 -8.40
N HIS A 162 -5.08 15.82 -8.19
CA HIS A 162 -4.65 14.98 -9.33
C HIS A 162 -5.79 14.54 -10.26
N MET A 163 -7.03 14.48 -9.76
CA MET A 163 -8.24 14.34 -10.60
C MET A 163 -8.56 15.63 -11.38
N ALA A 164 -8.47 16.80 -10.75
CA ALA A 164 -8.73 18.08 -11.42
C ALA A 164 -7.77 18.33 -12.60
N ALA A 165 -6.50 17.93 -12.46
CA ALA A 165 -5.48 17.95 -13.51
C ALA A 165 -5.71 16.95 -14.68
N PHE A 166 -6.72 16.08 -14.56
CA PHE A 166 -7.04 14.99 -15.49
C PHE A 166 -8.43 15.15 -16.15
N ARG A 167 -9.43 15.66 -15.41
CA ARG A 167 -10.82 15.97 -15.82
C ARG A 167 -11.69 14.74 -16.14
N SER A 168 -11.16 13.80 -16.94
CA SER A 168 -11.70 12.48 -17.33
C SER A 168 -12.49 12.49 -18.65
N VAL A 169 -12.40 11.40 -19.41
CA VAL A 169 -13.20 11.11 -20.62
C VAL A 169 -13.86 9.74 -20.46
N LEU A 170 -15.19 9.71 -20.56
CA LEU A 170 -15.98 8.47 -20.67
C LEU A 170 -16.03 8.04 -22.15
N SER A 171 -17.06 8.48 -22.88
CA SER A 171 -17.25 8.54 -24.36
C SER A 171 -18.56 7.88 -24.83
CU CU1 B . 4.34 -0.79 11.69
N SER A 2 4.27 -17.55 -26.66
CA SER A 2 5.71 -17.32 -26.86
C SER A 2 6.08 -15.91 -26.40
N PHE A 3 6.37 -15.72 -25.10
CA PHE A 3 6.65 -14.42 -24.49
C PHE A 3 7.52 -14.56 -23.22
N THR A 4 8.13 -13.46 -22.78
CA THR A 4 9.04 -13.34 -21.63
C THR A 4 9.22 -11.86 -21.27
N GLY A 5 10.14 -11.51 -20.37
CA GLY A 5 10.52 -10.11 -20.08
C GLY A 5 9.36 -9.31 -19.48
N GLN A 6 9.10 -8.12 -20.05
CA GLN A 6 8.01 -7.17 -19.74
C GLN A 6 8.27 -6.34 -18.47
N GLY A 7 8.92 -6.91 -17.46
CA GLY A 7 9.29 -6.23 -16.21
C GLY A 7 8.17 -6.35 -15.17
N ASP A 8 7.34 -5.33 -15.08
CA ASP A 8 6.19 -5.22 -14.18
C ASP A 8 6.59 -5.38 -12.69
N PHE A 9 5.94 -6.31 -11.98
CA PHE A 9 6.25 -6.83 -10.64
C PHE A 9 5.59 -8.21 -10.49
N HIS A 10 5.79 -8.89 -9.36
CA HIS A 10 5.05 -10.12 -9.03
C HIS A 10 4.89 -10.29 -7.51
N LEU A 11 3.63 -10.25 -7.05
CA LEU A 11 3.20 -10.55 -5.68
C LEU A 11 2.01 -11.53 -5.73
N LEU A 12 1.78 -12.29 -4.66
CA LEU A 12 0.67 -13.23 -4.49
C LEU A 12 -0.48 -12.59 -3.70
N ASP A 13 -1.70 -12.94 -4.10
CA ASP A 13 -2.98 -12.56 -3.49
C ASP A 13 -3.27 -13.42 -2.24
N HIS A 14 -3.99 -12.85 -1.27
CA HIS A 14 -4.44 -13.48 -0.02
C HIS A 14 -5.42 -14.68 -0.16
N ARG A 15 -5.48 -15.33 -1.34
CA ARG A 15 -6.06 -16.66 -1.58
C ARG A 15 -5.41 -17.36 -2.80
N GLY A 16 -4.07 -17.28 -2.93
CA GLY A 16 -3.27 -18.16 -3.80
C GLY A 16 -3.22 -17.80 -5.29
N ARG A 17 -3.86 -16.70 -5.70
CA ARG A 17 -3.68 -16.07 -7.02
C ARG A 17 -2.45 -15.13 -6.99
N ALA A 18 -2.18 -14.38 -8.07
CA ALA A 18 -1.06 -13.43 -8.13
C ALA A 18 -1.36 -12.23 -9.03
N ARG A 19 -0.63 -11.13 -8.82
CA ARG A 19 -0.80 -9.83 -9.49
C ARG A 19 0.53 -9.29 -10.04
N CYS A 20 0.48 -8.79 -11.28
CA CYS A 20 1.63 -8.30 -12.07
C CYS A 20 1.35 -6.96 -12.78
N LYS A 21 1.07 -5.90 -12.02
CA LYS A 21 1.05 -4.48 -12.45
C LYS A 21 -0.04 -4.05 -13.45
N ALA A 22 -0.16 -4.69 -14.61
CA ALA A 22 -1.02 -4.26 -15.73
C ALA A 22 -2.52 -4.29 -15.40
N ASP A 23 -2.94 -5.18 -14.50
CA ASP A 23 -4.34 -5.40 -14.12
C ASP A 23 -4.90 -4.21 -13.32
N PHE A 24 -4.00 -3.56 -12.56
CA PHE A 24 -4.19 -2.32 -11.81
C PHE A 24 -4.26 -1.05 -12.69
N ARG A 25 -4.03 -1.11 -14.01
CA ARG A 25 -3.92 0.06 -14.91
C ARG A 25 -5.27 0.75 -15.23
N GLY A 26 -6.11 0.96 -14.21
CA GLY A 26 -7.37 1.68 -14.26
C GLY A 26 -7.89 2.04 -12.88
N GLN A 27 -8.10 3.35 -12.65
CA GLN A 27 -8.49 4.04 -11.40
C GLN A 27 -7.24 4.56 -10.65
N TRP A 28 -7.41 5.16 -9.47
CA TRP A 28 -6.31 5.43 -8.54
C TRP A 28 -6.09 4.21 -7.62
N VAL A 29 -4.84 3.86 -7.35
CA VAL A 29 -4.46 2.82 -6.37
C VAL A 29 -3.57 3.45 -5.30
N LEU A 30 -3.82 3.13 -4.03
CA LEU A 30 -3.08 3.63 -2.87
C LEU A 30 -2.33 2.46 -2.21
N MET A 31 -0.99 2.48 -2.31
CA MET A 31 -0.12 1.45 -1.74
C MET A 31 0.33 1.82 -0.33
N TYR A 32 0.03 0.93 0.62
CA TYR A 32 0.50 0.92 2.01
C TYR A 32 1.38 -0.32 2.26
N PHE A 33 2.52 -0.13 2.94
CA PHE A 33 3.46 -1.19 3.32
C PHE A 33 3.37 -1.46 4.83
N GLY A 34 3.18 -2.71 5.23
CA GLY A 34 2.88 -3.11 6.61
C GLY A 34 3.87 -4.09 7.24
N PHE A 35 4.07 -3.92 8.56
CA PHE A 35 4.80 -4.82 9.48
C PHE A 35 3.84 -5.66 10.35
N THR A 36 2.59 -5.81 9.88
CA THR A 36 1.39 -6.36 10.56
C THR A 36 0.90 -5.46 11.71
N HIS A 37 1.80 -4.78 12.43
CA HIS A 37 1.53 -4.18 13.74
C HIS A 37 2.70 -3.36 14.27
N CYS A 38 2.38 -2.51 15.24
CA CYS A 38 3.24 -1.68 16.08
C CYS A 38 2.55 -1.51 17.46
N PRO A 39 3.09 -0.72 18.41
CA PRO A 39 2.35 -0.26 19.60
C PRO A 39 1.30 0.81 19.24
N ASP A 40 0.48 0.51 18.22
CA ASP A 40 -0.69 1.25 17.70
C ASP A 40 -0.34 2.27 16.58
N ILE A 41 0.87 2.20 16.01
CA ILE A 41 1.40 3.15 15.01
C ILE A 41 0.98 2.76 13.59
N CYS A 42 1.45 1.60 13.10
CA CYS A 42 1.05 0.96 11.83
C CYS A 42 -0.42 1.22 11.40
N PRO A 43 -1.45 0.89 12.22
CA PRO A 43 -2.86 1.03 11.83
C PRO A 43 -3.40 2.47 11.87
N ASP A 44 -2.65 3.45 12.40
CA ASP A 44 -3.14 4.79 12.66
C ASP A 44 -3.31 5.53 11.34
N GLU A 45 -2.23 5.56 10.53
CA GLU A 45 -2.20 5.97 9.13
C GLU A 45 -3.06 5.07 8.22
N LEU A 46 -3.32 3.80 8.60
CA LEU A 46 -4.23 2.93 7.85
C LEU A 46 -5.69 3.37 8.00
N GLU A 47 -6.15 3.69 9.22
CA GLU A 47 -7.46 4.33 9.35
C GLU A 47 -7.43 5.73 8.71
N LYS A 48 -6.35 6.47 8.88
CA LYS A 48 -6.14 7.80 8.29
C LYS A 48 -6.36 7.83 6.76
N LEU A 49 -5.86 6.83 6.03
CA LEU A 49 -6.20 6.62 4.60
C LEU A 49 -7.63 6.08 4.39
N VAL A 50 -8.11 5.10 5.17
CA VAL A 50 -9.49 4.57 5.01
C VAL A 50 -10.56 5.66 5.23
N GLN A 51 -10.32 6.63 6.13
CA GLN A 51 -11.16 7.81 6.33
C GLN A 51 -11.40 8.59 5.02
N VAL A 52 -10.45 8.56 4.07
CA VAL A 52 -10.59 9.31 2.80
C VAL A 52 -11.65 8.70 1.90
N VAL A 53 -11.72 7.36 1.78
CA VAL A 53 -12.78 6.72 0.98
C VAL A 53 -14.15 6.91 1.64
N ARG A 54 -14.26 6.82 2.97
CA ARG A 54 -15.51 7.01 3.73
C ARG A 54 -16.12 8.42 3.55
N GLN A 55 -15.28 9.40 3.27
CA GLN A 55 -15.68 10.70 2.72
C GLN A 55 -16.09 10.57 1.24
N LEU A 56 -15.18 10.22 0.33
CA LEU A 56 -15.38 10.29 -1.12
C LEU A 56 -16.50 9.39 -1.66
N GLU A 57 -16.72 8.22 -1.07
CA GLU A 57 -17.86 7.32 -1.32
C GLU A 57 -19.23 8.02 -1.15
N ALA A 58 -19.32 9.07 -0.33
CA ALA A 58 -20.51 9.94 -0.24
C ALA A 58 -20.70 10.91 -1.43
N GLU A 59 -19.62 11.35 -2.09
CA GLU A 59 -19.64 12.29 -3.22
C GLU A 59 -20.05 11.62 -4.56
N PRO A 60 -20.46 12.40 -5.59
CA PRO A 60 -21.03 11.85 -6.81
C PRO A 60 -19.96 11.40 -7.82
N GLY A 61 -20.08 10.16 -8.31
CA GLY A 61 -19.26 9.64 -9.40
C GLY A 61 -17.81 9.39 -8.98
N LEU A 62 -16.93 10.35 -9.33
CA LEU A 62 -15.50 10.42 -9.03
C LEU A 62 -14.63 9.38 -9.79
N PRO A 63 -13.30 9.51 -9.78
CA PRO A 63 -12.41 8.35 -9.79
C PRO A 63 -12.35 7.79 -8.35
N PRO A 64 -12.67 6.50 -8.12
CA PRO A 64 -12.48 5.85 -6.82
C PRO A 64 -10.99 5.56 -6.58
N VAL A 65 -10.61 5.48 -5.31
CA VAL A 65 -9.24 5.12 -4.86
C VAL A 65 -9.28 3.73 -4.22
N GLN A 66 -8.43 2.81 -4.70
CA GLN A 66 -8.35 1.44 -4.20
C GLN A 66 -7.13 1.26 -3.26
N PRO A 67 -7.31 1.04 -1.94
CA PRO A 67 -6.20 0.77 -1.03
C PRO A 67 -5.67 -0.67 -1.16
N VAL A 68 -4.35 -0.82 -1.09
CA VAL A 68 -3.64 -2.12 -1.05
C VAL A 68 -2.71 -2.19 0.17
N PHE A 69 -2.80 -3.27 0.94
CA PHE A 69 -1.81 -3.66 1.95
C PHE A 69 -0.77 -4.58 1.30
N ILE A 70 0.51 -4.20 1.38
CA ILE A 70 1.65 -5.01 0.95
C ILE A 70 2.46 -5.37 2.19
N THR A 71 2.82 -6.64 2.41
CA THR A 71 3.69 -7.01 3.55
C THR A 71 5.12 -6.59 3.27
N VAL A 72 5.84 -6.22 4.34
CA VAL A 72 7.31 -6.09 4.34
C VAL A 72 7.98 -7.37 4.89
N ASP A 73 7.22 -8.24 5.58
CA ASP A 73 7.72 -9.46 6.24
C ASP A 73 7.28 -10.74 5.48
N PRO A 74 8.22 -11.63 5.10
CA PRO A 74 7.95 -12.88 4.39
C PRO A 74 8.07 -14.16 5.24
N GLU A 75 8.25 -14.10 6.57
CA GLU A 75 8.36 -15.29 7.44
C GLU A 75 7.82 -15.16 8.88
N ARG A 76 7.00 -14.13 9.17
CA ARG A 76 6.28 -13.94 10.44
C ARG A 76 4.75 -14.07 10.33
N ASP A 77 4.19 -14.02 9.13
CA ASP A 77 2.76 -14.15 8.80
C ASP A 77 2.59 -14.83 7.44
N ASP A 78 1.34 -15.21 7.09
CA ASP A 78 1.00 -15.96 5.87
C ASP A 78 -0.39 -15.57 5.32
N VAL A 79 -0.80 -16.09 4.16
CA VAL A 79 -1.99 -15.64 3.40
C VAL A 79 -3.31 -15.75 4.17
N GLU A 80 -3.42 -16.68 5.14
CA GLU A 80 -4.59 -16.78 6.03
C GLU A 80 -4.68 -15.59 7.00
N ALA A 81 -3.54 -15.13 7.53
CA ALA A 81 -3.49 -13.92 8.35
C ALA A 81 -3.84 -12.68 7.51
N MET A 82 -3.37 -12.61 6.26
CA MET A 82 -3.74 -11.52 5.33
C MET A 82 -5.24 -11.51 5.03
N ALA A 83 -5.85 -12.67 4.75
CA ALA A 83 -7.29 -12.79 4.50
C ALA A 83 -8.12 -12.31 5.70
N ARG A 84 -7.72 -12.71 6.91
CA ARG A 84 -8.33 -12.25 8.17
C ARG A 84 -8.13 -10.73 8.36
N TYR A 85 -6.92 -10.20 8.11
CA TYR A 85 -6.64 -8.76 8.16
C TYR A 85 -7.49 -7.97 7.16
N VAL A 86 -7.64 -8.47 5.93
CA VAL A 86 -8.48 -7.88 4.86
C VAL A 86 -9.96 -7.84 5.27
N GLN A 87 -10.55 -8.99 5.65
CA GLN A 87 -12.00 -9.10 5.84
C GLN A 87 -12.52 -8.30 7.05
N ASP A 88 -11.75 -8.29 8.15
CA ASP A 88 -12.11 -7.66 9.43
C ASP A 88 -11.89 -6.14 9.47
N PHE A 89 -11.10 -5.59 8.52
CA PHE A 89 -11.04 -4.15 8.24
C PHE A 89 -12.20 -3.78 7.29
N HIS A 90 -12.23 -4.37 6.09
CA HIS A 90 -13.30 -4.28 5.10
C HIS A 90 -13.07 -5.21 3.88
N PRO A 91 -14.05 -6.03 3.46
CA PRO A 91 -13.97 -6.85 2.23
C PRO A 91 -13.96 -5.95 0.98
N ARG A 92 -12.76 -5.52 0.61
CA ARG A 92 -12.32 -4.65 -0.50
C ARG A 92 -10.91 -4.10 -0.28
N LEU A 93 -10.28 -4.29 0.90
CA LEU A 93 -8.81 -4.29 0.98
C LEU A 93 -8.23 -5.44 0.13
N LEU A 94 -6.97 -5.33 -0.29
CA LEU A 94 -6.17 -6.44 -0.81
C LEU A 94 -4.95 -6.64 0.10
N GLY A 95 -4.55 -7.90 0.31
CA GLY A 95 -3.30 -8.28 0.99
C GLY A 95 -2.36 -8.98 0.02
N LEU A 96 -1.18 -8.41 -0.21
CA LEU A 96 -0.18 -8.92 -1.17
C LEU A 96 1.11 -9.34 -0.47
N THR A 97 1.65 -10.51 -0.87
CA THR A 97 2.84 -11.17 -0.31
C THR A 97 3.59 -11.97 -1.39
N GLY A 98 4.35 -13.00 -1.05
CA GLY A 98 5.00 -13.90 -1.99
C GLY A 98 5.93 -14.91 -1.33
N SER A 99 7.20 -14.52 -1.16
CA SER A 99 8.27 -15.30 -0.53
C SER A 99 9.55 -14.46 -0.47
N THR A 100 10.44 -14.75 0.49
CA THR A 100 11.61 -13.94 0.86
C THR A 100 12.46 -13.53 -0.34
N LYS A 101 12.94 -14.48 -1.15
CA LYS A 101 13.78 -14.17 -2.32
C LYS A 101 13.03 -13.34 -3.38
N GLN A 102 11.70 -13.47 -3.49
CA GLN A 102 10.88 -12.65 -4.37
C GLN A 102 10.65 -11.23 -3.83
N VAL A 103 10.23 -11.07 -2.57
CA VAL A 103 9.96 -9.73 -1.99
C VAL A 103 11.26 -8.90 -1.89
N ALA A 104 12.42 -9.55 -1.82
CA ALA A 104 13.72 -8.91 -2.01
C ALA A 104 13.89 -8.24 -3.38
N GLN A 105 13.39 -8.83 -4.49
CA GLN A 105 13.46 -8.20 -5.81
C GLN A 105 12.49 -7.02 -5.94
N ALA A 106 11.28 -7.15 -5.41
CA ALA A 106 10.33 -6.04 -5.27
C ALA A 106 10.92 -4.88 -4.43
N SER A 107 11.52 -5.16 -3.27
CA SER A 107 12.13 -4.16 -2.39
C SER A 107 13.42 -3.54 -2.94
N HIS A 108 14.17 -4.27 -3.75
CA HIS A 108 15.32 -3.76 -4.51
C HIS A 108 14.89 -2.82 -5.66
N SER A 109 13.79 -3.14 -6.33
CA SER A 109 13.22 -2.32 -7.40
C SER A 109 12.56 -1.06 -6.83
N TYR A 110 11.72 -1.23 -5.80
CA TYR A 110 11.00 -0.19 -5.08
C TYR A 110 11.68 0.08 -3.72
N ARG A 111 12.64 1.01 -3.73
CA ARG A 111 13.79 1.12 -2.82
C ARG A 111 13.51 1.47 -1.34
N VAL A 112 12.57 0.79 -0.68
CA VAL A 112 12.24 0.97 0.75
C VAL A 112 13.38 0.49 1.68
N TYR A 113 13.37 0.97 2.93
CA TYR A 113 14.38 0.64 3.95
C TYR A 113 13.77 0.12 5.26
N TYR A 114 14.48 -0.81 5.89
CA TYR A 114 14.18 -1.41 7.20
C TYR A 114 15.46 -2.02 7.80
N ASN A 115 15.68 -1.88 9.10
CA ASN A 115 16.81 -2.50 9.81
C ASN A 115 16.52 -2.67 11.31
N ALA A 116 17.15 -3.64 11.96
CA ALA A 116 16.99 -3.87 13.41
C ALA A 116 17.84 -2.89 14.22
N GLY A 117 17.35 -2.51 15.41
CA GLY A 117 18.10 -1.70 16.38
C GLY A 117 18.83 -2.61 17.39
N PRO A 118 20.17 -2.63 17.44
CA PRO A 118 20.93 -3.56 18.27
C PRO A 118 20.79 -3.22 19.75
N LYS A 119 20.10 -4.12 20.48
CA LYS A 119 19.87 -4.14 21.93
C LYS A 119 19.76 -5.60 22.40
N ASP A 120 20.37 -5.93 23.55
CA ASP A 120 20.71 -7.32 23.90
C ASP A 120 20.84 -7.50 25.43
N GLU A 121 21.16 -8.72 25.87
CA GLU A 121 21.28 -9.19 27.27
C GLU A 121 19.90 -9.28 27.97
N ASP A 122 19.21 -8.14 28.07
CA ASP A 122 17.84 -7.94 28.59
C ASP A 122 17.27 -6.54 28.25
N GLN A 123 17.92 -5.74 27.38
CA GLN A 123 17.49 -4.37 27.07
C GLN A 123 16.34 -4.29 26.06
N ASP A 124 16.41 -5.08 24.98
CA ASP A 124 15.37 -5.27 23.95
C ASP A 124 15.07 -4.04 23.07
N TYR A 125 14.41 -4.26 21.93
CA TYR A 125 13.94 -3.26 20.97
C TYR A 125 12.92 -3.85 19.95
N ILE A 126 13.05 -3.52 18.67
CA ILE A 126 12.13 -3.80 17.55
C ILE A 126 12.90 -3.53 16.22
N VAL A 127 12.23 -3.12 15.16
CA VAL A 127 12.79 -2.81 13.84
C VAL A 127 12.50 -1.34 13.54
N ASP A 128 13.51 -0.61 13.06
CA ASP A 128 13.37 0.72 12.49
C ASP A 128 12.98 0.56 11.00
N HIS A 129 11.69 0.24 10.78
CA HIS A 129 11.12 0.17 9.43
C HIS A 129 10.71 1.57 8.93
N SER A 130 10.94 1.85 7.65
CA SER A 130 10.42 3.08 7.02
C SER A 130 8.88 3.07 6.97
N ILE A 131 8.27 4.25 6.84
CA ILE A 131 6.81 4.45 6.74
C ILE A 131 6.50 5.54 5.72
N ALA A 132 5.47 5.29 4.91
CA ALA A 132 4.94 6.13 3.82
C ALA A 132 3.82 5.37 3.09
N ILE A 133 3.00 6.10 2.34
CA ILE A 133 2.01 5.56 1.39
C ILE A 133 2.17 6.26 0.03
N TYR A 134 1.66 5.66 -1.05
CA TYR A 134 1.95 6.13 -2.41
C TYR A 134 0.75 6.03 -3.36
N LEU A 135 0.55 7.02 -4.22
CA LEU A 135 -0.49 7.01 -5.26
C LEU A 135 0.06 6.42 -6.56
N LEU A 136 -0.28 5.15 -6.83
CA LEU A 136 -0.11 4.48 -8.11
C LEU A 136 -1.26 4.91 -9.05
N ASN A 137 -0.91 5.38 -10.25
CA ASN A 137 -1.83 5.97 -11.23
C ASN A 137 -2.05 5.05 -12.46
N PRO A 138 -3.13 5.24 -13.25
CA PRO A 138 -3.58 4.31 -14.28
C PRO A 138 -2.76 4.33 -15.59
N ASP A 139 -1.45 4.62 -15.53
CA ASP A 139 -0.48 4.35 -16.62
C ASP A 139 0.51 3.22 -16.23
N GLY A 140 0.47 2.75 -14.97
CA GLY A 140 1.49 1.88 -14.39
C GLY A 140 2.67 2.65 -13.79
N LEU A 141 2.43 3.92 -13.42
CA LEU A 141 3.40 4.85 -12.83
C LEU A 141 2.87 5.35 -11.47
N PHE A 142 3.60 6.26 -10.82
CA PHE A 142 3.20 6.90 -9.55
C PHE A 142 3.09 8.42 -9.69
N THR A 143 2.11 9.00 -8.98
CA THR A 143 1.91 10.44 -8.85
C THR A 143 2.90 11.01 -7.85
N ASP A 144 2.82 10.57 -6.59
CA ASP A 144 3.59 11.11 -5.44
C ASP A 144 3.42 10.22 -4.20
N TYR A 145 4.19 10.52 -3.15
CA TYR A 145 4.08 9.93 -1.81
C TYR A 145 3.13 10.72 -0.88
N TYR A 146 2.73 10.10 0.23
CA TYR A 146 2.05 10.72 1.36
C TYR A 146 2.26 9.93 2.67
N GLY A 147 1.60 10.36 3.77
CA GLY A 147 1.77 9.77 5.11
C GLY A 147 2.51 10.67 6.11
N ARG A 148 2.69 11.95 5.77
CA ARG A 148 3.07 12.99 6.74
C ARG A 148 1.84 13.24 7.63
N SER A 149 1.75 12.52 8.76
CA SER A 149 0.51 12.32 9.53
C SER A 149 -0.24 13.62 9.91
N ARG A 150 -1.55 13.51 10.11
CA ARG A 150 -2.54 14.53 9.74
C ARG A 150 -3.90 14.16 10.36
N SER A 151 -5.01 14.50 9.72
CA SER A 151 -6.37 14.08 10.07
C SER A 151 -7.24 14.30 8.82
N ALA A 152 -8.41 13.63 8.73
CA ALA A 152 -9.22 13.46 7.53
C ALA A 152 -9.25 14.69 6.61
N GLU A 153 -9.53 15.88 7.15
CA GLU A 153 -9.56 17.16 6.43
C GLU A 153 -8.28 17.38 5.59
N GLN A 154 -7.13 17.42 6.26
CA GLN A 154 -5.84 17.69 5.65
C GLN A 154 -5.25 16.52 4.84
N ILE A 155 -5.84 15.31 4.92
CA ILE A 155 -5.66 14.30 3.86
C ILE A 155 -6.47 14.69 2.61
N SER A 156 -7.79 14.86 2.76
CA SER A 156 -8.73 15.09 1.65
C SER A 156 -8.40 16.32 0.82
N ASP A 157 -8.06 17.45 1.47
CA ASP A 157 -7.63 18.67 0.78
C ASP A 157 -6.35 18.43 -0.04
N SER A 158 -5.41 17.65 0.49
CA SER A 158 -4.17 17.28 -0.19
C SER A 158 -4.42 16.30 -1.36
N VAL A 159 -5.29 15.30 -1.17
CA VAL A 159 -5.74 14.40 -2.25
C VAL A 159 -6.42 15.20 -3.37
N ARG A 160 -7.22 16.24 -3.05
CA ARG A 160 -7.84 17.11 -4.04
C ARG A 160 -6.83 18.00 -4.79
N ARG A 161 -5.77 18.47 -4.13
CA ARG A 161 -4.63 19.13 -4.79
C ARG A 161 -3.94 18.18 -5.78
N HIS A 162 -3.60 16.96 -5.35
CA HIS A 162 -2.95 15.96 -6.20
C HIS A 162 -3.85 15.49 -7.37
N MET A 163 -5.17 15.43 -7.18
CA MET A 163 -6.16 15.21 -8.25
C MET A 163 -6.14 16.34 -9.29
N ALA A 164 -6.05 17.60 -8.86
CA ALA A 164 -5.89 18.77 -9.75
C ALA A 164 -4.49 18.87 -10.39
N ALA A 165 -3.49 18.14 -9.87
CA ALA A 165 -2.14 18.06 -10.44
C ALA A 165 -1.98 16.95 -11.49
N PHE A 166 -2.91 15.98 -11.55
CA PHE A 166 -2.83 14.81 -12.42
C PHE A 166 -3.20 15.12 -13.89
N ARG A 167 -2.52 16.09 -14.51
CA ARG A 167 -2.65 16.42 -15.93
C ARG A 167 -1.88 15.40 -16.78
N SER A 168 -2.43 14.20 -16.92
CA SER A 168 -1.80 13.05 -17.57
C SER A 168 -1.63 13.23 -19.09
N VAL A 169 -0.57 13.94 -19.52
CA VAL A 169 -0.20 14.04 -20.93
C VAL A 169 1.32 13.90 -21.14
N LEU A 170 1.72 12.71 -21.61
CA LEU A 170 3.02 12.30 -22.11
C LEU A 170 4.15 12.25 -21.05
N SER A 171 4.50 13.43 -20.52
CA SER A 171 5.41 13.67 -19.39
C SER A 171 6.78 13.02 -19.53
CU CU1 B . 5.12 -1.00 12.49
N SER A 2 10.25 -3.85 -29.34
CA SER A 2 9.55 -4.92 -30.06
C SER A 2 8.50 -5.60 -29.19
N PHE A 3 7.48 -6.19 -29.83
CA PHE A 3 6.53 -7.17 -29.27
C PHE A 3 5.44 -6.57 -28.37
N THR A 4 5.78 -6.02 -27.20
CA THR A 4 4.85 -5.50 -26.18
C THR A 4 5.59 -4.66 -25.14
N GLY A 5 4.86 -3.77 -24.45
CA GLY A 5 5.44 -2.58 -23.82
C GLY A 5 5.78 -2.65 -22.33
N GLN A 6 5.63 -3.79 -21.65
CA GLN A 6 5.76 -3.87 -20.18
C GLN A 6 5.94 -5.30 -19.66
N GLY A 7 6.76 -5.48 -18.62
CA GLY A 7 7.05 -6.76 -17.97
C GLY A 7 6.53 -6.93 -16.54
N ASP A 8 6.12 -5.84 -15.88
CA ASP A 8 5.39 -5.78 -14.60
C ASP A 8 6.18 -6.24 -13.34
N PHE A 9 5.56 -6.12 -12.16
CA PHE A 9 5.95 -6.83 -10.92
C PHE A 9 5.04 -8.06 -10.72
N HIS A 10 5.42 -8.95 -9.80
CA HIS A 10 4.64 -10.15 -9.43
C HIS A 10 4.66 -10.41 -7.92
N LEU A 11 3.48 -10.44 -7.29
CA LEU A 11 3.25 -10.87 -5.90
C LEU A 11 1.97 -11.72 -5.85
N LEU A 12 1.76 -12.51 -4.81
CA LEU A 12 0.51 -13.29 -4.63
C LEU A 12 -0.53 -12.46 -3.88
N ASP A 13 -1.78 -12.49 -4.33
CA ASP A 13 -2.93 -11.97 -3.61
C ASP A 13 -3.43 -12.92 -2.51
N HIS A 14 -4.33 -12.44 -1.65
CA HIS A 14 -4.87 -13.20 -0.52
C HIS A 14 -5.84 -14.35 -0.90
N ARG A 15 -5.98 -14.71 -2.19
CA ARG A 15 -6.52 -16.00 -2.65
C ARG A 15 -5.50 -16.81 -3.48
N GLY A 16 -4.24 -16.39 -3.54
CA GLY A 16 -3.11 -17.16 -4.09
C GLY A 16 -2.93 -17.04 -5.60
N ARG A 17 -3.55 -16.06 -6.26
CA ARG A 17 -3.28 -15.73 -7.67
C ARG A 17 -2.17 -14.67 -7.74
N ALA A 18 -1.35 -14.72 -8.79
CA ALA A 18 -0.29 -13.72 -9.00
C ALA A 18 -0.89 -12.42 -9.55
N ARG A 19 -0.71 -11.32 -8.81
CA ARG A 19 -1.12 -9.96 -9.18
C ARG A 19 0.01 -9.24 -9.91
N CYS A 20 -0.34 -8.50 -10.97
CA CYS A 20 0.57 -7.72 -11.80
C CYS A 20 0.27 -6.22 -11.71
N LYS A 21 1.26 -5.38 -12.03
CA LYS A 21 1.09 -3.92 -12.04
C LYS A 21 -0.05 -3.44 -12.97
N ALA A 22 -0.33 -4.18 -14.04
CA ALA A 22 -1.44 -4.00 -14.96
C ALA A 22 -2.84 -4.17 -14.35
N ASP A 23 -3.02 -4.99 -13.29
CA ASP A 23 -4.35 -5.23 -12.71
C ASP A 23 -4.95 -3.93 -12.14
N PHE A 24 -4.07 -3.19 -11.47
CA PHE A 24 -4.29 -1.92 -10.81
C PHE A 24 -4.41 -0.71 -11.75
N ARG A 25 -3.99 -0.82 -13.02
CA ARG A 25 -3.69 0.32 -13.92
C ARG A 25 -4.95 0.96 -14.54
N GLY A 26 -5.93 1.29 -13.68
CA GLY A 26 -7.23 1.87 -13.99
C GLY A 26 -7.96 2.48 -12.79
N GLN A 27 -7.22 2.92 -11.75
CA GLN A 27 -7.68 3.56 -10.51
C GLN A 27 -6.47 3.89 -9.61
N TRP A 28 -6.65 4.73 -8.60
CA TRP A 28 -5.55 5.04 -7.67
C TRP A 28 -5.21 3.84 -6.80
N VAL A 29 -3.93 3.57 -6.59
CA VAL A 29 -3.44 2.63 -5.58
C VAL A 29 -2.92 3.42 -4.38
N LEU A 30 -3.48 3.15 -3.19
CA LEU A 30 -2.93 3.59 -1.91
C LEU A 30 -2.01 2.47 -1.41
N MET A 31 -0.71 2.71 -1.55
CA MET A 31 0.35 1.72 -1.35
C MET A 31 0.88 1.79 0.08
N TYR A 32 0.95 0.63 0.76
CA TYR A 32 1.31 0.47 2.17
C TYR A 32 2.32 -0.68 2.31
N PHE A 33 3.44 -0.48 3.01
CA PHE A 33 4.48 -1.51 3.20
C PHE A 33 4.47 -2.07 4.62
N GLY A 34 4.53 -3.40 4.75
CA GLY A 34 4.26 -4.13 5.99
C GLY A 34 5.02 -5.43 6.19
N PHE A 35 4.70 -6.07 7.33
CA PHE A 35 5.31 -7.29 7.88
C PHE A 35 4.48 -7.91 9.02
N THR A 36 3.66 -7.09 9.72
CA THR A 36 2.57 -7.42 10.67
C THR A 36 3.05 -7.35 12.12
N HIS A 37 2.63 -6.30 12.84
CA HIS A 37 2.71 -6.01 14.29
C HIS A 37 3.50 -4.71 14.50
N CYS A 38 2.79 -3.62 14.77
CA CYS A 38 3.27 -2.27 14.93
C CYS A 38 3.26 -1.89 16.42
N PRO A 39 4.11 -0.97 16.86
CA PRO A 39 4.04 -0.40 18.20
C PRO A 39 2.67 0.21 18.53
N ASP A 40 2.02 0.91 17.57
CA ASP A 40 0.94 1.86 17.88
C ASP A 40 0.20 2.50 16.68
N ILE A 41 0.70 2.40 15.44
CA ILE A 41 0.36 3.36 14.36
C ILE A 41 -0.53 2.72 13.29
N CYS A 42 -0.23 1.50 12.85
CA CYS A 42 -0.98 0.82 11.80
C CYS A 42 -2.53 0.89 11.89
N PRO A 43 -3.18 0.68 13.06
CA PRO A 43 -4.64 0.74 13.13
C PRO A 43 -5.18 2.17 13.11
N ASP A 44 -4.40 3.19 13.49
CA ASP A 44 -4.75 4.60 13.28
C ASP A 44 -4.76 4.89 11.78
N GLU A 45 -3.65 4.64 11.08
CA GLU A 45 -3.47 4.71 9.63
C GLU A 45 -4.57 3.98 8.82
N LEU A 46 -4.95 2.77 9.22
CA LEU A 46 -6.01 2.00 8.56
C LEU A 46 -7.40 2.62 8.77
N GLU A 47 -7.77 2.98 10.00
CA GLU A 47 -9.05 3.64 10.29
C GLU A 47 -9.13 5.01 9.60
N LYS A 48 -8.02 5.74 9.59
CA LYS A 48 -7.80 7.02 8.91
C LYS A 48 -8.02 6.87 7.38
N LEU A 49 -7.36 5.92 6.71
CA LEU A 49 -7.59 5.71 5.28
C LEU A 49 -8.98 5.14 4.97
N VAL A 50 -9.55 4.24 5.79
CA VAL A 50 -10.92 3.76 5.54
C VAL A 50 -11.98 4.87 5.76
N GLN A 51 -11.74 5.83 6.67
CA GLN A 51 -12.51 7.08 6.74
C GLN A 51 -12.41 7.87 5.44
N VAL A 52 -11.20 8.12 4.92
CA VAL A 52 -11.00 8.81 3.63
C VAL A 52 -11.73 8.09 2.48
N VAL A 53 -11.64 6.76 2.40
CA VAL A 53 -12.34 5.96 1.37
C VAL A 53 -13.87 6.15 1.46
N ARG A 54 -14.47 6.07 2.65
CA ARG A 54 -15.91 6.32 2.87
C ARG A 54 -16.28 7.78 2.54
N GLN A 55 -15.41 8.73 2.87
CA GLN A 55 -15.60 10.15 2.57
C GLN A 55 -15.61 10.41 1.06
N LEU A 56 -14.68 9.84 0.28
CA LEU A 56 -14.67 10.01 -1.18
C LEU A 56 -15.90 9.37 -1.84
N GLU A 57 -16.28 8.17 -1.42
CA GLU A 57 -17.53 7.51 -1.86
C GLU A 57 -18.83 8.22 -1.41
N ALA A 58 -18.77 9.30 -0.62
CA ALA A 58 -19.95 10.08 -0.25
C ALA A 58 -20.56 10.91 -1.40
N GLU A 59 -19.75 11.60 -2.21
CA GLU A 59 -20.24 12.54 -3.25
C GLU A 59 -20.42 11.88 -4.65
N PRO A 60 -21.24 12.48 -5.54
CA PRO A 60 -21.46 11.98 -6.91
C PRO A 60 -20.37 12.48 -7.88
N GLY A 61 -19.94 11.62 -8.80
CA GLY A 61 -18.85 11.92 -9.75
C GLY A 61 -17.45 11.75 -9.15
N LEU A 62 -17.32 10.87 -8.15
CA LEU A 62 -16.13 10.64 -7.34
C LEU A 62 -15.09 9.69 -7.98
N PRO A 63 -13.79 9.84 -7.67
CA PRO A 63 -12.74 8.93 -8.14
C PRO A 63 -12.65 7.67 -7.26
N PRO A 64 -12.46 6.47 -7.84
CA PRO A 64 -12.25 5.23 -7.09
C PRO A 64 -10.78 5.08 -6.66
N VAL A 65 -10.55 4.41 -5.52
CA VAL A 65 -9.24 4.18 -4.90
C VAL A 65 -9.19 2.75 -4.32
N GLN A 66 -8.08 2.05 -4.49
CA GLN A 66 -7.81 0.73 -3.88
C GLN A 66 -6.62 0.81 -2.92
N PRO A 67 -6.76 0.39 -1.65
CA PRO A 67 -5.62 0.20 -0.75
C PRO A 67 -4.95 -1.16 -1.00
N VAL A 68 -3.62 -1.22 -0.91
CA VAL A 68 -2.84 -2.48 -0.94
C VAL A 68 -1.76 -2.50 0.15
N PHE A 69 -1.65 -3.63 0.84
CA PHE A 69 -0.58 -3.96 1.78
C PHE A 69 0.45 -4.85 1.09
N ILE A 70 1.72 -4.45 1.07
CA ILE A 70 2.84 -5.18 0.47
C ILE A 70 3.79 -5.66 1.57
N THR A 71 4.01 -6.98 1.68
CA THR A 71 4.99 -7.57 2.60
C THR A 71 6.40 -7.33 2.11
N VAL A 72 7.27 -6.77 2.97
CA VAL A 72 8.71 -6.58 2.65
C VAL A 72 9.62 -7.74 3.09
N ASP A 73 9.17 -8.56 4.04
CA ASP A 73 9.86 -9.76 4.55
C ASP A 73 8.83 -10.70 5.24
N PRO A 74 8.66 -11.97 4.81
CA PRO A 74 7.43 -12.74 5.03
C PRO A 74 7.37 -13.47 6.39
N GLU A 75 7.83 -12.85 7.48
CA GLU A 75 7.76 -13.43 8.82
C GLU A 75 6.31 -13.55 9.34
N ARG A 76 5.70 -12.42 9.72
CA ARG A 76 4.58 -12.39 10.68
C ARG A 76 3.24 -12.06 10.02
N ASP A 77 3.23 -11.67 8.75
CA ASP A 77 2.14 -11.94 7.83
C ASP A 77 2.16 -13.41 7.40
N ASP A 78 1.02 -13.87 6.89
CA ASP A 78 0.87 -15.17 6.24
C ASP A 78 -0.50 -15.34 5.57
N VAL A 79 -0.69 -16.47 4.88
CA VAL A 79 -1.91 -16.77 4.12
C VAL A 79 -3.16 -16.68 5.00
N GLU A 80 -3.16 -17.35 6.16
CA GLU A 80 -4.27 -17.29 7.12
C GLU A 80 -4.41 -15.89 7.76
N ALA A 81 -3.30 -15.22 8.07
CA ALA A 81 -3.31 -13.94 8.76
C ALA A 81 -3.90 -12.83 7.89
N MET A 82 -3.42 -12.69 6.66
CA MET A 82 -3.88 -11.64 5.73
C MET A 82 -5.33 -11.87 5.31
N ALA A 83 -5.69 -13.10 4.94
CA ALA A 83 -7.07 -13.43 4.56
C ALA A 83 -8.07 -13.14 5.70
N ARG A 84 -7.67 -13.34 6.96
CA ARG A 84 -8.49 -12.93 8.12
C ARG A 84 -8.49 -11.39 8.27
N TYR A 85 -7.32 -10.75 8.39
CA TYR A 85 -7.20 -9.31 8.66
C TYR A 85 -7.80 -8.40 7.57
N VAL A 86 -7.71 -8.79 6.29
CA VAL A 86 -8.39 -8.12 5.17
C VAL A 86 -9.90 -8.05 5.41
N GLN A 87 -10.54 -9.17 5.77
CA GLN A 87 -11.99 -9.23 5.98
C GLN A 87 -12.43 -8.52 7.26
N ASP A 88 -11.62 -8.50 8.32
CA ASP A 88 -12.01 -7.92 9.60
C ASP A 88 -12.06 -6.38 9.61
N PHE A 89 -11.38 -5.74 8.64
CA PHE A 89 -11.55 -4.33 8.29
C PHE A 89 -12.64 -4.17 7.22
N HIS A 90 -12.40 -4.67 5.99
CA HIS A 90 -13.32 -4.68 4.85
C HIS A 90 -12.72 -5.43 3.63
N PRO A 91 -13.46 -6.28 2.88
CA PRO A 91 -12.95 -7.01 1.72
C PRO A 91 -12.44 -6.16 0.53
N ARG A 92 -12.56 -4.82 0.57
CA ARG A 92 -11.81 -3.91 -0.31
C ARG A 92 -10.29 -3.93 -0.05
N LEU A 93 -9.84 -4.26 1.17
CA LEU A 93 -8.42 -4.41 1.50
C LEU A 93 -7.79 -5.54 0.68
N LEU A 94 -6.46 -5.47 0.47
CA LEU A 94 -5.69 -6.43 -0.30
C LEU A 94 -4.34 -6.69 0.39
N GLY A 95 -3.97 -7.96 0.55
CA GLY A 95 -2.62 -8.38 0.98
C GLY A 95 -1.84 -8.95 -0.21
N LEU A 96 -0.62 -8.44 -0.42
CA LEU A 96 0.32 -8.89 -1.45
C LEU A 96 1.61 -9.41 -0.79
N THR A 97 1.96 -10.69 -1.03
CA THR A 97 3.04 -11.41 -0.34
C THR A 97 3.55 -12.59 -1.17
N GLY A 98 4.33 -13.51 -0.57
CA GLY A 98 4.97 -14.66 -1.22
C GLY A 98 6.23 -15.14 -0.49
N SER A 99 6.97 -16.08 -1.09
CA SER A 99 8.25 -16.54 -0.56
C SER A 99 9.41 -15.56 -0.84
N THR A 100 10.46 -15.62 -0.01
CA THR A 100 11.50 -14.58 0.15
C THR A 100 12.19 -14.23 -1.15
N LYS A 101 12.66 -15.23 -1.92
CA LYS A 101 13.39 -14.99 -3.17
C LYS A 101 12.52 -14.35 -4.28
N GLN A 102 11.19 -14.47 -4.18
CA GLN A 102 10.23 -13.69 -4.95
C GLN A 102 10.09 -12.28 -4.36
N VAL A 103 9.58 -12.13 -3.13
CA VAL A 103 9.15 -10.80 -2.60
C VAL A 103 10.31 -9.80 -2.46
N ALA A 104 11.54 -10.28 -2.27
CA ALA A 104 12.73 -9.42 -2.23
C ALA A 104 12.91 -8.58 -3.50
N GLN A 105 12.53 -9.09 -4.68
CA GLN A 105 12.67 -8.37 -5.94
C GLN A 105 11.77 -7.13 -5.99
N ALA A 106 10.52 -7.21 -5.49
CA ALA A 106 9.66 -6.06 -5.26
C ALA A 106 10.30 -5.05 -4.28
N SER A 107 10.81 -5.50 -3.13
CA SER A 107 11.46 -4.62 -2.14
C SER A 107 12.72 -3.91 -2.68
N HIS A 108 13.48 -4.57 -3.56
CA HIS A 108 14.58 -3.96 -4.33
C HIS A 108 14.09 -2.98 -5.41
N SER A 109 12.97 -3.27 -6.08
CA SER A 109 12.37 -2.41 -7.11
C SER A 109 11.73 -1.15 -6.53
N TYR A 110 11.28 -1.18 -5.27
CA TYR A 110 10.88 0.01 -4.53
C TYR A 110 12.02 0.61 -3.68
N ARG A 111 13.19 -0.06 -3.65
CA ARG A 111 14.48 0.42 -3.14
C ARG A 111 14.54 0.48 -1.61
N VAL A 112 13.78 -0.38 -0.93
CA VAL A 112 13.41 -0.20 0.49
C VAL A 112 14.59 -0.54 1.44
N TYR A 113 14.86 0.36 2.39
CA TYR A 113 15.84 0.20 3.49
C TYR A 113 15.18 -0.49 4.72
N TYR A 114 14.57 -1.67 4.54
CA TYR A 114 13.92 -2.40 5.64
C TYR A 114 14.93 -3.16 6.51
N ASN A 115 14.81 -3.06 7.84
CA ASN A 115 15.70 -3.72 8.80
C ASN A 115 15.03 -3.92 10.17
N ALA A 116 15.33 -5.02 10.85
CA ALA A 116 14.74 -5.39 12.15
C ALA A 116 15.60 -4.91 13.32
N GLY A 117 15.33 -3.70 13.81
CA GLY A 117 15.96 -3.10 14.99
C GLY A 117 17.18 -2.23 14.64
N PRO A 118 17.02 -0.91 14.42
CA PRO A 118 18.12 0.01 14.14
C PRO A 118 18.82 0.42 15.46
N LYS A 119 19.59 -0.51 16.03
CA LYS A 119 20.15 -0.41 17.38
C LYS A 119 21.46 -1.20 17.56
N ASP A 120 22.33 -0.74 18.47
CA ASP A 120 23.54 -1.48 18.89
C ASP A 120 23.29 -2.16 20.25
N GLU A 121 23.05 -1.37 21.29
CA GLU A 121 22.74 -1.84 22.65
C GLU A 121 21.24 -2.12 22.88
N ASP A 122 20.38 -1.11 22.75
CA ASP A 122 18.94 -1.17 23.07
C ASP A 122 18.16 -0.16 22.22
N GLN A 123 17.89 1.06 22.72
CA GLN A 123 17.33 2.22 21.98
C GLN A 123 15.82 2.10 21.68
N ASP A 124 15.40 0.99 21.06
CA ASP A 124 14.05 0.66 20.57
C ASP A 124 14.04 -0.77 19.97
N TYR A 125 12.88 -1.44 20.00
CA TYR A 125 12.62 -2.62 19.17
C TYR A 125 11.17 -2.69 18.66
N ILE A 126 10.92 -3.65 17.75
CA ILE A 126 9.82 -3.82 16.77
C ILE A 126 10.28 -3.19 15.45
N VAL A 127 9.92 -3.83 14.32
CA VAL A 127 10.49 -3.57 12.99
C VAL A 127 9.87 -2.31 12.40
N ASP A 128 10.72 -1.47 11.81
CA ASP A 128 10.35 -0.11 11.39
C ASP A 128 10.03 -0.05 9.89
N HIS A 129 8.76 0.23 9.55
CA HIS A 129 8.27 0.35 8.17
C HIS A 129 8.71 1.70 7.55
N SER A 130 10.02 1.79 7.31
CA SER A 130 10.83 2.97 6.98
C SER A 130 10.65 3.44 5.53
N ILE A 131 9.41 3.73 5.15
CA ILE A 131 8.96 4.04 3.78
C ILE A 131 7.55 4.66 3.74
N ALA A 132 6.69 4.37 4.74
CA ALA A 132 5.37 4.96 4.95
C ALA A 132 4.35 4.50 3.90
N ILE A 133 3.46 5.39 3.43
CA ILE A 133 2.35 5.10 2.52
C ILE A 133 2.23 6.19 1.44
N TYR A 134 1.69 5.83 0.27
CA TYR A 134 1.94 6.58 -0.97
C TYR A 134 0.80 6.49 -2.01
N LEU A 135 0.58 7.55 -2.81
CA LEU A 135 -0.35 7.52 -3.96
C LEU A 135 0.38 7.09 -5.24
N LEU A 136 0.07 5.88 -5.71
CA LEU A 136 0.58 5.28 -6.95
C LEU A 136 -0.54 5.23 -8.01
N ASN A 137 -0.18 5.51 -9.26
CA ASN A 137 -1.10 6.03 -10.26
C ASN A 137 -2.01 4.99 -10.96
N PRO A 138 -3.15 5.44 -11.55
CA PRO A 138 -3.96 4.67 -12.51
C PRO A 138 -3.27 4.38 -13.86
N ASP A 139 -2.07 4.89 -14.08
CA ASP A 139 -1.22 4.68 -15.27
C ASP A 139 0.07 3.88 -14.95
N GLY A 140 0.36 3.65 -13.66
CA GLY A 140 1.53 2.91 -13.16
C GLY A 140 2.70 3.76 -12.68
N LEU A 141 2.68 5.09 -12.83
CA LEU A 141 3.67 6.02 -12.27
C LEU A 141 3.30 6.40 -10.82
N PHE A 142 3.76 7.58 -10.35
CA PHE A 142 3.92 7.95 -8.94
C PHE A 142 3.47 9.40 -8.71
N THR A 143 3.09 9.77 -7.46
CA THR A 143 2.82 11.16 -7.06
C THR A 143 3.52 11.57 -5.77
N ASP A 144 2.91 11.35 -4.59
CA ASP A 144 3.37 11.92 -3.31
C ASP A 144 3.09 11.01 -2.09
N TYR A 145 3.80 11.30 -0.99
CA TYR A 145 3.84 10.52 0.25
C TYR A 145 3.02 11.14 1.40
N TYR A 146 2.49 10.28 2.28
CA TYR A 146 1.77 10.69 3.49
C TYR A 146 2.67 10.69 4.75
N GLY A 147 2.11 11.05 5.93
CA GLY A 147 2.83 11.03 7.22
C GLY A 147 3.62 12.32 7.52
N ARG A 148 3.33 13.42 6.83
CA ARG A 148 4.05 14.70 6.92
C ARG A 148 3.26 15.82 7.64
N SER A 149 2.41 15.45 8.59
CA SER A 149 1.45 16.29 9.35
C SER A 149 0.24 16.65 8.47
N ARG A 150 -0.90 15.99 8.73
CA ARG A 150 -2.11 15.98 7.92
C ARG A 150 -3.23 15.37 8.77
N SER A 151 -4.40 15.99 8.77
CA SER A 151 -5.68 15.37 9.08
C SER A 151 -6.32 14.81 7.78
N ALA A 152 -7.38 14.00 7.87
CA ALA A 152 -8.19 13.60 6.72
C ALA A 152 -8.70 14.82 5.93
N GLU A 153 -8.97 15.93 6.63
CA GLU A 153 -9.34 17.24 6.08
C GLU A 153 -8.29 17.77 5.09
N GLN A 154 -7.01 17.65 5.44
CA GLN A 154 -5.86 18.02 4.60
C GLN A 154 -5.52 16.99 3.50
N ILE A 155 -6.13 15.81 3.49
CA ILE A 155 -6.04 14.87 2.36
C ILE A 155 -6.93 15.30 1.21
N SER A 156 -8.24 15.40 1.43
CA SER A 156 -9.21 15.43 0.33
C SER A 156 -9.06 16.64 -0.61
N ASP A 157 -8.85 17.86 -0.08
CA ASP A 157 -8.55 19.02 -0.92
C ASP A 157 -7.09 19.00 -1.47
N SER A 158 -6.18 18.21 -0.89
CA SER A 158 -4.89 17.92 -1.53
C SER A 158 -5.04 16.96 -2.72
N VAL A 159 -5.90 15.94 -2.61
CA VAL A 159 -6.22 15.00 -3.71
C VAL A 159 -6.86 15.76 -4.90
N ARG A 160 -7.63 16.83 -4.63
CA ARG A 160 -8.08 17.78 -5.66
C ARG A 160 -6.92 18.47 -6.40
N ARG A 161 -5.85 18.88 -5.70
CA ARG A 161 -4.67 19.46 -6.36
C ARG A 161 -3.90 18.40 -7.18
N HIS A 162 -3.75 17.18 -6.67
CA HIS A 162 -3.20 16.05 -7.44
C HIS A 162 -4.00 15.79 -8.73
N MET A 163 -5.34 15.86 -8.67
CA MET A 163 -6.24 15.78 -9.82
C MET A 163 -6.04 16.95 -10.81
N ALA A 164 -5.95 18.19 -10.32
CA ALA A 164 -5.68 19.37 -11.17
C ALA A 164 -4.30 19.33 -11.84
N ALA A 165 -3.33 18.63 -11.25
CA ALA A 165 -2.01 18.38 -11.83
C ALA A 165 -2.01 17.27 -12.89
N PHE A 166 -2.95 16.31 -12.81
CA PHE A 166 -2.99 15.12 -13.67
C PHE A 166 -3.40 15.43 -15.11
N ARG A 167 -4.35 16.36 -15.30
CA ARG A 167 -4.90 16.86 -16.58
C ARG A 167 -5.94 15.92 -17.22
N SER A 168 -6.66 16.42 -18.22
CA SER A 168 -7.45 15.67 -19.22
C SER A 168 -8.94 15.47 -18.84
N VAL A 169 -9.65 14.66 -19.63
CA VAL A 169 -11.06 14.23 -19.48
C VAL A 169 -11.17 12.81 -20.05
N LEU A 170 -11.52 11.86 -19.20
CA LEU A 170 -11.61 10.42 -19.53
C LEU A 170 -12.80 9.73 -18.87
N SER A 171 -12.90 9.84 -17.55
CA SER A 171 -13.91 9.18 -16.71
C SER A 171 -15.34 9.58 -17.03
CU CU1 B . 2.52 0.93 11.77
N SER A 2 11.67 -11.63 -18.09
CA SER A 2 11.78 -10.35 -18.82
C SER A 2 12.61 -9.34 -18.02
N PHE A 3 12.01 -8.26 -17.52
CA PHE A 3 12.64 -7.18 -16.74
C PHE A 3 13.46 -6.22 -17.62
N THR A 4 12.87 -5.07 -17.94
CA THR A 4 13.39 -3.92 -18.72
C THR A 4 12.30 -2.86 -18.80
N GLY A 5 12.65 -1.63 -19.23
CA GLY A 5 11.73 -0.49 -19.46
C GLY A 5 11.15 0.15 -18.20
N GLN A 6 10.63 -0.69 -17.30
CA GLN A 6 10.10 -0.37 -15.96
C GLN A 6 9.97 -1.63 -15.07
N GLY A 7 10.57 -2.76 -15.48
CA GLY A 7 10.85 -3.94 -14.63
C GLY A 7 9.68 -4.91 -14.42
N ASP A 8 8.53 -4.36 -14.01
CA ASP A 8 7.33 -5.10 -13.54
C ASP A 8 7.59 -5.75 -12.13
N PHE A 9 6.72 -6.63 -11.64
CA PHE A 9 6.88 -7.39 -10.39
C PHE A 9 6.03 -8.68 -10.42
N HIS A 10 6.21 -9.58 -9.44
CA HIS A 10 5.30 -10.70 -9.18
C HIS A 10 5.10 -10.97 -7.68
N LEU A 11 3.91 -10.61 -7.18
CA LEU A 11 3.39 -10.93 -5.84
C LEU A 11 2.13 -11.79 -5.98
N LEU A 12 1.61 -12.35 -4.88
CA LEU A 12 0.31 -13.03 -4.82
C LEU A 12 -0.70 -12.21 -4.00
N ASP A 13 -1.99 -12.39 -4.28
CA ASP A 13 -3.11 -11.85 -3.51
C ASP A 13 -3.81 -12.91 -2.63
N HIS A 14 -4.54 -12.42 -1.64
CA HIS A 14 -5.38 -13.21 -0.73
C HIS A 14 -6.51 -14.01 -1.43
N ARG A 15 -6.73 -13.81 -2.75
CA ARG A 15 -7.68 -14.57 -3.58
C ARG A 15 -7.02 -15.75 -4.33
N GLY A 16 -5.69 -15.87 -4.31
CA GLY A 16 -4.93 -16.99 -4.89
C GLY A 16 -4.54 -16.82 -6.36
N ARG A 17 -4.47 -15.57 -6.85
CA ARG A 17 -3.85 -15.22 -8.14
C ARG A 17 -2.45 -14.65 -7.91
N ALA A 18 -1.57 -14.81 -8.91
CA ALA A 18 -0.37 -13.98 -9.06
C ALA A 18 -0.75 -12.63 -9.67
N ARG A 19 -0.03 -11.58 -9.30
CA ARG A 19 -0.33 -10.17 -9.61
C ARG A 19 0.92 -9.47 -10.18
N CYS A 20 0.72 -8.69 -11.24
CA CYS A 20 1.75 -7.96 -11.99
C CYS A 20 1.65 -6.44 -11.76
N LYS A 21 2.68 -5.68 -12.15
CA LYS A 21 2.60 -4.21 -12.24
C LYS A 21 1.50 -3.77 -13.23
N ALA A 22 1.16 -4.61 -14.22
CA ALA A 22 0.05 -4.41 -15.14
C ALA A 22 -1.32 -4.32 -14.45
N ASP A 23 -1.59 -5.10 -13.39
CA ASP A 23 -2.86 -5.01 -12.64
C ASP A 23 -2.96 -3.65 -11.92
N PHE A 24 -1.84 -3.24 -11.30
CA PHE A 24 -1.70 -1.97 -10.59
C PHE A 24 -1.76 -0.75 -11.54
N ARG A 25 -1.62 -0.95 -12.86
CA ARG A 25 -1.86 0.08 -13.87
C ARG A 25 -3.37 0.34 -14.12
N GLY A 26 -4.26 -0.53 -13.62
CA GLY A 26 -5.67 -0.60 -14.04
C GLY A 26 -6.68 0.18 -13.20
N GLN A 27 -6.26 0.96 -12.19
CA GLN A 27 -7.14 1.77 -11.34
C GLN A 27 -6.34 2.86 -10.60
N TRP A 28 -7.01 3.82 -9.97
CA TRP A 28 -6.42 4.67 -8.93
C TRP A 28 -6.06 3.80 -7.71
N VAL A 29 -4.78 3.52 -7.48
CA VAL A 29 -4.31 2.66 -6.37
C VAL A 29 -3.52 3.48 -5.35
N LEU A 30 -3.71 3.19 -4.06
CA LEU A 30 -2.94 3.76 -2.94
C LEU A 30 -2.22 2.63 -2.21
N MET A 31 -0.88 2.70 -2.15
CA MET A 31 -0.03 1.67 -1.55
C MET A 31 0.34 2.00 -0.11
N TYR A 32 0.33 0.99 0.77
CA TYR A 32 0.76 1.04 2.19
C TYR A 32 1.62 -0.18 2.54
N PHE A 33 2.70 -0.01 3.30
CA PHE A 33 3.57 -1.11 3.76
C PHE A 33 3.32 -1.46 5.24
N GLY A 34 3.08 -2.75 5.51
CA GLY A 34 2.79 -3.26 6.85
C GLY A 34 3.06 -4.77 7.03
N PHE A 35 2.74 -5.30 8.21
CA PHE A 35 2.70 -6.73 8.52
C PHE A 35 1.75 -6.99 9.71
N THR A 36 1.45 -8.26 9.99
CA THR A 36 0.58 -8.68 11.08
C THR A 36 1.26 -8.42 12.43
N HIS A 37 0.70 -7.44 13.17
CA HIS A 37 0.82 -7.09 14.60
C HIS A 37 1.28 -5.63 14.77
N CYS A 38 0.42 -4.81 15.40
CA CYS A 38 0.64 -3.42 15.77
C CYS A 38 -0.31 -3.04 16.94
N PRO A 39 0.07 -2.16 17.89
CA PRO A 39 -0.76 -1.86 19.06
C PRO A 39 -1.92 -0.92 18.73
N ASP A 40 -1.61 0.25 18.15
CA ASP A 40 -2.57 1.31 17.77
C ASP A 40 -1.95 2.34 16.81
N ILE A 41 -0.96 1.93 15.99
CA ILE A 41 -0.30 2.81 15.01
C ILE A 41 -0.84 2.54 13.60
N CYS A 42 -0.59 1.35 13.04
CA CYS A 42 -1.21 0.94 11.77
C CYS A 42 -2.75 1.07 11.73
N PRO A 43 -3.54 0.59 12.73
CA PRO A 43 -4.99 0.72 12.68
C PRO A 43 -5.45 2.18 12.85
N ASP A 44 -4.66 3.07 13.47
CA ASP A 44 -4.91 4.50 13.38
C ASP A 44 -4.64 4.99 11.97
N GLU A 45 -3.41 4.83 11.47
CA GLU A 45 -2.88 5.42 10.25
C GLU A 45 -3.57 4.92 8.96
N LEU A 46 -4.09 3.68 8.99
CA LEU A 46 -5.00 3.15 7.98
C LEU A 46 -6.37 3.84 8.06
N GLU A 47 -6.99 3.96 9.24
CA GLU A 47 -8.29 4.64 9.38
C GLU A 47 -8.20 6.14 9.04
N LYS A 48 -7.06 6.74 9.39
CA LYS A 48 -6.66 8.13 9.15
C LYS A 48 -6.67 8.46 7.64
N LEU A 49 -6.18 7.56 6.77
CA LEU A 49 -6.45 7.64 5.33
C LEU A 49 -7.87 7.16 4.95
N VAL A 50 -8.31 5.96 5.38
CA VAL A 50 -9.56 5.32 4.91
C VAL A 50 -10.81 6.17 5.17
N GLN A 51 -10.86 6.97 6.23
CA GLN A 51 -11.93 7.96 6.45
C GLN A 51 -12.11 8.91 5.26
N VAL A 52 -11.06 9.27 4.52
CA VAL A 52 -11.22 10.12 3.32
C VAL A 52 -12.11 9.43 2.30
N VAL A 53 -11.97 8.11 2.11
CA VAL A 53 -12.79 7.32 1.19
C VAL A 53 -14.23 7.25 1.70
N ARG A 54 -14.45 7.07 3.01
CA ARG A 54 -15.77 6.94 3.63
C ARG A 54 -16.54 8.27 3.64
N GLN A 55 -15.82 9.39 3.75
CA GLN A 55 -16.40 10.71 3.55
C GLN A 55 -16.73 10.96 2.07
N LEU A 56 -15.85 10.61 1.12
CA LEU A 56 -16.12 10.75 -0.32
C LEU A 56 -17.27 9.82 -0.79
N GLU A 57 -17.40 8.65 -0.17
CA GLU A 57 -18.53 7.72 -0.33
C GLU A 57 -19.90 8.38 -0.09
N ALA A 58 -19.95 9.50 0.65
CA ALA A 58 -21.18 10.26 0.85
C ALA A 58 -21.64 11.04 -0.41
N GLU A 59 -20.75 11.47 -1.31
CA GLU A 59 -21.12 12.37 -2.43
C GLU A 59 -20.92 11.74 -3.84
N PRO A 60 -21.76 12.09 -4.82
CA PRO A 60 -21.79 11.42 -6.12
C PRO A 60 -20.61 11.80 -7.01
N GLY A 61 -20.09 10.81 -7.75
CA GLY A 61 -19.04 10.98 -8.77
C GLY A 61 -17.62 11.13 -8.22
N LEU A 62 -17.43 11.17 -6.90
CA LEU A 62 -16.12 11.33 -6.26
C LEU A 62 -15.28 10.03 -6.36
N PRO A 63 -13.94 10.11 -6.29
CA PRO A 63 -13.07 9.05 -6.83
C PRO A 63 -12.98 7.81 -5.92
N PRO A 64 -13.34 6.61 -6.41
CA PRO A 64 -13.21 5.36 -5.65
C PRO A 64 -11.75 4.87 -5.71
N VAL A 65 -10.91 5.42 -4.83
CA VAL A 65 -9.49 5.07 -4.73
C VAL A 65 -9.32 3.72 -4.01
N GLN A 66 -8.53 2.82 -4.59
CA GLN A 66 -8.32 1.45 -4.11
C GLN A 66 -7.09 1.37 -3.19
N PRO A 67 -7.24 1.11 -1.87
CA PRO A 67 -6.10 0.83 -1.00
C PRO A 67 -5.57 -0.59 -1.26
N VAL A 68 -4.24 -0.74 -1.25
CA VAL A 68 -3.54 -2.03 -1.19
C VAL A 68 -2.52 -2.06 -0.05
N PHE A 69 -2.47 -3.18 0.66
CA PHE A 69 -1.52 -3.45 1.74
C PHE A 69 -0.42 -4.39 1.23
N ILE A 70 0.83 -3.94 1.30
CA ILE A 70 2.02 -4.73 0.91
C ILE A 70 2.63 -5.35 2.18
N THR A 71 2.74 -6.68 2.21
CA THR A 71 3.23 -7.45 3.36
C THR A 71 4.75 -7.42 3.39
N VAL A 72 5.34 -6.76 4.39
CA VAL A 72 6.77 -6.41 4.44
C VAL A 72 7.66 -7.46 5.17
N ASP A 73 7.20 -8.71 5.28
CA ASP A 73 7.87 -9.79 6.03
C ASP A 73 7.61 -11.17 5.37
N PRO A 74 8.66 -11.87 4.88
CA PRO A 74 8.52 -13.17 4.23
C PRO A 74 8.64 -14.39 5.18
N GLU A 75 8.94 -14.18 6.47
CA GLU A 75 9.17 -15.28 7.44
C GLU A 75 8.02 -15.43 8.45
N ARG A 76 7.45 -14.33 8.95
CA ARG A 76 6.59 -14.32 10.15
C ARG A 76 5.12 -14.04 9.84
N ASP A 77 4.83 -13.43 8.69
CA ASP A 77 3.46 -13.23 8.18
C ASP A 77 3.09 -14.31 7.15
N ASP A 78 1.83 -14.29 6.71
CA ASP A 78 1.21 -15.29 5.83
C ASP A 78 -0.21 -14.90 5.36
N VAL A 79 -0.71 -15.53 4.28
CA VAL A 79 -2.05 -15.27 3.71
C VAL A 79 -3.20 -15.68 4.65
N GLU A 80 -3.02 -16.69 5.51
CA GLU A 80 -4.04 -17.09 6.49
C GLU A 80 -4.28 -15.95 7.51
N ALA A 81 -3.21 -15.26 7.91
CA ALA A 81 -3.23 -14.06 8.75
C ALA A 81 -3.74 -12.81 8.00
N MET A 82 -3.23 -12.52 6.80
CA MET A 82 -3.63 -11.31 6.05
C MET A 82 -5.12 -11.31 5.64
N ALA A 83 -5.70 -12.48 5.35
CA ALA A 83 -7.15 -12.65 5.22
C ALA A 83 -7.96 -12.16 6.44
N ARG A 84 -7.42 -12.24 7.67
CA ARG A 84 -8.04 -11.60 8.85
C ARG A 84 -7.91 -10.08 8.78
N TYR A 85 -6.69 -9.56 8.58
CA TYR A 85 -6.42 -8.12 8.51
C TYR A 85 -7.30 -7.41 7.45
N VAL A 86 -7.44 -8.02 6.27
CA VAL A 86 -8.34 -7.54 5.20
C VAL A 86 -9.80 -7.46 5.68
N GLN A 87 -10.34 -8.52 6.30
CA GLN A 87 -11.74 -8.57 6.74
C GLN A 87 -12.05 -7.69 7.96
N ASP A 88 -11.08 -7.45 8.85
CA ASP A 88 -11.28 -6.65 10.06
C ASP A 88 -11.43 -5.15 9.75
N PHE A 89 -10.80 -4.67 8.67
CA PHE A 89 -10.96 -3.31 8.18
C PHE A 89 -12.17 -3.26 7.24
N HIS A 90 -12.05 -3.92 6.08
CA HIS A 90 -13.11 -4.07 5.07
C HIS A 90 -12.69 -5.04 3.95
N PRO A 91 -13.51 -6.02 3.54
CA PRO A 91 -13.15 -7.00 2.51
C PRO A 91 -12.84 -6.45 1.10
N ARG A 92 -12.98 -5.14 0.84
CA ARG A 92 -12.44 -4.47 -0.37
C ARG A 92 -10.96 -4.03 -0.24
N LEU A 93 -10.33 -4.18 0.93
CA LEU A 93 -8.85 -4.18 1.06
C LEU A 93 -8.24 -5.35 0.27
N LEU A 94 -6.97 -5.25 -0.11
CA LEU A 94 -6.19 -6.39 -0.60
C LEU A 94 -4.89 -6.51 0.21
N GLY A 95 -4.53 -7.74 0.58
CA GLY A 95 -3.22 -8.09 1.12
C GLY A 95 -2.38 -8.76 0.03
N LEU A 96 -1.27 -8.13 -0.34
CA LEU A 96 -0.30 -8.63 -1.34
C LEU A 96 0.95 -9.12 -0.62
N THR A 97 1.54 -10.24 -1.06
CA THR A 97 2.69 -10.88 -0.40
C THR A 97 3.57 -11.69 -1.36
N GLY A 98 4.71 -12.15 -0.85
CA GLY A 98 5.71 -12.98 -1.54
C GLY A 98 6.82 -13.44 -0.60
N SER A 99 7.55 -14.50 -0.97
CA SER A 99 8.66 -15.00 -0.14
C SER A 99 10.00 -14.27 -0.42
N THR A 100 11.07 -14.63 0.31
CA THR A 100 12.30 -13.83 0.43
C THR A 100 12.99 -13.54 -0.89
N LYS A 101 13.13 -14.53 -1.80
CA LYS A 101 13.66 -14.27 -3.16
C LYS A 101 12.91 -13.15 -3.91
N GLN A 102 11.58 -13.10 -3.78
CA GLN A 102 10.76 -12.01 -4.35
C GLN A 102 10.92 -10.72 -3.57
N VAL A 103 10.75 -10.73 -2.24
CA VAL A 103 10.86 -9.51 -1.41
C VAL A 103 12.24 -8.84 -1.55
N ALA A 104 13.30 -9.64 -1.71
CA ALA A 104 14.66 -9.17 -2.00
C ALA A 104 14.73 -8.43 -3.35
N GLN A 105 14.38 -9.06 -4.48
CA GLN A 105 14.53 -8.40 -5.79
C GLN A 105 13.52 -7.25 -5.99
N ALA A 106 12.31 -7.35 -5.44
CA ALA A 106 11.39 -6.22 -5.33
C ALA A 106 11.97 -5.05 -4.53
N SER A 107 12.59 -5.27 -3.37
CA SER A 107 13.21 -4.18 -2.58
C SER A 107 14.48 -3.62 -3.22
N HIS A 108 15.28 -4.44 -3.92
CA HIS A 108 16.48 -4.00 -4.63
C HIS A 108 16.13 -3.13 -5.86
N SER A 109 15.08 -3.51 -6.59
CA SER A 109 14.53 -2.71 -7.69
C SER A 109 13.78 -1.47 -7.19
N TYR A 110 13.01 -1.59 -6.10
CA TYR A 110 12.07 -0.59 -5.60
C TYR A 110 12.25 -0.37 -4.08
N ARG A 111 13.39 0.22 -3.70
CA ARG A 111 13.77 0.43 -2.30
C ARG A 111 12.79 1.34 -1.54
N VAL A 112 12.49 0.97 -0.28
CA VAL A 112 11.45 1.55 0.58
C VAL A 112 11.86 1.44 2.06
N TYR A 113 11.19 2.22 2.93
CA TYR A 113 11.65 2.54 4.29
C TYR A 113 11.23 1.50 5.35
N TYR A 114 12.04 0.45 5.50
CA TYR A 114 11.94 -0.61 6.53
C TYR A 114 13.30 -1.28 6.79
N ASN A 115 13.39 -2.15 7.82
CA ASN A 115 14.60 -2.91 8.14
C ASN A 115 14.30 -4.32 8.72
N ALA A 116 13.49 -5.10 8.00
CA ALA A 116 13.17 -6.48 8.37
C ALA A 116 14.19 -7.46 7.75
N GLY A 117 14.57 -8.50 8.51
CA GLY A 117 15.39 -9.62 8.04
C GLY A 117 16.79 -9.83 8.64
N PRO A 118 17.56 -8.80 9.07
CA PRO A 118 18.86 -9.02 9.74
C PRO A 118 18.67 -9.35 11.24
N LYS A 119 19.76 -9.34 12.02
CA LYS A 119 19.73 -9.48 13.48
C LYS A 119 20.91 -8.75 14.17
N ASP A 120 20.81 -8.54 15.49
CA ASP A 120 21.94 -8.17 16.36
C ASP A 120 22.51 -9.46 17.00
N GLU A 121 22.58 -9.56 18.33
CA GLU A 121 22.87 -10.80 19.06
C GLU A 121 21.60 -11.66 19.15
N ASP A 122 20.46 -11.03 19.46
CA ASP A 122 19.12 -11.63 19.34
C ASP A 122 18.48 -11.28 17.98
N GLN A 123 17.41 -12.00 17.64
CA GLN A 123 16.54 -11.73 16.49
C GLN A 123 15.10 -11.36 16.91
N ASP A 124 14.74 -11.41 18.20
CA ASP A 124 13.39 -11.07 18.74
C ASP A 124 13.02 -9.56 18.69
N TYR A 125 13.72 -8.78 17.87
CA TYR A 125 13.50 -7.34 17.70
C TYR A 125 12.21 -7.00 16.91
N ILE A 126 11.76 -5.74 17.01
CA ILE A 126 10.65 -5.20 16.22
C ILE A 126 11.22 -4.35 15.09
N VAL A 127 10.64 -4.45 13.89
CA VAL A 127 11.08 -3.76 12.67
C VAL A 127 10.67 -2.29 12.76
N ASP A 128 11.60 -1.37 12.51
CA ASP A 128 11.44 0.08 12.63
C ASP A 128 10.74 0.65 11.37
N HIS A 129 9.48 0.26 11.19
CA HIS A 129 8.76 0.44 9.93
C HIS A 129 8.27 1.89 9.72
N SER A 130 8.36 2.37 8.48
CA SER A 130 7.52 3.48 8.02
C SER A 130 6.23 2.92 7.38
N ILE A 131 5.29 3.79 7.01
CA ILE A 131 4.13 3.42 6.18
C ILE A 131 4.42 3.52 4.67
N ALA A 132 5.41 4.35 4.31
CA ALA A 132 5.91 4.61 2.96
C ALA A 132 4.82 4.63 1.86
N ILE A 133 3.82 5.51 1.97
CA ILE A 133 2.65 5.46 1.07
C ILE A 133 2.87 6.23 -0.23
N TYR A 134 2.28 5.74 -1.32
CA TYR A 134 2.36 6.32 -2.66
C TYR A 134 0.97 6.33 -3.34
N LEU A 135 0.68 7.39 -4.11
CA LEU A 135 -0.44 7.43 -5.04
C LEU A 135 0.00 6.92 -6.43
N LEU A 136 -0.57 5.79 -6.86
CA LEU A 136 -0.37 5.17 -8.16
C LEU A 136 -1.59 5.44 -9.06
N ASN A 137 -1.45 6.40 -9.99
CA ASN A 137 -2.50 6.72 -10.96
C ASN A 137 -2.48 5.74 -12.15
N PRO A 138 -3.64 5.45 -12.77
CA PRO A 138 -3.75 4.51 -13.87
C PRO A 138 -3.00 5.04 -15.10
N ASP A 139 -2.15 4.19 -15.68
CA ASP A 139 -1.33 4.43 -16.88
C ASP A 139 -0.08 5.30 -16.63
N GLY A 140 0.03 5.97 -15.48
CA GLY A 140 1.08 6.96 -15.20
C GLY A 140 1.95 6.61 -13.99
N LEU A 141 1.41 5.84 -13.04
CA LEU A 141 2.16 5.03 -12.06
C LEU A 141 2.97 5.81 -11.01
N PHE A 142 2.69 7.10 -10.81
CA PHE A 142 3.17 7.94 -9.69
C PHE A 142 2.54 9.34 -9.74
N THR A 143 2.24 9.92 -8.57
CA THR A 143 1.76 11.31 -8.47
C THR A 143 2.37 12.01 -7.25
N ASP A 144 2.17 11.46 -6.06
CA ASP A 144 2.81 11.93 -4.82
C ASP A 144 2.94 10.82 -3.76
N TYR A 145 3.53 11.16 -2.61
CA TYR A 145 3.96 10.23 -1.57
C TYR A 145 3.98 10.87 -0.17
N TYR A 146 3.82 10.07 0.88
CA TYR A 146 3.80 10.53 2.28
C TYR A 146 4.53 9.58 3.25
N GLY A 147 5.36 10.17 4.11
CA GLY A 147 6.08 9.54 5.21
C GLY A 147 5.42 9.87 6.56
N ARG A 148 6.17 10.51 7.47
CA ARG A 148 5.70 10.84 8.82
C ARG A 148 4.82 12.11 8.83
N SER A 149 3.61 11.96 9.38
CA SER A 149 2.66 13.02 9.77
C SER A 149 1.74 13.47 8.64
N ARG A 150 0.48 13.81 8.98
CA ARG A 150 -0.66 14.18 8.15
C ARG A 150 -1.96 13.98 8.93
N SER A 151 -2.95 14.82 8.65
CA SER A 151 -4.35 14.68 9.04
C SER A 151 -5.14 14.10 7.85
N ALA A 152 -6.39 13.63 8.07
CA ALA A 152 -7.28 13.20 6.99
C ALA A 152 -7.48 14.32 5.94
N GLU A 153 -7.44 15.57 6.40
CA GLU A 153 -7.49 16.77 5.59
C GLU A 153 -6.40 16.80 4.50
N GLN A 154 -5.16 16.39 4.80
CA GLN A 154 -4.07 16.43 3.83
C GLN A 154 -4.25 15.39 2.71
N ILE A 155 -4.90 14.26 3.00
CA ILE A 155 -5.25 13.29 1.95
C ILE A 155 -6.29 13.92 1.02
N SER A 156 -7.30 14.57 1.58
CA SER A 156 -8.28 15.34 0.79
C SER A 156 -7.63 16.49 0.01
N ASP A 157 -6.56 17.11 0.53
CA ASP A 157 -5.84 18.19 -0.14
C ASP A 157 -5.03 17.70 -1.35
N SER A 158 -4.36 16.55 -1.23
CA SER A 158 -3.76 15.86 -2.38
C SER A 158 -4.85 15.35 -3.35
N VAL A 159 -5.89 14.66 -2.87
CA VAL A 159 -6.99 14.14 -3.74
C VAL A 159 -7.65 15.26 -4.54
N ARG A 160 -7.90 16.43 -3.93
CA ARG A 160 -8.33 17.66 -4.62
C ARG A 160 -7.37 18.04 -5.77
N ARG A 161 -6.09 18.22 -5.47
CA ARG A 161 -5.07 18.62 -6.46
C ARG A 161 -5.00 17.62 -7.62
N HIS A 162 -5.03 16.33 -7.33
CA HIS A 162 -4.96 15.27 -8.34
C HIS A 162 -6.24 15.20 -9.20
N MET A 163 -7.42 15.33 -8.57
CA MET A 163 -8.74 15.31 -9.22
C MET A 163 -8.96 16.52 -10.15
N ALA A 164 -8.29 17.65 -9.88
CA ALA A 164 -8.24 18.81 -10.79
C ALA A 164 -7.37 18.60 -12.05
N ALA A 165 -6.57 17.52 -12.13
CA ALA A 165 -5.54 17.30 -13.15
C ALA A 165 -5.75 15.98 -13.93
N PHE A 166 -4.77 15.05 -13.85
CA PHE A 166 -4.69 13.75 -14.53
C PHE A 166 -4.49 13.83 -16.05
N ARG A 167 -5.45 14.40 -16.80
CA ARG A 167 -5.41 14.60 -18.26
C ARG A 167 -5.36 13.28 -19.04
N SER A 168 -4.19 12.87 -19.56
CA SER A 168 -3.93 11.58 -20.25
C SER A 168 -4.47 11.57 -21.69
N VAL A 169 -5.77 11.83 -21.86
CA VAL A 169 -6.48 11.97 -23.15
C VAL A 169 -7.87 12.54 -22.88
N LEU A 170 -7.99 13.86 -23.06
CA LEU A 170 -9.25 14.61 -22.98
C LEU A 170 -10.18 14.32 -24.17
N SER A 171 -9.63 14.43 -25.39
CA SER A 171 -10.25 14.13 -26.69
C SER A 171 -11.14 15.24 -27.26
CU CU1 B . 2.49 -1.16 12.32
N SER A 2 13.64 -6.71 -27.95
CA SER A 2 14.50 -7.34 -26.93
C SER A 2 13.77 -7.39 -25.60
N PHE A 3 14.27 -8.15 -24.61
CA PHE A 3 13.75 -8.12 -23.25
C PHE A 3 14.04 -6.77 -22.56
N THR A 4 13.24 -6.44 -21.54
CA THR A 4 13.25 -5.22 -20.71
C THR A 4 12.12 -5.31 -19.67
N GLY A 5 11.94 -4.29 -18.83
CA GLY A 5 10.90 -4.24 -17.80
C GLY A 5 10.57 -2.83 -17.32
N GLN A 6 9.64 -2.72 -16.36
CA GLN A 6 9.19 -1.43 -15.80
C GLN A 6 8.67 -1.55 -14.35
N GLY A 7 9.28 -2.42 -13.53
CA GLY A 7 8.87 -2.59 -12.12
C GLY A 7 7.57 -3.39 -11.96
N ASP A 8 7.39 -4.42 -12.79
CA ASP A 8 6.25 -5.33 -12.68
C ASP A 8 6.44 -6.29 -11.48
N PHE A 9 5.48 -6.25 -10.56
CA PHE A 9 5.48 -7.02 -9.32
C PHE A 9 4.56 -8.25 -9.45
N HIS A 10 5.14 -9.41 -9.74
CA HIS A 10 4.41 -10.68 -9.83
C HIS A 10 4.16 -11.28 -8.44
N LEU A 11 2.94 -11.11 -7.91
CA LEU A 11 2.58 -11.39 -6.51
C LEU A 11 1.20 -12.06 -6.41
N LEU A 12 0.82 -12.57 -5.23
CA LEU A 12 -0.40 -13.37 -5.03
C LEU A 12 -1.50 -12.60 -4.28
N ASP A 13 -2.76 -12.88 -4.66
CA ASP A 13 -3.98 -12.42 -3.98
C ASP A 13 -4.26 -13.30 -2.76
N HIS A 14 -4.71 -12.69 -1.65
CA HIS A 14 -5.30 -13.39 -0.49
C HIS A 14 -6.54 -14.26 -0.82
N ARG A 15 -7.01 -14.22 -2.07
CA ARG A 15 -8.08 -15.05 -2.64
C ARG A 15 -7.60 -15.98 -3.77
N GLY A 16 -6.31 -16.30 -3.84
CA GLY A 16 -5.79 -17.38 -4.68
C GLY A 16 -5.81 -17.07 -6.17
N ARG A 17 -5.45 -15.84 -6.54
CA ARG A 17 -5.01 -15.47 -7.90
C ARG A 17 -3.52 -15.08 -7.89
N ALA A 18 -2.85 -15.14 -9.03
CA ALA A 18 -1.61 -14.41 -9.28
C ALA A 18 -1.92 -13.06 -9.93
N ARG A 19 -1.04 -12.08 -9.79
CA ARG A 19 -1.29 -10.67 -10.11
C ARG A 19 -0.01 -9.93 -10.51
N CYS A 20 -0.15 -8.76 -11.15
CA CYS A 20 0.94 -8.01 -11.78
C CYS A 20 0.62 -6.52 -11.91
N LYS A 21 1.64 -5.69 -12.15
CA LYS A 21 1.51 -4.26 -12.42
C LYS A 21 0.62 -3.96 -13.64
N ALA A 22 0.50 -4.90 -14.59
CA ALA A 22 -0.35 -4.75 -15.77
C ALA A 22 -1.85 -4.79 -15.45
N ASP A 23 -2.29 -5.51 -14.41
CA ASP A 23 -3.64 -5.47 -13.86
C ASP A 23 -3.88 -4.16 -13.08
N PHE A 24 -2.93 -3.82 -12.21
CA PHE A 24 -2.93 -2.62 -11.35
C PHE A 24 -2.81 -1.30 -12.15
N ARG A 25 -2.66 -1.37 -13.47
CA ARG A 25 -2.45 -0.28 -14.43
C ARG A 25 -3.67 0.64 -14.63
N GLY A 26 -4.24 1.19 -13.56
CA GLY A 26 -5.45 2.02 -13.65
C GLY A 26 -5.97 2.53 -12.32
N GLN A 27 -7.09 3.23 -12.42
CA GLN A 27 -8.13 3.40 -11.37
C GLN A 27 -7.78 4.26 -10.14
N TRP A 28 -6.49 4.47 -9.84
CA TRP A 28 -5.91 4.99 -8.58
C TRP A 28 -5.85 3.88 -7.51
N VAL A 29 -4.76 3.10 -7.58
CA VAL A 29 -4.38 2.13 -6.55
C VAL A 29 -3.74 2.89 -5.39
N LEU A 30 -4.34 2.79 -4.21
CA LEU A 30 -3.85 3.42 -2.99
C LEU A 30 -2.90 2.43 -2.29
N MET A 31 -1.60 2.73 -2.34
CA MET A 31 -0.53 1.78 -2.03
C MET A 31 0.03 2.00 -0.64
N TYR A 32 0.03 0.94 0.19
CA TYR A 32 0.53 0.98 1.56
C TYR A 32 1.50 -0.18 1.85
N PHE A 33 2.65 0.15 2.43
CA PHE A 33 3.67 -0.82 2.87
C PHE A 33 3.73 -0.82 4.40
N GLY A 34 3.47 -1.98 5.03
CA GLY A 34 3.41 -2.06 6.49
C GLY A 34 3.59 -3.45 7.09
N PHE A 35 3.79 -3.44 8.41
CA PHE A 35 3.87 -4.62 9.28
C PHE A 35 2.48 -5.13 9.69
N THR A 36 2.37 -6.46 9.93
CA THR A 36 1.13 -7.19 10.29
C THR A 36 0.57 -6.86 11.68
N HIS A 37 1.30 -6.04 12.44
CA HIS A 37 0.82 -5.24 13.57
C HIS A 37 1.75 -4.00 13.67
N CYS A 38 1.84 -3.34 14.82
CA CYS A 38 2.57 -2.09 15.00
C CYS A 38 2.84 -1.82 16.50
N PRO A 39 3.59 -0.77 16.85
CA PRO A 39 3.36 0.03 18.06
C PRO A 39 1.97 0.70 18.11
N ASP A 40 1.20 0.65 17.02
CA ASP A 40 -0.22 1.01 16.82
C ASP A 40 -0.39 2.40 16.16
N ILE A 41 0.57 2.77 15.30
CA ILE A 41 0.54 3.97 14.43
C ILE A 41 0.02 3.60 13.03
N CYS A 42 0.50 2.50 12.44
CA CYS A 42 -0.02 1.96 11.19
C CYS A 42 -1.55 1.80 11.18
N PRO A 43 -2.22 1.18 12.17
CA PRO A 43 -3.68 1.06 12.18
C PRO A 43 -4.41 2.39 12.39
N ASP A 44 -3.78 3.40 13.01
CA ASP A 44 -4.29 4.78 13.07
C ASP A 44 -4.23 5.38 11.66
N GLU A 45 -3.03 5.64 11.13
CA GLU A 45 -2.74 6.10 9.77
C GLU A 45 -3.54 5.35 8.68
N LEU A 46 -3.70 4.02 8.77
CA LEU A 46 -4.48 3.22 7.82
C LEU A 46 -5.97 3.55 7.87
N GLU A 47 -6.60 3.59 9.05
CA GLU A 47 -8.04 3.92 9.13
C GLU A 47 -8.25 5.42 8.85
N LYS A 48 -7.33 6.27 9.26
CA LYS A 48 -7.24 7.69 8.89
C LYS A 48 -7.17 7.89 7.36
N LEU A 49 -6.56 6.94 6.64
CA LEU A 49 -6.68 6.74 5.19
C LEU A 49 -8.08 6.19 4.80
N VAL A 50 -8.52 5.05 5.34
CA VAL A 50 -9.79 4.41 4.95
C VAL A 50 -11.01 5.31 5.21
N GLN A 51 -10.99 6.20 6.21
CA GLN A 51 -11.95 7.29 6.43
C GLN A 51 -12.07 8.17 5.18
N VAL A 52 -10.96 8.53 4.54
CA VAL A 52 -11.00 9.21 3.25
C VAL A 52 -11.56 8.27 2.17
N VAL A 53 -11.15 7.00 2.08
CA VAL A 53 -11.72 6.06 1.08
C VAL A 53 -13.26 5.98 1.15
N ARG A 54 -13.82 5.89 2.37
CA ARG A 54 -15.25 5.90 2.69
C ARG A 54 -15.92 7.17 2.15
N GLN A 55 -15.31 8.33 2.42
CA GLN A 55 -15.78 9.61 1.89
C GLN A 55 -15.56 9.83 0.38
N LEU A 56 -14.61 9.17 -0.29
CA LEU A 56 -14.44 9.26 -1.75
C LEU A 56 -15.56 8.52 -2.51
N GLU A 57 -16.03 7.38 -1.98
CA GLU A 57 -17.26 6.72 -2.48
C GLU A 57 -18.52 7.58 -2.26
N ALA A 58 -18.48 8.60 -1.38
CA ALA A 58 -19.55 9.61 -1.29
C ALA A 58 -19.55 10.69 -2.40
N GLU A 59 -18.43 10.94 -3.10
CA GLU A 59 -18.32 12.05 -4.07
C GLU A 59 -18.97 11.70 -5.43
N PRO A 60 -19.38 12.72 -6.23
CA PRO A 60 -20.14 12.50 -7.46
C PRO A 60 -19.23 12.07 -8.63
N GLY A 61 -18.85 10.79 -8.63
CA GLY A 61 -18.04 10.15 -9.67
C GLY A 61 -16.72 9.62 -9.09
N LEU A 62 -15.61 10.28 -9.43
CA LEU A 62 -14.25 10.08 -8.89
C LEU A 62 -13.57 8.79 -9.44
N PRO A 63 -12.24 8.77 -9.65
CA PRO A 63 -11.50 7.51 -9.85
C PRO A 63 -11.72 6.59 -8.62
N PRO A 64 -12.35 5.40 -8.76
CA PRO A 64 -12.81 4.64 -7.61
C PRO A 64 -11.62 3.94 -6.93
N VAL A 65 -11.13 4.53 -5.84
CA VAL A 65 -9.83 4.19 -5.27
C VAL A 65 -9.87 2.85 -4.53
N GLN A 66 -8.88 2.00 -4.81
CA GLN A 66 -8.73 0.70 -4.16
C GLN A 66 -7.50 0.73 -3.25
N PRO A 67 -7.65 0.60 -1.91
CA PRO A 67 -6.51 0.43 -1.03
C PRO A 67 -5.93 -0.99 -1.15
N VAL A 68 -4.63 -1.08 -1.41
CA VAL A 68 -3.83 -2.30 -1.26
C VAL A 68 -2.90 -2.20 -0.05
N PHE A 69 -2.73 -3.33 0.63
CA PHE A 69 -1.72 -3.54 1.66
C PHE A 69 -0.64 -4.50 1.17
N ILE A 70 0.63 -4.11 1.34
CA ILE A 70 1.82 -4.90 1.01
C ILE A 70 2.60 -5.16 2.31
N THR A 71 2.71 -6.43 2.70
CA THR A 71 3.50 -6.93 3.83
C THR A 71 4.97 -7.03 3.46
N VAL A 72 5.90 -6.73 4.36
CA VAL A 72 7.34 -6.89 4.13
C VAL A 72 8.04 -7.72 5.23
N ASP A 73 7.28 -8.51 6.01
CA ASP A 73 7.79 -9.61 6.84
C ASP A 73 7.50 -10.97 6.17
N PRO A 74 8.13 -11.30 5.03
CA PRO A 74 7.80 -12.48 4.21
C PRO A 74 8.27 -13.82 4.81
N GLU A 75 8.69 -13.82 6.08
CA GLU A 75 9.22 -14.99 6.78
C GLU A 75 8.45 -15.31 8.07
N ARG A 76 7.57 -14.40 8.53
CA ARG A 76 6.58 -14.64 9.59
C ARG A 76 5.16 -14.18 9.22
N ASP A 77 4.93 -13.57 8.05
CA ASP A 77 3.62 -13.38 7.41
C ASP A 77 3.03 -14.70 6.88
N ASP A 78 1.76 -14.68 6.50
CA ASP A 78 1.02 -15.72 5.79
C ASP A 78 -0.27 -15.16 5.16
N VAL A 79 -0.82 -15.87 4.17
CA VAL A 79 -2.09 -15.56 3.49
C VAL A 79 -3.27 -15.45 4.45
N GLU A 80 -3.37 -16.26 5.52
CA GLU A 80 -4.42 -16.06 6.54
C GLU A 80 -4.17 -14.77 7.31
N ALA A 81 -2.98 -14.59 7.89
CA ALA A 81 -2.61 -13.40 8.65
C ALA A 81 -2.82 -12.10 7.86
N MET A 82 -2.61 -12.14 6.55
CA MET A 82 -2.93 -11.05 5.62
C MET A 82 -4.43 -10.87 5.43
N ALA A 83 -5.17 -11.94 5.12
CA ALA A 83 -6.63 -11.91 5.01
C ALA A 83 -7.32 -11.44 6.32
N ARG A 84 -6.76 -11.80 7.47
CA ARG A 84 -7.12 -11.41 8.83
C ARG A 84 -6.90 -9.91 9.03
N TYR A 85 -5.66 -9.44 8.92
CA TYR A 85 -5.29 -8.02 9.05
C TYR A 85 -5.97 -7.11 7.99
N VAL A 86 -6.32 -7.67 6.84
CA VAL A 86 -7.23 -7.08 5.83
C VAL A 86 -8.67 -6.96 6.34
N GLN A 87 -9.33 -8.10 6.61
CA GLN A 87 -10.78 -8.18 6.81
C GLN A 87 -11.21 -7.62 8.16
N ASP A 88 -10.36 -7.71 9.19
CA ASP A 88 -10.63 -7.16 10.53
C ASP A 88 -10.53 -5.63 10.54
N PHE A 89 -9.91 -5.08 9.48
CA PHE A 89 -9.99 -3.68 9.09
C PHE A 89 -11.27 -3.42 8.29
N HIS A 90 -11.43 -4.11 7.15
CA HIS A 90 -12.60 -4.16 6.29
C HIS A 90 -12.43 -5.16 5.13
N PRO A 91 -13.44 -5.98 4.76
CA PRO A 91 -13.34 -6.95 3.66
C PRO A 91 -13.15 -6.36 2.24
N ARG A 92 -13.13 -5.03 2.05
CA ARG A 92 -12.73 -4.41 0.77
C ARG A 92 -11.19 -4.18 0.65
N LEU A 93 -10.41 -4.32 1.73
CA LEU A 93 -8.94 -4.27 1.66
C LEU A 93 -8.41 -5.44 0.81
N LEU A 94 -7.40 -5.20 -0.02
CA LEU A 94 -6.68 -6.24 -0.76
C LEU A 94 -5.31 -6.47 -0.08
N GLY A 95 -5.05 -7.69 0.38
CA GLY A 95 -3.73 -8.06 0.93
C GLY A 95 -2.99 -8.91 -0.08
N LEU A 96 -1.83 -8.43 -0.55
CA LEU A 96 -1.00 -9.19 -1.50
C LEU A 96 0.26 -9.74 -0.83
N THR A 97 0.71 -10.92 -1.29
CA THR A 97 1.76 -11.74 -0.65
C THR A 97 2.75 -12.33 -1.65
N GLY A 98 3.83 -12.87 -1.10
CA GLY A 98 4.93 -13.53 -1.82
C GLY A 98 6.02 -14.03 -0.88
N SER A 99 7.03 -14.70 -1.43
CA SER A 99 8.20 -15.18 -0.69
C SER A 99 9.27 -14.08 -0.50
N THR A 100 10.30 -14.34 0.32
CA THR A 100 11.27 -13.34 0.81
C THR A 100 12.02 -12.57 -0.25
N LYS A 101 12.89 -13.18 -1.06
CA LYS A 101 13.62 -12.44 -2.11
C LYS A 101 12.68 -11.71 -3.10
N GLN A 102 11.47 -12.25 -3.30
CA GLN A 102 10.43 -11.68 -4.16
C GLN A 102 9.84 -10.42 -3.52
N VAL A 103 9.32 -10.49 -2.29
CA VAL A 103 8.78 -9.33 -1.53
C VAL A 103 9.87 -8.26 -1.33
N ALA A 104 11.08 -8.70 -0.93
CA ALA A 104 12.23 -7.82 -0.73
C ALA A 104 12.65 -7.10 -2.02
N GLN A 105 12.61 -7.75 -3.19
CA GLN A 105 12.89 -7.08 -4.47
C GLN A 105 11.77 -6.12 -4.92
N ALA A 106 10.49 -6.42 -4.67
CA ALA A 106 9.39 -5.50 -4.98
C ALA A 106 9.52 -4.21 -4.15
N SER A 107 9.72 -4.36 -2.84
CA SER A 107 9.99 -3.25 -1.92
C SER A 107 11.28 -2.47 -2.27
N HIS A 108 12.37 -3.16 -2.61
CA HIS A 108 13.62 -2.54 -3.11
C HIS A 108 13.42 -1.75 -4.42
N SER A 109 12.53 -2.21 -5.31
CA SER A 109 12.17 -1.49 -6.53
C SER A 109 11.36 -0.23 -6.19
N TYR A 110 10.35 -0.35 -5.33
CA TYR A 110 9.53 0.77 -4.83
C TYR A 110 10.25 1.66 -3.80
N ARG A 111 11.55 1.44 -3.58
CA ARG A 111 12.44 2.24 -2.71
C ARG A 111 12.07 2.12 -1.21
N VAL A 112 11.41 1.04 -0.83
CA VAL A 112 10.94 0.74 0.53
C VAL A 112 12.08 0.06 1.29
N TYR A 113 12.83 0.86 2.06
CA TYR A 113 14.03 0.47 2.79
C TYR A 113 13.69 0.06 4.25
N TYR A 114 13.01 -1.09 4.39
CA TYR A 114 12.40 -1.53 5.65
C TYR A 114 13.41 -2.09 6.66
N ASN A 115 13.08 -1.98 7.94
CA ASN A 115 14.00 -2.24 9.05
C ASN A 115 13.27 -2.60 10.37
N ALA A 116 13.93 -3.45 11.17
CA ALA A 116 13.51 -3.88 12.49
C ALA A 116 13.83 -2.79 13.55
N GLY A 117 13.50 -3.03 14.82
CA GLY A 117 13.74 -2.08 15.91
C GLY A 117 15.12 -2.24 16.57
N PRO A 118 15.42 -1.39 17.57
CA PRO A 118 16.54 -1.60 18.49
C PRO A 118 16.24 -2.80 19.40
N LYS A 119 17.28 -3.38 20.03
CA LYS A 119 17.18 -4.70 20.67
C LYS A 119 18.05 -4.91 21.91
N ASP A 120 17.69 -5.95 22.66
CA ASP A 120 18.33 -6.40 23.90
C ASP A 120 19.32 -7.55 23.61
N GLU A 121 18.98 -8.80 23.94
CA GLU A 121 19.85 -9.96 23.75
C GLU A 121 20.09 -10.29 22.28
N ASP A 122 19.04 -10.61 21.50
CA ASP A 122 19.01 -10.29 20.08
C ASP A 122 17.57 -10.16 19.60
N GLN A 123 17.42 -9.58 18.42
CA GLN A 123 16.14 -9.44 17.74
C GLN A 123 16.24 -10.08 16.37
N ASP A 124 15.63 -11.26 16.24
CA ASP A 124 15.13 -11.66 14.92
C ASP A 124 14.22 -10.55 14.36
N TYR A 125 14.40 -10.22 13.07
CA TYR A 125 14.15 -8.86 12.50
C TYR A 125 12.67 -8.47 12.29
N ILE A 126 11.81 -8.74 13.27
CA ILE A 126 10.33 -8.72 13.19
C ILE A 126 9.68 -7.34 13.27
N VAL A 127 10.19 -6.39 12.48
CA VAL A 127 9.45 -5.16 12.11
C VAL A 127 9.84 -4.77 10.68
N ASP A 128 8.85 -4.45 9.86
CA ASP A 128 9.05 -4.00 8.48
C ASP A 128 8.55 -2.57 8.21
N HIS A 129 9.05 -1.62 9.00
CA HIS A 129 8.69 -0.20 8.82
C HIS A 129 9.51 0.49 7.74
N SER A 130 8.85 1.02 6.71
CA SER A 130 9.40 1.97 5.74
C SER A 130 8.28 2.68 4.96
N ILE A 131 8.53 3.90 4.48
CA ILE A 131 7.51 4.81 3.94
C ILE A 131 6.26 4.81 4.83
N ALA A 132 5.15 4.23 4.36
CA ALA A 132 3.78 4.15 4.88
C ALA A 132 2.84 4.16 3.67
N ILE A 133 2.59 5.34 3.08
CA ILE A 133 1.60 5.53 2.01
C ILE A 133 2.17 6.23 0.76
N TYR A 134 1.71 5.76 -0.40
CA TYR A 134 2.08 6.22 -1.75
C TYR A 134 0.84 6.21 -2.68
N LEU A 135 0.69 7.20 -3.57
CA LEU A 135 -0.37 7.19 -4.60
C LEU A 135 0.20 6.69 -5.94
N LEU A 136 -0.36 5.58 -6.42
CA LEU A 136 -0.06 4.99 -7.73
C LEU A 136 -1.15 5.44 -8.72
N ASN A 137 -0.73 6.26 -9.70
CA ASN A 137 -1.58 6.90 -10.71
C ASN A 137 -2.21 5.83 -11.67
N PRO A 138 -3.10 6.17 -12.64
CA PRO A 138 -3.82 5.18 -13.43
C PRO A 138 -2.99 4.61 -14.60
N ASP A 139 -1.71 4.32 -14.33
CA ASP A 139 -0.84 3.47 -15.14
C ASP A 139 0.30 2.97 -14.23
N GLY A 140 1.08 3.92 -13.70
CA GLY A 140 2.16 3.72 -12.73
C GLY A 140 2.48 5.06 -12.08
N LEU A 141 3.73 5.52 -12.26
CA LEU A 141 4.18 6.90 -11.99
C LEU A 141 4.37 7.18 -10.48
N PHE A 142 4.79 8.40 -10.17
CA PHE A 142 4.63 9.05 -8.88
C PHE A 142 3.36 9.92 -8.89
N THR A 143 2.99 10.48 -7.74
CA THR A 143 1.90 11.45 -7.57
C THR A 143 2.14 12.26 -6.29
N ASP A 144 2.13 11.58 -5.15
CA ASP A 144 2.23 12.11 -3.79
C ASP A 144 2.42 10.94 -2.79
N TYR A 145 3.08 11.20 -1.65
CA TYR A 145 3.46 10.18 -0.65
C TYR A 145 3.71 10.75 0.76
N TYR A 146 3.64 9.90 1.79
CA TYR A 146 4.01 10.24 3.15
C TYR A 146 4.78 9.12 3.87
N GLY A 147 5.79 9.54 4.65
CA GLY A 147 6.61 8.72 5.54
C GLY A 147 6.53 9.11 7.02
N ARG A 148 5.41 9.70 7.44
CA ARG A 148 5.10 10.16 8.82
C ARG A 148 3.65 10.69 8.91
N SER A 149 3.17 10.84 10.14
CA SER A 149 1.78 11.18 10.43
C SER A 149 1.21 12.45 9.79
N ARG A 150 -0.13 12.44 9.70
CA ARG A 150 -1.01 13.25 8.86
C ARG A 150 -2.44 13.02 9.39
N SER A 151 -3.48 13.59 8.79
CA SER A 151 -4.86 13.24 9.13
C SER A 151 -5.77 13.33 7.90
N ALA A 152 -6.99 12.82 8.00
CA ALA A 152 -7.92 12.61 6.89
C ALA A 152 -8.08 13.86 5.99
N GLU A 153 -8.00 15.04 6.60
CA GLU A 153 -8.08 16.32 5.91
C GLU A 153 -7.00 16.44 4.85
N GLN A 154 -5.72 16.34 5.21
CA GLN A 154 -4.63 16.48 4.22
C GLN A 154 -4.51 15.26 3.31
N ILE A 155 -4.99 14.08 3.73
CA ILE A 155 -5.03 12.88 2.87
C ILE A 155 -6.03 13.08 1.73
N SER A 156 -7.23 13.58 2.05
CA SER A 156 -8.23 13.95 1.05
C SER A 156 -7.76 15.15 0.22
N ASP A 157 -7.30 16.24 0.85
CA ASP A 157 -6.82 17.41 0.11
C ASP A 157 -5.61 17.07 -0.78
N SER A 158 -4.72 16.16 -0.38
CA SER A 158 -3.73 15.55 -1.28
C SER A 158 -4.39 14.98 -2.54
N VAL A 159 -5.20 13.91 -2.40
CA VAL A 159 -5.73 13.18 -3.56
C VAL A 159 -6.66 14.06 -4.45
N ARG A 160 -7.39 14.98 -3.82
CA ARG A 160 -8.29 15.96 -4.44
C ARG A 160 -7.57 17.15 -5.09
N ARG A 161 -6.43 17.63 -4.54
CA ARG A 161 -5.55 18.59 -5.24
C ARG A 161 -4.85 17.92 -6.42
N HIS A 162 -4.45 16.64 -6.33
CA HIS A 162 -4.01 15.87 -7.50
C HIS A 162 -5.11 15.75 -8.56
N MET A 163 -6.38 15.55 -8.15
CA MET A 163 -7.54 15.53 -9.05
C MET A 163 -7.72 16.85 -9.83
N ALA A 164 -7.49 18.00 -9.19
CA ALA A 164 -7.45 19.32 -9.86
C ALA A 164 -6.19 19.56 -10.72
N ALA A 165 -5.10 18.81 -10.47
CA ALA A 165 -3.81 19.00 -11.16
C ALA A 165 -3.68 18.12 -12.40
N PHE A 166 -3.99 16.83 -12.29
CA PHE A 166 -4.03 15.83 -13.36
C PHE A 166 -5.25 16.03 -14.27
N ARG A 167 -6.45 16.13 -13.65
CA ARG A 167 -7.76 16.46 -14.25
C ARG A 167 -8.40 15.29 -15.02
N SER A 168 -9.71 15.32 -15.07
CA SER A 168 -10.55 14.56 -16.00
C SER A 168 -11.04 15.50 -17.12
N VAL A 169 -11.25 14.98 -18.34
CA VAL A 169 -11.84 15.70 -19.48
C VAL A 169 -12.79 14.76 -20.23
N LEU A 170 -14.06 14.75 -19.78
CA LEU A 170 -15.10 13.79 -20.18
C LEU A 170 -14.74 12.33 -19.79
N SER A 171 -13.77 12.19 -18.87
CA SER A 171 -12.92 11.03 -18.56
C SER A 171 -11.84 11.49 -17.60
CU CU1 B . 3.63 -0.08 12.08
N SER A 2 10.15 -15.97 -25.88
CA SER A 2 10.12 -17.01 -24.84
C SER A 2 10.00 -16.43 -23.43
N PHE A 3 10.87 -15.51 -23.00
CA PHE A 3 10.93 -14.99 -21.63
C PHE A 3 9.73 -14.07 -21.33
N THR A 4 8.57 -14.70 -21.05
CA THR A 4 7.25 -14.05 -20.95
C THR A 4 7.03 -13.47 -19.55
N GLY A 5 7.95 -12.62 -19.09
CA GLY A 5 7.90 -11.99 -17.76
C GLY A 5 9.00 -10.94 -17.53
N GLN A 6 8.59 -9.70 -17.30
CA GLN A 6 9.45 -8.53 -17.08
C GLN A 6 8.57 -7.39 -16.55
N GLY A 7 9.09 -6.54 -15.66
CA GLY A 7 8.36 -5.44 -15.04
C GLY A 7 8.69 -5.23 -13.56
N ASP A 8 7.88 -4.38 -12.92
CA ASP A 8 8.02 -3.89 -11.53
C ASP A 8 8.14 -5.02 -10.50
N PHE A 9 7.01 -5.69 -10.19
CA PHE A 9 6.93 -6.70 -9.12
C PHE A 9 5.93 -7.82 -9.43
N HIS A 10 5.99 -8.88 -8.63
CA HIS A 10 5.04 -10.00 -8.64
C HIS A 10 4.68 -10.40 -7.19
N LEU A 11 3.45 -10.12 -6.75
CA LEU A 11 2.93 -10.46 -5.42
C LEU A 11 1.67 -11.34 -5.58
N LEU A 12 1.26 -12.06 -4.53
CA LEU A 12 0.05 -12.90 -4.52
C LEU A 12 -1.04 -12.30 -3.63
N ASP A 13 -2.29 -12.44 -4.06
CA ASP A 13 -3.49 -11.97 -3.36
C ASP A 13 -3.86 -12.90 -2.20
N HIS A 14 -4.28 -12.33 -1.07
CA HIS A 14 -4.91 -13.04 0.05
C HIS A 14 -6.11 -13.93 -0.38
N ARG A 15 -6.73 -13.58 -1.52
CA ARG A 15 -7.84 -14.27 -2.18
C ARG A 15 -7.41 -15.58 -2.87
N GLY A 16 -6.12 -15.74 -3.20
CA GLY A 16 -5.61 -16.75 -4.12
C GLY A 16 -5.69 -16.25 -5.56
N ARG A 17 -4.70 -15.47 -5.98
CA ARG A 17 -4.47 -14.85 -7.31
C ARG A 17 -3.06 -14.22 -7.32
N ALA A 18 -2.64 -13.64 -8.45
CA ALA A 18 -1.35 -12.95 -8.59
C ALA A 18 -1.52 -11.56 -9.22
N ARG A 19 -0.72 -10.59 -8.74
CA ARG A 19 -0.65 -9.20 -9.21
C ARG A 19 0.75 -8.87 -9.76
N CYS A 20 0.79 -7.98 -10.77
CA CYS A 20 1.99 -7.60 -11.54
C CYS A 20 1.83 -6.19 -12.15
N LYS A 21 2.91 -5.56 -12.64
CA LYS A 21 3.00 -4.11 -12.96
C LYS A 21 1.72 -3.52 -13.62
N ALA A 22 1.18 -4.23 -14.62
CA ALA A 22 0.11 -3.79 -15.51
C ALA A 22 -1.32 -3.79 -14.92
N ASP A 23 -1.65 -4.66 -13.96
CA ASP A 23 -3.06 -4.97 -13.63
C ASP A 23 -3.76 -3.80 -12.92
N PHE A 24 -2.95 -2.98 -12.24
CA PHE A 24 -3.33 -1.75 -11.56
C PHE A 24 -3.73 -0.63 -12.53
N ARG A 25 -3.31 -0.69 -13.81
CA ARG A 25 -3.63 0.31 -14.82
C ARG A 25 -5.15 0.37 -15.01
N GLY A 26 -5.76 1.54 -14.79
CA GLY A 26 -7.22 1.75 -14.83
C GLY A 26 -7.89 2.05 -13.47
N GLN A 27 -7.14 2.15 -12.37
CA GLN A 27 -7.61 2.65 -11.07
C GLN A 27 -6.47 3.34 -10.30
N TRP A 28 -6.77 4.09 -9.24
CA TRP A 28 -5.74 4.60 -8.33
C TRP A 28 -5.33 3.53 -7.31
N VAL A 29 -4.09 3.56 -6.82
CA VAL A 29 -3.61 2.63 -5.77
C VAL A 29 -2.91 3.38 -4.64
N LEU A 30 -3.16 2.96 -3.39
CA LEU A 30 -2.45 3.37 -2.18
C LEU A 30 -1.67 2.15 -1.64
N MET A 31 -0.35 2.29 -1.49
CA MET A 31 0.57 1.16 -1.24
C MET A 31 1.27 1.30 0.11
N TYR A 32 1.02 0.36 1.03
CA TYR A 32 1.48 0.39 2.43
C TYR A 32 2.11 -0.95 2.84
N PHE A 33 3.30 -0.94 3.45
CA PHE A 33 3.92 -2.13 4.06
C PHE A 33 3.67 -2.13 5.58
N GLY A 34 3.35 -3.29 6.16
CA GLY A 34 3.14 -3.43 7.62
C GLY A 34 3.84 -4.65 8.22
N PHE A 35 4.26 -4.51 9.48
CA PHE A 35 5.01 -5.50 10.27
C PHE A 35 4.13 -6.66 10.81
N THR A 36 2.87 -6.78 10.35
CA THR A 36 1.93 -7.91 10.54
C THR A 36 1.33 -7.97 11.95
N HIS A 37 2.09 -7.66 13.00
CA HIS A 37 1.57 -7.31 14.34
C HIS A 37 2.36 -6.13 14.89
N CYS A 38 1.72 -4.96 14.92
CA CYS A 38 2.23 -3.71 15.45
C CYS A 38 1.46 -3.33 16.73
N PRO A 39 1.92 -2.28 17.43
CA PRO A 39 1.16 -1.61 18.49
C PRO A 39 0.12 -0.67 17.88
N ASP A 40 -0.46 0.22 18.70
CA ASP A 40 -1.47 1.22 18.33
C ASP A 40 -0.90 2.42 17.54
N ILE A 41 -0.12 2.12 16.49
CA ILE A 41 0.50 3.07 15.55
C ILE A 41 0.13 2.71 14.11
N CYS A 42 0.77 1.70 13.51
CA CYS A 42 0.49 1.20 12.15
C CYS A 42 -1.01 0.96 11.83
N PRO A 43 -1.77 0.15 12.63
CA PRO A 43 -3.21 -0.02 12.43
C PRO A 43 -4.02 1.25 12.74
N ASP A 44 -3.52 2.16 13.60
CA ASP A 44 -4.19 3.43 13.90
C ASP A 44 -4.06 4.40 12.71
N GLU A 45 -2.88 4.52 12.11
CA GLU A 45 -2.61 5.18 10.82
C GLU A 45 -3.46 4.56 9.70
N LEU A 46 -3.54 3.23 9.61
CA LEU A 46 -4.31 2.53 8.59
C LEU A 46 -5.81 2.80 8.70
N GLU A 47 -6.38 2.81 9.92
CA GLU A 47 -7.75 3.29 10.13
C GLU A 47 -7.84 4.77 9.79
N LYS A 48 -6.97 5.60 10.36
CA LYS A 48 -6.94 7.04 10.17
C LYS A 48 -6.84 7.46 8.68
N LEU A 49 -6.23 6.63 7.83
CA LEU A 49 -6.34 6.66 6.37
C LEU A 49 -7.74 6.21 5.92
N VAL A 50 -8.10 4.92 6.04
CA VAL A 50 -9.31 4.36 5.41
C VAL A 50 -10.63 5.02 5.90
N GLN A 51 -10.59 5.66 7.06
CA GLN A 51 -11.61 6.56 7.63
C GLN A 51 -12.04 7.64 6.62
N VAL A 52 -11.12 8.19 5.83
CA VAL A 52 -11.47 9.15 4.76
C VAL A 52 -12.16 8.48 3.57
N VAL A 53 -11.81 7.23 3.24
CA VAL A 53 -12.25 6.56 2.01
C VAL A 53 -13.76 6.23 2.03
N ARG A 54 -14.31 6.00 3.23
CA ARG A 54 -15.73 5.66 3.46
C ARG A 54 -16.67 6.82 3.08
N GLN A 55 -16.30 8.05 3.45
CA GLN A 55 -16.96 9.24 2.94
C GLN A 55 -16.57 9.55 1.48
N LEU A 56 -15.34 9.26 1.04
CA LEU A 56 -14.91 9.58 -0.33
C LEU A 56 -15.66 8.78 -1.40
N GLU A 57 -15.90 7.48 -1.19
CA GLU A 57 -16.70 6.62 -2.07
C GLU A 57 -18.18 7.04 -2.17
N ALA A 58 -18.66 7.91 -1.28
CA ALA A 58 -19.95 8.59 -1.46
C ALA A 58 -19.96 9.73 -2.51
N GLU A 59 -18.81 10.30 -2.90
CA GLU A 59 -18.70 11.58 -3.58
C GLU A 59 -18.34 11.42 -5.08
N PRO A 60 -19.16 11.93 -6.03
CA PRO A 60 -19.00 11.69 -7.46
C PRO A 60 -18.04 12.69 -8.14
N GLY A 61 -17.28 12.17 -9.12
CA GLY A 61 -16.27 12.91 -9.89
C GLY A 61 -14.83 12.68 -9.41
N LEU A 62 -14.67 11.97 -8.28
CA LEU A 62 -13.40 11.63 -7.64
C LEU A 62 -12.88 10.25 -8.11
N PRO A 63 -11.56 9.97 -8.06
CA PRO A 63 -11.00 8.69 -8.48
C PRO A 63 -11.20 7.61 -7.39
N PRO A 64 -11.59 6.37 -7.76
CA PRO A 64 -11.66 5.25 -6.84
C PRO A 64 -10.26 4.69 -6.58
N VAL A 65 -9.86 4.68 -5.30
CA VAL A 65 -8.53 4.23 -4.84
C VAL A 65 -8.60 2.81 -4.26
N GLN A 66 -7.70 1.94 -4.69
CA GLN A 66 -7.47 0.62 -4.13
C GLN A 66 -6.36 0.69 -3.06
N PRO A 67 -6.65 0.47 -1.77
CA PRO A 67 -5.60 0.23 -0.78
C PRO A 67 -5.03 -1.17 -0.97
N VAL A 68 -3.69 -1.30 -0.97
CA VAL A 68 -3.00 -2.60 -0.83
C VAL A 68 -2.05 -2.57 0.36
N PHE A 69 -2.17 -3.58 1.21
CA PHE A 69 -1.27 -3.87 2.34
C PHE A 69 -0.27 -4.95 1.92
N ILE A 70 1.03 -4.69 2.07
CA ILE A 70 2.11 -5.64 1.76
C ILE A 70 2.71 -6.19 3.07
N THR A 71 2.97 -7.50 3.12
CA THR A 71 3.72 -8.13 4.22
C THR A 71 5.17 -7.63 4.29
N VAL A 72 5.74 -7.71 5.48
CA VAL A 72 7.17 -7.52 5.77
C VAL A 72 7.87 -8.87 6.06
N ASP A 73 7.11 -9.95 6.34
CA ASP A 73 7.61 -11.22 6.85
C ASP A 73 7.04 -12.45 6.09
N PRO A 74 7.27 -12.57 4.76
CA PRO A 74 6.62 -13.55 3.88
C PRO A 74 6.97 -15.02 4.15
N GLU A 75 7.99 -15.32 4.97
CA GLU A 75 8.32 -16.68 5.45
C GLU A 75 8.03 -16.80 6.96
N ARG A 76 6.91 -16.21 7.37
CA ARG A 76 6.37 -16.21 8.74
C ARG A 76 4.84 -16.01 8.72
N ASP A 77 4.32 -15.14 7.84
CA ASP A 77 2.90 -15.09 7.47
C ASP A 77 2.52 -16.13 6.38
N ASP A 78 1.27 -16.09 5.93
CA ASP A 78 0.69 -16.83 4.80
C ASP A 78 -0.65 -16.15 4.42
N VAL A 79 -1.28 -16.56 3.32
CA VAL A 79 -2.48 -15.88 2.78
C VAL A 79 -3.69 -15.93 3.74
N GLU A 80 -3.71 -16.86 4.70
CA GLU A 80 -4.68 -16.88 5.80
C GLU A 80 -4.53 -15.67 6.74
N ALA A 81 -3.31 -15.26 7.06
CA ALA A 81 -3.06 -14.13 7.96
C ALA A 81 -3.52 -12.82 7.30
N MET A 82 -3.13 -12.62 6.04
CA MET A 82 -3.60 -11.49 5.23
C MET A 82 -5.13 -11.50 5.10
N ALA A 83 -5.74 -12.61 4.70
CA ALA A 83 -7.20 -12.71 4.52
C ALA A 83 -7.98 -12.48 5.82
N ARG A 84 -7.46 -12.94 6.96
CA ARG A 84 -8.07 -12.69 8.27
C ARG A 84 -7.93 -11.21 8.65
N TYR A 85 -6.74 -10.61 8.54
CA TYR A 85 -6.50 -9.19 8.84
C TYR A 85 -7.28 -8.24 7.91
N VAL A 86 -7.36 -8.57 6.61
CA VAL A 86 -8.26 -7.92 5.63
C VAL A 86 -9.70 -7.88 6.14
N GLN A 87 -10.27 -9.04 6.49
CA GLN A 87 -11.67 -9.14 6.91
C GLN A 87 -11.93 -8.59 8.33
N ASP A 88 -10.92 -8.52 9.20
CA ASP A 88 -10.98 -7.94 10.55
C ASP A 88 -11.10 -6.40 10.53
N PHE A 89 -10.55 -5.77 9.49
CA PHE A 89 -10.85 -4.39 9.10
C PHE A 89 -12.23 -4.34 8.42
N HIS A 90 -12.31 -4.86 7.20
CA HIS A 90 -13.46 -4.81 6.30
C HIS A 90 -13.23 -5.67 5.04
N PRO A 91 -14.18 -6.52 4.60
CA PRO A 91 -13.94 -7.59 3.63
C PRO A 91 -13.47 -7.18 2.22
N ARG A 92 -13.48 -5.89 1.85
CA ARG A 92 -12.93 -5.40 0.57
C ARG A 92 -11.53 -4.74 0.70
N LEU A 93 -10.83 -4.90 1.82
CA LEU A 93 -9.38 -4.65 1.91
C LEU A 93 -8.60 -5.67 1.05
N LEU A 94 -7.30 -5.44 0.84
CA LEU A 94 -6.43 -6.29 0.04
C LEU A 94 -5.07 -6.45 0.73
N GLY A 95 -4.64 -7.69 0.97
CA GLY A 95 -3.34 -8.05 1.51
C GLY A 95 -2.51 -8.85 0.51
N LEU A 96 -1.21 -8.57 0.42
CA LEU A 96 -0.28 -9.14 -0.54
C LEU A 96 0.94 -9.79 0.14
N THR A 97 1.15 -11.09 -0.14
CA THR A 97 2.26 -11.92 0.35
C THR A 97 3.01 -12.57 -0.82
N GLY A 98 4.26 -13.00 -0.60
CA GLY A 98 5.12 -13.58 -1.64
C GLY A 98 6.34 -14.33 -1.10
N SER A 99 7.53 -13.88 -1.49
CA SER A 99 8.84 -14.41 -1.05
C SER A 99 9.92 -13.34 -1.27
N THR A 100 11.16 -13.59 -0.83
CA THR A 100 12.20 -12.56 -0.61
C THR A 100 12.48 -11.71 -1.85
N LYS A 101 12.87 -12.31 -2.98
CA LYS A 101 13.12 -11.55 -4.23
C LYS A 101 11.91 -10.70 -4.64
N GLN A 102 10.70 -11.23 -4.44
CA GLN A 102 9.43 -10.57 -4.78
C GLN A 102 9.08 -9.40 -3.86
N VAL A 103 9.20 -9.54 -2.53
CA VAL A 103 8.96 -8.40 -1.60
C VAL A 103 10.09 -7.35 -1.70
N ALA A 104 11.33 -7.78 -2.00
CA ALA A 104 12.45 -6.89 -2.28
C ALA A 104 12.20 -6.05 -3.53
N GLN A 105 11.87 -6.65 -4.68
CA GLN A 105 11.61 -5.87 -5.90
C GLN A 105 10.36 -4.99 -5.79
N ALA A 106 9.37 -5.34 -4.96
CA ALA A 106 8.26 -4.43 -4.62
C ALA A 106 8.77 -3.20 -3.85
N SER A 107 9.69 -3.38 -2.90
CA SER A 107 10.35 -2.26 -2.21
C SER A 107 11.21 -1.41 -3.16
N HIS A 108 11.92 -2.03 -4.12
CA HIS A 108 12.65 -1.29 -5.16
C HIS A 108 11.72 -0.59 -6.17
N SER A 109 10.51 -1.12 -6.39
CA SER A 109 9.47 -0.52 -7.23
C SER A 109 8.80 0.71 -6.60
N TYR A 110 8.78 0.79 -5.27
CA TYR A 110 8.21 1.89 -4.47
C TYR A 110 8.79 1.87 -3.04
N ARG A 111 9.91 2.57 -2.84
CA ARG A 111 10.74 2.46 -1.63
C ARG A 111 10.12 3.18 -0.43
N VAL A 112 9.13 2.52 0.17
CA VAL A 112 8.51 2.87 1.46
C VAL A 112 9.57 2.79 2.57
N TYR A 113 9.46 3.69 3.56
CA TYR A 113 10.38 3.73 4.69
C TYR A 113 10.10 2.63 5.72
N TYR A 114 11.13 1.84 6.03
CA TYR A 114 11.19 0.96 7.21
C TYR A 114 12.64 0.66 7.62
N ASN A 115 12.86 0.50 8.92
CA ASN A 115 14.18 0.25 9.53
C ASN A 115 14.01 -0.73 10.71
N ALA A 116 14.58 -1.94 10.65
CA ALA A 116 14.28 -3.04 11.58
C ALA A 116 15.29 -3.17 12.73
N GLY A 117 14.83 -3.60 13.91
CA GLY A 117 15.67 -3.89 15.07
C GLY A 117 16.05 -5.38 15.10
N PRO A 118 17.35 -5.74 15.06
CA PRO A 118 17.81 -7.13 14.90
C PRO A 118 17.68 -7.93 16.21
N LYS A 119 16.49 -8.51 16.42
CA LYS A 119 16.09 -9.22 17.64
C LYS A 119 14.76 -9.98 17.48
N ASP A 120 14.52 -10.99 18.34
CA ASP A 120 13.27 -11.76 18.38
C ASP A 120 13.15 -12.64 19.66
N GLU A 121 13.21 -11.97 20.83
CA GLU A 121 12.89 -12.54 22.14
C GLU A 121 12.61 -11.42 23.16
N ASP A 122 13.60 -10.56 23.42
CA ASP A 122 13.54 -9.35 24.27
C ASP A 122 14.94 -8.71 24.28
N GLN A 123 15.05 -7.51 23.71
CA GLN A 123 16.33 -6.93 23.25
C GLN A 123 16.29 -5.41 23.06
N ASP A 124 15.36 -4.93 22.21
CA ASP A 124 15.29 -3.57 21.65
C ASP A 124 14.06 -3.41 20.72
N TYR A 125 13.96 -2.27 20.01
CA TYR A 125 12.82 -1.88 19.16
C TYR A 125 12.41 -2.90 18.06
N ILE A 126 11.14 -2.83 17.64
CA ILE A 126 10.54 -3.72 16.62
C ILE A 126 11.01 -3.38 15.19
N VAL A 127 10.32 -2.48 14.50
CA VAL A 127 10.65 -1.90 13.20
C VAL A 127 10.12 -0.46 13.26
N ASP A 128 10.92 0.52 12.82
CA ASP A 128 10.49 1.90 12.68
C ASP A 128 9.75 2.06 11.34
N HIS A 129 8.43 2.30 11.35
CA HIS A 129 7.65 2.65 10.15
C HIS A 129 6.35 3.40 10.49
N SER A 130 6.13 4.57 9.89
CA SER A 130 4.93 5.42 10.03
C SER A 130 4.97 6.56 8.99
N ILE A 131 3.79 6.95 8.48
CA ILE A 131 3.50 8.17 7.70
C ILE A 131 4.47 8.38 6.52
N ALA A 132 4.58 7.40 5.61
CA ALA A 132 5.55 7.41 4.50
C ALA A 132 5.17 6.47 3.35
N ILE A 133 4.16 6.85 2.55
CA ILE A 133 3.63 6.00 1.45
C ILE A 133 3.37 6.79 0.16
N TYR A 134 3.20 6.08 -0.95
CA TYR A 134 3.06 6.66 -2.30
C TYR A 134 1.71 6.33 -2.97
N LEU A 135 1.39 7.08 -4.03
CA LEU A 135 0.22 6.88 -4.88
C LEU A 135 0.68 6.21 -6.19
N LEU A 136 -0.12 5.30 -6.74
CA LEU A 136 0.00 4.86 -8.13
C LEU A 136 -1.20 5.39 -8.94
N ASN A 137 -0.91 6.16 -9.99
CA ASN A 137 -1.89 6.64 -10.97
C ASN A 137 -2.37 5.50 -11.90
N PRO A 138 -3.50 5.65 -12.62
CA PRO A 138 -4.17 4.59 -13.38
C PRO A 138 -3.48 4.28 -14.72
N ASP A 139 -2.21 4.64 -14.83
CA ASP A 139 -1.34 4.41 -15.99
C ASP A 139 -0.14 3.49 -15.63
N GLY A 140 -0.01 3.12 -14.34
CA GLY A 140 1.17 2.47 -13.76
C GLY A 140 2.22 3.45 -13.22
N LEU A 141 1.86 4.74 -13.11
CA LEU A 141 2.75 5.88 -12.87
C LEU A 141 2.93 6.16 -11.37
N PHE A 142 4.18 6.10 -10.89
CA PHE A 142 4.58 6.42 -9.52
C PHE A 142 4.35 7.91 -9.20
N THR A 143 3.53 8.20 -8.20
CA THR A 143 2.91 9.52 -7.96
C THR A 143 3.12 9.96 -6.51
N ASP A 144 3.10 11.28 -6.32
CA ASP A 144 3.55 12.03 -5.13
C ASP A 144 3.00 11.55 -3.77
N TYR A 145 3.81 11.76 -2.72
CA TYR A 145 3.73 10.99 -1.48
C TYR A 145 2.84 11.57 -0.36
N TYR A 146 2.50 10.70 0.59
CA TYR A 146 1.94 11.00 1.90
C TYR A 146 3.02 10.84 2.99
N GLY A 147 3.30 11.93 3.72
CA GLY A 147 4.29 11.98 4.80
C GLY A 147 4.49 13.37 5.42
N ARG A 148 5.08 13.41 6.62
CA ARG A 148 5.14 14.58 7.52
C ARG A 148 3.76 14.85 8.16
N SER A 149 3.52 16.02 8.77
CA SER A 149 2.20 16.40 9.26
C SER A 149 1.12 16.43 8.15
N ARG A 150 0.04 15.65 8.29
CA ARG A 150 -1.08 15.53 7.35
C ARG A 150 -2.37 15.24 8.15
N SER A 151 -3.54 15.39 7.55
CA SER A 151 -4.84 15.01 8.13
C SER A 151 -5.86 14.84 6.98
N ALA A 152 -7.09 14.39 7.28
CA ALA A 152 -8.07 13.99 6.26
C ALA A 152 -8.32 15.08 5.20
N GLU A 153 -8.41 16.35 5.58
CA GLU A 153 -8.58 17.45 4.62
C GLU A 153 -7.35 17.70 3.73
N GLN A 154 -6.14 17.44 4.22
CA GLN A 154 -4.94 17.48 3.36
C GLN A 154 -4.93 16.27 2.41
N ILE A 155 -5.43 15.11 2.84
CA ILE A 155 -5.57 13.97 1.91
C ILE A 155 -6.55 14.33 0.79
N SER A 156 -7.72 14.91 1.10
CA SER A 156 -8.64 15.45 0.09
C SER A 156 -8.00 16.48 -0.84
N ASP A 157 -7.29 17.49 -0.32
CA ASP A 157 -6.63 18.51 -1.15
C ASP A 157 -5.43 17.94 -1.93
N SER A 158 -4.77 16.90 -1.43
CA SER A 158 -3.78 16.13 -2.16
C SER A 158 -4.40 15.28 -3.28
N VAL A 159 -5.52 14.58 -3.01
CA VAL A 159 -6.28 13.82 -4.03
C VAL A 159 -6.74 14.77 -5.15
N ARG A 160 -7.23 15.96 -4.78
CA ARG A 160 -7.57 17.07 -5.68
C ARG A 160 -6.37 17.53 -6.52
N ARG A 161 -5.20 17.76 -5.91
CA ARG A 161 -3.94 18.08 -6.60
C ARG A 161 -3.54 16.99 -7.60
N HIS A 162 -3.51 15.73 -7.17
CA HIS A 162 -3.01 14.61 -7.95
C HIS A 162 -3.87 14.30 -9.20
N MET A 163 -5.21 14.50 -9.13
CA MET A 163 -6.07 14.43 -10.32
C MET A 163 -5.88 15.65 -11.25
N ALA A 164 -5.72 16.86 -10.70
CA ALA A 164 -5.47 18.08 -11.47
C ALA A 164 -4.11 18.11 -12.19
N ALA A 165 -3.18 17.22 -11.80
CA ALA A 165 -1.92 16.95 -12.48
C ALA A 165 -2.03 15.95 -13.65
N PHE A 166 -3.10 15.15 -13.75
CA PHE A 166 -3.18 14.01 -14.67
C PHE A 166 -3.89 14.31 -16.01
N ARG A 167 -4.92 15.18 -16.00
CA ARG A 167 -5.71 15.60 -17.18
C ARG A 167 -6.62 14.49 -17.74
N SER A 168 -7.37 14.75 -18.82
CA SER A 168 -7.92 13.72 -19.70
C SER A 168 -7.52 13.97 -21.16
N VAL A 169 -7.25 12.91 -21.91
CA VAL A 169 -6.93 12.92 -23.37
C VAL A 169 -8.21 12.71 -24.22
N LEU A 170 -9.34 12.41 -23.58
CA LEU A 170 -10.68 12.36 -24.17
C LEU A 170 -11.53 13.39 -23.43
N SER A 171 -11.78 14.52 -24.10
CA SER A 171 -12.60 15.68 -23.68
C SER A 171 -12.59 16.78 -24.75
CU CU1 B . 3.31 -2.20 11.01
N SER A 2 17.61 6.13 -16.47
CA SER A 2 17.09 6.76 -17.70
C SER A 2 16.16 5.81 -18.44
N PHE A 3 15.25 6.35 -19.25
CA PHE A 3 13.89 5.83 -19.48
C PHE A 3 13.74 4.56 -20.38
N THR A 4 14.78 3.74 -20.50
CA THR A 4 14.75 2.43 -21.17
C THR A 4 14.33 1.33 -20.20
N GLY A 5 13.02 1.00 -20.16
CA GLY A 5 12.43 -0.01 -19.27
C GLY A 5 11.12 0.43 -18.59
N GLN A 6 10.62 -0.39 -17.66
CA GLN A 6 9.39 -0.15 -16.88
C GLN A 6 9.39 -0.83 -15.48
N GLY A 7 10.12 -1.94 -15.30
CA GLY A 7 10.23 -2.66 -14.03
C GLY A 7 8.99 -3.49 -13.71
N ASP A 8 8.93 -4.69 -14.27
CA ASP A 8 7.85 -5.66 -14.08
C ASP A 8 8.14 -6.63 -12.91
N PHE A 9 7.37 -6.47 -11.83
CA PHE A 9 7.39 -7.29 -10.61
C PHE A 9 6.18 -8.24 -10.56
N HIS A 10 6.37 -9.43 -9.98
CA HIS A 10 5.33 -10.43 -9.73
C HIS A 10 5.05 -10.60 -8.22
N LEU A 11 3.81 -10.31 -7.81
CA LEU A 11 3.31 -10.47 -6.43
C LEU A 11 2.12 -11.43 -6.38
N LEU A 12 1.73 -11.87 -5.18
CA LEU A 12 0.56 -12.70 -4.92
C LEU A 12 -0.55 -11.90 -4.25
N ASP A 13 -1.79 -12.26 -4.58
CA ASP A 13 -3.07 -11.89 -3.99
C ASP A 13 -3.37 -12.73 -2.72
N HIS A 14 -4.20 -12.24 -1.79
CA HIS A 14 -4.53 -12.95 -0.55
C HIS A 14 -5.36 -14.26 -0.71
N ARG A 15 -5.65 -14.71 -1.95
CA ARG A 15 -6.09 -16.09 -2.26
C ARG A 15 -5.02 -16.97 -2.94
N GLY A 16 -3.85 -16.40 -3.28
CA GLY A 16 -2.70 -17.08 -3.91
C GLY A 16 -2.52 -16.78 -5.41
N ARG A 17 -3.49 -16.11 -6.04
CA ARG A 17 -3.45 -15.68 -7.44
C ARG A 17 -2.28 -14.71 -7.69
N ALA A 18 -1.56 -14.85 -8.81
CA ALA A 18 -0.47 -13.93 -9.17
C ALA A 18 -1.00 -12.61 -9.78
N ARG A 19 -0.24 -11.52 -9.60
CA ARG A 19 -0.47 -10.19 -10.20
C ARG A 19 0.86 -9.60 -10.67
N CYS A 20 0.88 -9.04 -11.88
CA CYS A 20 2.00 -8.32 -12.50
C CYS A 20 1.72 -6.80 -12.51
N LYS A 21 2.70 -5.95 -12.84
CA LYS A 21 2.45 -4.51 -13.02
C LYS A 21 1.26 -4.23 -13.98
N ALA A 22 1.11 -4.98 -15.07
CA ALA A 22 -0.03 -4.94 -15.99
C ALA A 22 -1.40 -5.16 -15.32
N ASP A 23 -1.48 -5.98 -14.27
CA ASP A 23 -2.72 -6.33 -13.56
C ASP A 23 -3.21 -5.14 -12.71
N PHE A 24 -2.26 -4.41 -12.11
CA PHE A 24 -2.43 -3.14 -11.40
C PHE A 24 -2.58 -1.90 -12.29
N ARG A 25 -2.38 -2.01 -13.62
CA ARG A 25 -2.24 -0.88 -14.56
C ARG A 25 -3.60 -0.33 -15.01
N GLY A 26 -4.47 -0.05 -14.03
CA GLY A 26 -5.81 0.51 -14.18
C GLY A 26 -6.34 1.00 -12.84
N GLN A 27 -7.03 2.14 -12.87
CA GLN A 27 -7.70 2.80 -11.74
C GLN A 27 -6.72 3.63 -10.86
N TRP A 28 -7.18 4.13 -9.71
CA TRP A 28 -6.33 4.64 -8.63
C TRP A 28 -6.33 3.64 -7.47
N VAL A 29 -5.21 3.52 -6.74
CA VAL A 29 -5.13 2.79 -5.47
C VAL A 29 -4.26 3.55 -4.45
N LEU A 30 -4.51 3.31 -3.15
CA LEU A 30 -3.67 3.83 -2.06
C LEU A 30 -2.83 2.69 -1.46
N MET A 31 -1.53 2.92 -1.38
CA MET A 31 -0.52 1.90 -1.05
C MET A 31 -0.03 2.00 0.38
N TYR A 32 0.09 0.84 1.04
CA TYR A 32 0.55 0.65 2.43
C TYR A 32 1.46 -0.59 2.52
N PHE A 33 2.48 -0.55 3.40
CA PHE A 33 3.37 -1.68 3.71
C PHE A 33 3.27 -2.03 5.19
N GLY A 34 3.04 -3.32 5.52
CA GLY A 34 2.76 -3.78 6.88
C GLY A 34 3.06 -5.25 7.16
N PHE A 35 2.69 -5.67 8.38
CA PHE A 35 2.66 -7.06 8.84
C PHE A 35 1.66 -7.24 10.01
N THR A 36 1.43 -8.48 10.45
CA THR A 36 0.32 -8.85 11.37
C THR A 36 0.67 -8.66 12.86
N HIS A 37 1.53 -7.70 13.22
CA HIS A 37 1.83 -7.34 14.63
C HIS A 37 2.44 -5.94 14.78
N CYS A 38 1.92 -4.94 14.06
CA CYS A 38 2.22 -3.55 14.28
C CYS A 38 1.54 -3.04 15.57
N PRO A 39 2.03 -1.93 16.12
CA PRO A 39 1.62 -1.40 17.42
C PRO A 39 0.37 -0.51 17.32
N ASP A 40 -0.04 0.10 18.44
CA ASP A 40 -1.16 1.04 18.59
C ASP A 40 -0.96 2.41 17.90
N ILE A 41 -0.13 2.47 16.85
CA ILE A 41 0.18 3.70 16.07
C ILE A 41 -0.24 3.52 14.61
N CYS A 42 0.44 2.66 13.87
CA CYS A 42 0.28 2.39 12.43
C CYS A 42 -1.19 2.16 11.94
N PRO A 43 -2.10 1.51 12.71
CA PRO A 43 -3.51 1.34 12.32
C PRO A 43 -4.39 2.58 12.53
N ASP A 44 -3.91 3.67 13.16
CA ASP A 44 -4.60 4.98 13.09
C ASP A 44 -4.59 5.48 11.64
N GLU A 45 -3.43 5.61 11.00
CA GLU A 45 -3.29 6.00 9.60
C GLU A 45 -4.15 5.15 8.64
N LEU A 46 -4.37 3.85 8.94
CA LEU A 46 -5.32 3.01 8.21
C LEU A 46 -6.77 3.43 8.43
N GLU A 47 -7.20 3.67 9.67
CA GLU A 47 -8.58 4.13 9.93
C GLU A 47 -8.82 5.57 9.46
N LYS A 48 -7.81 6.42 9.54
CA LYS A 48 -7.72 7.76 8.94
C LYS A 48 -7.95 7.67 7.41
N LEU A 49 -7.30 6.71 6.73
CA LEU A 49 -7.62 6.28 5.36
C LEU A 49 -9.09 5.85 5.23
N VAL A 50 -9.60 4.95 6.08
CA VAL A 50 -11.03 4.52 6.07
C VAL A 50 -11.99 5.73 6.19
N GLN A 51 -11.71 6.68 7.08
CA GLN A 51 -12.47 7.92 7.27
C GLN A 51 -12.45 8.77 5.99
N VAL A 52 -11.28 8.92 5.36
CA VAL A 52 -11.14 9.63 4.08
C VAL A 52 -11.92 8.93 2.97
N VAL A 53 -11.74 7.62 2.73
CA VAL A 53 -12.40 6.93 1.60
C VAL A 53 -13.92 6.80 1.77
N ARG A 54 -14.42 6.64 3.00
CA ARG A 54 -15.88 6.66 3.28
C ARG A 54 -16.51 7.97 2.85
N GLN A 55 -15.82 9.07 3.14
CA GLN A 55 -16.26 10.41 2.72
C GLN A 55 -16.13 10.61 1.21
N LEU A 56 -15.02 10.21 0.57
CA LEU A 56 -14.84 10.37 -0.89
C LEU A 56 -15.82 9.55 -1.72
N GLU A 57 -16.20 8.35 -1.26
CA GLU A 57 -17.23 7.52 -1.88
C GLU A 57 -18.61 8.21 -1.92
N ALA A 58 -18.89 9.13 -0.99
CA ALA A 58 -20.08 10.00 -1.02
C ALA A 58 -20.02 11.16 -2.05
N GLU A 59 -18.86 11.46 -2.64
CA GLU A 59 -18.68 12.68 -3.46
C GLU A 59 -18.69 12.38 -4.97
N PRO A 60 -19.72 12.84 -5.73
CA PRO A 60 -19.85 12.54 -7.15
C PRO A 60 -18.78 13.29 -7.96
N GLY A 61 -17.98 12.51 -8.69
CA GLY A 61 -16.88 12.97 -9.54
C GLY A 61 -15.49 12.57 -9.06
N LEU A 62 -15.34 12.08 -7.83
CA LEU A 62 -14.06 11.63 -7.27
C LEU A 62 -13.66 10.23 -7.82
N PRO A 63 -12.36 9.88 -7.87
CA PRO A 63 -11.90 8.57 -8.34
C PRO A 63 -12.30 7.45 -7.36
N PRO A 64 -12.69 6.26 -7.86
CA PRO A 64 -13.01 5.11 -7.04
C PRO A 64 -11.71 4.47 -6.52
N VAL A 65 -11.17 5.03 -5.44
CA VAL A 65 -9.89 4.61 -4.85
C VAL A 65 -10.05 3.32 -4.03
N GLN A 66 -9.09 2.40 -4.16
CA GLN A 66 -9.03 1.14 -3.40
C GLN A 66 -7.74 1.09 -2.58
N PRO A 67 -7.76 0.63 -1.31
CA PRO A 67 -6.55 0.42 -0.52
C PRO A 67 -5.88 -0.92 -0.85
N VAL A 68 -4.54 -0.93 -0.89
CA VAL A 68 -3.72 -2.16 -0.93
C VAL A 68 -2.69 -2.19 0.20
N PHE A 69 -2.55 -3.35 0.85
CA PHE A 69 -1.65 -3.60 1.99
C PHE A 69 -0.65 -4.71 1.61
N ILE A 70 0.65 -4.40 1.58
CA ILE A 70 1.71 -5.35 1.16
C ILE A 70 2.48 -5.89 2.38
N THR A 71 2.70 -7.21 2.45
CA THR A 71 3.55 -7.86 3.47
C THR A 71 5.02 -7.45 3.28
N VAL A 72 5.68 -6.96 4.32
CA VAL A 72 7.10 -6.52 4.23
C VAL A 72 8.16 -7.65 4.26
N ASP A 73 7.85 -8.83 4.79
CA ASP A 73 8.77 -9.95 5.00
C ASP A 73 8.01 -11.24 5.39
N PRO A 74 8.36 -12.42 4.84
CA PRO A 74 7.63 -13.68 5.10
C PRO A 74 8.05 -14.42 6.39
N GLU A 75 9.07 -14.00 7.15
CA GLU A 75 9.52 -14.68 8.38
C GLU A 75 8.57 -14.50 9.60
N ARG A 76 7.33 -14.03 9.40
CA ARG A 76 6.32 -13.89 10.46
C ARG A 76 4.87 -14.03 9.97
N ASP A 77 4.57 -13.61 8.75
CA ASP A 77 3.21 -13.56 8.18
C ASP A 77 2.97 -14.68 7.14
N ASP A 78 1.72 -14.81 6.67
CA ASP A 78 1.28 -15.76 5.64
C ASP A 78 -0.10 -15.38 5.05
N VAL A 79 -0.54 -16.10 4.02
CA VAL A 79 -1.78 -15.85 3.26
C VAL A 79 -3.03 -15.93 4.15
N GLU A 80 -3.07 -16.91 5.07
CA GLU A 80 -4.16 -17.06 6.06
C GLU A 80 -4.27 -15.82 6.96
N ALA A 81 -3.12 -15.30 7.43
CA ALA A 81 -3.03 -14.13 8.30
C ALA A 81 -3.39 -12.83 7.56
N MET A 82 -2.89 -12.63 6.33
CA MET A 82 -3.23 -11.48 5.49
C MET A 82 -4.75 -11.40 5.22
N ALA A 83 -5.36 -12.52 4.84
CA ALA A 83 -6.82 -12.60 4.66
C ALA A 83 -7.59 -12.34 5.96
N ARG A 84 -7.06 -12.76 7.12
CA ARG A 84 -7.64 -12.43 8.43
C ARG A 84 -7.58 -10.92 8.70
N TYR A 85 -6.39 -10.30 8.55
CA TYR A 85 -6.17 -8.84 8.67
C TYR A 85 -7.11 -8.04 7.77
N VAL A 86 -7.23 -8.44 6.49
CA VAL A 86 -8.19 -7.87 5.52
C VAL A 86 -9.62 -7.89 6.08
N GLN A 87 -10.13 -9.07 6.48
CA GLN A 87 -11.53 -9.26 6.85
C GLN A 87 -11.93 -8.65 8.20
N ASP A 88 -11.02 -8.52 9.17
CA ASP A 88 -11.28 -7.83 10.44
C ASP A 88 -11.33 -6.29 10.32
N PHE A 89 -10.64 -5.71 9.32
CA PHE A 89 -10.70 -4.28 9.02
C PHE A 89 -11.98 -3.97 8.22
N HIS A 90 -12.14 -4.67 7.10
CA HIS A 90 -13.29 -4.74 6.19
C HIS A 90 -12.96 -5.59 4.95
N PRO A 91 -13.82 -6.54 4.50
CA PRO A 91 -13.54 -7.41 3.36
C PRO A 91 -13.32 -6.73 1.99
N ARG A 92 -13.47 -5.40 1.86
CA ARG A 92 -13.06 -4.64 0.66
C ARG A 92 -11.57 -4.19 0.66
N LEU A 93 -10.82 -4.46 1.74
CA LEU A 93 -9.34 -4.39 1.74
C LEU A 93 -8.75 -5.44 0.77
N LEU A 94 -7.54 -5.20 0.27
CA LEU A 94 -6.78 -6.16 -0.55
C LEU A 94 -5.36 -6.34 0.03
N GLY A 95 -5.03 -7.58 0.38
CA GLY A 95 -3.69 -7.98 0.84
C GLY A 95 -2.86 -8.50 -0.33
N LEU A 96 -1.60 -8.08 -0.39
CA LEU A 96 -0.61 -8.51 -1.38
C LEU A 96 0.65 -9.03 -0.68
N THR A 97 1.32 -10.04 -1.25
CA THR A 97 2.40 -10.79 -0.58
C THR A 97 3.29 -11.53 -1.58
N GLY A 98 4.22 -12.36 -1.10
CA GLY A 98 5.04 -13.25 -1.93
C GLY A 98 6.24 -13.88 -1.23
N SER A 99 6.92 -14.78 -1.93
CA SER A 99 8.16 -15.44 -1.47
C SER A 99 9.29 -14.43 -1.18
N THR A 100 10.33 -14.87 -0.43
CA THR A 100 11.57 -14.11 -0.22
C THR A 100 12.13 -13.56 -1.53
N LYS A 101 12.24 -14.40 -2.57
CA LYS A 101 12.72 -13.96 -3.88
C LYS A 101 11.78 -12.91 -4.55
N GLN A 102 10.47 -12.91 -4.23
CA GLN A 102 9.53 -11.87 -4.69
C GLN A 102 9.77 -10.56 -3.95
N VAL A 103 9.83 -10.58 -2.61
CA VAL A 103 10.17 -9.37 -1.81
C VAL A 103 11.52 -8.79 -2.27
N ALA A 104 12.50 -9.65 -2.57
CA ALA A 104 13.79 -9.27 -3.15
C ALA A 104 13.68 -8.67 -4.57
N GLN A 105 13.01 -9.30 -5.55
CA GLN A 105 12.92 -8.74 -6.91
C GLN A 105 12.10 -7.44 -6.97
N ALA A 106 11.10 -7.28 -6.09
CA ALA A 106 10.37 -6.02 -5.95
C ALA A 106 11.27 -4.92 -5.38
N SER A 107 11.98 -5.17 -4.28
CA SER A 107 12.88 -4.18 -3.66
C SER A 107 14.13 -3.87 -4.49
N HIS A 108 14.61 -4.81 -5.31
CA HIS A 108 15.66 -4.58 -6.30
C HIS A 108 15.16 -3.75 -7.50
N SER A 109 13.91 -3.97 -7.92
CA SER A 109 13.30 -3.22 -9.02
C SER A 109 13.00 -1.77 -8.65
N TYR A 110 12.53 -1.54 -7.42
CA TYR A 110 12.19 -0.22 -6.88
C TYR A 110 12.69 -0.05 -5.43
N ARG A 111 13.53 0.96 -5.21
CA ARG A 111 14.16 1.27 -3.91
C ARG A 111 13.13 1.78 -2.87
N VAL A 112 12.36 0.87 -2.29
CA VAL A 112 11.58 1.10 -1.06
C VAL A 112 12.51 1.26 0.15
N TYR A 113 12.11 2.05 1.16
CA TYR A 113 12.92 2.24 2.37
C TYR A 113 12.75 1.12 3.40
N TYR A 114 13.88 0.64 3.91
CA TYR A 114 14.01 -0.06 5.20
C TYR A 114 15.45 0.05 5.71
N ASN A 115 15.65 -0.22 7.01
CA ASN A 115 16.96 -0.27 7.65
C ASN A 115 16.93 -1.26 8.83
N ALA A 116 16.59 -2.51 8.53
CA ALA A 116 16.18 -3.52 9.50
C ALA A 116 17.37 -4.17 10.25
N GLY A 117 17.17 -4.43 11.56
CA GLY A 117 18.13 -5.18 12.38
C GLY A 117 17.82 -6.68 12.36
N PRO A 118 18.80 -7.56 11.97
CA PRO A 118 18.57 -9.00 11.82
C PRO A 118 18.49 -9.77 13.14
N LYS A 119 19.04 -9.21 14.23
CA LYS A 119 18.94 -9.52 15.68
C LYS A 119 20.33 -9.66 16.36
N ASP A 120 20.34 -9.49 17.68
CA ASP A 120 21.52 -9.21 18.53
C ASP A 120 21.19 -9.34 20.03
N GLU A 121 19.93 -9.11 20.38
CA GLU A 121 19.29 -9.30 21.67
C GLU A 121 17.78 -9.52 21.42
N ASP A 122 17.07 -10.07 22.42
CA ASP A 122 15.62 -10.33 22.50
C ASP A 122 15.16 -11.49 21.60
N GLN A 123 15.70 -11.54 20.38
CA GLN A 123 15.40 -12.44 19.26
C GLN A 123 14.04 -12.19 18.58
N ASP A 124 13.17 -11.36 19.15
CA ASP A 124 12.27 -10.48 18.40
C ASP A 124 11.94 -9.20 19.18
N TYR A 125 11.90 -8.09 18.46
CA TYR A 125 11.60 -6.73 18.93
C TYR A 125 10.91 -5.88 17.84
N ILE A 126 10.48 -6.51 16.73
CA ILE A 126 10.01 -5.87 15.50
C ILE A 126 11.21 -5.18 14.78
N VAL A 127 11.04 -4.00 14.20
CA VAL A 127 11.91 -3.38 13.19
C VAL A 127 11.69 -1.85 13.22
N ASP A 128 12.68 -1.04 12.83
CA ASP A 128 12.47 0.37 12.49
C ASP A 128 11.91 0.51 11.06
N HIS A 129 10.74 1.14 10.92
CA HIS A 129 10.10 1.41 9.63
C HIS A 129 9.48 2.82 9.57
N SER A 130 9.40 3.41 8.38
CA SER A 130 8.56 4.58 8.14
C SER A 130 7.08 4.14 7.95
N ILE A 131 6.14 4.98 8.35
CA ILE A 131 4.70 4.76 8.13
C ILE A 131 4.16 5.98 7.37
N ALA A 132 3.43 5.73 6.29
CA ALA A 132 2.92 6.68 5.31
C ALA A 132 2.01 5.94 4.32
N ILE A 133 1.16 6.67 3.60
CA ILE A 133 0.22 6.11 2.60
C ILE A 133 0.38 6.88 1.30
N TYR A 134 0.53 6.18 0.18
CA TYR A 134 0.92 6.79 -1.10
C TYR A 134 -0.18 6.69 -2.17
N LEU A 135 -0.26 7.69 -3.07
CA LEU A 135 -1.09 7.64 -4.27
C LEU A 135 -0.39 6.78 -5.34
N LEU A 136 -1.06 5.73 -5.81
CA LEU A 136 -0.67 4.90 -6.96
C LEU A 136 -1.74 4.97 -8.05
N ASN A 137 -1.29 5.02 -9.31
CA ASN A 137 -2.08 5.42 -10.47
C ASN A 137 -1.90 4.43 -11.67
N PRO A 138 -2.67 4.56 -12.77
CA PRO A 138 -2.99 3.47 -13.70
C PRO A 138 -1.87 3.09 -14.70
N ASP A 139 -0.63 3.54 -14.49
CA ASP A 139 0.56 3.15 -15.24
C ASP A 139 1.46 2.17 -14.44
N GLY A 140 1.12 1.93 -13.16
CA GLY A 140 1.99 1.21 -12.23
C GLY A 140 3.06 2.14 -11.65
N LEU A 141 2.63 3.35 -11.26
CA LEU A 141 3.45 4.50 -10.89
C LEU A 141 2.82 5.25 -9.70
N PHE A 142 3.65 5.96 -8.94
CA PHE A 142 3.28 6.71 -7.72
C PHE A 142 3.00 8.20 -7.99
N THR A 143 2.63 8.94 -6.93
CA THR A 143 2.46 10.41 -6.94
C THR A 143 2.94 11.00 -5.61
N ASP A 144 2.04 11.33 -4.68
CA ASP A 144 2.34 12.00 -3.40
C ASP A 144 2.16 11.05 -2.20
N TYR A 145 2.64 11.49 -1.02
CA TYR A 145 2.63 10.72 0.23
C TYR A 145 1.91 11.45 1.38
N TYR A 146 1.12 10.70 2.15
CA TYR A 146 0.36 11.17 3.31
C TYR A 146 0.92 10.57 4.62
N GLY A 147 0.90 11.34 5.71
CA GLY A 147 1.48 10.98 7.02
C GLY A 147 1.29 12.09 8.06
N ARG A 148 2.34 12.42 8.84
CA ARG A 148 2.28 13.41 9.94
C ARG A 148 1.69 14.76 9.51
N SER A 149 2.31 15.42 8.53
CA SER A 149 1.91 16.76 8.06
C SER A 149 0.78 16.66 7.00
N ARG A 150 -0.24 15.85 7.27
CA ARG A 150 -1.29 15.46 6.33
C ARG A 150 -2.46 14.84 7.11
N SER A 151 -3.28 15.69 7.70
CA SER A 151 -4.46 15.32 8.48
C SER A 151 -5.64 15.01 7.56
N ALA A 152 -6.79 14.52 8.04
CA ALA A 152 -7.92 14.16 7.16
C ALA A 152 -8.35 15.36 6.26
N GLU A 153 -8.30 16.58 6.79
CA GLU A 153 -8.52 17.82 6.06
C GLU A 153 -7.40 18.17 5.06
N GLN A 154 -6.12 17.96 5.42
CA GLN A 154 -5.03 18.17 4.45
C GLN A 154 -4.99 17.09 3.36
N ILE A 155 -5.45 15.88 3.66
CA ILE A 155 -5.62 14.79 2.68
C ILE A 155 -6.73 15.15 1.68
N SER A 156 -7.87 15.66 2.12
CA SER A 156 -8.93 16.09 1.20
C SER A 156 -8.49 17.22 0.26
N ASP A 157 -7.73 18.21 0.76
CA ASP A 157 -7.13 19.26 -0.06
C ASP A 157 -6.06 18.70 -1.01
N SER A 158 -5.27 17.72 -0.55
CA SER A 158 -4.27 17.04 -1.37
C SER A 158 -4.91 16.21 -2.49
N VAL A 159 -5.89 15.35 -2.17
CA VAL A 159 -6.64 14.55 -3.17
C VAL A 159 -7.25 15.48 -4.24
N ARG A 160 -7.87 16.60 -3.84
CA ARG A 160 -8.41 17.60 -4.78
C ARG A 160 -7.32 18.16 -5.71
N ARG A 161 -6.18 18.60 -5.17
CA ARG A 161 -5.08 19.18 -5.95
C ARG A 161 -4.46 18.14 -6.90
N HIS A 162 -4.08 16.96 -6.38
CA HIS A 162 -3.44 15.89 -7.14
C HIS A 162 -4.35 15.30 -8.24
N MET A 163 -5.68 15.33 -8.03
CA MET A 163 -6.69 15.04 -9.04
C MET A 163 -6.78 16.14 -10.10
N ALA A 164 -7.10 17.38 -9.71
CA ALA A 164 -7.44 18.46 -10.64
C ALA A 164 -6.25 18.91 -11.52
N ALA A 165 -5.02 18.65 -11.06
CA ALA A 165 -3.77 18.99 -11.75
C ALA A 165 -3.00 17.76 -12.27
N PHE A 166 -3.63 16.56 -12.33
CA PHE A 166 -2.96 15.32 -12.75
C PHE A 166 -2.34 15.46 -14.16
N ARG A 167 -1.08 15.05 -14.30
CA ARG A 167 -0.25 15.39 -15.47
C ARG A 167 -0.79 14.80 -16.78
N SER A 168 -0.79 15.62 -17.82
CA SER A 168 -0.90 15.20 -19.22
C SER A 168 -0.01 16.08 -20.11
N VAL A 169 -0.06 15.89 -21.44
CA VAL A 169 0.84 16.48 -22.45
C VAL A 169 0.78 18.01 -22.46
N LEU A 170 -0.44 18.57 -22.47
CA LEU A 170 -0.76 19.97 -22.80
C LEU A 170 -0.47 20.20 -24.28
N SER A 171 0.81 20.38 -24.60
CA SER A 171 1.49 20.53 -25.91
C SER A 171 1.84 21.98 -26.21
CU CU1 B . 4.41 -0.51 12.55
N SER A 2 21.20 -0.03 -20.63
CA SER A 2 20.82 1.01 -19.64
C SER A 2 19.46 0.70 -19.06
N PHE A 3 19.25 0.96 -17.77
CA PHE A 3 17.93 0.91 -17.13
C PHE A 3 17.60 2.22 -16.39
N THR A 4 16.41 2.26 -15.77
CA THR A 4 15.79 3.45 -15.14
C THR A 4 14.63 3.05 -14.21
N GLY A 5 14.74 1.89 -13.56
CA GLY A 5 13.66 1.25 -12.80
C GLY A 5 12.62 0.65 -13.76
N GLN A 6 11.33 0.85 -13.46
CA GLN A 6 10.19 0.65 -14.38
C GLN A 6 9.79 -0.83 -14.61
N GLY A 7 10.30 -1.78 -13.81
CA GLY A 7 10.05 -3.22 -13.95
C GLY A 7 8.78 -3.75 -13.26
N ASP A 8 8.31 -4.91 -13.70
CA ASP A 8 7.06 -5.55 -13.28
C ASP A 8 7.24 -6.61 -12.16
N PHE A 9 6.64 -6.33 -10.99
CA PHE A 9 6.68 -7.23 -9.82
C PHE A 9 5.69 -8.42 -9.93
N HIS A 10 5.97 -9.51 -9.21
CA HIS A 10 5.23 -10.78 -9.30
C HIS A 10 4.59 -11.18 -7.94
N LEU A 11 3.59 -10.41 -7.52
CA LEU A 11 2.91 -10.54 -6.22
C LEU A 11 1.58 -11.33 -6.35
N LEU A 12 0.87 -11.51 -5.23
CA LEU A 12 -0.35 -12.32 -5.17
C LEU A 12 -1.37 -11.83 -4.11
N ASP A 13 -2.62 -12.20 -4.36
CA ASP A 13 -3.80 -12.03 -3.51
C ASP A 13 -3.83 -13.12 -2.42
N HIS A 14 -4.28 -12.80 -1.21
CA HIS A 14 -4.54 -13.76 -0.13
C HIS A 14 -5.56 -14.87 -0.50
N ARG A 15 -6.38 -14.66 -1.53
CA ARG A 15 -7.25 -15.70 -2.11
C ARG A 15 -6.47 -16.76 -2.90
N GLY A 16 -5.27 -16.43 -3.40
CA GLY A 16 -4.41 -17.32 -4.20
C GLY A 16 -4.52 -17.05 -5.71
N ARG A 17 -4.15 -15.84 -6.14
CA ARG A 17 -4.15 -15.38 -7.55
C ARG A 17 -3.07 -14.32 -7.74
N ALA A 18 -2.30 -14.41 -8.83
CA ALA A 18 -1.17 -13.51 -9.08
C ALA A 18 -1.61 -12.14 -9.61
N ARG A 19 -0.80 -11.09 -9.38
CA ARG A 19 -0.97 -9.75 -9.94
C ARG A 19 0.39 -9.15 -10.36
N CYS A 20 0.39 -8.49 -11.51
CA CYS A 20 1.54 -7.80 -12.13
C CYS A 20 1.41 -6.26 -12.03
N LYS A 21 2.37 -5.51 -12.57
CA LYS A 21 2.27 -4.03 -12.60
C LYS A 21 1.14 -3.50 -13.50
N ALA A 22 0.77 -4.20 -14.57
CA ALA A 22 -0.33 -3.79 -15.46
C ALA A 22 -1.71 -3.85 -14.79
N ASP A 23 -2.01 -4.92 -14.04
CA ASP A 23 -3.27 -5.06 -13.28
C ASP A 23 -3.39 -3.99 -12.18
N PHE A 24 -2.24 -3.64 -11.58
CA PHE A 24 -2.08 -2.55 -10.62
C PHE A 24 -2.28 -1.14 -11.21
N ARG A 25 -2.43 -0.98 -12.54
CA ARG A 25 -2.64 0.34 -13.17
C ARG A 25 -4.13 0.73 -13.25
N GLY A 26 -5.04 -0.21 -13.48
CA GLY A 26 -6.43 0.00 -13.96
C GLY A 26 -7.42 0.78 -13.08
N GLN A 27 -6.98 1.35 -11.95
CA GLN A 27 -7.77 2.17 -11.04
C GLN A 27 -6.81 3.05 -10.21
N TRP A 28 -7.31 3.97 -9.38
CA TRP A 28 -6.47 4.55 -8.33
C TRP A 28 -6.12 3.45 -7.31
N VAL A 29 -4.84 3.16 -7.11
CA VAL A 29 -4.38 2.14 -6.15
C VAL A 29 -3.66 2.81 -4.97
N LEU A 30 -3.98 2.39 -3.74
CA LEU A 30 -3.43 2.90 -2.49
C LEU A 30 -2.60 1.82 -1.79
N MET A 31 -1.26 1.92 -1.84
CA MET A 31 -0.33 0.92 -1.29
C MET A 31 0.18 1.34 0.09
N TYR A 32 -0.37 0.75 1.15
CA TYR A 32 0.07 0.90 2.54
C TYR A 32 1.09 -0.20 2.92
N PHE A 33 2.23 0.21 3.47
CA PHE A 33 3.26 -0.69 3.99
C PHE A 33 3.13 -0.79 5.52
N GLY A 34 2.83 -2.01 6.00
CA GLY A 34 2.61 -2.32 7.42
C GLY A 34 3.44 -3.51 7.90
N PHE A 35 3.29 -3.86 9.16
CA PHE A 35 3.92 -5.05 9.74
C PHE A 35 2.96 -5.84 10.63
N THR A 36 2.90 -7.15 10.37
CA THR A 36 2.05 -8.17 11.02
C THR A 36 2.37 -8.39 12.50
N HIS A 37 3.24 -7.56 13.11
CA HIS A 37 3.61 -7.64 14.53
C HIS A 37 4.06 -6.28 15.10
N CYS A 38 3.46 -5.18 14.64
CA CYS A 38 3.50 -3.89 15.29
C CYS A 38 2.52 -3.86 16.48
N PRO A 39 2.59 -2.80 17.30
CA PRO A 39 1.53 -2.43 18.20
C PRO A 39 0.42 -1.68 17.45
N ASP A 40 -0.53 -1.08 18.18
CA ASP A 40 -1.75 -0.46 17.65
C ASP A 40 -1.54 0.89 16.90
N ILE A 41 -0.39 1.06 16.26
CA ILE A 41 -0.09 2.21 15.37
C ILE A 41 -0.45 1.92 13.92
N CYS A 42 -0.04 0.77 13.37
CA CYS A 42 -0.46 0.29 12.05
C CYS A 42 -2.01 0.31 11.84
N PRO A 43 -2.85 -0.14 12.82
CA PRO A 43 -4.30 -0.02 12.71
C PRO A 43 -4.88 1.37 13.02
N ASP A 44 -4.14 2.28 13.69
CA ASP A 44 -4.54 3.68 13.85
C ASP A 44 -4.45 4.39 12.49
N GLU A 45 -3.29 4.28 11.85
CA GLU A 45 -2.98 4.62 10.47
C GLU A 45 -3.97 3.97 9.49
N LEU A 46 -4.40 2.71 9.70
CA LEU A 46 -5.40 2.09 8.85
C LEU A 46 -6.80 2.69 9.04
N GLU A 47 -7.31 2.89 10.27
CA GLU A 47 -8.61 3.55 10.49
C GLU A 47 -8.57 5.01 10.00
N LYS A 48 -7.47 5.72 10.23
CA LYS A 48 -7.15 7.02 9.64
C LYS A 48 -7.37 7.00 8.11
N LEU A 49 -6.67 6.10 7.41
CA LEU A 49 -6.72 6.01 5.95
C LEU A 49 -8.04 5.45 5.42
N VAL A 50 -8.67 4.49 6.11
CA VAL A 50 -10.04 4.03 5.84
C VAL A 50 -11.05 5.16 6.03
N GLN A 51 -10.89 6.04 7.03
CA GLN A 51 -11.73 7.22 7.21
C GLN A 51 -11.55 8.19 6.04
N VAL A 52 -10.31 8.41 5.57
CA VAL A 52 -10.06 9.20 4.35
C VAL A 52 -10.78 8.58 3.14
N VAL A 53 -10.68 7.26 2.90
CA VAL A 53 -11.38 6.60 1.79
C VAL A 53 -12.91 6.75 1.91
N ARG A 54 -13.47 6.60 3.13
CA ARG A 54 -14.88 6.66 3.42
C ARG A 54 -15.44 8.10 3.31
N GLN A 55 -14.63 9.11 3.64
CA GLN A 55 -14.96 10.51 3.37
C GLN A 55 -14.93 10.82 1.86
N LEU A 56 -14.02 10.22 1.08
CA LEU A 56 -13.99 10.40 -0.37
C LEU A 56 -15.22 9.77 -1.05
N GLU A 57 -15.58 8.53 -0.72
CA GLU A 57 -16.82 7.87 -1.17
C GLU A 57 -18.13 8.65 -0.85
N ALA A 58 -18.10 9.69 0.00
CA ALA A 58 -19.28 10.48 0.36
C ALA A 58 -19.80 11.43 -0.74
N GLU A 59 -19.06 11.68 -1.83
CA GLU A 59 -19.45 12.54 -2.95
C GLU A 59 -19.49 11.73 -4.27
N PRO A 60 -20.63 11.66 -4.99
CA PRO A 60 -20.82 10.77 -6.15
C PRO A 60 -20.24 11.34 -7.47
N GLY A 61 -19.06 11.97 -7.42
CA GLY A 61 -18.37 12.60 -8.56
C GLY A 61 -16.87 12.28 -8.66
N LEU A 62 -16.44 11.19 -8.00
CA LEU A 62 -15.05 10.98 -7.56
C LEU A 62 -14.40 9.68 -8.11
N PRO A 63 -13.05 9.54 -8.08
CA PRO A 63 -12.37 8.35 -8.60
C PRO A 63 -12.36 7.21 -7.55
N PRO A 64 -12.88 6.01 -7.86
CA PRO A 64 -12.93 4.90 -6.93
C PRO A 64 -11.54 4.25 -6.78
N VAL A 65 -11.25 3.73 -5.57
CA VAL A 65 -9.90 3.36 -5.12
C VAL A 65 -9.81 1.87 -4.72
N GLN A 66 -8.65 1.26 -4.96
CA GLN A 66 -8.26 -0.06 -4.47
C GLN A 66 -7.17 0.10 -3.39
N PRO A 67 -7.52 0.02 -2.09
CA PRO A 67 -6.53 0.03 -1.01
C PRO A 67 -5.91 -1.36 -0.83
N VAL A 68 -4.59 -1.43 -0.60
CA VAL A 68 -3.88 -2.68 -0.29
C VAL A 68 -2.93 -2.50 0.90
N PHE A 69 -2.80 -3.58 1.69
CA PHE A 69 -1.78 -3.80 2.71
C PHE A 69 -0.65 -4.65 2.12
N ILE A 70 0.59 -4.17 2.27
CA ILE A 70 1.82 -4.88 1.90
C ILE A 70 2.59 -5.20 3.19
N THR A 71 2.92 -6.49 3.41
CA THR A 71 3.76 -6.94 4.53
C THR A 71 5.25 -6.89 4.19
N VAL A 72 6.08 -7.07 5.22
CA VAL A 72 7.55 -6.86 5.22
C VAL A 72 8.35 -8.01 5.88
N ASP A 73 7.68 -9.12 6.26
CA ASP A 73 8.28 -10.21 7.04
C ASP A 73 7.68 -11.58 6.65
N PRO A 74 8.43 -12.47 5.96
CA PRO A 74 7.91 -13.73 5.50
C PRO A 74 7.75 -14.80 6.59
N GLU A 75 8.29 -14.62 7.81
CA GLU A 75 8.20 -15.66 8.86
C GLU A 75 6.75 -15.82 9.34
N ARG A 76 6.06 -16.81 8.77
CA ARG A 76 4.71 -17.29 9.11
C ARG A 76 3.63 -16.26 8.72
N ASP A 77 3.93 -15.38 7.75
CA ASP A 77 2.93 -14.55 7.11
C ASP A 77 2.13 -15.37 6.09
N ASP A 78 1.20 -16.16 6.62
CA ASP A 78 0.29 -17.04 5.86
C ASP A 78 -0.97 -16.28 5.39
N VAL A 79 -1.61 -16.79 4.35
CA VAL A 79 -2.66 -16.07 3.61
C VAL A 79 -3.96 -15.89 4.41
N GLU A 80 -4.25 -16.78 5.37
CA GLU A 80 -5.37 -16.61 6.30
C GLU A 80 -5.09 -15.51 7.32
N ALA A 81 -3.84 -15.28 7.72
CA ALA A 81 -3.47 -14.17 8.61
C ALA A 81 -3.60 -12.82 7.90
N MET A 82 -3.18 -12.75 6.63
CA MET A 82 -3.47 -11.61 5.73
C MET A 82 -4.98 -11.33 5.69
N ALA A 83 -5.79 -12.35 5.36
CA ALA A 83 -7.23 -12.18 5.26
C ALA A 83 -7.96 -11.96 6.60
N ARG A 84 -7.40 -12.32 7.76
CA ARG A 84 -7.91 -11.83 9.05
C ARG A 84 -7.82 -10.29 9.09
N TYR A 85 -6.68 -9.71 8.74
CA TYR A 85 -6.52 -8.24 8.75
C TYR A 85 -7.44 -7.56 7.71
N VAL A 86 -7.60 -8.13 6.51
CA VAL A 86 -8.55 -7.56 5.52
C VAL A 86 -10.01 -7.61 6.01
N GLN A 87 -10.47 -8.71 6.62
CA GLN A 87 -11.85 -8.86 7.10
C GLN A 87 -12.19 -8.11 8.39
N ASP A 88 -11.19 -7.75 9.22
CA ASP A 88 -11.43 -7.02 10.47
C ASP A 88 -11.82 -5.56 10.19
N PHE A 89 -11.27 -4.97 9.12
CA PHE A 89 -11.66 -3.66 8.58
C PHE A 89 -12.68 -3.81 7.45
N HIS A 90 -12.25 -4.23 6.25
CA HIS A 90 -13.12 -4.29 5.06
C HIS A 90 -12.59 -5.18 3.92
N PRO A 91 -13.41 -6.06 3.31
CA PRO A 91 -12.97 -6.99 2.27
C PRO A 91 -12.54 -6.34 0.94
N ARG A 92 -12.65 -5.01 0.76
CA ARG A 92 -11.96 -4.30 -0.32
C ARG A 92 -10.43 -4.29 -0.15
N LEU A 93 -9.90 -4.45 1.07
CA LEU A 93 -8.46 -4.60 1.31
C LEU A 93 -7.92 -5.88 0.61
N LEU A 94 -6.68 -5.81 0.13
CA LEU A 94 -5.86 -6.98 -0.22
C LEU A 94 -4.68 -7.03 0.75
N GLY A 95 -4.37 -8.20 1.32
CA GLY A 95 -3.15 -8.43 2.08
C GLY A 95 -2.17 -9.23 1.23
N LEU A 96 -1.29 -8.54 0.51
CA LEU A 96 -0.38 -9.15 -0.46
C LEU A 96 1.00 -9.44 0.15
N THR A 97 1.60 -10.55 -0.28
CA THR A 97 2.77 -11.19 0.36
C THR A 97 3.56 -12.02 -0.66
N GLY A 98 4.67 -12.63 -0.23
CA GLY A 98 5.54 -13.49 -1.05
C GLY A 98 6.80 -13.93 -0.30
N SER A 99 7.96 -13.81 -0.94
CA SER A 99 9.27 -14.08 -0.33
C SER A 99 10.39 -13.28 -1.02
N THR A 100 11.67 -13.67 -0.84
CA THR A 100 12.88 -12.96 -1.30
C THR A 100 12.75 -12.36 -2.70
N LYS A 101 12.32 -13.11 -3.71
CA LYS A 101 12.15 -12.57 -5.07
C LYS A 101 11.12 -11.42 -5.14
N GLN A 102 9.98 -11.52 -4.46
CA GLN A 102 8.99 -10.44 -4.41
C GLN A 102 9.47 -9.24 -3.59
N VAL A 103 9.98 -9.47 -2.37
CA VAL A 103 10.39 -8.37 -1.48
C VAL A 103 11.63 -7.63 -2.01
N ALA A 104 12.49 -8.33 -2.78
CA ALA A 104 13.52 -7.72 -3.61
C ALA A 104 12.91 -6.89 -4.75
N GLN A 105 12.05 -7.45 -5.61
CA GLN A 105 11.40 -6.71 -6.72
C GLN A 105 10.67 -5.44 -6.25
N ALA A 106 10.01 -5.50 -5.10
CA ALA A 106 9.40 -4.32 -4.47
C ALA A 106 10.45 -3.28 -4.08
N SER A 107 11.52 -3.68 -3.40
CA SER A 107 12.60 -2.77 -2.99
C SER A 107 13.41 -2.22 -4.18
N HIS A 108 13.53 -2.97 -5.28
CA HIS A 108 14.11 -2.53 -6.55
C HIS A 108 13.20 -1.51 -7.27
N SER A 109 11.89 -1.64 -7.10
CA SER A 109 10.90 -0.67 -7.60
C SER A 109 10.92 0.64 -6.80
N TYR A 110 11.19 0.57 -5.49
CA TYR A 110 11.20 1.69 -4.56
C TYR A 110 11.93 1.33 -3.24
N ARG A 111 13.08 1.98 -2.98
CA ARG A 111 13.85 1.83 -1.74
C ARG A 111 13.12 2.48 -0.57
N VAL A 112 13.19 1.88 0.62
CA VAL A 112 12.37 2.21 1.80
C VAL A 112 13.16 1.98 3.09
N TYR A 113 12.88 2.76 4.15
CA TYR A 113 13.45 2.55 5.48
C TYR A 113 12.82 1.33 6.17
N TYR A 114 13.64 0.29 6.32
CA TYR A 114 13.29 -1.08 6.71
C TYR A 114 14.50 -1.79 7.32
N ASN A 115 14.30 -2.63 8.34
CA ASN A 115 15.35 -3.41 8.99
C ASN A 115 14.82 -4.80 9.38
N ALA A 116 15.62 -5.85 9.21
CA ALA A 116 15.22 -7.24 9.52
C ALA A 116 16.37 -8.01 10.19
N GLY A 117 16.08 -8.64 11.33
CA GLY A 117 17.08 -9.41 12.10
C GLY A 117 18.31 -8.63 12.57
N PRO A 118 18.19 -7.38 13.09
CA PRO A 118 19.33 -6.52 13.38
C PRO A 118 19.99 -6.87 14.73
N LYS A 119 20.56 -8.06 14.83
CA LYS A 119 21.19 -8.53 16.07
C LYS A 119 22.64 -8.01 16.22
N ASP A 120 22.91 -7.38 17.37
CA ASP A 120 24.08 -6.52 17.64
C ASP A 120 24.29 -6.26 19.16
N GLU A 121 23.67 -7.09 20.01
CA GLU A 121 23.52 -6.90 21.45
C GLU A 121 22.97 -8.20 22.12
N ASP A 122 21.94 -8.15 22.96
CA ASP A 122 21.40 -9.27 23.76
C ASP A 122 20.45 -10.15 22.90
N GLN A 123 20.89 -10.39 21.67
CA GLN A 123 20.18 -10.94 20.53
C GLN A 123 19.09 -9.97 20.02
N ASP A 124 18.05 -9.70 20.82
CA ASP A 124 17.14 -8.54 20.78
C ASP A 124 16.15 -8.47 19.58
N TYR A 125 16.40 -9.25 18.54
CA TYR A 125 15.93 -8.97 17.17
C TYR A 125 14.41 -9.06 16.92
N ILE A 126 13.99 -8.28 15.92
CA ILE A 126 12.66 -8.18 15.31
C ILE A 126 12.81 -7.93 13.78
N VAL A 127 11.72 -7.59 13.10
CA VAL A 127 11.70 -6.92 11.79
C VAL A 127 10.86 -5.66 11.98
N ASP A 128 11.20 -4.54 11.31
CA ASP A 128 10.42 -3.30 11.39
C ASP A 128 10.63 -2.36 10.17
N HIS A 129 9.79 -1.32 10.08
CA HIS A 129 9.64 -0.45 8.93
C HIS A 129 9.24 1.00 9.30
N SER A 130 9.43 1.95 8.39
CA SER A 130 8.76 3.25 8.46
C SER A 130 7.30 3.16 7.96
N ILE A 131 6.38 3.95 8.53
CA ILE A 131 4.94 3.92 8.19
C ILE A 131 4.63 4.83 6.99
N ALA A 132 3.95 4.31 5.98
CA ALA A 132 3.64 5.02 4.76
C ALA A 132 2.50 4.38 3.96
N ILE A 133 1.83 5.21 3.17
CA ILE A 133 0.91 4.84 2.08
C ILE A 133 1.19 5.72 0.88
N TYR A 134 1.11 5.19 -0.33
CA TYR A 134 1.36 5.89 -1.61
C TYR A 134 0.20 5.68 -2.59
N LEU A 135 -0.23 6.74 -3.31
CA LEU A 135 -1.22 6.60 -4.40
C LEU A 135 -0.56 6.41 -5.75
N LEU A 136 -1.13 5.53 -6.58
CA LEU A 136 -0.69 5.18 -7.93
C LEU A 136 -1.86 5.37 -8.90
N ASN A 137 -1.56 6.02 -10.02
CA ASN A 137 -2.50 6.48 -11.06
C ASN A 137 -2.52 5.57 -12.31
N PRO A 138 -3.68 5.43 -13.01
CA PRO A 138 -3.81 4.68 -14.27
C PRO A 138 -3.07 5.22 -15.51
N ASP A 139 -2.03 6.04 -15.36
CA ASP A 139 -1.22 6.57 -16.48
C ASP A 139 0.27 6.18 -16.39
N GLY A 140 0.74 5.69 -15.23
CA GLY A 140 2.12 5.23 -15.03
C GLY A 140 3.10 6.33 -14.58
N LEU A 141 2.59 7.49 -14.19
CA LEU A 141 3.40 8.57 -13.59
C LEU A 141 3.74 8.24 -12.12
N PHE A 142 4.76 8.89 -11.58
CA PHE A 142 4.96 8.95 -10.12
C PHE A 142 4.00 9.99 -9.50
N THR A 143 3.58 9.76 -8.25
CA THR A 143 2.61 10.60 -7.53
C THR A 143 3.11 10.92 -6.12
N ASP A 144 2.46 10.49 -5.04
CA ASP A 144 2.66 11.06 -3.69
C ASP A 144 2.23 10.11 -2.54
N TYR A 145 2.62 10.44 -1.31
CA TYR A 145 2.44 9.62 -0.11
C TYR A 145 1.73 10.36 1.05
N TYR A 146 1.08 9.62 1.96
CA TYR A 146 0.27 10.16 3.06
C TYR A 146 0.48 9.42 4.41
N GLY A 147 1.72 9.35 4.88
CA GLY A 147 2.07 8.84 6.22
C GLY A 147 1.78 9.89 7.31
N ARG A 148 2.65 10.05 8.32
CA ARG A 148 2.53 11.16 9.27
C ARG A 148 2.96 12.50 8.64
N SER A 149 2.08 13.04 7.79
CA SER A 149 2.10 14.37 7.16
C SER A 149 0.91 14.49 6.22
N ARG A 150 0.11 15.56 6.39
CA ARG A 150 -1.22 15.78 5.85
C ARG A 150 -2.26 15.01 6.66
N SER A 151 -3.28 15.70 7.12
CA SER A 151 -4.49 15.09 7.67
C SER A 151 -5.57 15.07 6.57
N ALA A 152 -6.75 14.49 6.83
CA ALA A 152 -7.74 14.16 5.78
C ALA A 152 -8.04 15.33 4.82
N GLU A 153 -8.12 16.56 5.34
CA GLU A 153 -8.32 17.77 4.54
C GLU A 153 -7.10 18.15 3.68
N GLN A 154 -5.89 18.05 4.23
CA GLN A 154 -4.66 18.36 3.50
C GLN A 154 -4.31 17.28 2.47
N ILE A 155 -4.75 16.04 2.70
CA ILE A 155 -4.76 14.95 1.71
C ILE A 155 -5.70 15.33 0.59
N SER A 156 -6.97 15.65 0.88
CA SER A 156 -7.96 16.11 -0.10
C SER A 156 -7.43 17.23 -1.00
N ASP A 157 -6.84 18.28 -0.43
CA ASP A 157 -6.24 19.39 -1.20
C ASP A 157 -5.20 18.89 -2.23
N SER A 158 -4.34 17.95 -1.80
CA SER A 158 -3.37 17.32 -2.70
C SER A 158 -4.01 16.36 -3.70
N VAL A 159 -4.99 15.54 -3.30
CA VAL A 159 -5.70 14.60 -4.19
C VAL A 159 -6.42 15.36 -5.30
N ARG A 160 -6.95 16.56 -4.99
CA ARG A 160 -7.61 17.44 -5.96
C ARG A 160 -6.62 17.92 -7.04
N ARG A 161 -5.44 18.42 -6.65
CA ARG A 161 -4.33 18.70 -7.57
C ARG A 161 -3.92 17.46 -8.37
N HIS A 162 -3.65 16.34 -7.70
CA HIS A 162 -3.10 15.14 -8.31
C HIS A 162 -4.05 14.49 -9.34
N MET A 163 -5.35 14.41 -9.05
CA MET A 163 -6.35 13.90 -10.01
C MET A 163 -6.57 14.83 -11.20
N ALA A 164 -6.50 16.16 -11.00
CA ALA A 164 -6.57 17.15 -12.07
C ALA A 164 -5.36 17.11 -13.01
N ALA A 165 -4.14 17.00 -12.47
CA ALA A 165 -2.91 16.91 -13.25
C ALA A 165 -2.79 15.58 -14.02
N PHE A 166 -3.39 14.52 -13.48
CA PHE A 166 -3.60 13.22 -14.13
C PHE A 166 -4.64 13.35 -15.26
N ARG A 167 -5.93 13.37 -14.92
CA ARG A 167 -7.10 13.29 -15.81
C ARG A 167 -8.38 13.36 -14.97
N SER A 168 -9.16 14.42 -15.15
CA SER A 168 -10.35 14.81 -14.37
C SER A 168 -10.92 16.12 -14.96
N VAL A 169 -12.06 16.61 -14.46
CA VAL A 169 -12.70 17.83 -14.96
C VAL A 169 -13.22 18.70 -13.82
N LEU A 170 -12.79 19.97 -13.83
CA LEU A 170 -13.21 21.04 -12.93
C LEU A 170 -13.34 22.31 -13.77
N SER A 171 -14.58 22.69 -14.06
CA SER A 171 -14.99 23.70 -15.05
C SER A 171 -16.50 23.83 -15.09
CU CU1 B . 3.87 -1.82 11.14
N SER A 2 7.83 -17.73 -31.67
CA SER A 2 7.00 -17.83 -30.45
C SER A 2 7.77 -17.37 -29.23
N PHE A 3 7.47 -16.16 -28.71
CA PHE A 3 8.04 -15.58 -27.48
C PHE A 3 7.39 -14.22 -27.15
N THR A 4 7.43 -13.83 -25.87
CA THR A 4 7.31 -12.43 -25.39
C THR A 4 7.90 -12.33 -23.99
N GLY A 5 8.36 -11.13 -23.63
CA GLY A 5 9.08 -10.85 -22.38
C GLY A 5 9.19 -9.36 -22.10
N GLN A 6 9.13 -8.99 -20.81
CA GLN A 6 9.11 -7.63 -20.30
C GLN A 6 9.55 -7.66 -18.82
N GLY A 7 9.58 -6.52 -18.12
CA GLY A 7 9.89 -6.42 -16.69
C GLY A 7 8.68 -6.66 -15.80
N ASP A 8 8.08 -5.56 -15.30
CA ASP A 8 6.90 -5.54 -14.40
C ASP A 8 7.28 -5.99 -12.96
N PHE A 9 6.28 -6.33 -12.14
CA PHE A 9 6.40 -7.00 -10.83
C PHE A 9 5.19 -7.96 -10.66
N HIS A 10 5.34 -9.00 -9.83
CA HIS A 10 4.40 -10.13 -9.75
C HIS A 10 4.09 -10.53 -8.30
N LEU A 11 2.81 -10.51 -7.91
CA LEU A 11 2.32 -10.87 -6.58
C LEU A 11 1.09 -11.79 -6.70
N LEU A 12 0.65 -12.37 -5.57
CA LEU A 12 -0.70 -12.93 -5.41
C LEU A 12 -1.46 -12.20 -4.30
N ASP A 13 -2.79 -12.24 -4.38
CA ASP A 13 -3.70 -11.75 -3.33
C ASP A 13 -4.05 -12.82 -2.29
N HIS A 14 -4.75 -12.40 -1.22
CA HIS A 14 -5.33 -13.26 -0.18
C HIS A 14 -6.40 -14.27 -0.66
N ARG A 15 -6.62 -14.38 -1.98
CA ARG A 15 -7.52 -15.34 -2.67
C ARG A 15 -6.73 -16.34 -3.54
N GLY A 16 -5.41 -16.15 -3.72
CA GLY A 16 -4.53 -16.98 -4.55
C GLY A 16 -4.45 -16.55 -6.02
N ARG A 17 -5.13 -15.45 -6.39
CA ARG A 17 -5.16 -14.90 -7.75
C ARG A 17 -3.85 -14.14 -8.01
N ALA A 18 -3.10 -14.53 -9.05
CA ALA A 18 -1.85 -13.86 -9.44
C ALA A 18 -2.16 -12.55 -10.20
N ARG A 19 -1.32 -11.53 -10.01
CA ARG A 19 -1.48 -10.17 -10.54
C ARG A 19 -0.13 -9.62 -11.01
N CYS A 20 -0.10 -9.01 -12.20
CA CYS A 20 1.03 -8.24 -12.71
C CYS A 20 0.93 -6.76 -12.30
N LYS A 21 2.02 -6.00 -12.39
CA LYS A 21 1.98 -4.53 -12.35
C LYS A 21 1.01 -3.95 -13.41
N ALA A 22 0.93 -4.56 -14.60
CA ALA A 22 -0.02 -4.23 -15.66
C ALA A 22 -1.49 -4.36 -15.23
N ASP A 23 -1.86 -5.35 -14.42
CA ASP A 23 -3.20 -5.48 -13.83
C ASP A 23 -3.43 -4.39 -12.75
N PHE A 24 -2.43 -4.20 -11.88
CA PHE A 24 -2.53 -3.28 -10.75
C PHE A 24 -2.67 -1.81 -11.15
N ARG A 25 -2.09 -1.42 -12.30
CA ARG A 25 -2.15 -0.07 -12.87
C ARG A 25 -3.54 0.60 -12.73
N GLY A 26 -4.62 -0.06 -13.16
CA GLY A 26 -5.90 0.58 -13.50
C GLY A 26 -6.81 1.03 -12.35
N GLN A 27 -6.31 1.80 -11.38
CA GLN A 27 -7.10 2.49 -10.34
C GLN A 27 -6.25 3.62 -9.71
N TRP A 28 -6.87 4.56 -9.00
CA TRP A 28 -6.17 5.40 -8.02
C TRP A 28 -5.98 4.59 -6.72
N VAL A 29 -4.74 4.33 -6.27
CA VAL A 29 -4.49 3.51 -5.07
C VAL A 29 -3.42 4.08 -4.14
N LEU A 30 -3.44 3.64 -2.88
CA LEU A 30 -2.40 3.87 -1.87
C LEU A 30 -1.67 2.55 -1.56
N MET A 31 -0.34 2.59 -1.44
CA MET A 31 0.49 1.42 -1.14
C MET A 31 1.09 1.48 0.27
N TYR A 32 0.60 0.62 1.17
CA TYR A 32 1.09 0.43 2.54
C TYR A 32 2.04 -0.78 2.64
N PHE A 33 2.98 -0.78 3.59
CA PHE A 33 4.02 -1.81 3.74
C PHE A 33 4.06 -2.31 5.21
N GLY A 34 3.92 -3.62 5.44
CA GLY A 34 3.85 -4.16 6.81
C GLY A 34 4.28 -5.63 7.01
N PHE A 35 4.18 -6.06 8.28
CA PHE A 35 4.60 -7.36 8.82
C PHE A 35 3.82 -7.78 10.10
N THR A 36 2.60 -7.27 10.30
CA THR A 36 1.61 -7.71 11.32
C THR A 36 2.11 -7.59 12.77
N HIS A 37 2.00 -6.37 13.31
CA HIS A 37 2.18 -5.91 14.72
C HIS A 37 2.81 -4.52 14.72
N CYS A 38 2.18 -3.55 15.40
CA CYS A 38 2.57 -2.15 15.45
C CYS A 38 2.21 -1.52 16.83
N PRO A 39 2.91 -0.46 17.28
CA PRO A 39 2.57 0.26 18.51
C PRO A 39 1.21 0.99 18.54
N ASP A 40 0.65 1.32 17.36
CA ASP A 40 -0.60 2.07 17.05
C ASP A 40 -0.36 3.10 15.91
N ILE A 41 0.46 2.76 14.91
CA ILE A 41 0.57 3.52 13.64
C ILE A 41 -0.29 2.80 12.60
N CYS A 42 0.06 1.57 12.21
CA CYS A 42 -0.68 0.75 11.23
C CYS A 42 -2.21 0.78 11.39
N PRO A 43 -2.81 0.48 12.56
CA PRO A 43 -4.26 0.48 12.71
C PRO A 43 -4.86 1.88 12.73
N ASP A 44 -4.13 2.89 13.21
CA ASP A 44 -4.62 4.26 13.29
C ASP A 44 -4.63 4.88 11.90
N GLU A 45 -3.51 4.80 11.17
CA GLU A 45 -3.33 5.17 9.78
C GLU A 45 -4.23 4.36 8.81
N LEU A 46 -4.60 3.11 9.16
CA LEU A 46 -5.67 2.39 8.45
C LEU A 46 -7.01 3.10 8.61
N GLU A 47 -7.44 3.42 9.84
CA GLU A 47 -8.68 4.16 10.06
C GLU A 47 -8.62 5.56 9.40
N LYS A 48 -7.47 6.23 9.54
CA LYS A 48 -7.12 7.50 8.92
C LYS A 48 -7.37 7.47 7.40
N LEU A 49 -6.80 6.50 6.67
CA LEU A 49 -7.07 6.32 5.24
C LEU A 49 -8.47 5.76 4.95
N VAL A 50 -9.03 4.85 5.76
CA VAL A 50 -10.38 4.29 5.55
C VAL A 50 -11.47 5.36 5.67
N GLN A 51 -11.28 6.36 6.54
CA GLN A 51 -12.10 7.57 6.57
C GLN A 51 -12.07 8.27 5.21
N VAL A 52 -10.88 8.56 4.66
CA VAL A 52 -10.72 9.19 3.34
C VAL A 52 -11.31 8.31 2.22
N VAL A 53 -11.02 6.99 2.21
CA VAL A 53 -11.52 6.03 1.20
C VAL A 53 -13.05 6.02 1.13
N ARG A 54 -13.74 5.83 2.27
CA ARG A 54 -15.21 5.80 2.33
C ARG A 54 -15.81 7.16 1.95
N GLN A 55 -15.16 8.24 2.38
CA GLN A 55 -15.56 9.60 2.05
C GLN A 55 -15.43 9.91 0.56
N LEU A 56 -14.39 9.44 -0.14
CA LEU A 56 -14.21 9.58 -1.60
C LEU A 56 -15.14 8.71 -2.44
N GLU A 57 -15.28 7.42 -2.13
CA GLU A 57 -16.13 6.50 -2.93
C GLU A 57 -17.63 6.87 -2.88
N ALA A 58 -18.03 7.81 -2.01
CA ALA A 58 -19.36 8.41 -2.01
C ALA A 58 -19.64 9.35 -3.20
N GLU A 59 -18.63 9.81 -3.94
CA GLU A 59 -18.87 10.59 -5.17
C GLU A 59 -19.18 9.64 -6.34
N PRO A 60 -20.31 9.83 -7.06
CA PRO A 60 -20.64 9.05 -8.25
C PRO A 60 -19.73 9.47 -9.41
N GLY A 61 -19.32 8.50 -10.23
CA GLY A 61 -18.46 8.69 -11.41
C GLY A 61 -16.98 8.95 -11.11
N LEU A 62 -16.64 9.39 -9.89
CA LEU A 62 -15.25 9.59 -9.43
C LEU A 62 -14.59 8.24 -9.09
N PRO A 63 -13.23 8.13 -9.13
CA PRO A 63 -12.52 6.89 -8.88
C PRO A 63 -12.68 6.46 -7.41
N PRO A 64 -13.22 5.27 -7.12
CA PRO A 64 -13.34 4.78 -5.76
C PRO A 64 -11.96 4.28 -5.29
N VAL A 65 -11.22 5.14 -4.58
CA VAL A 65 -9.80 4.91 -4.29
C VAL A 65 -9.61 3.79 -3.24
N GLN A 66 -8.44 3.16 -3.18
CA GLN A 66 -8.27 1.90 -2.43
C GLN A 66 -6.85 1.69 -1.88
N PRO A 67 -6.69 1.09 -0.68
CA PRO A 67 -5.39 0.69 -0.16
C PRO A 67 -4.99 -0.70 -0.65
N VAL A 68 -3.70 -0.87 -0.96
CA VAL A 68 -3.00 -2.16 -1.04
C VAL A 68 -2.10 -2.31 0.20
N PHE A 69 -2.11 -3.47 0.84
CA PHE A 69 -1.13 -3.87 1.85
C PHE A 69 -0.08 -4.79 1.22
N ILE A 70 1.19 -4.39 1.29
CA ILE A 70 2.34 -5.15 0.81
C ILE A 70 3.04 -5.84 2.00
N THR A 71 3.17 -7.17 1.94
CA THR A 71 3.91 -7.97 2.92
C THR A 71 5.40 -7.83 2.65
N VAL A 72 6.16 -7.21 3.56
CA VAL A 72 7.55 -6.77 3.23
C VAL A 72 8.60 -7.89 3.17
N ASP A 73 8.51 -8.91 4.04
CA ASP A 73 9.45 -10.04 4.11
C ASP A 73 8.87 -11.18 4.98
N PRO A 74 8.03 -12.07 4.42
CA PRO A 74 7.29 -13.06 5.18
C PRO A 74 8.16 -14.24 5.63
N GLU A 75 8.35 -14.32 6.96
CA GLU A 75 8.58 -15.57 7.72
C GLU A 75 7.76 -15.46 9.02
N ARG A 76 6.46 -15.19 8.85
CA ARG A 76 5.56 -14.64 9.87
C ARG A 76 4.13 -14.53 9.34
N ASP A 77 3.95 -13.72 8.30
CA ASP A 77 2.68 -13.40 7.68
C ASP A 77 2.23 -14.51 6.70
N ASP A 78 0.92 -14.73 6.61
CA ASP A 78 0.30 -15.80 5.82
C ASP A 78 -1.18 -15.51 5.50
N VAL A 79 -1.81 -16.36 4.68
CA VAL A 79 -3.18 -16.19 4.19
C VAL A 79 -4.26 -16.39 5.28
N GLU A 80 -4.00 -17.21 6.31
CA GLU A 80 -4.94 -17.37 7.45
C GLU A 80 -4.98 -16.07 8.27
N ALA A 81 -3.81 -15.46 8.53
CA ALA A 81 -3.70 -14.16 9.20
C ALA A 81 -4.24 -13.01 8.34
N MET A 82 -3.87 -12.96 7.06
CA MET A 82 -4.21 -11.86 6.14
C MET A 82 -5.72 -11.76 5.89
N ALA A 83 -6.39 -12.88 5.61
CA ALA A 83 -7.85 -12.90 5.48
C ALA A 83 -8.57 -12.39 6.74
N ARG A 84 -8.06 -12.70 7.94
CA ARG A 84 -8.61 -12.21 9.21
C ARG A 84 -8.35 -10.70 9.36
N TYR A 85 -7.14 -10.22 9.09
CA TYR A 85 -6.82 -8.78 9.01
C TYR A 85 -7.69 -8.00 8.01
N VAL A 86 -8.01 -8.58 6.84
CA VAL A 86 -8.94 -8.00 5.86
C VAL A 86 -10.38 -7.92 6.42
N GLN A 87 -10.90 -8.95 7.09
CA GLN A 87 -12.26 -8.92 7.66
C GLN A 87 -12.41 -8.05 8.93
N ASP A 88 -11.33 -7.84 9.69
CA ASP A 88 -11.31 -7.04 10.92
C ASP A 88 -11.47 -5.52 10.67
N PHE A 89 -11.25 -5.10 9.41
CA PHE A 89 -11.52 -3.75 8.91
C PHE A 89 -12.60 -3.79 7.82
N HIS A 90 -12.26 -4.26 6.61
CA HIS A 90 -13.11 -4.16 5.41
C HIS A 90 -12.58 -4.93 4.19
N PRO A 91 -13.44 -5.61 3.39
CA PRO A 91 -13.03 -6.33 2.18
C PRO A 91 -12.48 -5.46 1.03
N ARG A 92 -12.53 -4.11 1.09
CA ARG A 92 -11.74 -3.27 0.17
C ARG A 92 -10.25 -3.19 0.53
N LEU A 93 -9.81 -3.69 1.70
CA LEU A 93 -8.39 -3.92 2.01
C LEU A 93 -7.88 -5.05 1.12
N LEU A 94 -6.89 -4.78 0.27
CA LEU A 94 -6.30 -5.78 -0.63
C LEU A 94 -4.91 -6.16 -0.12
N GLY A 95 -4.76 -7.37 0.44
CA GLY A 95 -3.47 -7.88 0.91
C GLY A 95 -2.74 -8.64 -0.19
N LEU A 96 -1.46 -8.31 -0.43
CA LEU A 96 -0.57 -9.00 -1.37
C LEU A 96 0.61 -9.68 -0.66
N THR A 97 1.07 -10.79 -1.25
CA THR A 97 2.21 -11.57 -0.75
C THR A 97 2.92 -12.33 -1.87
N GLY A 98 4.02 -13.00 -1.50
CA GLY A 98 4.95 -13.76 -2.34
C GLY A 98 6.14 -14.25 -1.51
N SER A 99 7.04 -15.04 -2.10
CA SER A 99 8.24 -15.49 -1.38
C SER A 99 9.23 -14.33 -1.18
N THR A 100 10.03 -14.38 -0.09
CA THR A 100 11.07 -13.39 0.25
C THR A 100 11.96 -13.02 -0.95
N LYS A 101 12.42 -14.02 -1.72
CA LYS A 101 13.22 -13.78 -2.93
C LYS A 101 12.48 -12.99 -4.03
N GLN A 102 11.15 -13.05 -4.14
CA GLN A 102 10.36 -12.12 -4.95
C GLN A 102 10.22 -10.75 -4.27
N VAL A 103 9.60 -10.68 -3.09
CA VAL A 103 9.11 -9.40 -2.54
C VAL A 103 10.23 -8.39 -2.24
N ALA A 104 11.44 -8.86 -1.93
CA ALA A 104 12.62 -8.02 -1.73
C ALA A 104 13.09 -7.29 -3.01
N GLN A 105 12.72 -7.76 -4.21
CA GLN A 105 13.10 -7.07 -5.45
C GLN A 105 12.28 -5.79 -5.67
N ALA A 106 10.98 -5.78 -5.33
CA ALA A 106 10.16 -4.57 -5.33
C ALA A 106 10.73 -3.45 -4.44
N SER A 107 11.06 -3.71 -3.18
CA SER A 107 11.60 -2.70 -2.26
C SER A 107 12.98 -2.16 -2.68
N HIS A 108 13.84 -3.04 -3.22
CA HIS A 108 15.15 -2.69 -3.78
C HIS A 108 15.08 -1.93 -5.12
N SER A 109 14.19 -2.30 -6.04
CA SER A 109 13.99 -1.60 -7.32
C SER A 109 13.27 -0.26 -7.16
N TYR A 110 12.38 -0.13 -6.17
CA TYR A 110 11.84 1.15 -5.70
C TYR A 110 12.90 2.00 -4.98
N ARG A 111 13.88 1.34 -4.33
CA ARG A 111 14.88 1.91 -3.41
C ARG A 111 14.21 2.57 -2.18
N VAL A 112 13.35 1.82 -1.48
CA VAL A 112 12.74 2.28 -0.22
C VAL A 112 13.73 2.17 0.96
N TYR A 113 13.45 2.86 2.06
CA TYR A 113 14.20 2.72 3.30
C TYR A 113 13.80 1.41 4.04
N TYR A 114 14.64 0.37 3.93
CA TYR A 114 14.49 -0.89 4.66
C TYR A 114 15.85 -1.57 4.93
N ASN A 115 16.08 -1.99 6.17
CA ASN A 115 17.16 -2.86 6.62
C ASN A 115 16.77 -3.49 7.98
N ALA A 116 17.57 -4.40 8.54
CA ALA A 116 17.46 -4.82 9.94
C ALA A 116 18.23 -3.87 10.86
N GLY A 117 17.80 -3.79 12.14
CA GLY A 117 18.52 -3.04 13.19
C GLY A 117 19.76 -3.78 13.71
N PRO A 118 20.62 -3.11 14.51
CA PRO A 118 21.83 -3.71 15.09
C PRO A 118 21.48 -4.73 16.16
N LYS A 119 22.36 -5.72 16.35
CA LYS A 119 22.25 -6.77 17.38
C LYS A 119 23.63 -7.21 17.90
N ASP A 120 23.63 -7.89 19.05
CA ASP A 120 24.86 -8.15 19.83
C ASP A 120 24.70 -9.22 20.94
N GLU A 121 23.60 -9.98 20.91
CA GLU A 121 23.13 -10.89 21.99
C GLU A 121 21.88 -11.65 21.51
N ASP A 122 20.77 -11.65 22.26
CA ASP A 122 19.48 -12.18 21.83
C ASP A 122 18.78 -11.09 21.02
N GLN A 123 18.10 -11.50 19.95
CA GLN A 123 17.82 -10.64 18.79
C GLN A 123 16.40 -10.86 18.27
N ASP A 124 15.48 -10.82 19.23
CA ASP A 124 14.03 -10.98 19.04
C ASP A 124 13.32 -9.62 18.85
N TYR A 125 13.78 -8.84 17.86
CA TYR A 125 13.39 -7.44 17.66
C TYR A 125 12.29 -7.23 16.58
N ILE A 126 11.97 -5.96 16.29
CA ILE A 126 11.11 -5.52 15.16
C ILE A 126 11.90 -4.62 14.20
N VAL A 127 11.44 -4.51 12.95
CA VAL A 127 11.97 -3.62 11.91
C VAL A 127 11.24 -2.27 12.01
N ASP A 128 11.97 -1.15 11.91
CA ASP A 128 11.36 0.18 11.79
C ASP A 128 10.98 0.50 10.34
N HIS A 129 9.69 0.63 10.07
CA HIS A 129 9.13 0.97 8.76
C HIS A 129 9.25 2.48 8.49
N SER A 130 10.49 2.97 8.37
CA SER A 130 10.81 4.41 8.27
C SER A 130 10.61 4.97 6.85
N ILE A 131 9.40 4.78 6.31
CA ILE A 131 8.99 5.11 4.93
C ILE A 131 7.67 5.91 4.93
N ALA A 132 7.12 6.24 3.77
CA ALA A 132 5.81 6.87 3.59
C ALA A 132 4.98 6.09 2.55
N ILE A 133 3.65 6.27 2.55
CA ILE A 133 2.76 5.60 1.58
C ILE A 133 2.44 6.54 0.41
N TYR A 134 2.57 6.05 -0.82
CA TYR A 134 2.42 6.86 -2.03
C TYR A 134 1.08 6.67 -2.74
N LEU A 135 0.63 7.71 -3.45
CA LEU A 135 -0.44 7.62 -4.45
C LEU A 135 0.13 7.01 -5.74
N LEU A 136 -0.47 5.92 -6.21
CA LEU A 136 -0.19 5.28 -7.50
C LEU A 136 -1.42 5.41 -8.41
N ASN A 137 -1.19 5.84 -9.65
CA ASN A 137 -2.18 6.29 -10.62
C ASN A 137 -2.51 5.25 -11.71
N PRO A 138 -3.65 5.43 -12.43
CA PRO A 138 -4.09 4.63 -13.59
C PRO A 138 -3.16 4.56 -14.83
N ASP A 139 -1.96 5.18 -14.79
CA ASP A 139 -0.91 5.05 -15.82
C ASP A 139 0.26 4.15 -15.32
N GLY A 140 0.27 3.78 -14.03
CA GLY A 140 1.38 3.07 -13.37
C GLY A 140 2.39 4.03 -12.71
N LEU A 141 2.05 5.31 -12.60
CA LEU A 141 2.92 6.38 -12.11
C LEU A 141 2.62 6.76 -10.65
N PHE A 142 3.66 7.08 -9.87
CA PHE A 142 3.52 7.62 -8.51
C PHE A 142 3.21 9.12 -8.50
N THR A 143 2.79 9.68 -7.36
CA THR A 143 2.68 11.14 -7.15
C THR A 143 3.04 11.48 -5.70
N ASP A 144 2.05 11.72 -4.86
CA ASP A 144 2.20 12.33 -3.53
C ASP A 144 2.42 11.29 -2.41
N TYR A 145 2.90 11.73 -1.24
CA TYR A 145 3.36 10.88 -0.13
C TYR A 145 2.69 11.22 1.22
N TYR A 146 2.16 10.21 1.91
CA TYR A 146 1.36 10.36 3.13
C TYR A 146 1.80 9.42 4.27
N GLY A 147 1.19 9.60 5.45
CA GLY A 147 1.47 8.85 6.69
C GLY A 147 2.53 9.53 7.56
N ARG A 148 2.47 9.33 8.88
CA ARG A 148 3.44 9.79 9.90
C ARG A 148 3.45 11.32 10.12
N SER A 149 2.80 12.10 9.27
CA SER A 149 2.76 13.57 9.25
C SER A 149 1.59 14.06 8.38
N ARG A 150 1.30 15.37 8.37
CA ARG A 150 0.09 15.97 7.79
C ARG A 150 -1.14 15.52 8.60
N SER A 151 -2.23 15.10 7.97
CA SER A 151 -3.52 14.79 8.58
C SER A 151 -4.48 14.41 7.44
N ALA A 152 -5.55 13.62 7.70
CA ALA A 152 -6.59 13.33 6.71
C ALA A 152 -7.13 14.62 6.05
N GLU A 153 -7.11 15.73 6.79
CA GLU A 153 -7.42 17.07 6.33
C GLU A 153 -6.51 17.54 5.18
N GLN A 154 -5.21 17.72 5.43
CA GLN A 154 -4.27 18.24 4.42
C GLN A 154 -3.99 17.22 3.30
N ILE A 155 -4.14 15.93 3.56
CA ILE A 155 -4.18 14.89 2.51
C ILE A 155 -5.33 15.18 1.54
N SER A 156 -6.54 15.43 2.06
CA SER A 156 -7.71 15.69 1.21
C SER A 156 -7.59 16.95 0.35
N ASP A 157 -6.99 18.04 0.86
CA ASP A 157 -6.72 19.23 0.05
C ASP A 157 -5.57 19.03 -0.95
N SER A 158 -4.58 18.18 -0.65
CA SER A 158 -3.58 17.77 -1.63
C SER A 158 -4.22 16.93 -2.76
N VAL A 159 -4.98 15.89 -2.39
CA VAL A 159 -5.75 15.05 -3.34
C VAL A 159 -6.69 15.90 -4.21
N ARG A 160 -7.42 16.87 -3.62
CA ARG A 160 -8.24 17.88 -4.31
C ARG A 160 -7.45 18.59 -5.41
N ARG A 161 -6.28 19.16 -5.10
CA ARG A 161 -5.46 19.87 -6.09
C ARG A 161 -4.93 18.92 -7.18
N HIS A 162 -4.36 17.77 -6.83
CA HIS A 162 -3.89 16.78 -7.82
C HIS A 162 -5.01 16.33 -8.78
N MET A 163 -6.19 16.02 -8.23
CA MET A 163 -7.36 15.54 -8.97
C MET A 163 -8.01 16.62 -9.86
N ALA A 164 -7.94 17.89 -9.46
CA ALA A 164 -8.35 19.02 -10.31
C ALA A 164 -7.37 19.33 -11.47
N ALA A 165 -6.10 18.92 -11.36
CA ALA A 165 -5.01 19.33 -12.27
C ALA A 165 -4.40 18.19 -13.11
N PHE A 166 -4.78 16.93 -12.86
CA PHE A 166 -4.37 15.76 -13.64
C PHE A 166 -5.16 15.64 -14.95
N ARG A 167 -4.50 15.19 -16.02
CA ARG A 167 -5.16 14.79 -17.28
C ARG A 167 -4.31 13.82 -18.11
N SER A 168 -4.71 12.55 -18.14
CA SER A 168 -4.27 11.58 -19.16
C SER A 168 -5.45 11.18 -20.09
N VAL A 169 -6.49 10.56 -19.53
CA VAL A 169 -7.56 9.83 -20.23
C VAL A 169 -8.66 9.55 -19.22
N LEU A 170 -9.93 9.56 -19.68
CA LEU A 170 -11.17 9.52 -18.91
C LEU A 170 -11.53 10.93 -18.43
N SER A 171 -12.82 11.25 -18.51
CA SER A 171 -13.40 12.58 -18.27
C SER A 171 -14.93 12.56 -18.26
CU CU1 B . 2.94 0.66 11.87
N SER A 2 0.76 -0.46 -31.09
CA SER A 2 1.12 0.16 -29.80
C SER A 2 1.86 -0.83 -28.91
N PHE A 3 2.62 -0.40 -27.89
CA PHE A 3 3.56 -1.26 -27.17
C PHE A 3 3.87 -0.83 -25.72
N THR A 4 4.68 -1.64 -25.03
CA THR A 4 5.18 -1.49 -23.65
C THR A 4 6.31 -2.50 -23.43
N GLY A 5 7.17 -2.26 -22.44
CA GLY A 5 8.12 -3.26 -21.93
C GLY A 5 7.49 -4.16 -20.87
N GLN A 6 8.20 -5.25 -20.52
CA GLN A 6 7.89 -6.13 -19.39
C GLN A 6 8.81 -5.78 -18.20
N GLY A 7 8.83 -6.62 -17.15
CA GLY A 7 9.72 -6.52 -15.99
C GLY A 7 8.89 -6.24 -14.75
N ASP A 8 8.68 -7.25 -13.90
CA ASP A 8 7.58 -7.27 -12.93
C ASP A 8 7.66 -8.42 -11.92
N PHE A 9 7.35 -8.08 -10.67
CA PHE A 9 7.21 -8.99 -9.53
C PHE A 9 5.79 -9.57 -9.48
N HIS A 10 5.66 -10.85 -9.10
CA HIS A 10 4.40 -11.60 -9.11
C HIS A 10 4.01 -12.03 -7.68
N LEU A 11 3.38 -11.11 -6.94
CA LEU A 11 2.94 -11.35 -5.56
C LEU A 11 1.54 -11.98 -5.57
N LEU A 12 1.21 -12.73 -4.51
CA LEU A 12 -0.06 -13.46 -4.42
C LEU A 12 -1.14 -12.64 -3.71
N ASP A 13 -2.33 -12.61 -4.29
CA ASP A 13 -3.55 -12.01 -3.74
C ASP A 13 -4.22 -13.00 -2.78
N HIS A 14 -4.33 -12.60 -1.51
CA HIS A 14 -5.18 -13.15 -0.44
C HIS A 14 -4.78 -14.55 0.08
N ARG A 15 -4.48 -15.49 -0.83
CA ARG A 15 -4.15 -16.92 -0.62
C ARG A 15 -4.18 -17.81 -1.88
N GLY A 16 -4.17 -17.27 -3.12
CA GLY A 16 -4.05 -18.14 -4.31
C GLY A 16 -4.02 -17.50 -5.70
N ARG A 17 -4.59 -16.30 -5.89
CA ARG A 17 -4.41 -15.53 -7.13
C ARG A 17 -3.06 -14.80 -7.11
N ALA A 18 -2.66 -14.18 -8.22
CA ALA A 18 -1.42 -13.41 -8.29
C ALA A 18 -1.56 -12.20 -9.22
N ARG A 19 -0.80 -11.14 -8.92
CA ARG A 19 -0.89 -9.82 -9.54
C ARG A 19 0.50 -9.30 -9.95
N CYS A 20 0.51 -8.32 -10.86
CA CYS A 20 1.72 -7.78 -11.51
C CYS A 20 1.51 -6.33 -12.00
N LYS A 21 2.57 -5.71 -12.54
CA LYS A 21 2.59 -4.35 -13.10
C LYS A 21 1.37 -3.96 -13.95
N ALA A 22 0.88 -4.86 -14.80
CA ALA A 22 -0.16 -4.57 -15.80
C ALA A 22 -1.58 -4.35 -15.23
N ASP A 23 -1.94 -5.03 -14.13
CA ASP A 23 -3.34 -5.25 -13.74
C ASP A 23 -4.00 -3.98 -13.19
N PHE A 24 -3.25 -3.28 -12.35
CA PHE A 24 -3.65 -2.09 -11.59
C PHE A 24 -3.82 -0.82 -12.44
N ARG A 25 -3.42 -0.86 -13.72
CA ARG A 25 -3.52 0.26 -14.65
C ARG A 25 -5.01 0.63 -14.90
N GLY A 26 -5.33 1.93 -14.89
CA GLY A 26 -6.67 2.47 -15.21
C GLY A 26 -7.40 3.19 -14.06
N GLN A 27 -6.99 3.04 -12.80
CA GLN A 27 -7.61 3.71 -11.64
C GLN A 27 -6.53 4.19 -10.66
N TRP A 28 -6.91 5.00 -9.68
CA TRP A 28 -6.02 5.40 -8.57
C TRP A 28 -5.72 4.20 -7.66
N VAL A 29 -4.44 4.04 -7.27
CA VAL A 29 -4.03 3.01 -6.30
C VAL A 29 -3.18 3.63 -5.19
N LEU A 30 -3.42 3.20 -3.94
CA LEU A 30 -2.71 3.63 -2.74
C LEU A 30 -2.13 2.42 -2.00
N MET A 31 -0.87 2.54 -1.56
CA MET A 31 -0.09 1.44 -0.99
C MET A 31 0.61 1.82 0.31
N TYR A 32 0.69 0.86 1.25
CA TYR A 32 1.49 0.94 2.48
C TYR A 32 2.24 -0.39 2.75
N PHE A 33 3.37 -0.28 3.45
CA PHE A 33 4.29 -1.36 3.78
C PHE A 33 4.19 -1.72 5.27
N GLY A 34 3.65 -2.91 5.57
CA GLY A 34 3.23 -3.37 6.90
C GLY A 34 3.93 -4.64 7.41
N PHE A 35 3.43 -5.13 8.55
CA PHE A 35 3.71 -6.43 9.18
C PHE A 35 2.74 -6.70 10.35
N THR A 36 2.91 -7.80 11.10
CA THR A 36 1.92 -8.36 12.07
C THR A 36 1.88 -7.66 13.45
N HIS A 37 2.00 -6.32 13.51
CA HIS A 37 2.16 -5.57 14.77
C HIS A 37 1.34 -4.26 14.74
N CYS A 38 1.62 -3.35 15.68
CA CYS A 38 1.29 -1.92 15.69
C CYS A 38 -0.15 -1.64 16.21
N PRO A 39 -0.32 -1.07 17.43
CA PRO A 39 -1.61 -1.07 18.11
C PRO A 39 -2.49 0.17 17.80
N ASP A 40 -1.89 1.34 17.62
CA ASP A 40 -2.58 2.64 17.58
C ASP A 40 -1.76 3.69 16.81
N ILE A 41 -1.22 3.27 15.66
CA ILE A 41 -0.35 4.07 14.79
C ILE A 41 -0.64 3.70 13.32
N CYS A 42 -0.05 2.65 12.78
CA CYS A 42 -0.44 2.05 11.50
C CYS A 42 -1.96 1.80 11.39
N PRO A 43 -2.66 1.16 12.36
CA PRO A 43 -4.11 1.03 12.31
C PRO A 43 -4.88 2.33 12.58
N ASP A 44 -4.25 3.35 13.19
CA ASP A 44 -4.89 4.62 13.50
C ASP A 44 -5.05 5.41 12.20
N GLU A 45 -3.98 5.54 11.41
CA GLU A 45 -3.94 6.06 10.05
C GLU A 45 -4.63 5.15 9.02
N LEU A 46 -4.62 3.82 9.15
CA LEU A 46 -5.44 2.98 8.25
C LEU A 46 -6.93 3.23 8.49
N GLU A 47 -7.39 3.32 9.74
CA GLU A 47 -8.77 3.72 10.03
C GLU A 47 -9.03 5.19 9.64
N LYS A 48 -8.04 6.06 9.75
CA LYS A 48 -8.07 7.46 9.26
C LYS A 48 -8.34 7.51 7.74
N LEU A 49 -7.56 6.76 6.95
CA LEU A 49 -7.73 6.58 5.51
C LEU A 49 -9.07 5.90 5.19
N VAL A 50 -9.44 4.82 5.88
CA VAL A 50 -10.75 4.18 5.72
C VAL A 50 -11.90 5.17 6.01
N GLN A 51 -11.79 6.02 7.03
CA GLN A 51 -12.78 7.07 7.32
C GLN A 51 -12.82 8.13 6.21
N VAL A 52 -11.67 8.58 5.70
CA VAL A 52 -11.61 9.44 4.49
C VAL A 52 -12.31 8.74 3.31
N VAL A 53 -12.04 7.46 3.05
CA VAL A 53 -12.72 6.67 1.99
C VAL A 53 -14.24 6.58 2.23
N ARG A 54 -14.71 6.39 3.47
CA ARG A 54 -16.15 6.38 3.81
C ARG A 54 -16.82 7.73 3.52
N GLN A 55 -16.12 8.84 3.78
CA GLN A 55 -16.63 10.18 3.42
C GLN A 55 -16.61 10.42 1.91
N LEU A 56 -15.56 9.98 1.19
CA LEU A 56 -15.40 10.17 -0.25
C LEU A 56 -16.35 9.31 -1.09
N GLU A 57 -16.45 7.99 -0.83
CA GLU A 57 -17.37 7.07 -1.54
C GLU A 57 -18.83 7.55 -1.55
N ALA A 58 -19.24 8.33 -0.53
CA ALA A 58 -20.57 8.92 -0.46
C ALA A 58 -20.82 9.91 -1.61
N GLU A 59 -19.80 10.63 -2.09
CA GLU A 59 -19.92 11.65 -3.15
C GLU A 59 -20.27 11.04 -4.54
N PRO A 60 -20.68 11.90 -5.50
CA PRO A 60 -20.59 11.63 -6.93
C PRO A 60 -19.21 12.05 -7.48
N GLY A 61 -18.93 11.68 -8.74
CA GLY A 61 -17.79 12.20 -9.53
C GLY A 61 -16.41 11.67 -9.17
N LEU A 62 -16.27 11.06 -7.99
CA LEU A 62 -15.00 10.58 -7.42
C LEU A 62 -14.38 9.46 -8.26
N PRO A 63 -13.06 9.50 -8.57
CA PRO A 63 -12.32 8.32 -9.04
C PRO A 63 -12.15 7.34 -7.85
N PRO A 64 -12.71 6.12 -7.90
CA PRO A 64 -12.65 5.19 -6.77
C PRO A 64 -11.24 4.58 -6.65
N VAL A 65 -10.61 4.80 -5.50
CA VAL A 65 -9.25 4.35 -5.17
C VAL A 65 -9.20 2.86 -4.80
N GLN A 66 -8.15 2.15 -5.22
CA GLN A 66 -7.83 0.80 -4.74
C GLN A 66 -6.77 0.87 -3.63
N PRO A 67 -7.07 0.40 -2.40
CA PRO A 67 -6.07 0.21 -1.37
C PRO A 67 -5.38 -1.14 -1.55
N VAL A 68 -4.04 -1.18 -1.48
CA VAL A 68 -3.26 -2.43 -1.32
C VAL A 68 -2.43 -2.40 -0.03
N PHE A 69 -2.44 -3.53 0.69
CA PHE A 69 -1.57 -3.80 1.83
C PHE A 69 -0.48 -4.81 1.42
N ILE A 70 0.79 -4.47 1.65
CA ILE A 70 1.95 -5.32 1.35
C ILE A 70 2.79 -5.43 2.63
N THR A 71 3.26 -6.63 3.02
CA THR A 71 4.08 -6.82 4.22
C THR A 71 5.56 -6.99 3.86
N VAL A 72 6.46 -6.43 4.68
CA VAL A 72 7.93 -6.54 4.55
C VAL A 72 8.56 -7.66 5.41
N ASP A 73 7.73 -8.48 6.07
CA ASP A 73 8.10 -9.56 7.00
C ASP A 73 7.59 -10.92 6.47
N PRO A 74 8.43 -11.69 5.76
CA PRO A 74 8.06 -13.02 5.27
C PRO A 74 8.19 -14.11 6.34
N GLU A 75 8.63 -13.78 7.58
CA GLU A 75 8.90 -14.76 8.64
C GLU A 75 7.67 -15.01 9.51
N ARG A 76 6.96 -13.96 9.94
CA ARG A 76 5.74 -14.07 10.75
C ARG A 76 4.45 -13.75 10.00
N ASP A 77 4.50 -12.99 8.90
CA ASP A 77 3.36 -12.78 8.01
C ASP A 77 3.39 -13.77 6.83
N ASP A 78 2.23 -13.98 6.23
CA ASP A 78 1.97 -14.86 5.08
C ASP A 78 0.49 -14.81 4.65
N VAL A 79 0.12 -15.58 3.63
CA VAL A 79 -1.20 -15.50 2.98
C VAL A 79 -2.41 -15.50 3.93
N GLU A 80 -2.46 -16.36 4.95
CA GLU A 80 -3.60 -16.36 5.88
C GLU A 80 -3.61 -15.16 6.83
N ALA A 81 -2.45 -14.61 7.20
CA ALA A 81 -2.36 -13.38 7.98
C ALA A 81 -2.76 -12.16 7.12
N MET A 82 -2.41 -12.14 5.84
CA MET A 82 -2.96 -11.21 4.83
C MET A 82 -4.49 -11.30 4.75
N ALA A 83 -5.05 -12.50 4.56
CA ALA A 83 -6.49 -12.75 4.56
C ALA A 83 -7.17 -12.28 5.85
N ARG A 84 -6.57 -12.56 7.02
CA ARG A 84 -7.03 -12.07 8.32
C ARG A 84 -7.03 -10.54 8.36
N TYR A 85 -5.93 -9.87 7.98
CA TYR A 85 -5.86 -8.40 7.86
C TYR A 85 -6.97 -7.85 6.95
N VAL A 86 -7.18 -8.48 5.79
CA VAL A 86 -8.26 -8.12 4.84
C VAL A 86 -9.63 -8.24 5.50
N GLN A 87 -10.00 -9.39 6.09
CA GLN A 87 -11.33 -9.56 6.69
C GLN A 87 -11.54 -8.77 8.00
N ASP A 88 -10.48 -8.37 8.71
CA ASP A 88 -10.61 -7.55 9.92
C ASP A 88 -11.04 -6.11 9.61
N PHE A 89 -10.50 -5.52 8.53
CA PHE A 89 -10.96 -4.24 7.99
C PHE A 89 -12.23 -4.45 7.17
N HIS A 90 -12.12 -5.03 5.97
CA HIS A 90 -13.21 -5.25 5.02
C HIS A 90 -12.80 -6.16 3.84
N PRO A 91 -13.66 -7.09 3.35
CA PRO A 91 -13.33 -7.99 2.24
C PRO A 91 -13.03 -7.29 0.88
N ARG A 92 -13.19 -5.96 0.77
CA ARG A 92 -12.71 -5.18 -0.39
C ARG A 92 -11.20 -4.80 -0.30
N LEU A 93 -10.53 -4.99 0.85
CA LEU A 93 -9.06 -4.83 0.94
C LEU A 93 -8.33 -5.89 0.10
N LEU A 94 -7.22 -5.51 -0.52
CA LEU A 94 -6.28 -6.42 -1.17
C LEU A 94 -5.07 -6.64 -0.26
N GLY A 95 -4.68 -7.90 -0.06
CA GLY A 95 -3.47 -8.27 0.68
C GLY A 95 -2.51 -9.03 -0.23
N LEU A 96 -1.35 -8.44 -0.52
CA LEU A 96 -0.33 -8.99 -1.43
C LEU A 96 0.90 -9.45 -0.65
N THR A 97 1.32 -10.71 -0.85
CA THR A 97 2.42 -11.35 -0.08
C THR A 97 2.96 -12.59 -0.82
N GLY A 98 3.90 -13.30 -0.19
CA GLY A 98 4.34 -14.64 -0.58
C GLY A 98 5.66 -14.70 -1.37
N SER A 99 6.44 -15.75 -1.09
CA SER A 99 7.59 -16.25 -1.86
C SER A 99 8.84 -15.35 -1.82
N THR A 100 9.95 -15.81 -1.20
CA THR A 100 11.21 -15.04 -1.04
C THR A 100 11.71 -14.41 -2.34
N LYS A 101 11.74 -15.18 -3.44
CA LYS A 101 12.14 -14.69 -4.77
C LYS A 101 11.29 -13.50 -5.27
N GLN A 102 10.01 -13.45 -4.91
CA GLN A 102 9.09 -12.35 -5.23
C GLN A 102 9.38 -11.11 -4.37
N VAL A 103 9.29 -11.23 -3.03
CA VAL A 103 9.48 -10.07 -2.12
C VAL A 103 10.89 -9.46 -2.26
N ALA A 104 11.92 -10.26 -2.57
CA ALA A 104 13.25 -9.77 -2.92
C ALA A 104 13.23 -8.85 -4.15
N GLN A 105 12.64 -9.25 -5.27
CA GLN A 105 12.60 -8.45 -6.50
C GLN A 105 11.69 -7.22 -6.37
N ALA A 106 10.65 -7.28 -5.51
CA ALA A 106 9.91 -6.08 -5.12
C ALA A 106 10.81 -5.09 -4.36
N SER A 107 11.59 -5.55 -3.39
CA SER A 107 12.56 -4.72 -2.65
C SER A 107 13.66 -4.13 -3.56
N HIS A 108 14.12 -4.88 -4.57
CA HIS A 108 15.05 -4.41 -5.61
C HIS A 108 14.42 -3.39 -6.58
N SER A 109 13.11 -3.46 -6.80
CA SER A 109 12.33 -2.51 -7.62
C SER A 109 12.07 -1.17 -6.91
N TYR A 110 11.74 -1.22 -5.62
CA TYR A 110 11.59 -0.05 -4.75
C TYR A 110 12.91 0.31 -4.05
N ARG A 111 12.86 1.07 -2.94
CA ARG A 111 14.02 1.36 -2.08
C ARG A 111 13.52 1.75 -0.69
N VAL A 112 13.56 0.79 0.23
CA VAL A 112 12.92 0.83 1.56
C VAL A 112 13.98 0.60 2.63
N TYR A 113 13.90 1.32 3.76
CA TYR A 113 14.65 0.99 4.97
C TYR A 113 13.79 0.14 5.91
N TYR A 114 14.26 -1.05 6.26
CA TYR A 114 13.56 -2.01 7.14
C TYR A 114 14.55 -2.97 7.83
N ASN A 115 14.70 -2.83 9.15
CA ASN A 115 15.57 -3.68 9.97
C ASN A 115 15.16 -3.68 11.46
N ALA A 116 15.59 -4.71 12.19
CA ALA A 116 15.28 -4.93 13.60
C ALA A 116 16.12 -4.09 14.56
N GLY A 117 15.55 -3.82 15.74
CA GLY A 117 16.28 -3.58 16.99
C GLY A 117 16.42 -4.92 17.71
N PRO A 118 17.61 -5.58 17.68
CA PRO A 118 17.77 -6.98 18.07
C PRO A 118 17.83 -7.16 19.59
N LYS A 119 17.77 -8.42 20.02
CA LYS A 119 17.79 -8.83 21.43
C LYS A 119 18.19 -10.31 21.54
N ASP A 120 18.88 -10.66 22.63
CA ASP A 120 19.51 -11.98 22.88
C ASP A 120 19.84 -12.13 24.39
N GLU A 121 19.05 -11.44 25.19
CA GLU A 121 19.16 -11.15 26.61
C GLU A 121 17.83 -10.48 27.01
N ASP A 122 17.80 -9.57 27.98
CA ASP A 122 16.71 -8.64 28.19
C ASP A 122 17.03 -7.39 27.38
N GLN A 123 16.03 -6.92 26.65
CA GLN A 123 16.04 -5.71 25.82
C GLN A 123 14.73 -5.56 25.03
N ASP A 124 13.98 -6.67 24.89
CA ASP A 124 12.62 -6.84 24.34
C ASP A 124 12.71 -7.35 22.89
N TYR A 125 12.85 -6.45 21.91
CA TYR A 125 12.95 -6.61 20.44
C TYR A 125 11.98 -5.67 19.70
N ILE A 126 12.42 -4.97 18.64
CA ILE A 126 11.57 -4.12 17.78
C ILE A 126 11.98 -4.21 16.30
N VAL A 127 11.30 -3.49 15.41
CA VAL A 127 11.67 -3.23 14.01
C VAL A 127 11.28 -1.79 13.69
N ASP A 128 12.12 -1.06 12.96
CA ASP A 128 11.78 0.24 12.36
C ASP A 128 11.54 0.06 10.85
N HIS A 129 10.31 0.33 10.39
CA HIS A 129 9.89 0.31 8.99
C HIS A 129 9.76 1.73 8.39
N SER A 130 10.49 2.03 7.31
CA SER A 130 10.72 3.40 6.82
C SER A 130 10.59 3.53 5.28
N ILE A 131 9.40 3.96 4.83
CA ILE A 131 9.08 4.26 3.41
C ILE A 131 7.84 5.17 3.24
N ALA A 132 6.83 5.07 4.13
CA ALA A 132 5.56 5.80 4.07
C ALA A 132 4.66 5.34 2.90
N ILE A 133 3.93 6.25 2.24
CA ILE A 133 2.90 5.93 1.23
C ILE A 133 3.00 6.84 -0.01
N TYR A 134 2.75 6.25 -1.18
CA TYR A 134 2.78 6.91 -2.51
C TYR A 134 1.43 6.79 -3.24
N LEU A 135 1.06 7.79 -4.05
CA LEU A 135 -0.11 7.71 -4.95
C LEU A 135 0.30 7.26 -6.35
N LEU A 136 -0.26 6.14 -6.82
CA LEU A 136 -0.18 5.69 -8.21
C LEU A 136 -1.43 6.14 -8.98
N ASN A 137 -1.23 6.98 -9.99
CA ASN A 137 -2.25 7.50 -10.92
C ASN A 137 -2.55 6.47 -12.06
N PRO A 138 -3.65 6.64 -12.82
CA PRO A 138 -4.38 5.58 -13.54
C PRO A 138 -3.75 5.11 -14.87
N ASP A 139 -2.41 5.11 -14.96
CA ASP A 139 -1.64 4.54 -16.08
C ASP A 139 -0.24 4.06 -15.64
N GLY A 140 -0.02 3.89 -14.32
CA GLY A 140 1.26 3.45 -13.74
C GLY A 140 2.18 4.58 -13.29
N LEU A 141 1.69 5.82 -13.23
CA LEU A 141 2.49 7.01 -12.88
C LEU A 141 2.54 7.21 -11.37
N PHE A 142 3.74 7.28 -10.78
CA PHE A 142 3.92 7.72 -9.40
C PHE A 142 3.80 9.25 -9.31
N THR A 143 2.90 9.72 -8.43
CA THR A 143 2.42 11.12 -8.39
C THR A 143 3.21 11.96 -7.42
N ASP A 144 3.39 11.44 -6.20
CA ASP A 144 3.85 12.12 -4.99
C ASP A 144 3.91 11.11 -3.83
N TYR A 145 4.59 11.49 -2.74
CA TYR A 145 4.70 10.72 -1.48
C TYR A 145 4.37 11.56 -0.25
N TYR A 146 3.62 10.96 0.68
CA TYR A 146 3.11 11.61 1.89
C TYR A 146 4.06 11.38 3.09
N GLY A 147 4.42 12.45 3.79
CA GLY A 147 5.27 12.42 4.99
C GLY A 147 4.54 12.75 6.29
N ARG A 148 5.27 12.73 7.42
CA ARG A 148 4.81 12.89 8.82
C ARG A 148 4.10 14.22 9.18
N SER A 149 3.72 15.04 8.19
CA SER A 149 2.96 16.29 8.35
C SER A 149 1.65 16.19 7.52
N ARG A 150 0.60 15.64 8.14
CA ARG A 150 -0.74 15.42 7.56
C ARG A 150 -1.74 15.10 8.68
N SER A 151 -3.02 15.18 8.34
CA SER A 151 -4.14 14.59 9.05
C SER A 151 -5.30 14.49 8.03
N ALA A 152 -6.38 13.74 8.32
CA ALA A 152 -7.43 13.35 7.38
C ALA A 152 -7.88 14.46 6.41
N GLU A 153 -8.17 15.66 6.94
CA GLU A 153 -8.64 16.78 6.13
C GLU A 153 -7.54 17.33 5.20
N GLN A 154 -6.28 17.38 5.65
CA GLN A 154 -5.17 17.81 4.80
C GLN A 154 -4.83 16.76 3.73
N ILE A 155 -5.16 15.49 3.95
CA ILE A 155 -5.14 14.46 2.90
C ILE A 155 -6.29 14.69 1.92
N SER A 156 -7.50 15.05 2.36
CA SER A 156 -8.60 15.39 1.44
C SER A 156 -8.25 16.57 0.49
N ASP A 157 -7.58 17.62 1.00
CA ASP A 157 -7.10 18.73 0.18
C ASP A 157 -5.92 18.29 -0.72
N SER A 158 -5.09 17.36 -0.26
CA SER A 158 -4.03 16.76 -1.10
C SER A 158 -4.61 15.90 -2.24
N VAL A 159 -5.65 15.12 -1.95
CA VAL A 159 -6.38 14.28 -2.92
C VAL A 159 -7.07 15.16 -3.97
N ARG A 160 -7.78 16.22 -3.56
CA ARG A 160 -8.36 17.19 -4.50
C ARG A 160 -7.29 17.89 -5.34
N ARG A 161 -6.14 18.27 -4.77
CA ARG A 161 -5.00 18.81 -5.54
C ARG A 161 -4.49 17.80 -6.58
N HIS A 162 -4.10 16.60 -6.19
CA HIS A 162 -3.53 15.59 -7.10
C HIS A 162 -4.53 15.06 -8.15
N MET A 163 -5.84 15.15 -7.88
CA MET A 163 -6.90 14.96 -8.87
C MET A 163 -6.95 16.13 -9.86
N ALA A 164 -7.16 17.35 -9.39
CA ALA A 164 -7.38 18.53 -10.25
C ALA A 164 -6.13 18.97 -11.04
N ALA A 165 -4.93 18.60 -10.59
CA ALA A 165 -3.67 18.92 -11.25
C ALA A 165 -3.24 17.90 -12.34
N PHE A 166 -3.93 16.76 -12.47
CA PHE A 166 -3.45 15.65 -13.29
C PHE A 166 -3.39 15.98 -14.80
N ARG A 167 -2.35 15.44 -15.44
CA ARG A 167 -1.93 15.78 -16.81
C ARG A 167 -2.32 14.70 -17.85
N SER A 168 -2.31 13.42 -17.48
CA SER A 168 -2.54 12.29 -18.41
C SER A 168 -1.59 12.32 -19.64
N VAL A 169 -2.07 11.90 -20.83
CA VAL A 169 -1.36 12.01 -22.12
C VAL A 169 -2.06 12.96 -23.11
N LEU A 170 -3.38 13.16 -22.95
CA LEU A 170 -4.27 13.92 -23.83
C LEU A 170 -4.26 13.32 -25.24
N SER A 171 -5.01 12.22 -25.34
CA SER A 171 -5.19 11.26 -26.44
C SER A 171 -6.18 10.16 -26.00
CU CU1 B . 3.53 -0.92 11.46
N SER A 2 5.23 -19.25 -17.02
CA SER A 2 5.97 -18.08 -16.49
C SER A 2 7.03 -17.61 -17.47
N PHE A 3 6.85 -16.44 -18.10
CA PHE A 3 7.84 -15.74 -18.96
C PHE A 3 7.41 -14.30 -19.30
N THR A 4 8.34 -13.42 -19.72
CA THR A 4 8.10 -11.96 -19.83
C THR A 4 9.19 -11.22 -20.62
N GLY A 5 8.87 -10.01 -21.09
CA GLY A 5 9.80 -8.98 -21.59
C GLY A 5 10.00 -7.81 -20.62
N GLN A 6 9.45 -7.90 -19.40
CA GLN A 6 9.35 -6.83 -18.42
C GLN A 6 9.25 -7.38 -16.99
N GLY A 7 9.93 -6.72 -16.04
CA GLY A 7 9.84 -7.06 -14.60
C GLY A 7 8.50 -6.68 -13.97
N ASP A 8 7.83 -5.65 -14.52
CA ASP A 8 6.44 -5.26 -14.25
C ASP A 8 6.14 -5.17 -12.72
N PHE A 9 5.37 -6.09 -12.16
CA PHE A 9 5.61 -6.68 -10.83
C PHE A 9 4.90 -8.04 -10.73
N HIS A 10 5.25 -8.86 -9.74
CA HIS A 10 4.60 -10.16 -9.50
C HIS A 10 4.38 -10.42 -7.99
N LEU A 11 3.18 -10.11 -7.49
CA LEU A 11 2.77 -10.37 -6.11
C LEU A 11 1.43 -11.11 -6.07
N LEU A 12 1.20 -11.88 -5.00
CA LEU A 12 -0.03 -12.65 -4.76
C LEU A 12 -0.79 -12.06 -3.57
N ASP A 13 -2.12 -12.02 -3.66
CA ASP A 13 -3.01 -11.47 -2.63
C ASP A 13 -3.21 -12.42 -1.43
N HIS A 14 -3.92 -11.91 -0.42
CA HIS A 14 -4.28 -12.60 0.83
C HIS A 14 -5.13 -13.87 0.66
N ARG A 15 -5.40 -14.33 -0.57
CA ARG A 15 -5.95 -15.67 -0.85
C ARG A 15 -5.36 -16.30 -2.13
N GLY A 16 -4.18 -15.84 -2.57
CA GLY A 16 -3.31 -16.50 -3.55
C GLY A 16 -3.41 -16.00 -5.00
N ARG A 17 -4.21 -14.96 -5.30
CA ARG A 17 -4.38 -14.48 -6.67
C ARG A 17 -3.27 -13.51 -7.09
N ALA A 18 -2.68 -13.73 -8.27
CA ALA A 18 -1.54 -12.95 -8.77
C ALA A 18 -1.98 -11.65 -9.48
N ARG A 19 -1.34 -10.53 -9.11
CA ARG A 19 -1.49 -9.22 -9.77
C ARG A 19 -0.14 -8.67 -10.24
N CYS A 20 -0.16 -8.00 -11.39
CA CYS A 20 0.98 -7.35 -12.04
C CYS A 20 0.77 -5.84 -12.22
N LYS A 21 1.85 -5.08 -12.48
CA LYS A 21 1.76 -3.64 -12.80
C LYS A 21 0.83 -3.38 -14.00
N ALA A 22 0.90 -4.22 -15.03
CA ALA A 22 0.06 -4.17 -16.23
C ALA A 22 -1.45 -4.39 -15.96
N ASP A 23 -1.81 -5.17 -14.93
CA ASP A 23 -3.21 -5.38 -14.52
C ASP A 23 -3.78 -4.10 -13.86
N PHE A 24 -2.97 -3.47 -13.00
CA PHE A 24 -3.27 -2.19 -12.37
C PHE A 24 -3.22 -1.00 -13.32
N ARG A 25 -2.52 -1.11 -14.46
CA ARG A 25 -2.41 -0.05 -15.47
C ARG A 25 -3.72 0.09 -16.25
N GLY A 26 -4.68 0.74 -15.60
CA GLY A 26 -6.09 0.90 -15.97
C GLY A 26 -7.04 1.28 -14.82
N GLN A 27 -6.55 1.44 -13.58
CA GLN A 27 -7.33 1.83 -12.40
C GLN A 27 -6.46 2.71 -11.46
N TRP A 28 -7.05 3.29 -10.41
CA TRP A 28 -6.32 3.97 -9.33
C TRP A 28 -6.07 3.00 -8.17
N VAL A 29 -4.97 3.17 -7.42
CA VAL A 29 -4.69 2.37 -6.21
C VAL A 29 -3.78 3.13 -5.22
N LEU A 30 -4.00 2.89 -3.92
CA LEU A 30 -3.23 3.45 -2.81
C LEU A 30 -2.50 2.32 -2.08
N MET A 31 -1.17 2.44 -1.92
CA MET A 31 -0.28 1.36 -1.44
C MET A 31 0.52 1.79 -0.21
N TYR A 32 0.34 1.10 0.92
CA TYR A 32 1.05 1.35 2.19
C TYR A 32 2.05 0.23 2.50
N PHE A 33 3.30 0.58 2.84
CA PHE A 33 4.34 -0.38 3.23
C PHE A 33 4.25 -0.69 4.74
N GLY A 34 3.75 -1.88 5.07
CA GLY A 34 3.37 -2.33 6.42
C GLY A 34 3.85 -3.73 6.79
N PHE A 35 3.50 -4.17 8.00
CA PHE A 35 3.86 -5.48 8.55
C PHE A 35 2.86 -5.98 9.61
N THR A 36 2.66 -7.30 9.69
CA THR A 36 1.50 -7.95 10.34
C THR A 36 1.47 -7.88 11.87
N HIS A 37 2.39 -7.13 12.51
CA HIS A 37 2.26 -6.65 13.89
C HIS A 37 3.14 -5.41 14.05
N CYS A 38 2.50 -4.28 14.35
CA CYS A 38 3.08 -2.97 14.64
C CYS A 38 2.74 -2.56 16.09
N PRO A 39 3.26 -1.43 16.60
CA PRO A 39 2.61 -0.65 17.64
C PRO A 39 1.33 0.03 17.10
N ASP A 40 1.06 1.28 17.48
CA ASP A 40 -0.21 1.98 17.22
C ASP A 40 -0.26 2.67 15.84
N ILE A 41 0.50 2.21 14.85
CA ILE A 41 0.55 2.87 13.53
C ILE A 41 -0.32 2.08 12.56
N CYS A 42 0.18 0.96 12.00
CA CYS A 42 -0.52 0.14 11.02
C CYS A 42 -2.05 -0.05 11.25
N PRO A 43 -2.54 -0.52 12.42
CA PRO A 43 -3.96 -0.81 12.62
C PRO A 43 -4.82 0.44 12.90
N ASP A 44 -4.26 1.47 13.53
CA ASP A 44 -4.93 2.74 13.79
C ASP A 44 -5.02 3.54 12.49
N GLU A 45 -3.90 3.65 11.78
CA GLU A 45 -3.79 4.29 10.49
C GLU A 45 -4.60 3.56 9.41
N LEU A 46 -4.82 2.24 9.51
CA LEU A 46 -5.77 1.54 8.65
C LEU A 46 -7.19 2.10 8.84
N GLU A 47 -7.66 2.28 10.07
CA GLU A 47 -8.96 2.91 10.36
C GLU A 47 -8.99 4.38 9.88
N LYS A 48 -7.92 5.12 10.20
CA LYS A 48 -7.70 6.51 9.81
C LYS A 48 -7.78 6.70 8.28
N LEU A 49 -7.17 5.82 7.50
CA LEU A 49 -7.24 5.74 6.04
C LEU A 49 -8.61 5.24 5.57
N VAL A 50 -9.14 4.13 6.10
CA VAL A 50 -10.42 3.55 5.67
C VAL A 50 -11.58 4.54 5.86
N GLN A 51 -11.52 5.43 6.88
CA GLN A 51 -12.44 6.55 7.01
C GLN A 51 -12.32 7.55 5.83
N VAL A 52 -11.11 7.89 5.39
CA VAL A 52 -10.88 8.75 4.22
C VAL A 52 -11.26 8.05 2.91
N VAL A 53 -11.01 6.75 2.77
CA VAL A 53 -11.48 5.95 1.61
C VAL A 53 -13.02 5.99 1.52
N ARG A 54 -13.73 5.91 2.67
CA ARG A 54 -15.17 6.11 2.77
C ARG A 54 -15.60 7.49 2.26
N GLN A 55 -14.97 8.55 2.77
CA GLN A 55 -15.18 9.94 2.32
C GLN A 55 -15.00 10.08 0.78
N LEU A 56 -13.97 9.49 0.19
CA LEU A 56 -13.70 9.58 -1.26
C LEU A 56 -14.69 8.77 -2.12
N GLU A 57 -15.34 7.74 -1.56
CA GLU A 57 -16.52 7.08 -2.13
C GLU A 57 -17.79 7.94 -2.06
N ALA A 58 -17.85 8.97 -1.20
CA ALA A 58 -18.99 9.89 -1.06
C ALA A 58 -19.09 10.99 -2.13
N GLU A 59 -18.05 11.83 -2.32
CA GLU A 59 -18.20 13.08 -3.09
C GLU A 59 -17.86 12.93 -4.62
N PRO A 60 -18.48 13.73 -5.51
CA PRO A 60 -18.63 13.37 -6.93
C PRO A 60 -17.46 13.83 -7.81
N GLY A 61 -17.30 13.16 -8.95
CA GLY A 61 -16.27 13.46 -9.97
C GLY A 61 -14.91 12.80 -9.67
N LEU A 62 -14.76 12.17 -8.51
CA LEU A 62 -13.53 11.54 -8.02
C LEU A 62 -13.18 10.25 -8.80
N PRO A 63 -11.90 9.83 -8.81
CA PRO A 63 -11.50 8.50 -9.24
C PRO A 63 -11.83 7.47 -8.14
N PRO A 64 -12.30 6.26 -8.48
CA PRO A 64 -12.47 5.18 -7.51
C PRO A 64 -11.10 4.60 -7.14
N VAL A 65 -10.90 4.28 -5.87
CA VAL A 65 -9.61 3.85 -5.29
C VAL A 65 -9.83 2.78 -4.22
N GLN A 66 -8.83 1.93 -3.99
CA GLN A 66 -8.82 0.93 -2.92
C GLN A 66 -7.45 0.97 -2.22
N PRO A 67 -7.40 0.80 -0.88
CA PRO A 67 -6.14 0.66 -0.15
C PRO A 67 -5.59 -0.76 -0.27
N VAL A 68 -4.27 -0.86 -0.45
CA VAL A 68 -3.50 -2.11 -0.46
C VAL A 68 -2.40 -2.08 0.60
N PHE A 69 -2.31 -3.16 1.39
CA PHE A 69 -1.27 -3.40 2.39
C PHE A 69 -0.11 -4.19 1.78
N ILE A 70 1.05 -3.53 1.64
CA ILE A 70 2.27 -4.12 1.07
C ILE A 70 3.14 -4.67 2.22
N THR A 71 3.14 -6.00 2.39
CA THR A 71 3.84 -6.71 3.48
C THR A 71 5.35 -6.69 3.26
N VAL A 72 6.06 -5.91 4.08
CA VAL A 72 7.51 -5.65 3.92
C VAL A 72 8.43 -6.88 4.11
N ASP A 73 8.11 -7.80 5.04
CA ASP A 73 8.99 -8.94 5.38
C ASP A 73 8.22 -10.24 5.75
N PRO A 74 7.68 -10.96 4.75
CA PRO A 74 6.86 -12.16 4.93
C PRO A 74 7.70 -13.43 5.20
N GLU A 75 8.50 -13.40 6.29
CA GLU A 75 9.04 -14.60 6.96
C GLU A 75 8.33 -14.84 8.31
N ARG A 76 7.04 -14.50 8.37
CA ARG A 76 6.21 -14.41 9.58
C ARG A 76 4.73 -14.23 9.27
N ASP A 77 4.42 -13.45 8.23
CA ASP A 77 3.08 -13.30 7.63
C ASP A 77 2.55 -14.63 7.06
N ASP A 78 1.23 -14.72 6.87
CA ASP A 78 0.52 -15.94 6.51
C ASP A 78 -0.81 -15.66 5.79
N VAL A 79 -1.12 -16.47 4.77
CA VAL A 79 -2.29 -16.28 3.90
C VAL A 79 -3.61 -16.38 4.69
N GLU A 80 -3.72 -17.34 5.61
CA GLU A 80 -4.89 -17.51 6.48
C GLU A 80 -4.96 -16.38 7.53
N ALA A 81 -3.82 -15.96 8.08
CA ALA A 81 -3.76 -14.82 9.01
C ALA A 81 -4.27 -13.52 8.36
N MET A 82 -3.77 -13.18 7.17
CA MET A 82 -4.18 -11.97 6.44
C MET A 82 -5.64 -12.06 5.97
N ALA A 83 -6.10 -13.21 5.46
CA ALA A 83 -7.50 -13.44 5.13
C ALA A 83 -8.43 -13.24 6.34
N ARG A 84 -8.03 -13.71 7.52
CA ARG A 84 -8.78 -13.49 8.77
C ARG A 84 -8.79 -12.00 9.15
N TYR A 85 -7.66 -11.30 9.06
CA TYR A 85 -7.57 -9.85 9.35
C TYR A 85 -8.35 -8.98 8.34
N VAL A 86 -8.33 -9.33 7.05
CA VAL A 86 -9.16 -8.71 6.00
C VAL A 86 -10.65 -8.77 6.35
N GLN A 87 -11.13 -9.92 6.83
CA GLN A 87 -12.52 -10.08 7.29
C GLN A 87 -12.81 -9.37 8.62
N ASP A 88 -11.81 -9.19 9.51
CA ASP A 88 -11.99 -8.53 10.81
C ASP A 88 -12.23 -7.02 10.70
N PHE A 89 -11.65 -6.37 9.67
CA PHE A 89 -11.81 -4.95 9.35
C PHE A 89 -12.90 -4.76 8.29
N HIS A 90 -12.64 -5.17 7.04
CA HIS A 90 -13.59 -5.10 5.92
C HIS A 90 -13.11 -5.88 4.66
N PRO A 91 -13.93 -6.78 4.06
CA PRO A 91 -13.51 -7.66 2.98
C PRO A 91 -13.23 -6.99 1.63
N ARG A 92 -13.36 -5.66 1.50
CA ARG A 92 -12.86 -4.90 0.33
C ARG A 92 -11.43 -4.34 0.50
N LEU A 93 -10.79 -4.49 1.66
CA LEU A 93 -9.35 -4.23 1.81
C LEU A 93 -8.53 -5.41 1.26
N LEU A 94 -7.27 -5.18 0.87
CA LEU A 94 -6.40 -6.21 0.29
C LEU A 94 -5.00 -6.14 0.91
N GLY A 95 -4.39 -7.30 1.14
CA GLY A 95 -2.96 -7.44 1.45
C GLY A 95 -2.27 -8.39 0.46
N LEU A 96 -0.94 -8.37 0.41
CA LEU A 96 -0.13 -9.33 -0.36
C LEU A 96 0.64 -10.24 0.59
N THR A 97 0.68 -11.55 0.29
CA THR A 97 1.48 -12.55 1.02
C THR A 97 2.29 -13.37 0.02
N GLY A 98 3.33 -12.73 -0.53
CA GLY A 98 4.32 -13.35 -1.42
C GLY A 98 5.57 -13.80 -0.67
N SER A 99 6.50 -14.47 -1.34
CA SER A 99 7.80 -14.80 -0.74
C SER A 99 8.70 -13.57 -0.58
N THR A 100 9.51 -13.56 0.49
CA THR A 100 10.56 -12.58 0.78
C THR A 100 11.41 -12.25 -0.44
N LYS A 101 12.01 -13.26 -1.09
CA LYS A 101 12.83 -13.04 -2.30
C LYS A 101 12.10 -12.27 -3.42
N GLN A 102 10.79 -12.49 -3.60
CA GLN A 102 9.96 -11.73 -4.54
C GLN A 102 9.68 -10.32 -4.01
N VAL A 103 9.07 -10.17 -2.83
CA VAL A 103 8.62 -8.83 -2.36
C VAL A 103 9.79 -7.88 -2.10
N ALA A 104 10.98 -8.41 -1.80
CA ALA A 104 12.23 -7.64 -1.73
C ALA A 104 12.58 -6.92 -3.05
N GLN A 105 12.14 -7.40 -4.22
CA GLN A 105 12.36 -6.67 -5.49
C GLN A 105 11.44 -5.44 -5.62
N ALA A 106 10.18 -5.54 -5.17
CA ALA A 106 9.32 -4.38 -5.00
C ALA A 106 9.92 -3.37 -4.00
N SER A 107 10.45 -3.80 -2.87
CA SER A 107 11.13 -2.90 -1.90
C SER A 107 12.47 -2.35 -2.41
N HIS A 108 13.23 -3.09 -3.22
CA HIS A 108 14.42 -2.60 -3.92
C HIS A 108 14.08 -1.63 -5.08
N SER A 109 12.84 -1.65 -5.56
CA SER A 109 12.25 -0.60 -6.40
C SER A 109 11.84 0.62 -5.56
N TYR A 110 10.84 0.47 -4.69
CA TYR A 110 10.39 1.47 -3.72
C TYR A 110 11.31 1.49 -2.48
N ARG A 111 12.53 2.04 -2.63
CA ARG A 111 13.61 2.02 -1.63
C ARG A 111 13.29 2.82 -0.34
N VAL A 112 12.35 2.31 0.44
CA VAL A 112 11.92 2.80 1.75
C VAL A 112 12.79 2.20 2.88
N TYR A 113 13.06 2.97 3.93
CA TYR A 113 13.83 2.50 5.08
C TYR A 113 13.05 1.54 6.00
N TYR A 114 13.76 0.52 6.49
CA TYR A 114 13.46 -0.18 7.73
C TYR A 114 14.77 -0.62 8.40
N ASN A 115 14.80 -0.71 9.72
CA ASN A 115 15.97 -1.12 10.50
C ASN A 115 15.55 -1.90 11.74
N ALA A 116 16.42 -2.79 12.22
CA ALA A 116 16.19 -3.56 13.44
C ALA A 116 16.87 -2.91 14.65
N GLY A 117 16.27 -3.09 15.83
CA GLY A 117 17.01 -3.01 17.09
C GLY A 117 17.71 -4.35 17.32
N PRO A 118 19.02 -4.40 17.66
CA PRO A 118 19.68 -5.65 17.99
C PRO A 118 19.18 -6.18 19.34
N LYS A 119 19.25 -7.49 19.54
CA LYS A 119 18.91 -8.10 20.84
C LYS A 119 19.94 -7.70 21.92
N ASP A 120 19.46 -7.45 23.13
CA ASP A 120 20.28 -7.30 24.33
C ASP A 120 20.24 -8.61 25.16
N GLU A 121 20.91 -8.65 26.31
CA GLU A 121 20.79 -9.77 27.26
C GLU A 121 19.33 -9.99 27.69
N ASP A 122 18.60 -8.88 27.86
CA ASP A 122 17.17 -8.72 28.10
C ASP A 122 16.31 -9.48 27.08
N GLN A 123 16.87 -9.73 25.90
CA GLN A 123 16.43 -10.64 24.84
C GLN A 123 15.28 -10.08 23.98
N ASP A 124 14.62 -9.02 24.43
CA ASP A 124 13.48 -8.39 23.77
C ASP A 124 13.86 -7.16 22.92
N TYR A 125 13.54 -7.21 21.63
CA TYR A 125 13.83 -6.19 20.62
C TYR A 125 12.70 -6.07 19.58
N ILE A 126 12.80 -5.09 18.67
CA ILE A 126 11.80 -4.78 17.65
C ILE A 126 12.47 -4.43 16.31
N VAL A 127 11.66 -4.08 15.30
CA VAL A 127 12.09 -3.41 14.07
C VAL A 127 11.26 -2.15 13.91
N ASP A 128 11.84 -1.12 13.30
CA ASP A 128 11.21 0.16 12.96
C ASP A 128 11.13 0.27 11.42
N HIS A 129 9.95 0.57 10.89
CA HIS A 129 9.73 0.79 9.45
C HIS A 129 9.32 2.24 9.17
N SER A 130 10.00 2.89 8.21
CA SER A 130 9.77 4.29 7.88
C SER A 130 8.52 4.45 7.01
N ILE A 131 7.34 4.55 7.64
CA ILE A 131 6.02 4.58 6.98
C ILE A 131 5.96 5.46 5.71
N ALA A 132 5.42 4.87 4.64
CA ALA A 132 5.23 5.51 3.35
C ALA A 132 3.98 4.95 2.67
N ILE A 133 3.15 5.84 2.12
CA ILE A 133 1.95 5.52 1.33
C ILE A 133 2.10 6.17 -0.04
N TYR A 134 1.95 5.42 -1.13
CA TYR A 134 2.05 5.91 -2.51
C TYR A 134 0.72 5.78 -3.26
N LEU A 135 0.44 6.73 -4.16
CA LEU A 135 -0.61 6.63 -5.18
C LEU A 135 -0.03 6.10 -6.49
N LEU A 136 -0.84 5.35 -7.24
CA LEU A 136 -0.52 4.82 -8.57
C LEU A 136 -1.72 5.00 -9.51
N ASN A 137 -1.42 5.43 -10.74
CA ASN A 137 -2.35 5.88 -11.77
C ASN A 137 -2.57 4.83 -12.90
N PRO A 138 -3.62 4.97 -13.74
CA PRO A 138 -3.97 3.99 -14.78
C PRO A 138 -2.99 3.89 -15.97
N ASP A 139 -1.94 4.70 -16.01
CA ASP A 139 -0.81 4.66 -16.96
C ASP A 139 0.42 3.95 -16.37
N GLY A 140 0.40 3.65 -15.07
CA GLY A 140 1.44 2.99 -14.28
C GLY A 140 2.42 3.96 -13.62
N LEU A 141 2.15 5.27 -13.60
CA LEU A 141 3.00 6.27 -12.96
C LEU A 141 2.57 6.55 -11.51
N PHE A 142 3.55 6.89 -10.68
CA PHE A 142 3.40 7.18 -9.25
C PHE A 142 2.75 8.56 -9.00
N THR A 143 2.51 8.90 -7.73
CA THR A 143 1.99 10.20 -7.28
C THR A 143 2.39 10.44 -5.82
N ASP A 144 2.31 11.71 -5.44
CA ASP A 144 2.69 12.31 -4.15
C ASP A 144 2.31 11.44 -2.93
N TYR A 145 3.30 11.25 -2.05
CA TYR A 145 3.30 10.20 -1.03
C TYR A 145 3.15 10.74 0.40
N TYR A 146 2.60 9.91 1.29
CA TYR A 146 2.26 10.26 2.66
C TYR A 146 3.15 9.55 3.70
N GLY A 147 3.53 10.26 4.76
CA GLY A 147 4.36 9.78 5.88
C GLY A 147 4.93 10.95 6.68
N ARG A 148 4.94 10.83 8.02
CA ARG A 148 5.19 11.92 8.99
C ARG A 148 4.18 13.07 8.80
N SER A 149 4.46 14.00 7.90
CA SER A 149 3.75 15.26 7.71
C SER A 149 2.52 15.09 6.78
N ARG A 150 1.49 14.39 7.26
CA ARG A 150 0.27 14.09 6.49
C ARG A 150 -0.81 13.53 7.41
N SER A 151 -2.04 13.90 7.11
CA SER A 151 -3.22 13.76 7.97
C SER A 151 -4.45 13.73 7.04
N ALA A 152 -5.64 13.31 7.51
CA ALA A 152 -6.83 13.17 6.65
C ALA A 152 -7.14 14.41 5.79
N GLU A 153 -6.88 15.60 6.34
CA GLU A 153 -6.95 16.89 5.65
C GLU A 153 -5.95 16.98 4.48
N GLN A 154 -4.65 16.78 4.73
CA GLN A 154 -3.61 16.85 3.69
C GLN A 154 -3.58 15.67 2.72
N ILE A 155 -4.25 14.56 3.04
CA ILE A 155 -4.62 13.54 2.05
C ILE A 155 -5.71 14.11 1.13
N SER A 156 -6.84 14.53 1.69
CA SER A 156 -8.00 15.01 0.94
C SER A 156 -7.66 16.21 0.04
N ASP A 157 -6.99 17.23 0.57
CA ASP A 157 -6.51 18.43 -0.13
C ASP A 157 -5.60 18.04 -1.32
N SER A 158 -4.63 17.16 -1.09
CA SER A 158 -3.73 16.72 -2.17
C SER A 158 -4.43 15.82 -3.20
N VAL A 159 -5.34 14.94 -2.80
CA VAL A 159 -6.17 14.13 -3.73
C VAL A 159 -7.04 15.05 -4.62
N ARG A 160 -7.67 16.08 -4.04
CA ARG A 160 -8.48 17.06 -4.78
C ARG A 160 -7.61 17.84 -5.79
N ARG A 161 -6.42 18.30 -5.38
CA ARG A 161 -5.45 18.97 -6.27
C ARG A 161 -4.98 18.05 -7.41
N HIS A 162 -4.54 16.82 -7.12
CA HIS A 162 -4.10 15.88 -8.16
C HIS A 162 -5.22 15.51 -9.14
N MET A 163 -6.47 15.34 -8.66
CA MET A 163 -7.66 15.16 -9.48
C MET A 163 -7.84 16.28 -10.52
N ALA A 164 -7.77 17.55 -10.10
CA ALA A 164 -7.87 18.68 -11.02
C ALA A 164 -6.68 18.72 -12.00
N ALA A 165 -5.48 18.43 -11.49
CA ALA A 165 -4.21 18.47 -12.24
C ALA A 165 -4.07 17.34 -13.28
N PHE A 166 -4.89 16.29 -13.18
CA PHE A 166 -4.92 15.17 -14.13
C PHE A 166 -5.27 15.61 -15.57
N ARG A 167 -5.91 16.79 -15.73
CA ARG A 167 -6.16 17.51 -16.98
C ARG A 167 -7.08 16.73 -17.93
N SER A 168 -8.40 16.76 -17.70
CA SER A 168 -9.39 16.15 -18.59
C SER A 168 -10.84 16.62 -18.35
N VAL A 169 -11.78 16.10 -19.14
CA VAL A 169 -13.23 16.39 -19.14
C VAL A 169 -14.02 15.28 -19.89
N LEU A 170 -13.47 14.05 -19.87
CA LEU A 170 -13.90 12.91 -20.70
C LEU A 170 -14.34 11.67 -19.89
N SER A 171 -14.38 11.76 -18.57
CA SER A 171 -14.87 10.71 -17.65
C SER A 171 -16.25 11.08 -17.12
CU CU1 B . 3.38 0.13 11.10
N SER A 2 18.31 3.40 -26.99
CA SER A 2 17.33 2.45 -27.54
C SER A 2 16.26 2.15 -26.49
N PHE A 3 15.14 1.49 -26.86
CA PHE A 3 14.11 1.07 -25.90
C PHE A 3 14.71 0.22 -24.77
N THR A 4 14.33 0.53 -23.52
CA THR A 4 14.75 -0.17 -22.28
C THR A 4 13.92 0.32 -21.09
N GLY A 5 13.73 -0.56 -20.11
CA GLY A 5 12.80 -0.42 -18.98
C GLY A 5 11.61 -1.38 -19.07
N GLN A 6 10.83 -1.50 -17.99
CA GLN A 6 9.64 -2.37 -17.91
C GLN A 6 8.72 -1.96 -16.76
N GLY A 7 9.21 -2.04 -15.52
CA GLY A 7 8.52 -1.59 -14.30
C GLY A 7 7.57 -2.59 -13.64
N ASP A 8 7.37 -3.78 -14.23
CA ASP A 8 6.47 -4.83 -13.73
C ASP A 8 7.06 -5.71 -12.61
N PHE A 9 6.16 -6.43 -11.92
CA PHE A 9 6.44 -7.23 -10.72
C PHE A 9 5.41 -8.38 -10.55
N HIS A 10 5.64 -9.26 -9.57
CA HIS A 10 4.71 -10.33 -9.19
C HIS A 10 4.61 -10.50 -7.66
N LEU A 11 3.42 -10.29 -7.10
CA LEU A 11 3.07 -10.60 -5.71
C LEU A 11 1.71 -11.32 -5.66
N LEU A 12 1.47 -12.08 -4.58
CA LEU A 12 0.26 -12.90 -4.39
C LEU A 12 -0.77 -12.20 -3.49
N ASP A 13 -2.05 -12.39 -3.78
CA ASP A 13 -3.16 -11.89 -2.97
C ASP A 13 -3.69 -12.92 -1.96
N HIS A 14 -4.39 -12.41 -0.94
CA HIS A 14 -5.01 -13.18 0.13
C HIS A 14 -6.16 -14.12 -0.34
N ARG A 15 -6.50 -14.12 -1.64
CA ARG A 15 -7.45 -15.04 -2.27
C ARG A 15 -6.75 -16.16 -3.08
N GLY A 16 -5.40 -16.22 -3.06
CA GLY A 16 -4.60 -17.29 -3.68
C GLY A 16 -4.25 -17.04 -5.15
N ARG A 17 -4.52 -15.84 -5.66
CA ARG A 17 -4.18 -15.36 -7.01
C ARG A 17 -2.99 -14.37 -6.92
N ALA A 18 -2.76 -13.53 -7.92
CA ALA A 18 -1.60 -12.65 -8.01
C ALA A 18 -1.87 -11.38 -8.83
N ARG A 19 -0.99 -10.37 -8.71
CA ARG A 19 -1.11 -9.05 -9.36
C ARG A 19 0.26 -8.44 -9.72
N CYS A 20 0.25 -7.40 -10.57
CA CYS A 20 1.42 -6.82 -11.25
C CYS A 20 1.24 -5.31 -11.55
N LYS A 21 2.28 -4.64 -12.07
CA LYS A 21 2.24 -3.21 -12.44
C LYS A 21 1.31 -2.93 -13.62
N ALA A 22 1.22 -3.84 -14.60
CA ALA A 22 0.34 -3.71 -15.76
C ALA A 22 -1.15 -3.68 -15.38
N ASP A 23 -1.55 -4.41 -14.35
CA ASP A 23 -2.90 -4.35 -13.77
C ASP A 23 -3.11 -3.05 -12.96
N PHE A 24 -2.12 -2.66 -12.15
CA PHE A 24 -2.10 -1.40 -11.42
C PHE A 24 -2.11 -0.17 -12.35
N ARG A 25 -1.79 -0.34 -13.63
CA ARG A 25 -1.97 0.64 -14.70
C ARG A 25 -3.47 0.73 -15.12
N GLY A 26 -4.38 0.79 -14.15
CA GLY A 26 -5.83 0.81 -14.35
C GLY A 26 -6.61 1.10 -13.06
N GLN A 27 -7.05 2.36 -12.91
CA GLN A 27 -7.71 2.98 -11.74
C GLN A 27 -6.66 3.52 -10.72
N TRP A 28 -7.11 4.30 -9.73
CA TRP A 28 -6.25 4.81 -8.64
C TRP A 28 -6.07 3.74 -7.54
N VAL A 29 -4.86 3.63 -6.99
CA VAL A 29 -4.56 2.77 -5.83
C VAL A 29 -3.56 3.44 -4.87
N LEU A 30 -3.65 3.14 -3.57
CA LEU A 30 -2.71 3.58 -2.54
C LEU A 30 -1.80 2.40 -2.14
N MET A 31 -0.50 2.63 -2.02
CA MET A 31 0.49 1.60 -1.65
C MET A 31 0.96 1.81 -0.22
N TYR A 32 0.47 0.96 0.68
CA TYR A 32 0.82 0.88 2.11
C TYR A 32 1.90 -0.21 2.34
N PHE A 33 2.85 0.04 3.24
CA PHE A 33 3.82 -0.95 3.73
C PHE A 33 3.73 -1.07 5.26
N GLY A 34 3.33 -2.24 5.76
CA GLY A 34 3.22 -2.58 7.20
C GLY A 34 3.24 -4.10 7.44
N PHE A 35 3.19 -4.53 8.70
CA PHE A 35 3.15 -5.98 9.08
C PHE A 35 2.63 -6.21 10.52
N THR A 36 2.35 -7.46 10.92
CA THR A 36 1.61 -7.78 12.16
C THR A 36 2.43 -7.74 13.47
N HIS A 37 3.16 -6.64 13.72
CA HIS A 37 3.51 -6.14 15.06
C HIS A 37 4.00 -4.69 14.97
N CYS A 38 3.22 -3.75 15.53
CA CYS A 38 3.41 -2.31 15.40
C CYS A 38 2.75 -1.56 16.59
N PRO A 39 3.34 -0.47 17.11
CA PRO A 39 2.91 0.17 18.35
C PRO A 39 1.70 1.11 18.14
N ASP A 40 0.52 0.53 17.92
CA ASP A 40 -0.80 1.23 17.89
C ASP A 40 -0.95 2.21 16.71
N ILE A 41 -0.11 2.05 15.67
CA ILE A 41 0.00 3.02 14.57
C ILE A 41 -0.37 2.46 13.18
N CYS A 42 0.17 1.32 12.73
CA CYS A 42 -0.27 0.67 11.48
C CYS A 42 -1.82 0.55 11.34
N PRO A 43 -2.54 -0.07 12.31
CA PRO A 43 -3.99 -0.22 12.23
C PRO A 43 -4.76 1.08 12.52
N ASP A 44 -4.11 2.09 13.12
CA ASP A 44 -4.70 3.41 13.37
C ASP A 44 -4.83 4.12 12.02
N GLU A 45 -3.71 4.27 11.29
CA GLU A 45 -3.65 4.67 9.89
C GLU A 45 -4.52 3.81 8.96
N LEU A 46 -4.75 2.51 9.24
CA LEU A 46 -5.71 1.74 8.44
C LEU A 46 -7.15 2.22 8.65
N GLU A 47 -7.60 2.46 9.89
CA GLU A 47 -8.94 3.01 10.13
C GLU A 47 -9.04 4.48 9.66
N LYS A 48 -7.97 5.25 9.85
CA LYS A 48 -7.76 6.59 9.31
C LYS A 48 -8.03 6.61 7.79
N LEU A 49 -7.40 5.70 7.03
CA LEU A 49 -7.65 5.49 5.60
C LEU A 49 -9.06 4.98 5.34
N VAL A 50 -9.52 3.92 6.02
CA VAL A 50 -10.87 3.36 5.82
C VAL A 50 -11.96 4.41 6.01
N GLN A 51 -11.81 5.36 6.94
CA GLN A 51 -12.78 6.45 7.12
C GLN A 51 -12.81 7.37 5.88
N VAL A 52 -11.64 7.75 5.36
CA VAL A 52 -11.53 8.53 4.11
C VAL A 52 -12.12 7.74 2.94
N VAL A 53 -11.78 6.44 2.81
CA VAL A 53 -12.28 5.57 1.74
C VAL A 53 -13.80 5.41 1.79
N ARG A 54 -14.44 5.32 2.96
CA ARG A 54 -15.91 5.15 3.05
C ARG A 54 -16.62 6.39 2.51
N GLN A 55 -16.22 7.57 2.96
CA GLN A 55 -16.83 8.81 2.48
C GLN A 55 -16.49 9.12 1.02
N LEU A 56 -15.28 8.81 0.52
CA LEU A 56 -14.95 8.95 -0.91
C LEU A 56 -15.69 7.94 -1.80
N GLU A 57 -16.07 6.77 -1.30
CA GLU A 57 -16.98 5.85 -2.00
C GLU A 57 -18.33 6.53 -2.23
N ALA A 58 -18.97 7.03 -1.16
CA ALA A 58 -20.29 7.67 -1.22
C ALA A 58 -20.31 9.01 -1.99
N GLU A 59 -19.23 9.80 -1.95
CA GLU A 59 -19.10 11.09 -2.60
C GLU A 59 -19.12 10.97 -4.14
N PRO A 60 -19.92 11.79 -4.87
CA PRO A 60 -20.03 11.73 -6.32
C PRO A 60 -18.93 12.56 -6.99
N GLY A 61 -18.32 11.99 -8.03
CA GLY A 61 -17.01 12.41 -8.53
C GLY A 61 -15.90 11.87 -7.63
N LEU A 62 -14.67 12.37 -7.82
CA LEU A 62 -13.45 11.98 -7.10
C LEU A 62 -12.99 10.52 -7.40
N PRO A 63 -11.70 10.18 -7.23
CA PRO A 63 -11.18 8.86 -7.61
C PRO A 63 -11.62 7.77 -6.61
N PRO A 64 -12.05 6.58 -7.09
CA PRO A 64 -12.41 5.45 -6.25
C PRO A 64 -11.14 4.76 -5.72
N VAL A 65 -10.56 5.36 -4.69
CA VAL A 65 -9.30 4.92 -4.04
C VAL A 65 -9.50 3.73 -3.10
N GLN A 66 -8.47 2.90 -2.97
CA GLN A 66 -8.35 1.88 -1.91
C GLN A 66 -6.86 1.59 -1.64
N PRO A 67 -6.43 1.32 -0.39
CA PRO A 67 -5.08 0.90 -0.08
C PRO A 67 -4.83 -0.59 -0.35
N VAL A 68 -3.63 -0.87 -0.86
CA VAL A 68 -2.97 -2.19 -0.94
C VAL A 68 -1.99 -2.33 0.23
N PHE A 69 -2.14 -3.35 1.08
CA PHE A 69 -1.26 -3.60 2.22
C PHE A 69 -0.12 -4.55 1.84
N ILE A 70 1.05 -4.00 1.48
CA ILE A 70 2.21 -4.79 1.02
C ILE A 70 3.05 -5.22 2.24
N THR A 71 2.96 -6.49 2.63
CA THR A 71 3.36 -7.06 3.95
C THR A 71 4.84 -6.95 4.36
N VAL A 72 5.69 -6.30 3.56
CA VAL A 72 7.13 -6.06 3.76
C VAL A 72 7.99 -7.35 3.74
N ASP A 73 7.78 -8.27 4.69
CA ASP A 73 8.61 -9.45 4.94
C ASP A 73 7.74 -10.66 5.36
N PRO A 74 7.71 -11.76 4.59
CA PRO A 74 6.78 -12.88 4.79
C PRO A 74 7.13 -13.80 5.98
N GLU A 75 8.16 -13.48 6.78
CA GLU A 75 8.61 -14.31 7.90
C GLU A 75 7.70 -14.26 9.14
N ARG A 76 6.97 -13.16 9.35
CA ARG A 76 6.11 -12.91 10.51
C ARG A 76 4.66 -13.36 10.26
N ASP A 77 4.14 -13.01 9.09
CA ASP A 77 2.72 -13.04 8.73
C ASP A 77 2.34 -14.35 8.03
N ASP A 78 1.15 -14.39 7.42
CA ASP A 78 0.59 -15.55 6.70
C ASP A 78 -0.62 -15.15 5.83
N VAL A 79 -0.96 -16.01 4.86
CA VAL A 79 -2.15 -15.88 4.00
C VAL A 79 -3.45 -15.89 4.82
N GLU A 80 -3.62 -16.80 5.79
CA GLU A 80 -4.81 -16.77 6.67
C GLU A 80 -4.77 -15.60 7.64
N ALA A 81 -3.60 -15.18 8.14
CA ALA A 81 -3.49 -13.99 8.99
C ALA A 81 -3.94 -12.74 8.24
N MET A 82 -3.49 -12.56 7.00
CA MET A 82 -3.91 -11.46 6.13
C MET A 82 -5.40 -11.53 5.81
N ALA A 83 -5.93 -12.69 5.41
CA ALA A 83 -7.35 -12.87 5.14
C ALA A 83 -8.24 -12.55 6.36
N ARG A 84 -7.81 -12.94 7.56
CA ARG A 84 -8.51 -12.63 8.82
C ARG A 84 -8.44 -11.13 9.15
N TYR A 85 -7.28 -10.49 8.95
CA TYR A 85 -7.11 -9.03 9.11
C TYR A 85 -7.92 -8.21 8.09
N VAL A 86 -7.92 -8.64 6.82
CA VAL A 86 -8.79 -8.15 5.74
C VAL A 86 -10.26 -8.24 6.15
N GLN A 87 -10.70 -9.39 6.69
CA GLN A 87 -12.10 -9.60 7.06
C GLN A 87 -12.55 -8.78 8.28
N ASP A 88 -11.70 -8.58 9.29
CA ASP A 88 -12.08 -7.85 10.52
C ASP A 88 -12.20 -6.32 10.33
N PHE A 89 -11.61 -5.77 9.26
CA PHE A 89 -11.81 -4.40 8.81
C PHE A 89 -12.92 -4.35 7.76
N HIS A 90 -12.66 -4.88 6.55
CA HIS A 90 -13.66 -5.08 5.48
C HIS A 90 -13.11 -5.94 4.31
N PRO A 91 -13.81 -7.02 3.88
CA PRO A 91 -13.28 -8.01 2.94
C PRO A 91 -12.99 -7.55 1.50
N ARG A 92 -13.33 -6.32 1.09
CA ARG A 92 -12.88 -5.76 -0.21
C ARG A 92 -11.45 -5.20 -0.15
N LEU A 93 -10.90 -4.89 1.03
CA LEU A 93 -9.50 -4.48 1.18
C LEU A 93 -8.56 -5.66 0.87
N LEU A 94 -7.31 -5.37 0.48
CA LEU A 94 -6.35 -6.40 0.07
C LEU A 94 -4.96 -6.21 0.66
N GLY A 95 -4.28 -7.34 0.87
CA GLY A 95 -2.85 -7.39 1.13
C GLY A 95 -2.11 -8.18 0.05
N LEU A 96 -0.87 -7.78 -0.24
CA LEU A 96 0.02 -8.47 -1.18
C LEU A 96 1.23 -9.09 -0.48
N THR A 97 1.48 -10.36 -0.80
CA THR A 97 2.42 -11.29 -0.16
C THR A 97 3.17 -12.11 -1.22
N GLY A 98 3.62 -13.31 -0.89
CA GLY A 98 4.32 -14.25 -1.77
C GLY A 98 5.37 -15.03 -1.02
N SER A 99 6.63 -14.63 -1.15
CA SER A 99 7.80 -15.34 -0.62
C SER A 99 9.05 -14.46 -0.74
N THR A 100 10.15 -14.84 -0.05
CA THR A 100 11.46 -14.15 -0.13
C THR A 100 11.86 -13.92 -1.58
N LYS A 101 11.75 -14.95 -2.43
CA LYS A 101 12.12 -14.88 -3.85
C LYS A 101 11.31 -13.84 -4.67
N GLN A 102 10.07 -13.52 -4.29
CA GLN A 102 9.34 -12.34 -4.79
C GLN A 102 9.87 -11.05 -4.17
N VAL A 103 9.75 -10.91 -2.84
CA VAL A 103 9.84 -9.58 -2.18
C VAL A 103 11.22 -8.94 -2.31
N ALA A 104 12.29 -9.76 -2.34
CA ALA A 104 13.65 -9.31 -2.59
C ALA A 104 13.77 -8.63 -3.96
N GLN A 105 13.51 -9.34 -5.07
CA GLN A 105 13.77 -8.82 -6.41
C GLN A 105 12.83 -7.66 -6.82
N ALA A 106 11.65 -7.55 -6.19
CA ALA A 106 10.83 -6.35 -6.29
C ALA A 106 11.56 -5.13 -5.71
N SER A 107 12.11 -5.24 -4.50
CA SER A 107 12.85 -4.15 -3.83
C SER A 107 14.20 -3.82 -4.49
N HIS A 108 14.83 -4.78 -5.19
CA HIS A 108 15.99 -4.52 -6.05
C HIS A 108 15.60 -3.74 -7.32
N SER A 109 14.43 -4.04 -7.89
CA SER A 109 13.94 -3.40 -9.12
C SER A 109 13.54 -1.93 -8.88
N TYR A 110 12.82 -1.67 -7.80
CA TYR A 110 12.48 -0.34 -7.30
C TYR A 110 12.71 -0.27 -5.78
N ARG A 111 13.64 0.60 -5.36
CA ARG A 111 14.10 0.69 -3.97
C ARG A 111 12.95 1.07 -3.02
N VAL A 112 12.65 0.20 -2.07
CA VAL A 112 11.76 0.47 -0.92
C VAL A 112 12.63 0.64 0.32
N TYR A 113 12.29 1.59 1.19
CA TYR A 113 13.09 1.96 2.36
C TYR A 113 12.51 1.41 3.69
N TYR A 114 13.25 0.45 4.26
CA TYR A 114 13.12 -0.03 5.65
C TYR A 114 14.46 -0.65 6.10
N ASN A 115 14.60 -0.97 7.40
CA ASN A 115 15.74 -1.73 7.93
C ASN A 115 15.25 -2.88 8.83
N ALA A 116 15.90 -4.05 8.72
CA ALA A 116 15.46 -5.31 9.30
C ALA A 116 16.64 -6.28 9.54
N GLY A 117 16.43 -7.26 10.41
CA GLY A 117 17.43 -8.27 10.78
C GLY A 117 17.07 -9.07 12.04
N PRO A 118 18.05 -9.79 12.63
CA PRO A 118 17.87 -10.48 13.91
C PRO A 118 17.83 -9.46 15.05
N LYS A 119 17.35 -9.90 16.23
CA LYS A 119 17.23 -9.05 17.41
C LYS A 119 18.59 -8.48 17.90
N ASP A 120 18.58 -7.24 18.36
CA ASP A 120 19.68 -6.64 19.13
C ASP A 120 19.36 -6.66 20.65
N GLU A 121 20.19 -6.00 21.47
CA GLU A 121 20.08 -6.05 22.93
C GLU A 121 18.87 -5.28 23.49
N ASP A 122 18.06 -4.61 22.68
CA ASP A 122 16.76 -4.02 23.08
C ASP A 122 15.67 -4.56 22.14
N GLN A 123 15.86 -4.46 20.82
CA GLN A 123 14.86 -4.81 19.81
C GLN A 123 14.78 -6.31 19.62
N ASP A 124 13.67 -6.90 20.05
CA ASP A 124 13.10 -8.15 19.53
C ASP A 124 11.99 -7.83 18.49
N TYR A 125 11.53 -8.84 17.74
CA TYR A 125 10.71 -8.75 16.52
C TYR A 125 9.92 -7.44 16.26
N ILE A 126 10.52 -6.58 15.43
CA ILE A 126 10.01 -5.31 14.88
C ILE A 126 10.88 -4.98 13.65
N VAL A 127 10.43 -4.11 12.75
CA VAL A 127 11.13 -3.71 11.52
C VAL A 127 10.96 -2.19 11.36
N ASP A 128 12.02 -1.50 10.96
CA ASP A 128 12.10 -0.03 10.90
C ASP A 128 11.56 0.53 9.58
N HIS A 129 10.23 0.51 9.43
CA HIS A 129 9.51 1.07 8.29
C HIS A 129 8.90 2.45 8.61
N SER A 130 8.80 3.34 7.62
CA SER A 130 7.93 4.52 7.73
C SER A 130 6.45 4.09 7.61
N ILE A 131 5.61 4.48 8.56
CA ILE A 131 4.16 4.19 8.51
C ILE A 131 3.47 5.28 7.67
N ALA A 132 3.21 4.95 6.40
CA ALA A 132 2.86 5.90 5.34
C ALA A 132 2.26 5.18 4.11
N ILE A 133 1.75 5.96 3.14
CA ILE A 133 1.24 5.49 1.85
C ILE A 133 1.76 6.35 0.70
N TYR A 134 2.04 5.72 -0.44
CA TYR A 134 2.27 6.39 -1.73
C TYR A 134 1.00 6.34 -2.61
N LEU A 135 0.72 7.37 -3.41
CA LEU A 135 -0.29 7.29 -4.48
C LEU A 135 0.30 6.56 -5.70
N LEU A 136 -0.51 5.75 -6.38
CA LEU A 136 -0.30 5.43 -7.80
C LEU A 136 -1.50 5.91 -8.63
N ASN A 137 -1.21 6.71 -9.64
CA ASN A 137 -2.10 6.94 -10.78
C ASN A 137 -1.98 5.76 -11.77
N PRO A 138 -3.04 5.41 -12.52
CA PRO A 138 -2.93 4.51 -13.64
C PRO A 138 -2.12 5.19 -14.75
N ASP A 139 -0.97 4.62 -15.10
CA ASP A 139 -0.05 5.05 -16.17
C ASP A 139 0.75 6.32 -15.82
N GLY A 140 0.23 7.15 -14.91
CA GLY A 140 0.92 8.33 -14.36
C GLY A 140 1.82 7.98 -13.19
N LEU A 141 1.77 6.72 -12.74
CA LEU A 141 2.72 6.10 -11.80
C LEU A 141 2.66 6.79 -10.42
N PHE A 142 3.78 6.86 -9.71
CA PHE A 142 3.86 7.45 -8.37
C PHE A 142 3.96 8.98 -8.43
N THR A 143 3.47 9.68 -7.40
CA THR A 143 3.49 11.16 -7.33
C THR A 143 3.66 11.63 -5.89
N ASP A 144 2.56 11.73 -5.14
CA ASP A 144 2.53 12.18 -3.75
C ASP A 144 2.56 10.99 -2.78
N TYR A 145 2.98 11.25 -1.55
CA TYR A 145 3.06 10.28 -0.47
C TYR A 145 2.75 10.94 0.87
N TYR A 146 1.93 10.29 1.70
CA TYR A 146 1.36 10.92 2.89
C TYR A 146 2.12 10.55 4.18
N GLY A 147 2.81 11.55 4.74
CA GLY A 147 3.53 11.48 6.02
C GLY A 147 2.69 11.91 7.22
N ARG A 148 3.31 11.98 8.40
CA ARG A 148 2.65 11.98 9.71
C ARG A 148 1.55 13.05 9.92
N SER A 149 1.68 14.24 9.33
CA SER A 149 0.75 15.37 9.52
C SER A 149 -0.33 15.49 8.43
N ARG A 150 -0.40 14.55 7.49
CA ARG A 150 -1.33 14.52 6.36
C ARG A 150 -2.66 13.93 6.80
N SER A 151 -3.43 14.71 7.54
CA SER A 151 -4.76 14.34 8.01
C SER A 151 -5.75 14.25 6.82
N ALA A 152 -6.95 13.68 7.02
CA ALA A 152 -8.03 13.74 6.05
C ALA A 152 -8.30 15.19 5.57
N GLU A 153 -8.04 16.18 6.45
CA GLU A 153 -8.00 17.62 6.16
C GLU A 153 -7.06 17.99 5.00
N GLN A 154 -5.82 17.48 5.03
CA GLN A 154 -4.86 17.62 3.94
C GLN A 154 -5.19 16.74 2.74
N ILE A 155 -5.62 15.49 2.95
CA ILE A 155 -5.78 14.52 1.85
C ILE A 155 -6.89 14.93 0.89
N SER A 156 -8.05 15.39 1.40
CA SER A 156 -9.17 15.85 0.57
C SER A 156 -8.83 17.11 -0.26
N ASP A 157 -7.92 17.94 0.25
CA ASP A 157 -7.26 19.05 -0.46
C ASP A 157 -6.26 18.53 -1.51
N SER A 158 -5.42 17.56 -1.11
CA SER A 158 -4.29 17.05 -1.90
C SER A 158 -4.76 16.26 -3.12
N VAL A 159 -5.76 15.38 -2.96
CA VAL A 159 -6.33 14.60 -4.08
C VAL A 159 -6.90 15.56 -5.14
N ARG A 160 -7.53 16.67 -4.73
CA ARG A 160 -7.98 17.73 -5.64
C ARG A 160 -6.79 18.47 -6.30
N ARG A 161 -5.72 18.73 -5.55
CA ARG A 161 -4.45 19.30 -6.05
C ARG A 161 -3.81 18.43 -7.14
N HIS A 162 -3.94 17.10 -7.06
CA HIS A 162 -3.53 16.17 -8.12
C HIS A 162 -4.48 16.23 -9.34
N MET A 163 -5.80 16.15 -9.08
CA MET A 163 -6.88 16.03 -10.08
C MET A 163 -6.98 17.22 -11.05
N ALA A 164 -6.38 18.36 -10.72
CA ALA A 164 -6.25 19.51 -11.62
C ALA A 164 -5.26 19.32 -12.80
N ALA A 165 -4.26 18.42 -12.70
CA ALA A 165 -3.03 18.49 -13.50
C ALA A 165 -2.39 17.13 -13.85
N PHE A 166 -3.21 16.11 -14.18
CA PHE A 166 -2.73 14.78 -14.56
C PHE A 166 -1.93 14.76 -15.89
N ARG A 167 -0.95 13.85 -15.98
CA ARG A 167 -0.11 13.53 -17.14
C ARG A 167 0.51 12.13 -16.95
N SER A 168 0.84 11.41 -18.02
CA SER A 168 1.30 10.00 -17.93
C SER A 168 2.29 9.60 -19.05
N VAL A 169 2.35 8.33 -19.49
CA VAL A 169 3.34 7.82 -20.46
C VAL A 169 2.86 6.51 -21.11
N LEU A 170 2.04 6.65 -22.16
CA LEU A 170 1.40 5.54 -22.89
C LEU A 170 2.34 4.92 -23.96
N SER A 171 3.59 4.63 -23.59
CA SER A 171 4.68 4.19 -24.49
C SER A 171 5.84 3.53 -23.75
CU CU1 B . 3.88 -1.07 11.17
N SER A 2 12.10 -4.30 -30.35
CA SER A 2 12.49 -5.61 -30.91
C SER A 2 12.46 -6.64 -29.81
N PHE A 3 13.57 -6.85 -29.09
CA PHE A 3 13.48 -7.19 -27.66
C PHE A 3 12.73 -6.06 -26.91
N THR A 4 12.23 -6.34 -25.69
CA THR A 4 11.38 -5.41 -24.93
C THR A 4 11.45 -5.68 -23.42
N GLY A 5 10.75 -4.87 -22.64
CA GLY A 5 10.58 -4.96 -21.19
C GLY A 5 9.52 -3.98 -20.70
N GLN A 6 9.17 -4.03 -19.42
CA GLN A 6 8.14 -3.14 -18.87
C GLN A 6 8.26 -2.87 -17.35
N GLY A 7 9.23 -3.49 -16.65
CA GLY A 7 9.43 -3.30 -15.21
C GLY A 7 8.26 -3.90 -14.41
N ASP A 8 7.80 -5.07 -14.84
CA ASP A 8 6.53 -5.64 -14.40
C ASP A 8 6.68 -6.54 -13.16
N PHE A 9 6.11 -6.07 -12.06
CA PHE A 9 5.94 -6.81 -10.81
C PHE A 9 4.75 -7.77 -10.88
N HIS A 10 4.75 -8.76 -9.99
CA HIS A 10 3.71 -9.77 -9.81
C HIS A 10 3.61 -10.13 -8.32
N LEU A 11 2.38 -10.18 -7.77
CA LEU A 11 2.10 -10.41 -6.36
C LEU A 11 0.68 -10.94 -6.13
N LEU A 12 0.46 -11.63 -5.01
CA LEU A 12 -0.78 -12.37 -4.70
C LEU A 12 -1.52 -11.74 -3.52
N ASP A 13 -2.86 -11.76 -3.59
CA ASP A 13 -3.76 -11.34 -2.51
C ASP A 13 -4.08 -12.45 -1.50
N HIS A 14 -4.83 -12.07 -0.48
CA HIS A 14 -5.35 -12.90 0.60
C HIS A 14 -6.32 -14.02 0.18
N ARG A 15 -6.71 -14.10 -1.11
CA ARG A 15 -7.44 -15.23 -1.72
C ARG A 15 -6.51 -16.12 -2.56
N GLY A 16 -5.27 -15.69 -2.82
CA GLY A 16 -4.28 -16.32 -3.70
C GLY A 16 -4.34 -15.81 -5.15
N ARG A 17 -5.16 -14.81 -5.46
CA ARG A 17 -5.28 -14.25 -6.81
C ARG A 17 -4.08 -13.35 -7.11
N ALA A 18 -3.40 -13.61 -8.23
CA ALA A 18 -2.30 -12.78 -8.72
C ALA A 18 -2.80 -11.63 -9.61
N ARG A 19 -2.00 -10.56 -9.70
CA ARG A 19 -2.14 -9.48 -10.69
C ARG A 19 -0.80 -8.82 -11.00
N CYS A 20 -0.61 -8.38 -12.24
CA CYS A 20 0.66 -7.84 -12.76
C CYS A 20 0.63 -6.31 -12.89
N LYS A 21 1.80 -5.69 -13.09
CA LYS A 21 1.96 -4.25 -13.33
C LYS A 21 1.14 -3.72 -14.54
N ALA A 22 1.04 -4.51 -15.61
CA ALA A 22 0.20 -4.23 -16.79
C ALA A 22 -1.32 -4.41 -16.55
N ASP A 23 -1.71 -5.27 -15.61
CA ASP A 23 -3.13 -5.56 -15.33
C ASP A 23 -3.80 -4.38 -14.62
N PHE A 24 -3.16 -3.88 -13.56
CA PHE A 24 -3.71 -2.92 -12.60
C PHE A 24 -3.84 -1.45 -13.10
N ARG A 25 -3.30 -1.12 -14.28
CA ARG A 25 -3.25 0.25 -14.82
C ARG A 25 -4.66 0.75 -15.18
N GLY A 26 -5.30 1.47 -14.25
CA GLY A 26 -6.64 2.06 -14.45
C GLY A 26 -7.37 2.63 -13.22
N GLN A 27 -6.78 2.64 -12.02
CA GLN A 27 -7.39 3.18 -10.80
C GLN A 27 -6.40 4.13 -10.09
N TRP A 28 -6.87 4.95 -9.13
CA TRP A 28 -6.00 5.63 -8.16
C TRP A 28 -5.69 4.67 -7.01
N VAL A 29 -4.40 4.42 -6.72
CA VAL A 29 -3.96 3.37 -5.80
C VAL A 29 -2.97 3.93 -4.78
N LEU A 30 -3.16 3.62 -3.49
CA LEU A 30 -2.27 4.03 -2.40
C LEU A 30 -1.43 2.82 -1.93
N MET A 31 -0.11 2.94 -2.05
CA MET A 31 0.84 1.88 -1.71
C MET A 31 1.34 2.02 -0.26
N TYR A 32 0.87 1.14 0.62
CA TYR A 32 1.32 1.01 2.02
C TYR A 32 2.18 -0.25 2.22
N PHE A 33 3.23 -0.16 3.04
CA PHE A 33 4.10 -1.29 3.42
C PHE A 33 4.12 -1.47 4.94
N GLY A 34 3.80 -2.68 5.43
CA GLY A 34 3.67 -2.98 6.86
C GLY A 34 3.86 -4.44 7.26
N PHE A 35 3.68 -4.73 8.55
CA PHE A 35 3.76 -6.07 9.12
C PHE A 35 2.39 -6.52 9.68
N THR A 36 2.32 -7.05 10.90
CA THR A 36 1.08 -7.47 11.55
C THR A 36 1.25 -7.45 13.07
N HIS A 37 0.26 -6.89 13.78
CA HIS A 37 0.27 -6.53 15.20
C HIS A 37 1.30 -5.42 15.44
N CYS A 38 0.85 -4.17 15.25
CA CYS A 38 1.64 -2.96 15.36
C CYS A 38 1.34 -2.29 16.71
N PRO A 39 2.33 -1.63 17.31
CA PRO A 39 2.14 -0.88 18.54
C PRO A 39 1.34 0.43 18.37
N ASP A 40 1.29 1.04 17.17
CA ASP A 40 0.65 2.36 16.98
C ASP A 40 0.38 2.82 15.52
N ILE A 41 0.86 2.14 14.47
CA ILE A 41 0.99 2.73 13.12
C ILE A 41 0.06 2.06 12.10
N CYS A 42 0.20 0.75 11.87
CA CYS A 42 -0.61 -0.01 10.93
C CYS A 42 -2.13 0.28 11.02
N PRO A 43 -2.80 0.10 12.18
CA PRO A 43 -4.25 0.29 12.27
C PRO A 43 -4.68 1.76 12.23
N ASP A 44 -3.76 2.70 12.52
CA ASP A 44 -4.03 4.13 12.61
C ASP A 44 -4.25 4.70 11.21
N GLU A 45 -3.25 4.54 10.33
CA GLU A 45 -3.31 4.78 8.89
C GLU A 45 -4.35 3.92 8.17
N LEU A 46 -4.56 2.65 8.55
CA LEU A 46 -5.65 1.86 7.94
C LEU A 46 -7.01 2.52 8.18
N GLU A 47 -7.36 2.85 9.42
CA GLU A 47 -8.62 3.54 9.75
C GLU A 47 -8.65 4.97 9.16
N LYS A 48 -7.50 5.64 9.07
CA LYS A 48 -7.31 6.96 8.44
C LYS A 48 -7.67 6.91 6.95
N LEU A 49 -7.11 5.97 6.18
CA LEU A 49 -7.44 5.77 4.76
C LEU A 49 -8.85 5.20 4.59
N VAL A 50 -9.28 4.25 5.43
CA VAL A 50 -10.65 3.70 5.40
C VAL A 50 -11.69 4.81 5.58
N GLN A 51 -11.56 5.71 6.57
CA GLN A 51 -12.58 6.76 6.76
C GLN A 51 -12.57 7.77 5.59
N VAL A 52 -11.41 8.09 5.00
CA VAL A 52 -11.37 8.92 3.77
C VAL A 52 -12.07 8.19 2.60
N VAL A 53 -11.67 6.96 2.25
CA VAL A 53 -12.21 6.29 1.04
C VAL A 53 -13.71 5.94 1.18
N ARG A 54 -14.19 5.62 2.38
CA ARG A 54 -15.62 5.41 2.68
C ARG A 54 -16.43 6.68 2.44
N GLN A 55 -15.90 7.84 2.83
CA GLN A 55 -16.56 9.11 2.56
C GLN A 55 -16.54 9.46 1.05
N LEU A 56 -15.54 9.01 0.28
CA LEU A 56 -15.58 9.07 -1.19
C LEU A 56 -16.64 8.13 -1.81
N GLU A 57 -16.98 7.01 -1.18
CA GLU A 57 -18.14 6.19 -1.59
C GLU A 57 -19.44 7.01 -1.45
N ALA A 58 -19.62 7.75 -0.34
CA ALA A 58 -20.78 8.59 -0.05
C ALA A 58 -20.88 9.88 -0.90
N GLU A 59 -19.75 10.51 -1.26
CA GLU A 59 -19.62 11.57 -2.28
C GLU A 59 -20.14 11.09 -3.67
N PRO A 60 -20.20 11.94 -4.72
CA PRO A 60 -20.62 11.53 -6.07
C PRO A 60 -19.64 10.55 -6.75
N GLY A 61 -19.77 10.37 -8.07
CA GLY A 61 -18.97 9.45 -8.87
C GLY A 61 -17.56 10.00 -9.14
N LEU A 62 -16.56 9.33 -8.56
CA LEU A 62 -15.13 9.68 -8.62
C LEU A 62 -14.26 8.44 -8.36
N PRO A 63 -12.97 8.42 -8.77
CA PRO A 63 -12.11 7.26 -8.56
C PRO A 63 -11.83 7.05 -7.07
N PRO A 64 -11.88 5.80 -6.56
CA PRO A 64 -11.66 5.52 -5.14
C PRO A 64 -10.17 5.55 -4.81
N VAL A 65 -9.82 6.22 -3.71
CA VAL A 65 -8.45 6.30 -3.18
C VAL A 65 -8.11 5.01 -2.39
N GLN A 66 -8.03 3.90 -3.12
CA GLN A 66 -7.99 2.56 -2.54
C GLN A 66 -6.60 2.18 -1.99
N PRO A 67 -6.46 1.83 -0.70
CA PRO A 67 -5.19 1.37 -0.13
C PRO A 67 -4.91 -0.08 -0.54
N VAL A 68 -3.63 -0.39 -0.75
CA VAL A 68 -3.09 -1.75 -0.78
C VAL A 68 -2.11 -1.89 0.37
N PHE A 69 -2.36 -2.83 1.29
CA PHE A 69 -1.43 -3.19 2.36
C PHE A 69 -0.52 -4.31 1.87
N ILE A 70 0.71 -3.95 1.49
CA ILE A 70 1.76 -4.90 1.10
C ILE A 70 2.54 -5.26 2.36
N THR A 71 2.85 -6.55 2.59
CA THR A 71 3.82 -6.95 3.62
C THR A 71 5.13 -7.40 3.01
N VAL A 72 6.15 -7.50 3.85
CA VAL A 72 7.57 -7.57 3.48
C VAL A 72 8.40 -8.08 4.65
N ASP A 73 8.97 -9.28 4.48
CA ASP A 73 9.64 -10.06 5.53
C ASP A 73 8.72 -10.37 6.74
N PRO A 74 7.43 -10.73 6.52
CA PRO A 74 6.52 -11.10 7.60
C PRO A 74 7.08 -12.36 8.28
N GLU A 75 7.21 -12.34 9.61
CA GLU A 75 7.74 -13.46 10.40
C GLU A 75 6.69 -14.58 10.56
N ARG A 76 6.23 -15.08 9.41
CA ARG A 76 5.18 -16.09 9.18
C ARG A 76 5.01 -16.41 7.69
N ASP A 77 5.06 -15.40 6.81
CA ASP A 77 4.65 -15.41 5.40
C ASP A 77 3.68 -16.54 4.98
N ASP A 78 2.47 -16.53 5.54
CA ASP A 78 1.38 -17.44 5.18
C ASP A 78 0.19 -16.64 4.64
N VAL A 79 -0.54 -17.19 3.67
CA VAL A 79 -1.73 -16.53 3.07
C VAL A 79 -2.82 -16.30 4.12
N GLU A 80 -2.91 -17.19 5.12
CA GLU A 80 -3.79 -17.03 6.29
C GLU A 80 -3.46 -15.79 7.12
N ALA A 81 -2.20 -15.31 7.17
CA ALA A 81 -1.85 -14.09 7.89
C ALA A 81 -2.55 -12.88 7.27
N MET A 82 -2.38 -12.69 5.95
CA MET A 82 -3.02 -11.59 5.23
C MET A 82 -4.54 -11.72 5.28
N ALA A 83 -5.08 -12.91 5.03
CA ALA A 83 -6.52 -13.17 5.06
C ALA A 83 -7.16 -12.87 6.42
N ARG A 84 -6.52 -13.24 7.53
CA ARG A 84 -7.07 -12.97 8.86
C ARG A 84 -6.93 -11.48 9.25
N TYR A 85 -5.80 -10.84 8.93
CA TYR A 85 -5.59 -9.39 9.15
C TYR A 85 -6.50 -8.50 8.28
N VAL A 86 -6.79 -8.93 7.04
CA VAL A 86 -7.84 -8.35 6.18
C VAL A 86 -9.22 -8.52 6.81
N GLN A 87 -9.66 -9.76 7.06
CA GLN A 87 -11.07 -10.05 7.39
C GLN A 87 -11.51 -9.49 8.74
N ASP A 88 -10.61 -9.29 9.71
CA ASP A 88 -10.97 -8.77 11.04
C ASP A 88 -11.37 -7.29 10.97
N PHE A 89 -10.66 -6.53 10.13
CA PHE A 89 -10.93 -5.13 9.79
C PHE A 89 -12.16 -5.06 8.90
N HIS A 90 -12.10 -5.75 7.75
CA HIS A 90 -13.16 -5.99 6.76
C HIS A 90 -12.66 -6.82 5.56
N PRO A 91 -13.44 -7.78 5.01
CA PRO A 91 -13.07 -8.51 3.79
C PRO A 91 -12.83 -7.62 2.54
N ARG A 92 -13.22 -6.33 2.55
CA ARG A 92 -12.84 -5.34 1.53
C ARG A 92 -11.35 -4.92 1.54
N LEU A 93 -10.60 -5.12 2.63
CA LEU A 93 -9.17 -4.75 2.69
C LEU A 93 -8.33 -5.58 1.71
N LEU A 94 -7.28 -4.99 1.13
CA LEU A 94 -6.33 -5.68 0.24
C LEU A 94 -5.05 -5.99 1.02
N GLY A 95 -4.82 -7.26 1.36
CA GLY A 95 -3.60 -7.76 2.02
C GLY A 95 -2.76 -8.58 1.05
N LEU A 96 -1.57 -8.09 0.70
CA LEU A 96 -0.74 -8.60 -0.40
C LEU A 96 0.60 -9.17 0.10
N THR A 97 1.03 -10.29 -0.51
CA THR A 97 2.30 -10.99 -0.25
C THR A 97 2.69 -11.87 -1.45
N GLY A 98 3.55 -12.87 -1.23
CA GLY A 98 3.82 -13.96 -2.18
C GLY A 98 4.99 -14.84 -1.76
N SER A 99 6.07 -14.20 -1.30
CA SER A 99 7.22 -14.79 -0.61
C SER A 99 8.30 -13.73 -0.33
N THR A 100 9.03 -13.89 0.78
CA THR A 100 10.25 -13.13 1.13
C THR A 100 11.17 -12.93 -0.07
N LYS A 101 11.54 -14.02 -0.74
CA LYS A 101 12.43 -14.01 -1.91
C LYS A 101 11.86 -13.23 -3.12
N GLN A 102 10.54 -13.22 -3.30
CA GLN A 102 9.83 -12.41 -4.30
C GLN A 102 9.81 -10.92 -3.92
N VAL A 103 9.39 -10.56 -2.70
CA VAL A 103 9.34 -9.15 -2.26
C VAL A 103 10.73 -8.52 -2.11
N ALA A 104 11.77 -9.35 -1.96
CA ALA A 104 13.16 -8.92 -2.11
C ALA A 104 13.47 -8.36 -3.50
N GLN A 105 12.94 -8.94 -4.59
CA GLN A 105 13.19 -8.44 -5.95
C GLN A 105 12.51 -7.07 -6.19
N ALA A 106 11.31 -6.84 -5.65
CA ALA A 106 10.72 -5.51 -5.56
C ALA A 106 11.59 -4.54 -4.73
N SER A 107 12.16 -4.98 -3.61
CA SER A 107 13.07 -4.14 -2.79
C SER A 107 14.40 -3.82 -3.50
N HIS A 108 14.92 -4.74 -4.32
CA HIS A 108 16.06 -4.52 -5.21
C HIS A 108 15.73 -3.60 -6.41
N SER A 109 14.46 -3.52 -6.79
CA SER A 109 13.95 -2.57 -7.80
C SER A 109 13.85 -1.12 -7.28
N TYR A 110 13.44 -0.93 -6.01
CA TYR A 110 13.42 0.38 -5.34
C TYR A 110 13.38 0.28 -3.80
N ARG A 111 14.17 1.14 -3.14
CA ARG A 111 14.32 1.15 -1.67
C ARG A 111 13.12 1.78 -0.95
N VAL A 112 12.02 1.03 -0.87
CA VAL A 112 11.01 1.22 0.18
C VAL A 112 11.64 0.97 1.55
N TYR A 113 11.33 1.81 2.54
CA TYR A 113 12.03 1.81 3.82
C TYR A 113 11.35 0.93 4.89
N TYR A 114 12.10 -0.06 5.37
CA TYR A 114 11.72 -0.93 6.48
C TYR A 114 12.98 -1.52 7.16
N ASN A 115 12.97 -1.67 8.49
CA ASN A 115 14.09 -2.21 9.28
C ASN A 115 13.53 -2.82 10.58
N ALA A 116 13.97 -4.03 10.97
CA ALA A 116 13.46 -4.70 12.17
C ALA A 116 14.08 -4.11 13.45
N GLY A 117 13.27 -3.94 14.49
CA GLY A 117 13.61 -3.23 15.73
C GLY A 117 13.66 -4.14 16.96
N PRO A 118 14.79 -4.86 17.21
CA PRO A 118 15.03 -5.53 18.48
C PRO A 118 15.38 -4.50 19.55
N LYS A 119 14.94 -4.73 20.80
CA LYS A 119 15.13 -3.80 21.91
C LYS A 119 16.26 -4.16 22.87
N ASP A 120 16.61 -3.17 23.69
CA ASP A 120 17.51 -3.24 24.83
C ASP A 120 16.99 -4.20 25.92
N GLU A 121 15.86 -3.82 26.52
CA GLU A 121 15.28 -4.28 27.79
C GLU A 121 14.17 -3.34 28.31
N ASP A 122 13.54 -2.50 27.46
CA ASP A 122 12.47 -1.58 27.89
C ASP A 122 11.67 -0.93 26.75
N GLN A 123 12.29 -0.63 25.60
CA GLN A 123 11.58 0.01 24.48
C GLN A 123 10.83 -1.02 23.62
N ASP A 124 9.51 -1.03 23.71
CA ASP A 124 8.61 -2.10 23.25
C ASP A 124 8.32 -2.15 21.74
N TYR A 125 9.06 -1.40 20.92
CA TYR A 125 8.93 -1.36 19.45
C TYR A 125 9.22 -2.72 18.75
N ILE A 126 8.97 -2.79 17.43
CA ILE A 126 9.02 -4.06 16.67
C ILE A 126 9.65 -3.92 15.28
N VAL A 127 9.20 -2.96 14.45
CA VAL A 127 9.71 -2.69 13.10
C VAL A 127 9.60 -1.18 12.85
N ASP A 128 10.64 -0.55 12.31
CA ASP A 128 10.58 0.78 11.69
C ASP A 128 10.01 0.62 10.27
N HIS A 129 8.90 1.31 9.95
CA HIS A 129 8.30 1.29 8.59
C HIS A 129 7.52 2.58 8.27
N SER A 130 8.18 3.73 8.39
CA SER A 130 7.50 5.03 8.35
C SER A 130 8.40 6.14 7.78
N ILE A 131 8.04 6.68 6.60
CA ILE A 131 8.69 7.82 5.95
C ILE A 131 7.81 8.36 4.81
N ALA A 132 7.27 7.47 3.98
CA ALA A 132 6.44 7.80 2.83
C ALA A 132 5.48 6.65 2.48
N ILE A 133 4.29 6.99 1.99
CA ILE A 133 3.42 6.11 1.20
C ILE A 133 3.08 6.81 -0.13
N TYR A 134 2.95 6.05 -1.20
CA TYR A 134 3.02 6.61 -2.57
C TYR A 134 1.70 6.52 -3.34
N LEU A 135 1.39 7.57 -4.11
CA LEU A 135 0.25 7.60 -5.04
C LEU A 135 0.65 6.97 -6.37
N LEU A 136 0.11 5.79 -6.67
CA LEU A 136 0.16 5.09 -7.95
C LEU A 136 -1.10 5.41 -8.77
N ASN A 137 -0.90 5.78 -10.03
CA ASN A 137 -1.91 6.41 -10.88
C ASN A 137 -2.51 5.44 -11.94
N PRO A 138 -3.56 5.85 -12.69
CA PRO A 138 -4.28 4.98 -13.62
C PRO A 138 -3.61 4.86 -15.02
N ASP A 139 -2.40 5.42 -15.19
CA ASP A 139 -1.63 5.47 -16.44
C ASP A 139 -0.41 4.53 -16.37
N GLY A 140 -0.03 4.09 -15.16
CA GLY A 140 1.07 3.15 -14.88
C GLY A 140 2.26 3.77 -14.15
N LEU A 141 2.10 4.97 -13.58
CA LEU A 141 3.18 5.79 -12.99
C LEU A 141 2.83 6.27 -11.58
N PHE A 142 3.80 6.91 -10.90
CA PHE A 142 3.57 7.62 -9.64
C PHE A 142 3.06 9.05 -9.87
N THR A 143 2.53 9.69 -8.83
CA THR A 143 2.22 11.14 -8.81
C THR A 143 3.08 11.88 -7.79
N ASP A 144 2.93 11.56 -6.50
CA ASP A 144 3.68 12.15 -5.38
C ASP A 144 3.47 11.27 -4.11
N TYR A 145 4.05 11.66 -2.97
CA TYR A 145 3.99 10.89 -1.71
C TYR A 145 3.32 11.65 -0.53
N TYR A 146 2.79 10.86 0.41
CA TYR A 146 2.23 11.31 1.69
C TYR A 146 2.97 10.65 2.89
N GLY A 147 2.83 11.20 4.11
CA GLY A 147 3.42 10.63 5.33
C GLY A 147 3.57 11.59 6.52
N ARG A 148 3.41 12.91 6.32
CA ARG A 148 3.36 13.91 7.39
C ARG A 148 1.95 13.94 8.00
N SER A 149 1.81 13.95 9.33
CA SER A 149 0.50 13.93 10.01
C SER A 149 -0.51 14.95 9.45
N ARG A 150 -1.74 14.50 9.19
CA ARG A 150 -2.80 15.22 8.45
C ARG A 150 -4.12 14.46 8.56
N SER A 151 -5.24 15.04 8.14
CA SER A 151 -6.58 14.49 8.32
C SER A 151 -7.44 14.80 7.07
N ALA A 152 -8.66 14.25 7.02
CA ALA A 152 -9.49 14.16 5.81
C ALA A 152 -9.67 15.48 5.04
N GLU A 153 -9.69 16.63 5.73
CA GLU A 153 -9.72 17.96 5.09
C GLU A 153 -8.45 18.25 4.28
N GLN A 154 -7.29 18.36 4.91
CA GLN A 154 -6.04 18.65 4.19
C GLN A 154 -5.55 17.47 3.33
N ILE A 155 -6.01 16.24 3.58
CA ILE A 155 -5.94 15.13 2.61
C ILE A 155 -6.70 15.50 1.34
N SER A 156 -7.97 15.94 1.44
CA SER A 156 -8.78 16.31 0.28
C SER A 156 -8.19 17.49 -0.53
N ASP A 157 -7.61 18.48 0.16
CA ASP A 157 -6.88 19.59 -0.45
C ASP A 157 -5.62 19.10 -1.18
N SER A 158 -4.87 18.18 -0.56
CA SER A 158 -3.66 17.59 -1.14
C SER A 158 -3.98 16.70 -2.36
N VAL A 159 -4.97 15.80 -2.25
CA VAL A 159 -5.45 14.95 -3.35
C VAL A 159 -5.88 15.81 -4.54
N ARG A 160 -6.69 16.86 -4.30
CA ARG A 160 -7.14 17.79 -5.35
C ARG A 160 -5.96 18.55 -5.98
N ARG A 161 -5.00 19.04 -5.18
CA ARG A 161 -3.78 19.69 -5.69
C ARG A 161 -2.92 18.75 -6.54
N HIS A 162 -2.74 17.50 -6.14
CA HIS A 162 -2.03 16.49 -6.94
C HIS A 162 -2.77 16.14 -8.25
N MET A 163 -4.12 16.09 -8.25
CA MET A 163 -4.92 15.90 -9.48
C MET A 163 -4.79 17.07 -10.47
N ALA A 164 -4.65 18.31 -9.99
CA ALA A 164 -4.42 19.49 -10.84
C ALA A 164 -3.06 19.48 -11.59
N ALA A 165 -2.17 18.52 -11.25
CA ALA A 165 -0.89 18.29 -11.94
C ALA A 165 -0.93 17.16 -12.99
N PHE A 166 -2.06 16.46 -13.15
CA PHE A 166 -2.16 15.25 -13.99
C PHE A 166 -2.28 15.54 -15.50
N ARG A 167 -2.25 14.48 -16.32
CA ARG A 167 -2.37 14.48 -17.79
C ARG A 167 -3.61 15.25 -18.31
N SER A 168 -4.71 15.20 -17.54
CA SER A 168 -6.08 15.68 -17.81
C SER A 168 -7.01 15.03 -16.78
N VAL A 169 -8.05 14.27 -17.16
CA VAL A 169 -9.00 13.52 -16.31
C VAL A 169 -9.97 14.41 -15.50
N LEU A 170 -9.56 15.64 -15.16
CA LEU A 170 -10.43 16.70 -14.64
C LEU A 170 -11.22 17.32 -15.80
N SER A 171 -10.56 18.12 -16.64
CA SER A 171 -11.04 18.63 -17.93
C SER A 171 -12.28 19.51 -17.81
CU CU1 B . 3.17 -1.48 11.85
N SER A 2 19.63 -0.24 -24.73
CA SER A 2 18.25 -0.35 -25.24
C SER A 2 17.26 -0.50 -24.11
N PHE A 3 15.95 -0.46 -24.40
CA PHE A 3 14.88 -0.68 -23.40
C PHE A 3 13.75 -1.58 -23.92
N THR A 4 13.10 -2.32 -23.01
CA THR A 4 12.01 -3.27 -23.23
C THR A 4 11.45 -3.73 -21.88
N GLY A 5 10.15 -4.05 -21.82
CA GLY A 5 9.39 -4.20 -20.57
C GLY A 5 9.30 -2.86 -19.80
N GLN A 6 8.90 -2.92 -18.52
CA GLN A 6 9.04 -1.79 -17.59
C GLN A 6 8.91 -2.26 -16.14
N GLY A 7 9.93 -2.95 -15.63
CA GLY A 7 10.09 -3.28 -14.21
C GLY A 7 9.01 -4.24 -13.68
N ASP A 8 8.56 -5.18 -14.51
CA ASP A 8 7.54 -6.19 -14.22
C ASP A 8 7.76 -6.88 -12.86
N PHE A 9 6.71 -6.95 -12.04
CA PHE A 9 6.69 -7.60 -10.72
C PHE A 9 5.49 -8.54 -10.57
N HIS A 10 5.55 -9.46 -9.60
CA HIS A 10 4.58 -10.55 -9.42
C HIS A 10 4.32 -10.86 -7.93
N LEU A 11 3.08 -10.68 -7.45
CA LEU A 11 2.67 -10.80 -6.03
C LEU A 11 1.32 -11.50 -5.90
N LEU A 12 1.00 -12.05 -4.71
CA LEU A 12 -0.24 -12.78 -4.46
C LEU A 12 -1.28 -11.95 -3.69
N ASP A 13 -2.54 -12.05 -4.10
CA ASP A 13 -3.71 -11.56 -3.37
C ASP A 13 -4.06 -12.51 -2.21
N HIS A 14 -4.63 -11.96 -1.13
CA HIS A 14 -5.21 -12.69 0.01
C HIS A 14 -6.40 -13.63 -0.33
N ARG A 15 -6.71 -13.82 -1.62
CA ARG A 15 -7.69 -14.78 -2.15
C ARG A 15 -7.13 -15.65 -3.30
N GLY A 16 -5.82 -15.60 -3.58
CA GLY A 16 -5.13 -16.57 -4.45
C GLY A 16 -4.93 -16.18 -5.92
N ARG A 17 -5.33 -14.97 -6.35
CA ARG A 17 -4.84 -14.40 -7.62
C ARG A 17 -3.34 -14.09 -7.47
N ALA A 18 -2.55 -14.30 -8.52
CA ALA A 18 -1.20 -13.76 -8.65
C ALA A 18 -1.20 -12.61 -9.66
N ARG A 19 -1.06 -11.37 -9.19
CA ARG A 19 -1.10 -10.16 -10.03
C ARG A 19 0.24 -9.96 -10.75
N CYS A 20 0.19 -9.61 -12.04
CA CYS A 20 1.31 -9.01 -12.76
C CYS A 20 1.22 -7.48 -12.67
N LYS A 21 2.25 -6.77 -13.09
CA LYS A 21 2.26 -5.30 -13.11
C LYS A 21 1.13 -4.66 -13.96
N ALA A 22 0.54 -5.42 -14.90
CA ALA A 22 -0.59 -5.04 -15.73
C ALA A 22 -1.96 -4.97 -15.01
N ASP A 23 -2.16 -5.65 -13.88
CA ASP A 23 -3.45 -5.67 -13.15
C ASP A 23 -3.80 -4.27 -12.62
N PHE A 24 -2.74 -3.57 -12.21
CA PHE A 24 -2.71 -2.21 -11.66
C PHE A 24 -2.94 -1.11 -12.72
N ARG A 25 -2.87 -1.42 -14.02
CA ARG A 25 -3.09 -0.43 -15.09
C ARG A 25 -4.60 -0.17 -15.23
N GLY A 26 -5.02 1.06 -14.95
CA GLY A 26 -6.41 1.53 -14.97
C GLY A 26 -7.06 1.45 -13.59
N GLN A 27 -7.30 2.64 -12.98
CA GLN A 27 -7.81 2.99 -11.64
C GLN A 27 -6.73 3.79 -10.88
N TRP A 28 -7.01 4.27 -9.66
CA TRP A 28 -6.00 4.73 -8.73
C TRP A 28 -5.55 3.60 -7.80
N VAL A 29 -4.29 3.65 -7.34
CA VAL A 29 -3.76 2.74 -6.32
C VAL A 29 -2.76 3.48 -5.41
N LEU A 30 -2.58 2.97 -4.19
CA LEU A 30 -1.68 3.53 -3.18
C LEU A 30 -0.95 2.41 -2.42
N MET A 31 0.33 2.61 -2.15
CA MET A 31 1.19 1.65 -1.43
C MET A 31 1.38 2.02 0.05
N TYR A 32 1.34 1.01 0.91
CA TYR A 32 1.69 1.03 2.33
C TYR A 32 2.44 -0.27 2.69
N PHE A 33 3.36 -0.23 3.66
CA PHE A 33 4.28 -1.33 3.98
C PHE A 33 4.20 -1.67 5.48
N GLY A 34 3.92 -2.94 5.80
CA GLY A 34 3.69 -3.38 7.19
C GLY A 34 3.95 -4.88 7.42
N PHE A 35 3.71 -5.34 8.65
CA PHE A 35 3.79 -6.74 9.02
C PHE A 35 2.95 -7.07 10.27
N THR A 36 2.71 -8.36 10.50
CA THR A 36 1.79 -8.91 11.52
C THR A 36 2.33 -8.91 12.95
N HIS A 37 2.92 -7.79 13.41
CA HIS A 37 3.34 -7.59 14.81
C HIS A 37 3.56 -6.10 15.12
N CYS A 38 2.58 -5.48 15.77
CA CYS A 38 2.59 -4.09 16.22
C CYS A 38 1.88 -3.96 17.59
N PRO A 39 2.23 -2.97 18.43
CA PRO A 39 1.48 -2.66 19.65
C PRO A 39 0.08 -2.08 19.34
N ASP A 40 0.00 -0.99 18.55
CA ASP A 40 -1.19 -0.12 18.41
C ASP A 40 -1.01 0.99 17.34
N ILE A 41 -0.03 0.87 16.42
CA ILE A 41 0.28 1.92 15.42
C ILE A 41 -0.52 1.69 14.14
N CYS A 42 -0.52 0.46 13.61
CA CYS A 42 -1.38 0.02 12.51
C CYS A 42 -2.87 0.42 12.67
N PRO A 43 -3.54 0.17 13.82
CA PRO A 43 -4.92 0.59 14.02
C PRO A 43 -5.12 2.10 14.20
N ASP A 44 -4.06 2.91 14.35
CA ASP A 44 -4.08 4.29 13.86
C ASP A 44 -3.83 4.46 12.36
N GLU A 45 -2.61 4.27 11.85
CA GLU A 45 -2.23 4.60 10.46
C GLU A 45 -3.22 4.06 9.40
N LEU A 46 -3.68 2.81 9.50
CA LEU A 46 -4.65 2.20 8.59
C LEU A 46 -6.08 2.77 8.76
N GLU A 47 -6.48 3.13 9.97
CA GLU A 47 -7.75 3.84 10.25
C GLU A 47 -7.69 5.27 9.68
N LYS A 48 -6.58 5.95 9.95
CA LYS A 48 -6.26 7.30 9.52
C LYS A 48 -6.25 7.41 7.98
N LEU A 49 -5.83 6.33 7.31
CA LEU A 49 -6.08 6.02 5.90
C LEU A 49 -7.57 5.74 5.64
N VAL A 50 -8.20 4.71 6.23
CA VAL A 50 -9.58 4.27 5.93
C VAL A 50 -10.64 5.37 6.07
N GLN A 51 -10.42 6.40 6.91
CA GLN A 51 -11.21 7.63 6.91
C GLN A 51 -11.34 8.23 5.49
N VAL A 52 -10.25 8.31 4.71
CA VAL A 52 -10.30 8.85 3.33
C VAL A 52 -11.05 7.90 2.38
N VAL A 53 -10.98 6.58 2.61
CA VAL A 53 -11.62 5.57 1.76
C VAL A 53 -13.16 5.66 1.85
N ARG A 54 -13.70 5.84 3.06
CA ARG A 54 -15.16 6.05 3.27
C ARG A 54 -15.63 7.34 2.60
N GLN A 55 -14.84 8.39 2.73
CA GLN A 55 -15.17 9.71 2.17
C GLN A 55 -15.08 9.74 0.64
N LEU A 56 -14.10 9.09 0.01
CA LEU A 56 -13.99 9.03 -1.46
C LEU A 56 -15.08 8.14 -2.09
N GLU A 57 -15.48 7.04 -1.45
CA GLU A 57 -16.66 6.26 -1.85
C GLU A 57 -17.95 7.10 -1.93
N ALA A 58 -18.03 8.23 -1.22
CA ALA A 58 -19.14 9.20 -1.34
C ALA A 58 -19.10 10.13 -2.59
N GLU A 59 -18.00 10.24 -3.34
CA GLU A 59 -17.93 11.07 -4.56
C GLU A 59 -18.58 10.36 -5.78
N PRO A 60 -19.08 11.09 -6.80
CA PRO A 60 -19.84 10.54 -7.92
C PRO A 60 -18.90 9.92 -8.98
N GLY A 61 -18.39 8.73 -8.67
CA GLY A 61 -17.46 7.98 -9.52
C GLY A 61 -16.04 8.51 -9.35
N LEU A 62 -15.48 9.13 -10.40
CA LEU A 62 -14.10 9.64 -10.45
C LEU A 62 -13.13 8.42 -10.38
N PRO A 63 -11.79 8.57 -10.19
CA PRO A 63 -10.90 7.42 -10.08
C PRO A 63 -10.92 6.84 -8.65
N PRO A 64 -11.42 5.60 -8.42
CA PRO A 64 -11.41 4.98 -7.12
C PRO A 64 -10.00 4.45 -6.80
N VAL A 65 -9.57 4.61 -5.55
CA VAL A 65 -8.26 4.13 -5.05
C VAL A 65 -8.38 2.76 -4.39
N GLN A 66 -7.51 1.81 -4.75
CA GLN A 66 -7.22 0.64 -3.90
C GLN A 66 -5.91 0.89 -3.13
N PRO A 67 -5.96 1.12 -1.81
CA PRO A 67 -4.77 1.11 -0.97
C PRO A 67 -4.34 -0.34 -0.70
N VAL A 68 -3.04 -0.59 -0.82
CA VAL A 68 -2.41 -1.91 -0.70
C VAL A 68 -1.50 -1.97 0.51
N PHE A 69 -1.67 -2.98 1.36
CA PHE A 69 -0.73 -3.38 2.40
C PHE A 69 0.25 -4.41 1.82
N ILE A 70 1.54 -4.06 1.75
CA ILE A 70 2.62 -4.95 1.32
C ILE A 70 3.24 -5.63 2.56
N THR A 71 3.33 -6.97 2.54
CA THR A 71 4.03 -7.77 3.56
C THR A 71 5.52 -7.43 3.61
N VAL A 72 6.01 -7.07 4.79
CA VAL A 72 7.45 -6.89 5.13
C VAL A 72 7.90 -7.92 6.19
N ASP A 73 7.31 -9.13 6.18
CA ASP A 73 7.74 -10.28 6.98
C ASP A 73 7.31 -11.61 6.31
N PRO A 74 8.22 -12.25 5.55
CA PRO A 74 7.93 -13.47 4.81
C PRO A 74 7.93 -14.74 5.66
N GLU A 75 8.12 -14.66 7.00
CA GLU A 75 7.91 -15.81 7.90
C GLU A 75 6.58 -15.72 8.66
N ARG A 76 6.12 -14.51 8.98
CA ARG A 76 5.08 -14.26 9.97
C ARG A 76 3.74 -14.04 9.28
N ASP A 77 3.69 -13.10 8.34
CA ASP A 77 2.51 -12.77 7.55
C ASP A 77 1.97 -14.01 6.81
N ASP A 78 0.67 -13.95 6.48
CA ASP A 78 -0.06 -15.10 5.94
C ASP A 78 -1.42 -14.74 5.34
N VAL A 79 -1.92 -15.62 4.46
CA VAL A 79 -3.21 -15.45 3.76
C VAL A 79 -4.37 -15.34 4.77
N GLU A 80 -4.31 -16.16 5.83
CA GLU A 80 -5.23 -16.15 6.97
C GLU A 80 -5.27 -14.79 7.67
N ALA A 81 -4.10 -14.16 7.88
CA ALA A 81 -4.01 -12.85 8.49
C ALA A 81 -4.50 -11.75 7.55
N MET A 82 -3.99 -11.69 6.31
CA MET A 82 -4.28 -10.64 5.34
C MET A 82 -5.78 -10.54 5.03
N ALA A 83 -6.43 -11.69 4.76
CA ALA A 83 -7.87 -11.73 4.51
C ALA A 83 -8.68 -11.22 5.71
N ARG A 84 -8.30 -11.61 6.94
CA ARG A 84 -9.00 -11.18 8.15
C ARG A 84 -8.73 -9.69 8.44
N TYR A 85 -7.51 -9.18 8.24
CA TYR A 85 -7.16 -7.74 8.24
C TYR A 85 -8.01 -6.94 7.25
N VAL A 86 -8.11 -7.40 6.00
CA VAL A 86 -8.88 -6.73 4.94
C VAL A 86 -10.37 -6.56 5.32
N GLN A 87 -11.00 -7.59 5.89
CA GLN A 87 -12.38 -7.50 6.35
C GLN A 87 -12.56 -6.68 7.66
N ASP A 88 -11.59 -6.70 8.58
CA ASP A 88 -11.70 -6.10 9.92
C ASP A 88 -11.94 -4.58 9.90
N PHE A 89 -11.31 -3.90 8.94
CA PHE A 89 -11.54 -2.50 8.61
C PHE A 89 -12.77 -2.37 7.72
N HIS A 90 -12.69 -2.94 6.50
CA HIS A 90 -13.75 -3.00 5.47
C HIS A 90 -13.20 -3.63 4.17
N PRO A 91 -13.89 -4.63 3.56
CA PRO A 91 -13.35 -5.44 2.46
C PRO A 91 -13.36 -4.75 1.08
N ARG A 92 -12.63 -3.64 0.95
CA ARG A 92 -12.01 -3.19 -0.33
C ARG A 92 -10.47 -3.02 -0.23
N LEU A 93 -9.91 -3.19 0.98
CA LEU A 93 -8.47 -3.26 1.24
C LEU A 93 -7.83 -4.43 0.47
N LEU A 94 -6.51 -4.37 0.28
CA LEU A 94 -5.71 -5.47 -0.27
C LEU A 94 -4.54 -5.77 0.65
N GLY A 95 -4.26 -7.06 0.87
CA GLY A 95 -2.95 -7.53 1.32
C GLY A 95 -2.24 -8.24 0.17
N LEU A 96 -1.01 -7.81 -0.15
CA LEU A 96 -0.13 -8.53 -1.07
C LEU A 96 1.02 -9.19 -0.32
N THR A 97 1.23 -10.49 -0.60
CA THR A 97 2.18 -11.37 0.09
C THR A 97 2.91 -12.26 -0.92
N GLY A 98 3.96 -12.94 -0.47
CA GLY A 98 4.78 -13.89 -1.23
C GLY A 98 5.85 -14.53 -0.35
N SER A 99 6.98 -14.91 -0.94
CA SER A 99 8.20 -15.29 -0.22
C SER A 99 9.34 -14.29 -0.45
N THR A 100 10.35 -14.30 0.45
CA THR A 100 11.44 -13.30 0.54
C THR A 100 12.09 -12.95 -0.79
N LYS A 101 12.30 -13.94 -1.66
CA LYS A 101 12.82 -13.80 -3.03
C LYS A 101 12.13 -12.66 -3.81
N GLN A 102 10.80 -12.58 -3.74
CA GLN A 102 9.99 -11.53 -4.39
C GLN A 102 10.16 -10.18 -3.70
N VAL A 103 10.14 -10.14 -2.36
CA VAL A 103 10.16 -8.88 -1.57
C VAL A 103 11.49 -8.13 -1.78
N ALA A 104 12.60 -8.87 -1.84
CA ALA A 104 13.91 -8.34 -2.24
C ALA A 104 13.92 -7.74 -3.65
N GLN A 105 13.29 -8.39 -4.65
CA GLN A 105 13.21 -7.87 -6.02
C GLN A 105 12.28 -6.64 -6.10
N ALA A 106 11.15 -6.64 -5.39
CA ALA A 106 10.25 -5.50 -5.30
C ALA A 106 10.92 -4.25 -4.72
N SER A 107 11.67 -4.37 -3.62
CA SER A 107 12.42 -3.24 -3.03
C SER A 107 13.64 -2.82 -3.88
N HIS A 108 14.27 -3.74 -4.62
CA HIS A 108 15.28 -3.40 -5.63
C HIS A 108 14.68 -2.61 -6.83
N SER A 109 13.42 -2.86 -7.18
CA SER A 109 12.67 -2.07 -8.16
C SER A 109 12.30 -0.69 -7.59
N TYR A 110 11.64 -0.67 -6.43
CA TYR A 110 11.16 0.54 -5.74
C TYR A 110 11.49 0.48 -4.23
N ARG A 111 12.62 1.10 -3.85
CA ARG A 111 13.15 1.05 -2.47
C ARG A 111 12.27 1.78 -1.44
N VAL A 112 12.20 1.21 -0.24
CA VAL A 112 11.46 1.71 0.95
C VAL A 112 12.40 1.72 2.18
N TYR A 113 11.98 2.32 3.31
CA TYR A 113 12.83 2.48 4.51
C TYR A 113 12.68 1.32 5.51
N TYR A 114 13.75 1.07 6.29
CA TYR A 114 13.81 0.04 7.33
C TYR A 114 14.70 0.49 8.51
N ASN A 115 14.24 0.28 9.76
CA ASN A 115 15.05 0.40 10.98
C ASN A 115 14.83 -0.83 11.89
N ALA A 116 15.92 -1.36 12.47
CA ALA A 116 15.92 -2.58 13.25
C ALA A 116 17.10 -2.61 14.23
N GLY A 117 16.95 -3.31 15.36
CA GLY A 117 18.07 -3.62 16.26
C GLY A 117 17.81 -4.69 17.32
N PRO A 118 17.30 -5.88 16.95
CA PRO A 118 17.02 -6.95 17.90
C PRO A 118 18.34 -7.53 18.44
N LYS A 119 18.67 -7.19 19.69
CA LYS A 119 19.97 -7.49 20.29
C LYS A 119 20.18 -9.01 20.53
N ASP A 120 21.39 -9.52 20.23
CA ASP A 120 21.85 -10.91 20.38
C ASP A 120 22.03 -11.34 21.87
N GLU A 121 20.92 -11.30 22.60
CA GLU A 121 20.69 -11.78 23.98
C GLU A 121 19.19 -11.67 24.21
N ASP A 122 18.70 -10.48 24.59
CA ASP A 122 17.31 -10.21 24.95
C ASP A 122 16.36 -10.24 23.73
N GLN A 123 16.62 -9.33 22.77
CA GLN A 123 15.98 -9.11 21.46
C GLN A 123 14.91 -7.99 21.47
N ASP A 124 14.27 -7.68 22.60
CA ASP A 124 13.00 -6.93 22.65
C ASP A 124 13.11 -5.41 22.38
N TYR A 125 14.26 -4.96 21.85
CA TYR A 125 14.37 -3.71 21.10
C TYR A 125 13.58 -3.75 19.78
N ILE A 126 13.60 -4.90 19.09
CA ILE A 126 12.87 -5.22 17.86
C ILE A 126 13.18 -4.25 16.69
N VAL A 127 12.22 -3.42 16.25
CA VAL A 127 12.21 -2.66 14.97
C VAL A 127 11.31 -1.41 15.09
N ASP A 128 11.31 -0.55 14.07
CA ASP A 128 10.35 0.56 13.88
C ASP A 128 9.76 0.56 12.45
N HIS A 129 8.57 1.13 12.27
CA HIS A 129 7.97 1.45 10.97
C HIS A 129 7.37 2.89 10.95
N SER A 130 7.03 3.42 9.78
CA SER A 130 6.27 4.67 9.66
C SER A 130 5.39 4.64 8.41
N ILE A 131 4.24 5.33 8.45
CA ILE A 131 3.57 5.82 7.25
C ILE A 131 4.57 6.53 6.32
N ALA A 132 4.54 6.15 5.05
CA ALA A 132 5.39 6.62 3.96
C ALA A 132 4.79 6.10 2.64
N ILE A 133 3.81 6.84 2.10
CA ILE A 133 2.87 6.34 1.08
C ILE A 133 2.84 7.23 -0.17
N TYR A 134 2.88 6.61 -1.35
CA TYR A 134 2.80 7.27 -2.67
C TYR A 134 1.41 7.09 -3.32
N LEU A 135 0.93 8.14 -3.98
CA LEU A 135 -0.21 8.09 -4.91
C LEU A 135 0.31 7.69 -6.31
N LEU A 136 -0.38 6.79 -7.01
CA LEU A 136 -0.07 6.44 -8.40
C LEU A 136 -1.29 6.66 -9.31
N ASN A 137 -1.14 7.54 -10.31
CA ASN A 137 -2.06 7.63 -11.46
C ASN A 137 -1.95 6.40 -12.38
N PRO A 138 -3.03 6.01 -13.08
CA PRO A 138 -2.95 4.98 -14.12
C PRO A 138 -2.06 5.46 -15.28
N ASP A 139 -1.39 4.51 -15.95
CA ASP A 139 -0.61 4.70 -17.20
C ASP A 139 0.71 5.49 -17.03
N GLY A 140 1.03 5.97 -15.83
CA GLY A 140 2.21 6.83 -15.59
C GLY A 140 2.79 6.76 -14.18
N LEU A 141 1.94 6.55 -13.17
CA LEU A 141 2.29 6.00 -11.87
C LEU A 141 3.22 6.93 -11.03
N PHE A 142 2.87 8.21 -10.90
CA PHE A 142 3.53 9.14 -9.96
C PHE A 142 2.67 10.39 -9.70
N THR A 143 2.06 10.48 -8.50
CA THR A 143 1.09 11.53 -8.12
C THR A 143 1.38 12.08 -6.71
N ASP A 144 2.62 11.97 -6.25
CA ASP A 144 3.19 12.57 -5.02
C ASP A 144 2.96 11.69 -3.76
N TYR A 145 3.36 12.17 -2.57
CA TYR A 145 3.53 11.28 -1.39
C TYR A 145 3.39 11.97 -0.01
N TYR A 146 3.13 11.15 1.02
CA TYR A 146 3.12 11.55 2.44
C TYR A 146 3.92 10.60 3.33
N GLY A 147 4.89 11.14 4.08
CA GLY A 147 5.65 10.46 5.15
C GLY A 147 5.88 11.32 6.40
N ARG A 148 5.10 12.39 6.56
CA ARG A 148 5.30 13.45 7.56
C ARG A 148 3.97 14.12 7.91
N SER A 149 3.75 14.32 9.20
CA SER A 149 2.86 15.32 9.83
C SER A 149 1.64 15.75 9.01
N ARG A 150 0.57 14.96 9.05
CA ARG A 150 -0.68 15.15 8.30
C ARG A 150 -1.80 14.30 8.92
N SER A 151 -3.05 14.51 8.51
CA SER A 151 -4.19 13.75 9.03
C SER A 151 -5.34 13.80 8.02
N ALA A 152 -6.38 12.99 8.24
CA ALA A 152 -7.35 12.60 7.22
C ALA A 152 -7.94 13.78 6.44
N GLU A 153 -8.22 14.92 7.10
CA GLU A 153 -8.77 16.09 6.43
C GLU A 153 -7.78 16.80 5.50
N GLN A 154 -6.53 17.03 5.91
CA GLN A 154 -5.51 17.61 5.02
C GLN A 154 -5.07 16.63 3.92
N ILE A 155 -5.17 15.31 4.17
CA ILE A 155 -4.97 14.30 3.13
C ILE A 155 -6.12 14.36 2.11
N SER A 156 -7.38 14.28 2.55
CA SER A 156 -8.54 14.30 1.64
C SER A 156 -8.62 15.59 0.82
N ASP A 157 -8.35 16.75 1.43
CA ASP A 157 -8.36 18.05 0.76
C ASP A 157 -7.26 18.16 -0.30
N SER A 158 -6.04 17.70 0.02
CA SER A 158 -4.93 17.67 -0.94
C SER A 158 -5.10 16.62 -2.03
N VAL A 159 -5.53 15.39 -1.70
CA VAL A 159 -5.80 14.32 -2.69
C VAL A 159 -6.91 14.75 -3.67
N ARG A 160 -7.92 15.50 -3.21
CA ARG A 160 -8.97 16.01 -4.11
C ARG A 160 -8.44 17.05 -5.12
N ARG A 161 -7.33 17.75 -4.85
CA ARG A 161 -6.68 18.62 -5.85
C ARG A 161 -6.27 17.82 -7.09
N HIS A 162 -5.62 16.66 -6.90
CA HIS A 162 -5.27 15.76 -8.00
C HIS A 162 -6.53 15.22 -8.72
N MET A 163 -7.58 14.88 -7.97
CA MET A 163 -8.85 14.37 -8.49
C MET A 163 -9.61 15.38 -9.36
N ALA A 164 -9.50 16.68 -9.09
CA ALA A 164 -9.97 17.75 -9.95
C ALA A 164 -9.13 17.99 -11.22
N ALA A 165 -7.84 17.59 -11.22
CA ALA A 165 -6.83 18.08 -12.17
C ALA A 165 -6.31 17.04 -13.19
N PHE A 166 -6.39 15.74 -12.88
CA PHE A 166 -5.95 14.65 -13.76
C PHE A 166 -6.95 14.43 -14.90
N ARG A 167 -6.88 15.26 -15.95
CA ARG A 167 -7.91 15.31 -16.99
C ARG A 167 -7.97 14.02 -17.83
N SER A 168 -6.82 13.46 -18.23
CA SER A 168 -6.72 12.19 -18.95
C SER A 168 -7.30 12.23 -20.39
N VAL A 169 -7.40 11.07 -21.02
CA VAL A 169 -8.05 10.81 -22.31
C VAL A 169 -8.72 9.43 -22.29
N LEU A 170 -10.01 9.41 -22.63
CA LEU A 170 -10.85 8.20 -22.78
C LEU A 170 -10.96 7.41 -21.46
N SER A 171 -11.23 8.15 -20.37
CA SER A 171 -11.31 7.64 -19.01
C SER A 171 -12.26 8.50 -18.16
CU CU1 B . 1.93 -0.63 13.29
N SER A 2 18.20 2.53 -28.08
CA SER A 2 17.74 1.28 -28.72
C SER A 2 16.73 0.57 -27.82
N PHE A 3 16.46 -0.73 -28.00
CA PHE A 3 15.32 -1.41 -27.33
C PHE A 3 15.72 -2.76 -26.70
N THR A 4 15.32 -2.93 -25.42
CA THR A 4 15.56 -4.06 -24.52
C THR A 4 14.92 -3.76 -23.15
N GLY A 5 14.69 -4.79 -22.32
CA GLY A 5 14.26 -4.67 -20.92
C GLY A 5 12.80 -5.10 -20.63
N GLN A 6 12.44 -5.02 -19.35
CA GLN A 6 11.12 -5.36 -18.80
C GLN A 6 10.49 -4.09 -18.15
N GLY A 7 9.72 -4.17 -17.05
CA GLY A 7 9.23 -2.95 -16.37
C GLY A 7 8.21 -3.09 -15.24
N ASP A 8 8.16 -4.23 -14.55
CA ASP A 8 7.02 -4.65 -13.72
C ASP A 8 7.41 -5.23 -12.33
N PHE A 9 6.41 -5.77 -11.62
CA PHE A 9 6.50 -6.53 -10.38
C PHE A 9 5.25 -7.41 -10.21
N HIS A 10 5.31 -8.41 -9.31
CA HIS A 10 4.17 -9.27 -8.97
C HIS A 10 4.21 -9.80 -7.52
N LEU A 11 3.04 -10.11 -6.96
CA LEU A 11 2.79 -10.62 -5.59
C LEU A 11 1.54 -11.52 -5.61
N LEU A 12 1.38 -12.42 -4.63
CA LEU A 12 0.19 -13.28 -4.50
C LEU A 12 -0.97 -12.50 -3.86
N ASP A 13 -2.21 -12.80 -4.22
CA ASP A 13 -3.40 -12.18 -3.62
C ASP A 13 -3.66 -12.79 -2.22
N HIS A 14 -4.41 -12.07 -1.36
CA HIS A 14 -4.85 -12.59 -0.05
C HIS A 14 -5.71 -13.87 -0.12
N ARG A 15 -6.08 -14.34 -1.32
CA ARG A 15 -6.39 -15.75 -1.61
C ARG A 15 -6.39 -16.06 -3.11
N GLY A 16 -5.72 -17.16 -3.50
CA GLY A 16 -5.82 -17.78 -4.83
C GLY A 16 -4.58 -17.62 -5.72
N ARG A 17 -4.57 -16.55 -6.54
CA ARG A 17 -3.65 -16.33 -7.66
C ARG A 17 -2.63 -15.22 -7.36
N ALA A 18 -2.05 -14.58 -8.39
CA ALA A 18 -1.10 -13.48 -8.26
C ALA A 18 -1.49 -12.24 -9.09
N ARG A 19 -1.19 -11.06 -8.54
CA ARG A 19 -1.43 -9.74 -9.10
C ARG A 19 -0.11 -9.11 -9.57
N CYS A 20 -0.12 -8.40 -10.71
CA CYS A 20 1.05 -7.71 -11.27
C CYS A 20 0.81 -6.20 -11.45
N LYS A 21 1.88 -5.45 -11.77
CA LYS A 21 1.87 -3.98 -11.90
C LYS A 21 0.75 -3.42 -12.82
N ALA A 22 0.27 -4.19 -13.81
CA ALA A 22 -0.78 -3.77 -14.74
C ALA A 22 -2.13 -3.47 -14.04
N ASP A 23 -2.56 -4.29 -13.09
CA ASP A 23 -3.82 -4.10 -12.36
C ASP A 23 -3.68 -2.94 -11.37
N PHE A 24 -2.53 -2.86 -10.68
CA PHE A 24 -2.20 -1.79 -9.75
C PHE A 24 -2.14 -0.40 -10.42
N ARG A 25 -1.63 -0.32 -11.66
CA ARG A 25 -1.68 0.87 -12.50
C ARG A 25 -3.13 1.18 -12.91
N GLY A 26 -3.84 0.24 -13.55
CA GLY A 26 -5.13 0.45 -14.23
C GLY A 26 -6.34 0.64 -13.32
N GLN A 27 -6.19 1.31 -12.17
CA GLN A 27 -7.21 1.47 -11.14
C GLN A 27 -7.20 2.86 -10.46
N TRP A 28 -6.03 3.38 -10.07
CA TRP A 28 -5.80 4.43 -9.06
C TRP A 28 -5.93 3.79 -7.66
N VAL A 29 -4.86 3.76 -6.86
CA VAL A 29 -4.82 3.05 -5.56
C VAL A 29 -3.95 3.78 -4.53
N LEU A 30 -4.10 3.44 -3.24
CA LEU A 30 -3.20 3.86 -2.15
C LEU A 30 -2.34 2.69 -1.65
N MET A 31 -1.16 2.94 -1.10
CA MET A 31 -0.19 1.90 -0.74
C MET A 31 0.55 2.19 0.57
N TYR A 32 0.51 1.24 1.52
CA TYR A 32 1.19 1.25 2.83
C TYR A 32 2.08 -0.01 2.98
N PHE A 33 3.19 0.08 3.75
CA PHE A 33 4.07 -1.06 4.05
C PHE A 33 3.94 -1.48 5.53
N GLY A 34 3.70 -2.78 5.80
CA GLY A 34 3.56 -3.34 7.15
C GLY A 34 4.24 -4.70 7.33
N PHE A 35 4.54 -5.06 8.59
CA PHE A 35 5.22 -6.32 8.95
C PHE A 35 4.40 -7.24 9.90
N THR A 36 3.10 -6.95 10.07
CA THR A 36 2.09 -7.82 10.70
C THR A 36 2.55 -8.26 12.11
N HIS A 37 2.91 -7.26 12.92
CA HIS A 37 3.63 -7.40 14.18
C HIS A 37 3.42 -6.09 14.96
N CYS A 38 4.16 -5.04 14.58
CA CYS A 38 3.73 -3.64 14.57
C CYS A 38 3.48 -2.90 15.92
N PRO A 39 3.62 -1.56 15.94
CA PRO A 39 3.40 -0.69 17.09
C PRO A 39 1.94 -0.22 17.20
N ASP A 40 1.65 0.66 18.16
CA ASP A 40 0.31 1.25 18.41
C ASP A 40 -0.09 2.35 17.38
N ILE A 41 0.62 2.40 16.25
CA ILE A 41 0.49 3.44 15.21
C ILE A 41 -0.09 2.88 13.91
N CYS A 42 0.50 1.82 13.35
CA CYS A 42 0.00 1.12 12.17
C CYS A 42 -1.53 0.81 12.18
N PRO A 43 -2.16 0.33 13.28
CA PRO A 43 -3.61 0.13 13.33
C PRO A 43 -4.41 1.44 13.44
N ASP A 44 -3.80 2.52 13.92
CA ASP A 44 -4.38 3.87 13.95
C ASP A 44 -4.43 4.45 12.52
N GLU A 45 -3.29 4.46 11.83
CA GLU A 45 -3.13 4.72 10.39
C GLU A 45 -4.09 3.87 9.53
N LEU A 46 -4.38 2.62 9.89
CA LEU A 46 -5.37 1.79 9.19
C LEU A 46 -6.82 2.25 9.42
N GLU A 47 -7.25 2.49 10.66
CA GLU A 47 -8.57 3.08 10.98
C GLU A 47 -8.75 4.42 10.23
N LYS A 48 -7.75 5.28 10.34
CA LYS A 48 -7.61 6.58 9.67
C LYS A 48 -7.75 6.44 8.15
N LEU A 49 -6.98 5.57 7.48
CA LEU A 49 -7.11 5.36 6.04
C LEU A 49 -8.44 4.70 5.68
N VAL A 50 -8.97 3.76 6.48
CA VAL A 50 -10.31 3.19 6.26
C VAL A 50 -11.39 4.28 6.29
N GLN A 51 -11.30 5.25 7.21
CA GLN A 51 -12.23 6.38 7.26
C GLN A 51 -12.11 7.27 6.02
N VAL A 52 -10.87 7.51 5.54
CA VAL A 52 -10.62 8.23 4.28
C VAL A 52 -11.19 7.46 3.08
N VAL A 53 -10.77 6.21 2.81
CA VAL A 53 -11.11 5.52 1.54
C VAL A 53 -12.61 5.22 1.38
N ARG A 54 -13.36 5.10 2.48
CA ARG A 54 -14.83 5.01 2.47
C ARG A 54 -15.46 6.25 1.84
N GLN A 55 -14.98 7.41 2.27
CA GLN A 55 -15.42 8.71 1.76
C GLN A 55 -14.94 8.95 0.32
N LEU A 56 -13.69 8.57 -0.02
CA LEU A 56 -13.15 8.75 -1.38
C LEU A 56 -13.81 7.81 -2.42
N GLU A 57 -14.21 6.59 -2.04
CA GLU A 57 -14.93 5.66 -2.93
C GLU A 57 -16.21 6.29 -3.49
N ALA A 58 -16.86 7.17 -2.73
CA ALA A 58 -18.09 7.86 -3.16
C ALA A 58 -17.91 8.73 -4.42
N GLU A 59 -16.68 9.09 -4.81
CA GLU A 59 -16.32 9.54 -6.16
C GLU A 59 -16.73 10.99 -6.59
N PRO A 60 -17.15 11.95 -5.73
CA PRO A 60 -17.54 13.29 -6.19
C PRO A 60 -16.34 14.17 -6.56
N GLY A 61 -15.83 14.01 -7.78
CA GLY A 61 -14.75 14.83 -8.34
C GLY A 61 -13.37 14.50 -7.76
N LEU A 62 -13.06 13.20 -7.66
CA LEU A 62 -11.78 12.64 -7.19
C LEU A 62 -11.67 11.13 -7.58
N PRO A 63 -10.46 10.54 -7.65
CA PRO A 63 -10.28 9.13 -8.00
C PRO A 63 -10.59 8.21 -6.79
N PRO A 64 -11.36 7.12 -6.97
CA PRO A 64 -11.78 6.22 -5.89
C PRO A 64 -10.63 5.26 -5.51
N VAL A 65 -9.59 5.82 -4.90
CA VAL A 65 -8.30 5.14 -4.65
C VAL A 65 -8.41 4.14 -3.48
N GLN A 66 -8.49 2.85 -3.82
CA GLN A 66 -8.59 1.74 -2.87
C GLN A 66 -7.21 1.37 -2.27
N PRO A 67 -7.12 0.89 -1.02
CA PRO A 67 -5.84 0.66 -0.35
C PRO A 67 -5.25 -0.74 -0.62
N VAL A 68 -3.94 -0.80 -0.82
CA VAL A 68 -3.12 -2.03 -0.83
C VAL A 68 -2.22 -2.07 0.41
N PHE A 69 -2.28 -3.16 1.18
CA PHE A 69 -1.34 -3.49 2.25
C PHE A 69 -0.14 -4.26 1.68
N ILE A 70 1.06 -3.70 1.76
CA ILE A 70 2.30 -4.35 1.32
C ILE A 70 2.97 -5.06 2.50
N THR A 71 2.80 -6.39 2.55
CA THR A 71 3.33 -7.31 3.55
C THR A 71 4.82 -7.51 3.34
N VAL A 72 5.67 -6.92 4.18
CA VAL A 72 7.13 -6.93 3.96
C VAL A 72 7.85 -8.23 4.38
N ASP A 73 7.17 -9.19 5.02
CA ASP A 73 7.80 -10.44 5.50
C ASP A 73 6.85 -11.66 5.50
N PRO A 74 6.84 -12.50 4.44
CA PRO A 74 6.23 -13.83 4.45
C PRO A 74 7.03 -14.81 5.32
N GLU A 75 6.40 -15.94 5.71
CA GLU A 75 6.86 -16.83 6.80
C GLU A 75 6.98 -16.02 8.11
N ARG A 76 5.83 -15.54 8.56
CA ARG A 76 5.49 -14.64 9.70
C ARG A 76 4.01 -14.33 9.48
N ASP A 77 3.75 -13.69 8.35
CA ASP A 77 2.48 -13.67 7.63
C ASP A 77 2.31 -14.91 6.70
N ASP A 78 1.17 -14.99 6.00
CA ASP A 78 0.68 -16.06 5.12
C ASP A 78 -0.60 -15.58 4.39
N VAL A 79 -1.02 -16.28 3.34
CA VAL A 79 -2.30 -16.05 2.64
C VAL A 79 -3.48 -16.03 3.61
N GLU A 80 -3.53 -16.94 4.59
CA GLU A 80 -4.61 -17.00 5.59
C GLU A 80 -4.53 -15.83 6.60
N ALA A 81 -3.32 -15.45 7.05
CA ALA A 81 -3.13 -14.31 7.94
C ALA A 81 -3.53 -12.98 7.26
N MET A 82 -3.18 -12.79 5.99
CA MET A 82 -3.69 -11.69 5.16
C MET A 82 -5.21 -11.68 5.07
N ALA A 83 -5.84 -12.82 4.74
CA ALA A 83 -7.30 -12.92 4.65
C ALA A 83 -8.00 -12.57 5.97
N ARG A 84 -7.45 -13.04 7.11
CA ARG A 84 -7.85 -12.61 8.45
C ARG A 84 -7.69 -11.10 8.64
N TYR A 85 -6.50 -10.54 8.40
CA TYR A 85 -6.19 -9.14 8.68
C TYR A 85 -6.97 -8.16 7.80
N VAL A 86 -7.18 -8.51 6.52
CA VAL A 86 -8.11 -7.82 5.60
C VAL A 86 -9.52 -7.77 6.21
N GLN A 87 -10.11 -8.93 6.50
CA GLN A 87 -11.52 -9.02 6.89
C GLN A 87 -11.83 -8.48 8.30
N ASP A 88 -10.92 -8.66 9.28
CA ASP A 88 -11.11 -8.20 10.67
C ASP A 88 -10.96 -6.66 10.83
N PHE A 89 -10.50 -5.98 9.78
CA PHE A 89 -10.63 -4.53 9.62
C PHE A 89 -11.90 -4.23 8.81
N HIS A 90 -11.91 -4.59 7.52
CA HIS A 90 -13.03 -4.43 6.59
C HIS A 90 -12.78 -5.18 5.26
N PRO A 91 -13.76 -5.92 4.70
CA PRO A 91 -13.60 -6.66 3.44
C PRO A 91 -13.35 -5.81 2.17
N ARG A 92 -13.11 -4.49 2.26
CA ARG A 92 -12.56 -3.66 1.17
C ARG A 92 -11.10 -3.19 1.39
N LEU A 93 -10.40 -3.71 2.40
CA LEU A 93 -8.93 -3.81 2.36
C LEU A 93 -8.51 -4.77 1.23
N LEU A 94 -7.32 -4.59 0.66
CA LEU A 94 -6.64 -5.57 -0.19
C LEU A 94 -5.31 -5.96 0.45
N GLY A 95 -5.09 -7.27 0.62
CA GLY A 95 -3.85 -7.85 1.13
C GLY A 95 -3.13 -8.68 0.08
N LEU A 96 -1.84 -8.94 0.31
CA LEU A 96 -0.98 -9.70 -0.60
C LEU A 96 0.23 -10.31 0.13
N THR A 97 0.95 -11.23 -0.52
CA THR A 97 2.05 -12.04 0.07
C THR A 97 2.85 -12.79 -1.01
N GLY A 98 3.64 -13.80 -0.65
CA GLY A 98 4.35 -14.69 -1.58
C GLY A 98 5.64 -15.28 -1.02
N SER A 99 6.66 -15.42 -1.86
CA SER A 99 8.03 -15.63 -1.41
C SER A 99 8.70 -14.28 -1.09
N THR A 100 9.71 -14.32 -0.22
CA THR A 100 10.64 -13.22 0.06
C THR A 100 11.22 -12.64 -1.23
N LYS A 101 11.39 -13.45 -2.28
CA LYS A 101 11.77 -12.97 -3.61
C LYS A 101 10.83 -11.87 -4.15
N GLN A 102 9.52 -11.91 -3.88
CA GLN A 102 8.60 -10.88 -4.38
C GLN A 102 8.81 -9.55 -3.66
N VAL A 103 8.99 -9.52 -2.33
CA VAL A 103 9.29 -8.27 -1.61
C VAL A 103 10.69 -7.73 -1.95
N ALA A 104 11.62 -8.61 -2.35
CA ALA A 104 12.88 -8.22 -2.97
C ALA A 104 12.67 -7.61 -4.37
N GLN A 105 11.82 -8.19 -5.24
CA GLN A 105 11.48 -7.57 -6.54
C GLN A 105 10.76 -6.22 -6.36
N ALA A 106 9.92 -6.05 -5.35
CA ALA A 106 9.29 -4.76 -5.03
C ALA A 106 10.31 -3.71 -4.57
N SER A 107 11.31 -4.13 -3.79
CA SER A 107 12.44 -3.28 -3.39
C SER A 107 13.36 -2.93 -4.59
N HIS A 108 13.48 -3.84 -5.55
CA HIS A 108 14.21 -3.63 -6.80
C HIS A 108 13.46 -2.71 -7.81
N SER A 109 12.18 -3.00 -8.08
CA SER A 109 11.33 -2.35 -9.09
C SER A 109 10.84 -0.96 -8.66
N TYR A 110 10.52 -0.77 -7.38
CA TYR A 110 10.10 0.54 -6.83
C TYR A 110 11.02 1.10 -5.74
N ARG A 111 11.40 0.28 -4.74
CA ARG A 111 12.37 0.61 -3.67
C ARG A 111 11.73 1.41 -2.52
N VAL A 112 12.31 1.28 -1.33
CA VAL A 112 11.86 1.81 -0.03
C VAL A 112 12.96 1.52 1.00
N TYR A 113 13.02 2.29 2.09
CA TYR A 113 14.03 2.13 3.16
C TYR A 113 13.46 1.44 4.42
N TYR A 114 14.29 0.63 5.07
CA TYR A 114 13.99 -0.07 6.34
C TYR A 114 15.28 -0.48 7.08
N ASN A 115 15.23 -0.63 8.41
CA ASN A 115 16.30 -1.23 9.21
C ASN A 115 15.81 -1.79 10.57
N ALA A 116 16.50 -2.79 11.12
CA ALA A 116 16.10 -3.50 12.34
C ALA A 116 17.30 -3.78 13.28
N GLY A 117 17.04 -4.38 14.45
CA GLY A 117 18.08 -4.72 15.44
C GLY A 117 18.30 -6.23 15.60
N PRO A 118 19.36 -6.82 15.01
CA PRO A 118 19.73 -8.23 15.22
C PRO A 118 20.44 -8.42 16.57
N LYS A 119 20.35 -9.63 17.13
CA LYS A 119 20.99 -10.03 18.41
C LYS A 119 21.55 -11.47 18.36
N ASP A 120 21.48 -12.23 19.45
CA ASP A 120 22.06 -13.60 19.61
C ASP A 120 21.39 -14.32 20.81
N GLU A 121 20.11 -14.03 20.99
CA GLU A 121 19.18 -14.70 21.90
C GLU A 121 18.02 -15.22 21.02
N ASP A 122 16.78 -15.15 21.50
CA ASP A 122 15.55 -15.59 20.84
C ASP A 122 15.18 -14.70 19.65
N GLN A 123 15.50 -13.41 19.80
CA GLN A 123 15.44 -12.30 18.87
C GLN A 123 14.24 -11.38 19.15
N ASP A 124 14.53 -10.12 19.49
CA ASP A 124 13.64 -8.96 19.43
C ASP A 124 14.48 -7.67 19.36
N TYR A 125 13.84 -6.54 19.01
CA TYR A 125 14.30 -5.15 19.12
C TYR A 125 13.18 -4.21 18.67
N ILE A 126 13.10 -3.95 17.36
CA ILE A 126 12.15 -3.12 16.62
C ILE A 126 12.48 -3.28 15.11
N VAL A 127 11.58 -2.87 14.23
CA VAL A 127 11.79 -2.76 12.77
C VAL A 127 11.28 -1.38 12.38
N ASP A 128 12.18 -0.57 11.81
CA ASP A 128 11.91 0.76 11.28
C ASP A 128 11.49 0.61 9.81
N HIS A 129 10.25 1.00 9.48
CA HIS A 129 9.64 0.78 8.15
C HIS A 129 8.84 2.00 7.68
N SER A 130 8.50 2.05 6.38
CA SER A 130 7.67 3.13 5.82
C SER A 130 6.22 3.08 6.34
N ILE A 131 5.96 3.76 7.45
CA ILE A 131 4.62 4.20 7.87
C ILE A 131 3.94 5.09 6.82
N ALA A 132 4.72 5.89 6.08
CA ALA A 132 4.21 6.79 5.06
C ALA A 132 3.44 6.01 3.96
N ILE A 133 2.31 6.58 3.54
CA ILE A 133 1.33 5.95 2.64
C ILE A 133 1.27 6.75 1.34
N TYR A 134 1.34 6.07 0.19
CA TYR A 134 1.59 6.70 -1.11
C TYR A 134 0.38 6.64 -2.07
N LEU A 135 0.20 7.69 -2.87
CA LEU A 135 -0.80 7.76 -3.95
C LEU A 135 -0.21 7.17 -5.24
N LEU A 136 -0.64 5.96 -5.62
CA LEU A 136 -0.27 5.27 -6.87
C LEU A 136 -1.22 5.73 -7.98
N ASN A 137 -0.66 6.42 -8.98
CA ASN A 137 -1.39 6.99 -10.11
C ASN A 137 -1.32 6.11 -11.39
N PRO A 138 -2.36 6.13 -12.24
CA PRO A 138 -2.58 5.18 -13.35
C PRO A 138 -1.66 5.35 -14.57
N ASP A 139 -0.52 6.04 -14.42
CA ASP A 139 0.56 6.05 -15.39
C ASP A 139 1.55 4.89 -15.15
N GLY A 140 1.61 4.40 -13.89
CA GLY A 140 2.53 3.37 -13.40
C GLY A 140 3.56 3.89 -12.39
N LEU A 141 3.20 4.94 -11.64
CA LEU A 141 4.09 5.74 -10.76
C LEU A 141 3.37 6.14 -9.46
N PHE A 142 4.02 6.97 -8.63
CA PHE A 142 3.42 7.62 -7.45
C PHE A 142 3.37 9.16 -7.61
N THR A 143 2.42 9.80 -6.93
CA THR A 143 2.17 11.27 -7.01
C THR A 143 2.27 12.01 -5.68
N ASP A 144 1.92 11.38 -4.55
CA ASP A 144 1.83 12.03 -3.23
C ASP A 144 2.15 11.03 -2.10
N TYR A 145 2.44 11.53 -0.90
CA TYR A 145 2.77 10.75 0.29
C TYR A 145 2.19 11.38 1.58
N TYR A 146 1.58 10.57 2.44
CA TYR A 146 0.89 11.01 3.67
C TYR A 146 1.72 10.79 4.94
N GLY A 147 1.75 11.79 5.83
CA GLY A 147 2.48 11.79 7.10
C GLY A 147 2.01 12.86 8.10
N ARG A 148 2.78 13.08 9.17
CA ARG A 148 2.41 13.85 10.38
C ARG A 148 2.28 15.39 10.23
N SER A 149 1.61 15.86 9.19
CA SER A 149 1.17 17.26 8.99
C SER A 149 0.07 17.35 7.93
N ARG A 150 -0.97 16.54 8.09
CA ARG A 150 -2.14 16.44 7.21
C ARG A 150 -3.33 15.87 7.99
N SER A 151 -4.52 16.04 7.41
CA SER A 151 -5.78 15.50 7.90
C SER A 151 -6.62 15.08 6.68
N ALA A 152 -7.69 14.30 6.88
CA ALA A 152 -8.52 13.71 5.82
C ALA A 152 -9.01 14.76 4.80
N GLU A 153 -9.24 15.99 5.24
CA GLU A 153 -9.60 17.11 4.36
C GLU A 153 -8.46 17.49 3.39
N GLN A 154 -7.20 17.66 3.83
CA GLN A 154 -6.13 18.00 2.88
C GLN A 154 -5.71 16.79 2.04
N ILE A 155 -5.86 15.56 2.55
CA ILE A 155 -5.73 14.36 1.71
C ILE A 155 -6.74 14.43 0.56
N SER A 156 -8.00 14.74 0.86
CA SER A 156 -9.07 14.88 -0.14
C SER A 156 -8.82 16.03 -1.13
N ASP A 157 -8.43 17.22 -0.65
CA ASP A 157 -8.04 18.36 -1.50
C ASP A 157 -6.83 18.01 -2.38
N SER A 158 -5.83 17.30 -1.87
CA SER A 158 -4.69 16.87 -2.66
C SER A 158 -5.08 15.81 -3.70
N VAL A 159 -5.84 14.78 -3.30
CA VAL A 159 -6.31 13.70 -4.19
C VAL A 159 -7.22 14.25 -5.32
N ARG A 160 -8.02 15.29 -5.04
CA ARG A 160 -8.72 16.10 -6.05
C ARG A 160 -7.74 16.91 -6.90
N ARG A 161 -6.85 17.71 -6.30
CA ARG A 161 -5.87 18.59 -7.00
C ARG A 161 -5.06 17.84 -8.06
N HIS A 162 -4.53 16.66 -7.72
CA HIS A 162 -3.75 15.86 -8.67
C HIS A 162 -4.58 15.36 -9.87
N MET A 163 -5.83 14.96 -9.64
CA MET A 163 -6.79 14.61 -10.70
C MET A 163 -7.19 15.83 -11.56
N ALA A 164 -7.44 16.97 -10.92
CA ALA A 164 -7.91 18.23 -11.53
C ALA A 164 -6.94 18.88 -12.53
N ALA A 165 -5.73 18.33 -12.69
CA ALA A 165 -4.70 18.74 -13.65
C ALA A 165 -3.94 17.55 -14.29
N PHE A 166 -4.48 16.32 -14.23
CA PHE A 166 -3.83 15.07 -14.65
C PHE A 166 -3.69 14.96 -16.18
N ARG A 167 -2.83 15.78 -16.81
CA ARG A 167 -2.72 15.92 -18.29
C ARG A 167 -4.11 16.08 -18.94
N SER A 168 -5.03 16.70 -18.23
CA SER A 168 -6.48 16.67 -18.40
C SER A 168 -7.14 17.60 -17.35
N VAL A 169 -8.47 17.61 -17.27
CA VAL A 169 -9.28 18.40 -16.31
C VAL A 169 -10.79 18.11 -16.47
N LEU A 170 -11.32 18.11 -17.70
CA LEU A 170 -12.70 17.73 -18.04
C LEU A 170 -13.77 18.57 -17.27
N SER A 171 -13.54 19.87 -17.10
CA SER A 171 -14.40 20.81 -16.34
C SER A 171 -14.93 21.94 -17.21
CU CU1 B . 4.25 -1.52 11.60
N SER A 2 14.13 -10.23 -20.19
CA SER A 2 12.82 -9.53 -20.29
C SER A 2 12.00 -9.71 -19.02
N PHE A 3 11.20 -8.68 -18.66
CA PHE A 3 10.22 -8.72 -17.56
C PHE A 3 9.12 -7.64 -17.77
N THR A 4 8.40 -7.23 -16.72
CA THR A 4 7.61 -5.98 -16.65
C THR A 4 8.50 -4.84 -16.11
N GLY A 5 7.97 -3.91 -15.32
CA GLY A 5 8.71 -2.76 -14.77
C GLY A 5 8.04 -1.39 -14.97
N GLN A 6 6.76 -1.33 -15.36
CA GLN A 6 6.02 -0.08 -15.54
C GLN A 6 5.43 0.40 -14.20
N GLY A 7 6.29 0.53 -13.18
CA GLY A 7 5.89 0.89 -11.81
C GLY A 7 5.12 -0.21 -11.07
N ASP A 8 5.01 -1.41 -11.65
CA ASP A 8 4.19 -2.52 -11.19
C ASP A 8 4.85 -3.36 -10.05
N PHE A 9 4.50 -4.63 -9.93
CA PHE A 9 5.02 -5.59 -8.94
C PHE A 9 4.72 -7.04 -9.36
N HIS A 10 5.12 -8.03 -8.56
CA HIS A 10 4.62 -9.41 -8.67
C HIS A 10 4.57 -10.10 -7.29
N LEU A 11 3.38 -10.09 -6.65
CA LEU A 11 3.11 -10.68 -5.33
C LEU A 11 1.80 -11.49 -5.40
N LEU A 12 1.53 -12.33 -4.39
CA LEU A 12 0.32 -13.15 -4.31
C LEU A 12 -0.87 -12.39 -3.72
N ASP A 13 -2.07 -12.67 -4.24
CA ASP A 13 -3.36 -12.13 -3.80
C ASP A 13 -3.96 -12.93 -2.63
N HIS A 14 -4.59 -12.24 -1.67
CA HIS A 14 -5.40 -12.90 -0.65
C HIS A 14 -6.45 -13.83 -1.27
N ARG A 15 -6.46 -15.07 -0.77
CA ARG A 15 -6.84 -16.32 -1.47
C ARG A 15 -7.25 -16.16 -2.95
N GLY A 16 -6.29 -15.85 -3.81
CA GLY A 16 -6.51 -15.59 -5.25
C GLY A 16 -5.55 -16.30 -6.17
N ARG A 17 -4.40 -15.67 -6.40
CA ARG A 17 -3.40 -15.96 -7.44
C ARG A 17 -2.15 -15.07 -7.20
N ALA A 18 -1.58 -14.46 -8.25
CA ALA A 18 -0.56 -13.41 -8.15
C ALA A 18 -0.81 -12.35 -9.24
N ARG A 19 -0.41 -11.10 -8.98
CA ARG A 19 -0.81 -9.94 -9.80
C ARG A 19 0.32 -8.94 -10.07
N CYS A 20 0.19 -8.23 -11.19
CA CYS A 20 1.00 -7.06 -11.59
C CYS A 20 0.08 -5.84 -11.76
N LYS A 21 0.49 -4.62 -11.42
CA LYS A 21 -0.41 -3.45 -11.40
C LYS A 21 -1.13 -3.14 -12.74
N ALA A 22 -0.51 -3.47 -13.89
CA ALA A 22 -1.08 -3.28 -15.23
C ALA A 22 -2.27 -4.22 -15.55
N ASP A 23 -2.42 -5.33 -14.81
CA ASP A 23 -3.50 -6.30 -14.95
C ASP A 23 -4.86 -5.67 -14.61
N PHE A 24 -4.84 -4.80 -13.60
CA PHE A 24 -5.86 -3.80 -13.29
C PHE A 24 -5.75 -2.63 -14.28
N ARG A 25 -4.79 -1.71 -14.03
CA ARG A 25 -4.75 -0.36 -14.61
C ARG A 25 -6.04 0.45 -14.28
N GLY A 26 -6.17 1.68 -14.77
CA GLY A 26 -7.31 2.55 -14.46
C GLY A 26 -7.31 3.00 -13.00
N GLN A 27 -8.36 3.71 -12.60
CA GLN A 27 -9.00 3.60 -11.28
C GLN A 27 -8.32 4.38 -10.13
N TRP A 28 -7.00 4.60 -10.21
CA TRP A 28 -6.10 5.18 -9.19
C TRP A 28 -5.69 4.13 -8.14
N VAL A 29 -4.38 3.98 -7.92
CA VAL A 29 -3.80 2.96 -7.02
C VAL A 29 -3.02 3.66 -5.90
N LEU A 30 -3.21 3.19 -4.67
CA LEU A 30 -2.64 3.78 -3.46
C LEU A 30 -1.89 2.68 -2.68
N MET A 31 -0.57 2.83 -2.54
CA MET A 31 0.33 1.85 -1.90
C MET A 31 0.55 2.18 -0.44
N TYR A 32 0.28 1.22 0.46
CA TYR A 32 0.78 1.22 1.85
C TYR A 32 1.54 -0.08 2.18
N PHE A 33 2.76 0.06 2.73
CA PHE A 33 3.61 -1.06 3.18
C PHE A 33 3.26 -1.43 4.62
N GLY A 34 2.66 -2.61 4.79
CA GLY A 34 2.04 -3.06 6.05
C GLY A 34 2.86 -4.13 6.77
N PHE A 35 3.01 -3.96 8.08
CA PHE A 35 3.79 -4.83 8.99
C PHE A 35 2.90 -5.68 9.93
N THR A 36 1.57 -5.65 9.75
CA THR A 36 0.52 -6.51 10.36
C THR A 36 0.01 -5.89 11.66
N HIS A 37 0.85 -5.78 12.70
CA HIS A 37 0.45 -5.21 14.00
C HIS A 37 1.68 -4.78 14.81
N CYS A 38 1.47 -3.76 15.63
CA CYS A 38 2.48 -2.97 16.33
C CYS A 38 1.95 -2.44 17.68
N PRO A 39 2.77 -1.74 18.47
CA PRO A 39 2.30 -0.81 19.49
C PRO A 39 1.69 0.44 18.82
N ASP A 40 0.57 0.23 18.12
CA ASP A 40 -0.30 1.27 17.56
C ASP A 40 0.37 2.13 16.46
N ILE A 41 1.26 1.51 15.69
CA ILE A 41 1.86 2.07 14.47
C ILE A 41 1.06 1.63 13.25
N CYS A 42 1.18 0.36 12.81
CA CYS A 42 0.37 -0.29 11.76
C CYS A 42 -1.08 0.25 11.64
N PRO A 43 -1.93 0.16 12.69
CA PRO A 43 -3.34 0.49 12.55
C PRO A 43 -3.60 2.00 12.46
N ASP A 44 -2.66 2.88 12.86
CA ASP A 44 -2.86 4.33 12.79
C ASP A 44 -2.81 4.82 11.35
N GLU A 45 -1.74 4.52 10.61
CA GLU A 45 -1.59 4.81 9.18
C GLU A 45 -2.72 4.17 8.35
N LEU A 46 -3.14 2.93 8.72
CA LEU A 46 -4.25 2.23 8.08
C LEU A 46 -5.62 2.87 8.36
N GLU A 47 -6.00 3.09 9.62
CA GLU A 47 -7.27 3.76 9.91
C GLU A 47 -7.26 5.18 9.32
N LYS A 48 -6.11 5.86 9.36
CA LYS A 48 -5.93 7.18 8.77
C LYS A 48 -6.23 7.21 7.27
N LEU A 49 -5.74 6.24 6.47
CA LEU A 49 -6.17 6.14 5.06
C LEU A 49 -7.62 5.65 4.91
N VAL A 50 -8.06 4.67 5.72
CA VAL A 50 -9.45 4.15 5.68
C VAL A 50 -10.49 5.27 5.89
N GLN A 51 -10.26 6.17 6.85
CA GLN A 51 -11.09 7.34 7.11
C GLN A 51 -11.30 8.20 5.86
N VAL A 52 -10.23 8.50 5.12
CA VAL A 52 -10.29 9.38 3.94
C VAL A 52 -11.03 8.71 2.79
N VAL A 53 -10.78 7.43 2.52
CA VAL A 53 -11.46 6.72 1.42
C VAL A 53 -12.95 6.53 1.71
N ARG A 54 -13.41 6.43 2.98
CA ARG A 54 -14.86 6.45 3.30
C ARG A 54 -15.56 7.69 2.75
N GLN A 55 -14.97 8.87 2.93
CA GLN A 55 -15.51 10.14 2.39
C GLN A 55 -15.54 10.14 0.85
N LEU A 56 -14.52 9.59 0.20
CA LEU A 56 -14.43 9.56 -1.27
C LEU A 56 -15.33 8.51 -1.94
N GLU A 57 -15.31 7.25 -1.47
CA GLU A 57 -16.07 6.14 -2.06
C GLU A 57 -17.59 6.23 -1.85
N ALA A 58 -18.05 7.16 -1.00
CA ALA A 58 -19.46 7.45 -0.79
C ALA A 58 -20.15 8.13 -1.98
N GLU A 59 -19.43 8.69 -2.95
CA GLU A 59 -20.00 9.36 -4.14
C GLU A 59 -19.64 8.65 -5.48
N PRO A 60 -20.46 8.81 -6.55
CA PRO A 60 -20.41 7.91 -7.71
C PRO A 60 -19.48 8.36 -8.85
N GLY A 61 -19.31 9.68 -9.07
CA GLY A 61 -18.73 10.24 -10.30
C GLY A 61 -17.20 10.34 -10.31
N LEU A 62 -16.52 9.55 -9.47
CA LEU A 62 -15.09 9.63 -9.14
C LEU A 62 -14.31 8.40 -9.62
N PRO A 63 -12.96 8.45 -9.63
CA PRO A 63 -12.10 7.27 -9.67
C PRO A 63 -12.22 6.52 -8.32
N PRO A 64 -12.72 5.26 -8.30
CA PRO A 64 -12.92 4.53 -7.06
C PRO A 64 -11.57 3.96 -6.59
N VAL A 65 -10.86 4.75 -5.78
CA VAL A 65 -9.43 4.54 -5.50
C VAL A 65 -9.19 3.29 -4.66
N GLN A 66 -8.17 2.53 -5.05
CA GLN A 66 -7.82 1.25 -4.44
C GLN A 66 -6.59 1.38 -3.52
N PRO A 67 -6.79 1.40 -2.19
CA PRO A 67 -5.70 1.22 -1.23
C PRO A 67 -5.30 -0.26 -1.21
N VAL A 68 -4.06 -0.55 -1.62
CA VAL A 68 -3.48 -1.90 -1.60
C VAL A 68 -2.46 -2.02 -0.46
N PHE A 69 -2.70 -3.02 0.41
CA PHE A 69 -1.77 -3.42 1.47
C PHE A 69 -0.70 -4.32 0.83
N ILE A 70 0.58 -3.98 0.98
CA ILE A 70 1.69 -4.86 0.59
C ILE A 70 2.46 -5.29 1.84
N THR A 71 2.69 -6.61 1.97
CA THR A 71 3.31 -7.21 3.15
C THR A 71 4.78 -6.85 3.19
N VAL A 72 5.19 -6.10 4.22
CA VAL A 72 6.61 -5.80 4.51
C VAL A 72 7.20 -6.75 5.58
N ASP A 73 6.42 -7.75 6.03
CA ASP A 73 6.82 -8.73 7.04
C ASP A 73 6.75 -10.17 6.51
N PRO A 74 7.87 -10.71 5.99
CA PRO A 74 7.95 -12.10 5.52
C PRO A 74 8.28 -13.10 6.65
N GLU A 75 8.23 -12.73 7.94
CA GLU A 75 8.51 -13.66 9.04
C GLU A 75 7.51 -14.83 9.07
N ARG A 76 6.23 -14.59 8.75
CA ARG A 76 5.17 -15.59 8.74
C ARG A 76 4.05 -15.29 7.72
N ASP A 77 4.41 -14.73 6.56
CA ASP A 77 3.48 -14.45 5.46
C ASP A 77 2.73 -15.71 4.94
N ASP A 78 1.43 -15.55 4.67
CA ASP A 78 0.56 -16.52 3.99
C ASP A 78 -0.86 -15.93 3.76
N VAL A 79 -1.58 -16.52 2.81
CA VAL A 79 -3.00 -16.31 2.54
C VAL A 79 -3.86 -16.48 3.81
N GLU A 80 -3.59 -17.49 4.65
CA GLU A 80 -4.40 -17.78 5.85
C GLU A 80 -4.22 -16.73 6.96
N ALA A 81 -3.12 -15.94 6.97
CA ALA A 81 -3.04 -14.70 7.76
C ALA A 81 -3.89 -13.59 7.13
N MET A 82 -3.66 -13.31 5.84
CA MET A 82 -4.20 -12.12 5.15
C MET A 82 -5.73 -12.11 5.10
N ALA A 83 -6.34 -13.27 4.81
CA ALA A 83 -7.79 -13.41 4.78
C ALA A 83 -8.44 -13.14 6.15
N ARG A 84 -7.77 -13.45 7.27
CA ARG A 84 -8.23 -13.05 8.61
C ARG A 84 -8.13 -11.53 8.77
N TYR A 85 -7.01 -10.93 8.36
CA TYR A 85 -6.77 -9.48 8.45
C TYR A 85 -7.79 -8.65 7.65
N VAL A 86 -8.22 -9.14 6.48
CA VAL A 86 -9.28 -8.51 5.67
C VAL A 86 -10.63 -8.44 6.41
N GLN A 87 -10.99 -9.45 7.23
CA GLN A 87 -12.17 -9.36 8.12
C GLN A 87 -11.93 -8.41 9.30
N ASP A 88 -10.72 -8.36 9.86
CA ASP A 88 -10.41 -7.63 11.10
C ASP A 88 -10.55 -6.11 10.93
N PHE A 89 -10.06 -5.57 9.81
CA PHE A 89 -10.23 -4.16 9.44
C PHE A 89 -11.56 -3.95 8.73
N HIS A 90 -11.66 -4.40 7.47
CA HIS A 90 -12.82 -4.14 6.61
C HIS A 90 -12.80 -4.94 5.27
N PRO A 91 -13.85 -5.72 4.96
CA PRO A 91 -13.97 -6.39 3.66
C PRO A 91 -14.19 -5.33 2.56
N ARG A 92 -13.14 -5.13 1.77
CA ARG A 92 -12.91 -4.13 0.72
C ARG A 92 -11.40 -3.87 0.57
N LEU A 93 -10.64 -3.92 1.68
CA LEU A 93 -9.18 -3.95 1.59
C LEU A 93 -8.72 -5.25 0.92
N LEU A 94 -7.54 -5.23 0.28
CA LEU A 94 -6.92 -6.39 -0.35
C LEU A 94 -5.43 -6.44 -0.05
N GLY A 95 -4.89 -7.65 0.17
CA GLY A 95 -3.54 -7.84 0.66
C GLY A 95 -2.65 -8.62 -0.29
N LEU A 96 -1.48 -8.05 -0.61
CA LEU A 96 -0.42 -8.69 -1.38
C LEU A 96 0.60 -9.32 -0.42
N THR A 97 0.89 -10.62 -0.58
CA THR A 97 1.80 -11.41 0.26
C THR A 97 2.98 -11.96 -0.54
N GLY A 98 4.08 -12.28 0.14
CA GLY A 98 5.27 -12.91 -0.44
C GLY A 98 6.40 -13.13 0.56
N SER A 99 7.36 -13.97 0.19
CA SER A 99 8.53 -14.29 1.01
C SER A 99 9.68 -13.28 0.88
N THR A 100 10.71 -13.41 1.73
CA THR A 100 11.92 -12.56 1.81
C THR A 100 12.49 -12.18 0.46
N LYS A 101 12.87 -13.16 -0.36
CA LYS A 101 13.44 -12.96 -1.69
C LYS A 101 12.44 -12.32 -2.68
N GLN A 102 11.13 -12.48 -2.48
CA GLN A 102 10.08 -11.79 -3.22
C GLN A 102 9.94 -10.32 -2.77
N VAL A 103 9.59 -10.07 -1.49
CA VAL A 103 9.19 -8.73 -1.00
C VAL A 103 10.29 -7.67 -1.15
N ALA A 104 11.57 -8.09 -1.11
CA ALA A 104 12.71 -7.22 -1.38
C ALA A 104 12.60 -6.50 -2.74
N GLN A 105 12.04 -7.16 -3.76
CA GLN A 105 11.93 -6.64 -5.12
C GLN A 105 11.06 -5.39 -5.20
N ALA A 106 10.04 -5.26 -4.33
CA ALA A 106 9.23 -4.05 -4.24
C ALA A 106 10.04 -2.85 -3.73
N SER A 107 10.96 -3.07 -2.78
CA SER A 107 11.90 -2.03 -2.30
C SER A 107 12.99 -1.72 -3.33
N HIS A 108 13.46 -2.71 -4.10
CA HIS A 108 14.38 -2.50 -5.23
C HIS A 108 13.75 -1.64 -6.36
N SER A 109 12.43 -1.73 -6.54
CA SER A 109 11.66 -0.85 -7.42
C SER A 109 11.55 0.57 -6.83
N TYR A 110 10.98 0.71 -5.63
CA TYR A 110 10.83 1.99 -4.93
C TYR A 110 11.34 1.91 -3.47
N ARG A 111 12.46 2.59 -3.19
CA ARG A 111 13.10 2.62 -1.86
C ARG A 111 12.30 3.49 -0.86
N VAL A 112 11.19 2.96 -0.36
CA VAL A 112 10.46 3.50 0.81
C VAL A 112 11.28 3.33 2.11
N TYR A 113 11.01 4.18 3.12
CA TYR A 113 11.86 4.28 4.32
C TYR A 113 11.34 3.43 5.50
N TYR A 114 12.05 2.34 5.76
CA TYR A 114 11.94 1.44 6.91
C TYR A 114 13.28 0.69 7.08
N ASN A 115 13.49 -0.03 8.19
CA ASN A 115 14.70 -0.83 8.42
C ASN A 115 14.43 -1.98 9.41
N ALA A 116 14.71 -3.23 9.00
CA ALA A 116 14.45 -4.44 9.77
C ALA A 116 15.70 -4.97 10.48
N GLY A 117 15.58 -5.34 11.75
CA GLY A 117 16.64 -5.97 12.55
C GLY A 117 16.09 -6.81 13.71
N PRO A 118 16.49 -8.08 13.86
CA PRO A 118 16.03 -8.92 14.96
C PRO A 118 16.67 -8.48 16.28
N LYS A 119 15.83 -8.15 17.26
CA LYS A 119 16.27 -7.71 18.59
C LYS A 119 16.36 -8.90 19.55
N ASP A 120 17.41 -8.89 20.38
CA ASP A 120 17.84 -10.03 21.22
C ASP A 120 18.47 -9.54 22.54
N GLU A 121 17.76 -8.64 23.23
CA GLU A 121 18.25 -7.90 24.39
C GLU A 121 17.07 -7.27 25.15
N ASP A 122 16.29 -6.49 24.43
CA ASP A 122 14.87 -6.28 24.66
C ASP A 122 14.17 -6.80 23.39
N GLN A 123 12.85 -6.75 23.38
CA GLN A 123 12.02 -6.95 22.20
C GLN A 123 11.25 -5.67 21.81
N ASP A 124 11.80 -4.51 22.18
CA ASP A 124 11.31 -3.16 21.86
C ASP A 124 11.47 -2.76 20.37
N TYR A 125 11.94 -3.69 19.52
CA TYR A 125 12.21 -3.45 18.11
C TYR A 125 12.12 -4.74 17.26
N ILE A 126 11.69 -4.60 16.00
CA ILE A 126 11.88 -5.55 14.87
C ILE A 126 11.96 -4.76 13.56
N VAL A 127 10.99 -3.87 13.34
CA VAL A 127 10.96 -2.80 12.33
C VAL A 127 10.45 -1.54 13.04
N ASP A 128 10.83 -0.37 12.54
CA ASP A 128 10.19 0.92 12.85
C ASP A 128 9.76 1.60 11.53
N HIS A 129 8.57 2.20 11.53
CA HIS A 129 7.97 2.87 10.38
C HIS A 129 7.01 4.00 10.78
N SER A 130 6.77 4.90 9.84
CA SER A 130 5.83 6.03 9.85
C SER A 130 6.20 6.88 8.64
N ILE A 131 5.38 6.84 7.58
CA ILE A 131 5.76 7.23 6.21
C ILE A 131 4.55 7.41 5.30
N ALA A 132 3.47 6.66 5.53
CA ALA A 132 2.24 6.64 4.76
C ALA A 132 2.46 6.15 3.31
N ILE A 133 2.07 6.93 2.30
CA ILE A 133 1.55 6.36 1.04
C ILE A 133 2.06 7.02 -0.24
N TYR A 134 2.24 6.18 -1.26
CA TYR A 134 2.58 6.54 -2.64
C TYR A 134 1.37 6.28 -3.54
N LEU A 135 0.97 7.25 -4.37
CA LEU A 135 -0.15 7.10 -5.32
C LEU A 135 0.31 7.09 -6.78
N LEU A 136 -0.37 6.27 -7.58
CA LEU A 136 -0.07 5.92 -8.97
C LEU A 136 -1.30 6.19 -9.84
N ASN A 137 -1.05 6.90 -10.94
CA ASN A 137 -2.03 7.33 -11.94
C ASN A 137 -2.65 6.14 -12.70
N PRO A 138 -3.83 6.33 -13.35
CA PRO A 138 -4.70 5.24 -13.86
C PRO A 138 -4.21 4.61 -15.17
N ASP A 139 -2.90 4.60 -15.41
CA ASP A 139 -2.25 4.19 -16.66
C ASP A 139 -0.83 3.63 -16.41
N GLY A 140 -0.47 3.33 -15.15
CA GLY A 140 0.86 2.81 -14.79
C GLY A 140 1.92 3.90 -14.83
N LEU A 141 1.83 4.85 -13.89
CA LEU A 141 2.68 6.04 -13.82
C LEU A 141 2.80 6.55 -12.37
N PHE A 142 4.03 6.82 -11.92
CA PHE A 142 4.31 7.45 -10.63
C PHE A 142 3.77 8.88 -10.60
N THR A 143 3.01 9.26 -9.56
CA THR A 143 2.53 10.63 -9.35
C THR A 143 3.36 11.31 -8.26
N ASP A 144 3.18 10.93 -6.99
CA ASP A 144 3.78 11.57 -5.80
C ASP A 144 3.45 10.80 -4.49
N TYR A 145 3.86 11.33 -3.33
CA TYR A 145 3.84 10.63 -2.03
C TYR A 145 3.58 11.57 -0.82
N TYR A 146 2.67 11.20 0.09
CA TYR A 146 2.38 11.96 1.32
C TYR A 146 1.68 11.09 2.41
N GLY A 147 1.36 11.71 3.56
CA GLY A 147 0.23 11.28 4.42
C GLY A 147 0.56 10.88 5.85
N ARG A 148 1.77 11.23 6.32
CA ARG A 148 2.48 10.75 7.53
C ARG A 148 1.79 10.98 8.90
N SER A 149 0.51 10.59 9.04
CA SER A 149 -0.37 10.90 10.19
C SER A 149 -0.38 12.40 10.51
N ARG A 150 -0.68 13.23 9.50
CA ARG A 150 -0.74 14.70 9.57
C ARG A 150 -2.08 15.14 10.19
N SER A 151 -3.17 14.62 9.64
CA SER A 151 -4.57 14.68 10.02
C SER A 151 -5.29 13.87 8.93
N ALA A 152 -6.61 13.68 8.98
CA ALA A 152 -7.37 13.37 7.77
C ALA A 152 -7.32 14.56 6.79
N GLU A 153 -7.31 15.80 7.30
CA GLU A 153 -7.58 16.97 6.47
C GLU A 153 -6.51 17.20 5.39
N GLN A 154 -5.24 17.21 5.77
CA GLN A 154 -4.18 17.43 4.80
C GLN A 154 -3.98 16.25 3.84
N ILE A 155 -4.61 15.08 4.08
CA ILE A 155 -4.67 14.03 3.06
C ILE A 155 -5.56 14.52 1.92
N SER A 156 -6.76 15.03 2.22
CA SER A 156 -7.61 15.60 1.17
C SER A 156 -6.99 16.82 0.50
N ASP A 157 -6.23 17.66 1.21
CA ASP A 157 -5.51 18.80 0.62
C ASP A 157 -4.39 18.32 -0.32
N SER A 158 -3.58 17.33 0.11
CA SER A 158 -2.50 16.78 -0.72
C SER A 158 -3.01 15.94 -1.89
N VAL A 159 -4.04 15.10 -1.71
CA VAL A 159 -4.67 14.35 -2.81
C VAL A 159 -5.31 15.32 -3.83
N ARG A 160 -5.89 16.44 -3.39
CA ARG A 160 -6.44 17.50 -4.26
C ARG A 160 -5.33 18.28 -4.97
N ARG A 161 -4.17 18.48 -4.32
CA ARG A 161 -2.93 18.99 -4.94
C ARG A 161 -2.51 18.04 -6.08
N HIS A 162 -2.33 16.76 -5.78
CA HIS A 162 -1.82 15.74 -6.71
C HIS A 162 -2.84 15.35 -7.81
N MET A 163 -4.14 15.56 -7.58
CA MET A 163 -5.20 15.43 -8.59
C MET A 163 -4.98 16.37 -9.78
N ALA A 164 -4.30 17.51 -9.59
CA ALA A 164 -3.91 18.40 -10.70
C ALA A 164 -2.94 17.75 -11.71
N ALA A 165 -2.31 16.62 -11.38
CA ALA A 165 -1.41 15.85 -12.24
C ALA A 165 -2.06 14.53 -12.78
N PHE A 166 -3.37 14.36 -12.64
CA PHE A 166 -4.13 13.21 -13.14
C PHE A 166 -4.05 13.11 -14.68
N ARG A 167 -3.86 11.91 -15.24
CA ARG A 167 -3.57 11.73 -16.68
C ARG A 167 -3.79 10.29 -17.16
N SER A 168 -4.13 10.12 -18.44
CA SER A 168 -4.27 8.82 -19.13
C SER A 168 -4.22 9.00 -20.65
N VAL A 169 -3.79 7.99 -21.40
CA VAL A 169 -3.39 8.12 -22.82
C VAL A 169 -4.59 8.29 -23.78
N LEU A 170 -5.76 7.74 -23.46
CA LEU A 170 -6.93 7.68 -24.34
C LEU A 170 -7.90 8.84 -24.08
N SER A 171 -8.52 8.84 -22.89
CA SER A 171 -9.51 9.82 -22.42
C SER A 171 -10.77 9.81 -23.30
CU CU1 B . 3.93 -1.86 12.13
N SER A 2 11.39 -13.20 -30.36
CA SER A 2 10.17 -14.03 -30.22
C SER A 2 9.22 -13.47 -29.16
N PHE A 3 8.49 -14.31 -28.42
CA PHE A 3 7.79 -13.98 -27.16
C PHE A 3 8.80 -13.48 -26.10
N THR A 4 8.39 -12.54 -25.22
CA THR A 4 9.28 -11.91 -24.21
C THR A 4 8.52 -11.11 -23.13
N GLY A 5 9.22 -10.26 -22.39
CA GLY A 5 8.75 -9.26 -21.44
C GLY A 5 9.71 -8.06 -21.38
N GLN A 6 9.59 -7.21 -20.36
CA GLN A 6 10.46 -6.02 -20.17
C GLN A 6 10.50 -5.58 -18.69
N GLY A 7 10.71 -6.54 -17.78
CA GLY A 7 10.46 -6.39 -16.35
C GLY A 7 9.15 -7.08 -15.98
N ASP A 8 8.27 -6.38 -15.24
CA ASP A 8 6.92 -6.79 -14.79
C ASP A 8 7.03 -7.61 -13.49
N PHE A 9 6.47 -7.09 -12.38
CA PHE A 9 6.49 -7.76 -11.08
C PHE A 9 5.42 -8.86 -10.99
N HIS A 10 5.52 -9.73 -9.99
CA HIS A 10 4.53 -10.76 -9.69
C HIS A 10 4.33 -10.88 -8.16
N LEU A 11 3.24 -10.30 -7.66
CA LEU A 11 2.79 -10.40 -6.27
C LEU A 11 1.43 -11.12 -6.24
N LEU A 12 1.09 -11.77 -5.13
CA LEU A 12 -0.16 -12.51 -4.95
C LEU A 12 -1.14 -11.78 -4.02
N ASP A 13 -2.41 -11.82 -4.39
CA ASP A 13 -3.56 -11.40 -3.59
C ASP A 13 -3.90 -12.47 -2.55
N HIS A 14 -4.19 -12.04 -1.33
CA HIS A 14 -4.45 -12.90 -0.16
C HIS A 14 -5.59 -13.96 -0.35
N ARG A 15 -6.42 -13.82 -1.40
CA ARG A 15 -7.47 -14.78 -1.77
C ARG A 15 -7.07 -15.71 -2.94
N GLY A 16 -5.78 -15.80 -3.30
CA GLY A 16 -5.27 -16.75 -4.31
C GLY A 16 -5.36 -16.22 -5.75
N ARG A 17 -5.08 -14.94 -5.96
CA ARG A 17 -4.92 -14.32 -7.29
C ARG A 17 -3.54 -13.64 -7.41
N ALA A 18 -3.22 -12.99 -8.53
CA ALA A 18 -1.95 -12.30 -8.77
C ALA A 18 -2.12 -10.89 -9.35
N ARG A 19 -1.16 -10.01 -9.05
CA ARG A 19 -1.01 -8.64 -9.55
C ARG A 19 0.36 -8.45 -10.23
N CYS A 20 0.35 -7.72 -11.35
CA CYS A 20 1.52 -7.40 -12.18
C CYS A 20 1.57 -5.89 -12.52
N LYS A 21 2.74 -5.39 -12.91
CA LYS A 21 2.95 -3.97 -13.28
C LYS A 21 2.12 -3.56 -14.51
N ALA A 22 2.05 -4.41 -15.53
CA ALA A 22 1.34 -4.12 -16.77
C ALA A 22 -0.17 -3.93 -16.54
N ASP A 23 -0.81 -4.91 -15.90
CA ASP A 23 -2.24 -5.04 -15.66
C ASP A 23 -2.80 -4.03 -14.64
N PHE A 24 -2.17 -3.95 -13.45
CA PHE A 24 -2.71 -3.16 -12.33
C PHE A 24 -2.61 -1.63 -12.55
N ARG A 25 -1.89 -1.21 -13.60
CA ARG A 25 -1.68 0.17 -14.07
C ARG A 25 -2.97 0.96 -14.41
N GLY A 26 -4.16 0.33 -14.35
CA GLY A 26 -5.42 0.88 -14.86
C GLY A 26 -6.32 1.60 -13.84
N GLN A 27 -5.90 1.84 -12.59
CA GLN A 27 -6.74 2.49 -11.58
C GLN A 27 -5.95 3.32 -10.56
N TRP A 28 -6.66 4.05 -9.69
CA TRP A 28 -6.10 4.75 -8.53
C TRP A 28 -5.87 3.75 -7.37
N VAL A 29 -4.67 3.72 -6.79
CA VAL A 29 -4.29 2.78 -5.72
C VAL A 29 -3.56 3.51 -4.57
N LEU A 30 -3.80 3.08 -3.33
CA LEU A 30 -3.05 3.48 -2.13
C LEU A 30 -2.22 2.29 -1.61
N MET A 31 -0.89 2.37 -1.67
CA MET A 31 0.01 1.28 -1.23
C MET A 31 0.72 1.63 0.08
N TYR A 32 0.77 0.69 1.03
CA TYR A 32 1.41 0.82 2.35
C TYR A 32 2.24 -0.43 2.72
N PHE A 33 3.46 -0.20 3.22
CA PHE A 33 4.43 -1.26 3.60
C PHE A 33 4.30 -1.59 5.10
N GLY A 34 3.87 -2.83 5.42
CA GLY A 34 3.53 -3.28 6.77
C GLY A 34 4.12 -4.64 7.15
N PHE A 35 3.81 -5.10 8.37
CA PHE A 35 4.35 -6.36 8.95
C PHE A 35 3.45 -7.02 10.01
N THR A 36 2.13 -6.81 9.92
CA THR A 36 1.14 -7.10 10.99
C THR A 36 1.66 -6.44 12.29
N HIS A 37 1.66 -7.10 13.46
CA HIS A 37 2.44 -6.68 14.64
C HIS A 37 2.02 -5.25 15.06
N CYS A 38 3.00 -4.37 15.35
CA CYS A 38 2.91 -2.89 15.35
C CYS A 38 2.13 -2.26 16.54
N PRO A 39 2.53 -1.08 17.03
CA PRO A 39 1.71 -0.25 17.92
C PRO A 39 0.66 0.51 17.08
N ASP A 40 0.32 1.74 17.46
CA ASP A 40 -0.61 2.64 16.78
C ASP A 40 0.05 3.31 15.54
N ILE A 41 0.54 2.50 14.60
CA ILE A 41 1.01 2.98 13.28
C ILE A 41 0.23 2.26 12.17
N CYS A 42 0.49 0.97 11.91
CA CYS A 42 -0.29 0.14 11.00
C CYS A 42 -1.84 0.29 11.14
N PRO A 43 -2.43 0.09 12.35
CA PRO A 43 -3.88 0.21 12.52
C PRO A 43 -4.36 1.68 12.50
N ASP A 44 -3.50 2.65 12.83
CA ASP A 44 -3.82 4.07 12.75
C ASP A 44 -3.94 4.52 11.29
N GLU A 45 -2.90 4.28 10.46
CA GLU A 45 -2.87 4.47 9.01
C GLU A 45 -4.05 3.77 8.29
N LEU A 46 -4.41 2.55 8.71
CA LEU A 46 -5.55 1.83 8.13
C LEU A 46 -6.88 2.50 8.48
N GLU A 47 -7.17 2.82 9.75
CA GLU A 47 -8.45 3.47 10.08
C GLU A 47 -8.51 4.88 9.48
N LYS A 48 -7.42 5.64 9.55
CA LYS A 48 -7.19 6.90 8.85
C LYS A 48 -7.56 6.81 7.35
N LEU A 49 -7.01 5.85 6.59
CA LEU A 49 -7.38 5.67 5.19
C LEU A 49 -8.85 5.22 5.06
N VAL A 50 -9.33 4.27 5.85
CA VAL A 50 -10.72 3.76 5.77
C VAL A 50 -11.75 4.87 6.09
N GLN A 51 -11.41 5.81 6.98
CA GLN A 51 -12.21 6.99 7.32
C GLN A 51 -12.26 7.95 6.13
N VAL A 52 -11.12 8.28 5.51
CA VAL A 52 -11.08 9.11 4.29
C VAL A 52 -11.82 8.40 3.12
N VAL A 53 -11.62 7.09 2.94
CA VAL A 53 -12.27 6.29 1.89
C VAL A 53 -13.79 6.28 2.06
N ARG A 54 -14.34 6.21 3.28
CA ARG A 54 -15.77 6.34 3.56
C ARG A 54 -16.33 7.69 3.09
N GLN A 55 -15.67 8.78 3.47
CA GLN A 55 -16.04 10.14 3.04
C GLN A 55 -16.04 10.28 1.50
N LEU A 56 -15.13 9.60 0.79
CA LEU A 56 -15.13 9.49 -0.69
C LEU A 56 -16.22 8.55 -1.24
N GLU A 57 -16.46 7.40 -0.61
CA GLU A 57 -17.40 6.34 -1.03
C GLU A 57 -18.84 6.86 -1.24
N ALA A 58 -19.22 7.94 -0.55
CA ALA A 58 -20.50 8.62 -0.72
C ALA A 58 -20.66 9.39 -2.06
N GLU A 59 -19.56 9.72 -2.76
CA GLU A 59 -19.57 10.64 -3.91
C GLU A 59 -20.24 10.05 -5.17
N PRO A 60 -20.65 10.93 -6.13
CA PRO A 60 -21.16 10.54 -7.44
C PRO A 60 -19.99 10.25 -8.41
N GLY A 61 -20.14 10.57 -9.72
CA GLY A 61 -19.19 10.20 -10.78
C GLY A 61 -17.83 10.90 -10.71
N LEU A 62 -16.96 10.39 -9.84
CA LEU A 62 -15.53 10.71 -9.64
C LEU A 62 -14.71 9.40 -9.65
N PRO A 63 -13.36 9.43 -9.68
CA PRO A 63 -12.56 8.21 -9.55
C PRO A 63 -12.53 7.73 -8.07
N PRO A 64 -12.81 6.45 -7.80
CA PRO A 64 -12.56 5.81 -6.50
C PRO A 64 -11.08 5.43 -6.36
N VAL A 65 -10.69 4.89 -5.20
CA VAL A 65 -9.32 4.45 -4.88
C VAL A 65 -9.37 3.13 -4.10
N GLN A 66 -8.42 2.22 -4.37
CA GLN A 66 -8.31 0.95 -3.65
C GLN A 66 -7.08 0.93 -2.73
N PRO A 67 -7.18 0.49 -1.46
CA PRO A 67 -6.02 0.24 -0.62
C PRO A 67 -5.32 -1.07 -0.99
N VAL A 68 -4.00 -1.10 -0.76
CA VAL A 68 -3.12 -2.28 -0.74
C VAL A 68 -2.21 -2.20 0.49
N PHE A 69 -2.26 -3.23 1.33
CA PHE A 69 -1.25 -3.54 2.35
C PHE A 69 -0.23 -4.52 1.74
N ILE A 70 1.05 -4.46 2.13
CA ILE A 70 2.06 -5.45 1.69
C ILE A 70 2.98 -5.84 2.85
N THR A 71 3.14 -7.15 3.07
CA THR A 71 3.96 -7.70 4.17
C THR A 71 5.43 -7.69 3.79
N VAL A 72 6.25 -6.94 4.53
CA VAL A 72 7.72 -6.86 4.31
C VAL A 72 8.53 -7.99 4.97
N ASP A 73 7.89 -8.89 5.73
CA ASP A 73 8.54 -10.01 6.44
C ASP A 73 7.64 -11.26 6.49
N PRO A 74 7.96 -12.34 5.74
CA PRO A 74 7.11 -13.52 5.60
C PRO A 74 7.06 -14.42 6.85
N GLU A 75 7.71 -14.05 7.97
CA GLU A 75 7.59 -14.78 9.24
C GLU A 75 6.67 -14.09 10.25
N ARG A 76 6.18 -12.88 9.97
CA ARG A 76 5.22 -12.17 10.83
C ARG A 76 3.78 -12.63 10.58
N ASP A 77 3.45 -13.00 9.33
CA ASP A 77 2.10 -13.40 8.92
C ASP A 77 2.12 -14.39 7.73
N ASP A 78 0.94 -14.69 7.19
CA ASP A 78 0.59 -15.89 6.41
C ASP A 78 -0.74 -15.61 5.66
N VAL A 79 -1.12 -16.49 4.73
CA VAL A 79 -2.30 -16.31 3.85
C VAL A 79 -3.57 -16.12 4.68
N GLU A 80 -3.82 -17.00 5.67
CA GLU A 80 -4.96 -16.90 6.58
C GLU A 80 -4.90 -15.66 7.49
N ALA A 81 -3.70 -15.21 7.89
CA ALA A 81 -3.54 -14.03 8.73
C ALA A 81 -3.87 -12.73 7.96
N MET A 82 -3.40 -12.59 6.71
CA MET A 82 -3.80 -11.49 5.83
C MET A 82 -5.29 -11.55 5.49
N ALA A 83 -5.84 -12.74 5.20
CA ALA A 83 -7.27 -12.93 4.97
C ALA A 83 -8.12 -12.48 6.17
N ARG A 84 -7.70 -12.80 7.41
CA ARG A 84 -8.30 -12.26 8.64
C ARG A 84 -8.14 -10.74 8.70
N TYR A 85 -6.92 -10.21 8.54
CA TYR A 85 -6.65 -8.78 8.69
C TYR A 85 -7.39 -7.91 7.65
N VAL A 86 -7.67 -8.47 6.47
CA VAL A 86 -8.65 -7.97 5.50
C VAL A 86 -10.08 -8.15 6.03
N GLN A 87 -10.65 -9.36 5.97
CA GLN A 87 -12.10 -9.57 6.07
C GLN A 87 -12.70 -9.38 7.46
N ASP A 88 -11.91 -9.52 8.53
CA ASP A 88 -12.41 -9.36 9.91
C ASP A 88 -12.53 -7.87 10.30
N PHE A 89 -11.87 -7.01 9.52
CA PHE A 89 -11.76 -5.57 9.66
C PHE A 89 -12.73 -4.88 8.68
N HIS A 90 -12.61 -5.19 7.38
CA HIS A 90 -13.55 -4.78 6.34
C HIS A 90 -13.47 -5.74 5.12
N PRO A 91 -14.58 -6.38 4.69
CA PRO A 91 -14.57 -7.39 3.61
C PRO A 91 -14.45 -6.80 2.19
N ARG A 92 -13.55 -5.81 2.01
CA ARG A 92 -13.12 -5.24 0.72
C ARG A 92 -11.70 -4.63 0.78
N LEU A 93 -10.92 -4.84 1.85
CA LEU A 93 -9.47 -4.51 1.87
C LEU A 93 -8.67 -5.51 1.01
N LEU A 94 -7.35 -5.31 0.87
CA LEU A 94 -6.45 -6.19 0.14
C LEU A 94 -5.06 -6.24 0.80
N GLY A 95 -4.53 -7.44 1.02
CA GLY A 95 -3.13 -7.69 1.39
C GLY A 95 -2.40 -8.42 0.26
N LEU A 96 -1.21 -7.95 -0.10
CA LEU A 96 -0.31 -8.60 -1.08
C LEU A 96 0.86 -9.30 -0.39
N THR A 97 1.31 -10.42 -0.98
CA THR A 97 2.40 -11.29 -0.49
C THR A 97 3.01 -12.10 -1.64
N GLY A 98 3.85 -13.08 -1.34
CA GLY A 98 4.52 -13.91 -2.36
C GLY A 98 5.46 -14.96 -1.78
N SER A 99 6.75 -14.63 -1.69
CA SER A 99 7.85 -15.51 -1.27
C SER A 99 9.17 -14.73 -1.18
N THR A 100 10.19 -15.30 -0.52
CA THR A 100 11.50 -14.70 -0.24
C THR A 100 12.15 -14.10 -1.49
N LYS A 101 12.35 -14.90 -2.53
CA LYS A 101 12.99 -14.42 -3.77
C LYS A 101 12.16 -13.34 -4.50
N GLN A 102 10.83 -13.36 -4.37
CA GLN A 102 9.94 -12.34 -4.93
C GLN A 102 10.07 -11.01 -4.18
N VAL A 103 10.02 -11.02 -2.83
CA VAL A 103 10.17 -9.77 -2.05
C VAL A 103 11.60 -9.20 -2.15
N ALA A 104 12.61 -10.07 -2.36
CA ALA A 104 13.95 -9.65 -2.75
C ALA A 104 13.96 -8.88 -4.09
N GLN A 105 13.38 -9.43 -5.17
CA GLN A 105 13.32 -8.74 -6.47
C GLN A 105 12.57 -7.40 -6.40
N ALA A 106 11.44 -7.34 -5.68
CA ALA A 106 10.78 -6.07 -5.38
C ALA A 106 11.71 -5.08 -4.67
N SER A 107 12.46 -5.50 -3.66
CA SER A 107 13.43 -4.64 -2.94
C SER A 107 14.66 -4.28 -3.78
N HIS A 108 15.06 -5.08 -4.79
CA HIS A 108 16.07 -4.70 -5.78
C HIS A 108 15.57 -3.60 -6.73
N SER A 109 14.27 -3.56 -7.03
CA SER A 109 13.65 -2.47 -7.78
C SER A 109 13.51 -1.21 -6.92
N TYR A 110 12.80 -1.30 -5.78
CA TYR A 110 12.54 -0.14 -4.92
C TYR A 110 13.81 0.43 -4.27
N ARG A 111 14.77 -0.44 -3.91
CA ARG A 111 16.08 -0.09 -3.32
C ARG A 111 15.98 0.72 -2.01
N VAL A 112 14.85 0.55 -1.30
CA VAL A 112 14.53 1.11 0.01
C VAL A 112 15.27 0.35 1.12
N TYR A 113 15.62 1.04 2.21
CA TYR A 113 16.21 0.43 3.41
C TYR A 113 15.20 0.32 4.56
N TYR A 114 15.36 -0.70 5.39
CA TYR A 114 14.49 -1.03 6.53
C TYR A 114 15.27 -1.84 7.56
N ASN A 115 15.17 -1.47 8.84
CA ASN A 115 15.98 -2.02 9.93
C ASN A 115 15.16 -2.14 11.22
N ALA A 116 15.42 -3.20 12.00
CA ALA A 116 14.98 -3.31 13.39
C ALA A 116 16.04 -2.71 14.32
N GLY A 117 15.60 -2.12 15.44
CA GLY A 117 16.49 -1.54 16.45
C GLY A 117 17.11 -2.60 17.38
N PRO A 118 18.23 -2.28 18.04
CA PRO A 118 18.94 -3.20 18.93
C PRO A 118 18.14 -3.40 20.24
N LYS A 119 18.00 -4.66 20.66
CA LYS A 119 17.08 -5.02 21.75
C LYS A 119 17.44 -4.36 23.09
N ASP A 120 16.41 -3.97 23.84
CA ASP A 120 16.50 -3.20 25.10
C ASP A 120 15.29 -3.38 26.02
N GLU A 121 14.12 -3.72 25.45
CA GLU A 121 13.07 -4.52 26.08
C GLU A 121 13.53 -6.01 26.15
N ASP A 122 12.66 -6.99 25.88
CA ASP A 122 12.97 -8.41 26.06
C ASP A 122 13.81 -9.00 24.93
N GLN A 123 13.42 -8.74 23.68
CA GLN A 123 13.81 -9.46 22.46
C GLN A 123 13.08 -8.91 21.23
N ASP A 124 11.82 -8.46 21.37
CA ASP A 124 10.97 -7.89 20.30
C ASP A 124 11.21 -6.38 20.09
N TYR A 125 10.74 -5.85 18.96
CA TYR A 125 10.96 -4.45 18.53
C TYR A 125 9.94 -3.92 17.50
N ILE A 126 10.10 -2.66 17.10
CA ILE A 126 9.48 -2.06 15.90
C ILE A 126 10.46 -2.01 14.73
N VAL A 127 9.97 -1.89 13.50
CA VAL A 127 10.75 -1.54 12.30
C VAL A 127 10.11 -0.28 11.71
N ASP A 128 10.92 0.73 11.39
CA ASP A 128 10.41 2.01 10.86
C ASP A 128 10.30 1.94 9.33
N HIS A 129 9.11 1.57 8.85
CA HIS A 129 8.83 1.32 7.43
C HIS A 129 8.65 2.64 6.64
N SER A 130 9.76 3.31 6.35
CA SER A 130 9.87 4.66 5.72
C SER A 130 9.24 4.86 4.32
N ILE A 131 8.55 3.87 3.73
CA ILE A 131 7.67 4.12 2.59
C ILE A 131 6.39 4.86 3.02
N ALA A 132 5.87 4.59 4.23
CA ALA A 132 4.57 5.07 4.68
C ALA A 132 3.46 4.62 3.70
N ILE A 133 2.53 5.51 3.33
CA ILE A 133 1.47 5.26 2.34
C ILE A 133 1.58 6.23 1.14
N TYR A 134 1.52 5.69 -0.08
CA TYR A 134 1.66 6.40 -1.35
C TYR A 134 0.44 6.28 -2.28
N LEU A 135 0.13 7.35 -3.03
CA LEU A 135 -0.77 7.31 -4.19
C LEU A 135 -0.03 6.77 -5.42
N LEU A 136 -0.58 5.73 -6.04
CA LEU A 136 -0.29 5.32 -7.42
C LEU A 136 -1.49 5.70 -8.30
N ASN A 137 -1.23 6.58 -9.28
CA ASN A 137 -2.16 6.93 -10.35
C ASN A 137 -1.96 5.99 -11.57
N PRO A 138 -2.98 5.87 -12.46
CA PRO A 138 -2.90 5.05 -13.66
C PRO A 138 -2.01 5.67 -14.74
N ASP A 139 -1.03 4.91 -15.22
CA ASP A 139 -0.14 5.20 -16.36
C ASP A 139 0.91 6.30 -16.09
N GLY A 140 0.95 6.84 -14.87
CA GLY A 140 1.96 7.83 -14.43
C GLY A 140 2.67 7.39 -13.15
N LEU A 141 1.90 6.73 -12.26
CA LEU A 141 2.29 6.01 -11.05
C LEU A 141 2.44 6.98 -9.87
N PHE A 142 3.64 7.24 -9.36
CA PHE A 142 3.83 8.00 -8.13
C PHE A 142 3.35 9.45 -8.24
N THR A 143 2.88 10.04 -7.13
CA THR A 143 2.43 11.45 -7.07
C THR A 143 2.65 12.05 -5.69
N ASP A 144 2.19 11.36 -4.64
CA ASP A 144 2.22 11.89 -3.28
C ASP A 144 2.10 10.81 -2.20
N TYR A 145 2.38 11.20 -0.96
CA TYR A 145 2.48 10.33 0.22
C TYR A 145 1.93 11.03 1.48
N TYR A 146 1.20 10.31 2.34
CA TYR A 146 0.61 10.90 3.56
C TYR A 146 1.60 10.89 4.74
N GLY A 147 2.75 11.54 4.52
CA GLY A 147 3.86 11.62 5.48
C GLY A 147 3.57 12.55 6.66
N ARG A 148 4.32 12.33 7.75
CA ARG A 148 4.10 12.92 9.09
C ARG A 148 4.35 14.44 9.17
N SER A 149 3.45 15.23 8.61
CA SER A 149 3.40 16.71 8.68
C SER A 149 2.16 17.30 7.97
N ARG A 150 1.01 16.61 8.08
CA ARG A 150 -0.29 16.92 7.46
C ARG A 150 -1.26 15.76 7.74
N SER A 151 -2.52 16.05 7.97
CA SER A 151 -3.48 15.06 8.46
C SER A 151 -4.77 15.07 7.60
N ALA A 152 -5.83 14.32 7.97
CA ALA A 152 -6.99 14.04 7.11
C ALA A 152 -7.60 15.28 6.42
N GLU A 153 -7.65 16.43 7.12
CA GLU A 153 -8.01 17.74 6.58
C GLU A 153 -7.16 18.11 5.33
N GLN A 154 -5.84 18.25 5.50
CA GLN A 154 -4.91 18.66 4.46
C GLN A 154 -4.71 17.58 3.39
N ILE A 155 -4.97 16.31 3.70
CA ILE A 155 -5.12 15.24 2.70
C ILE A 155 -6.34 15.51 1.81
N SER A 156 -7.51 15.81 2.39
CA SER A 156 -8.73 16.10 1.63
C SER A 156 -8.69 17.39 0.79
N ASP A 157 -7.83 18.33 1.16
CA ASP A 157 -7.37 19.43 0.30
C ASP A 157 -6.44 18.92 -0.82
N SER A 158 -5.30 18.33 -0.46
CA SER A 158 -4.20 18.02 -1.41
C SER A 158 -4.55 16.92 -2.42
N VAL A 159 -5.28 15.87 -2.03
CA VAL A 159 -5.74 14.81 -2.94
C VAL A 159 -6.61 15.40 -4.07
N ARG A 160 -7.53 16.33 -3.74
CA ARG A 160 -8.35 17.03 -4.73
C ARG A 160 -7.51 17.93 -5.63
N ARG A 161 -6.52 18.65 -5.07
CA ARG A 161 -5.61 19.51 -5.86
C ARG A 161 -4.83 18.71 -6.90
N HIS A 162 -4.31 17.54 -6.56
CA HIS A 162 -3.66 16.64 -7.53
C HIS A 162 -4.66 16.08 -8.57
N MET A 163 -5.84 15.66 -8.13
CA MET A 163 -6.91 15.12 -8.98
C MET A 163 -7.37 16.10 -10.06
N ALA A 164 -7.36 17.41 -9.76
CA ALA A 164 -7.73 18.48 -10.69
C ALA A 164 -6.82 18.64 -11.93
N ALA A 165 -5.67 17.96 -11.98
CA ALA A 165 -4.78 17.91 -13.15
C ALA A 165 -5.03 16.70 -14.08
N PHE A 166 -5.80 15.70 -13.66
CA PHE A 166 -5.87 14.40 -14.34
C PHE A 166 -6.59 14.47 -15.70
N ARG A 167 -5.82 14.29 -16.78
CA ARG A 167 -6.34 14.03 -18.13
C ARG A 167 -6.89 12.60 -18.26
N SER A 168 -7.75 12.35 -19.25
CA SER A 168 -8.36 11.04 -19.49
C SER A 168 -7.34 10.01 -20.05
N VAL A 169 -6.43 9.55 -19.20
CA VAL A 169 -5.39 8.53 -19.42
C VAL A 169 -4.39 8.83 -20.55
N LEU A 170 -4.07 10.12 -20.74
CA LEU A 170 -3.07 10.66 -21.68
C LEU A 170 -2.29 11.76 -20.95
N SER A 171 -1.06 11.44 -20.55
CA SER A 171 -0.22 12.18 -19.57
C SER A 171 1.11 11.48 -19.29
CU CU1 B . 3.68 -1.30 11.12
N SER A 2 -2.21 -2.18 -28.45
CA SER A 2 -2.14 -3.65 -28.45
C SER A 2 -1.29 -4.16 -27.29
N PHE A 3 0.03 -3.93 -27.32
CA PHE A 3 1.04 -4.49 -26.40
C PHE A 3 2.44 -3.93 -26.72
N THR A 4 3.42 -4.16 -25.82
CA THR A 4 4.86 -3.92 -25.97
C THR A 4 5.60 -4.54 -24.78
N GLY A 5 6.88 -4.87 -24.93
CA GLY A 5 7.66 -5.64 -23.95
C GLY A 5 8.51 -4.75 -23.04
N GLN A 6 8.19 -4.72 -21.74
CA GLN A 6 8.94 -4.00 -20.70
C GLN A 6 8.62 -4.51 -19.28
N GLY A 7 8.68 -5.83 -19.09
CA GLY A 7 8.68 -6.50 -17.78
C GLY A 7 7.41 -6.33 -16.95
N ASP A 8 7.47 -6.72 -15.68
CA ASP A 8 6.40 -6.69 -14.67
C ASP A 8 6.85 -7.24 -13.31
N PHE A 9 5.99 -7.07 -12.30
CA PHE A 9 6.06 -7.70 -10.99
C PHE A 9 4.85 -8.65 -10.86
N HIS A 10 5.10 -9.90 -10.46
CA HIS A 10 4.06 -10.90 -10.17
C HIS A 10 3.97 -11.19 -8.66
N LEU A 11 2.77 -11.08 -8.09
CA LEU A 11 2.42 -11.47 -6.72
C LEU A 11 1.16 -12.36 -6.74
N LEU A 12 0.68 -12.81 -5.58
CA LEU A 12 -0.63 -13.43 -5.38
C LEU A 12 -1.39 -12.80 -4.21
N ASP A 13 -2.71 -12.98 -4.18
CA ASP A 13 -3.60 -12.50 -3.12
C ASP A 13 -3.74 -13.47 -1.93
N HIS A 14 -4.49 -13.03 -0.93
CA HIS A 14 -4.93 -13.83 0.23
C HIS A 14 -5.76 -15.08 -0.10
N ARG A 15 -6.18 -15.27 -1.37
CA ARG A 15 -6.88 -16.46 -1.87
C ARG A 15 -5.93 -17.45 -2.57
N GLY A 16 -4.73 -17.00 -2.99
CA GLY A 16 -3.72 -17.75 -3.75
C GLY A 16 -3.69 -17.42 -5.26
N ARG A 17 -4.58 -16.56 -5.75
CA ARG A 17 -4.66 -16.17 -7.17
C ARG A 17 -3.61 -15.12 -7.51
N ALA A 18 -2.88 -15.34 -8.61
CA ALA A 18 -1.80 -14.46 -9.03
C ALA A 18 -2.33 -13.19 -9.74
N ARG A 19 -1.57 -12.10 -9.64
CA ARG A 19 -1.87 -10.76 -10.17
C ARG A 19 -0.57 -10.04 -10.51
N CYS A 20 -0.57 -9.22 -11.57
CA CYS A 20 0.64 -8.65 -12.16
C CYS A 20 0.43 -7.24 -12.75
N LYS A 21 1.52 -6.56 -13.08
CA LYS A 21 1.57 -5.13 -13.45
C LYS A 21 0.48 -4.68 -14.45
N ALA A 22 0.11 -5.52 -15.43
CA ALA A 22 -0.94 -5.22 -16.42
C ALA A 22 -2.30 -4.79 -15.83
N ASP A 23 -2.73 -5.41 -14.71
CA ASP A 23 -3.96 -5.05 -14.00
C ASP A 23 -3.78 -3.71 -13.27
N PHE A 24 -2.78 -3.67 -12.37
CA PHE A 24 -2.40 -2.50 -11.58
C PHE A 24 -2.20 -1.22 -12.42
N ARG A 25 -1.77 -1.34 -13.68
CA ARG A 25 -1.60 -0.23 -14.61
C ARG A 25 -2.86 0.63 -14.81
N GLY A 26 -4.07 0.07 -14.65
CA GLY A 26 -5.33 0.73 -15.01
C GLY A 26 -6.12 1.37 -13.86
N GLN A 27 -5.51 1.62 -12.69
CA GLN A 27 -6.24 2.01 -11.48
C GLN A 27 -5.42 2.94 -10.55
N TRP A 28 -6.08 3.70 -9.67
CA TRP A 28 -5.40 4.43 -8.60
C TRP A 28 -4.84 3.43 -7.57
N VAL A 29 -3.60 2.98 -7.79
CA VAL A 29 -2.89 2.08 -6.86
C VAL A 29 -2.33 2.88 -5.69
N LEU A 30 -2.58 2.41 -4.46
CA LEU A 30 -2.05 2.99 -3.22
C LEU A 30 -1.28 1.90 -2.44
N MET A 31 0.00 2.17 -2.14
CA MET A 31 0.92 1.20 -1.56
C MET A 31 1.35 1.56 -0.12
N TYR A 32 1.44 0.54 0.73
CA TYR A 32 1.59 0.62 2.18
C TYR A 32 2.22 -0.69 2.72
N PHE A 33 3.18 -0.55 3.64
CA PHE A 33 4.02 -1.65 4.15
C PHE A 33 3.75 -1.93 5.64
N GLY A 34 3.41 -3.18 5.99
CA GLY A 34 2.94 -3.59 7.31
C GLY A 34 3.65 -4.80 7.92
N PHE A 35 3.27 -5.12 9.16
CA PHE A 35 3.91 -6.12 10.04
C PHE A 35 3.02 -6.37 11.28
N THR A 36 2.65 -7.62 11.59
CA THR A 36 1.74 -7.90 12.72
C THR A 36 2.42 -7.73 14.10
N HIS A 37 2.12 -6.59 14.75
CA HIS A 37 2.44 -6.10 16.11
C HIS A 37 3.51 -5.00 16.02
N CYS A 38 3.09 -3.73 16.10
CA CYS A 38 3.95 -2.57 15.94
C CYS A 38 3.48 -1.40 16.85
N PRO A 39 4.05 -0.17 16.76
CA PRO A 39 3.76 0.93 17.69
C PRO A 39 2.45 1.68 17.33
N ASP A 40 1.43 0.94 16.89
CA ASP A 40 0.04 1.39 16.69
C ASP A 40 -0.15 2.14 15.35
N ILE A 41 0.79 2.03 14.41
CA ILE A 41 0.83 2.89 13.20
C ILE A 41 0.04 2.29 12.03
N CYS A 42 0.18 0.99 11.76
CA CYS A 42 -0.66 0.25 10.84
C CYS A 42 -2.16 0.52 10.99
N PRO A 43 -2.77 0.34 12.20
CA PRO A 43 -4.19 0.64 12.41
C PRO A 43 -4.50 2.14 12.40
N ASP A 44 -3.50 3.03 12.51
CA ASP A 44 -3.69 4.47 12.28
C ASP A 44 -3.90 4.73 10.78
N GLU A 45 -2.92 4.41 9.92
CA GLU A 45 -2.98 4.58 8.47
C GLU A 45 -4.20 3.83 7.87
N LEU A 46 -4.52 2.61 8.34
CA LEU A 46 -5.72 1.87 7.91
C LEU A 46 -7.03 2.56 8.30
N GLU A 47 -7.21 2.95 9.57
CA GLU A 47 -8.39 3.69 10.01
C GLU A 47 -8.52 4.99 9.22
N LYS A 48 -7.42 5.70 9.08
CA LYS A 48 -7.32 6.96 8.36
C LYS A 48 -7.69 6.81 6.87
N LEU A 49 -7.26 5.74 6.20
CA LEU A 49 -7.70 5.39 4.84
C LEU A 49 -9.20 5.11 4.82
N VAL A 50 -9.72 4.18 5.63
CA VAL A 50 -11.17 3.86 5.56
C VAL A 50 -12.06 5.05 5.95
N GLN A 51 -11.60 5.91 6.88
CA GLN A 51 -12.26 7.17 7.26
C GLN A 51 -12.37 8.13 6.07
N VAL A 52 -11.31 8.30 5.27
CA VAL A 52 -11.39 9.07 4.02
C VAL A 52 -12.30 8.35 2.98
N VAL A 53 -12.13 7.05 2.77
CA VAL A 53 -12.90 6.29 1.75
C VAL A 53 -14.42 6.29 2.00
N ARG A 54 -14.88 6.14 3.25
CA ARG A 54 -16.31 6.24 3.63
C ARG A 54 -16.90 7.60 3.22
N GLN A 55 -16.16 8.68 3.47
CA GLN A 55 -16.59 10.04 3.10
C GLN A 55 -16.60 10.24 1.58
N LEU A 56 -15.59 9.76 0.85
CA LEU A 56 -15.54 9.90 -0.63
C LEU A 56 -16.67 9.14 -1.34
N GLU A 57 -17.13 8.00 -0.81
CA GLU A 57 -18.35 7.35 -1.31
C GLU A 57 -19.66 8.09 -0.93
N ALA A 58 -19.70 8.83 0.21
CA ALA A 58 -20.87 9.61 0.61
C ALA A 58 -21.11 10.85 -0.27
N GLU A 59 -20.03 11.41 -0.83
CA GLU A 59 -20.07 12.37 -1.94
C GLU A 59 -20.48 11.67 -3.25
N PRO A 60 -20.97 12.39 -4.29
CA PRO A 60 -21.61 11.78 -5.47
C PRO A 60 -20.60 11.06 -6.40
N GLY A 61 -20.26 11.64 -7.56
CA GLY A 61 -19.57 10.95 -8.67
C GLY A 61 -18.04 10.94 -8.59
N LEU A 62 -17.48 10.82 -7.37
CA LEU A 62 -16.03 10.79 -7.13
C LEU A 62 -15.40 9.42 -7.47
N PRO A 63 -14.10 9.36 -7.83
CA PRO A 63 -13.40 8.12 -8.16
C PRO A 63 -12.97 7.35 -6.89
N PRO A 64 -12.82 6.01 -6.97
CA PRO A 64 -12.31 5.17 -5.88
C PRO A 64 -10.77 5.07 -5.91
N VAL A 65 -10.20 4.34 -4.94
CA VAL A 65 -8.77 4.06 -4.74
C VAL A 65 -8.56 2.59 -4.36
N GLN A 66 -7.44 1.96 -4.75
CA GLN A 66 -7.13 0.57 -4.45
C GLN A 66 -5.89 0.47 -3.53
N PRO A 67 -6.07 0.31 -2.20
CA PRO A 67 -4.97 0.15 -1.26
C PRO A 67 -4.46 -1.30 -1.24
N VAL A 68 -3.14 -1.47 -1.13
CA VAL A 68 -2.47 -2.77 -0.90
C VAL A 68 -1.67 -2.74 0.41
N PHE A 69 -1.86 -3.76 1.26
CA PHE A 69 -1.01 -4.09 2.41
C PHE A 69 0.14 -5.04 1.98
N ILE A 70 1.39 -4.68 2.20
CA ILE A 70 2.56 -5.52 1.87
C ILE A 70 3.33 -5.89 3.16
N THR A 71 3.45 -7.19 3.50
CA THR A 71 4.36 -7.66 4.56
C THR A 71 5.80 -7.63 4.06
N VAL A 72 6.68 -6.95 4.80
CA VAL A 72 8.07 -6.64 4.38
C VAL A 72 9.10 -7.77 4.50
N ASP A 73 8.78 -8.89 5.16
CA ASP A 73 9.76 -9.93 5.54
C ASP A 73 9.07 -11.32 5.65
N PRO A 74 9.68 -12.40 5.13
CA PRO A 74 9.14 -13.77 5.26
C PRO A 74 9.21 -14.27 6.71
N GLU A 75 8.48 -15.34 7.02
CA GLU A 75 8.38 -15.95 8.35
C GLU A 75 7.62 -15.06 9.37
N ARG A 76 6.84 -14.05 8.90
CA ARG A 76 6.02 -13.14 9.70
C ARG A 76 4.55 -13.46 9.40
N ASP A 77 3.87 -12.65 8.57
CA ASP A 77 2.42 -12.64 8.46
C ASP A 77 1.88 -13.74 7.52
N ASP A 78 0.73 -14.31 7.89
CA ASP A 78 0.09 -15.44 7.20
C ASP A 78 -1.15 -14.97 6.42
N VAL A 79 -1.42 -15.55 5.25
CA VAL A 79 -2.67 -15.27 4.51
C VAL A 79 -3.93 -15.62 5.32
N GLU A 80 -3.87 -16.59 6.25
CA GLU A 80 -4.96 -16.91 7.19
C GLU A 80 -5.21 -15.78 8.21
N ALA A 81 -4.16 -15.09 8.67
CA ALA A 81 -4.30 -13.90 9.52
C ALA A 81 -4.81 -12.70 8.70
N MET A 82 -4.21 -12.48 7.53
CA MET A 82 -4.50 -11.37 6.62
C MET A 82 -5.97 -11.35 6.19
N ALA A 83 -6.51 -12.51 5.78
CA ALA A 83 -7.90 -12.67 5.36
C ALA A 83 -8.93 -12.24 6.42
N ARG A 84 -8.60 -12.41 7.72
CA ARG A 84 -9.47 -11.96 8.82
C ARG A 84 -9.52 -10.43 8.86
N TYR A 85 -8.35 -9.77 8.93
CA TYR A 85 -8.26 -8.31 8.89
C TYR A 85 -8.81 -7.69 7.58
N VAL A 86 -8.68 -8.39 6.45
CA VAL A 86 -9.27 -8.03 5.15
C VAL A 86 -10.80 -7.99 5.17
N GLN A 87 -11.47 -8.88 5.90
CA GLN A 87 -12.92 -8.78 6.12
C GLN A 87 -13.26 -7.66 7.09
N ASP A 88 -12.72 -7.73 8.31
CA ASP A 88 -13.25 -7.03 9.49
C ASP A 88 -12.96 -5.52 9.54
N PHE A 89 -12.07 -4.99 8.69
CA PHE A 89 -12.05 -3.56 8.38
C PHE A 89 -13.24 -3.20 7.47
N HIS A 90 -13.28 -3.85 6.30
CA HIS A 90 -14.39 -3.89 5.34
C HIS A 90 -14.07 -4.92 4.22
N PRO A 91 -15.02 -5.80 3.79
CA PRO A 91 -14.74 -6.91 2.86
C PRO A 91 -14.53 -6.49 1.39
N ARG A 92 -13.44 -5.74 1.14
CA ARG A 92 -12.89 -5.39 -0.18
C ARG A 92 -11.39 -5.03 -0.12
N LEU A 93 -10.70 -5.28 1.01
CA LEU A 93 -9.27 -5.06 1.21
C LEU A 93 -8.40 -6.07 0.42
N LEU A 94 -7.14 -5.69 0.14
CA LEU A 94 -6.14 -6.54 -0.52
C LEU A 94 -4.80 -6.44 0.20
N GLY A 95 -4.08 -7.55 0.24
CA GLY A 95 -2.70 -7.61 0.69
C GLY A 95 -1.95 -8.82 0.17
N LEU A 96 -0.64 -8.88 0.46
CA LEU A 96 0.24 -10.02 0.17
C LEU A 96 1.43 -10.07 1.13
N THR A 97 2.13 -11.22 1.17
CA THR A 97 3.18 -11.55 2.14
C THR A 97 4.24 -12.47 1.52
N GLY A 98 5.35 -12.64 2.24
CA GLY A 98 6.31 -13.76 2.13
C GLY A 98 7.08 -13.92 0.83
N SER A 99 6.83 -13.09 -0.17
CA SER A 99 7.29 -13.30 -1.55
C SER A 99 8.74 -12.82 -1.76
N THR A 100 9.66 -13.30 -0.90
CA THR A 100 11.08 -12.88 -0.73
C THR A 100 11.73 -12.33 -1.99
N LYS A 101 12.03 -13.15 -2.98
CA LYS A 101 12.80 -12.71 -4.15
C LYS A 101 12.01 -11.73 -5.06
N GLN A 102 10.67 -11.74 -5.00
CA GLN A 102 9.82 -10.71 -5.61
C GLN A 102 9.91 -9.40 -4.84
N VAL A 103 9.67 -9.40 -3.50
CA VAL A 103 9.72 -8.16 -2.69
C VAL A 103 11.14 -7.56 -2.66
N ALA A 104 12.18 -8.37 -2.86
CA ALA A 104 13.57 -7.92 -3.04
C ALA A 104 13.78 -7.14 -4.36
N GLN A 105 13.36 -7.69 -5.52
CA GLN A 105 13.46 -6.99 -6.81
C GLN A 105 12.62 -5.70 -6.82
N ALA A 106 11.43 -5.73 -6.21
CA ALA A 106 10.63 -4.53 -5.97
C ALA A 106 11.37 -3.50 -5.08
N SER A 107 11.87 -3.90 -3.92
CA SER A 107 12.54 -3.01 -2.95
C SER A 107 13.80 -2.31 -3.50
N HIS A 108 14.62 -3.06 -4.24
CA HIS A 108 15.78 -2.57 -5.00
C HIS A 108 15.36 -1.53 -6.06
N SER A 109 14.29 -1.80 -6.80
CA SER A 109 13.79 -0.91 -7.86
C SER A 109 13.16 0.36 -7.28
N TYR A 110 12.40 0.24 -6.19
CA TYR A 110 11.85 1.36 -5.43
C TYR A 110 12.95 2.24 -4.81
N ARG A 111 14.03 1.60 -4.36
CA ARG A 111 15.17 2.14 -3.58
C ARG A 111 14.86 2.20 -2.06
N VAL A 112 14.00 1.32 -1.57
CA VAL A 112 13.33 1.45 -0.26
C VAL A 112 14.26 1.10 0.93
N TYR A 113 13.77 1.25 2.18
CA TYR A 113 14.53 1.00 3.42
C TYR A 113 13.72 0.10 4.37
N TYR A 114 14.40 -0.85 5.01
CA TYR A 114 13.84 -1.79 6.00
C TYR A 114 14.95 -2.34 6.91
N ASN A 115 14.69 -2.53 8.21
CA ASN A 115 15.64 -3.17 9.13
C ASN A 115 14.97 -3.75 10.40
N ALA A 116 15.59 -4.77 11.01
CA ALA A 116 15.17 -5.39 12.27
C ALA A 116 16.24 -5.24 13.37
N GLY A 117 15.84 -5.29 14.65
CA GLY A 117 16.75 -5.16 15.79
C GLY A 117 17.21 -6.52 16.36
N PRO A 118 18.53 -6.74 16.57
CA PRO A 118 19.07 -7.99 17.13
C PRO A 118 18.90 -8.02 18.65
N LYS A 119 18.18 -9.05 19.14
CA LYS A 119 17.71 -9.17 20.52
C LYS A 119 17.45 -10.64 20.91
N ASP A 120 17.45 -10.97 22.21
CA ASP A 120 17.23 -12.33 22.73
C ASP A 120 15.79 -12.55 23.26
N GLU A 121 15.49 -13.76 23.76
CA GLU A 121 14.30 -14.01 24.57
C GLU A 121 14.54 -13.46 25.99
N ASP A 122 13.79 -12.42 26.34
CA ASP A 122 13.77 -11.57 27.54
C ASP A 122 13.93 -10.08 27.16
N GLN A 123 14.27 -9.84 25.89
CA GLN A 123 14.04 -8.60 25.16
C GLN A 123 12.82 -8.76 24.22
N ASP A 124 12.25 -7.65 23.76
CA ASP A 124 11.15 -7.57 22.78
C ASP A 124 11.40 -6.40 21.81
N TYR A 125 11.04 -6.57 20.52
CA TYR A 125 11.32 -5.59 19.46
C TYR A 125 10.48 -5.78 18.17
N ILE A 126 10.57 -4.84 17.23
CA ILE A 126 9.71 -4.63 16.05
C ILE A 126 10.60 -4.40 14.79
N VAL A 127 10.04 -4.32 13.59
CA VAL A 127 10.73 -4.06 12.30
C VAL A 127 10.29 -2.68 11.74
N ASP A 128 11.21 -1.96 11.09
CA ASP A 128 10.98 -0.62 10.52
C ASP A 128 10.22 -0.68 9.18
N HIS A 129 9.15 0.11 9.04
CA HIS A 129 8.17 -0.02 7.94
C HIS A 129 7.30 1.23 7.65
N SER A 130 6.83 1.34 6.40
CA SER A 130 5.87 2.34 5.87
C SER A 130 6.60 3.66 5.55
N ILE A 131 6.90 4.48 6.56
CA ILE A 131 7.51 5.83 6.49
C ILE A 131 6.53 6.85 5.88
N ALA A 132 5.92 6.55 4.72
CA ALA A 132 4.87 7.31 4.06
C ALA A 132 4.26 6.51 2.88
N ILE A 133 2.92 6.46 2.81
CA ILE A 133 2.18 5.79 1.72
C ILE A 133 2.15 6.64 0.44
N TYR A 134 2.14 5.97 -0.71
CA TYR A 134 2.29 6.57 -2.05
C TYR A 134 1.13 6.19 -2.99
N LEU A 135 0.72 7.10 -3.89
CA LEU A 135 -0.28 6.84 -4.93
C LEU A 135 0.28 6.95 -6.37
N LEU A 136 -0.19 6.08 -7.26
CA LEU A 136 0.23 5.99 -8.67
C LEU A 136 -1.00 6.09 -9.61
N ASN A 137 -0.93 7.00 -10.59
CA ASN A 137 -2.04 7.30 -11.51
C ASN A 137 -2.45 6.09 -12.40
N PRO A 138 -3.74 6.01 -12.84
CA PRO A 138 -4.30 4.92 -13.66
C PRO A 138 -3.84 4.94 -15.12
N ASP A 139 -2.52 4.78 -15.29
CA ASP A 139 -1.79 4.61 -16.55
C ASP A 139 -0.31 4.22 -16.31
N GLY A 140 0.25 4.49 -15.12
CA GLY A 140 1.65 4.26 -14.77
C GLY A 140 2.45 5.55 -14.50
N LEU A 141 1.78 6.72 -14.53
CA LEU A 141 2.38 8.02 -14.22
C LEU A 141 2.71 8.14 -12.73
N PHE A 142 3.93 8.62 -12.45
CA PHE A 142 4.42 8.97 -11.12
C PHE A 142 3.57 10.09 -10.48
N THR A 143 3.44 10.12 -9.15
CA THR A 143 2.77 11.22 -8.42
C THR A 143 3.53 11.54 -7.13
N ASP A 144 3.06 11.13 -5.95
CA ASP A 144 3.58 11.63 -4.67
C ASP A 144 3.18 10.75 -3.47
N TYR A 145 3.74 11.03 -2.29
CA TYR A 145 3.45 10.33 -1.03
C TYR A 145 2.90 11.28 0.05
N TYR A 146 1.83 10.85 0.73
CA TYR A 146 1.19 11.59 1.83
C TYR A 146 0.33 10.68 2.75
N GLY A 147 0.99 9.98 3.69
CA GLY A 147 0.33 9.14 4.70
C GLY A 147 -0.12 9.91 5.93
N ARG A 148 0.07 9.34 7.12
CA ARG A 148 -0.31 9.88 8.44
C ARG A 148 0.50 11.13 8.88
N SER A 149 0.72 12.08 7.96
CA SER A 149 1.32 13.40 8.22
C SER A 149 0.30 14.44 8.73
N ARG A 150 -1.00 14.12 8.72
CA ARG A 150 -2.09 14.95 9.26
C ARG A 150 -3.34 14.10 9.49
N SER A 151 -4.39 14.26 8.68
CA SER A 151 -5.78 13.88 8.98
C SER A 151 -6.64 14.25 7.76
N ALA A 152 -7.88 13.75 7.70
CA ALA A 152 -8.77 13.78 6.52
C ALA A 152 -8.88 15.17 5.85
N GLU A 153 -8.81 16.23 6.65
CA GLU A 153 -8.69 17.64 6.24
C GLU A 153 -7.61 17.89 5.15
N GLN A 154 -6.34 18.04 5.53
CA GLN A 154 -5.24 18.30 4.59
C GLN A 154 -4.90 17.08 3.73
N ILE A 155 -5.35 15.87 4.06
CA ILE A 155 -5.32 14.73 3.12
C ILE A 155 -6.12 15.07 1.85
N SER A 156 -7.39 15.45 2.00
CA SER A 156 -8.29 15.66 0.87
C SER A 156 -7.84 16.84 -0.01
N ASP A 157 -7.37 17.92 0.60
CA ASP A 157 -6.80 19.08 -0.11
C ASP A 157 -5.44 18.76 -0.75
N SER A 158 -4.62 17.88 -0.15
CA SER A 158 -3.40 17.40 -0.80
C SER A 158 -3.70 16.48 -1.98
N VAL A 159 -4.70 15.61 -1.88
CA VAL A 159 -5.19 14.79 -2.99
C VAL A 159 -5.69 15.70 -4.14
N ARG A 160 -6.44 16.77 -3.83
CA ARG A 160 -6.86 17.78 -4.81
C ARG A 160 -5.66 18.48 -5.48
N ARG A 161 -4.67 18.91 -4.68
CA ARG A 161 -3.40 19.49 -5.15
C ARG A 161 -2.69 18.54 -6.12
N HIS A 162 -2.44 17.29 -5.72
CA HIS A 162 -1.73 16.30 -6.53
C HIS A 162 -2.51 15.92 -7.82
N MET A 163 -3.84 15.88 -7.75
CA MET A 163 -4.73 15.63 -8.90
C MET A 163 -4.61 16.70 -10.00
N ALA A 164 -4.36 17.96 -9.64
CA ALA A 164 -4.18 19.06 -10.61
C ALA A 164 -2.93 18.90 -11.51
N ALA A 165 -1.98 18.04 -11.14
CA ALA A 165 -0.77 17.76 -11.91
C ALA A 165 -0.94 16.66 -12.99
N PHE A 166 -2.10 15.99 -13.05
CA PHE A 166 -2.29 14.82 -13.92
C PHE A 166 -2.48 15.17 -15.42
N ARG A 167 -3.62 15.76 -15.79
CA ARG A 167 -4.09 15.82 -17.18
C ARG A 167 -3.21 16.71 -18.07
N SER A 168 -2.58 16.12 -19.10
CA SER A 168 -1.86 16.82 -20.19
C SER A 168 -1.52 15.85 -21.34
N VAL A 169 -0.90 16.38 -22.39
CA VAL A 169 -0.34 15.66 -23.55
C VAL A 169 0.84 16.48 -24.11
N LEU A 170 2.02 15.86 -24.19
CA LEU A 170 3.29 16.54 -24.50
C LEU A 170 3.88 16.22 -25.87
N SER A 171 3.57 15.04 -26.44
CA SER A 171 4.20 14.47 -27.64
C SER A 171 3.95 15.26 -28.92
CU CU1 B . 2.85 -2.28 11.56
N SER A 2 2.69 -7.67 -23.15
CA SER A 2 3.30 -8.08 -21.88
C SER A 2 4.76 -7.69 -21.76
N PHE A 3 5.65 -8.09 -22.69
CA PHE A 3 7.11 -8.05 -22.52
C PHE A 3 7.77 -6.66 -22.48
N THR A 4 6.99 -5.57 -22.63
CA THR A 4 7.48 -4.17 -22.70
C THR A 4 7.80 -3.61 -21.30
N GLY A 5 8.89 -4.08 -20.69
CA GLY A 5 9.29 -3.74 -19.31
C GLY A 5 9.56 -2.24 -19.08
N GLN A 6 9.19 -1.75 -17.89
CA GLN A 6 8.90 -0.32 -17.70
C GLN A 6 8.79 0.15 -16.24
N GLY A 7 8.51 -0.75 -15.30
CA GLY A 7 8.07 -0.43 -13.94
C GLY A 7 6.81 -1.24 -13.64
N ASP A 8 7.02 -2.44 -13.10
CA ASP A 8 6.10 -3.58 -13.14
C ASP A 8 6.53 -4.71 -12.18
N PHE A 9 5.60 -5.62 -11.86
CA PHE A 9 5.67 -6.59 -10.76
C PHE A 9 4.69 -7.77 -10.98
N HIS A 10 4.83 -8.86 -10.20
CA HIS A 10 3.94 -10.03 -10.25
C HIS A 10 3.71 -10.71 -8.86
N LEU A 11 3.21 -9.93 -7.90
CA LEU A 11 2.79 -10.40 -6.56
C LEU A 11 1.40 -11.06 -6.61
N LEU A 12 0.94 -11.60 -5.48
CA LEU A 12 -0.35 -12.27 -5.36
C LEU A 12 -1.20 -11.78 -4.19
N ASP A 13 -2.52 -11.77 -4.41
CA ASP A 13 -3.57 -11.32 -3.50
C ASP A 13 -3.90 -12.39 -2.44
N HIS A 14 -4.50 -11.96 -1.33
CA HIS A 14 -4.97 -12.80 -0.22
C HIS A 14 -5.98 -13.92 -0.61
N ARG A 15 -6.52 -13.92 -1.85
CA ARG A 15 -7.30 -15.02 -2.44
C ARG A 15 -6.42 -16.20 -2.91
N GLY A 16 -5.10 -16.02 -3.01
CA GLY A 16 -4.17 -16.98 -3.61
C GLY A 16 -4.14 -16.85 -5.14
N ARG A 17 -4.12 -15.62 -5.67
CA ARG A 17 -4.17 -15.31 -7.10
C ARG A 17 -3.16 -14.22 -7.45
N ALA A 18 -2.39 -14.39 -8.54
CA ALA A 18 -1.44 -13.38 -8.99
C ALA A 18 -2.14 -12.22 -9.71
N ARG A 19 -1.50 -11.05 -9.65
CA ARG A 19 -1.81 -9.84 -10.42
C ARG A 19 -0.57 -9.35 -11.17
N CYS A 20 -0.75 -8.82 -12.38
CA CYS A 20 0.24 -8.00 -13.06
C CYS A 20 0.06 -6.52 -12.68
N LYS A 21 1.11 -5.71 -12.86
CA LYS A 21 1.02 -4.24 -12.91
C LYS A 21 -0.13 -3.74 -13.82
N ALA A 22 -0.45 -4.47 -14.89
CA ALA A 22 -1.54 -4.15 -15.81
C ALA A 22 -2.95 -4.24 -15.18
N ASP A 23 -3.16 -5.10 -14.18
CA ASP A 23 -4.48 -5.28 -13.54
C ASP A 23 -4.86 -4.10 -12.63
N PHE A 24 -3.85 -3.42 -12.08
CA PHE A 24 -3.98 -2.17 -11.35
C PHE A 24 -4.27 -0.93 -12.22
N ARG A 25 -4.02 -1.01 -13.55
CA ARG A 25 -4.30 0.10 -14.45
C ARG A 25 -5.82 0.31 -14.58
N GLY A 26 -6.25 1.54 -14.30
CA GLY A 26 -7.67 1.91 -14.17
C GLY A 26 -8.24 1.74 -12.75
N GLN A 27 -7.42 1.42 -11.74
CA GLN A 27 -7.86 1.21 -10.35
C GLN A 27 -7.12 2.06 -9.29
N TRP A 28 -5.99 2.71 -9.65
CA TRP A 28 -5.04 3.36 -8.72
C TRP A 28 -4.39 2.33 -7.75
N VAL A 29 -3.30 2.71 -7.06
CA VAL A 29 -2.72 1.91 -5.97
C VAL A 29 -2.28 2.83 -4.83
N LEU A 30 -2.61 2.46 -3.58
CA LEU A 30 -2.15 3.11 -2.36
C LEU A 30 -1.40 2.09 -1.48
N MET A 31 -0.12 2.39 -1.21
CA MET A 31 0.88 1.41 -0.78
C MET A 31 1.12 1.41 0.74
N TYR A 32 0.32 0.66 1.50
CA TYR A 32 0.59 0.43 2.93
C TYR A 32 1.61 -0.72 3.13
N PHE A 33 2.82 -0.36 3.60
CA PHE A 33 3.88 -1.28 3.98
C PHE A 33 3.85 -1.50 5.50
N GLY A 34 3.66 -2.74 5.96
CA GLY A 34 3.35 -3.06 7.37
C GLY A 34 3.95 -4.35 7.93
N PHE A 35 3.64 -4.61 9.21
CA PHE A 35 4.08 -5.78 9.98
C PHE A 35 3.08 -6.17 11.09
N THR A 36 3.18 -7.39 11.65
CA THR A 36 2.26 -7.91 12.67
C THR A 36 2.65 -7.45 14.08
N HIS A 37 2.22 -6.25 14.47
CA HIS A 37 2.29 -5.63 15.81
C HIS A 37 1.64 -4.24 15.73
N CYS A 38 2.41 -3.15 15.90
CA CYS A 38 1.99 -1.74 15.93
C CYS A 38 1.15 -1.38 17.18
N PRO A 39 1.27 -0.16 17.76
CA PRO A 39 0.36 0.33 18.80
C PRO A 39 -0.98 0.71 18.13
N ASP A 40 -1.15 1.98 17.74
CA ASP A 40 -2.19 2.45 16.82
C ASP A 40 -1.60 3.59 15.96
N ILE A 41 -0.82 3.22 14.94
CA ILE A 41 -0.43 4.15 13.85
C ILE A 41 -0.70 3.55 12.45
N CYS A 42 -0.36 2.28 12.21
CA CYS A 42 -0.88 1.53 11.06
C CYS A 42 -2.42 1.44 11.07
N PRO A 43 -3.08 0.96 12.15
CA PRO A 43 -4.53 1.06 12.30
C PRO A 43 -5.04 2.47 12.62
N ASP A 44 -4.18 3.48 12.81
CA ASP A 44 -4.60 4.88 12.68
C ASP A 44 -4.82 5.19 11.19
N GLU A 45 -3.80 5.11 10.33
CA GLU A 45 -3.89 5.24 8.87
C GLU A 45 -5.02 4.42 8.24
N LEU A 46 -5.20 3.14 8.58
CA LEU A 46 -6.27 2.34 8.00
C LEU A 46 -7.66 2.89 8.38
N GLU A 47 -7.89 3.19 9.65
CA GLU A 47 -9.09 3.88 10.17
C GLU A 47 -9.27 5.29 9.52
N LYS A 48 -8.17 6.00 9.32
CA LYS A 48 -8.09 7.33 8.70
C LYS A 48 -8.55 7.26 7.24
N LEU A 49 -8.02 6.31 6.48
CA LEU A 49 -8.43 5.97 5.12
C LEU A 49 -9.87 5.49 5.08
N VAL A 50 -10.29 4.55 5.94
CA VAL A 50 -11.67 4.05 6.04
C VAL A 50 -12.69 5.20 6.18
N GLN A 51 -12.38 6.23 6.98
CA GLN A 51 -13.20 7.44 7.04
C GLN A 51 -13.18 8.21 5.71
N VAL A 52 -12.01 8.55 5.19
CA VAL A 52 -11.89 9.39 4.00
C VAL A 52 -12.46 8.71 2.74
N VAL A 53 -12.28 7.40 2.56
CA VAL A 53 -12.82 6.70 1.37
C VAL A 53 -14.35 6.64 1.36
N ARG A 54 -15.02 6.65 2.53
CA ARG A 54 -16.49 6.77 2.57
C ARG A 54 -16.93 8.14 2.07
N GLN A 55 -16.18 9.19 2.39
CA GLN A 55 -16.42 10.52 1.79
C GLN A 55 -16.09 10.55 0.29
N LEU A 56 -15.04 9.87 -0.19
CA LEU A 56 -14.68 9.86 -1.62
C LEU A 56 -15.67 9.07 -2.50
N GLU A 57 -16.29 8.00 -1.98
CA GLU A 57 -17.46 7.36 -2.60
C GLU A 57 -18.72 8.26 -2.59
N ALA A 58 -18.86 9.17 -1.61
CA ALA A 58 -19.93 10.17 -1.57
C ALA A 58 -19.74 11.37 -2.53
N GLU A 59 -18.54 11.95 -2.57
CA GLU A 59 -18.23 13.23 -3.18
C GLU A 59 -18.28 13.17 -4.73
N PRO A 60 -19.02 14.06 -5.43
CA PRO A 60 -19.34 13.95 -6.86
C PRO A 60 -18.17 14.23 -7.84
N GLY A 61 -16.92 14.06 -7.40
CA GLY A 61 -15.77 13.83 -8.27
C GLY A 61 -15.33 12.35 -8.31
N LEU A 62 -15.66 11.59 -7.25
CA LEU A 62 -15.32 10.20 -6.95
C LEU A 62 -14.20 9.56 -7.80
N PRO A 63 -12.91 9.86 -7.51
CA PRO A 63 -11.79 9.09 -8.03
C PRO A 63 -11.65 7.82 -7.19
N PRO A 64 -11.76 6.60 -7.77
CA PRO A 64 -11.54 5.37 -7.03
C PRO A 64 -10.03 5.19 -6.81
N VAL A 65 -9.65 4.76 -5.61
CA VAL A 65 -8.27 4.42 -5.22
C VAL A 65 -8.28 3.08 -4.51
N GLN A 66 -7.60 2.07 -5.08
CA GLN A 66 -7.47 0.77 -4.41
C GLN A 66 -6.28 0.76 -3.42
N PRO A 67 -6.49 0.45 -2.13
CA PRO A 67 -5.39 0.19 -1.21
C PRO A 67 -4.78 -1.19 -1.43
N VAL A 68 -3.50 -1.35 -1.08
CA VAL A 68 -2.88 -2.66 -0.82
C VAL A 68 -2.08 -2.62 0.48
N PHE A 69 -2.25 -3.66 1.30
CA PHE A 69 -1.35 -3.98 2.41
C PHE A 69 -0.26 -4.94 1.92
N ILE A 70 1.01 -4.62 2.16
CA ILE A 70 2.16 -5.51 1.90
C ILE A 70 2.95 -5.71 3.20
N THR A 71 3.19 -6.97 3.59
CA THR A 71 4.02 -7.33 4.75
C THR A 71 5.49 -7.20 4.36
N VAL A 72 6.25 -6.35 5.05
CA VAL A 72 7.70 -6.14 4.79
C VAL A 72 8.59 -7.18 5.51
N ASP A 73 8.14 -8.44 5.54
CA ASP A 73 8.85 -9.57 6.15
C ASP A 73 8.44 -10.91 5.46
N PRO A 74 9.18 -11.33 4.42
CA PRO A 74 8.89 -12.56 3.68
C PRO A 74 9.34 -13.82 4.43
N GLU A 75 9.04 -15.00 3.86
CA GLU A 75 9.35 -16.36 4.36
C GLU A 75 8.82 -16.65 5.79
N ARG A 76 7.79 -15.91 6.21
CA ARG A 76 7.10 -16.02 7.51
C ARG A 76 5.63 -15.56 7.49
N ASP A 77 5.14 -15.09 6.34
CA ASP A 77 3.70 -14.91 6.08
C ASP A 77 3.06 -16.27 5.78
N ASP A 78 1.85 -16.47 6.30
CA ASP A 78 0.93 -17.56 5.99
C ASP A 78 -0.44 -16.91 5.76
N VAL A 79 -0.70 -16.57 4.49
CA VAL A 79 -1.73 -15.68 3.88
C VAL A 79 -3.09 -15.50 4.60
N GLU A 80 -3.55 -16.46 5.39
CA GLU A 80 -4.66 -16.28 6.34
C GLU A 80 -4.37 -15.12 7.33
N ALA A 81 -3.10 -14.82 7.62
CA ALA A 81 -2.65 -13.65 8.37
C ALA A 81 -3.04 -12.34 7.65
N MET A 82 -2.68 -12.20 6.38
CA MET A 82 -3.01 -11.03 5.55
C MET A 82 -4.52 -10.74 5.49
N ALA A 83 -5.35 -11.79 5.52
CA ALA A 83 -6.81 -11.66 5.51
C ALA A 83 -7.38 -10.90 6.72
N ARG A 84 -6.72 -10.90 7.89
CA ARG A 84 -7.21 -10.18 9.08
C ARG A 84 -7.33 -8.69 8.81
N TYR A 85 -6.35 -8.11 8.14
CA TYR A 85 -6.29 -6.70 7.76
C TYR A 85 -7.42 -6.28 6.81
N VAL A 86 -8.03 -7.24 6.10
CA VAL A 86 -9.31 -7.07 5.42
C VAL A 86 -10.47 -7.04 6.41
N GLN A 87 -10.75 -8.19 7.04
CA GLN A 87 -11.99 -8.42 7.78
C GLN A 87 -12.13 -7.65 9.11
N ASP A 88 -11.04 -7.18 9.72
CA ASP A 88 -11.08 -6.39 10.95
C ASP A 88 -11.62 -4.96 10.76
N PHE A 89 -11.80 -4.51 9.50
CA PHE A 89 -12.42 -3.23 9.16
C PHE A 89 -13.67 -3.53 8.31
N HIS A 90 -13.47 -4.15 7.15
CA HIS A 90 -14.51 -4.38 6.15
C HIS A 90 -14.09 -5.29 4.96
N PRO A 91 -15.01 -6.07 4.36
CA PRO A 91 -14.71 -7.02 3.28
C PRO A 91 -14.49 -6.35 1.90
N ARG A 92 -13.58 -5.37 1.83
CA ARG A 92 -13.18 -4.65 0.61
C ARG A 92 -11.81 -3.95 0.74
N LEU A 93 -10.99 -4.36 1.73
CA LEU A 93 -9.54 -4.12 1.77
C LEU A 93 -8.82 -5.25 1.00
N LEU A 94 -7.51 -5.11 0.77
CA LEU A 94 -6.68 -6.14 0.13
C LEU A 94 -5.31 -6.25 0.81
N GLY A 95 -4.78 -7.48 0.87
CA GLY A 95 -3.39 -7.77 1.22
C GLY A 95 -2.68 -8.54 0.10
N LEU A 96 -1.46 -8.14 -0.23
CA LEU A 96 -0.60 -8.78 -1.24
C LEU A 96 0.70 -9.32 -0.60
N THR A 97 1.25 -10.39 -1.20
CA THR A 97 2.42 -11.13 -0.70
C THR A 97 3.22 -11.75 -1.84
N GLY A 98 4.36 -12.36 -1.52
CA GLY A 98 5.28 -12.99 -2.48
C GLY A 98 6.59 -13.49 -1.86
N SER A 99 7.35 -14.29 -2.61
CA SER A 99 8.63 -14.86 -2.15
C SER A 99 9.78 -13.84 -2.12
N THR A 100 10.83 -14.16 -1.34
CA THR A 100 12.05 -13.36 -1.10
C THR A 100 12.64 -12.75 -2.36
N LYS A 101 13.03 -13.56 -3.35
CA LYS A 101 13.61 -13.03 -4.60
C LYS A 101 12.70 -12.01 -5.32
N GLN A 102 11.36 -12.13 -5.24
CA GLN A 102 10.45 -11.10 -5.75
C GLN A 102 10.47 -9.85 -4.88
N VAL A 103 10.12 -9.96 -3.57
CA VAL A 103 9.95 -8.75 -2.74
C VAL A 103 11.26 -7.95 -2.61
N ALA A 104 12.42 -8.64 -2.60
CA ALA A 104 13.73 -8.03 -2.65
C ALA A 104 13.99 -7.22 -3.93
N GLN A 105 13.73 -7.75 -5.14
CA GLN A 105 14.00 -7.00 -6.38
C GLN A 105 13.01 -5.84 -6.60
N ALA A 106 11.73 -6.03 -6.23
CA ALA A 106 10.78 -4.92 -6.14
C ALA A 106 11.27 -3.83 -5.16
N SER A 107 11.65 -4.17 -3.93
CA SER A 107 12.10 -3.20 -2.93
C SER A 107 13.49 -2.58 -3.18
N HIS A 108 14.36 -3.24 -3.94
CA HIS A 108 15.64 -2.66 -4.41
C HIS A 108 15.39 -1.62 -5.54
N SER A 109 14.40 -1.88 -6.39
CA SER A 109 13.98 -0.95 -7.44
C SER A 109 13.20 0.26 -6.89
N TYR A 110 12.26 -0.01 -5.97
CA TYR A 110 11.28 0.95 -5.48
C TYR A 110 11.74 1.65 -4.18
N ARG A 111 11.76 2.99 -4.21
CA ARG A 111 12.44 3.84 -3.22
C ARG A 111 11.70 4.00 -1.87
N VAL A 112 11.31 2.88 -1.25
CA VAL A 112 10.77 2.81 0.13
C VAL A 112 11.89 2.49 1.12
N TYR A 113 11.76 2.90 2.39
CA TYR A 113 12.77 2.71 3.45
C TYR A 113 12.15 2.08 4.71
N TYR A 114 12.81 1.04 5.25
CA TYR A 114 12.45 0.30 6.47
C TYR A 114 13.68 -0.38 7.08
N ASN A 115 13.67 -0.63 8.39
CA ASN A 115 14.81 -1.21 9.14
C ASN A 115 14.32 -1.92 10.41
N ALA A 116 15.08 -2.89 10.95
CA ALA A 116 14.74 -3.70 12.12
C ALA A 116 15.76 -3.56 13.26
N GLY A 117 15.30 -3.76 14.49
CA GLY A 117 16.09 -3.59 15.72
C GLY A 117 17.27 -4.59 15.79
N PRO A 118 18.49 -4.12 16.14
CA PRO A 118 19.70 -4.95 16.14
C PRO A 118 19.80 -5.82 17.39
N LYS A 119 19.01 -6.89 17.45
CA LYS A 119 19.24 -8.02 18.38
C LYS A 119 20.28 -9.00 17.80
N ASP A 120 21.07 -9.56 18.69
CA ASP A 120 22.21 -10.47 18.44
C ASP A 120 22.13 -11.52 19.54
N GLU A 121 21.94 -12.79 19.16
CA GLU A 121 21.20 -13.82 19.92
C GLU A 121 19.70 -13.51 19.83
N ASP A 122 18.98 -13.31 20.95
CA ASP A 122 17.51 -13.20 20.96
C ASP A 122 17.00 -12.42 22.18
N GLN A 123 16.82 -11.10 22.01
CA GLN A 123 16.56 -10.15 23.10
C GLN A 123 15.67 -8.94 22.74
N ASP A 124 15.29 -8.75 21.47
CA ASP A 124 14.28 -7.79 20.97
C ASP A 124 13.92 -8.09 19.49
N TYR A 125 12.90 -7.40 18.96
CA TYR A 125 12.20 -7.68 17.70
C TYR A 125 11.50 -6.44 17.06
N ILE A 126 11.75 -5.20 17.50
CA ILE A 126 11.05 -4.02 16.91
C ILE A 126 11.47 -3.72 15.45
N VAL A 127 10.64 -2.94 14.75
CA VAL A 127 10.84 -2.51 13.35
C VAL A 127 10.58 -1.00 13.26
N ASP A 128 11.58 -0.27 12.76
CA ASP A 128 11.55 1.17 12.45
C ASP A 128 10.85 1.40 11.10
N HIS A 129 9.56 1.10 11.07
CA HIS A 129 8.65 1.40 9.97
C HIS A 129 8.25 2.88 10.04
N SER A 130 9.12 3.77 9.58
CA SER A 130 8.95 5.23 9.78
C SER A 130 7.73 5.81 9.03
N ILE A 131 7.32 5.13 7.95
CA ILE A 131 6.08 5.22 7.15
C ILE A 131 6.29 6.08 5.90
N ALA A 132 6.18 5.45 4.73
CA ALA A 132 6.10 6.11 3.43
C ALA A 132 4.98 5.45 2.61
N ILE A 133 3.73 5.79 2.93
CA ILE A 133 2.54 5.27 2.23
C ILE A 133 2.36 6.05 0.93
N TYR A 134 2.89 5.50 -0.14
CA TYR A 134 2.93 6.12 -1.47
C TYR A 134 1.61 5.98 -2.25
N LEU A 135 1.28 7.02 -3.02
CA LEU A 135 0.42 6.87 -4.21
C LEU A 135 1.27 6.29 -5.35
N LEU A 136 0.82 5.16 -5.90
CA LEU A 136 1.44 4.46 -7.03
C LEU A 136 0.39 4.30 -8.14
N ASN A 137 0.77 4.71 -9.35
CA ASN A 137 -0.17 5.09 -10.40
C ASN A 137 -0.98 3.91 -10.96
N PRO A 138 -2.09 4.18 -11.66
CA PRO A 138 -2.69 3.26 -12.63
C PRO A 138 -1.79 2.98 -13.87
N ASP A 139 -0.47 3.10 -13.75
CA ASP A 139 0.55 2.52 -14.63
C ASP A 139 1.88 2.32 -13.87
N GLY A 140 1.82 1.99 -12.56
CA GLY A 140 2.99 1.69 -11.73
C GLY A 140 3.75 2.96 -11.32
N LEU A 141 5.06 2.97 -11.57
CA LEU A 141 5.94 4.14 -11.43
C LEU A 141 6.06 4.57 -9.94
N PHE A 142 5.78 5.83 -9.61
CA PHE A 142 5.71 6.43 -8.26
C PHE A 142 5.07 7.82 -8.34
N THR A 143 4.71 8.42 -7.20
CA THR A 143 4.36 9.85 -7.06
C THR A 143 4.92 10.40 -5.75
N ASP A 144 4.08 10.71 -4.76
CA ASP A 144 4.44 11.20 -3.43
C ASP A 144 3.92 10.28 -2.31
N TYR A 145 4.41 10.49 -1.08
CA TYR A 145 4.11 9.65 0.09
C TYR A 145 3.50 10.41 1.26
N TYR A 146 2.56 9.75 1.94
CA TYR A 146 2.11 10.11 3.29
C TYR A 146 2.84 9.26 4.36
N GLY A 147 2.55 9.49 5.64
CA GLY A 147 3.35 9.02 6.78
C GLY A 147 4.10 10.15 7.50
N ARG A 148 4.26 11.31 6.85
CA ARG A 148 4.48 12.60 7.54
C ARG A 148 3.26 12.93 8.43
N SER A 149 3.36 13.93 9.31
CA SER A 149 2.20 14.38 10.09
C SER A 149 1.05 14.90 9.20
N ARG A 150 -0.21 14.60 9.57
CA ARG A 150 -1.39 14.64 8.71
C ARG A 150 -2.63 14.25 9.52
N SER A 151 -3.81 14.61 9.04
CA SER A 151 -5.09 14.04 9.47
C SER A 151 -6.03 13.91 8.25
N ALA A 152 -7.32 13.63 8.46
CA ALA A 152 -8.27 13.24 7.40
C ALA A 152 -8.35 14.27 6.25
N GLU A 153 -8.39 15.57 6.58
CA GLU A 153 -8.53 16.63 5.58
C GLU A 153 -7.28 16.77 4.69
N GLN A 154 -6.09 16.42 5.18
CA GLN A 154 -4.88 16.39 4.36
C GLN A 154 -4.92 15.24 3.36
N ILE A 155 -5.55 14.11 3.69
CA ILE A 155 -5.83 13.06 2.68
C ILE A 155 -6.76 13.63 1.59
N SER A 156 -7.83 14.31 1.98
CA SER A 156 -8.78 14.93 1.03
C SER A 156 -8.12 15.94 0.09
N ASP A 157 -7.28 16.86 0.61
CA ASP A 157 -6.57 17.82 -0.25
C ASP A 157 -5.51 17.12 -1.11
N SER A 158 -4.85 16.08 -0.59
CA SER A 158 -3.94 15.22 -1.36
C SER A 158 -4.66 14.52 -2.52
N VAL A 159 -5.79 13.84 -2.25
CA VAL A 159 -6.56 13.15 -3.29
C VAL A 159 -7.16 14.14 -4.31
N ARG A 160 -7.62 15.32 -3.87
CA ARG A 160 -8.06 16.40 -4.76
C ARG A 160 -6.90 16.97 -5.61
N ARG A 161 -5.69 17.08 -5.07
CA ARG A 161 -4.48 17.44 -5.84
C ARG A 161 -4.15 16.36 -6.89
N HIS A 162 -4.09 15.09 -6.51
CA HIS A 162 -3.89 13.98 -7.45
C HIS A 162 -4.98 13.92 -8.56
N MET A 163 -6.24 14.26 -8.22
CA MET A 163 -7.36 14.35 -9.17
C MET A 163 -7.15 15.38 -10.29
N ALA A 164 -6.37 16.44 -10.07
CA ALA A 164 -6.02 17.42 -11.10
C ALA A 164 -5.10 16.88 -12.21
N ALA A 165 -4.37 15.79 -11.95
CA ALA A 165 -3.58 15.04 -12.95
C ALA A 165 -4.31 13.79 -13.45
N PHE A 166 -5.06 13.09 -12.57
CA PHE A 166 -5.83 11.89 -12.90
C PHE A 166 -6.97 12.14 -13.91
N ARG A 167 -7.26 13.41 -14.25
CA ARG A 167 -8.08 13.80 -15.40
C ARG A 167 -7.49 13.35 -16.77
N SER A 168 -6.20 12.98 -16.80
CA SER A 168 -5.41 12.38 -17.88
C SER A 168 -4.54 13.42 -18.63
N VAL A 169 -3.50 12.96 -19.35
CA VAL A 169 -2.44 13.76 -19.96
C VAL A 169 -2.12 13.15 -21.33
N LEU A 170 -1.90 14.03 -22.30
CA LEU A 170 -1.43 13.75 -23.66
C LEU A 170 -0.02 14.33 -23.76
N SER A 171 0.96 13.42 -23.74
CA SER A 171 2.40 13.68 -23.90
C SER A 171 3.19 12.41 -24.22
CU CU1 B . 2.53 1.11 12.53
N SER A 2 17.18 -13.17 -23.25
CA SER A 2 15.75 -12.89 -23.01
C SER A 2 15.57 -11.84 -21.93
N PHE A 3 14.81 -10.79 -22.22
CA PHE A 3 14.60 -9.64 -21.32
C PHE A 3 13.13 -9.21 -21.25
N THR A 4 12.79 -8.47 -20.18
CA THR A 4 11.46 -8.02 -19.73
C THR A 4 11.65 -7.19 -18.45
N GLY A 5 10.61 -6.47 -18.01
CA GLY A 5 10.60 -5.70 -16.76
C GLY A 5 10.40 -4.19 -16.96
N GLN A 6 10.06 -3.51 -15.85
CA GLN A 6 9.68 -2.08 -15.83
C GLN A 6 9.54 -1.52 -14.39
N GLY A 7 9.95 -2.26 -13.35
CA GLY A 7 9.49 -2.07 -11.96
C GLY A 7 8.23 -2.90 -11.65
N ASP A 8 7.79 -3.70 -12.62
CA ASP A 8 6.74 -4.73 -12.53
C ASP A 8 7.22 -5.97 -11.76
N PHE A 9 6.29 -6.78 -11.24
CA PHE A 9 6.55 -7.84 -10.26
C PHE A 9 5.54 -9.00 -10.35
N HIS A 10 5.77 -10.08 -9.58
CA HIS A 10 4.86 -11.23 -9.45
C HIS A 10 4.66 -11.63 -7.97
N LEU A 11 3.48 -11.33 -7.42
CA LEU A 11 3.02 -11.76 -6.08
C LEU A 11 1.54 -12.20 -6.17
N LEU A 12 1.02 -12.86 -5.14
CA LEU A 12 -0.37 -13.33 -5.07
C LEU A 12 -1.15 -12.56 -4.00
N ASP A 13 -2.46 -12.35 -4.21
CA ASP A 13 -3.34 -11.71 -3.23
C ASP A 13 -3.75 -12.62 -2.07
N HIS A 14 -4.42 -12.06 -1.07
CA HIS A 14 -4.92 -12.74 0.12
C HIS A 14 -5.93 -13.90 -0.15
N ARG A 15 -6.29 -14.15 -1.41
CA ARG A 15 -7.15 -15.25 -1.87
C ARG A 15 -6.53 -16.05 -3.04
N GLY A 16 -5.27 -15.79 -3.41
CA GLY A 16 -4.47 -16.58 -4.37
C GLY A 16 -4.42 -16.05 -5.81
N ARG A 17 -5.01 -14.88 -6.12
CA ARG A 17 -4.95 -14.29 -7.48
C ARG A 17 -3.54 -13.73 -7.74
N ALA A 18 -2.87 -14.17 -8.81
CA ALA A 18 -1.54 -13.68 -9.18
C ALA A 18 -1.62 -12.31 -9.87
N ARG A 19 -0.71 -11.39 -9.53
CA ARG A 19 -0.83 -9.96 -9.86
C ARG A 19 0.53 -9.23 -9.89
N CYS A 20 0.58 -8.17 -10.70
CA CYS A 20 1.74 -7.34 -11.05
C CYS A 20 1.50 -5.83 -10.80
N LYS A 21 2.45 -4.96 -11.18
CA LYS A 21 2.25 -3.50 -11.18
C LYS A 21 1.38 -3.02 -12.36
N ALA A 22 1.65 -3.52 -13.57
CA ALA A 22 1.10 -2.97 -14.82
C ALA A 22 -0.43 -3.10 -14.97
N ASP A 23 -1.02 -4.23 -14.60
CA ASP A 23 -2.47 -4.47 -14.77
C ASP A 23 -3.33 -3.61 -13.82
N PHE A 24 -2.72 -3.11 -12.74
CA PHE A 24 -3.31 -2.15 -11.79
C PHE A 24 -3.44 -0.71 -12.33
N ARG A 25 -2.89 -0.39 -13.51
CA ARG A 25 -2.87 0.97 -14.09
C ARG A 25 -4.28 1.41 -14.56
N GLY A 26 -5.09 1.87 -13.60
CA GLY A 26 -6.47 2.35 -13.84
C GLY A 26 -7.24 2.83 -12.60
N GLN A 27 -6.57 3.06 -11.47
CA GLN A 27 -7.14 3.60 -10.24
C GLN A 27 -6.13 4.56 -9.59
N TRP A 28 -6.57 5.34 -8.60
CA TRP A 28 -5.68 5.99 -7.65
C TRP A 28 -5.10 4.91 -6.71
N VAL A 29 -3.98 4.32 -7.09
CA VAL A 29 -3.41 3.14 -6.42
C VAL A 29 -2.59 3.59 -5.22
N LEU A 30 -3.09 3.31 -4.01
CA LEU A 30 -2.43 3.65 -2.76
C LEU A 30 -1.59 2.45 -2.29
N MET A 31 -0.27 2.60 -2.35
CA MET A 31 0.68 1.62 -1.83
C MET A 31 0.93 1.86 -0.34
N TYR A 32 0.74 0.81 0.46
CA TYR A 32 0.98 0.80 1.91
C TYR A 32 1.89 -0.39 2.27
N PHE A 33 2.82 -0.19 3.21
CA PHE A 33 3.66 -1.25 3.79
C PHE A 33 3.32 -1.44 5.27
N GLY A 34 3.19 -2.69 5.73
CA GLY A 34 2.91 -3.05 7.12
C GLY A 34 3.99 -3.94 7.75
N PHE A 35 3.79 -4.27 9.04
CA PHE A 35 4.69 -5.13 9.83
C PHE A 35 3.92 -6.12 10.74
N THR A 36 2.64 -6.38 10.41
CA THR A 36 1.73 -7.38 11.01
C THR A 36 1.21 -7.01 12.40
N HIS A 37 2.00 -6.31 13.21
CA HIS A 37 1.65 -5.75 14.53
C HIS A 37 2.77 -4.82 15.00
N CYS A 38 2.38 -3.70 15.61
CA CYS A 38 3.21 -2.50 15.70
C CYS A 38 2.72 -1.59 16.85
N PRO A 39 3.54 -0.63 17.33
CA PRO A 39 3.22 0.29 18.41
C PRO A 39 2.25 1.42 18.00
N ASP A 40 1.07 1.05 17.45
CA ASP A 40 -0.07 1.94 17.13
C ASP A 40 0.25 2.84 15.92
N ILE A 41 1.02 2.28 14.97
CA ILE A 41 1.37 2.89 13.68
C ILE A 41 0.74 2.14 12.50
N CYS A 42 0.93 0.82 12.35
CA CYS A 42 0.20 -0.04 11.40
C CYS A 42 -1.29 0.34 11.26
N PRO A 43 -2.11 0.36 12.34
CA PRO A 43 -3.55 0.66 12.25
C PRO A 43 -3.88 2.16 12.13
N ASP A 44 -2.92 3.05 12.35
CA ASP A 44 -3.11 4.51 12.36
C ASP A 44 -3.35 4.99 10.91
N GLU A 45 -2.33 4.82 10.06
CA GLU A 45 -2.38 5.02 8.61
C GLU A 45 -3.46 4.17 7.91
N LEU A 46 -3.87 3.02 8.47
CA LEU A 46 -5.03 2.28 7.96
C LEU A 46 -6.35 3.01 8.26
N GLU A 47 -6.63 3.40 9.52
CA GLU A 47 -7.86 4.15 9.83
C GLU A 47 -7.88 5.50 9.10
N LYS A 48 -6.72 6.16 9.02
CA LYS A 48 -6.44 7.36 8.22
C LYS A 48 -6.91 7.16 6.76
N LEU A 49 -6.35 6.18 6.03
CA LEU A 49 -6.73 5.91 4.64
C LEU A 49 -8.18 5.42 4.52
N VAL A 50 -8.65 4.54 5.41
CA VAL A 50 -10.04 4.02 5.36
C VAL A 50 -11.05 5.15 5.53
N GLN A 51 -10.79 6.16 6.38
CA GLN A 51 -11.64 7.35 6.50
C GLN A 51 -11.57 8.23 5.24
N VAL A 52 -10.39 8.44 4.64
CA VAL A 52 -10.26 9.13 3.34
C VAL A 52 -11.07 8.41 2.24
N VAL A 53 -10.90 7.09 2.09
CA VAL A 53 -11.59 6.27 1.09
C VAL A 53 -13.12 6.32 1.29
N ARG A 54 -13.62 6.20 2.52
CA ARG A 54 -15.04 6.34 2.85
C ARG A 54 -15.61 7.67 2.35
N GLN A 55 -14.97 8.77 2.76
CA GLN A 55 -15.36 10.13 2.36
C GLN A 55 -15.37 10.32 0.84
N LEU A 56 -14.37 9.81 0.10
CA LEU A 56 -14.34 9.97 -1.35
C LEU A 56 -15.41 9.15 -2.07
N GLU A 57 -15.65 7.90 -1.63
CA GLU A 57 -16.73 7.03 -2.15
C GLU A 57 -18.13 7.69 -2.04
N ALA A 58 -18.31 8.66 -1.13
CA ALA A 58 -19.56 9.41 -0.99
C ALA A 58 -19.81 10.46 -2.10
N GLU A 59 -18.79 11.09 -2.70
CA GLU A 59 -19.05 12.19 -3.66
C GLU A 59 -19.58 11.70 -5.02
N PRO A 60 -20.59 12.37 -5.62
CA PRO A 60 -21.18 12.02 -6.92
C PRO A 60 -20.31 12.52 -8.09
N GLY A 61 -19.06 12.05 -8.12
CA GLY A 61 -17.98 12.51 -8.99
C GLY A 61 -16.68 12.58 -8.18
N LEU A 62 -15.81 11.58 -8.33
CA LEU A 62 -14.76 11.26 -7.35
C LEU A 62 -13.61 10.42 -7.95
N PRO A 63 -12.40 10.44 -7.36
CA PRO A 63 -11.29 9.59 -7.77
C PRO A 63 -11.42 8.20 -7.13
N PRO A 64 -11.36 7.10 -7.92
CA PRO A 64 -11.44 5.75 -7.38
C PRO A 64 -10.12 5.36 -6.72
N VAL A 65 -9.96 5.74 -5.45
CA VAL A 65 -8.82 5.38 -4.59
C VAL A 65 -8.97 3.95 -4.08
N GLN A 66 -7.90 3.14 -4.18
CA GLN A 66 -7.87 1.78 -3.64
C GLN A 66 -6.50 1.46 -3.01
N PRO A 67 -6.45 0.91 -1.79
CA PRO A 67 -5.21 0.49 -1.14
C PRO A 67 -4.71 -0.86 -1.65
N VAL A 68 -3.39 -1.06 -1.54
CA VAL A 68 -2.74 -2.38 -1.49
C VAL A 68 -1.91 -2.45 -0.21
N PHE A 69 -2.24 -3.41 0.66
CA PHE A 69 -1.42 -3.78 1.81
C PHE A 69 -0.27 -4.68 1.35
N ILE A 70 0.98 -4.22 1.50
CA ILE A 70 2.18 -4.99 1.21
C ILE A 70 2.77 -5.51 2.53
N THR A 71 2.78 -6.84 2.67
CA THR A 71 3.49 -7.61 3.71
C THR A 71 4.95 -7.76 3.28
N VAL A 72 5.88 -7.71 4.23
CA VAL A 72 7.34 -7.67 3.94
C VAL A 72 8.16 -8.50 4.95
N ASP A 73 7.46 -9.37 5.70
CA ASP A 73 7.86 -9.84 7.03
C ASP A 73 7.46 -11.32 7.27
N PRO A 74 7.83 -12.26 6.37
CA PRO A 74 7.22 -13.59 6.28
C PRO A 74 7.69 -14.61 7.34
N GLU A 75 8.16 -14.19 8.51
CA GLU A 75 8.56 -15.08 9.62
C GLU A 75 7.41 -16.02 10.01
N ARG A 76 6.17 -15.49 10.04
CA ARG A 76 4.94 -16.21 10.39
C ARG A 76 3.84 -16.12 9.31
N ASP A 77 4.19 -15.68 8.08
CA ASP A 77 3.31 -15.55 6.91
C ASP A 77 2.34 -16.73 6.74
N ASP A 78 1.09 -16.39 6.44
CA ASP A 78 -0.04 -17.32 6.40
C ASP A 78 -1.23 -16.70 5.68
N VAL A 79 -1.93 -17.51 4.86
CA VAL A 79 -3.17 -17.13 4.19
C VAL A 79 -4.25 -16.78 5.23
N GLU A 80 -4.26 -17.49 6.37
CA GLU A 80 -5.16 -17.25 7.50
C GLU A 80 -4.95 -15.85 8.09
N ALA A 81 -3.69 -15.45 8.31
CA ALA A 81 -3.35 -14.16 8.91
C ALA A 81 -3.66 -12.99 7.96
N MET A 82 -3.35 -13.15 6.67
CA MET A 82 -3.66 -12.15 5.63
C MET A 82 -5.17 -11.91 5.53
N ALA A 83 -5.95 -12.99 5.36
CA ALA A 83 -7.40 -12.92 5.23
C ALA A 83 -8.06 -12.31 6.48
N ARG A 84 -7.60 -12.65 7.70
CA ARG A 84 -8.10 -12.04 8.93
C ARG A 84 -7.85 -10.52 8.94
N TYR A 85 -6.62 -10.07 8.69
CA TYR A 85 -6.27 -8.64 8.73
C TYR A 85 -7.00 -7.83 7.64
N VAL A 86 -7.16 -8.41 6.44
CA VAL A 86 -8.00 -7.86 5.36
C VAL A 86 -9.47 -7.73 5.80
N GLN A 87 -10.11 -8.82 6.23
CA GLN A 87 -11.56 -8.85 6.46
C GLN A 87 -12.01 -8.07 7.69
N ASP A 88 -11.29 -8.14 8.82
CA ASP A 88 -11.78 -7.61 10.11
C ASP A 88 -11.84 -6.07 10.17
N PHE A 89 -10.98 -5.40 9.40
CA PHE A 89 -11.06 -3.97 9.11
C PHE A 89 -12.25 -3.70 8.19
N HIS A 90 -12.24 -4.32 7.00
CA HIS A 90 -13.35 -4.32 6.05
C HIS A 90 -13.17 -5.35 4.92
N PRO A 91 -14.19 -6.19 4.59
CA PRO A 91 -14.17 -7.07 3.42
C PRO A 91 -14.28 -6.25 2.12
N ARG A 92 -13.12 -5.67 1.74
CA ARG A 92 -12.83 -4.77 0.60
C ARG A 92 -11.39 -4.21 0.64
N LEU A 93 -10.61 -4.39 1.72
CA LEU A 93 -9.14 -4.26 1.66
C LEU A 93 -8.55 -5.30 0.69
N LEU A 94 -7.35 -5.03 0.17
CA LEU A 94 -6.53 -6.02 -0.53
C LEU A 94 -5.17 -6.13 0.17
N GLY A 95 -4.71 -7.35 0.38
CA GLY A 95 -3.33 -7.67 0.77
C GLY A 95 -2.69 -8.64 -0.21
N LEU A 96 -1.37 -8.82 -0.12
CA LEU A 96 -0.61 -9.76 -0.96
C LEU A 96 0.61 -10.36 -0.24
N THR A 97 1.16 -11.45 -0.80
CA THR A 97 2.27 -12.25 -0.26
C THR A 97 2.93 -13.09 -1.36
N GLY A 98 3.97 -13.83 -0.99
CA GLY A 98 4.79 -14.70 -1.85
C GLY A 98 6.06 -15.15 -1.13
N SER A 99 6.90 -15.94 -1.80
CA SER A 99 8.17 -16.35 -1.20
C SER A 99 9.21 -15.21 -1.21
N THR A 100 10.10 -15.19 -0.21
CA THR A 100 11.02 -14.07 0.09
C THR A 100 11.89 -13.69 -1.09
N LYS A 101 12.37 -14.65 -1.89
CA LYS A 101 13.13 -14.37 -3.11
C LYS A 101 12.33 -13.53 -4.13
N GLN A 102 11.00 -13.66 -4.18
CA GLN A 102 10.11 -12.72 -4.88
C GLN A 102 9.89 -11.42 -4.08
N VAL A 103 9.47 -11.50 -2.81
CA VAL A 103 9.04 -10.32 -2.01
C VAL A 103 10.10 -9.20 -2.04
N ALA A 104 11.38 -9.55 -1.84
CA ALA A 104 12.48 -8.60 -1.76
C ALA A 104 12.72 -7.80 -3.06
N GLN A 105 12.28 -8.30 -4.22
CA GLN A 105 12.65 -7.70 -5.52
C GLN A 105 12.04 -6.31 -5.72
N ALA A 106 10.86 -6.05 -5.16
CA ALA A 106 10.19 -4.76 -5.26
C ALA A 106 11.07 -3.62 -4.71
N SER A 107 11.41 -3.66 -3.42
CA SER A 107 12.26 -2.61 -2.84
C SER A 107 13.74 -2.68 -3.28
N HIS A 108 14.22 -3.83 -3.78
CA HIS A 108 15.55 -3.91 -4.41
C HIS A 108 15.61 -3.11 -5.73
N SER A 109 14.50 -3.06 -6.46
CA SER A 109 14.32 -2.18 -7.62
C SER A 109 14.16 -0.71 -7.17
N TYR A 110 13.08 -0.37 -6.45
CA TYR A 110 12.78 1.00 -6.00
C TYR A 110 12.90 1.14 -4.47
N ARG A 111 13.94 1.84 -4.00
CA ARG A 111 14.33 1.83 -2.59
C ARG A 111 13.46 2.80 -1.76
N VAL A 112 12.36 2.28 -1.22
CA VAL A 112 11.46 3.03 -0.31
C VAL A 112 12.14 3.38 1.02
N TYR A 113 13.00 2.47 1.53
CA TYR A 113 13.93 2.60 2.67
C TYR A 113 13.38 2.04 3.99
N TYR A 114 13.99 0.94 4.47
CA TYR A 114 13.67 0.28 5.73
C TYR A 114 14.86 -0.57 6.23
N ASN A 115 15.47 -0.21 7.38
CA ASN A 115 16.54 -1.01 8.00
C ASN A 115 16.74 -0.72 9.50
N ALA A 116 16.54 -1.74 10.35
CA ALA A 116 17.00 -1.79 11.75
C ALA A 116 17.08 -3.24 12.27
N GLY A 117 18.22 -3.90 11.97
CA GLY A 117 18.63 -5.18 12.57
C GLY A 117 19.83 -5.07 13.53
N PRO A 118 19.64 -4.63 14.79
CA PRO A 118 20.69 -4.55 15.80
C PRO A 118 20.81 -5.88 16.59
N LYS A 119 21.31 -6.93 15.94
CA LYS A 119 21.40 -8.28 16.53
C LYS A 119 22.40 -9.17 15.75
N ASP A 120 22.94 -10.20 16.41
CA ASP A 120 23.84 -11.22 15.82
C ASP A 120 23.33 -12.67 16.03
N GLU A 121 22.15 -12.81 16.63
CA GLU A 121 21.43 -14.07 16.83
C GLU A 121 20.70 -14.45 15.52
N ASP A 122 19.47 -13.94 15.31
CA ASP A 122 18.79 -13.99 14.02
C ASP A 122 19.36 -12.91 13.06
N GLN A 123 19.37 -11.65 13.53
CA GLN A 123 20.02 -10.42 13.02
C GLN A 123 19.02 -9.26 12.88
N ASP A 124 17.84 -9.52 12.32
CA ASP A 124 16.89 -8.49 11.87
C ASP A 124 15.51 -8.80 12.44
N TYR A 125 14.91 -7.84 13.16
CA TYR A 125 13.72 -8.11 14.01
C TYR A 125 12.89 -6.87 14.42
N ILE A 126 13.38 -5.65 14.17
CA ILE A 126 12.78 -4.39 14.70
C ILE A 126 12.91 -3.25 13.67
N VAL A 127 12.75 -3.61 12.40
CA VAL A 127 13.00 -2.78 11.22
C VAL A 127 11.83 -1.80 10.99
N ASP A 128 12.13 -0.49 10.94
CA ASP A 128 11.15 0.57 10.69
C ASP A 128 10.79 0.68 9.20
N HIS A 129 9.53 0.42 8.86
CA HIS A 129 9.00 0.57 7.51
C HIS A 129 8.68 2.04 7.19
N SER A 130 9.74 2.84 6.99
CA SER A 130 9.71 4.31 7.01
C SER A 130 8.85 5.01 5.92
N ILE A 131 8.21 4.29 5.01
CA ILE A 131 7.21 4.80 4.06
C ILE A 131 5.93 3.99 4.25
N ALA A 132 4.83 4.65 4.63
CA ALA A 132 3.57 3.99 4.96
C ALA A 132 2.42 4.27 3.96
N ILE A 133 2.45 5.39 3.22
CA ILE A 133 1.47 5.74 2.19
C ILE A 133 2.21 6.32 0.99
N TYR A 134 2.00 5.78 -0.22
CA TYR A 134 2.65 6.23 -1.45
C TYR A 134 1.66 6.11 -2.63
N LEU A 135 1.28 7.23 -3.25
CA LEU A 135 0.19 7.31 -4.24
C LEU A 135 0.74 7.20 -5.66
N LEU A 136 0.30 6.16 -6.38
CA LEU A 136 0.48 5.99 -7.82
C LEU A 136 -0.79 6.44 -8.57
N ASN A 137 -0.59 7.40 -9.47
CA ASN A 137 -1.55 7.91 -10.44
C ASN A 137 -2.06 6.76 -11.35
N PRO A 138 -3.30 6.84 -11.90
CA PRO A 138 -3.88 5.83 -12.80
C PRO A 138 -3.19 5.68 -14.19
N ASP A 139 -1.95 6.18 -14.36
CA ASP A 139 -1.08 5.96 -15.54
C ASP A 139 0.29 5.38 -15.07
N GLY A 140 0.38 4.88 -13.83
CA GLY A 140 1.57 4.25 -13.25
C GLY A 140 2.60 5.23 -12.68
N LEU A 141 2.40 6.53 -12.89
CA LEU A 141 3.26 7.62 -12.43
C LEU A 141 3.12 7.86 -10.90
N PHE A 142 4.14 8.43 -10.28
CA PHE A 142 4.08 8.93 -8.89
C PHE A 142 3.21 10.20 -8.78
N THR A 143 2.62 10.44 -7.60
CA THR A 143 1.73 11.58 -7.32
C THR A 143 2.15 12.31 -6.06
N ASP A 144 2.21 11.61 -4.91
CA ASP A 144 2.66 12.09 -3.59
C ASP A 144 2.73 10.94 -2.55
N TYR A 145 3.13 11.26 -1.31
CA TYR A 145 3.38 10.27 -0.24
C TYR A 145 3.13 10.86 1.17
N TYR A 146 2.76 10.00 2.13
CA TYR A 146 2.28 10.39 3.47
C TYR A 146 2.64 9.34 4.56
N GLY A 147 2.23 9.62 5.80
CA GLY A 147 2.49 8.78 6.99
C GLY A 147 3.61 9.34 7.86
N ARG A 148 3.44 10.59 8.33
CA ARG A 148 4.35 11.35 9.20
C ARG A 148 3.82 12.75 9.58
N SER A 149 2.84 13.24 8.82
CA SER A 149 2.09 14.49 8.96
C SER A 149 0.99 14.47 7.88
N ARG A 150 -0.04 15.32 8.02
CA ARG A 150 -1.23 15.50 7.16
C ARG A 150 -2.36 14.61 7.67
N SER A 151 -3.59 15.13 7.64
CA SER A 151 -4.77 14.47 8.22
C SER A 151 -5.76 14.19 7.10
N ALA A 152 -6.71 13.27 7.30
CA ALA A 152 -7.66 12.80 6.29
C ALA A 152 -8.34 13.94 5.52
N GLU A 153 -8.58 15.06 6.17
CA GLU A 153 -9.13 16.29 5.60
C GLU A 153 -8.26 16.85 4.46
N GLN A 154 -7.01 17.19 4.74
CA GLN A 154 -6.10 17.74 3.73
C GLN A 154 -5.63 16.69 2.72
N ILE A 155 -5.57 15.40 3.09
CA ILE A 155 -5.29 14.33 2.12
C ILE A 155 -6.42 14.22 1.09
N SER A 156 -7.67 14.35 1.53
CA SER A 156 -8.83 14.36 0.62
C SER A 156 -8.80 15.55 -0.34
N ASP A 157 -8.38 16.75 0.10
CA ASP A 157 -8.18 17.90 -0.78
C ASP A 157 -6.93 17.77 -1.69
N SER A 158 -5.85 17.14 -1.24
CA SER A 158 -4.74 16.75 -2.13
C SER A 158 -5.24 15.81 -3.24
N VAL A 159 -5.99 14.77 -2.88
CA VAL A 159 -6.54 13.79 -3.82
C VAL A 159 -7.60 14.43 -4.76
N ARG A 160 -8.38 15.40 -4.28
CA ARG A 160 -9.26 16.24 -5.09
C ARG A 160 -8.45 17.12 -6.07
N ARG A 161 -7.29 17.67 -5.66
CA ARG A 161 -6.37 18.38 -6.56
C ARG A 161 -5.75 17.47 -7.62
N HIS A 162 -5.36 16.24 -7.27
CA HIS A 162 -4.91 15.24 -8.25
C HIS A 162 -5.99 14.97 -9.32
N MET A 163 -7.24 14.78 -8.88
CA MET A 163 -8.40 14.62 -9.77
C MET A 163 -8.62 15.86 -10.67
N ALA A 164 -8.55 17.07 -10.14
CA ALA A 164 -8.70 18.31 -10.90
C ALA A 164 -7.60 18.55 -11.95
N ALA A 165 -6.39 18.01 -11.73
CA ALA A 165 -5.26 18.06 -12.66
C ALA A 165 -5.31 16.95 -13.74
N PHE A 166 -5.77 15.74 -13.37
CA PHE A 166 -5.87 14.59 -14.27
C PHE A 166 -7.19 14.62 -15.08
N ARG A 167 -7.41 15.74 -15.80
CA ARG A 167 -8.59 15.98 -16.63
C ARG A 167 -8.85 14.84 -17.62
N SER A 168 -10.10 14.36 -17.62
CA SER A 168 -10.70 13.40 -18.56
C SER A 168 -12.23 13.39 -18.31
N VAL A 169 -12.94 12.35 -18.75
CA VAL A 169 -14.35 12.09 -18.46
C VAL A 169 -14.54 10.60 -18.20
N LEU A 170 -15.02 10.29 -16.99
CA LEU A 170 -15.35 8.97 -16.48
C LEU A 170 -16.55 9.13 -15.54
N SER A 171 -17.73 8.66 -15.96
CA SER A 171 -19.02 8.80 -15.27
C SER A 171 -19.69 7.46 -15.04
CU CU1 B . 3.92 -1.55 11.22
N SER A 2 14.38 -5.40 -25.69
CA SER A 2 15.21 -5.75 -24.52
C SER A 2 14.51 -5.30 -23.23
N PHE A 3 15.22 -4.75 -22.24
CA PHE A 3 14.72 -4.47 -20.89
C PHE A 3 13.67 -3.33 -20.85
N THR A 4 14.09 -2.06 -20.65
CA THR A 4 13.21 -0.89 -20.44
C THR A 4 12.09 -1.19 -19.44
N GLY A 5 12.44 -1.75 -18.28
CA GLY A 5 11.48 -2.37 -17.36
C GLY A 5 10.52 -1.35 -16.75
N GLN A 6 9.21 -1.59 -16.93
CA GLN A 6 8.13 -0.73 -16.41
C GLN A 6 7.88 -0.91 -14.89
N GLY A 7 8.71 -1.70 -14.19
CA GLY A 7 8.74 -1.83 -12.73
C GLY A 7 7.61 -2.69 -12.16
N ASP A 8 7.48 -3.92 -12.64
CA ASP A 8 6.39 -4.88 -12.37
C ASP A 8 6.58 -5.77 -11.12
N PHE A 9 5.61 -6.67 -10.88
CA PHE A 9 5.61 -7.70 -9.83
C PHE A 9 4.65 -8.85 -10.18
N HIS A 10 4.71 -9.95 -9.43
CA HIS A 10 3.81 -11.12 -9.53
C HIS A 10 3.50 -11.71 -8.12
N LEU A 11 2.68 -10.98 -7.34
CA LEU A 11 2.28 -11.32 -5.97
C LEU A 11 1.00 -12.17 -5.95
N LEU A 12 0.59 -12.67 -4.78
CA LEU A 12 -0.64 -13.45 -4.61
C LEU A 12 -1.69 -12.65 -3.83
N ASP A 13 -2.96 -12.82 -4.22
CA ASP A 13 -4.15 -12.28 -3.56
C ASP A 13 -4.50 -13.13 -2.32
N HIS A 14 -5.04 -12.50 -1.27
CA HIS A 14 -5.45 -13.17 -0.02
C HIS A 14 -6.56 -14.25 -0.17
N ARG A 15 -7.10 -14.46 -1.38
CA ARG A 15 -7.99 -15.59 -1.74
C ARG A 15 -7.37 -16.58 -2.75
N GLY A 16 -6.06 -16.54 -3.01
CA GLY A 16 -5.34 -17.56 -3.80
C GLY A 16 -5.35 -17.34 -5.32
N ARG A 17 -5.53 -16.10 -5.78
CA ARG A 17 -5.21 -15.69 -7.17
C ARG A 17 -3.78 -15.14 -7.22
N ALA A 18 -3.27 -14.86 -8.42
CA ALA A 18 -2.01 -14.14 -8.64
C ALA A 18 -2.29 -12.80 -9.33
N ARG A 19 -1.53 -11.77 -8.98
CA ARG A 19 -1.74 -10.38 -9.41
C ARG A 19 -0.44 -9.69 -9.77
N CYS A 20 -0.49 -8.83 -10.79
CA CYS A 20 0.63 -8.04 -11.29
C CYS A 20 0.25 -6.57 -11.48
N LYS A 21 1.26 -5.71 -11.57
CA LYS A 21 1.09 -4.26 -11.73
C LYS A 21 0.19 -3.84 -12.91
N ALA A 22 0.15 -4.63 -13.99
CA ALA A 22 -0.55 -4.29 -15.24
C ALA A 22 -2.08 -4.17 -15.07
N ASP A 23 -2.69 -4.98 -14.22
CA ASP A 23 -4.15 -4.97 -13.99
C ASP A 23 -4.56 -3.72 -13.21
N PHE A 24 -3.79 -3.40 -12.17
CA PHE A 24 -3.92 -2.19 -11.37
C PHE A 24 -3.68 -0.90 -12.19
N ARG A 25 -2.92 -0.98 -13.31
CA ARG A 25 -2.52 0.16 -14.16
C ARG A 25 -3.69 0.82 -14.93
N GLY A 26 -4.95 0.51 -14.61
CA GLY A 26 -6.15 1.16 -15.15
C GLY A 26 -6.73 2.27 -14.27
N GLN A 27 -6.35 2.37 -12.99
CA GLN A 27 -6.93 3.31 -12.03
C GLN A 27 -5.85 4.00 -11.19
N TRP A 28 -6.27 4.83 -10.24
CA TRP A 28 -5.51 5.14 -9.03
C TRP A 28 -5.62 3.97 -8.03
N VAL A 29 -4.54 3.57 -7.36
CA VAL A 29 -4.56 2.62 -6.24
C VAL A 29 -3.63 3.04 -5.11
N LEU A 30 -3.98 2.70 -3.85
CA LEU A 30 -3.24 3.12 -2.65
C LEU A 30 -2.45 1.93 -2.08
N MET A 31 -1.12 2.03 -2.04
CA MET A 31 -0.22 0.93 -1.65
C MET A 31 0.41 1.16 -0.28
N TYR A 32 -0.06 0.47 0.76
CA TYR A 32 0.46 0.48 2.14
C TYR A 32 1.41 -0.71 2.35
N PHE A 33 2.66 -0.43 2.76
CA PHE A 33 3.66 -1.43 3.12
C PHE A 33 3.68 -1.61 4.65
N GLY A 34 3.30 -2.81 5.12
CA GLY A 34 3.03 -3.09 6.54
C GLY A 34 3.74 -4.33 7.08
N PHE A 35 4.07 -4.27 8.38
CA PHE A 35 4.80 -5.29 9.14
C PHE A 35 3.83 -6.32 9.76
N THR A 36 3.11 -7.05 8.88
CA THR A 36 2.00 -7.99 9.19
C THR A 36 0.78 -7.26 9.82
N HIS A 37 0.94 -6.73 11.03
CA HIS A 37 0.04 -5.78 11.70
C HIS A 37 0.88 -5.02 12.72
N CYS A 38 1.44 -3.90 12.30
CA CYS A 38 2.22 -2.95 13.06
C CYS A 38 1.38 -2.23 14.17
N PRO A 39 2.02 -1.48 15.10
CA PRO A 39 1.38 -0.95 16.31
C PRO A 39 1.41 0.59 16.42
N ASP A 40 0.38 1.16 17.05
CA ASP A 40 0.30 2.52 17.66
C ASP A 40 0.52 3.72 16.70
N ILE A 41 0.76 3.43 15.43
CA ILE A 41 0.95 4.35 14.31
C ILE A 41 0.12 3.83 13.14
N CYS A 42 0.59 2.77 12.48
CA CYS A 42 0.02 2.18 11.29
C CYS A 42 -1.46 1.77 11.39
N PRO A 43 -1.95 1.13 12.47
CA PRO A 43 -3.37 0.79 12.58
C PRO A 43 -4.24 2.01 12.93
N ASP A 44 -3.68 3.08 13.50
CA ASP A 44 -4.41 4.33 13.73
C ASP A 44 -4.57 5.06 12.39
N GLU A 45 -3.55 5.03 11.54
CA GLU A 45 -3.57 5.39 10.15
C GLU A 45 -4.40 4.46 9.25
N LEU A 46 -4.56 3.18 9.57
CA LEU A 46 -5.50 2.30 8.85
C LEU A 46 -6.94 2.71 9.15
N GLU A 47 -7.27 2.97 10.41
CA GLU A 47 -8.51 3.61 10.86
C GLU A 47 -8.71 4.99 10.19
N LYS A 48 -7.64 5.78 10.06
CA LYS A 48 -7.57 7.07 9.36
C LYS A 48 -7.89 6.95 7.85
N LEU A 49 -7.31 5.95 7.18
CA LEU A 49 -7.56 5.61 5.77
C LEU A 49 -8.96 5.06 5.57
N VAL A 50 -9.41 4.13 6.41
CA VAL A 50 -10.78 3.57 6.41
C VAL A 50 -11.84 4.69 6.49
N GLN A 51 -11.58 5.78 7.23
CA GLN A 51 -12.45 6.96 7.22
C GLN A 51 -12.50 7.61 5.83
N VAL A 52 -11.37 8.09 5.29
CA VAL A 52 -11.40 8.81 3.99
C VAL A 52 -11.86 7.90 2.85
N VAL A 53 -11.41 6.63 2.80
CA VAL A 53 -11.70 5.74 1.67
C VAL A 53 -13.17 5.31 1.60
N ARG A 54 -13.90 5.20 2.73
CA ARG A 54 -15.31 4.84 2.75
C ARG A 54 -16.17 5.91 2.11
N GLN A 55 -15.86 7.19 2.36
CA GLN A 55 -16.52 8.32 1.72
C GLN A 55 -16.11 8.46 0.24
N LEU A 56 -14.84 8.27 -0.11
CA LEU A 56 -14.35 8.39 -1.50
C LEU A 56 -14.81 7.24 -2.42
N GLU A 57 -14.88 5.99 -1.94
CA GLU A 57 -15.44 4.83 -2.65
C GLU A 57 -16.79 5.14 -3.33
N ALA A 58 -17.63 5.98 -2.67
CA ALA A 58 -18.97 6.34 -3.14
C ALA A 58 -19.03 6.96 -4.56
N GLU A 59 -17.91 7.49 -5.08
CA GLU A 59 -17.63 7.82 -6.48
C GLU A 59 -18.03 9.23 -7.03
N PRO A 60 -18.72 10.16 -6.34
CA PRO A 60 -19.22 11.38 -7.00
C PRO A 60 -18.09 12.35 -7.35
N GLY A 61 -17.96 12.69 -8.63
CA GLY A 61 -17.07 13.75 -9.14
C GLY A 61 -15.57 13.42 -9.13
N LEU A 62 -15.18 12.18 -8.80
CA LEU A 62 -13.81 11.79 -8.46
C LEU A 62 -13.34 10.51 -9.18
N PRO A 63 -12.02 10.20 -9.22
CA PRO A 63 -11.49 8.94 -9.76
C PRO A 63 -11.73 7.78 -8.78
N PRO A 64 -12.18 6.59 -9.25
CA PRO A 64 -12.39 5.41 -8.42
C PRO A 64 -11.05 4.74 -8.05
N VAL A 65 -11.02 4.04 -6.92
CA VAL A 65 -9.80 3.64 -6.18
C VAL A 65 -9.94 2.30 -5.45
N GLN A 66 -8.79 1.65 -5.19
CA GLN A 66 -8.67 0.48 -4.30
C GLN A 66 -7.42 0.63 -3.42
N PRO A 67 -7.52 0.46 -2.08
CA PRO A 67 -6.35 0.29 -1.22
C PRO A 67 -5.85 -1.16 -1.21
N VAL A 68 -4.53 -1.35 -1.17
CA VAL A 68 -3.88 -2.66 -0.98
C VAL A 68 -2.84 -2.60 0.15
N PHE A 69 -2.82 -3.65 0.97
CA PHE A 69 -1.78 -3.97 1.94
C PHE A 69 -0.72 -4.85 1.28
N ILE A 70 0.56 -4.57 1.52
CA ILE A 70 1.71 -5.34 1.03
C ILE A 70 2.60 -5.72 2.22
N THR A 71 2.84 -7.02 2.41
CA THR A 71 3.73 -7.61 3.41
C THR A 71 5.18 -7.20 3.15
N VAL A 72 5.92 -6.81 4.20
CA VAL A 72 7.38 -6.48 4.12
C VAL A 72 8.26 -7.58 4.75
N ASP A 73 7.64 -8.71 5.10
CA ASP A 73 8.03 -9.60 6.18
C ASP A 73 7.40 -11.01 6.04
N PRO A 74 7.61 -11.71 4.90
CA PRO A 74 6.92 -12.96 4.55
C PRO A 74 7.31 -14.18 5.42
N GLU A 75 8.34 -14.08 6.28
CA GLU A 75 8.62 -15.10 7.30
C GLU A 75 8.01 -14.77 8.69
N ARG A 76 7.25 -13.66 8.79
CA ARG A 76 6.37 -13.36 9.93
C ARG A 76 4.89 -13.56 9.54
N ASP A 77 4.48 -13.07 8.37
CA ASP A 77 3.14 -13.15 7.76
C ASP A 77 2.54 -14.58 7.69
N ASP A 78 1.21 -14.69 7.53
CA ASP A 78 0.43 -15.91 7.29
C ASP A 78 -0.84 -15.55 6.50
N VAL A 79 -1.20 -16.34 5.49
CA VAL A 79 -2.44 -16.14 4.70
C VAL A 79 -3.71 -16.11 5.57
N GLU A 80 -3.78 -16.91 6.64
CA GLU A 80 -4.88 -16.87 7.60
C GLU A 80 -4.88 -15.57 8.44
N ALA A 81 -3.72 -14.97 8.72
CA ALA A 81 -3.62 -13.67 9.38
C ALA A 81 -4.08 -12.53 8.46
N MET A 82 -3.65 -12.52 7.19
CA MET A 82 -4.15 -11.57 6.18
C MET A 82 -5.68 -11.62 6.07
N ALA A 83 -6.23 -12.82 5.83
CA ALA A 83 -7.66 -13.03 5.68
C ALA A 83 -8.47 -12.65 6.93
N ARG A 84 -7.90 -12.80 8.14
CA ARG A 84 -8.51 -12.23 9.36
C ARG A 84 -8.41 -10.70 9.35
N TYR A 85 -7.21 -10.12 9.23
CA TYR A 85 -6.96 -8.68 9.33
C TYR A 85 -7.75 -7.86 8.29
N VAL A 86 -7.92 -8.40 7.08
CA VAL A 86 -8.83 -7.86 6.05
C VAL A 86 -10.28 -7.79 6.55
N GLN A 87 -10.84 -8.91 7.07
CA GLN A 87 -12.24 -8.98 7.49
C GLN A 87 -12.55 -8.26 8.81
N ASP A 88 -11.62 -8.26 9.77
CA ASP A 88 -11.82 -7.73 11.13
C ASP A 88 -11.87 -6.19 11.17
N PHE A 89 -11.18 -5.52 10.23
CA PHE A 89 -11.42 -4.12 9.91
C PHE A 89 -12.67 -4.04 9.02
N HIS A 90 -12.56 -4.41 7.75
CA HIS A 90 -13.64 -4.35 6.76
C HIS A 90 -13.26 -5.02 5.42
N PRO A 91 -14.10 -5.88 4.80
CA PRO A 91 -13.78 -6.61 3.57
C PRO A 91 -13.57 -5.77 2.30
N ARG A 92 -13.57 -4.43 2.36
CA ARG A 92 -12.97 -3.58 1.30
C ARG A 92 -11.43 -3.60 1.33
N LEU A 93 -10.81 -3.98 2.45
CA LEU A 93 -9.35 -4.24 2.51
C LEU A 93 -8.94 -5.39 1.57
N LEU A 94 -7.66 -5.44 1.21
CA LEU A 94 -7.07 -6.38 0.27
C LEU A 94 -5.60 -6.60 0.63
N GLY A 95 -5.15 -7.86 0.70
CA GLY A 95 -3.75 -8.22 1.02
C GLY A 95 -3.04 -8.87 -0.17
N LEU A 96 -1.81 -8.41 -0.44
CA LEU A 96 -0.88 -9.01 -1.40
C LEU A 96 0.39 -9.49 -0.66
N THR A 97 0.85 -10.71 -0.96
CA THR A 97 2.03 -11.33 -0.33
C THR A 97 2.76 -12.28 -1.30
N GLY A 98 3.86 -12.90 -0.85
CA GLY A 98 4.73 -13.76 -1.67
C GLY A 98 5.97 -14.27 -0.93
N SER A 99 7.11 -14.33 -1.62
CA SER A 99 8.43 -14.63 -1.03
C SER A 99 9.48 -13.55 -1.39
N THR A 100 10.50 -13.41 -0.53
CA THR A 100 11.38 -12.23 -0.40
C THR A 100 12.02 -11.78 -1.72
N LYS A 101 12.48 -12.70 -2.58
CA LYS A 101 13.26 -12.32 -3.78
C LYS A 101 12.54 -11.35 -4.71
N GLN A 102 11.21 -11.39 -4.88
CA GLN A 102 10.53 -10.33 -5.63
C GLN A 102 10.42 -9.00 -4.86
N VAL A 103 10.20 -9.06 -3.54
CA VAL A 103 10.04 -7.87 -2.68
C VAL A 103 11.37 -7.09 -2.58
N ALA A 104 12.51 -7.77 -2.78
CA ALA A 104 13.83 -7.15 -2.85
C ALA A 104 13.95 -6.24 -4.09
N GLN A 105 13.49 -6.69 -5.26
CA GLN A 105 13.45 -5.87 -6.47
C GLN A 105 12.39 -4.77 -6.40
N ALA A 106 11.25 -5.03 -5.73
CA ALA A 106 10.21 -4.02 -5.53
C ALA A 106 10.73 -2.83 -4.70
N SER A 107 11.43 -3.09 -3.60
CA SER A 107 12.07 -2.05 -2.76
C SER A 107 13.29 -1.40 -3.44
N HIS A 108 14.13 -2.17 -4.13
CA HIS A 108 15.24 -1.64 -4.93
C HIS A 108 14.78 -0.68 -6.06
N SER A 109 13.57 -0.89 -6.57
CA SER A 109 12.87 0.05 -7.45
C SER A 109 12.30 1.24 -6.65
N TYR A 110 11.33 0.98 -5.79
CA TYR A 110 10.63 1.96 -4.94
C TYR A 110 11.34 2.11 -3.60
N ARG A 111 12.46 2.84 -3.60
CA ARG A 111 13.45 2.97 -2.51
C ARG A 111 12.95 3.70 -1.26
N VAL A 112 11.98 3.10 -0.58
CA VAL A 112 11.48 3.46 0.76
C VAL A 112 12.58 3.28 1.83
N TYR A 113 12.45 3.96 2.98
CA TYR A 113 13.38 3.79 4.09
C TYR A 113 13.16 2.44 4.80
N TYR A 114 14.24 1.69 5.03
CA TYR A 114 14.19 0.27 5.38
C TYR A 114 15.41 -0.15 6.20
N ASN A 115 15.17 -0.94 7.25
CA ASN A 115 16.19 -1.68 7.99
C ASN A 115 15.54 -2.87 8.73
N ALA A 116 16.35 -3.74 9.35
CA ALA A 116 15.88 -4.75 10.31
C ALA A 116 16.33 -4.38 11.73
N GLY A 117 15.58 -4.84 12.74
CA GLY A 117 15.97 -4.74 14.15
C GLY A 117 16.64 -6.04 14.64
N PRO A 118 17.45 -5.98 15.72
CA PRO A 118 18.13 -7.14 16.29
C PRO A 118 17.18 -7.99 17.13
N LYS A 119 17.65 -9.16 17.58
CA LYS A 119 17.08 -9.80 18.76
C LYS A 119 17.68 -9.20 20.04
N ASP A 120 16.82 -8.86 21.00
CA ASP A 120 17.06 -7.68 21.85
C ASP A 120 16.62 -7.85 23.33
N GLU A 121 16.50 -9.09 23.78
CA GLU A 121 16.28 -9.46 25.19
C GLU A 121 16.98 -10.80 25.53
N ASP A 122 16.72 -11.84 24.74
CA ASP A 122 17.45 -13.12 24.68
C ASP A 122 17.30 -13.81 23.31
N GLN A 123 16.12 -13.70 22.66
CA GLN A 123 15.85 -14.37 21.39
C GLN A 123 14.74 -13.73 20.52
N ASP A 124 13.86 -12.87 21.08
CA ASP A 124 12.77 -12.20 20.34
C ASP A 124 13.25 -10.92 19.62
N TYR A 125 12.64 -10.61 18.47
CA TYR A 125 13.05 -9.52 17.56
C TYR A 125 11.88 -8.77 16.90
N ILE A 126 12.01 -7.43 16.83
CA ILE A 126 11.03 -6.44 16.34
C ILE A 126 11.80 -5.36 15.55
N VAL A 127 11.13 -4.63 14.64
CA VAL A 127 11.75 -3.66 13.71
C VAL A 127 11.21 -2.24 13.99
N ASP A 128 12.09 -1.24 13.98
CA ASP A 128 11.76 0.20 14.07
C ASP A 128 11.32 0.75 12.69
N HIS A 129 10.26 0.15 12.14
CA HIS A 129 9.68 0.44 10.83
C HIS A 129 8.80 1.72 10.86
N SER A 130 8.94 2.59 9.86
CA SER A 130 8.04 3.73 9.66
C SER A 130 6.90 3.38 8.69
N ILE A 131 5.65 3.76 9.03
CA ILE A 131 4.50 3.73 8.12
C ILE A 131 4.84 4.33 6.75
N ALA A 132 4.49 3.62 5.67
CA ALA A 132 4.69 4.07 4.29
C ALA A 132 3.49 3.71 3.43
N ILE A 133 2.99 4.69 2.67
CA ILE A 133 1.85 4.55 1.76
C ILE A 133 1.92 5.60 0.65
N TYR A 134 1.49 5.21 -0.55
CA TYR A 134 1.60 6.01 -1.79
C TYR A 134 0.38 5.86 -2.69
N LEU A 135 0.07 6.87 -3.51
CA LEU A 135 -0.78 6.69 -4.69
C LEU A 135 0.09 6.17 -5.86
N LEU A 136 -0.34 5.07 -6.46
CA LEU A 136 0.15 4.51 -7.72
C LEU A 136 -0.94 4.71 -8.78
N ASN A 137 -0.55 5.13 -9.98
CA ASN A 137 -1.44 5.70 -11.00
C ASN A 137 -1.47 4.88 -12.32
N PRO A 138 -2.32 5.25 -13.32
CA PRO A 138 -2.59 4.42 -14.48
C PRO A 138 -1.59 4.57 -15.66
N ASP A 139 -0.35 5.04 -15.42
CA ASP A 139 0.80 4.72 -16.29
C ASP A 139 1.92 3.99 -15.51
N GLY A 140 1.60 3.47 -14.31
CA GLY A 140 2.50 2.71 -13.45
C GLY A 140 3.40 3.56 -12.55
N LEU A 141 3.18 4.88 -12.50
CA LEU A 141 3.98 5.85 -11.76
C LEU A 141 3.36 6.13 -10.37
N PHE A 142 4.19 6.60 -9.44
CA PHE A 142 3.74 7.20 -8.18
C PHE A 142 2.99 8.53 -8.41
N THR A 143 2.37 9.08 -7.36
CA THR A 143 1.72 10.41 -7.37
C THR A 143 1.79 11.03 -5.99
N ASP A 144 1.08 10.48 -5.00
CA ASP A 144 1.10 10.95 -3.61
C ASP A 144 2.06 10.14 -2.73
N TYR A 145 2.57 10.79 -1.70
CA TYR A 145 3.59 10.29 -0.77
C TYR A 145 3.22 10.63 0.68
N TYR A 146 3.34 9.66 1.60
CA TYR A 146 3.39 9.93 3.03
C TYR A 146 4.80 10.33 3.53
N GLY A 147 4.83 11.18 4.56
CA GLY A 147 5.92 11.32 5.53
C GLY A 147 5.40 10.99 6.93
N ARG A 148 6.19 11.24 7.98
CA ARG A 148 5.79 10.99 9.38
C ARG A 148 4.82 12.05 9.95
N SER A 149 3.75 12.33 9.20
CA SER A 149 2.71 13.34 9.46
C SER A 149 1.62 13.30 8.37
N ARG A 150 0.36 13.13 8.78
CA ARG A 150 -0.87 13.24 7.98
C ARG A 150 -2.12 13.24 8.89
N SER A 151 -3.26 13.66 8.34
CA SER A 151 -4.59 13.66 8.98
C SER A 151 -5.63 13.77 7.85
N ALA A 152 -6.90 13.39 8.07
CA ALA A 152 -7.93 13.29 7.02
C ALA A 152 -8.07 14.58 6.17
N GLU A 153 -7.83 15.74 6.77
CA GLU A 153 -7.74 17.03 6.08
C GLU A 153 -6.57 17.06 5.09
N GLN A 154 -5.36 16.77 5.54
CA GLN A 154 -4.13 16.77 4.73
C GLN A 154 -4.03 15.60 3.74
N ILE A 155 -4.88 14.57 3.83
CA ILE A 155 -5.13 13.64 2.70
C ILE A 155 -5.92 14.36 1.61
N SER A 156 -6.97 15.09 2.00
CA SER A 156 -7.83 15.78 1.05
C SER A 156 -7.10 16.96 0.38
N ASP A 157 -6.18 17.62 1.10
CA ASP A 157 -5.28 18.65 0.57
C ASP A 157 -4.32 18.09 -0.49
N SER A 158 -3.75 16.89 -0.29
CA SER A 158 -2.97 16.24 -1.35
C SER A 158 -3.85 15.72 -2.49
N VAL A 159 -4.91 14.95 -2.19
CA VAL A 159 -5.79 14.35 -3.21
C VAL A 159 -6.38 15.42 -4.14
N ARG A 160 -6.90 16.55 -3.63
CA ARG A 160 -7.43 17.62 -4.50
C ARG A 160 -6.33 18.31 -5.33
N ARG A 161 -5.09 18.49 -4.81
CA ARG A 161 -3.96 19.00 -5.60
C ARG A 161 -3.57 18.02 -6.72
N HIS A 162 -3.37 16.75 -6.40
CA HIS A 162 -3.03 15.70 -7.37
C HIS A 162 -4.12 15.51 -8.45
N MET A 163 -5.39 15.62 -8.07
CA MET A 163 -6.53 15.60 -8.98
C MET A 163 -6.56 16.84 -9.89
N ALA A 164 -6.25 18.03 -9.37
CA ALA A 164 -6.13 19.28 -10.14
C ALA A 164 -4.90 19.33 -11.09
N ALA A 165 -3.95 18.39 -10.96
CA ALA A 165 -2.81 18.22 -11.86
C ALA A 165 -3.13 17.41 -13.13
N PHE A 166 -4.25 16.68 -13.16
CA PHE A 166 -4.63 15.75 -14.22
C PHE A 166 -5.93 16.18 -14.92
N ARG A 167 -5.91 16.27 -16.26
CA ARG A 167 -7.03 16.77 -17.07
C ARG A 167 -8.12 15.69 -17.28
N SER A 168 -8.73 15.21 -16.20
CA SER A 168 -9.69 14.09 -16.26
C SER A 168 -11.05 14.46 -16.90
N VAL A 169 -11.09 14.45 -18.23
CA VAL A 169 -12.33 14.45 -19.03
C VAL A 169 -12.45 13.09 -19.71
N LEU A 170 -13.46 12.29 -19.30
CA LEU A 170 -13.89 11.04 -19.93
C LEU A 170 -12.83 9.90 -19.87
N SER A 171 -11.93 9.93 -18.88
CA SER A 171 -10.86 8.93 -18.67
C SER A 171 -11.37 7.73 -17.87
CU CU1 B . 3.39 -0.24 9.28
N SER A 2 11.15 -0.57 -28.50
CA SER A 2 10.81 -0.28 -27.09
C SER A 2 10.08 -1.47 -26.49
N PHE A 3 10.82 -2.48 -26.04
CA PHE A 3 10.31 -3.49 -25.12
C PHE A 3 10.10 -2.86 -23.74
N THR A 4 8.98 -3.17 -23.07
CA THR A 4 8.58 -2.65 -21.75
C THR A 4 8.32 -1.13 -21.81
N GLY A 5 8.12 -0.48 -20.66
CA GLY A 5 8.17 0.97 -20.47
C GLY A 5 9.01 1.27 -19.23
N GLN A 6 8.35 1.29 -18.07
CA GLN A 6 8.99 1.06 -16.77
C GLN A 6 8.76 -0.42 -16.37
N GLY A 7 9.67 -1.01 -15.59
CA GLY A 7 9.65 -2.45 -15.25
C GLY A 7 8.48 -2.88 -14.35
N ASP A 8 8.16 -4.17 -14.36
CA ASP A 8 7.01 -4.77 -13.67
C ASP A 8 7.36 -5.65 -12.46
N PHE A 9 6.69 -5.38 -11.34
CA PHE A 9 6.74 -6.15 -10.08
C PHE A 9 5.66 -7.24 -10.06
N HIS A 10 5.90 -8.34 -9.31
CA HIS A 10 5.00 -9.48 -9.14
C HIS A 10 4.77 -9.80 -7.66
N LEU A 11 3.51 -9.79 -7.20
CA LEU A 11 3.14 -10.20 -5.83
C LEU A 11 1.90 -11.11 -5.83
N LEU A 12 1.74 -11.95 -4.79
CA LEU A 12 0.56 -12.79 -4.56
C LEU A 12 -0.42 -12.08 -3.64
N ASP A 13 -1.70 -11.98 -4.03
CA ASP A 13 -2.78 -11.55 -3.14
C ASP A 13 -3.23 -12.72 -2.26
N HIS A 14 -2.73 -12.75 -1.02
CA HIS A 14 -2.97 -13.74 0.05
C HIS A 14 -3.05 -15.23 -0.36
N ARG A 15 -2.44 -15.61 -1.51
CA ARG A 15 -2.47 -16.94 -2.14
C ARG A 15 -3.81 -17.25 -2.87
N GLY A 16 -4.72 -16.27 -2.95
CA GLY A 16 -6.00 -16.38 -3.67
C GLY A 16 -5.87 -16.11 -5.18
N ARG A 17 -4.88 -15.31 -5.57
CA ARG A 17 -4.34 -15.12 -6.92
C ARG A 17 -2.96 -14.42 -6.83
N ALA A 18 -2.54 -13.73 -7.89
CA ALA A 18 -1.41 -12.82 -7.96
C ALA A 18 -1.75 -11.64 -8.88
N ARG A 19 -0.95 -10.57 -8.83
CA ARG A 19 -1.02 -9.42 -9.74
C ARG A 19 0.38 -9.01 -10.22
N CYS A 20 0.49 -8.53 -11.46
CA CYS A 20 1.63 -7.75 -11.95
C CYS A 20 1.28 -6.26 -12.09
N LYS A 21 2.27 -5.42 -12.43
CA LYS A 21 2.10 -3.97 -12.67
C LYS A 21 0.94 -3.60 -13.62
N ALA A 22 0.60 -4.44 -14.60
CA ALA A 22 -0.52 -4.20 -15.52
C ALA A 22 -1.89 -4.35 -14.84
N ASP A 23 -2.04 -5.30 -13.90
CA ASP A 23 -3.30 -5.63 -13.23
C ASP A 23 -3.75 -4.52 -12.26
N PHE A 24 -2.79 -3.71 -11.79
CA PHE A 24 -3.00 -2.57 -10.92
C PHE A 24 -3.73 -1.39 -11.60
N ARG A 25 -3.74 -1.33 -12.94
CA ARG A 25 -4.10 -0.12 -13.70
C ARG A 25 -5.62 0.22 -13.75
N GLY A 26 -6.46 -0.48 -12.98
CA GLY A 26 -7.93 -0.40 -13.05
C GLY A 26 -8.58 0.70 -12.20
N GLN A 27 -7.84 1.40 -11.34
CA GLN A 27 -8.38 2.34 -10.35
C GLN A 27 -7.29 3.32 -9.88
N TRP A 28 -7.63 4.33 -9.07
CA TRP A 28 -6.65 4.97 -8.19
C TRP A 28 -6.09 3.89 -7.26
N VAL A 29 -4.76 3.68 -7.22
CA VAL A 29 -4.12 2.80 -6.22
C VAL A 29 -3.38 3.67 -5.20
N LEU A 30 -3.62 3.38 -3.91
CA LEU A 30 -2.82 3.88 -2.79
C LEU A 30 -2.07 2.71 -2.16
N MET A 31 -0.75 2.74 -2.22
CA MET A 31 0.14 1.66 -1.76
C MET A 31 0.61 1.90 -0.33
N TYR A 32 0.32 0.95 0.57
CA TYR A 32 0.71 0.95 1.98
C TYR A 32 1.68 -0.20 2.32
N PHE A 33 2.61 0.04 3.25
CA PHE A 33 3.64 -0.93 3.67
C PHE A 33 3.56 -1.20 5.17
N GLY A 34 3.21 -2.44 5.53
CA GLY A 34 2.85 -2.84 6.91
C GLY A 34 3.04 -4.32 7.23
N PHE A 35 2.67 -4.68 8.46
CA PHE A 35 2.61 -6.05 9.00
C PHE A 35 1.62 -6.19 10.16
N THR A 36 1.29 -7.44 10.53
CA THR A 36 0.60 -7.76 11.79
C THR A 36 1.56 -7.69 12.98
N HIS A 37 1.01 -7.73 14.20
CA HIS A 37 1.74 -7.57 15.48
C HIS A 37 2.15 -6.10 15.77
N CYS A 38 1.93 -5.18 14.83
CA CYS A 38 1.91 -3.75 14.96
C CYS A 38 1.24 -3.31 16.27
N PRO A 39 1.82 -2.32 16.94
CA PRO A 39 1.40 -1.95 18.28
C PRO A 39 0.14 -1.06 18.22
N ASP A 40 0.08 -0.07 17.33
CA ASP A 40 -1.11 0.76 17.07
C ASP A 40 -0.97 1.70 15.84
N ILE A 41 0.09 1.59 15.04
CA ILE A 41 0.45 2.63 14.05
C ILE A 41 -0.21 2.38 12.69
N CYS A 42 -0.25 1.13 12.21
CA CYS A 42 -1.14 0.73 11.13
C CYS A 42 -2.62 1.05 11.42
N PRO A 43 -3.23 0.62 12.54
CA PRO A 43 -4.62 0.97 12.85
C PRO A 43 -4.83 2.46 13.18
N ASP A 44 -3.78 3.29 13.33
CA ASP A 44 -3.89 4.73 13.02
C ASP A 44 -3.86 4.95 11.49
N GLU A 45 -2.67 5.05 10.88
CA GLU A 45 -2.39 5.58 9.53
C GLU A 45 -3.25 4.94 8.42
N LEU A 46 -3.51 3.62 8.50
CA LEU A 46 -4.35 2.88 7.55
C LEU A 46 -5.82 3.32 7.67
N GLU A 47 -6.39 3.37 8.87
CA GLU A 47 -7.74 3.92 9.04
C GLU A 47 -7.75 5.41 8.65
N LYS A 48 -6.66 6.11 8.93
CA LYS A 48 -6.50 7.55 8.74
C LYS A 48 -6.50 7.95 7.26
N LEU A 49 -5.93 7.13 6.36
CA LEU A 49 -6.24 7.18 4.92
C LEU A 49 -7.62 6.58 4.57
N VAL A 50 -8.01 5.43 5.13
CA VAL A 50 -9.27 4.75 4.75
C VAL A 50 -10.51 5.60 5.01
N GLN A 51 -10.59 6.43 6.04
CA GLN A 51 -11.76 7.34 6.18
C GLN A 51 -11.82 8.39 5.07
N VAL A 52 -10.67 8.82 4.52
CA VAL A 52 -10.65 9.70 3.33
C VAL A 52 -11.09 8.91 2.10
N VAL A 53 -10.67 7.65 1.98
CA VAL A 53 -11.23 6.72 0.96
C VAL A 53 -12.76 6.59 1.11
N ARG A 54 -13.33 6.38 2.32
CA ARG A 54 -14.78 6.20 2.46
C ARG A 54 -15.55 7.46 2.09
N GLN A 55 -15.01 8.64 2.40
CA GLN A 55 -15.55 9.91 1.92
C GLN A 55 -15.50 10.02 0.38
N LEU A 56 -14.37 9.74 -0.28
CA LEU A 56 -14.25 9.86 -1.75
C LEU A 56 -15.15 8.87 -2.50
N GLU A 57 -15.27 7.64 -1.98
CA GLU A 57 -16.21 6.63 -2.47
C GLU A 57 -17.65 7.18 -2.35
N ALA A 58 -18.06 7.69 -1.18
CA ALA A 58 -19.42 8.19 -0.92
C ALA A 58 -19.78 9.51 -1.63
N GLU A 59 -18.84 10.46 -1.77
CA GLU A 59 -19.03 11.73 -2.48
C GLU A 59 -19.64 11.47 -3.88
N PRO A 60 -20.70 12.18 -4.28
CA PRO A 60 -21.58 11.74 -5.37
C PRO A 60 -20.91 11.94 -6.73
N GLY A 61 -20.61 10.81 -7.39
CA GLY A 61 -19.67 10.76 -8.52
C GLY A 61 -18.26 10.44 -8.03
N LEU A 62 -17.26 11.10 -8.63
CA LEU A 62 -15.82 11.01 -8.32
C LEU A 62 -15.22 9.63 -8.70
N PRO A 63 -13.89 9.52 -8.92
CA PRO A 63 -13.25 8.23 -9.15
C PRO A 63 -13.18 7.43 -7.83
N PRO A 64 -13.41 6.10 -7.85
CA PRO A 64 -13.18 5.23 -6.70
C PRO A 64 -11.68 5.03 -6.46
N VAL A 65 -11.33 4.62 -5.23
CA VAL A 65 -9.94 4.56 -4.73
C VAL A 65 -9.67 3.22 -4.04
N GLN A 66 -8.59 2.55 -4.47
CA GLN A 66 -8.17 1.25 -3.97
C GLN A 66 -6.94 1.39 -3.05
N PRO A 67 -7.09 1.33 -1.72
CA PRO A 67 -5.96 1.08 -0.83
C PRO A 67 -5.51 -0.37 -0.99
N VAL A 68 -4.20 -0.59 -1.21
CA VAL A 68 -3.56 -1.91 -1.21
C VAL A 68 -2.52 -2.01 -0.11
N PHE A 69 -2.49 -3.15 0.58
CA PHE A 69 -1.53 -3.46 1.62
C PHE A 69 -0.46 -4.39 1.04
N ILE A 70 0.78 -3.90 0.89
CA ILE A 70 1.90 -4.75 0.45
C ILE A 70 2.70 -5.19 1.69
N THR A 71 2.42 -6.40 2.15
CA THR A 71 2.95 -7.03 3.36
C THR A 71 4.47 -7.01 3.36
N VAL A 72 5.05 -6.66 4.51
CA VAL A 72 6.50 -6.73 4.74
C VAL A 72 6.80 -7.39 6.07
N ASP A 73 6.47 -8.68 6.11
CA ASP A 73 6.73 -9.63 7.20
C ASP A 73 6.85 -11.08 6.69
N PRO A 74 7.91 -11.83 7.07
CA PRO A 74 8.02 -13.26 6.90
C PRO A 74 7.76 -14.10 8.17
N GLU A 75 7.43 -13.50 9.33
CA GLU A 75 7.23 -14.23 10.59
C GLU A 75 5.85 -14.89 10.69
N ARG A 76 4.76 -14.16 10.40
CA ARG A 76 3.37 -14.58 10.69
C ARG A 76 2.33 -14.19 9.62
N ASP A 77 2.57 -13.22 8.73
CA ASP A 77 1.60 -12.78 7.69
C ASP A 77 1.46 -13.76 6.49
N ASP A 78 1.23 -15.02 6.84
CA ASP A 78 0.77 -16.12 5.99
C ASP A 78 -0.74 -16.00 5.70
N VAL A 79 -1.26 -16.84 4.80
CA VAL A 79 -2.63 -16.83 4.25
C VAL A 79 -3.71 -16.60 5.31
N GLU A 80 -3.72 -17.39 6.39
CA GLU A 80 -4.76 -17.28 7.42
C GLU A 80 -4.68 -15.94 8.19
N ALA A 81 -3.49 -15.36 8.39
CA ALA A 81 -3.33 -14.03 8.98
C ALA A 81 -3.77 -12.94 8.00
N MET A 82 -3.15 -12.87 6.81
CA MET A 82 -3.39 -11.81 5.83
C MET A 82 -4.83 -11.76 5.33
N ALA A 83 -5.49 -12.91 5.13
CA ALA A 83 -6.91 -12.94 4.76
C ALA A 83 -7.81 -12.29 5.83
N ARG A 84 -7.51 -12.47 7.12
CA ARG A 84 -8.21 -11.76 8.21
C ARG A 84 -7.84 -10.27 8.22
N TYR A 85 -6.57 -9.89 8.03
CA TYR A 85 -6.18 -8.47 7.88
C TYR A 85 -6.93 -7.80 6.72
N VAL A 86 -6.95 -8.43 5.55
CA VAL A 86 -7.69 -8.00 4.35
C VAL A 86 -9.19 -7.83 4.64
N GLN A 87 -9.85 -8.88 5.13
CA GLN A 87 -11.30 -8.89 5.29
C GLN A 87 -11.79 -8.02 6.46
N ASP A 88 -11.11 -8.00 7.60
CA ASP A 88 -11.62 -7.31 8.80
C ASP A 88 -11.53 -5.79 8.68
N PHE A 89 -10.55 -5.26 7.96
CA PHE A 89 -10.35 -3.82 7.84
C PHE A 89 -11.47 -3.16 7.03
N HIS A 90 -11.81 -3.77 5.89
CA HIS A 90 -12.68 -3.20 4.85
C HIS A 90 -12.94 -4.22 3.71
N PRO A 91 -14.16 -4.32 3.16
CA PRO A 91 -14.57 -5.41 2.27
C PRO A 91 -13.92 -5.39 0.87
N ARG A 92 -13.36 -4.27 0.42
CA ARG A 92 -12.60 -4.20 -0.85
C ARG A 92 -11.12 -3.88 -0.56
N LEU A 93 -10.42 -4.78 0.12
CA LEU A 93 -8.97 -4.78 0.34
C LEU A 93 -8.36 -6.01 -0.36
N LEU A 94 -7.02 -6.06 -0.46
CA LEU A 94 -6.23 -7.23 -0.84
C LEU A 94 -4.79 -7.09 -0.31
N GLY A 95 -4.18 -8.23 0.07
CA GLY A 95 -2.93 -8.28 0.83
C GLY A 95 -1.83 -8.93 0.02
N LEU A 96 -0.90 -8.13 -0.49
CA LEU A 96 0.14 -8.55 -1.43
C LEU A 96 1.40 -8.97 -0.69
N THR A 97 1.68 -10.29 -0.67
CA THR A 97 2.87 -10.91 -0.06
C THR A 97 3.73 -11.56 -1.17
N GLY A 98 4.98 -11.93 -0.85
CA GLY A 98 5.87 -12.66 -1.75
C GLY A 98 6.88 -13.53 -1.01
N SER A 99 7.68 -14.29 -1.75
CA SER A 99 8.87 -14.97 -1.20
C SER A 99 10.01 -13.97 -0.89
N THR A 100 11.03 -14.39 -0.13
CA THR A 100 12.09 -13.54 0.43
C THR A 100 12.72 -12.61 -0.61
N LYS A 101 13.15 -13.17 -1.73
CA LYS A 101 13.78 -12.42 -2.82
C LYS A 101 12.80 -11.48 -3.56
N GLN A 102 11.51 -11.85 -3.62
CA GLN A 102 10.44 -11.01 -4.15
C GLN A 102 10.14 -9.83 -3.20
N VAL A 103 10.00 -10.08 -1.90
CA VAL A 103 9.85 -9.03 -0.88
C VAL A 103 11.02 -8.04 -0.92
N ALA A 104 12.26 -8.54 -1.07
CA ALA A 104 13.46 -7.72 -1.22
C ALA A 104 13.45 -6.88 -2.51
N GLN A 105 13.18 -7.47 -3.69
CA GLN A 105 13.21 -6.72 -4.94
C GLN A 105 12.06 -5.72 -5.07
N ALA A 106 10.89 -6.00 -4.48
CA ALA A 106 9.80 -5.01 -4.35
C ALA A 106 10.21 -3.80 -3.51
N SER A 107 11.00 -3.99 -2.44
CA SER A 107 11.62 -2.89 -1.69
C SER A 107 12.62 -2.10 -2.55
N HIS A 108 13.55 -2.78 -3.20
CA HIS A 108 14.58 -2.16 -4.03
C HIS A 108 14.02 -1.44 -5.28
N SER A 109 12.84 -1.85 -5.75
CA SER A 109 12.17 -1.27 -6.91
C SER A 109 11.56 0.12 -6.65
N TYR A 110 11.26 0.47 -5.38
CA TYR A 110 10.69 1.77 -4.95
C TYR A 110 10.41 1.85 -3.44
N ARG A 111 9.98 0.75 -2.81
CA ARG A 111 9.61 0.66 -1.39
C ARG A 111 10.87 0.61 -0.49
N VAL A 112 11.63 1.69 -0.52
CA VAL A 112 12.93 1.86 0.14
C VAL A 112 12.85 1.93 1.68
N TYR A 113 11.78 2.52 2.22
CA TYR A 113 11.51 2.53 3.68
C TYR A 113 10.52 1.41 4.03
N TYR A 114 10.98 0.45 4.85
CA TYR A 114 10.22 -0.74 5.24
C TYR A 114 10.72 -1.36 6.55
N ASN A 115 10.13 -2.48 6.95
CA ASN A 115 10.42 -3.21 8.18
C ASN A 115 11.80 -3.88 8.08
N ALA A 116 12.82 -3.29 8.71
CA ALA A 116 14.19 -3.79 8.71
C ALA A 116 15.09 -3.30 9.86
N GLY A 117 14.83 -3.81 11.08
CA GLY A 117 15.80 -3.85 12.18
C GLY A 117 16.70 -5.09 12.02
N PRO A 118 18.02 -4.95 11.84
CA PRO A 118 18.91 -6.06 11.49
C PRO A 118 19.53 -6.78 12.70
N LYS A 119 19.37 -6.21 13.90
CA LYS A 119 20.10 -6.37 15.17
C LYS A 119 20.97 -5.12 15.44
N ASP A 120 20.95 -4.64 16.68
CA ASP A 120 21.74 -3.47 17.15
C ASP A 120 22.36 -3.76 18.54
N GLU A 121 22.81 -5.00 18.71
CA GLU A 121 23.45 -5.59 19.90
C GLU A 121 22.39 -5.96 20.95
N ASP A 122 21.59 -4.98 21.39
CA ASP A 122 20.41 -5.16 22.25
C ASP A 122 19.21 -5.68 21.41
N GLN A 123 19.45 -6.82 20.78
CA GLN A 123 18.53 -7.71 20.06
C GLN A 123 17.52 -7.02 19.12
N ASP A 124 17.92 -5.94 18.45
CA ASP A 124 17.05 -5.14 17.56
C ASP A 124 16.75 -5.78 16.19
N TYR A 125 16.49 -7.08 16.22
CA TYR A 125 15.91 -7.88 15.12
C TYR A 125 14.38 -7.65 14.98
N ILE A 126 13.76 -6.97 15.96
CA ILE A 126 12.41 -6.40 15.79
C ILE A 126 12.47 -5.31 14.72
N VAL A 127 11.61 -5.44 13.71
CA VAL A 127 11.52 -4.53 12.56
C VAL A 127 10.52 -3.39 12.82
N ASP A 128 10.75 -2.24 12.20
CA ASP A 128 9.94 -1.02 12.28
C ASP A 128 9.77 -0.41 10.88
N HIS A 129 8.59 0.15 10.54
CA HIS A 129 8.27 0.66 9.20
C HIS A 129 7.85 2.15 9.19
N SER A 130 8.50 2.96 8.35
CA SER A 130 8.31 4.43 8.28
C SER A 130 7.11 4.90 7.41
N ILE A 131 6.04 4.10 7.30
CA ILE A 131 4.77 4.40 6.59
C ILE A 131 4.96 4.39 5.05
N ALA A 132 5.68 5.38 4.52
CA ALA A 132 6.19 5.47 3.14
C ALA A 132 5.18 5.18 2.01
N ILE A 133 3.97 5.73 2.08
CA ILE A 133 2.89 5.43 1.12
C ILE A 133 3.06 6.16 -0.23
N TYR A 134 2.53 5.57 -1.32
CA TYR A 134 2.52 6.17 -2.67
C TYR A 134 1.11 6.25 -3.28
N LEU A 135 0.87 7.26 -4.12
CA LEU A 135 -0.29 7.30 -5.05
C LEU A 135 0.15 6.90 -6.47
N LEU A 136 -0.67 6.07 -7.13
CA LEU A 136 -0.46 5.54 -8.49
C LEU A 136 -1.81 5.52 -9.24
N ASN A 137 -1.89 6.19 -10.39
CA ASN A 137 -3.13 6.49 -11.11
C ASN A 137 -3.61 5.35 -12.06
N PRO A 138 -4.87 5.36 -12.52
CA PRO A 138 -5.40 4.40 -13.49
C PRO A 138 -4.93 4.61 -14.95
N ASP A 139 -3.78 5.27 -15.18
CA ASP A 139 -3.05 5.20 -16.45
C ASP A 139 -1.66 4.53 -16.26
N GLY A 140 -1.30 4.14 -15.03
CA GLY A 140 -0.08 3.41 -14.68
C GLY A 140 1.04 4.28 -14.09
N LEU A 141 0.77 5.54 -13.75
CA LEU A 141 1.76 6.54 -13.37
C LEU A 141 1.74 6.83 -11.86
N PHE A 142 2.92 6.84 -11.22
CA PHE A 142 3.09 7.37 -9.86
C PHE A 142 2.84 8.89 -9.81
N THR A 143 2.33 9.38 -8.68
CA THR A 143 1.96 10.79 -8.47
C THR A 143 2.89 11.49 -7.48
N ASP A 144 3.01 10.96 -6.27
CA ASP A 144 3.85 11.44 -5.15
C ASP A 144 3.76 10.46 -3.95
N TYR A 145 4.43 10.79 -2.83
CA TYR A 145 4.64 9.89 -1.69
C TYR A 145 4.67 10.56 -0.30
N TYR A 146 4.24 9.85 0.75
CA TYR A 146 4.17 10.34 2.13
C TYR A 146 4.84 9.39 3.14
N GLY A 147 5.95 9.84 3.74
CA GLY A 147 6.71 9.12 4.78
C GLY A 147 6.41 9.63 6.19
N ARG A 148 6.64 8.77 7.19
CA ARG A 148 6.55 9.00 8.64
C ARG A 148 5.13 9.07 9.19
N SER A 149 4.23 9.81 8.54
CA SER A 149 2.81 10.03 8.90
C SER A 149 2.18 11.15 8.05
N ARG A 150 0.85 11.29 8.13
CA ARG A 150 0.02 12.40 7.63
C ARG A 150 -1.24 12.42 8.52
N SER A 151 -2.32 13.08 8.15
CA SER A 151 -3.60 12.88 8.81
C SER A 151 -4.71 13.26 7.82
N ALA A 152 -5.92 12.75 8.02
CA ALA A 152 -7.00 12.71 7.03
C ALA A 152 -7.20 14.07 6.33
N GLU A 153 -7.10 15.15 7.09
CA GLU A 153 -7.28 16.51 6.61
C GLU A 153 -6.23 16.93 5.56
N GLN A 154 -4.96 16.53 5.72
CA GLN A 154 -3.90 16.78 4.74
C GLN A 154 -4.00 15.89 3.48
N ILE A 155 -4.60 14.70 3.58
CA ILE A 155 -4.90 13.87 2.40
C ILE A 155 -5.94 14.57 1.51
N SER A 156 -6.89 15.32 2.10
CA SER A 156 -7.88 16.08 1.32
C SER A 156 -7.25 17.15 0.41
N ASP A 157 -6.23 17.88 0.90
CA ASP A 157 -5.45 18.81 0.07
C ASP A 157 -4.66 18.06 -1.00
N SER A 158 -4.00 16.96 -0.62
CA SER A 158 -3.27 16.11 -1.58
C SER A 158 -4.17 15.60 -2.72
N VAL A 159 -5.37 15.11 -2.40
CA VAL A 159 -6.31 14.59 -3.40
C VAL A 159 -6.90 15.72 -4.24
N ARG A 160 -7.31 16.85 -3.64
CA ARG A 160 -7.88 17.99 -4.38
C ARG A 160 -6.85 18.61 -5.33
N ARG A 161 -5.57 18.66 -4.94
CA ARG A 161 -4.44 19.04 -5.81
C ARG A 161 -4.41 18.20 -7.09
N HIS A 162 -4.21 16.88 -7.00
CA HIS A 162 -4.10 16.07 -8.21
C HIS A 162 -5.42 15.93 -9.00
N MET A 163 -6.58 16.09 -8.35
CA MET A 163 -7.89 16.13 -9.02
C MET A 163 -7.96 17.20 -10.11
N ALA A 164 -7.30 18.36 -9.91
CA ALA A 164 -7.20 19.42 -10.91
C ALA A 164 -6.31 19.07 -12.13
N ALA A 165 -5.49 18.00 -12.05
CA ALA A 165 -4.60 17.52 -13.11
C ALA A 165 -5.04 16.17 -13.73
N PHE A 166 -6.11 15.57 -13.20
CA PHE A 166 -6.61 14.23 -13.51
C PHE A 166 -7.43 14.17 -14.82
N ARG A 167 -7.77 12.97 -15.28
CA ARG A 167 -8.76 12.71 -16.34
C ARG A 167 -9.39 11.31 -16.22
N SER A 168 -8.75 10.24 -16.72
CA SER A 168 -9.30 8.87 -16.71
C SER A 168 -10.61 8.78 -17.56
N VAL A 169 -11.62 8.05 -17.07
CA VAL A 169 -13.00 8.06 -17.56
C VAL A 169 -13.95 7.55 -16.46
N LEU A 170 -14.93 8.39 -16.10
CA LEU A 170 -15.94 8.10 -15.06
C LEU A 170 -17.26 7.53 -15.61
N SER A 171 -17.57 7.74 -16.90
CA SER A 171 -18.70 7.15 -17.65
C SER A 171 -20.07 7.25 -16.93
CU CU1 B . 2.39 -1.59 11.32
N SER A 2 11.81 -2.47 -18.37
CA SER A 2 10.69 -1.86 -17.64
C SER A 2 11.18 -0.89 -16.58
N PHE A 3 10.30 0.01 -16.14
CA PHE A 3 10.34 0.97 -15.02
C PHE A 3 9.81 2.33 -15.51
N THR A 4 10.58 3.01 -16.38
CA THR A 4 10.24 4.34 -16.91
C THR A 4 9.01 4.28 -17.81
N GLY A 5 9.03 3.44 -18.84
CA GLY A 5 7.86 3.16 -19.70
C GLY A 5 6.89 2.16 -19.06
N GLN A 6 6.54 2.40 -17.79
CA GLN A 6 5.81 1.52 -16.86
C GLN A 6 6.71 0.43 -16.29
N GLY A 7 6.40 -0.01 -15.07
CA GLY A 7 6.92 -1.24 -14.47
C GLY A 7 6.01 -2.45 -14.72
N ASP A 8 6.39 -3.56 -14.07
CA ASP A 8 5.64 -4.82 -13.95
C ASP A 8 6.22 -5.67 -12.82
N PHE A 9 5.42 -6.58 -12.25
CA PHE A 9 5.64 -7.26 -10.97
C PHE A 9 4.89 -8.60 -10.91
N HIS A 10 5.17 -9.42 -9.88
CA HIS A 10 4.58 -10.75 -9.71
C HIS A 10 4.37 -11.09 -8.21
N LEU A 11 3.15 -10.88 -7.72
CA LEU A 11 2.70 -11.11 -6.34
C LEU A 11 1.38 -11.92 -6.36
N LEU A 12 0.81 -12.20 -5.19
CA LEU A 12 -0.52 -12.79 -5.02
C LEU A 12 -1.30 -12.06 -3.92
N ASP A 13 -2.62 -12.20 -3.95
CA ASP A 13 -3.57 -11.50 -3.08
C ASP A 13 -3.87 -12.24 -1.75
N HIS A 14 -4.74 -11.65 -0.93
CA HIS A 14 -5.12 -12.13 0.39
C HIS A 14 -5.89 -13.46 0.44
N ARG A 15 -6.19 -14.09 -0.71
CA ARG A 15 -6.59 -15.50 -0.96
C ARG A 15 -7.36 -15.59 -2.28
N GLY A 16 -6.61 -15.82 -3.37
CA GLY A 16 -7.13 -15.91 -4.74
C GLY A 16 -6.18 -16.62 -5.69
N ARG A 17 -5.16 -15.91 -6.21
CA ARG A 17 -4.20 -16.39 -7.22
C ARG A 17 -3.06 -15.38 -7.48
N ALA A 18 -2.11 -15.74 -8.35
CA ALA A 18 -0.99 -14.88 -8.75
C ALA A 18 -1.42 -13.81 -9.78
N ARG A 19 -0.79 -12.63 -9.72
CA ARG A 19 -1.20 -11.41 -10.44
C ARG A 19 -0.03 -10.48 -10.80
N CYS A 20 -0.29 -9.60 -11.77
CA CYS A 20 0.64 -8.65 -12.40
C CYS A 20 -0.09 -7.33 -12.71
N LYS A 21 0.64 -6.26 -13.06
CA LYS A 21 0.11 -4.90 -13.23
C LYS A 21 -1.09 -4.76 -14.19
N ALA A 22 -1.24 -5.66 -15.17
CA ALA A 22 -2.22 -5.51 -16.27
C ALA A 22 -3.69 -5.46 -15.83
N ASP A 23 -4.06 -6.08 -14.70
CA ASP A 23 -5.40 -5.99 -14.12
C ASP A 23 -5.63 -4.67 -13.36
N PHE A 24 -4.59 -4.20 -12.66
CA PHE A 24 -4.57 -3.02 -11.80
C PHE A 24 -4.54 -1.66 -12.53
N ARG A 25 -3.91 -1.59 -13.71
CA ARG A 25 -3.39 -0.34 -14.31
C ARG A 25 -4.49 0.56 -14.93
N GLY A 26 -5.42 1.08 -14.11
CA GLY A 26 -6.52 1.95 -14.54
C GLY A 26 -7.26 2.73 -13.44
N GLN A 27 -6.78 2.75 -12.20
CA GLN A 27 -7.45 3.34 -11.04
C GLN A 27 -6.46 4.07 -10.12
N TRP A 28 -6.96 4.96 -9.26
CA TRP A 28 -6.17 5.62 -8.21
C TRP A 28 -6.06 4.73 -6.96
N VAL A 29 -4.89 4.73 -6.33
CA VAL A 29 -4.58 3.89 -5.15
C VAL A 29 -3.55 4.59 -4.25
N LEU A 30 -3.38 4.09 -3.01
CA LEU A 30 -2.45 4.59 -2.01
C LEU A 30 -1.58 3.45 -1.49
N MET A 31 -0.27 3.68 -1.40
CA MET A 31 0.70 2.69 -0.91
C MET A 31 0.82 2.78 0.61
N TYR A 32 0.53 1.68 1.31
CA TYR A 32 0.64 1.53 2.75
C TYR A 32 1.45 0.28 3.12
N PHE A 33 2.43 0.44 4.01
CA PHE A 33 3.15 -0.67 4.65
C PHE A 33 2.67 -0.76 6.11
N GLY A 34 2.43 -1.97 6.63
CA GLY A 34 1.97 -2.17 8.00
C GLY A 34 2.65 -3.36 8.68
N PHE A 35 2.95 -3.22 9.98
CA PHE A 35 3.68 -4.23 10.77
C PHE A 35 2.80 -5.40 11.25
N THR A 36 1.52 -5.49 10.83
CA THR A 36 0.46 -6.48 11.22
C THR A 36 -0.11 -6.24 12.63
N HIS A 37 0.60 -5.47 13.48
CA HIS A 37 0.27 -5.12 14.86
C HIS A 37 1.19 -3.96 15.29
N CYS A 38 0.77 -3.16 16.28
CA CYS A 38 1.47 -1.98 16.81
C CYS A 38 0.63 -1.33 17.94
N PRO A 39 1.13 -0.29 18.65
CA PRO A 39 0.28 0.72 19.29
C PRO A 39 -0.52 1.50 18.23
N ASP A 40 -1.21 2.56 18.64
CA ASP A 40 -2.05 3.40 17.77
C ASP A 40 -1.20 4.39 16.93
N ILE A 41 -0.35 3.82 16.08
CA ILE A 41 0.49 4.49 15.07
C ILE A 41 0.18 3.89 13.70
N CYS A 42 0.72 2.71 13.35
CA CYS A 42 0.36 1.91 12.17
C CYS A 42 -1.16 1.90 11.86
N PRO A 43 -2.06 1.55 12.82
CA PRO A 43 -3.49 1.49 12.59
C PRO A 43 -4.20 2.86 12.66
N ASP A 44 -3.54 3.96 13.07
CA ASP A 44 -4.18 5.29 13.16
C ASP A 44 -4.45 5.82 11.75
N GLU A 45 -3.41 5.94 10.92
CA GLU A 45 -3.52 6.15 9.47
C GLU A 45 -4.39 5.08 8.79
N LEU A 46 -4.48 3.84 9.31
CA LEU A 46 -5.40 2.86 8.72
C LEU A 46 -6.88 3.18 9.05
N GLU A 47 -7.22 3.56 10.28
CA GLU A 47 -8.55 4.03 10.70
C GLU A 47 -8.95 5.28 9.90
N LYS A 48 -8.01 6.24 9.84
CA LYS A 48 -8.02 7.45 9.02
C LYS A 48 -8.39 7.12 7.55
N LEU A 49 -7.62 6.25 6.88
CA LEU A 49 -7.84 5.82 5.50
C LEU A 49 -9.13 5.03 5.32
N VAL A 50 -9.37 3.98 6.11
CA VAL A 50 -10.53 3.08 5.96
C VAL A 50 -11.85 3.85 6.14
N GLN A 51 -11.86 4.89 7.00
CA GLN A 51 -12.97 5.83 7.09
C GLN A 51 -13.10 6.65 5.80
N VAL A 52 -12.04 7.36 5.40
CA VAL A 52 -12.05 8.23 4.20
C VAL A 52 -12.44 7.48 2.92
N VAL A 53 -11.92 6.27 2.68
CA VAL A 53 -12.20 5.55 1.41
C VAL A 53 -13.62 5.00 1.31
N ARG A 54 -14.25 4.66 2.44
CA ARG A 54 -15.65 4.24 2.54
C ARG A 54 -16.56 5.46 2.38
N GLN A 55 -16.19 6.59 2.98
CA GLN A 55 -16.82 7.88 2.69
C GLN A 55 -16.70 8.25 1.21
N LEU A 56 -15.56 7.97 0.53
CA LEU A 56 -15.38 8.19 -0.91
C LEU A 56 -16.15 7.20 -1.81
N GLU A 57 -16.65 6.07 -1.30
CA GLU A 57 -17.65 5.26 -2.02
C GLU A 57 -18.99 5.99 -2.17
N ALA A 58 -19.19 7.13 -1.49
CA ALA A 58 -20.26 8.06 -1.87
C ALA A 58 -20.05 8.70 -3.26
N GLU A 59 -18.85 8.60 -3.85
CA GLU A 59 -18.55 8.76 -5.26
C GLU A 59 -18.44 10.24 -5.71
N PRO A 60 -17.24 10.77 -6.00
CA PRO A 60 -17.05 12.15 -6.44
C PRO A 60 -17.39 12.30 -7.93
N GLY A 61 -16.63 13.12 -8.68
CA GLY A 61 -16.67 13.22 -10.14
C GLY A 61 -16.04 12.01 -10.87
N LEU A 62 -16.02 10.86 -10.19
CA LEU A 62 -15.72 9.46 -10.55
C LEU A 62 -14.69 8.79 -9.63
N PRO A 63 -13.37 9.05 -9.73
CA PRO A 63 -12.35 8.25 -9.05
C PRO A 63 -12.42 8.35 -7.52
N PRO A 64 -12.57 7.22 -6.79
CA PRO A 64 -12.24 7.12 -5.38
C PRO A 64 -10.73 6.84 -5.23
N VAL A 65 -10.30 6.46 -4.02
CA VAL A 65 -8.94 5.97 -3.71
C VAL A 65 -9.06 4.77 -2.78
N GLN A 66 -8.02 3.92 -2.69
CA GLN A 66 -7.97 2.77 -1.78
C GLN A 66 -6.54 2.57 -1.26
N PRO A 67 -6.32 2.22 0.03
CA PRO A 67 -5.03 1.69 0.45
C PRO A 67 -4.78 0.29 -0.11
N VAL A 68 -3.54 0.03 -0.52
CA VAL A 68 -2.99 -1.33 -0.69
C VAL A 68 -2.06 -1.62 0.48
N PHE A 69 -2.29 -2.71 1.21
CA PHE A 69 -1.38 -3.21 2.24
C PHE A 69 -0.26 -4.03 1.58
N ILE A 70 0.97 -3.51 1.65
CA ILE A 70 2.17 -4.19 1.18
C ILE A 70 2.90 -4.83 2.37
N THR A 71 3.08 -6.16 2.33
CA THR A 71 3.80 -6.97 3.32
C THR A 71 5.28 -7.03 2.93
N VAL A 72 6.17 -7.00 3.93
CA VAL A 72 7.64 -7.11 3.75
C VAL A 72 8.27 -8.09 4.75
N ASP A 73 7.54 -9.17 5.11
CA ASP A 73 7.88 -10.06 6.22
C ASP A 73 7.76 -11.56 5.85
N PRO A 74 8.67 -12.08 5.00
CA PRO A 74 8.59 -13.45 4.47
C PRO A 74 9.17 -14.50 5.43
N GLU A 75 8.77 -14.48 6.71
CA GLU A 75 9.02 -15.56 7.69
C GLU A 75 8.05 -16.74 7.51
N ARG A 76 7.77 -17.11 6.25
CA ARG A 76 6.80 -18.11 5.76
C ARG A 76 5.43 -17.44 5.54
N ASP A 77 5.41 -16.31 4.81
CA ASP A 77 4.16 -15.65 4.42
C ASP A 77 3.29 -16.55 3.53
N ASP A 78 2.00 -16.53 3.84
CA ASP A 78 0.94 -17.16 3.05
C ASP A 78 -0.35 -16.38 3.20
N VAL A 79 -1.29 -16.63 2.27
CA VAL A 79 -2.54 -15.88 2.12
C VAL A 79 -3.39 -15.83 3.40
N GLU A 80 -3.19 -16.77 4.34
CA GLU A 80 -3.91 -16.86 5.60
C GLU A 80 -3.68 -15.63 6.52
N ALA A 81 -2.47 -15.07 6.54
CA ALA A 81 -2.16 -13.87 7.34
C ALA A 81 -2.86 -12.64 6.77
N MET A 82 -2.82 -12.47 5.44
CA MET A 82 -3.46 -11.37 4.74
C MET A 82 -4.98 -11.48 4.83
N ALA A 83 -5.56 -12.67 4.63
CA ALA A 83 -6.97 -12.96 4.86
C ALA A 83 -7.41 -12.50 6.24
N ARG A 84 -6.71 -12.91 7.30
CA ARG A 84 -7.05 -12.54 8.68
C ARG A 84 -6.91 -11.03 8.91
N TYR A 85 -5.84 -10.37 8.45
CA TYR A 85 -5.70 -8.91 8.61
C TYR A 85 -6.76 -8.12 7.81
N VAL A 86 -7.01 -8.50 6.54
CA VAL A 86 -8.05 -7.89 5.69
C VAL A 86 -9.43 -8.04 6.32
N GLN A 87 -9.84 -9.28 6.60
CA GLN A 87 -11.20 -9.62 6.98
C GLN A 87 -11.58 -9.18 8.40
N ASP A 88 -10.62 -9.00 9.33
CA ASP A 88 -10.88 -8.47 10.67
C ASP A 88 -11.03 -6.95 10.70
N PHE A 89 -10.23 -6.24 9.89
CA PHE A 89 -10.23 -4.79 9.84
C PHE A 89 -11.49 -4.31 9.12
N HIS A 90 -11.73 -4.87 7.94
CA HIS A 90 -12.96 -4.82 7.15
C HIS A 90 -12.80 -5.58 5.79
N PRO A 91 -13.71 -6.50 5.42
CA PRO A 91 -13.64 -7.21 4.14
C PRO A 91 -13.86 -6.26 2.94
N ARG A 92 -12.73 -5.77 2.40
CA ARG A 92 -12.58 -4.88 1.23
C ARG A 92 -11.11 -4.47 1.00
N LEU A 93 -10.31 -4.43 2.08
CA LEU A 93 -8.87 -4.20 2.07
C LEU A 93 -8.17 -5.19 1.11
N LEU A 94 -7.06 -4.77 0.50
CA LEU A 94 -6.16 -5.63 -0.28
C LEU A 94 -4.90 -5.90 0.52
N GLY A 95 -4.59 -7.17 0.80
CA GLY A 95 -3.36 -7.60 1.48
C GLY A 95 -2.49 -8.45 0.57
N LEU A 96 -1.32 -7.95 0.19
CA LEU A 96 -0.44 -8.60 -0.79
C LEU A 96 0.60 -9.50 -0.10
N THR A 97 0.92 -10.63 -0.74
CA THR A 97 1.91 -11.63 -0.30
C THR A 97 2.70 -12.14 -1.51
N GLY A 98 3.88 -12.70 -1.26
CA GLY A 98 4.82 -13.17 -2.26
C GLY A 98 6.19 -13.30 -1.63
N SER A 99 6.59 -14.53 -1.34
CA SER A 99 7.74 -14.81 -0.46
C SER A 99 9.11 -14.32 -0.99
N THR A 100 10.13 -14.44 -0.14
CA THR A 100 11.39 -13.67 -0.10
C THR A 100 11.89 -13.10 -1.43
N LYS A 101 12.11 -13.90 -2.48
CA LYS A 101 12.61 -13.39 -3.76
C LYS A 101 11.70 -12.36 -4.46
N GLN A 102 10.38 -12.39 -4.23
CA GLN A 102 9.47 -11.37 -4.77
C GLN A 102 9.65 -10.05 -4.03
N VAL A 103 9.65 -10.08 -2.69
CA VAL A 103 9.96 -8.93 -1.83
C VAL A 103 11.32 -8.33 -2.19
N ALA A 104 12.33 -9.17 -2.41
CA ALA A 104 13.66 -8.78 -2.85
C ALA A 104 13.64 -8.04 -4.19
N GLN A 105 12.92 -8.54 -5.22
CA GLN A 105 12.83 -7.90 -6.54
C GLN A 105 12.08 -6.56 -6.50
N ALA A 106 10.98 -6.47 -5.74
CA ALA A 106 10.36 -5.19 -5.40
C ALA A 106 11.34 -4.21 -4.73
N SER A 107 12.11 -4.65 -3.73
CA SER A 107 13.09 -3.78 -3.03
C SER A 107 14.32 -3.42 -3.88
N HIS A 108 14.71 -4.27 -4.83
CA HIS A 108 15.76 -4.03 -5.81
C HIS A 108 15.33 -2.98 -6.85
N SER A 109 14.02 -2.90 -7.12
CA SER A 109 13.40 -1.80 -7.88
C SER A 109 13.32 -0.51 -7.06
N TYR A 110 12.67 -0.55 -5.89
CA TYR A 110 12.47 0.59 -4.98
C TYR A 110 13.18 0.34 -3.64
N ARG A 111 14.34 0.99 -3.44
CA ARG A 111 15.27 0.69 -2.33
C ARG A 111 14.80 1.27 -0.99
N VAL A 112 13.72 0.69 -0.45
CA VAL A 112 13.16 0.93 0.88
C VAL A 112 14.04 0.34 2.00
N TYR A 113 13.82 0.79 3.24
CA TYR A 113 14.55 0.34 4.44
C TYR A 113 13.64 0.11 5.65
N TYR A 114 13.94 -0.95 6.40
CA TYR A 114 13.34 -1.35 7.67
C TYR A 114 14.32 -2.26 8.43
N ASN A 115 14.20 -2.37 9.76
CA ASN A 115 15.12 -3.15 10.59
C ASN A 115 14.41 -4.10 11.55
N ALA A 116 15.04 -5.25 11.82
CA ALA A 116 14.48 -6.34 12.63
C ALA A 116 15.56 -6.92 13.57
N GLY A 117 16.10 -6.07 14.44
CA GLY A 117 17.11 -6.44 15.44
C GLY A 117 16.49 -6.47 16.86
N PRO A 118 16.76 -7.50 17.68
CA PRO A 118 16.28 -7.61 19.05
C PRO A 118 16.91 -6.52 19.93
N LYS A 119 18.16 -6.71 20.37
CA LYS A 119 18.87 -5.82 21.30
C LYS A 119 20.33 -6.24 21.50
N ASP A 120 21.11 -5.39 22.14
CA ASP A 120 22.56 -5.55 22.35
C ASP A 120 23.06 -4.89 23.65
N GLU A 121 22.48 -3.76 24.06
CA GLU A 121 23.04 -2.90 25.12
C GLU A 121 22.07 -1.86 25.73
N ASP A 122 21.03 -1.45 25.00
CA ASP A 122 19.95 -0.52 25.40
C ASP A 122 18.98 -0.35 24.21
N GLN A 123 18.03 -1.26 24.09
CA GLN A 123 17.06 -1.30 22.98
C GLN A 123 15.73 -1.89 23.45
N ASP A 124 15.77 -3.11 24.02
CA ASP A 124 14.64 -3.87 24.58
C ASP A 124 13.67 -4.43 23.50
N TYR A 125 13.69 -3.88 22.28
CA TYR A 125 12.73 -4.10 21.20
C TYR A 125 12.98 -5.34 20.31
N ILE A 126 12.64 -5.23 19.01
CA ILE A 126 12.67 -6.32 18.00
C ILE A 126 12.61 -5.84 16.53
N VAL A 127 11.91 -4.73 16.25
CA VAL A 127 11.75 -4.11 14.92
C VAL A 127 11.74 -2.60 15.11
N ASP A 128 12.22 -1.85 14.10
CA ASP A 128 12.09 -0.39 14.00
C ASP A 128 11.77 0.00 12.54
N HIS A 129 10.94 1.03 12.38
CA HIS A 129 10.44 1.52 11.08
C HIS A 129 10.03 3.01 11.14
N SER A 130 10.22 3.75 10.05
CA SER A 130 9.56 5.06 9.86
C SER A 130 8.09 4.88 9.47
N ILE A 131 7.29 5.96 9.42
CA ILE A 131 5.88 5.93 8.95
C ILE A 131 5.62 7.04 7.93
N ALA A 132 4.78 6.72 6.94
CA ALA A 132 4.37 7.50 5.77
C ALA A 132 3.52 6.61 4.85
N ILE A 133 2.75 7.22 3.94
CA ILE A 133 2.09 6.58 2.79
C ILE A 133 2.45 7.37 1.51
N TYR A 134 1.89 7.06 0.34
CA TYR A 134 2.22 7.76 -0.93
C TYR A 134 1.07 7.61 -1.97
N LEU A 135 1.05 8.43 -3.04
CA LEU A 135 0.13 8.31 -4.19
C LEU A 135 0.55 7.19 -5.17
N LEU A 136 -0.38 6.37 -5.65
CA LEU A 136 -0.18 5.36 -6.71
C LEU A 136 -1.22 5.59 -7.83
N ASN A 137 -0.73 5.72 -9.07
CA ASN A 137 -1.47 6.22 -10.24
C ASN A 137 -1.95 5.11 -11.21
N PRO A 138 -2.89 5.42 -12.14
CA PRO A 138 -3.55 4.44 -13.03
C PRO A 138 -2.68 3.96 -14.20
N ASP A 139 -1.40 4.31 -14.19
CA ASP A 139 -0.33 3.98 -15.15
C ASP A 139 0.70 2.99 -14.57
N GLY A 140 0.62 2.71 -13.26
CA GLY A 140 1.57 1.88 -12.51
C GLY A 140 2.70 2.67 -11.82
N LEU A 141 2.65 4.01 -11.85
CA LEU A 141 3.61 4.91 -11.19
C LEU A 141 2.92 5.62 -9.99
N PHE A 142 3.23 6.91 -9.76
CA PHE A 142 3.08 7.56 -8.45
C PHE A 142 3.07 9.10 -8.58
N THR A 143 3.20 9.84 -7.46
CA THR A 143 3.33 11.31 -7.45
C THR A 143 4.33 11.75 -6.38
N ASP A 144 3.88 12.33 -5.27
CA ASP A 144 4.72 12.83 -4.17
C ASP A 144 4.28 12.22 -2.83
N TYR A 145 5.17 12.23 -1.84
CA TYR A 145 5.04 11.38 -0.64
C TYR A 145 4.01 11.90 0.37
N TYR A 146 3.19 10.98 0.88
CA TYR A 146 2.18 11.30 1.90
C TYR A 146 2.79 11.14 3.32
N GLY A 147 3.73 12.05 3.67
CA GLY A 147 4.65 11.84 4.81
C GLY A 147 4.13 12.23 6.20
N ARG A 148 3.44 13.38 6.33
CA ARG A 148 3.05 14.00 7.61
C ARG A 148 2.08 15.16 7.33
N SER A 149 1.17 15.45 8.26
CA SER A 149 0.03 16.37 8.12
C SER A 149 -1.04 15.73 7.21
N ARG A 150 -1.88 14.86 7.78
CA ARG A 150 -2.78 13.92 7.07
C ARG A 150 -3.97 13.57 7.97
N SER A 151 -4.61 14.61 8.46
CA SER A 151 -6.02 14.56 8.82
C SER A 151 -6.84 14.26 7.54
N ALA A 152 -8.07 13.76 7.64
CA ALA A 152 -8.93 13.50 6.49
C ALA A 152 -9.10 14.73 5.58
N GLU A 153 -8.95 15.92 6.15
CA GLU A 153 -8.86 17.21 5.46
C GLU A 153 -7.62 17.29 4.57
N GLN A 154 -6.42 17.14 5.14
CA GLN A 154 -5.16 17.22 4.39
C GLN A 154 -4.95 15.98 3.49
N ILE A 155 -5.60 14.85 3.76
CA ILE A 155 -5.75 13.72 2.81
C ILE A 155 -6.49 14.20 1.56
N SER A 156 -7.76 14.62 1.71
CA SER A 156 -8.59 14.93 0.56
C SER A 156 -8.12 16.18 -0.20
N ASP A 157 -7.54 17.18 0.47
CA ASP A 157 -6.87 18.30 -0.21
C ASP A 157 -5.54 17.90 -0.87
N SER A 158 -4.78 16.96 -0.30
CA SER A 158 -3.59 16.42 -1.00
C SER A 158 -3.98 15.55 -2.20
N VAL A 159 -5.10 14.82 -2.12
CA VAL A 159 -5.69 14.10 -3.27
C VAL A 159 -6.11 15.11 -4.34
N ARG A 160 -6.86 16.15 -3.97
CA ARG A 160 -7.29 17.25 -4.83
C ARG A 160 -6.11 17.92 -5.55
N ARG A 161 -5.04 18.30 -4.83
CA ARG A 161 -3.85 18.93 -5.41
C ARG A 161 -3.16 18.04 -6.44
N HIS A 162 -2.86 16.78 -6.09
CA HIS A 162 -2.22 15.84 -7.03
C HIS A 162 -3.10 15.53 -8.25
N MET A 163 -4.42 15.42 -8.07
CA MET A 163 -5.39 15.16 -9.14
C MET A 163 -5.57 16.37 -10.08
N ALA A 164 -5.57 17.59 -9.54
CA ALA A 164 -5.64 18.84 -10.31
C ALA A 164 -4.39 19.09 -11.17
N ALA A 165 -3.26 18.43 -10.89
CA ALA A 165 -2.08 18.43 -11.75
C ALA A 165 -2.20 17.45 -12.93
N PHE A 166 -2.92 16.33 -12.76
CA PHE A 166 -3.00 15.22 -13.71
C PHE A 166 -3.80 15.58 -14.98
N ARG A 167 -4.95 16.26 -14.83
CA ARG A 167 -5.86 16.73 -15.91
C ARG A 167 -6.46 15.60 -16.77
N SER A 168 -5.68 15.00 -17.66
CA SER A 168 -6.07 14.03 -18.71
C SER A 168 -4.82 13.59 -19.52
N VAL A 169 -4.97 12.56 -20.34
CA VAL A 169 -3.88 11.82 -21.03
C VAL A 169 -3.44 12.48 -22.34
N LEU A 170 -3.13 13.78 -22.24
CA LEU A 170 -2.83 14.69 -23.35
C LEU A 170 -1.31 14.83 -23.55
N SER A 171 -0.80 16.07 -23.53
CA SER A 171 0.61 16.51 -23.57
C SER A 171 1.12 16.71 -25.00
CU CU1 B . 4.27 -0.76 13.10
N SER A 2 8.34 -16.57 -23.27
CA SER A 2 7.75 -17.22 -22.08
C SER A 2 8.05 -16.38 -20.85
N PHE A 3 7.13 -16.31 -19.89
CA PHE A 3 6.91 -15.07 -19.11
C PHE A 3 6.81 -15.26 -17.58
N THR A 4 7.04 -14.14 -16.86
CA THR A 4 7.09 -13.97 -15.39
C THR A 4 7.43 -12.51 -15.08
N GLY A 5 7.20 -12.06 -13.85
CA GLY A 5 7.56 -10.70 -13.40
C GLY A 5 6.84 -9.64 -14.22
N GLN A 6 5.52 -9.80 -14.38
CA GLN A 6 4.73 -9.32 -15.52
C GLN A 6 4.37 -7.82 -15.41
N GLY A 7 5.39 -6.95 -15.47
CA GLY A 7 5.28 -5.49 -15.41
C GLY A 7 5.97 -4.90 -14.18
N ASP A 8 5.33 -3.91 -13.56
CA ASP A 8 5.84 -3.10 -12.45
C ASP A 8 6.14 -3.87 -11.16
N PHE A 9 5.39 -4.92 -10.88
CA PHE A 9 5.57 -5.84 -9.76
C PHE A 9 4.85 -7.17 -10.05
N HIS A 10 5.04 -8.19 -9.20
CA HIS A 10 4.26 -9.43 -9.23
C HIS A 10 4.18 -10.05 -7.82
N LEU A 11 2.99 -10.09 -7.20
CA LEU A 11 2.76 -10.43 -5.78
C LEU A 11 1.46 -11.23 -5.63
N LEU A 12 1.38 -12.08 -4.60
CA LEU A 12 0.33 -13.08 -4.40
C LEU A 12 -0.79 -12.54 -3.49
N ASP A 13 -2.05 -12.68 -3.93
CA ASP A 13 -3.23 -12.18 -3.23
C ASP A 13 -3.68 -13.04 -2.03
N HIS A 14 -4.58 -12.48 -1.22
CA HIS A 14 -5.06 -13.04 0.05
C HIS A 14 -5.85 -14.36 -0.04
N ARG A 15 -5.81 -15.05 -1.20
CA ARG A 15 -5.67 -16.52 -1.33
C ARG A 15 -5.70 -17.05 -2.77
N GLY A 16 -4.52 -17.10 -3.40
CA GLY A 16 -4.15 -18.17 -4.34
C GLY A 16 -3.36 -17.78 -5.59
N ARG A 17 -3.38 -16.51 -6.02
CA ARG A 17 -2.89 -16.13 -7.36
C ARG A 17 -2.10 -14.82 -7.39
N ALA A 18 -1.18 -14.71 -8.35
CA ALA A 18 -0.19 -13.63 -8.44
C ALA A 18 -0.64 -12.49 -9.38
N ARG A 19 -0.90 -11.31 -8.81
CA ARG A 19 -1.33 -10.08 -9.47
C ARG A 19 -0.14 -9.19 -9.84
N CYS A 20 -0.28 -8.38 -10.89
CA CYS A 20 0.78 -7.54 -11.49
C CYS A 20 0.22 -6.24 -12.08
N LYS A 21 1.11 -5.42 -12.69
CA LYS A 21 0.82 -4.15 -13.39
C LYS A 21 -0.61 -4.06 -13.99
N ALA A 22 -0.97 -5.03 -14.82
CA ALA A 22 -2.15 -5.02 -15.69
C ALA A 22 -3.50 -5.17 -14.97
N ASP A 23 -3.55 -5.80 -13.80
CA ASP A 23 -4.81 -6.06 -13.06
C ASP A 23 -5.36 -4.75 -12.46
N PHE A 24 -4.44 -3.96 -11.89
CA PHE A 24 -4.66 -2.61 -11.35
C PHE A 24 -4.80 -1.51 -12.44
N ARG A 25 -4.15 -1.68 -13.61
CA ARG A 25 -4.09 -0.66 -14.66
C ARG A 25 -5.50 -0.27 -15.13
N GLY A 26 -5.80 1.03 -15.13
CA GLY A 26 -7.08 1.60 -15.56
C GLY A 26 -7.81 2.46 -14.52
N GLN A 27 -7.44 2.40 -13.24
CA GLN A 27 -8.04 3.21 -12.18
C GLN A 27 -6.97 3.79 -11.25
N TRP A 28 -7.37 4.66 -10.31
CA TRP A 28 -6.53 5.01 -9.16
C TRP A 28 -6.50 3.89 -8.12
N VAL A 29 -5.38 3.79 -7.42
CA VAL A 29 -5.08 2.77 -6.40
C VAL A 29 -4.25 3.44 -5.28
N LEU A 30 -4.31 2.91 -4.05
CA LEU A 30 -3.50 3.38 -2.92
C LEU A 30 -2.88 2.17 -2.22
N MET A 31 -1.57 2.21 -1.95
CA MET A 31 -0.87 1.19 -1.17
C MET A 31 -0.47 1.71 0.21
N TYR A 32 -0.36 0.79 1.17
CA TYR A 32 0.19 1.02 2.52
C TYR A 32 1.12 -0.12 2.95
N PHE A 33 2.34 0.20 3.39
CA PHE A 33 3.21 -0.74 4.09
C PHE A 33 2.81 -0.85 5.57
N GLY A 34 2.40 -2.03 6.03
CA GLY A 34 2.08 -2.33 7.43
C GLY A 34 2.43 -3.77 7.82
N PHE A 35 2.41 -4.11 9.13
CA PHE A 35 2.80 -5.44 9.60
C PHE A 35 2.31 -5.78 11.02
N THR A 36 2.24 -7.09 11.31
CA THR A 36 1.79 -7.69 12.58
C THR A 36 2.69 -7.39 13.79
N HIS A 37 3.73 -6.56 13.63
CA HIS A 37 4.69 -6.16 14.67
C HIS A 37 4.92 -4.64 14.72
N CYS A 38 4.01 -3.83 14.17
CA CYS A 38 3.81 -2.46 14.57
C CYS A 38 3.31 -2.47 16.03
N PRO A 39 3.76 -1.54 16.86
CA PRO A 39 3.40 -1.53 18.27
C PRO A 39 1.96 -1.06 18.50
N ASP A 40 1.48 -0.07 17.72
CA ASP A 40 0.22 0.66 18.01
C ASP A 40 -0.20 1.73 16.98
N ILE A 41 0.52 1.93 15.85
CA ILE A 41 0.36 3.11 14.99
C ILE A 41 -0.29 2.81 13.62
N CYS A 42 0.04 1.70 12.96
CA CYS A 42 -0.68 1.19 11.78
C CYS A 42 -2.22 1.25 11.92
N PRO A 43 -2.86 0.77 13.02
CA PRO A 43 -4.31 0.76 13.12
C PRO A 43 -4.94 2.15 13.36
N ASP A 44 -4.20 3.17 13.80
CA ASP A 44 -4.72 4.54 13.83
C ASP A 44 -4.69 5.08 12.40
N GLU A 45 -3.52 5.10 11.78
CA GLU A 45 -3.25 5.61 10.44
C GLU A 45 -4.07 4.92 9.33
N LEU A 46 -4.35 3.61 9.42
CA LEU A 46 -5.19 2.90 8.44
C LEU A 46 -6.68 3.29 8.56
N GLU A 47 -7.18 3.55 9.78
CA GLU A 47 -8.47 4.21 9.99
C GLU A 47 -8.42 5.64 9.46
N LYS A 48 -7.32 6.34 9.75
CA LYS A 48 -7.08 7.73 9.34
C LYS A 48 -7.13 7.88 7.81
N LEU A 49 -6.67 6.84 7.09
CA LEU A 49 -6.90 6.55 5.67
C LEU A 49 -8.38 6.17 5.39
N VAL A 50 -8.92 5.08 5.96
CA VAL A 50 -10.27 4.59 5.63
C VAL A 50 -11.36 5.67 5.84
N GLN A 51 -11.15 6.60 6.79
CA GLN A 51 -12.00 7.76 7.03
C GLN A 51 -12.03 8.71 5.82
N VAL A 52 -10.91 8.96 5.12
CA VAL A 52 -10.95 9.71 3.85
C VAL A 52 -11.55 8.86 2.70
N VAL A 53 -11.32 7.54 2.66
CA VAL A 53 -11.91 6.64 1.65
C VAL A 53 -13.46 6.62 1.72
N ARG A 54 -14.04 6.68 2.93
CA ARG A 54 -15.48 6.82 3.19
C ARG A 54 -16.10 7.97 2.38
N GLN A 55 -15.46 9.13 2.46
CA GLN A 55 -15.79 10.33 1.69
C GLN A 55 -15.54 10.11 0.20
N LEU A 56 -14.31 9.73 -0.21
CA LEU A 56 -13.91 9.64 -1.63
C LEU A 56 -14.83 8.74 -2.47
N GLU A 57 -15.25 7.59 -1.96
CA GLU A 57 -16.15 6.69 -2.70
C GLU A 57 -17.58 7.26 -2.87
N ALA A 58 -17.98 8.22 -2.02
CA ALA A 58 -19.18 9.05 -2.22
C ALA A 58 -19.05 10.21 -3.24
N GLU A 59 -17.84 10.63 -3.63
CA GLU A 59 -17.61 11.89 -4.36
C GLU A 59 -17.64 11.69 -5.89
N PRO A 60 -18.59 12.33 -6.63
CA PRO A 60 -18.80 12.07 -8.05
C PRO A 60 -17.78 12.80 -8.93
N GLY A 61 -17.28 12.11 -9.96
CA GLY A 61 -16.34 12.65 -10.96
C GLY A 61 -14.87 12.56 -10.56
N LEU A 62 -14.56 12.13 -9.33
CA LEU A 62 -13.19 11.92 -8.85
C LEU A 62 -12.68 10.53 -9.27
N PRO A 63 -11.35 10.33 -9.43
CA PRO A 63 -10.79 9.00 -9.64
C PRO A 63 -10.75 8.24 -8.29
N PRO A 64 -11.47 7.12 -8.14
CA PRO A 64 -11.54 6.41 -6.87
C PRO A 64 -10.30 5.54 -6.67
N VAL A 65 -9.85 5.43 -5.42
CA VAL A 65 -8.74 4.56 -4.99
C VAL A 65 -9.25 3.21 -4.50
N GLN A 66 -8.53 2.13 -4.81
CA GLN A 66 -8.67 0.84 -4.13
C GLN A 66 -7.49 0.71 -3.14
N PRO A 67 -7.73 0.47 -1.82
CA PRO A 67 -6.67 0.38 -0.83
C PRO A 67 -6.07 -1.02 -0.72
N VAL A 68 -4.76 -1.13 -0.96
CA VAL A 68 -3.94 -2.34 -0.80
C VAL A 68 -3.10 -2.26 0.48
N PHE A 69 -3.10 -3.36 1.26
CA PHE A 69 -2.18 -3.60 2.36
C PHE A 69 -0.98 -4.44 1.88
N ILE A 70 0.24 -3.92 2.04
CA ILE A 70 1.51 -4.58 1.73
C ILE A 70 2.20 -4.95 3.04
N THR A 71 2.89 -6.10 3.14
CA THR A 71 3.69 -6.45 4.34
C THR A 71 5.14 -6.83 4.04
N VAL A 72 5.91 -7.04 5.12
CA VAL A 72 7.38 -6.93 5.17
C VAL A 72 8.06 -7.88 6.19
N ASP A 73 7.40 -8.99 6.59
CA ASP A 73 8.00 -10.04 7.43
C ASP A 73 7.87 -11.43 6.73
N PRO A 74 8.72 -11.69 5.70
CA PRO A 74 8.49 -12.72 4.68
C PRO A 74 8.82 -14.15 5.13
N GLU A 75 9.23 -14.36 6.39
CA GLU A 75 9.47 -15.70 6.98
C GLU A 75 8.63 -15.87 8.27
N ARG A 76 7.45 -15.24 8.30
CA ARG A 76 6.53 -15.22 9.45
C ARG A 76 5.08 -14.95 9.05
N ASP A 77 4.81 -13.84 8.36
CA ASP A 77 3.45 -13.43 7.99
C ASP A 77 2.87 -14.24 6.82
N ASP A 78 1.55 -14.20 6.62
CA ASP A 78 0.81 -15.28 5.97
C ASP A 78 -0.43 -14.82 5.19
N VAL A 79 -0.75 -15.56 4.13
CA VAL A 79 -1.98 -15.43 3.33
C VAL A 79 -3.21 -15.75 4.20
N GLU A 80 -3.08 -16.69 5.14
CA GLU A 80 -4.12 -17.04 6.11
C GLU A 80 -4.43 -15.86 7.06
N ALA A 81 -3.39 -15.08 7.44
CA ALA A 81 -3.51 -13.88 8.26
C ALA A 81 -4.16 -12.72 7.49
N MET A 82 -3.80 -12.51 6.21
CA MET A 82 -4.45 -11.52 5.36
C MET A 82 -5.96 -11.80 5.19
N ALA A 83 -6.33 -13.09 5.05
CA ALA A 83 -7.72 -13.53 4.94
C ALA A 83 -8.56 -13.32 6.22
N ARG A 84 -7.92 -13.25 7.40
CA ARG A 84 -8.52 -12.61 8.59
C ARG A 84 -8.58 -11.08 8.42
N TYR A 85 -7.42 -10.43 8.24
CA TYR A 85 -7.26 -8.96 8.28
C TYR A 85 -8.21 -8.19 7.34
N VAL A 86 -8.43 -8.69 6.11
CA VAL A 86 -9.34 -8.09 5.13
C VAL A 86 -10.78 -8.00 5.64
N GLN A 87 -11.27 -9.02 6.36
CA GLN A 87 -12.60 -9.02 6.98
C GLN A 87 -12.68 -8.13 8.22
N ASP A 88 -11.65 -8.19 9.06
CA ASP A 88 -11.62 -7.55 10.37
C ASP A 88 -11.40 -6.02 10.29
N PHE A 89 -10.90 -5.52 9.15
CA PHE A 89 -10.94 -4.10 8.79
C PHE A 89 -12.13 -3.79 7.89
N HIS A 90 -12.08 -4.19 6.60
CA HIS A 90 -13.14 -3.96 5.62
C HIS A 90 -12.95 -4.71 4.29
N PRO A 91 -13.95 -5.45 3.76
CA PRO A 91 -13.80 -6.28 2.55
C PRO A 91 -13.55 -5.51 1.24
N ARG A 92 -13.61 -4.17 1.23
CA ARG A 92 -13.16 -3.36 0.08
C ARG A 92 -11.62 -3.22 -0.01
N LEU A 93 -10.86 -3.61 1.03
CA LEU A 93 -9.39 -3.64 1.01
C LEU A 93 -8.84 -4.92 0.34
N LEU A 94 -7.62 -4.87 -0.16
CA LEU A 94 -6.88 -6.00 -0.74
C LEU A 94 -5.65 -6.29 0.13
N GLY A 95 -5.35 -7.56 0.39
CA GLY A 95 -4.07 -8.00 0.97
C GLY A 95 -3.23 -8.75 -0.06
N LEU A 96 -1.92 -8.53 -0.08
CA LEU A 96 -0.96 -9.27 -0.91
C LEU A 96 0.47 -9.27 -0.35
N THR A 97 1.29 -10.21 -0.81
CA THR A 97 2.64 -10.51 -0.26
C THR A 97 3.48 -11.33 -1.25
N GLY A 98 4.72 -11.67 -0.87
CA GLY A 98 5.62 -12.50 -1.68
C GLY A 98 6.88 -12.91 -0.94
N SER A 99 7.37 -14.13 -1.20
CA SER A 99 8.61 -14.65 -0.62
C SER A 99 9.87 -13.93 -1.15
N THR A 100 11.04 -14.28 -0.57
CA THR A 100 12.37 -13.64 -0.71
C THR A 100 12.62 -12.97 -2.05
N LYS A 101 12.60 -13.67 -3.18
CA LYS A 101 12.93 -13.07 -4.47
C LYS A 101 11.96 -11.95 -4.89
N GLN A 102 10.68 -12.09 -4.58
CA GLN A 102 9.65 -11.08 -4.83
C GLN A 102 9.76 -9.89 -3.88
N VAL A 103 9.89 -10.09 -2.56
CA VAL A 103 10.06 -8.97 -1.60
C VAL A 103 11.40 -8.23 -1.82
N ALA A 104 12.47 -8.93 -2.21
CA ALA A 104 13.78 -8.36 -2.55
C ALA A 104 13.79 -7.57 -3.86
N GLN A 105 13.20 -8.07 -4.96
CA GLN A 105 13.25 -7.35 -6.24
C GLN A 105 12.54 -5.98 -6.19
N ALA A 106 11.55 -5.81 -5.31
CA ALA A 106 10.97 -4.51 -5.01
C ALA A 106 11.98 -3.50 -4.43
N SER A 107 13.06 -3.94 -3.76
CA SER A 107 14.15 -3.08 -3.31
C SER A 107 15.05 -2.57 -4.45
N HIS A 108 15.21 -3.38 -5.51
CA HIS A 108 15.90 -3.00 -6.75
C HIS A 108 15.03 -2.06 -7.63
N SER A 109 13.79 -2.45 -7.90
CA SER A 109 12.85 -1.68 -8.74
C SER A 109 12.25 -0.45 -8.04
N TYR A 110 12.36 -0.34 -6.71
CA TYR A 110 11.91 0.83 -5.95
C TYR A 110 12.89 1.19 -4.81
N ARG A 111 13.49 2.39 -4.89
CA ARG A 111 14.58 2.86 -4.02
C ARG A 111 14.13 3.27 -2.59
N VAL A 112 13.35 2.41 -1.93
CA VAL A 112 12.82 2.56 -0.56
C VAL A 112 13.90 2.12 0.44
N TYR A 113 13.88 2.65 1.68
CA TYR A 113 14.86 2.32 2.72
C TYR A 113 14.18 1.89 4.03
N TYR A 114 14.77 0.90 4.69
CA TYR A 114 14.29 0.23 5.90
C TYR A 114 15.47 -0.43 6.63
N ASN A 115 15.41 -0.51 7.97
CA ASN A 115 16.45 -1.11 8.80
C ASN A 115 15.87 -1.61 10.14
N ALA A 116 16.49 -2.60 10.78
CA ALA A 116 15.95 -3.33 11.93
C ALA A 116 17.05 -3.90 12.85
N GLY A 117 16.61 -4.52 13.95
CA GLY A 117 17.46 -5.29 14.88
C GLY A 117 17.22 -6.81 14.77
N PRO A 118 18.21 -7.65 15.16
CA PRO A 118 18.14 -9.11 15.07
C PRO A 118 17.40 -9.73 16.25
N LYS A 119 17.25 -11.06 16.28
CA LYS A 119 16.74 -11.81 17.44
C LYS A 119 17.30 -13.24 17.48
N ASP A 120 17.43 -13.79 18.69
CA ASP A 120 17.68 -15.22 18.92
C ASP A 120 16.70 -15.72 19.99
N GLU A 121 15.84 -16.67 19.61
CA GLU A 121 14.80 -17.34 20.41
C GLU A 121 13.61 -16.42 20.69
N ASP A 122 13.83 -15.25 21.29
CA ASP A 122 12.82 -14.28 21.68
C ASP A 122 13.50 -12.94 22.01
N GLN A 123 12.94 -11.86 21.47
CA GLN A 123 13.27 -10.45 21.77
C GLN A 123 12.41 -9.44 20.99
N ASP A 124 12.44 -9.51 19.65
CA ASP A 124 11.83 -8.56 18.70
C ASP A 124 12.43 -7.12 18.74
N TYR A 125 12.21 -6.37 17.66
CA TYR A 125 12.66 -4.98 17.48
C TYR A 125 11.60 -4.13 16.77
N ILE A 126 11.56 -2.83 17.08
CA ILE A 126 10.72 -1.83 16.41
C ILE A 126 11.55 -1.13 15.31
N VAL A 127 10.90 -0.74 14.22
CA VAL A 127 11.49 -0.23 12.97
C VAL A 127 10.91 1.16 12.67
N ASP A 128 11.74 2.09 12.20
CA ASP A 128 11.33 3.41 11.72
C ASP A 128 10.77 3.31 10.29
N HIS A 129 9.47 2.99 10.17
CA HIS A 129 8.73 3.02 8.92
C HIS A 129 8.37 4.48 8.55
N SER A 130 9.32 5.22 7.96
CA SER A 130 9.24 6.70 7.91
C SER A 130 8.27 7.22 6.83
N ILE A 131 7.99 6.42 5.81
CA ILE A 131 6.88 6.58 4.86
C ILE A 131 6.17 5.24 4.71
N ALA A 132 4.92 5.25 4.23
CA ALA A 132 4.12 4.03 4.10
C ALA A 132 2.99 4.11 3.07
N ILE A 133 2.33 5.26 2.94
CA ILE A 133 1.28 5.50 1.93
C ILE A 133 1.92 5.91 0.59
N TYR A 134 1.46 5.32 -0.52
CA TYR A 134 1.76 5.78 -1.87
C TYR A 134 0.52 5.70 -2.78
N LEU A 135 0.27 6.74 -3.58
CA LEU A 135 -0.80 6.77 -4.59
C LEU A 135 -0.30 6.22 -5.93
N LEU A 136 -1.13 5.42 -6.61
CA LEU A 136 -0.87 4.76 -7.89
C LEU A 136 -1.86 5.23 -8.96
N ASN A 137 -1.33 5.63 -10.10
CA ASN A 137 -2.04 6.09 -11.30
C ASN A 137 -2.55 4.93 -12.19
N PRO A 138 -3.51 5.18 -13.11
CA PRO A 138 -4.14 4.16 -13.98
C PRO A 138 -3.24 3.59 -15.09
N ASP A 139 -1.92 3.52 -14.87
CA ASP A 139 -0.90 2.98 -15.77
C ASP A 139 0.07 2.01 -15.04
N GLY A 140 -0.01 1.92 -13.70
CA GLY A 140 1.01 1.27 -12.84
C GLY A 140 2.05 2.24 -12.30
N LEU A 141 2.00 3.52 -12.70
CA LEU A 141 2.94 4.57 -12.32
C LEU A 141 2.66 5.13 -10.92
N PHE A 142 3.71 5.38 -10.14
CA PHE A 142 3.63 6.03 -8.83
C PHE A 142 3.28 7.53 -8.94
N THR A 143 2.56 8.06 -7.96
CA THR A 143 2.04 9.44 -7.93
C THR A 143 2.86 10.29 -6.95
N ASP A 144 2.55 10.18 -5.66
CA ASP A 144 3.12 10.89 -4.53
C ASP A 144 2.76 10.14 -3.23
N TYR A 145 3.37 10.51 -2.10
CA TYR A 145 3.46 9.66 -0.90
C TYR A 145 3.20 10.37 0.44
N TYR A 146 2.92 9.60 1.49
CA TYR A 146 2.66 10.09 2.85
C TYR A 146 3.35 9.24 3.95
N GLY A 147 3.83 9.93 4.99
CA GLY A 147 4.43 9.35 6.20
C GLY A 147 4.05 10.09 7.49
N ARG A 148 4.30 11.40 7.55
CA ARG A 148 4.01 12.25 8.73
C ARG A 148 2.54 12.10 9.19
N SER A 149 1.59 12.53 8.36
CA SER A 149 0.11 12.46 8.50
C SER A 149 -0.47 13.86 8.75
N ARG A 150 -1.70 13.95 9.28
CA ARG A 150 -2.43 15.15 9.73
C ARG A 150 -3.79 14.68 10.25
N SER A 151 -4.77 14.48 9.37
CA SER A 151 -6.03 13.78 9.61
C SER A 151 -6.72 13.65 8.25
N ALA A 152 -7.77 12.82 8.15
CA ALA A 152 -8.50 12.55 6.91
C ALA A 152 -8.89 13.82 6.15
N GLU A 153 -9.23 14.87 6.89
CA GLU A 153 -9.75 16.12 6.34
C GLU A 153 -8.75 16.89 5.46
N GLN A 154 -7.55 17.20 5.96
CA GLN A 154 -6.52 17.81 5.13
C GLN A 154 -5.88 16.84 4.13
N ILE A 155 -5.93 15.53 4.38
CA ILE A 155 -5.55 14.56 3.35
C ILE A 155 -6.53 14.61 2.17
N SER A 156 -7.82 14.82 2.42
CA SER A 156 -8.83 15.00 1.37
C SER A 156 -8.55 16.22 0.47
N ASP A 157 -8.22 17.38 1.04
CA ASP A 157 -7.84 18.57 0.25
C ASP A 157 -6.45 18.42 -0.41
N SER A 158 -5.53 17.68 0.21
CA SER A 158 -4.26 17.29 -0.41
C SER A 158 -4.51 16.39 -1.63
N VAL A 159 -5.28 15.31 -1.49
CA VAL A 159 -5.55 14.34 -2.56
C VAL A 159 -6.40 14.98 -3.67
N ARG A 160 -7.28 15.92 -3.33
CA ARG A 160 -7.95 16.82 -4.27
C ARG A 160 -6.93 17.64 -5.10
N ARG A 161 -5.85 18.12 -4.49
CA ARG A 161 -4.73 18.77 -5.20
C ARG A 161 -3.98 17.77 -6.09
N HIS A 162 -3.66 16.58 -5.60
CA HIS A 162 -2.96 15.54 -6.35
C HIS A 162 -3.71 15.10 -7.63
N MET A 163 -5.00 14.79 -7.53
CA MET A 163 -5.82 14.33 -8.68
C MET A 163 -5.98 15.38 -9.78
N ALA A 164 -5.99 16.67 -9.43
CA ALA A 164 -6.21 17.77 -10.37
C ALA A 164 -5.10 17.87 -11.43
N ALA A 165 -3.87 17.47 -11.09
CA ALA A 165 -2.74 17.46 -12.01
C ALA A 165 -2.87 16.43 -13.15
N PHE A 166 -3.62 15.33 -12.94
CA PHE A 166 -3.71 14.24 -13.92
C PHE A 166 -4.55 14.62 -15.16
N ARG A 167 -5.65 15.36 -14.97
CA ARG A 167 -6.56 15.90 -16.00
C ARG A 167 -7.48 14.83 -16.62
N SER A 168 -8.74 15.18 -16.89
CA SER A 168 -9.76 14.32 -17.50
C SER A 168 -10.80 15.18 -18.26
N VAL A 169 -11.84 14.56 -18.84
CA VAL A 169 -12.93 15.19 -19.61
C VAL A 169 -14.26 14.42 -19.46
N LEU A 170 -14.26 13.09 -19.68
CA LEU A 170 -15.48 12.25 -19.66
C LEU A 170 -15.99 11.88 -18.25
N SER A 171 -15.18 12.14 -17.21
CA SER A 171 -15.51 11.98 -15.78
C SER A 171 -16.72 12.83 -15.38
CU CU1 B . 2.76 1.09 12.09
N SER A 2 15.16 -2.80 -26.13
CA SER A 2 16.04 -3.33 -25.08
C SER A 2 15.96 -2.46 -23.84
N PHE A 3 15.72 -3.07 -22.67
CA PHE A 3 15.40 -2.42 -21.39
C PHE A 3 14.04 -1.70 -21.47
N THR A 4 13.96 -0.57 -22.17
CA THR A 4 12.73 0.02 -22.75
C THR A 4 11.83 0.70 -21.70
N GLY A 5 12.13 0.55 -20.41
CA GLY A 5 11.40 1.10 -19.27
C GLY A 5 10.44 0.06 -18.70
N GLN A 6 10.64 -0.35 -17.46
CA GLN A 6 9.91 -1.43 -16.80
C GLN A 6 8.44 -1.06 -16.49
N GLY A 7 7.50 -1.80 -17.07
CA GLY A 7 6.06 -1.75 -16.78
C GLY A 7 5.62 -2.82 -15.79
N ASP A 8 6.59 -3.43 -15.11
CA ASP A 8 6.49 -4.74 -14.46
C ASP A 8 6.61 -4.65 -12.93
N PHE A 9 5.90 -5.53 -12.22
CA PHE A 9 6.28 -6.11 -10.91
C PHE A 9 5.53 -7.43 -10.68
N HIS A 10 5.84 -8.15 -9.60
CA HIS A 10 5.22 -9.45 -9.30
C HIS A 10 5.06 -9.70 -7.79
N LEU A 11 3.84 -10.05 -7.37
CA LEU A 11 3.46 -10.42 -6.00
C LEU A 11 2.17 -11.26 -6.03
N LEU A 12 1.85 -11.91 -4.91
CA LEU A 12 0.71 -12.80 -4.74
C LEU A 12 -0.28 -12.19 -3.73
N ASP A 13 -1.57 -12.33 -4.03
CA ASP A 13 -2.71 -11.81 -3.26
C ASP A 13 -3.10 -12.74 -2.11
N HIS A 14 -3.82 -12.22 -1.11
CA HIS A 14 -4.39 -12.96 0.03
C HIS A 14 -5.37 -14.09 -0.36
N ARG A 15 -5.69 -14.22 -1.65
CA ARG A 15 -6.52 -15.29 -2.24
C ARG A 15 -5.74 -16.27 -3.14
N GLY A 16 -4.43 -16.11 -3.29
CA GLY A 16 -3.54 -16.95 -4.12
C GLY A 16 -3.55 -16.62 -5.61
N ARG A 17 -4.21 -15.53 -6.02
CA ARG A 17 -4.03 -14.90 -7.34
C ARG A 17 -2.77 -14.01 -7.33
N ALA A 18 -2.42 -13.38 -8.45
CA ALA A 18 -1.21 -12.55 -8.59
C ALA A 18 -1.49 -11.27 -9.37
N ARG A 19 -0.75 -10.19 -9.07
CA ARG A 19 -0.93 -8.85 -9.64
C ARG A 19 0.38 -8.19 -10.08
N CYS A 20 0.28 -7.25 -11.03
CA CYS A 20 1.41 -6.63 -11.75
C CYS A 20 1.19 -5.12 -11.99
N LYS A 21 2.27 -4.36 -12.16
CA LYS A 21 2.28 -2.91 -12.38
C LYS A 21 1.41 -2.47 -13.57
N ALA A 22 1.59 -3.07 -14.75
CA ALA A 22 0.75 -2.87 -15.96
C ALA A 22 -0.66 -3.53 -15.90
N ASP A 23 -0.89 -4.51 -15.02
CA ASP A 23 -2.15 -5.29 -14.96
C ASP A 23 -3.29 -4.46 -14.34
N PHE A 24 -3.01 -3.85 -13.19
CA PHE A 24 -3.79 -2.73 -12.66
C PHE A 24 -3.54 -1.44 -13.45
N ARG A 25 -2.39 -1.35 -14.13
CA ARG A 25 -1.90 -0.15 -14.80
C ARG A 25 -1.79 1.04 -13.82
N GLY A 26 -1.69 0.78 -12.51
CA GLY A 26 -1.68 1.75 -11.41
C GLY A 26 -3.04 2.00 -10.75
N GLN A 27 -4.12 2.15 -11.53
CA GLN A 27 -5.54 2.24 -11.11
C GLN A 27 -5.94 3.40 -10.17
N TRP A 28 -4.97 4.15 -9.62
CA TRP A 28 -5.05 5.20 -8.59
C TRP A 28 -4.76 4.67 -7.17
N VAL A 29 -4.04 3.54 -7.03
CA VAL A 29 -3.84 2.88 -5.72
C VAL A 29 -2.77 3.55 -4.85
N LEU A 30 -2.86 3.37 -3.53
CA LEU A 30 -1.89 3.78 -2.52
C LEU A 30 -1.13 2.56 -2.00
N MET A 31 0.21 2.58 -2.09
CA MET A 31 1.06 1.58 -1.44
C MET A 31 1.22 1.85 0.05
N TYR A 32 1.12 0.79 0.86
CA TYR A 32 1.47 0.78 2.28
C TYR A 32 2.30 -0.47 2.61
N PHE A 33 3.37 -0.32 3.41
CA PHE A 33 4.32 -1.38 3.76
C PHE A 33 4.24 -1.69 5.27
N GLY A 34 3.79 -2.89 5.63
CA GLY A 34 3.47 -3.30 7.01
C GLY A 34 3.54 -4.82 7.21
N PHE A 35 3.14 -5.32 8.38
CA PHE A 35 2.80 -6.74 8.57
C PHE A 35 1.64 -6.88 9.58
N THR A 36 1.30 -8.09 10.05
CA THR A 36 0.15 -8.33 10.96
C THR A 36 0.35 -7.83 12.41
N HIS A 37 1.26 -6.86 12.64
CA HIS A 37 1.49 -6.19 13.91
C HIS A 37 2.24 -4.87 13.69
N CYS A 38 2.01 -3.92 14.58
CA CYS A 38 2.53 -2.55 14.58
C CYS A 38 2.48 -1.96 16.01
N PRO A 39 3.28 -0.94 16.37
CA PRO A 39 3.05 -0.16 17.59
C PRO A 39 1.66 0.47 17.59
N ASP A 40 1.35 1.36 16.64
CA ASP A 40 0.10 2.16 16.57
C ASP A 40 -0.04 3.01 15.29
N ILE A 41 0.54 2.59 14.15
CA ILE A 41 0.46 3.33 12.89
C ILE A 41 -0.46 2.64 11.89
N CYS A 42 -0.25 1.35 11.58
CA CYS A 42 -1.10 0.56 10.70
C CYS A 42 -2.62 0.72 11.02
N PRO A 43 -3.08 0.47 12.27
CA PRO A 43 -4.50 0.62 12.61
C PRO A 43 -4.95 2.08 12.69
N ASP A 44 -4.04 3.05 12.78
CA ASP A 44 -4.37 4.47 12.76
C ASP A 44 -4.61 4.94 11.33
N GLU A 45 -3.61 4.78 10.47
CA GLU A 45 -3.56 5.24 9.08
C GLU A 45 -4.47 4.46 8.12
N LEU A 46 -4.73 3.15 8.33
CA LEU A 46 -5.74 2.45 7.53
C LEU A 46 -7.15 3.00 7.82
N GLU A 47 -7.49 3.24 9.09
CA GLU A 47 -8.68 4.00 9.47
C GLU A 47 -8.66 5.41 8.86
N LYS A 48 -7.49 6.07 8.90
CA LYS A 48 -7.31 7.44 8.44
C LYS A 48 -7.64 7.59 6.94
N LEU A 49 -7.07 6.72 6.09
CA LEU A 49 -7.43 6.66 4.67
C LEU A 49 -8.86 6.14 4.47
N VAL A 50 -9.34 5.14 5.23
CA VAL A 50 -10.73 4.65 5.10
C VAL A 50 -11.76 5.76 5.38
N GLN A 51 -11.53 6.65 6.35
CA GLN A 51 -12.38 7.83 6.56
C GLN A 51 -12.42 8.72 5.31
N VAL A 52 -11.28 8.96 4.64
CA VAL A 52 -11.24 9.74 3.39
C VAL A 52 -11.86 9.00 2.19
N VAL A 53 -11.66 7.68 2.07
CA VAL A 53 -12.30 6.85 1.01
C VAL A 53 -13.84 6.91 1.13
N ARG A 54 -14.39 6.81 2.35
CA ARG A 54 -15.83 6.91 2.63
C ARG A 54 -16.40 8.30 2.29
N GLN A 55 -15.62 9.36 2.53
CA GLN A 55 -15.98 10.71 2.09
C GLN A 55 -16.08 10.78 0.55
N LEU A 56 -15.05 10.32 -0.15
CA LEU A 56 -14.90 10.48 -1.60
C LEU A 56 -15.88 9.63 -2.41
N GLU A 57 -15.99 8.32 -2.14
CA GLU A 57 -16.86 7.41 -2.92
C GLU A 57 -18.34 7.80 -2.91
N ALA A 58 -18.78 8.61 -1.95
CA ALA A 58 -20.11 9.20 -1.87
C ALA A 58 -20.37 10.41 -2.82
N GLU A 59 -19.33 11.02 -3.40
CA GLU A 59 -19.46 12.18 -4.29
C GLU A 59 -19.52 11.74 -5.77
N PRO A 60 -20.07 12.55 -6.69
CA PRO A 60 -20.35 12.12 -8.05
C PRO A 60 -19.17 12.30 -9.01
N GLY A 61 -19.07 11.40 -10.00
CA GLY A 61 -18.33 11.57 -11.25
C GLY A 61 -16.79 11.45 -11.18
N LEU A 62 -16.22 11.45 -9.97
CA LEU A 62 -14.78 11.43 -9.70
C LEU A 62 -14.11 10.07 -10.04
N PRO A 63 -12.75 9.99 -10.11
CA PRO A 63 -12.05 8.73 -10.28
C PRO A 63 -11.99 7.93 -8.96
N PRO A 64 -11.85 6.59 -9.02
CA PRO A 64 -11.75 5.72 -7.85
C PRO A 64 -10.34 5.77 -7.21
N VAL A 65 -10.18 5.04 -6.10
CA VAL A 65 -8.96 4.97 -5.28
C VAL A 65 -8.97 3.66 -4.46
N GLN A 66 -7.81 3.12 -4.09
CA GLN A 66 -7.67 1.95 -3.21
C GLN A 66 -6.41 2.07 -2.33
N PRO A 67 -6.36 1.45 -1.15
CA PRO A 67 -5.10 1.00 -0.55
C PRO A 67 -4.67 -0.35 -1.13
N VAL A 68 -3.37 -0.63 -1.10
CA VAL A 68 -2.81 -2.00 -1.13
C VAL A 68 -1.77 -2.18 -0.02
N PHE A 69 -1.96 -3.24 0.79
CA PHE A 69 -1.12 -3.54 1.95
C PHE A 69 -0.08 -4.62 1.61
N ILE A 70 1.20 -4.27 1.69
CA ILE A 70 2.32 -5.16 1.32
C ILE A 70 2.95 -5.73 2.59
N THR A 71 2.95 -7.05 2.75
CA THR A 71 3.37 -7.77 3.96
C THR A 71 4.88 -7.96 3.96
N VAL A 72 5.57 -7.14 4.74
CA VAL A 72 7.04 -7.14 4.93
C VAL A 72 7.43 -8.13 6.04
N ASP A 73 6.99 -9.39 5.95
CA ASP A 73 7.39 -10.46 6.90
C ASP A 73 7.24 -11.88 6.31
N PRO A 74 8.35 -12.60 6.04
CA PRO A 74 8.33 -13.99 5.60
C PRO A 74 8.45 -15.02 6.74
N GLU A 75 8.65 -14.60 8.00
CA GLU A 75 9.04 -15.51 9.09
C GLU A 75 7.88 -16.31 9.71
N ARG A 76 6.64 -15.79 9.66
CA ARG A 76 5.42 -16.48 10.14
C ARG A 76 4.10 -15.76 9.80
N ASP A 77 4.07 -14.83 8.85
CA ASP A 77 2.83 -14.14 8.43
C ASP A 77 2.05 -15.02 7.44
N ASP A 78 1.46 -16.12 7.95
CA ASP A 78 0.74 -17.12 7.16
C ASP A 78 -0.66 -16.63 6.71
N VAL A 79 -1.19 -17.22 5.64
CA VAL A 79 -2.35 -16.70 4.89
C VAL A 79 -3.60 -16.52 5.76
N GLU A 80 -3.81 -17.35 6.79
CA GLU A 80 -4.93 -17.19 7.74
C GLU A 80 -4.76 -15.92 8.60
N ALA A 81 -3.55 -15.64 9.10
CA ALA A 81 -3.25 -14.44 9.89
C ALA A 81 -3.28 -13.16 9.03
N MET A 82 -2.64 -13.22 7.85
CA MET A 82 -2.60 -12.14 6.88
C MET A 82 -4.01 -11.72 6.46
N ALA A 83 -4.82 -12.68 5.98
CA ALA A 83 -6.18 -12.38 5.53
C ALA A 83 -7.13 -12.04 6.68
N ARG A 84 -6.94 -12.58 7.89
CA ARG A 84 -7.63 -12.07 9.09
C ARG A 84 -7.36 -10.58 9.28
N TYR A 85 -6.11 -10.12 9.18
CA TYR A 85 -5.74 -8.71 9.37
C TYR A 85 -6.31 -7.77 8.31
N VAL A 86 -6.33 -8.17 7.03
CA VAL A 86 -7.04 -7.37 6.00
C VAL A 86 -8.58 -7.42 6.16
N GLN A 87 -9.18 -8.61 6.35
CA GLN A 87 -10.63 -8.75 6.41
C GLN A 87 -11.26 -8.25 7.72
N ASP A 88 -10.55 -8.27 8.87
CA ASP A 88 -11.07 -7.73 10.14
C ASP A 88 -11.11 -6.20 10.16
N PHE A 89 -10.34 -5.56 9.28
CA PHE A 89 -10.57 -4.17 8.88
C PHE A 89 -11.81 -4.13 7.97
N HIS A 90 -11.73 -4.82 6.83
CA HIS A 90 -12.84 -4.97 5.87
C HIS A 90 -12.55 -5.96 4.71
N PRO A 91 -13.54 -6.73 4.20
CA PRO A 91 -13.38 -7.51 2.97
C PRO A 91 -13.06 -6.68 1.70
N ARG A 92 -13.25 -5.34 1.71
CA ARG A 92 -12.78 -4.45 0.63
C ARG A 92 -11.25 -4.27 0.57
N LEU A 93 -10.47 -4.69 1.57
CA LEU A 93 -9.00 -4.62 1.54
C LEU A 93 -8.38 -5.58 0.52
N LEU A 94 -7.10 -5.36 0.21
CA LEU A 94 -6.22 -6.26 -0.55
C LEU A 94 -4.85 -6.32 0.15
N GLY A 95 -4.43 -7.53 0.52
CA GLY A 95 -3.14 -7.83 1.16
C GLY A 95 -2.28 -8.70 0.27
N LEU A 96 -0.98 -8.39 0.18
CA LEU A 96 0.00 -9.09 -0.65
C LEU A 96 1.11 -9.68 0.23
N THR A 97 1.64 -10.89 -0.07
CA THR A 97 2.63 -11.59 0.79
C THR A 97 3.47 -12.63 0.01
N GLY A 98 4.48 -13.21 0.67
CA GLY A 98 5.36 -14.28 0.15
C GLY A 98 6.61 -14.53 0.99
N SER A 99 7.53 -15.37 0.49
CA SER A 99 8.88 -15.52 1.05
C SER A 99 9.92 -14.65 0.27
N THR A 100 11.16 -14.58 0.77
CA THR A 100 12.27 -13.71 0.33
C THR A 100 12.32 -13.44 -1.17
N LYS A 101 12.56 -14.45 -2.02
CA LYS A 101 12.66 -14.25 -3.48
C LYS A 101 11.34 -13.76 -4.11
N GLN A 102 10.19 -14.16 -3.58
CA GLN A 102 8.88 -13.68 -4.04
C GLN A 102 8.64 -12.21 -3.65
N VAL A 103 8.93 -11.84 -2.40
CA VAL A 103 8.78 -10.46 -1.89
C VAL A 103 9.71 -9.49 -2.65
N ALA A 104 10.95 -9.91 -2.89
CA ALA A 104 12.00 -9.09 -3.50
C ALA A 104 11.63 -8.55 -4.89
N GLN A 105 10.85 -9.27 -5.71
CA GLN A 105 10.55 -8.88 -7.09
C GLN A 105 9.73 -7.58 -7.22
N ALA A 106 8.90 -7.24 -6.22
CA ALA A 106 8.27 -5.93 -6.12
C ALA A 106 9.28 -4.83 -5.76
N SER A 107 10.14 -5.10 -4.77
CA SER A 107 11.17 -4.17 -4.30
C SER A 107 12.31 -3.95 -5.32
N HIS A 108 12.46 -4.85 -6.31
CA HIS A 108 13.31 -4.64 -7.48
C HIS A 108 12.72 -3.60 -8.46
N SER A 109 11.39 -3.58 -8.66
CA SER A 109 10.73 -2.55 -9.46
C SER A 109 10.65 -1.18 -8.77
N TYR A 110 10.35 -1.18 -7.46
CA TYR A 110 10.37 0.00 -6.61
C TYR A 110 11.37 -0.19 -5.46
N ARG A 111 12.56 0.41 -5.61
CA ARG A 111 13.66 0.37 -4.64
C ARG A 111 13.38 1.21 -3.38
N VAL A 112 12.36 0.79 -2.63
CA VAL A 112 12.01 1.25 -1.26
C VAL A 112 13.04 0.69 -0.25
N TYR A 113 12.92 1.03 1.04
CA TYR A 113 13.92 0.66 2.04
C TYR A 113 13.28 0.25 3.38
N TYR A 114 14.08 -0.31 4.28
CA TYR A 114 13.64 -0.96 5.52
C TYR A 114 14.58 -0.56 6.66
N ASN A 115 14.03 -0.39 7.86
CA ASN A 115 14.73 0.22 9.00
C ASN A 115 14.11 -0.25 10.34
N ALA A 116 14.74 0.13 11.44
CA ALA A 116 14.29 -0.11 12.81
C ALA A 116 14.91 0.95 13.74
N GLY A 117 14.63 0.89 15.04
CA GLY A 117 15.16 1.82 16.05
C GLY A 117 16.45 1.31 16.74
N PRO A 118 16.68 1.70 18.02
CA PRO A 118 18.00 1.62 18.64
C PRO A 118 18.40 0.22 19.14
N LYS A 119 19.69 0.10 19.49
CA LYS A 119 20.42 -1.04 20.06
C LYS A 119 20.94 -2.02 19.00
N ASP A 120 20.15 -2.30 17.96
CA ASP A 120 20.53 -2.93 16.67
C ASP A 120 20.73 -4.46 16.77
N GLU A 121 21.26 -4.93 17.90
CA GLU A 121 21.56 -6.33 18.24
C GLU A 121 20.80 -6.82 19.49
N ASP A 122 20.78 -6.01 20.54
CA ASP A 122 20.67 -6.49 21.94
C ASP A 122 19.36 -6.08 22.65
N GLN A 123 18.37 -5.54 21.93
CA GLN A 123 17.12 -5.02 22.52
C GLN A 123 15.91 -5.92 22.23
N ASP A 124 15.40 -5.87 20.99
CA ASP A 124 14.26 -6.64 20.47
C ASP A 124 12.92 -6.24 21.14
N TYR A 125 12.01 -5.64 20.36
CA TYR A 125 10.80 -4.99 20.89
C TYR A 125 9.65 -4.90 19.85
N ILE A 126 9.88 -4.21 18.73
CA ILE A 126 9.00 -4.02 17.56
C ILE A 126 9.87 -3.38 16.45
N VAL A 127 9.27 -2.82 15.40
CA VAL A 127 9.97 -2.12 14.31
C VAL A 127 9.27 -0.80 14.04
N ASP A 128 10.02 0.31 14.12
CA ASP A 128 9.62 1.66 13.73
C ASP A 128 9.72 1.80 12.20
N HIS A 129 8.81 1.15 11.47
CA HIS A 129 8.98 0.77 10.06
C HIS A 129 8.80 1.91 9.03
N SER A 130 9.22 1.68 7.78
CA SER A 130 9.21 2.64 6.67
C SER A 130 7.81 2.90 6.10
N ILE A 131 6.99 3.63 6.86
CA ILE A 131 5.61 4.08 6.54
C ILE A 131 5.50 5.13 5.41
N ALA A 132 6.29 4.99 4.34
CA ALA A 132 6.20 5.82 3.14
C ALA A 132 5.03 5.36 2.26
N ILE A 133 4.11 6.28 1.96
CA ILE A 133 2.92 6.02 1.13
C ILE A 133 3.10 6.66 -0.25
N TYR A 134 2.67 6.00 -1.31
CA TYR A 134 2.90 6.42 -2.71
C TYR A 134 1.58 6.46 -3.50
N LEU A 135 1.26 7.58 -4.16
CA LEU A 135 0.08 7.72 -5.02
C LEU A 135 0.41 7.21 -6.43
N LEU A 136 -0.06 6.00 -6.75
CA LEU A 136 0.24 5.30 -8.01
C LEU A 136 -0.87 5.56 -9.04
N ASN A 137 -0.71 6.64 -9.81
CA ASN A 137 -1.69 7.03 -10.84
C ASN A 137 -1.88 5.96 -11.94
N PRO A 138 -3.05 5.93 -12.59
CA PRO A 138 -3.37 5.01 -13.67
C PRO A 138 -2.67 5.37 -15.00
N ASP A 139 -1.35 5.17 -15.03
CA ASP A 139 -0.53 4.96 -16.23
C ASP A 139 0.79 4.21 -15.90
N GLY A 140 0.71 3.33 -14.89
CA GLY A 140 1.83 2.48 -14.41
C GLY A 140 2.92 3.21 -13.64
N LEU A 141 2.77 4.53 -13.43
CA LEU A 141 3.85 5.44 -13.03
C LEU A 141 3.91 5.64 -11.49
N PHE A 142 3.44 6.80 -11.00
CA PHE A 142 3.61 7.43 -9.69
C PHE A 142 3.41 8.95 -9.84
N THR A 143 2.77 9.61 -8.87
CA THR A 143 2.51 11.06 -8.89
C THR A 143 3.19 11.79 -7.74
N ASP A 144 2.98 11.36 -6.49
CA ASP A 144 3.52 12.01 -5.29
C ASP A 144 3.46 11.06 -4.06
N TYR A 145 4.25 11.35 -3.04
CA TYR A 145 4.40 10.56 -1.81
C TYR A 145 3.80 11.26 -0.57
N TYR A 146 3.51 10.47 0.47
CA TYR A 146 2.91 10.93 1.72
C TYR A 146 3.51 10.24 2.97
N GLY A 147 3.44 10.93 4.11
CA GLY A 147 3.94 10.51 5.42
C GLY A 147 4.42 11.68 6.30
N ARG A 148 3.49 12.54 6.75
CA ARG A 148 3.71 13.67 7.68
C ARG A 148 2.45 14.50 8.00
N SER A 149 2.60 15.46 8.91
CA SER A 149 1.63 16.39 9.51
C SER A 149 0.34 16.69 8.70
N ARG A 150 -0.78 16.07 9.12
CA ARG A 150 -2.12 16.09 8.51
C ARG A 150 -3.10 15.55 9.56
N SER A 151 -4.38 15.57 9.23
CA SER A 151 -5.42 14.83 9.93
C SER A 151 -6.58 14.60 8.95
N ALA A 152 -7.52 13.68 9.20
CA ALA A 152 -8.46 13.16 8.19
C ALA A 152 -9.09 14.21 7.24
N GLU A 153 -9.52 15.37 7.74
CA GLU A 153 -10.06 16.44 6.88
C GLU A 153 -8.98 17.10 5.99
N GLN A 154 -7.79 17.36 6.53
CA GLN A 154 -6.66 17.86 5.72
C GLN A 154 -6.02 16.80 4.82
N ILE A 155 -6.15 15.50 5.14
CA ILE A 155 -5.87 14.41 4.17
C ILE A 155 -6.84 14.57 2.99
N SER A 156 -8.14 14.68 3.28
CA SER A 156 -9.21 14.85 2.28
C SER A 156 -8.96 16.06 1.36
N ASP A 157 -8.59 17.23 1.90
CA ASP A 157 -8.22 18.40 1.08
C ASP A 157 -6.91 18.21 0.30
N SER A 158 -5.92 17.50 0.85
CA SER A 158 -4.66 17.19 0.16
C SER A 158 -4.85 16.18 -0.98
N VAL A 159 -5.62 15.10 -0.76
CA VAL A 159 -6.00 14.10 -1.79
C VAL A 159 -6.87 14.77 -2.86
N ARG A 160 -7.87 15.58 -2.47
CA ARG A 160 -8.68 16.37 -3.39
C ARG A 160 -7.84 17.36 -4.21
N ARG A 161 -6.75 17.93 -3.66
CA ARG A 161 -5.80 18.76 -4.44
C ARG A 161 -5.19 17.94 -5.56
N HIS A 162 -4.55 16.81 -5.24
CA HIS A 162 -3.86 15.99 -6.25
C HIS A 162 -4.84 15.37 -7.28
N MET A 163 -6.08 15.07 -6.87
CA MET A 163 -7.16 14.66 -7.75
C MET A 163 -7.63 15.79 -8.68
N ALA A 164 -7.77 17.03 -8.18
CA ALA A 164 -8.07 18.21 -8.99
C ALA A 164 -6.90 18.69 -9.88
N ALA A 165 -5.69 18.15 -9.68
CA ALA A 165 -4.50 18.39 -10.51
C ALA A 165 -4.20 17.24 -11.49
N PHE A 166 -5.02 16.19 -11.50
CA PHE A 166 -4.80 14.92 -12.20
C PHE A 166 -4.71 15.05 -13.73
N ARG A 167 -3.95 14.14 -14.35
CA ARG A 167 -3.84 14.00 -15.81
C ARG A 167 -4.80 12.92 -16.33
N SER A 168 -5.76 13.34 -17.14
CA SER A 168 -6.59 12.47 -17.99
C SER A 168 -6.15 12.58 -19.47
N VAL A 169 -6.53 11.60 -20.31
CA VAL A 169 -6.22 11.55 -21.75
C VAL A 169 -4.70 11.46 -22.01
N LEU A 170 -4.14 10.27 -21.77
CA LEU A 170 -2.70 9.98 -21.77
C LEU A 170 -2.41 8.47 -21.93
N SER A 171 -3.15 7.82 -22.82
CA SER A 171 -3.16 6.35 -23.04
C SER A 171 -1.86 5.82 -23.63
CU CU1 B . 2.52 0.33 11.15
N SER A 2 0.23 -7.55 -30.39
CA SER A 2 0.54 -8.97 -30.17
C SER A 2 1.57 -9.11 -29.07
N PHE A 3 1.39 -10.07 -28.13
CA PHE A 3 2.29 -10.31 -26.99
C PHE A 3 2.42 -9.07 -26.07
N THR A 4 1.32 -8.32 -25.91
CA THR A 4 1.28 -6.97 -25.29
C THR A 4 1.18 -7.01 -23.75
N GLY A 5 1.61 -8.11 -23.13
CA GLY A 5 1.69 -8.31 -21.67
C GLY A 5 2.84 -7.55 -21.01
N GLN A 6 3.02 -6.27 -21.33
CA GLN A 6 4.09 -5.43 -20.80
C GLN A 6 3.78 -4.98 -19.38
N GLY A 7 4.22 -5.76 -18.39
CA GLY A 7 3.95 -5.57 -16.96
C GLY A 7 4.91 -4.62 -16.25
N ASP A 8 5.16 -4.90 -14.97
CA ASP A 8 6.21 -4.29 -14.13
C ASP A 8 6.56 -5.18 -12.92
N PHE A 9 6.04 -4.86 -11.74
CA PHE A 9 6.28 -5.54 -10.46
C PHE A 9 5.48 -6.87 -10.35
N HIS A 10 5.73 -7.63 -9.28
CA HIS A 10 5.01 -8.88 -8.99
C HIS A 10 4.84 -9.15 -7.49
N LEU A 11 3.58 -9.14 -7.02
CA LEU A 11 3.10 -9.60 -5.70
C LEU A 11 1.96 -10.62 -5.90
N LEU A 12 1.61 -11.41 -4.87
CA LEU A 12 0.41 -12.26 -4.84
C LEU A 12 -0.63 -11.70 -3.86
N ASP A 13 -1.91 -12.00 -4.08
CA ASP A 13 -3.02 -11.60 -3.21
C ASP A 13 -3.58 -12.74 -2.31
N HIS A 14 -4.56 -12.40 -1.49
CA HIS A 14 -5.33 -13.31 -0.62
C HIS A 14 -6.18 -14.39 -1.34
N ARG A 15 -6.11 -14.47 -2.68
CA ARG A 15 -6.59 -15.61 -3.49
C ARG A 15 -5.47 -16.30 -4.30
N GLY A 16 -4.21 -15.95 -4.06
CA GLY A 16 -3.02 -16.50 -4.72
C GLY A 16 -2.74 -15.93 -6.11
N ARG A 17 -3.55 -14.98 -6.59
CA ARG A 17 -3.44 -14.40 -7.92
C ARG A 17 -2.49 -13.20 -7.91
N ALA A 18 -1.79 -12.99 -9.04
CA ALA A 18 -0.74 -11.99 -9.16
C ALA A 18 -1.28 -10.56 -9.37
N ARG A 19 -0.57 -9.57 -8.81
CA ARG A 19 -0.71 -8.13 -9.08
C ARG A 19 0.56 -7.65 -9.80
N CYS A 20 0.39 -6.85 -10.85
CA CYS A 20 1.42 -6.41 -11.81
C CYS A 20 0.96 -5.11 -12.51
N LYS A 21 1.80 -4.42 -13.30
CA LYS A 21 1.55 -3.05 -13.82
C LYS A 21 0.09 -2.79 -14.27
N ALA A 22 -0.38 -3.63 -15.19
CA ALA A 22 -1.68 -3.49 -15.88
C ALA A 22 -2.91 -3.80 -14.99
N ASP A 23 -2.74 -4.55 -13.90
CA ASP A 23 -3.83 -4.95 -13.01
C ASP A 23 -4.34 -3.75 -12.19
N PHE A 24 -3.42 -2.89 -11.75
CA PHE A 24 -3.70 -1.61 -11.09
C PHE A 24 -4.27 -0.54 -12.04
N ARG A 25 -4.06 -0.69 -13.36
CA ARG A 25 -4.55 0.25 -14.39
C ARG A 25 -6.08 0.33 -14.30
N GLY A 26 -6.62 1.52 -14.02
CA GLY A 26 -8.05 1.79 -13.83
C GLY A 26 -8.49 2.25 -12.44
N GLN A 27 -7.65 2.21 -11.40
CA GLN A 27 -7.96 2.83 -10.09
C GLN A 27 -6.83 3.74 -9.60
N TRP A 28 -7.13 4.71 -8.73
CA TRP A 28 -6.13 5.25 -7.81
C TRP A 28 -5.78 4.15 -6.79
N VAL A 29 -4.49 3.97 -6.49
CA VAL A 29 -3.98 2.98 -5.54
C VAL A 29 -3.14 3.70 -4.48
N LEU A 30 -3.32 3.31 -3.21
CA LEU A 30 -2.54 3.79 -2.08
C LEU A 30 -1.72 2.63 -1.50
N MET A 31 -0.40 2.73 -1.61
CA MET A 31 0.53 1.64 -1.31
C MET A 31 1.18 1.82 0.07
N TYR A 32 1.20 0.73 0.86
CA TYR A 32 1.68 0.73 2.24
C TYR A 32 2.32 -0.63 2.61
N PHE A 33 3.34 -0.59 3.49
CA PHE A 33 4.09 -1.75 3.98
C PHE A 33 3.91 -1.89 5.50
N GLY A 34 3.43 -3.05 5.95
CA GLY A 34 3.02 -3.29 7.34
C GLY A 34 3.21 -4.73 7.82
N PHE A 35 2.79 -5.03 9.06
CA PHE A 35 2.89 -6.35 9.68
C PHE A 35 1.87 -6.62 10.80
N THR A 36 1.84 -7.88 11.29
CA THR A 36 0.76 -8.52 12.07
C THR A 36 0.62 -8.09 13.55
N HIS A 37 1.38 -7.07 13.96
CA HIS A 37 1.30 -6.32 15.22
C HIS A 37 2.35 -5.20 15.14
N CYS A 38 1.94 -3.96 15.42
CA CYS A 38 2.61 -2.75 14.98
C CYS A 38 2.82 -1.78 16.17
N PRO A 39 3.83 -0.90 16.13
CA PRO A 39 4.00 0.23 17.05
C PRO A 39 2.99 1.36 16.79
N ASP A 40 1.71 1.01 16.64
CA ASP A 40 0.56 1.91 16.52
C ASP A 40 0.57 2.74 15.21
N ILE A 41 0.91 2.13 14.06
CA ILE A 41 0.85 2.76 12.73
C ILE A 41 -0.19 2.07 11.84
N CYS A 42 0.04 0.80 11.48
CA CYS A 42 -0.79 -0.01 10.59
C CYS A 42 -2.32 0.16 10.82
N PRO A 43 -2.86 -0.08 12.04
CA PRO A 43 -4.30 0.00 12.25
C PRO A 43 -4.82 1.44 12.24
N ASP A 44 -3.98 2.44 12.57
CA ASP A 44 -4.41 3.84 12.62
C ASP A 44 -4.52 4.39 11.21
N GLU A 45 -3.53 4.15 10.34
CA GLU A 45 -3.58 4.34 8.89
C GLU A 45 -4.71 3.53 8.22
N LEU A 46 -5.02 2.31 8.65
CA LEU A 46 -6.19 1.60 8.10
C LEU A 46 -7.52 2.27 8.50
N GLU A 47 -7.68 2.75 9.73
CA GLU A 47 -8.79 3.62 10.15
C GLU A 47 -8.81 4.93 9.35
N LYS A 48 -7.63 5.52 9.14
CA LYS A 48 -7.39 6.74 8.35
C LYS A 48 -7.92 6.56 6.92
N LEU A 49 -7.55 5.44 6.28
CA LEU A 49 -8.00 5.01 4.95
C LEU A 49 -9.49 4.67 4.93
N VAL A 50 -10.00 3.84 5.85
CA VAL A 50 -11.42 3.46 5.89
C VAL A 50 -12.34 4.69 6.01
N GLN A 51 -11.95 5.72 6.79
CA GLN A 51 -12.67 6.98 6.84
C GLN A 51 -12.73 7.67 5.46
N VAL A 52 -11.57 7.91 4.79
CA VAL A 52 -11.58 8.57 3.47
C VAL A 52 -12.22 7.71 2.36
N VAL A 53 -12.08 6.38 2.39
CA VAL A 53 -12.74 5.47 1.42
C VAL A 53 -14.27 5.57 1.50
N ARG A 54 -14.84 5.62 2.71
CA ARG A 54 -16.29 5.76 2.89
C ARG A 54 -16.82 7.08 2.34
N GLN A 55 -16.09 8.16 2.56
CA GLN A 55 -16.38 9.45 1.92
C GLN A 55 -16.30 9.36 0.39
N LEU A 56 -15.15 8.98 -0.17
CA LEU A 56 -14.88 9.01 -1.61
C LEU A 56 -15.75 8.05 -2.43
N GLU A 57 -16.28 6.98 -1.83
CA GLU A 57 -17.31 6.14 -2.47
C GLU A 57 -18.68 6.87 -2.55
N ALA A 58 -19.09 7.52 -1.45
CA ALA A 58 -20.38 8.22 -1.35
C ALA A 58 -20.44 9.52 -2.16
N GLU A 59 -19.33 10.27 -2.20
CA GLU A 59 -19.19 11.57 -2.86
C GLU A 59 -19.01 11.36 -4.38
N PRO A 60 -19.97 11.79 -5.22
CA PRO A 60 -20.04 11.35 -6.62
C PRO A 60 -18.94 11.98 -7.48
N GLY A 61 -18.28 11.14 -8.28
CA GLY A 61 -17.20 11.55 -9.20
C GLY A 61 -15.82 11.60 -8.55
N LEU A 62 -15.70 11.40 -7.22
CA LEU A 62 -14.41 11.27 -6.56
C LEU A 62 -13.81 9.87 -6.84
N PRO A 63 -12.47 9.72 -6.84
CA PRO A 63 -11.83 8.52 -7.37
C PRO A 63 -12.10 7.29 -6.48
N PRO A 64 -12.47 6.12 -7.06
CA PRO A 64 -12.66 4.87 -6.34
C PRO A 64 -11.28 4.29 -5.98
N VAL A 65 -10.69 4.83 -4.91
CA VAL A 65 -9.32 4.55 -4.47
C VAL A 65 -9.20 3.22 -3.72
N GLN A 66 -8.16 2.44 -4.04
CA GLN A 66 -7.89 1.13 -3.43
C GLN A 66 -6.63 1.20 -2.55
N PRO A 67 -6.72 1.00 -1.23
CA PRO A 67 -5.54 0.78 -0.40
C PRO A 67 -5.01 -0.65 -0.59
N VAL A 68 -3.68 -0.80 -0.69
CA VAL A 68 -3.00 -2.10 -0.68
C VAL A 68 -2.01 -2.21 0.49
N PHE A 69 -2.19 -3.25 1.30
CA PHE A 69 -1.33 -3.59 2.44
C PHE A 69 -0.36 -4.70 2.04
N ILE A 70 0.94 -4.40 2.01
CA ILE A 70 2.00 -5.37 1.72
C ILE A 70 2.58 -5.86 3.05
N THR A 71 2.64 -7.19 3.27
CA THR A 71 3.31 -7.78 4.44
C THR A 71 4.81 -7.66 4.28
N VAL A 72 5.45 -6.92 5.18
CA VAL A 72 6.84 -6.45 5.02
C VAL A 72 7.90 -7.46 5.51
N ASP A 73 7.50 -8.64 6.02
CA ASP A 73 8.38 -9.62 6.67
C ASP A 73 7.95 -11.09 6.47
N PRO A 74 8.07 -11.64 5.24
CA PRO A 74 7.69 -13.02 4.91
C PRO A 74 8.71 -14.06 5.42
N GLU A 75 9.12 -13.97 6.69
CA GLU A 75 9.73 -15.10 7.41
C GLU A 75 8.67 -16.11 7.84
N ARG A 76 7.54 -15.62 8.37
CA ARG A 76 6.49 -16.40 9.06
C ARG A 76 5.07 -15.83 8.79
N ASP A 77 4.89 -15.14 7.66
CA ASP A 77 3.59 -14.71 7.15
C ASP A 77 2.74 -15.92 6.73
N ASP A 78 1.42 -15.81 6.84
CA ASP A 78 0.48 -16.87 6.47
C ASP A 78 -0.87 -16.30 6.01
N VAL A 79 -1.54 -17.04 5.13
CA VAL A 79 -2.69 -16.55 4.35
C VAL A 79 -3.88 -16.22 5.26
N GLU A 80 -4.07 -16.95 6.37
CA GLU A 80 -5.12 -16.63 7.34
C GLU A 80 -4.86 -15.31 8.11
N ALA A 81 -3.59 -14.96 8.36
CA ALA A 81 -3.27 -13.71 9.08
C ALA A 81 -3.64 -12.49 8.21
N MET A 82 -3.28 -12.52 6.94
CA MET A 82 -3.61 -11.51 5.93
C MET A 82 -5.12 -11.44 5.66
N ALA A 83 -5.76 -12.59 5.44
CA ALA A 83 -7.22 -12.68 5.28
C ALA A 83 -7.96 -12.08 6.49
N ARG A 84 -7.52 -12.34 7.72
CA ARG A 84 -8.09 -11.70 8.93
C ARG A 84 -7.80 -10.20 8.98
N TYR A 85 -6.58 -9.76 8.69
CA TYR A 85 -6.25 -8.31 8.61
C TYR A 85 -7.16 -7.56 7.63
N VAL A 86 -7.49 -8.18 6.49
CA VAL A 86 -8.54 -7.69 5.58
C VAL A 86 -9.94 -7.73 6.24
N GLN A 87 -10.48 -8.92 6.51
CA GLN A 87 -11.90 -9.11 6.87
C GLN A 87 -12.33 -8.69 8.28
N ASP A 88 -11.41 -8.43 9.21
CA ASP A 88 -11.71 -7.83 10.51
C ASP A 88 -12.07 -6.34 10.38
N PHE A 89 -11.36 -5.63 9.49
CA PHE A 89 -11.70 -4.27 9.06
C PHE A 89 -12.87 -4.31 8.06
N HIS A 90 -12.63 -4.79 6.83
CA HIS A 90 -13.57 -4.73 5.71
C HIS A 90 -13.08 -5.53 4.47
N PRO A 91 -13.96 -6.22 3.72
CA PRO A 91 -13.57 -6.94 2.49
C PRO A 91 -13.06 -6.05 1.36
N ARG A 92 -13.19 -4.71 1.45
CA ARG A 92 -12.58 -3.77 0.50
C ARG A 92 -11.05 -3.62 0.69
N LEU A 93 -10.48 -4.04 1.83
CA LEU A 93 -9.02 -4.09 2.02
C LEU A 93 -8.40 -5.20 1.14
N LEU A 94 -7.11 -5.06 0.81
CA LEU A 94 -6.34 -6.01 0.03
C LEU A 94 -5.03 -6.33 0.75
N GLY A 95 -4.73 -7.61 0.96
CA GLY A 95 -3.48 -8.09 1.56
C GLY A 95 -2.61 -8.74 0.49
N LEU A 96 -1.36 -8.27 0.37
CA LEU A 96 -0.39 -8.73 -0.64
C LEU A 96 0.84 -9.36 0.02
N THR A 97 1.27 -10.51 -0.53
CA THR A 97 2.30 -11.41 0.03
C THR A 97 3.01 -12.22 -1.08
N GLY A 98 3.77 -13.23 -0.68
CA GLY A 98 4.55 -14.15 -1.53
C GLY A 98 5.56 -14.92 -0.68
N SER A 99 6.79 -15.06 -1.17
CA SER A 99 7.94 -15.46 -0.36
C SER A 99 9.07 -14.41 -0.50
N THR A 100 10.29 -14.70 -0.01
CA THR A 100 11.39 -13.74 0.05
C THR A 100 11.70 -13.10 -1.30
N LYS A 101 11.59 -13.85 -2.40
CA LYS A 101 11.83 -13.32 -3.75
C LYS A 101 10.87 -12.17 -4.12
N GLN A 102 9.64 -12.10 -3.57
CA GLN A 102 8.73 -10.97 -3.80
C GLN A 102 9.24 -9.69 -3.12
N VAL A 103 9.56 -9.73 -1.82
CA VAL A 103 10.08 -8.53 -1.12
C VAL A 103 11.49 -8.15 -1.61
N ALA A 104 12.30 -9.11 -2.04
CA ALA A 104 13.59 -8.87 -2.68
C ALA A 104 13.46 -8.20 -4.05
N GLN A 105 12.62 -8.69 -4.96
CA GLN A 105 12.46 -8.12 -6.30
C GLN A 105 11.75 -6.74 -6.26
N ALA A 106 10.85 -6.52 -5.30
CA ALA A 106 10.36 -5.19 -4.95
C ALA A 106 11.50 -4.26 -4.49
N SER A 107 12.36 -4.69 -3.56
CA SER A 107 13.52 -3.87 -3.14
C SER A 107 14.59 -3.68 -4.22
N HIS A 108 14.67 -4.52 -5.25
CA HIS A 108 15.51 -4.29 -6.44
C HIS A 108 14.90 -3.24 -7.39
N SER A 109 13.62 -3.39 -7.71
CA SER A 109 12.90 -2.50 -8.64
C SER A 109 12.62 -1.11 -8.06
N TYR A 110 12.33 -1.03 -6.76
CA TYR A 110 11.99 0.19 -6.02
C TYR A 110 12.56 0.14 -4.59
N ARG A 111 13.88 0.31 -4.45
CA ARG A 111 14.56 0.26 -3.14
C ARG A 111 14.02 1.33 -2.18
N VAL A 112 13.84 0.94 -0.91
CA VAL A 112 13.04 1.63 0.11
C VAL A 112 13.64 1.37 1.51
N TYR A 113 13.11 2.00 2.57
CA TYR A 113 13.56 1.85 3.95
C TYR A 113 13.30 0.45 4.53
N TYR A 114 14.23 -0.05 5.35
CA TYR A 114 14.07 -1.28 6.14
C TYR A 114 14.99 -1.25 7.38
N ASN A 115 14.47 -1.62 8.55
CA ASN A 115 15.21 -1.60 9.83
C ASN A 115 14.64 -2.67 10.80
N ALA A 116 15.39 -2.98 11.87
CA ALA A 116 15.03 -3.94 12.92
C ALA A 116 15.80 -3.66 14.22
N GLY A 117 15.33 -4.21 15.35
CA GLY A 117 16.01 -4.12 16.66
C GLY A 117 16.55 -5.46 17.18
N PRO A 118 17.56 -6.07 16.53
CA PRO A 118 18.11 -7.37 16.92
C PRO A 118 18.99 -7.32 18.19
N LYS A 119 19.35 -6.12 18.65
CA LYS A 119 20.00 -5.82 19.95
C LYS A 119 20.97 -6.91 20.51
N ASP A 120 20.54 -7.62 21.55
CA ASP A 120 21.35 -8.16 22.63
C ASP A 120 20.52 -9.28 23.33
N GLU A 121 19.98 -9.01 24.51
CA GLU A 121 18.91 -9.78 25.16
C GLU A 121 17.81 -8.81 25.63
N ASP A 122 17.01 -8.35 24.68
CA ASP A 122 16.03 -7.27 24.83
C ASP A 122 14.98 -7.37 23.71
N GLN A 123 15.39 -7.02 22.49
CA GLN A 123 14.66 -7.16 21.24
C GLN A 123 13.26 -6.50 21.26
N ASP A 124 13.17 -5.27 21.80
CA ASP A 124 11.98 -4.39 21.82
C ASP A 124 11.11 -4.40 20.55
N TYR A 125 11.72 -4.39 19.36
CA TYR A 125 11.00 -4.34 18.07
C TYR A 125 11.66 -5.23 17.00
N ILE A 126 10.87 -6.07 16.33
CA ILE A 126 11.39 -7.07 15.37
C ILE A 126 11.69 -6.51 13.98
N VAL A 127 10.96 -5.48 13.54
CA VAL A 127 11.06 -4.81 12.23
C VAL A 127 10.53 -3.37 12.40
N ASP A 128 11.06 -2.44 11.61
CA ASP A 128 10.64 -1.04 11.48
C ASP A 128 10.52 -0.67 9.99
N HIS A 129 9.38 -0.06 9.64
CA HIS A 129 8.98 0.32 8.29
C HIS A 129 8.76 1.84 8.15
N SER A 130 9.77 2.66 8.45
CA SER A 130 9.71 4.14 8.47
C SER A 130 9.67 4.80 7.06
N ILE A 131 8.80 4.29 6.17
CA ILE A 131 8.35 4.97 4.95
C ILE A 131 7.01 5.71 5.23
N ALA A 132 6.03 5.65 4.34
CA ALA A 132 4.71 6.29 4.42
C ALA A 132 3.78 5.64 3.37
N ILE A 133 2.54 6.12 3.25
CA ILE A 133 1.64 5.75 2.15
C ILE A 133 2.07 6.50 0.88
N TYR A 134 2.31 5.76 -0.21
CA TYR A 134 2.60 6.30 -1.54
C TYR A 134 1.36 6.34 -2.45
N LEU A 135 1.24 7.39 -3.26
CA LEU A 135 0.19 7.58 -4.29
C LEU A 135 0.60 6.93 -5.61
N LEU A 136 -0.36 6.28 -6.28
CA LEU A 136 -0.20 5.54 -7.53
C LEU A 136 -1.51 5.67 -8.35
N ASN A 137 -1.40 6.06 -9.62
CA ASN A 137 -2.50 6.42 -10.51
C ASN A 137 -3.03 5.24 -11.36
N PRO A 138 -4.24 5.37 -11.96
CA PRO A 138 -4.89 4.41 -12.87
C PRO A 138 -4.17 4.12 -14.20
N ASP A 139 -2.89 4.47 -14.32
CA ASP A 139 -2.02 4.24 -15.49
C ASP A 139 -0.68 3.60 -15.09
N GLY A 140 -0.51 3.24 -13.80
CA GLY A 140 0.71 2.67 -13.22
C GLY A 140 1.68 3.71 -12.63
N LEU A 141 1.37 5.01 -12.74
CA LEU A 141 2.27 6.12 -12.42
C LEU A 141 2.21 6.53 -10.93
N PHE A 142 3.34 6.52 -10.21
CA PHE A 142 3.46 7.04 -8.84
C PHE A 142 3.37 8.59 -8.77
N THR A 143 3.26 9.17 -7.57
CA THR A 143 3.21 10.64 -7.40
C THR A 143 3.92 11.16 -6.15
N ASP A 144 3.42 10.86 -4.95
CA ASP A 144 3.82 11.54 -3.69
C ASP A 144 3.60 10.65 -2.45
N TYR A 145 4.07 11.09 -1.28
CA TYR A 145 4.11 10.33 -0.02
C TYR A 145 3.47 11.07 1.17
N TYR A 146 2.66 10.38 1.99
CA TYR A 146 1.99 10.98 3.16
C TYR A 146 2.83 10.87 4.46
N GLY A 147 4.05 11.41 4.42
CA GLY A 147 4.98 11.47 5.57
C GLY A 147 5.06 12.83 6.28
N ARG A 148 4.48 13.88 5.68
CA ARG A 148 4.34 15.21 6.29
C ARG A 148 3.00 15.32 7.02
N SER A 149 2.94 16.09 8.11
CA SER A 149 1.73 16.29 8.94
C SER A 149 0.46 16.64 8.13
N ARG A 150 -0.69 16.07 8.52
CA ARG A 150 -1.85 15.86 7.64
C ARG A 150 -3.06 15.37 8.45
N SER A 151 -4.23 15.34 7.82
CA SER A 151 -5.43 14.66 8.32
C SER A 151 -6.44 14.52 7.17
N ALA A 152 -7.62 13.91 7.42
CA ALA A 152 -8.57 13.48 6.39
C ALA A 152 -8.89 14.57 5.35
N GLU A 153 -9.16 15.80 5.78
CA GLU A 153 -9.47 16.89 4.84
C GLU A 153 -8.25 17.34 4.01
N GLN A 154 -7.02 17.28 4.55
CA GLN A 154 -5.82 17.53 3.74
C GLN A 154 -5.47 16.36 2.81
N ILE A 155 -5.95 15.15 3.10
CA ILE A 155 -5.93 14.04 2.14
C ILE A 155 -6.91 14.34 1.00
N SER A 156 -8.11 14.82 1.28
CA SER A 156 -9.04 15.30 0.25
C SER A 156 -8.45 16.44 -0.61
N ASP A 157 -7.82 17.47 0.00
CA ASP A 157 -7.06 18.49 -0.74
C ASP A 157 -5.98 17.84 -1.61
N SER A 158 -5.18 16.92 -1.05
CA SER A 158 -4.08 16.25 -1.74
C SER A 158 -4.58 15.41 -2.92
N VAL A 159 -5.62 14.59 -2.73
CA VAL A 159 -6.26 13.79 -3.78
C VAL A 159 -6.69 14.69 -4.95
N ARG A 160 -7.44 15.77 -4.68
CA ARG A 160 -7.89 16.68 -5.75
C ARG A 160 -6.73 17.43 -6.41
N ARG A 161 -5.77 17.93 -5.63
CA ARG A 161 -4.66 18.77 -6.14
C ARG A 161 -3.69 17.94 -7.00
N HIS A 162 -3.29 16.74 -6.55
CA HIS A 162 -2.47 15.83 -7.36
C HIS A 162 -3.20 15.32 -8.61
N MET A 163 -4.51 15.06 -8.52
CA MET A 163 -5.34 14.70 -9.68
C MET A 163 -5.40 15.81 -10.75
N ALA A 164 -5.52 17.08 -10.36
CA ALA A 164 -5.43 18.20 -11.30
C ALA A 164 -4.00 18.42 -11.83
N ALA A 165 -2.98 18.14 -11.02
CA ALA A 165 -1.57 18.34 -11.40
C ALA A 165 -1.12 17.35 -12.47
N PHE A 166 -1.36 16.06 -12.22
CA PHE A 166 -1.11 14.87 -13.06
C PHE A 166 -0.47 15.16 -14.43
N ARG A 167 -1.29 15.34 -15.48
CA ARG A 167 -0.85 15.75 -16.83
C ARG A 167 -1.05 17.27 -17.07
N SER A 168 -1.69 17.98 -16.15
CA SER A 168 -2.45 19.20 -16.44
C SER A 168 -2.01 20.47 -15.71
N VAL A 169 -1.01 20.42 -14.81
CA VAL A 169 -0.21 21.62 -14.49
C VAL A 169 0.88 21.77 -15.56
N LEU A 170 0.68 22.72 -16.47
CA LEU A 170 1.56 22.98 -17.63
C LEU A 170 2.70 23.98 -17.30
N SER A 171 3.14 24.00 -16.04
CA SER A 171 4.18 24.89 -15.46
C SER A 171 4.45 24.53 -14.00
CU CU1 B . 3.21 -1.75 11.20
N SER A 2 22.11 -0.12 -19.10
CA SER A 2 21.22 -0.60 -18.04
C SER A 2 19.80 -0.80 -18.58
N PHE A 3 18.95 -1.50 -17.83
CA PHE A 3 17.62 -1.95 -18.29
C PHE A 3 16.57 -0.81 -18.36
N THR A 4 15.63 -0.94 -19.32
CA THR A 4 14.47 -0.04 -19.51
C THR A 4 13.45 -0.26 -18.38
N GLY A 5 13.70 0.35 -17.22
CA GLY A 5 12.99 0.10 -15.97
C GLY A 5 11.56 0.65 -15.94
N GLN A 6 10.62 -0.09 -16.53
CA GLN A 6 9.19 0.23 -16.56
C GLN A 6 8.48 0.16 -15.19
N GLY A 7 9.12 -0.44 -14.17
CA GLY A 7 8.64 -0.43 -12.78
C GLY A 7 7.62 -1.52 -12.45
N ASP A 8 7.64 -2.64 -13.17
CA ASP A 8 6.68 -3.74 -13.03
C ASP A 8 6.99 -4.65 -11.83
N PHE A 9 5.95 -5.33 -11.33
CA PHE A 9 5.97 -6.23 -10.14
C PHE A 9 4.80 -7.23 -10.25
N HIS A 10 4.85 -8.30 -9.45
CA HIS A 10 3.71 -9.22 -9.25
C HIS A 10 3.75 -9.88 -7.85
N LEU A 11 2.58 -9.99 -7.19
CA LEU A 11 2.42 -10.43 -5.80
C LEU A 11 1.08 -11.19 -5.63
N LEU A 12 0.93 -11.95 -4.54
CA LEU A 12 -0.25 -12.78 -4.23
C LEU A 12 -1.22 -12.01 -3.34
N ASP A 13 -2.52 -12.11 -3.64
CA ASP A 13 -3.60 -11.49 -2.88
C ASP A 13 -3.93 -12.24 -1.58
N HIS A 14 -4.80 -11.65 -0.75
CA HIS A 14 -5.23 -12.16 0.56
C HIS A 14 -6.10 -13.45 0.52
N ARG A 15 -6.09 -14.16 -0.62
CA ARG A 15 -6.55 -15.53 -0.94
C ARG A 15 -7.13 -15.56 -2.36
N GLY A 16 -6.51 -16.33 -3.27
CA GLY A 16 -6.98 -16.42 -4.65
C GLY A 16 -5.89 -16.75 -5.66
N ARG A 17 -5.00 -15.79 -5.96
CA ARG A 17 -4.03 -15.86 -7.08
C ARG A 17 -3.03 -14.69 -7.07
N ALA A 18 -1.97 -14.77 -7.88
CA ALA A 18 -1.06 -13.67 -8.14
C ALA A 18 -1.68 -12.61 -9.07
N ARG A 19 -1.41 -11.34 -8.79
CA ARG A 19 -1.83 -10.14 -9.51
C ARG A 19 -0.57 -9.40 -10.00
N CYS A 20 -0.63 -8.80 -11.20
CA CYS A 20 0.50 -8.15 -11.87
C CYS A 20 0.26 -6.65 -12.06
N LYS A 21 1.33 -5.85 -12.11
CA LYS A 21 1.28 -4.39 -12.24
C LYS A 21 0.57 -3.87 -13.51
N ALA A 22 0.55 -4.64 -14.59
CA ALA A 22 -0.03 -4.27 -15.88
C ALA A 22 -1.57 -4.14 -15.84
N ASP A 23 -2.27 -5.21 -15.46
CA ASP A 23 -3.73 -5.28 -15.45
C ASP A 23 -4.39 -4.34 -14.41
N PHE A 24 -3.60 -3.85 -13.44
CA PHE A 24 -4.00 -2.83 -12.47
C PHE A 24 -4.15 -1.41 -13.07
N ARG A 25 -3.68 -1.18 -14.31
CA ARG A 25 -3.65 0.13 -14.96
C ARG A 25 -5.08 0.66 -15.19
N GLY A 26 -5.41 1.80 -14.55
CA GLY A 26 -6.71 2.47 -14.64
C GLY A 26 -7.40 2.80 -13.31
N GLN A 27 -6.82 2.44 -12.16
CA GLN A 27 -7.56 2.41 -10.88
C GLN A 27 -7.07 3.36 -9.77
N TRP A 28 -5.97 4.10 -9.97
CA TRP A 28 -5.41 5.06 -9.01
C TRP A 28 -4.97 4.39 -7.69
N VAL A 29 -3.75 3.84 -7.65
CA VAL A 29 -3.29 3.00 -6.54
C VAL A 29 -2.67 3.87 -5.44
N LEU A 30 -3.09 3.65 -4.19
CA LEU A 30 -2.55 4.29 -2.99
C LEU A 30 -1.90 3.20 -2.12
N MET A 31 -0.56 3.24 -2.03
CA MET A 31 0.25 2.11 -1.59
C MET A 31 0.93 2.36 -0.23
N TYR A 32 0.81 1.40 0.70
CA TYR A 32 1.41 1.44 2.05
C TYR A 32 2.11 0.12 2.40
N PHE A 33 3.26 0.21 3.09
CA PHE A 33 4.05 -0.91 3.60
C PHE A 33 3.76 -1.13 5.10
N GLY A 34 2.83 -2.04 5.40
CA GLY A 34 2.39 -2.37 6.76
C GLY A 34 3.22 -3.48 7.39
N PHE A 35 3.35 -3.46 8.72
CA PHE A 35 4.13 -4.43 9.48
C PHE A 35 3.22 -5.45 10.18
N THR A 36 3.69 -6.70 10.28
CA THR A 36 2.92 -7.88 10.72
C THR A 36 2.63 -7.92 12.24
N HIS A 37 2.59 -6.77 12.92
CA HIS A 37 2.14 -6.62 14.32
C HIS A 37 1.75 -5.16 14.59
N CYS A 38 2.75 -4.29 14.77
CA CYS A 38 2.67 -2.82 15.00
C CYS A 38 2.08 -2.43 16.39
N PRO A 39 2.59 -1.37 17.05
CA PRO A 39 2.04 -0.90 18.33
C PRO A 39 0.67 -0.23 18.18
N ASP A 40 0.48 0.62 17.15
CA ASP A 40 -0.79 1.33 16.82
C ASP A 40 -0.68 2.18 15.52
N ILE A 41 0.35 2.03 14.67
CA ILE A 41 0.61 2.98 13.56
C ILE A 41 -0.09 2.53 12.27
N CYS A 42 0.15 1.30 11.83
CA CYS A 42 -0.59 0.64 10.75
C CYS A 42 -2.12 0.73 10.93
N PRO A 43 -2.71 0.40 12.11
CA PRO A 43 -4.15 0.55 12.30
C PRO A 43 -4.60 2.01 12.38
N ASP A 44 -3.76 2.98 12.78
CA ASP A 44 -4.13 4.40 12.73
C ASP A 44 -4.17 4.89 11.29
N GLU A 45 -3.12 4.71 10.49
CA GLU A 45 -3.10 4.99 9.05
C GLU A 45 -4.23 4.26 8.32
N LEU A 46 -4.52 3.00 8.65
CA LEU A 46 -5.64 2.27 8.05
C LEU A 46 -6.99 2.87 8.45
N GLU A 47 -7.21 3.23 9.71
CA GLU A 47 -8.41 3.96 10.19
C GLU A 47 -8.51 5.35 9.55
N LYS A 48 -7.38 6.03 9.37
CA LYS A 48 -7.22 7.35 8.78
C LYS A 48 -7.58 7.33 7.29
N LEU A 49 -7.07 6.34 6.54
CA LEU A 49 -7.52 5.97 5.20
C LEU A 49 -9.01 5.62 5.20
N VAL A 50 -9.43 4.61 5.95
CA VAL A 50 -10.82 4.10 5.96
C VAL A 50 -11.85 5.20 6.24
N GLN A 51 -11.56 6.17 7.12
CA GLN A 51 -12.43 7.35 7.28
C GLN A 51 -12.63 8.11 5.95
N VAL A 52 -11.55 8.52 5.29
CA VAL A 52 -11.63 9.25 4.01
C VAL A 52 -12.20 8.35 2.91
N VAL A 53 -11.73 7.11 2.79
CA VAL A 53 -12.12 6.14 1.76
C VAL A 53 -13.60 5.74 1.85
N ARG A 54 -14.19 5.66 3.06
CA ARG A 54 -15.62 5.34 3.22
C ARG A 54 -16.49 6.51 2.78
N GLN A 55 -16.07 7.73 3.12
CA GLN A 55 -16.76 8.92 2.60
C GLN A 55 -16.62 9.05 1.07
N LEU A 56 -15.49 8.63 0.49
CA LEU A 56 -15.29 8.51 -0.96
C LEU A 56 -16.04 7.33 -1.61
N GLU A 57 -16.31 6.21 -0.92
CA GLU A 57 -17.09 5.08 -1.45
C GLU A 57 -18.55 5.42 -1.71
N ALA A 58 -19.01 6.58 -1.24
CA ALA A 58 -20.25 7.20 -1.75
C ALA A 58 -20.24 7.37 -3.29
N GLU A 59 -19.06 7.43 -3.90
CA GLU A 59 -18.82 7.36 -5.35
C GLU A 59 -19.61 8.39 -6.19
N PRO A 60 -19.85 9.63 -5.72
CA PRO A 60 -20.98 10.47 -6.17
C PRO A 60 -20.74 11.21 -7.49
N GLY A 61 -19.58 11.04 -8.14
CA GLY A 61 -19.02 11.99 -9.09
C GLY A 61 -17.77 12.70 -8.57
N LEU A 62 -17.24 12.26 -7.43
CA LEU A 62 -15.79 12.28 -7.17
C LEU A 62 -15.22 10.95 -7.73
N PRO A 63 -13.97 10.93 -8.23
CA PRO A 63 -13.34 9.72 -8.74
C PRO A 63 -13.03 8.73 -7.60
N PRO A 64 -12.98 7.42 -7.90
CA PRO A 64 -12.58 6.39 -6.94
C PRO A 64 -11.05 6.34 -6.80
N VAL A 65 -10.59 5.57 -5.81
CA VAL A 65 -9.18 5.29 -5.51
C VAL A 65 -9.04 3.85 -5.00
N GLN A 66 -7.92 3.18 -5.31
CA GLN A 66 -7.61 1.83 -4.84
C GLN A 66 -6.50 1.89 -3.76
N PRO A 67 -6.85 1.90 -2.46
CA PRO A 67 -5.87 1.68 -1.41
C PRO A 67 -5.44 0.21 -1.40
N VAL A 68 -4.16 -0.04 -1.13
CA VAL A 68 -3.60 -1.39 -0.93
C VAL A 68 -2.65 -1.46 0.26
N PHE A 69 -2.75 -2.56 1.02
CA PHE A 69 -1.90 -2.87 2.19
C PHE A 69 -0.90 -3.97 1.83
N ILE A 70 0.38 -3.62 1.73
CA ILE A 70 1.47 -4.59 1.48
C ILE A 70 2.05 -5.01 2.83
N THR A 71 2.02 -6.31 3.15
CA THR A 71 2.64 -6.84 4.39
C THR A 71 4.14 -6.96 4.23
N VAL A 72 4.88 -6.37 5.16
CA VAL A 72 6.32 -6.52 5.33
C VAL A 72 6.63 -7.19 6.67
N ASP A 73 7.33 -8.33 6.56
CA ASP A 73 8.13 -9.08 7.53
C ASP A 73 7.89 -10.59 7.29
N PRO A 74 8.66 -11.23 6.38
CA PRO A 74 8.43 -12.60 5.97
C PRO A 74 8.85 -13.62 7.05
N GLU A 75 8.53 -14.89 6.74
CA GLU A 75 8.55 -16.13 7.53
C GLU A 75 7.24 -16.40 8.31
N ARG A 76 6.22 -15.59 8.04
CA ARG A 76 4.81 -15.90 8.32
C ARG A 76 3.84 -15.35 7.25
N ASP A 77 4.37 -14.91 6.11
CA ASP A 77 3.66 -14.56 4.87
C ASP A 77 2.84 -15.75 4.34
N ASP A 78 1.52 -15.54 4.23
CA ASP A 78 0.51 -16.60 4.05
C ASP A 78 -0.88 -16.01 3.81
N VAL A 79 -1.70 -16.67 2.97
CA VAL A 79 -3.03 -16.17 2.60
C VAL A 79 -4.06 -16.27 3.73
N GLU A 80 -3.92 -17.20 4.68
CA GLU A 80 -4.79 -17.22 5.87
C GLU A 80 -4.45 -16.06 6.81
N ALA A 81 -3.16 -15.78 7.04
CA ALA A 81 -2.72 -14.61 7.82
C ALA A 81 -3.23 -13.28 7.22
N MET A 82 -3.15 -13.13 5.89
CA MET A 82 -3.68 -11.95 5.18
C MET A 82 -5.21 -11.88 5.23
N ALA A 83 -5.90 -13.01 4.99
CA ALA A 83 -7.35 -13.09 5.13
C ALA A 83 -7.81 -12.71 6.54
N ARG A 84 -7.05 -13.10 7.58
CA ARG A 84 -7.29 -12.67 8.95
C ARG A 84 -7.23 -11.14 9.04
N TYR A 85 -6.07 -10.53 8.76
CA TYR A 85 -5.86 -9.08 8.88
C TYR A 85 -6.86 -8.25 8.03
N VAL A 86 -7.19 -8.73 6.83
CA VAL A 86 -8.25 -8.15 5.98
C VAL A 86 -9.61 -8.21 6.70
N GLN A 87 -10.09 -9.40 7.09
CA GLN A 87 -11.43 -9.58 7.68
C GLN A 87 -11.57 -9.04 9.10
N ASP A 88 -10.47 -8.84 9.85
CA ASP A 88 -10.44 -8.21 11.17
C ASP A 88 -10.94 -6.75 11.09
N PHE A 89 -10.52 -6.01 10.05
CA PHE A 89 -11.00 -4.66 9.73
C PHE A 89 -12.28 -4.70 8.88
N HIS A 90 -12.21 -5.30 7.68
CA HIS A 90 -13.31 -5.35 6.71
C HIS A 90 -13.08 -6.38 5.57
N PRO A 91 -14.05 -7.26 5.25
CA PRO A 91 -13.87 -8.35 4.28
C PRO A 91 -13.62 -7.90 2.82
N ARG A 92 -13.72 -6.61 2.47
CA ARG A 92 -13.31 -6.07 1.16
C ARG A 92 -12.20 -5.01 1.24
N LEU A 93 -11.27 -5.11 2.22
CA LEU A 93 -9.94 -4.50 2.04
C LEU A 93 -9.17 -5.25 0.94
N LEU A 94 -8.05 -4.67 0.44
CA LEU A 94 -7.12 -5.34 -0.45
C LEU A 94 -5.76 -5.46 0.24
N GLY A 95 -5.43 -6.67 0.69
CA GLY A 95 -4.11 -7.04 1.21
C GLY A 95 -3.35 -7.86 0.18
N LEU A 96 -2.02 -7.70 0.11
CA LEU A 96 -1.17 -8.51 -0.78
C LEU A 96 0.25 -8.73 -0.21
N THR A 97 0.92 -9.75 -0.75
CA THR A 97 2.04 -10.46 -0.12
C THR A 97 2.94 -11.14 -1.14
N GLY A 98 4.18 -11.40 -0.75
CA GLY A 98 5.11 -12.26 -1.48
C GLY A 98 6.06 -12.97 -0.51
N SER A 99 6.70 -14.04 -0.97
CA SER A 99 7.81 -14.65 -0.24
C SER A 99 9.14 -13.94 -0.58
N THR A 100 10.24 -14.36 0.04
CA THR A 100 11.57 -13.74 -0.08
C THR A 100 12.01 -13.57 -1.53
N LYS A 101 11.82 -14.57 -2.41
CA LYS A 101 12.18 -14.43 -3.82
C LYS A 101 11.40 -13.32 -4.56
N GLN A 102 10.17 -13.00 -4.19
CA GLN A 102 9.49 -11.78 -4.64
C GLN A 102 10.03 -10.55 -3.88
N VAL A 103 9.86 -10.53 -2.56
CA VAL A 103 10.03 -9.33 -1.72
C VAL A 103 11.46 -8.80 -1.72
N ALA A 104 12.47 -9.68 -1.71
CA ALA A 104 13.88 -9.29 -1.81
C ALA A 104 14.24 -8.70 -3.18
N GLN A 105 13.63 -9.15 -4.29
CA GLN A 105 13.88 -8.53 -5.60
C GLN A 105 13.20 -7.16 -5.74
N ALA A 106 11.93 -7.01 -5.31
CA ALA A 106 11.34 -5.69 -5.09
C ALA A 106 12.19 -4.76 -4.20
N SER A 107 12.73 -5.26 -3.08
CA SER A 107 13.63 -4.50 -2.17
C SER A 107 15.02 -4.21 -2.77
N HIS A 108 15.48 -5.04 -3.71
CA HIS A 108 16.68 -4.81 -4.53
C HIS A 108 16.48 -3.72 -5.58
N SER A 109 15.30 -3.67 -6.20
CA SER A 109 14.90 -2.58 -7.09
C SER A 109 14.76 -1.27 -6.30
N TYR A 110 13.89 -1.28 -5.28
CA TYR A 110 13.57 -0.11 -4.46
C TYR A 110 14.19 -0.26 -3.07
N ARG A 111 15.17 0.61 -2.75
CA ARG A 111 15.94 0.57 -1.51
C ARG A 111 15.08 0.92 -0.27
N VAL A 112 14.34 -0.08 0.20
CA VAL A 112 13.66 -0.11 1.51
C VAL A 112 14.66 0.14 2.65
N TYR A 113 14.19 0.72 3.74
CA TYR A 113 15.03 1.16 4.86
C TYR A 113 14.35 0.84 6.20
N TYR A 114 14.63 -0.36 6.70
CA TYR A 114 14.01 -0.91 7.91
C TYR A 114 14.70 -0.41 9.19
N ASN A 115 13.91 0.00 10.17
CA ASN A 115 14.33 0.53 11.47
C ASN A 115 13.18 0.36 12.49
N ALA A 116 13.50 0.12 13.76
CA ALA A 116 12.54 -0.32 14.78
C ALA A 116 12.04 0.83 15.68
N GLY A 117 11.23 0.45 16.67
CA GLY A 117 11.02 1.23 17.90
C GLY A 117 12.24 1.12 18.86
N PRO A 118 12.04 0.95 20.19
CA PRO A 118 13.09 1.13 21.18
C PRO A 118 14.11 -0.02 21.30
N LYS A 119 13.75 -1.25 20.87
CA LYS A 119 14.52 -2.49 21.04
C LYS A 119 15.40 -2.58 22.31
N ASP A 120 16.71 -2.38 22.14
CA ASP A 120 17.80 -2.55 23.11
C ASP A 120 19.10 -1.99 22.50
N GLU A 121 19.35 -2.32 21.22
CA GLU A 121 20.46 -1.82 20.38
C GLU A 121 20.39 -2.35 18.94
N ASP A 122 19.94 -3.61 18.78
CA ASP A 122 19.93 -4.40 17.55
C ASP A 122 18.88 -3.93 16.54
N GLN A 123 19.05 -2.75 15.95
CA GLN A 123 18.12 -2.08 15.03
C GLN A 123 18.02 -2.75 13.63
N ASP A 124 17.81 -4.07 13.60
CA ASP A 124 17.63 -4.99 12.46
C ASP A 124 16.94 -6.27 13.00
N TYR A 125 16.18 -6.98 12.15
CA TYR A 125 15.45 -8.23 12.41
C TYR A 125 14.13 -8.05 13.20
N ILE A 126 13.04 -8.61 12.64
CA ILE A 126 11.64 -8.61 13.11
C ILE A 126 11.09 -7.21 13.41
N VAL A 127 11.57 -6.22 12.65
CA VAL A 127 11.36 -4.77 12.80
C VAL A 127 11.50 -4.12 11.42
N ASP A 128 10.72 -4.69 10.50
CA ASP A 128 10.93 -4.63 9.07
C ASP A 128 9.77 -3.82 8.49
N HIS A 129 9.95 -2.50 8.48
CA HIS A 129 8.88 -1.52 8.31
C HIS A 129 9.43 -0.18 7.79
N SER A 130 8.80 0.39 6.76
CA SER A 130 9.13 1.71 6.23
C SER A 130 7.84 2.43 5.83
N ILE A 131 7.31 3.30 6.70
CA ILE A 131 5.96 3.91 6.58
C ILE A 131 5.86 5.03 5.51
N ALA A 132 6.36 4.78 4.31
CA ALA A 132 6.10 5.62 3.14
C ALA A 132 4.70 5.31 2.57
N ILE A 133 4.01 6.34 2.08
CA ILE A 133 2.66 6.24 1.50
C ILE A 133 2.55 7.16 0.29
N TYR A 134 2.08 6.62 -0.83
CA TYR A 134 2.39 7.17 -2.17
C TYR A 134 1.29 6.90 -3.21
N LEU A 135 1.13 7.82 -4.18
CA LEU A 135 0.17 7.73 -5.28
C LEU A 135 0.82 7.19 -6.59
N LEU A 136 0.27 6.08 -7.10
CA LEU A 136 0.65 5.37 -8.33
C LEU A 136 -0.50 5.45 -9.34
N ASN A 137 -0.24 6.11 -10.46
CA ASN A 137 -1.23 6.66 -11.40
C ASN A 137 -1.90 5.59 -12.31
N PRO A 138 -3.03 5.92 -12.97
CA PRO A 138 -3.75 5.01 -13.86
C PRO A 138 -3.10 4.75 -15.24
N ASP A 139 -1.79 4.97 -15.43
CA ASP A 139 -0.98 4.42 -16.55
C ASP A 139 0.12 3.47 -16.02
N GLY A 140 0.31 3.39 -14.69
CA GLY A 140 1.33 2.58 -14.02
C GLY A 140 2.59 3.35 -13.62
N LEU A 141 2.51 4.68 -13.46
CA LEU A 141 3.63 5.58 -13.17
C LEU A 141 3.47 6.31 -11.81
N PHE A 142 4.57 6.64 -11.14
CA PHE A 142 4.55 7.33 -9.84
C PHE A 142 4.19 8.83 -9.96
N THR A 143 3.65 9.40 -8.87
CA THR A 143 3.42 10.85 -8.71
C THR A 143 4.10 11.38 -7.44
N ASP A 144 3.41 11.43 -6.31
CA ASP A 144 3.88 12.05 -5.06
C ASP A 144 3.30 11.39 -3.79
N TYR A 145 3.85 11.78 -2.63
CA TYR A 145 3.55 11.23 -1.30
C TYR A 145 2.46 11.99 -0.52
N TYR A 146 2.09 11.48 0.67
CA TYR A 146 1.58 12.30 1.77
C TYR A 146 2.25 11.96 3.12
N GLY A 147 2.43 12.96 3.99
CA GLY A 147 3.15 12.82 5.25
C GLY A 147 3.90 14.08 5.70
N ARG A 148 4.83 13.90 6.64
CA ARG A 148 5.58 14.95 7.36
C ARG A 148 4.68 15.65 8.41
N SER A 149 3.73 14.89 8.96
CA SER A 149 2.46 15.23 9.65
C SER A 149 1.27 14.88 8.72
N ARG A 150 0.13 15.58 8.86
CA ARG A 150 -1.14 15.64 8.11
C ARG A 150 -2.34 15.60 9.08
N SER A 151 -3.48 16.07 8.62
CA SER A 151 -4.82 15.74 9.13
C SER A 151 -5.62 14.99 8.03
N ALA A 152 -6.69 14.26 8.38
CA ALA A 152 -7.66 13.70 7.44
C ALA A 152 -8.16 14.74 6.42
N GLU A 153 -8.25 16.01 6.82
CA GLU A 153 -8.53 17.14 5.93
C GLU A 153 -7.46 17.27 4.83
N GLN A 154 -6.17 17.17 5.17
CA GLN A 154 -5.08 17.32 4.21
C GLN A 154 -4.93 16.11 3.28
N ILE A 155 -5.49 14.94 3.62
CA ILE A 155 -5.69 13.84 2.66
C ILE A 155 -6.61 14.32 1.53
N SER A 156 -7.75 14.90 1.90
CA SER A 156 -8.72 15.43 0.92
C SER A 156 -8.18 16.63 0.12
N ASP A 157 -7.33 17.47 0.70
CA ASP A 157 -6.62 18.52 -0.04
C ASP A 157 -5.50 17.97 -0.93
N SER A 158 -4.78 16.92 -0.51
CA SER A 158 -3.80 16.23 -1.36
C SER A 158 -4.50 15.56 -2.55
N VAL A 159 -5.62 14.86 -2.31
CA VAL A 159 -6.49 14.30 -3.35
C VAL A 159 -7.00 15.40 -4.31
N ARG A 160 -7.39 16.58 -3.81
CA ARG A 160 -7.73 17.73 -4.66
C ARG A 160 -6.53 18.18 -5.51
N ARG A 161 -5.32 18.26 -4.94
CA ARG A 161 -4.11 18.72 -5.64
C ARG A 161 -3.72 17.74 -6.76
N HIS A 162 -3.69 16.43 -6.50
CA HIS A 162 -3.48 15.41 -7.54
C HIS A 162 -4.56 15.49 -8.65
N MET A 163 -5.83 15.69 -8.28
CA MET A 163 -6.93 15.86 -9.25
C MET A 163 -6.78 17.11 -10.12
N ALA A 164 -6.44 18.26 -9.53
CA ALA A 164 -6.24 19.53 -10.22
C ALA A 164 -4.95 19.55 -11.08
N ALA A 165 -3.92 18.79 -10.69
CA ALA A 165 -2.70 18.61 -11.48
C ALA A 165 -2.97 17.77 -12.74
N PHE A 166 -3.83 16.77 -12.61
CA PHE A 166 -4.38 15.95 -13.71
C PHE A 166 -5.44 16.72 -14.53
N ARG A 167 -6.10 17.73 -13.93
CA ARG A 167 -7.08 18.63 -14.56
C ARG A 167 -8.23 17.89 -15.26
N SER A 168 -8.69 16.78 -14.68
CA SER A 168 -9.39 15.73 -15.44
C SER A 168 -10.80 16.09 -15.94
N VAL A 169 -11.63 16.76 -15.13
CA VAL A 169 -13.05 17.13 -15.41
C VAL A 169 -14.01 15.92 -15.44
N LEU A 170 -13.57 14.75 -15.90
CA LEU A 170 -14.37 13.55 -16.16
C LEU A 170 -14.68 12.76 -14.87
N SER A 171 -15.64 13.27 -14.11
CA SER A 171 -16.28 12.65 -12.93
C SER A 171 -17.61 13.32 -12.60
CU CU1 B . 2.98 0.33 11.46
N SER A 2 9.59 -8.88 -28.84
CA SER A 2 10.38 -9.82 -28.04
C SER A 2 10.67 -9.25 -26.67
N PHE A 3 10.86 -10.11 -25.66
CA PHE A 3 11.06 -9.68 -24.27
C PHE A 3 12.38 -8.89 -24.06
N THR A 4 12.41 -8.04 -23.03
CA THR A 4 13.55 -7.17 -22.63
C THR A 4 13.29 -6.69 -21.21
N GLY A 5 14.35 -6.53 -20.39
CA GLY A 5 14.29 -6.34 -18.95
C GLY A 5 13.86 -4.94 -18.45
N GLN A 6 12.74 -4.39 -18.94
CA GLN A 6 12.18 -3.09 -18.48
C GLN A 6 11.68 -3.13 -17.02
N GLY A 7 11.32 -4.31 -16.49
CA GLY A 7 11.07 -4.54 -15.05
C GLY A 7 9.60 -4.50 -14.64
N ASP A 8 9.24 -5.38 -13.70
CA ASP A 8 7.87 -5.67 -13.22
C ASP A 8 7.95 -6.55 -11.95
N PHE A 9 6.84 -6.70 -11.22
CA PHE A 9 6.72 -7.53 -10.02
C PHE A 9 5.78 -8.73 -10.24
N HIS A 10 5.80 -9.67 -9.29
CA HIS A 10 4.98 -10.90 -9.35
C HIS A 10 4.61 -11.40 -7.93
N LEU A 11 3.93 -10.55 -7.16
CA LEU A 11 3.42 -10.84 -5.81
C LEU A 11 1.96 -11.32 -5.90
N LEU A 12 1.38 -11.80 -4.81
CA LEU A 12 0.10 -12.52 -4.84
C LEU A 12 -0.97 -12.03 -3.84
N ASP A 13 -2.21 -12.35 -4.19
CA ASP A 13 -3.45 -12.06 -3.44
C ASP A 13 -3.61 -13.01 -2.25
N HIS A 14 -4.29 -12.53 -1.21
CA HIS A 14 -4.75 -13.28 -0.02
C HIS A 14 -5.62 -14.55 -0.28
N ARG A 15 -5.94 -14.88 -1.54
CA ARG A 15 -6.58 -16.15 -1.94
C ARG A 15 -5.59 -17.15 -2.60
N GLY A 16 -4.43 -16.68 -3.09
CA GLY A 16 -3.42 -17.48 -3.78
C GLY A 16 -3.48 -17.33 -5.31
N ARG A 17 -3.14 -16.14 -5.83
CA ARG A 17 -3.04 -15.82 -7.26
C ARG A 17 -2.11 -14.62 -7.48
N ALA A 18 -1.19 -14.69 -8.43
CA ALA A 18 -0.18 -13.66 -8.67
C ALA A 18 -0.69 -12.51 -9.57
N ARG A 19 -0.14 -11.31 -9.37
CA ARG A 19 -0.42 -10.06 -10.09
C ARG A 19 0.88 -9.27 -10.37
N CYS A 20 0.80 -8.34 -11.33
CA CYS A 20 1.91 -7.53 -11.85
C CYS A 20 1.48 -6.06 -12.05
N LYS A 21 2.41 -5.18 -12.46
CA LYS A 21 2.13 -3.76 -12.78
C LYS A 21 0.91 -3.61 -13.72
N ALA A 22 0.87 -4.41 -14.79
CA ALA A 22 -0.11 -4.29 -15.87
C ALA A 22 -1.53 -4.71 -15.47
N ASP A 23 -1.68 -5.62 -14.49
CA ASP A 23 -3.00 -6.06 -14.01
C ASP A 23 -3.65 -4.97 -13.16
N PHE A 24 -2.92 -4.49 -12.14
CA PHE A 24 -3.35 -3.44 -11.21
C PHE A 24 -3.54 -2.05 -11.86
N ARG A 25 -2.80 -1.76 -12.94
CA ARG A 25 -2.67 -0.48 -13.66
C ARG A 25 -3.83 0.52 -13.49
N GLY A 26 -5.02 0.21 -14.02
CA GLY A 26 -6.06 1.19 -14.35
C GLY A 26 -7.03 1.52 -13.24
N GLN A 27 -6.61 2.35 -12.27
CA GLN A 27 -7.55 3.06 -11.40
C GLN A 27 -6.99 4.29 -10.68
N TRP A 28 -6.16 4.07 -9.64
CA TRP A 28 -5.79 4.91 -8.48
C TRP A 28 -5.79 4.00 -7.25
N VAL A 29 -4.64 3.80 -6.58
CA VAL A 29 -4.55 3.02 -5.34
C VAL A 29 -3.54 3.62 -4.36
N LEU A 30 -3.74 3.36 -3.07
CA LEU A 30 -2.85 3.77 -1.99
C LEU A 30 -2.04 2.54 -1.54
N MET A 31 -0.72 2.60 -1.68
CA MET A 31 0.18 1.54 -1.22
C MET A 31 0.69 1.88 0.18
N TYR A 32 0.56 0.92 1.10
CA TYR A 32 1.15 0.97 2.45
C TYR A 32 2.13 -0.20 2.66
N PHE A 33 3.35 0.11 3.10
CA PHE A 33 4.41 -0.86 3.37
C PHE A 33 4.54 -1.11 4.88
N GLY A 34 4.20 -2.33 5.33
CA GLY A 34 4.12 -2.69 6.75
C GLY A 34 4.66 -4.08 7.08
N PHE A 35 4.84 -4.36 8.38
CA PHE A 35 5.28 -5.66 8.90
C PHE A 35 4.08 -6.48 9.44
N THR A 36 2.99 -6.51 8.67
CA THR A 36 1.68 -7.14 8.94
C THR A 36 0.86 -6.36 9.96
N HIS A 37 1.48 -5.91 11.08
CA HIS A 37 0.85 -5.09 12.10
C HIS A 37 1.85 -4.60 13.15
N CYS A 38 1.83 -3.30 13.43
CA CYS A 38 2.18 -2.72 14.71
C CYS A 38 1.13 -3.11 15.75
N PRO A 39 1.50 -2.92 17.01
CA PRO A 39 0.53 -2.84 18.10
C PRO A 39 -0.08 -1.43 18.26
N ASP A 40 0.41 -0.37 17.57
CA ASP A 40 -0.20 0.97 17.63
C ASP A 40 -0.08 1.90 16.39
N ILE A 41 0.75 1.65 15.36
CA ILE A 41 0.89 2.59 14.22
C ILE A 41 0.08 2.11 13.00
N CYS A 42 0.37 0.92 12.46
CA CYS A 42 -0.37 0.28 11.36
C CYS A 42 -1.90 0.53 11.34
N PRO A 43 -2.68 0.17 12.38
CA PRO A 43 -4.14 0.33 12.36
C PRO A 43 -4.59 1.79 12.52
N ASP A 44 -3.73 2.64 13.09
CA ASP A 44 -4.03 4.03 13.44
C ASP A 44 -4.06 4.89 12.17
N GLU A 45 -3.01 4.81 11.36
CA GLU A 45 -2.90 5.40 10.02
C GLU A 45 -3.89 4.75 9.02
N LEU A 46 -4.27 3.47 9.19
CA LEU A 46 -5.32 2.84 8.38
C LEU A 46 -6.72 3.38 8.71
N GLU A 47 -7.07 3.50 10.00
CA GLU A 47 -8.26 4.25 10.45
C GLU A 47 -8.24 5.67 9.89
N LYS A 48 -7.09 6.34 10.01
CA LYS A 48 -6.84 7.69 9.53
C LYS A 48 -7.08 7.83 8.01
N LEU A 49 -6.67 6.85 7.20
CA LEU A 49 -7.08 6.75 5.78
C LEU A 49 -8.58 6.48 5.65
N VAL A 50 -9.11 5.42 6.28
CA VAL A 50 -10.52 5.00 6.13
C VAL A 50 -11.49 6.16 6.44
N GLN A 51 -11.19 7.00 7.44
CA GLN A 51 -11.96 8.19 7.77
C GLN A 51 -12.02 9.22 6.62
N VAL A 52 -10.94 9.36 5.83
CA VAL A 52 -10.95 10.13 4.58
C VAL A 52 -11.69 9.38 3.46
N VAL A 53 -11.40 8.10 3.24
CA VAL A 53 -12.00 7.29 2.14
C VAL A 53 -13.54 7.30 2.19
N ARG A 54 -14.14 7.23 3.39
CA ARG A 54 -15.59 7.33 3.61
C ARG A 54 -16.20 8.64 3.09
N GLN A 55 -15.42 9.72 3.18
CA GLN A 55 -15.77 11.03 2.60
C GLN A 55 -15.61 11.08 1.07
N LEU A 56 -14.54 10.49 0.50
CA LEU A 56 -14.25 10.53 -0.94
C LEU A 56 -15.27 9.74 -1.76
N GLU A 57 -15.40 8.44 -1.51
CA GLU A 57 -16.38 7.54 -2.13
C GLU A 57 -17.86 7.93 -1.89
N ALA A 58 -18.14 8.95 -1.07
CA ALA A 58 -19.46 9.60 -1.03
C ALA A 58 -19.74 10.50 -2.25
N GLU A 59 -18.72 11.02 -2.97
CA GLU A 59 -18.91 11.77 -4.20
C GLU A 59 -19.07 10.82 -5.42
N PRO A 60 -20.02 11.08 -6.34
CA PRO A 60 -20.16 10.35 -7.59
C PRO A 60 -19.28 10.97 -8.68
N GLY A 61 -18.94 10.17 -9.70
CA GLY A 61 -18.17 10.62 -10.87
C GLY A 61 -16.65 10.73 -10.63
N LEU A 62 -16.19 10.52 -9.39
CA LEU A 62 -14.77 10.48 -9.03
C LEU A 62 -14.10 9.16 -9.47
N PRO A 63 -12.77 9.14 -9.70
CA PRO A 63 -11.99 7.91 -9.76
C PRO A 63 -11.99 7.29 -8.34
N PRO A 64 -12.44 6.04 -8.16
CA PRO A 64 -12.51 5.41 -6.84
C PRO A 64 -11.14 4.89 -6.42
N VAL A 65 -10.82 5.02 -5.12
CA VAL A 65 -9.52 4.61 -4.57
C VAL A 65 -9.62 3.24 -3.86
N GLN A 66 -8.47 2.58 -3.68
CA GLN A 66 -8.38 1.38 -2.83
C GLN A 66 -7.03 1.37 -2.11
N PRO A 67 -6.97 1.04 -0.80
CA PRO A 67 -5.71 0.73 -0.13
C PRO A 67 -5.23 -0.69 -0.50
N VAL A 68 -3.92 -0.87 -0.58
CA VAL A 68 -3.24 -2.18 -0.60
C VAL A 68 -2.24 -2.24 0.55
N PHE A 69 -2.32 -3.30 1.38
CA PHE A 69 -1.30 -3.61 2.38
C PHE A 69 -0.20 -4.46 1.72
N ILE A 70 1.06 -4.02 1.78
CA ILE A 70 2.21 -4.75 1.24
C ILE A 70 3.10 -5.17 2.43
N THR A 71 3.25 -6.48 2.66
CA THR A 71 3.97 -7.02 3.83
C THR A 71 5.46 -7.20 3.53
N VAL A 72 6.31 -6.69 4.41
CA VAL A 72 7.79 -6.74 4.29
C VAL A 72 8.46 -7.97 4.97
N ASP A 73 7.69 -8.89 5.55
CA ASP A 73 8.19 -10.18 6.11
C ASP A 73 7.60 -11.37 5.31
N PRO A 74 8.43 -12.30 4.80
CA PRO A 74 7.98 -13.50 4.08
C PRO A 74 7.54 -14.66 5.00
N GLU A 75 7.63 -14.52 6.33
CA GLU A 75 7.02 -15.39 7.34
C GLU A 75 5.95 -14.62 8.14
N ARG A 76 5.13 -15.36 8.89
CA ARG A 76 4.05 -14.91 9.79
C ARG A 76 2.77 -14.61 9.00
N ASP A 77 2.91 -14.25 7.73
CA ASP A 77 1.84 -13.63 6.94
C ASP A 77 1.70 -14.22 5.52
N ASP A 78 1.68 -15.56 5.43
CA ASP A 78 1.15 -16.25 4.25
C ASP A 78 -0.35 -15.96 4.09
N VAL A 79 -0.89 -16.18 2.89
CA VAL A 79 -2.19 -15.68 2.41
C VAL A 79 -3.39 -15.91 3.36
N GLU A 80 -3.36 -17.00 4.13
CA GLU A 80 -4.39 -17.38 5.12
C GLU A 80 -4.46 -16.41 6.31
N ALA A 81 -3.34 -15.75 6.68
CA ALA A 81 -3.29 -14.71 7.71
C ALA A 81 -3.92 -13.40 7.25
N MET A 82 -3.51 -12.87 6.09
CA MET A 82 -4.05 -11.64 5.51
C MET A 82 -5.58 -11.71 5.33
N ALA A 83 -6.11 -12.81 4.79
CA ALA A 83 -7.56 -13.01 4.65
C ALA A 83 -8.30 -12.95 6.01
N ARG A 84 -7.66 -13.34 7.11
CA ARG A 84 -8.17 -13.16 8.48
C ARG A 84 -8.15 -11.69 8.91
N TYR A 85 -7.06 -10.95 8.73
CA TYR A 85 -7.00 -9.50 9.03
C TYR A 85 -7.90 -8.64 8.13
N VAL A 86 -8.08 -9.02 6.87
CA VAL A 86 -9.03 -8.40 5.93
C VAL A 86 -10.45 -8.32 6.52
N GLN A 87 -10.91 -9.32 7.29
CA GLN A 87 -12.22 -9.29 7.95
C GLN A 87 -12.29 -8.34 9.16
N ASP A 88 -11.18 -8.13 9.87
CA ASP A 88 -11.09 -7.30 11.07
C ASP A 88 -11.17 -5.78 10.78
N PHE A 89 -10.99 -5.39 9.50
CA PHE A 89 -11.21 -4.04 8.98
C PHE A 89 -12.37 -4.04 7.98
N HIS A 90 -12.23 -4.69 6.81
CA HIS A 90 -13.33 -4.84 5.85
C HIS A 90 -13.12 -5.94 4.78
N PRO A 91 -14.05 -6.91 4.61
CA PRO A 91 -13.93 -8.05 3.69
C PRO A 91 -14.11 -7.63 2.21
N ARG A 92 -13.10 -6.93 1.71
CA ARG A 92 -13.02 -6.27 0.39
C ARG A 92 -11.65 -5.62 0.17
N LEU A 93 -10.96 -5.19 1.24
CA LEU A 93 -9.52 -4.88 1.19
C LEU A 93 -8.71 -6.17 0.97
N LEU A 94 -7.41 -6.05 0.66
CA LEU A 94 -6.50 -7.20 0.56
C LEU A 94 -5.06 -6.85 0.98
N GLY A 95 -4.29 -7.90 1.27
CA GLY A 95 -2.84 -7.87 1.32
C GLY A 95 -2.24 -8.42 0.03
N LEU A 96 -1.07 -7.89 -0.35
CA LEU A 96 -0.24 -8.31 -1.47
C LEU A 96 1.12 -8.76 -0.91
N THR A 97 1.43 -10.06 -0.98
CA THR A 97 2.61 -10.66 -0.30
C THR A 97 3.36 -11.65 -1.22
N GLY A 98 4.36 -12.35 -0.68
CA GLY A 98 5.14 -13.36 -1.41
C GLY A 98 6.34 -13.90 -0.65
N SER A 99 7.08 -14.80 -1.30
CA SER A 99 8.31 -15.43 -0.78
C SER A 99 9.47 -14.43 -0.61
N THR A 100 10.54 -14.75 0.14
CA THR A 100 11.65 -13.80 0.42
C THR A 100 12.28 -13.21 -0.85
N LYS A 101 12.51 -14.05 -1.87
CA LYS A 101 12.99 -13.59 -3.19
C LYS A 101 11.99 -12.67 -3.93
N GLN A 102 10.69 -12.83 -3.67
CA GLN A 102 9.64 -11.93 -4.14
C GLN A 102 9.66 -10.61 -3.37
N VAL A 103 9.67 -10.64 -2.03
CA VAL A 103 9.67 -9.43 -1.18
C VAL A 103 10.89 -8.54 -1.49
N ALA A 104 12.07 -9.15 -1.67
CA ALA A 104 13.27 -8.46 -2.15
C ALA A 104 13.06 -7.74 -3.50
N GLN A 105 12.50 -8.41 -4.51
CA GLN A 105 12.27 -7.79 -5.82
C GLN A 105 11.15 -6.74 -5.81
N ALA A 106 10.22 -6.79 -4.83
CA ALA A 106 9.26 -5.72 -4.56
C ALA A 106 9.96 -4.50 -3.98
N SER A 107 10.67 -4.62 -2.86
CA SER A 107 11.33 -3.47 -2.20
C SER A 107 12.43 -2.82 -3.07
N HIS A 108 13.14 -3.59 -3.90
CA HIS A 108 14.04 -3.01 -4.92
C HIS A 108 13.29 -2.23 -6.01
N SER A 109 12.07 -2.63 -6.36
CA SER A 109 11.20 -1.88 -7.28
C SER A 109 10.59 -0.61 -6.65
N TYR A 110 10.10 -0.71 -5.42
CA TYR A 110 9.39 0.38 -4.74
C TYR A 110 10.31 1.36 -3.97
N ARG A 111 11.59 1.02 -3.78
CA ARG A 111 12.68 1.90 -3.28
C ARG A 111 12.54 2.45 -1.84
N VAL A 112 11.37 2.36 -1.21
CA VAL A 112 11.11 2.74 0.20
C VAL A 112 12.17 2.19 1.16
N TYR A 113 12.62 3.02 2.10
CA TYR A 113 13.74 2.72 3.01
C TYR A 113 13.26 2.28 4.39
N TYR A 114 13.82 1.18 4.91
CA TYR A 114 13.51 0.62 6.23
C TYR A 114 14.69 -0.21 6.78
N ASN A 115 14.73 -0.39 8.10
CA ASN A 115 15.77 -1.15 8.81
C ASN A 115 15.21 -1.74 10.13
N ALA A 116 15.96 -2.65 10.76
CA ALA A 116 15.52 -3.39 11.94
C ALA A 116 16.72 -3.86 12.79
N GLY A 117 16.46 -4.18 14.06
CA GLY A 117 17.39 -4.94 14.90
C GLY A 117 17.22 -6.45 14.68
N PRO A 118 18.24 -7.29 14.99
CA PRO A 118 18.21 -8.72 14.71
C PRO A 118 17.16 -9.47 15.55
N LYS A 119 16.80 -8.95 16.73
CA LYS A 119 15.64 -9.33 17.56
C LYS A 119 15.87 -10.64 18.35
N ASP A 120 16.54 -11.61 17.77
CA ASP A 120 16.89 -12.93 18.33
C ASP A 120 18.07 -12.80 19.32
N GLU A 121 17.82 -12.02 20.38
CA GLU A 121 18.78 -11.56 21.39
C GLU A 121 18.11 -11.32 22.75
N ASP A 122 16.89 -10.78 22.75
CA ASP A 122 16.19 -10.27 23.93
C ASP A 122 14.69 -10.47 23.69
N GLN A 123 14.14 -9.73 22.72
CA GLN A 123 13.17 -10.13 21.68
C GLN A 123 11.88 -9.31 21.73
N ASP A 124 11.74 -8.37 20.78
CA ASP A 124 10.51 -7.58 20.53
C ASP A 124 10.56 -6.83 19.16
N TYR A 125 11.54 -5.95 18.99
CA TYR A 125 11.77 -4.93 17.95
C TYR A 125 10.62 -4.66 16.94
N ILE A 126 9.87 -3.57 17.13
CA ILE A 126 9.04 -2.94 16.08
C ILE A 126 9.90 -2.02 15.20
N VAL A 127 9.50 -1.78 13.95
CA VAL A 127 10.30 -0.98 12.98
C VAL A 127 9.63 0.37 12.70
N ASP A 128 10.47 1.39 12.51
CA ASP A 128 10.12 2.82 12.49
C ASP A 128 9.82 3.30 11.05
N HIS A 129 8.69 2.84 10.49
CA HIS A 129 8.32 3.16 9.10
C HIS A 129 7.76 4.59 8.99
N SER A 130 8.56 5.47 8.38
CA SER A 130 8.32 6.91 8.25
C SER A 130 7.36 7.22 7.07
N ILE A 131 7.86 7.69 5.92
CA ILE A 131 7.06 7.82 4.68
C ILE A 131 6.76 6.44 4.06
N ALA A 132 5.62 5.87 4.42
CA ALA A 132 5.20 4.51 4.04
C ALA A 132 3.92 4.48 3.18
N ILE A 133 3.31 5.63 2.88
CA ILE A 133 2.02 5.78 2.19
C ILE A 133 2.22 6.49 0.85
N TYR A 134 1.93 5.82 -0.27
CA TYR A 134 2.22 6.32 -1.63
C TYR A 134 0.99 6.25 -2.56
N LEU A 135 0.74 7.27 -3.39
CA LEU A 135 -0.33 7.26 -4.39
C LEU A 135 0.20 6.68 -5.71
N LEU A 136 -0.24 5.45 -6.06
CA LEU A 136 0.00 4.81 -7.35
C LEU A 136 -1.17 5.14 -8.29
N ASN A 137 -0.84 5.72 -9.44
CA ASN A 137 -1.74 6.34 -10.41
C ASN A 137 -2.45 5.29 -11.35
N PRO A 138 -3.21 5.71 -12.39
CA PRO A 138 -3.94 4.81 -13.29
C PRO A 138 -3.11 4.22 -14.45
N ASP A 139 -1.78 4.35 -14.45
CA ASP A 139 -0.91 3.80 -15.51
C ASP A 139 0.49 3.32 -15.04
N GLY A 140 0.70 3.19 -13.72
CA GLY A 140 1.90 2.56 -13.12
C GLY A 140 2.95 3.54 -12.57
N LEU A 141 2.66 4.84 -12.52
CA LEU A 141 3.51 5.89 -11.94
C LEU A 141 3.03 6.24 -10.51
N PHE A 142 3.84 7.01 -9.77
CA PHE A 142 3.41 7.65 -8.52
C PHE A 142 3.70 9.16 -8.53
N THR A 143 2.86 9.93 -7.82
CA THR A 143 2.85 11.40 -7.87
C THR A 143 3.30 12.04 -6.55
N ASP A 144 2.90 11.45 -5.42
CA ASP A 144 3.02 12.02 -4.07
C ASP A 144 2.92 10.93 -2.99
N TYR A 145 3.32 11.28 -1.76
CA TYR A 145 3.47 10.39 -0.62
C TYR A 145 3.34 11.10 0.73
N TYR A 146 2.73 10.41 1.70
CA TYR A 146 2.46 10.89 3.06
C TYR A 146 3.34 10.17 4.10
N GLY A 147 3.20 10.52 5.38
CA GLY A 147 3.97 9.95 6.49
C GLY A 147 5.00 10.89 7.14
N ARG A 148 5.06 12.16 6.72
CA ARG A 148 5.91 13.18 7.36
C ARG A 148 5.21 14.51 7.67
N SER A 149 4.18 14.92 6.93
CA SER A 149 3.29 16.04 7.30
C SER A 149 2.07 16.16 6.36
N ARG A 150 0.87 15.88 6.90
CA ARG A 150 -0.47 15.85 6.29
C ARG A 150 -1.49 15.52 7.40
N SER A 151 -2.79 15.58 7.16
CA SER A 151 -3.84 15.11 8.10
C SER A 151 -5.14 14.93 7.33
N ALA A 152 -6.19 14.38 7.95
CA ALA A 152 -7.42 13.93 7.28
C ALA A 152 -7.97 14.94 6.26
N GLU A 153 -8.21 16.18 6.69
CA GLU A 153 -8.73 17.22 5.81
C GLU A 153 -7.73 17.64 4.71
N GLN A 154 -6.44 17.70 5.01
CA GLN A 154 -5.40 17.96 4.01
C GLN A 154 -5.15 16.78 3.06
N ILE A 155 -5.45 15.53 3.43
CA ILE A 155 -5.47 14.40 2.49
C ILE A 155 -6.67 14.52 1.55
N SER A 156 -7.85 14.84 2.07
CA SER A 156 -9.04 15.11 1.24
C SER A 156 -8.78 16.25 0.24
N ASP A 157 -8.19 17.37 0.69
CA ASP A 157 -7.79 18.47 -0.17
C ASP A 157 -6.65 18.07 -1.12
N SER A 158 -5.66 17.28 -0.66
CA SER A 158 -4.56 16.82 -1.50
C SER A 158 -5.04 15.86 -2.61
N VAL A 159 -6.00 14.98 -2.33
CA VAL A 159 -6.60 14.10 -3.36
C VAL A 159 -7.35 14.93 -4.41
N ARG A 160 -8.20 15.87 -3.99
CA ARG A 160 -8.85 16.84 -4.88
C ARG A 160 -7.82 17.65 -5.70
N ARG A 161 -6.74 18.14 -5.07
CA ARG A 161 -5.68 18.94 -5.70
C ARG A 161 -4.91 18.12 -6.73
N HIS A 162 -4.48 16.91 -6.39
CA HIS A 162 -3.75 16.02 -7.31
C HIS A 162 -4.61 15.63 -8.52
N MET A 163 -5.89 15.31 -8.31
CA MET A 163 -6.88 15.12 -9.39
C MET A 163 -6.98 16.35 -10.29
N ALA A 164 -7.07 17.55 -9.69
CA ALA A 164 -7.10 18.84 -10.37
C ALA A 164 -5.78 19.29 -11.02
N ALA A 165 -4.66 18.60 -10.78
CA ALA A 165 -3.33 18.89 -11.31
C ALA A 165 -2.85 17.88 -12.37
N PHE A 166 -3.34 16.64 -12.28
CA PHE A 166 -2.94 15.50 -13.13
C PHE A 166 -3.71 15.48 -14.46
N ARG A 167 -5.05 15.41 -14.41
CA ARG A 167 -5.87 15.04 -15.58
C ARG A 167 -7.38 15.33 -15.46
N SER A 168 -7.76 16.24 -14.57
CA SER A 168 -9.10 16.82 -14.54
C SER A 168 -9.04 18.27 -14.00
N VAL A 169 -10.16 18.99 -14.03
CA VAL A 169 -10.36 20.37 -13.55
C VAL A 169 -9.51 21.40 -14.32
N LEU A 170 -8.20 21.52 -14.02
CA LEU A 170 -7.23 22.42 -14.67
C LEU A 170 -7.65 23.92 -14.66
N SER A 171 -8.55 24.31 -13.74
CA SER A 171 -9.29 25.59 -13.74
C SER A 171 -8.99 26.47 -12.53
CU CU1 B . 3.65 -1.11 11.42
#